data_8REY
#
_entry.id   8REY
#
_cell.length_a   1.00
_cell.length_b   1.00
_cell.length_c   1.00
_cell.angle_alpha   90.00
_cell.angle_beta   90.00
_cell.angle_gamma   90.00
#
_symmetry.space_group_name_H-M   'P 1'
#
loop_
_entity.id
_entity.type
_entity.pdbx_description
1 polymer 'Flagellin-like protein'
2 branched alpha-D-mannopyranose-(1-3)-[alpha-D-mannopyranose-(1-6)]alpha-D-mannopyranose-(1-3)-[D-glycero-beta-D-galacto-heptopyranose-(1-2)]6-deoxy-6-sulfo-beta-D-galacto-heptopyranose-(1-4)-beta-D-glucopyranose-(1-3)-beta-D-galactopyranose
#
_entity_poly.entity_id   1
_entity_poly.type   'polypeptide(L)'
_entity_poly.pdbx_seq_one_letter_code
;VSPIIATILLIAITVVLAATLVTILGGFTHGVSNTVETAGVTSHITSKYIFINVSSSSSAISASSITITITGASFKVTSG
DTLAEVAGVSSTSSNATFTGGSDYTVPISLSSSQTVAGVSFELIYKGNVIYNSAA
;
_entity_poly.pdbx_strand_id   M,C,A,B,D,E,F,G,H,I,J,K,L,N,O,P,Q,R,S,T,U,V,W,X,Y,Z,a,b,c,d,e,f,g,h,i,j
#
loop_
_chem_comp.id
_chem_comp.type
_chem_comp.name
_chem_comp.formula
A1H1B D-saccharide, beta linking D-glycero-beta-D-galacto-heptopyranose 'C7 H14 O7'
A1H1F D-saccharide, beta linking 6-deoxy-6-sulfo-beta-D-galacto-heptopyranose 'C6 H12 O8 S'
BGC D-saccharide, beta linking beta-D-glucopyranose 'C6 H12 O6'
GAL D-saccharide, beta linking beta-D-galactopyranose 'C6 H12 O6'
MAN D-saccharide, alpha linking alpha-D-mannopyranose 'C6 H12 O6'
#
# COMPACT_ATOMS: atom_id res chain seq x y z
N VAL A 1 -32.55 -2.21 83.74
CA VAL A 1 -33.69 -2.26 82.75
C VAL A 1 -33.43 -1.42 81.50
N SER A 2 -33.32 -0.08 81.62
CA SER A 2 -33.39 0.83 80.47
C SER A 2 -32.36 0.64 79.35
N PRO A 3 -31.07 0.24 79.56
CA PRO A 3 -30.14 0.01 78.45
C PRO A 3 -30.56 -1.08 77.47
N ILE A 4 -31.29 -2.11 77.93
CA ILE A 4 -31.78 -3.17 77.07
C ILE A 4 -32.96 -2.68 76.23
N ILE A 5 -33.88 -1.93 76.84
CA ILE A 5 -35.04 -1.37 76.14
C ILE A 5 -34.61 -0.38 75.06
N ALA A 6 -33.65 0.50 75.37
CA ALA A 6 -33.05 1.40 74.39
C ALA A 6 -32.44 0.63 73.20
N THR A 7 -31.84 -0.53 73.46
CA THR A 7 -31.25 -1.36 72.40
C THR A 7 -32.32 -1.94 71.48
N ILE A 8 -33.45 -2.38 72.03
CA ILE A 8 -34.57 -2.92 71.25
C ILE A 8 -35.17 -1.85 70.34
N LEU A 9 -35.31 -0.60 70.82
CA LEU A 9 -35.78 0.51 70.00
C LEU A 9 -34.83 0.80 68.83
N LEU A 10 -33.50 0.77 69.06
CA LEU A 10 -32.52 1.03 68.00
C LEU A 10 -32.50 -0.06 66.93
N ILE A 11 -32.82 -1.31 67.28
CA ILE A 11 -32.94 -2.37 66.28
C ILE A 11 -34.17 -2.12 65.39
N ALA A 12 -35.30 -1.76 65.99
CA ALA A 12 -36.51 -1.42 65.25
C ALA A 12 -36.27 -0.27 64.25
N ILE A 13 -35.56 0.79 64.66
CA ILE A 13 -35.20 1.91 63.78
C ILE A 13 -34.29 1.46 62.64
N THR A 14 -33.32 0.58 62.93
CA THR A 14 -32.33 0.11 61.96
C THR A 14 -33.00 -0.59 60.78
N VAL A 15 -34.00 -1.44 61.03
CA VAL A 15 -34.71 -2.17 59.99
C VAL A 15 -35.42 -1.22 59.02
N VAL A 16 -36.02 -0.13 59.51
CA VAL A 16 -36.73 0.82 58.65
C VAL A 16 -35.75 1.61 57.76
N LEU A 17 -34.56 1.92 58.26
CA LEU A 17 -33.53 2.56 57.46
C LEU A 17 -33.05 1.64 56.34
N ALA A 18 -32.78 0.37 56.65
CA ALA A 18 -32.37 -0.61 55.65
C ALA A 18 -33.45 -0.80 54.56
N ALA A 19 -34.72 -0.91 54.97
CA ALA A 19 -35.83 -0.99 54.03
C ALA A 19 -35.94 0.27 53.17
N THR A 20 -35.64 1.46 53.71
CA THR A 20 -35.62 2.70 52.96
C THR A 20 -34.52 2.67 51.90
N LEU A 21 -33.28 2.31 52.29
CA LEU A 21 -32.14 2.20 51.40
C LEU A 21 -32.43 1.30 50.20
N VAL A 22 -33.04 0.12 50.41
CA VAL A 22 -33.39 -0.80 49.34
C VAL A 22 -34.27 -0.12 48.27
N THR A 23 -35.19 0.76 48.65
CA THR A 23 -36.00 1.46 47.65
C THR A 23 -35.25 2.56 46.90
N ILE A 24 -34.20 3.14 47.51
CA ILE A 24 -33.33 4.09 46.82
C ILE A 24 -32.54 3.36 45.72
N LEU A 25 -31.99 2.19 46.02
CA LEU A 25 -31.14 1.46 45.07
C LEU A 25 -31.91 1.04 43.81
N GLY A 26 -33.21 0.75 43.96
CA GLY A 26 -34.06 0.34 42.84
C GLY A 26 -34.13 1.35 41.68
N GLY A 27 -33.77 2.62 41.92
CA GLY A 27 -33.72 3.64 40.87
C GLY A 27 -32.47 3.55 39.98
N PHE A 28 -31.48 2.76 40.38
CA PHE A 28 -30.22 2.60 39.64
C PHE A 28 -30.21 1.29 38.85
N THR A 29 -30.76 0.21 39.45
CA THR A 29 -30.59 -1.15 38.96
C THR A 29 -31.64 -1.54 37.91
N HIS A 30 -31.94 -0.65 36.94
CA HIS A 30 -32.82 -0.95 35.83
C HIS A 30 -32.50 -0.12 34.58
N GLY A 31 -32.93 -0.60 33.41
CA GLY A 31 -32.88 0.15 32.16
C GLY A 31 -31.48 0.26 31.54
N VAL A 32 -30.56 -0.64 31.91
CA VAL A 32 -29.24 -0.75 31.27
C VAL A 32 -29.19 -2.01 30.42
N SER A 33 -28.86 -1.86 29.12
CA SER A 33 -28.84 -2.94 28.16
C SER A 33 -27.96 -2.59 26.95
N ASN A 34 -27.56 -3.61 26.20
CA ASN A 34 -26.70 -3.46 25.03
C ASN A 34 -27.53 -3.09 23.80
N THR A 35 -27.55 -1.79 23.43
CA THR A 35 -28.41 -1.28 22.35
C THR A 35 -27.64 -0.94 21.07
N VAL A 36 -26.33 -1.22 21.03
CA VAL A 36 -25.47 -0.86 19.89
C VAL A 36 -25.76 -1.79 18.69
N GLU A 37 -25.89 -1.20 17.50
CA GLU A 37 -26.11 -1.89 16.23
C GLU A 37 -25.30 -1.14 15.16
N THR A 38 -24.90 -1.81 14.07
CA THR A 38 -24.03 -1.20 13.06
C THR A 38 -24.24 -1.93 11.75
N ALA A 39 -24.53 -1.19 10.66
CA ALA A 39 -24.86 -1.82 9.40
C ALA A 39 -24.18 -1.11 8.22
N GLY A 40 -23.77 -1.90 7.22
CA GLY A 40 -23.40 -1.38 5.91
C GLY A 40 -24.66 -1.17 5.09
N VAL A 41 -25.01 0.10 4.83
CA VAL A 41 -26.23 0.47 4.13
C VAL A 41 -25.85 1.42 2.99
N THR A 42 -26.47 1.23 1.82
CA THR A 42 -26.35 2.16 0.70
C THR A 42 -27.75 2.53 0.20
N SER A 43 -27.88 3.72 -0.40
CA SER A 43 -29.19 4.23 -0.76
C SER A 43 -29.15 5.15 -1.98
N HIS A 44 -30.26 5.19 -2.73
CA HIS A 44 -30.47 6.03 -3.89
C HIS A 44 -31.87 6.64 -3.85
N ILE A 45 -31.98 7.94 -4.16
CA ILE A 45 -33.22 8.68 -4.03
C ILE A 45 -33.66 9.22 -5.40
N THR A 46 -34.97 9.11 -5.69
CA THR A 46 -35.58 9.56 -6.93
C THR A 46 -36.88 10.30 -6.61
N SER A 47 -37.49 10.95 -7.62
CA SER A 47 -38.75 11.68 -7.48
C SER A 47 -39.94 10.83 -7.02
N LYS A 48 -39.80 9.49 -6.99
CA LYS A 48 -40.90 8.57 -6.67
C LYS A 48 -40.53 7.53 -5.61
N TYR A 49 -39.26 7.13 -5.53
CA TYR A 49 -38.81 6.03 -4.69
C TYR A 49 -37.49 6.33 -3.99
N ILE A 50 -37.36 5.78 -2.77
CA ILE A 50 -36.07 5.60 -2.11
C ILE A 50 -35.74 4.11 -2.16
N PHE A 51 -34.53 3.78 -2.60
CA PHE A 51 -34.02 2.41 -2.58
C PHE A 51 -33.00 2.27 -1.46
N ILE A 52 -33.08 1.17 -0.69
CA ILE A 52 -32.19 0.93 0.43
C ILE A 52 -31.67 -0.51 0.34
N ASN A 53 -30.35 -0.64 0.27
CA ASN A 53 -29.77 -1.97 0.10
C ASN A 53 -28.77 -2.21 1.21
N VAL A 54 -28.89 -3.34 1.91
CA VAL A 54 -28.06 -3.64 3.07
C VAL A 54 -27.00 -4.69 2.70
N SER A 55 -25.74 -4.44 3.08
CA SER A 55 -24.62 -5.30 2.71
C SER A 55 -24.15 -6.19 3.87
N SER A 56 -24.29 -5.71 5.12
CA SER A 56 -23.95 -6.42 6.34
C SER A 56 -24.57 -5.74 7.55
N SER A 57 -24.70 -6.46 8.68
CA SER A 57 -25.16 -5.88 9.94
C SER A 57 -24.52 -6.59 11.12
N SER A 58 -24.48 -5.91 12.28
CA SER A 58 -23.89 -6.45 13.49
C SER A 58 -24.72 -7.61 14.05
N SER A 59 -26.05 -7.53 13.88
CA SER A 59 -26.98 -8.57 14.27
C SER A 59 -28.16 -8.64 13.29
N ALA A 60 -28.89 -9.77 13.29
CA ALA A 60 -30.10 -9.93 12.49
C ALA A 60 -31.31 -9.43 13.28
N ILE A 61 -32.05 -8.45 12.74
CA ILE A 61 -33.15 -7.79 13.45
C ILE A 61 -34.39 -7.69 12.56
N SER A 62 -35.58 -7.65 13.17
CA SER A 62 -36.83 -7.56 12.44
C SER A 62 -36.99 -6.19 11.77
N ALA A 63 -37.49 -6.17 10.53
CA ALA A 63 -37.76 -4.91 9.83
C ALA A 63 -38.88 -4.09 10.49
N SER A 64 -39.70 -4.70 11.37
CA SER A 64 -40.70 -4.00 12.15
C SER A 64 -40.13 -3.26 13.36
N SER A 65 -38.91 -3.62 13.80
CA SER A 65 -38.25 -2.99 14.94
C SER A 65 -37.50 -1.69 14.58
N ILE A 66 -37.40 -1.38 13.28
CA ILE A 66 -36.66 -0.22 12.78
C ILE A 66 -37.67 0.87 12.41
N THR A 67 -37.41 2.09 12.86
CA THR A 67 -38.24 3.26 12.58
C THR A 67 -37.54 4.13 11.54
N ILE A 68 -38.28 4.64 10.55
CA ILE A 68 -37.73 5.52 9.53
C ILE A 68 -38.36 6.90 9.62
N THR A 69 -37.54 7.96 9.50
CA THR A 69 -38.03 9.34 9.48
C THR A 69 -37.48 10.08 8.25
N ILE A 70 -38.26 11.03 7.73
CA ILE A 70 -37.99 11.67 6.44
C ILE A 70 -38.21 13.18 6.51
N THR A 71 -37.45 13.93 5.68
CA THR A 71 -37.63 15.36 5.53
C THR A 71 -37.52 15.75 4.06
N GLY A 72 -38.23 16.82 3.66
CA GLY A 72 -38.23 17.29 2.28
C GLY A 72 -39.17 16.53 1.35
N ALA A 73 -39.93 15.56 1.90
CA ALA A 73 -40.82 14.67 1.16
C ALA A 73 -41.90 14.10 2.09
N SER A 74 -42.67 13.11 1.60
CA SER A 74 -43.70 12.43 2.37
C SER A 74 -43.86 10.98 1.88
N PHE A 75 -44.26 10.06 2.76
CA PHE A 75 -44.50 8.67 2.38
C PHE A 75 -45.86 8.51 1.69
N LYS A 76 -45.93 7.60 0.70
CA LYS A 76 -47.21 7.25 0.08
C LYS A 76 -48.05 6.31 0.95
N VAL A 77 -47.43 5.64 1.93
CA VAL A 77 -48.12 4.80 2.91
C VAL A 77 -48.24 5.57 4.23
N THR A 78 -49.45 5.60 4.81
CA THR A 78 -49.78 6.58 5.85
C THR A 78 -50.07 5.98 7.23
N SER A 79 -50.02 4.63 7.36
CA SER A 79 -50.42 3.93 8.59
C SER A 79 -49.46 4.17 9.77
N GLY A 80 -48.19 4.47 9.48
CA GLY A 80 -47.15 4.56 10.51
C GLY A 80 -45.77 4.76 9.91
N ASP A 81 -44.72 4.34 10.65
CA ASP A 81 -43.36 4.76 10.36
C ASP A 81 -42.31 3.68 10.65
N THR A 82 -42.73 2.42 10.82
CA THR A 82 -41.74 1.34 10.85
C THR A 82 -41.29 1.02 9.43
N LEU A 83 -40.06 0.50 9.28
CA LEU A 83 -39.51 0.23 7.95
C LEU A 83 -40.33 -0.82 7.21
N ALA A 84 -40.71 -1.91 7.89
CA ALA A 84 -41.54 -2.96 7.31
C ALA A 84 -42.87 -2.42 6.76
N GLU A 85 -43.46 -1.49 7.49
CA GLU A 85 -44.77 -0.93 7.20
C GLU A 85 -44.74 -0.02 5.98
N VAL A 86 -43.84 0.97 5.92
CA VAL A 86 -43.81 1.91 4.80
C VAL A 86 -43.28 1.27 3.52
N ALA A 87 -42.44 0.24 3.63
CA ALA A 87 -41.88 -0.49 2.50
C ALA A 87 -42.81 -1.60 1.97
N GLY A 88 -43.93 -1.89 2.67
CA GLY A 88 -44.89 -2.89 2.24
C GLY A 88 -44.37 -4.33 2.38
N VAL A 89 -43.62 -4.60 3.45
CA VAL A 89 -43.03 -5.90 3.72
C VAL A 89 -44.10 -6.84 4.30
N SER A 90 -44.45 -7.89 3.55
CA SER A 90 -45.26 -8.99 4.05
C SER A 90 -44.43 -9.92 4.94
N SER A 91 -45.10 -10.66 5.86
CA SER A 91 -44.44 -11.52 6.84
C SER A 91 -43.67 -12.70 6.20
N THR A 92 -44.06 -13.09 4.98
CA THR A 92 -43.41 -14.14 4.19
C THR A 92 -42.24 -13.63 3.35
N SER A 93 -42.10 -12.31 3.21
CA SER A 93 -41.09 -11.69 2.33
C SER A 93 -39.67 -11.94 2.84
N SER A 94 -38.71 -12.11 1.91
CA SER A 94 -37.30 -12.29 2.22
C SER A 94 -36.78 -11.11 3.06
N ASN A 95 -37.31 -9.92 2.75
CA ASN A 95 -36.87 -8.65 3.33
C ASN A 95 -37.53 -8.39 4.70
N ALA A 96 -38.13 -9.40 5.31
CA ALA A 96 -38.67 -9.29 6.67
C ALA A 96 -37.60 -9.15 7.74
N THR A 97 -36.35 -9.55 7.43
CA THR A 97 -35.21 -9.44 8.33
C THR A 97 -34.16 -8.48 7.76
N PHE A 98 -33.64 -7.59 8.60
CA PHE A 98 -32.62 -6.63 8.23
C PHE A 98 -31.24 -7.25 8.47
N THR A 99 -30.58 -7.61 7.36
CA THR A 99 -29.28 -8.29 7.30
C THR A 99 -28.67 -8.04 5.92
N GLY A 100 -27.39 -8.38 5.71
CA GLY A 100 -26.81 -8.37 4.38
C GLY A 100 -27.66 -9.16 3.38
N GLY A 101 -27.90 -8.59 2.19
CA GLY A 101 -28.71 -9.22 1.17
C GLY A 101 -30.18 -8.80 1.16
N SER A 102 -30.62 -7.97 2.13
CA SER A 102 -31.98 -7.44 2.16
C SER A 102 -32.06 -6.09 1.46
N ASP A 103 -33.04 -5.94 0.54
CA ASP A 103 -33.29 -4.71 -0.21
C ASP A 103 -34.73 -4.23 0.00
N TYR A 104 -34.91 -2.90 0.06
CA TYR A 104 -36.21 -2.28 0.29
C TYR A 104 -36.45 -1.15 -0.70
N THR A 105 -37.73 -0.98 -1.11
CA THR A 105 -38.17 0.15 -1.92
C THR A 105 -39.28 0.89 -1.18
N VAL A 106 -39.09 2.19 -0.91
CA VAL A 106 -40.08 3.01 -0.22
C VAL A 106 -40.66 4.03 -1.20
N PRO A 107 -41.99 4.04 -1.44
CA PRO A 107 -42.62 5.01 -2.32
C PRO A 107 -42.92 6.34 -1.61
N ILE A 108 -42.60 7.44 -2.30
CA ILE A 108 -42.69 8.79 -1.73
C ILE A 108 -43.34 9.79 -2.69
N SER A 109 -43.77 10.93 -2.15
CA SER A 109 -44.44 12.01 -2.86
C SER A 109 -43.86 13.37 -2.45
N LEU A 110 -43.70 14.26 -3.45
CA LEU A 110 -43.17 15.61 -3.28
C LEU A 110 -44.23 16.66 -3.61
N SER A 111 -44.22 17.79 -2.87
CA SER A 111 -45.06 18.95 -3.17
C SER A 111 -44.55 19.72 -4.40
N SER A 112 -45.26 20.80 -4.77
CA SER A 112 -44.89 21.71 -5.86
C SER A 112 -43.56 22.44 -5.59
N SER A 113 -43.21 22.64 -4.31
CA SER A 113 -42.02 23.37 -3.88
C SER A 113 -40.84 22.43 -3.54
N GLN A 114 -41.12 21.18 -3.21
CA GLN A 114 -40.09 20.19 -2.87
C GLN A 114 -39.37 19.68 -4.12
N THR A 115 -38.09 19.28 -3.93
CA THR A 115 -37.23 18.77 -4.99
C THR A 115 -36.34 17.64 -4.47
N VAL A 116 -35.85 16.78 -5.37
CA VAL A 116 -35.10 15.58 -5.02
C VAL A 116 -33.84 15.91 -4.22
N ALA A 117 -33.15 17.01 -4.57
CA ALA A 117 -31.95 17.46 -3.88
C ALA A 117 -32.18 17.85 -2.42
N GLY A 118 -33.45 18.07 -2.02
CA GLY A 118 -33.80 18.46 -0.66
C GLY A 118 -34.17 17.29 0.26
N VAL A 119 -34.36 16.08 -0.29
CA VAL A 119 -34.85 14.93 0.47
C VAL A 119 -33.72 14.27 1.26
N SER A 120 -34.01 13.87 2.52
CA SER A 120 -33.13 13.03 3.32
C SER A 120 -33.91 12.22 4.36
N PHE A 121 -33.30 11.14 4.87
CA PHE A 121 -33.96 10.24 5.79
C PHE A 121 -32.98 9.58 6.77
N GLU A 122 -33.52 8.98 7.84
CA GLU A 122 -32.72 8.30 8.87
C GLU A 122 -33.41 7.01 9.31
N LEU A 123 -32.60 6.01 9.71
CA LEU A 123 -33.09 4.77 10.31
C LEU A 123 -32.70 4.74 11.79
N ILE A 124 -33.67 4.42 12.66
CA ILE A 124 -33.49 4.43 14.11
C ILE A 124 -33.85 3.05 14.66
N TYR A 125 -33.00 2.54 15.55
CA TYR A 125 -33.23 1.27 16.24
C TYR A 125 -32.89 1.42 17.71
N LYS A 126 -33.80 1.01 18.60
CA LYS A 126 -33.69 1.13 20.06
C LYS A 126 -33.21 2.53 20.51
N GLY A 127 -33.67 3.58 19.84
CA GLY A 127 -33.38 4.96 20.21
C GLY A 127 -32.01 5.49 19.76
N ASN A 128 -31.25 4.70 18.97
CA ASN A 128 -30.00 5.13 18.37
C ASN A 128 -30.18 5.29 16.85
N VAL A 129 -29.59 6.34 16.25
CA VAL A 129 -29.57 6.48 14.79
C VAL A 129 -28.53 5.51 14.21
N ILE A 130 -28.96 4.59 13.32
CA ILE A 130 -28.06 3.60 12.72
C ILE A 130 -27.67 3.95 11.28
N TYR A 131 -28.41 4.85 10.61
CA TYR A 131 -28.08 5.35 9.29
C TYR A 131 -28.69 6.74 9.09
N ASN A 132 -28.01 7.59 8.32
CA ASN A 132 -28.47 8.93 7.99
C ASN A 132 -28.00 9.28 6.59
N SER A 133 -28.94 9.48 5.66
CA SER A 133 -28.62 9.66 4.24
C SER A 133 -27.83 10.96 3.98
N ALA A 134 -27.93 11.93 4.88
CA ALA A 134 -27.28 13.24 4.76
C ALA A 134 -25.91 13.32 5.45
N ALA A 135 -25.38 12.19 5.96
CA ALA A 135 -24.08 12.14 6.60
C ALA A 135 -22.96 12.53 5.60
N VAL B 1 -50.71 -0.69 132.31
CA VAL B 1 -51.77 -0.25 131.31
C VAL B 1 -51.18 0.58 130.16
N SER B 2 -50.66 1.79 130.43
CA SER B 2 -50.40 2.79 129.39
C SER B 2 -49.45 2.39 128.24
N PRO B 3 -48.37 1.58 128.39
CA PRO B 3 -47.54 1.18 127.24
C PRO B 3 -48.26 0.40 126.15
N ILE B 4 -49.30 -0.38 126.51
CA ILE B 4 -50.08 -1.12 125.53
C ILE B 4 -51.02 -0.19 124.78
N ILE B 5 -51.68 0.75 125.48
CA ILE B 5 -52.58 1.72 124.87
C ILE B 5 -51.82 2.63 123.89
N ALA B 6 -50.64 3.12 124.29
CA ALA B 6 -49.77 3.88 123.41
C ALA B 6 -49.40 3.11 122.14
N THR B 7 -49.21 1.78 122.24
CA THR B 7 -48.89 0.93 121.10
C THR B 7 -50.07 0.83 120.13
N ILE B 8 -51.30 0.72 120.64
CA ILE B 8 -52.51 0.66 119.83
C ILE B 8 -52.72 1.96 119.04
N LEU B 9 -52.46 3.12 119.67
CA LEU B 9 -52.53 4.41 118.99
C LEU B 9 -51.52 4.52 117.85
N LEU B 10 -50.28 4.04 118.04
CA LEU B 10 -49.23 4.08 117.02
C LEU B 10 -49.54 3.17 115.82
N ILE B 11 -50.26 2.05 116.03
CA ILE B 11 -50.70 1.20 114.93
C ILE B 11 -51.75 1.93 114.09
N ALA B 12 -52.73 2.57 114.74
CA ALA B 12 -53.75 3.36 114.06
C ALA B 12 -53.13 4.48 113.20
N ILE B 13 -52.12 5.20 113.71
CA ILE B 13 -51.41 6.24 112.95
C ILE B 13 -50.67 5.65 111.76
N THR B 14 -50.05 4.47 111.93
CA THR B 14 -49.23 3.83 110.90
C THR B 14 -50.07 3.51 109.66
N VAL B 15 -51.29 3.01 109.84
CA VAL B 15 -52.17 2.66 108.74
C VAL B 15 -52.53 3.89 107.88
N VAL B 16 -52.76 5.06 108.50
CA VAL B 16 -53.11 6.27 107.77
C VAL B 16 -51.91 6.79 106.95
N LEU B 17 -50.69 6.65 107.47
CA LEU B 17 -49.49 7.01 106.72
C LEU B 17 -49.31 6.11 105.50
N ALA B 18 -49.47 4.79 105.66
CA ALA B 18 -49.38 3.85 104.55
C ALA B 18 -50.42 4.14 103.48
N ALA B 19 -51.67 4.40 103.89
CA ALA B 19 -52.75 4.78 102.97
C ALA B 19 -52.42 6.10 102.23
N THR B 20 -51.78 7.05 102.91
CA THR B 20 -51.34 8.30 102.29
C THR B 20 -50.28 8.04 101.24
N LEU B 21 -49.24 7.26 101.56
CA LEU B 21 -48.17 6.91 100.65
C LEU B 21 -48.70 6.29 99.36
N VAL B 22 -49.65 5.35 99.45
CA VAL B 22 -50.27 4.71 98.29
C VAL B 22 -50.84 5.73 97.30
N THR B 23 -51.45 6.82 97.79
CA THR B 23 -51.98 7.85 96.89
C THR B 23 -50.90 8.72 96.26
N ILE B 24 -49.74 8.88 96.92
CA ILE B 24 -48.59 9.57 96.32
C ILE B 24 -48.05 8.76 95.15
N LEU B 25 -47.90 7.44 95.29
CA LEU B 25 -47.31 6.60 94.26
C LEU B 25 -48.14 6.59 92.98
N GLY B 26 -49.47 6.70 93.10
CA GLY B 26 -50.37 6.71 91.96
C GLY B 26 -50.10 7.80 90.92
N GLY B 27 -49.37 8.86 91.29
CA GLY B 27 -48.98 9.93 90.37
C GLY B 27 -47.80 9.56 89.46
N PHE B 28 -47.10 8.45 89.75
CA PHE B 28 -45.96 7.99 88.98
C PHE B 28 -46.35 6.83 88.05
N THR B 29 -47.22 5.92 88.52
CA THR B 29 -47.46 4.64 87.89
C THR B 29 -48.56 4.71 86.81
N HIS B 30 -48.53 5.74 85.95
CA HIS B 30 -49.46 5.86 84.83
C HIS B 30 -48.86 6.68 83.67
N GLY B 31 -49.40 6.49 82.46
CA GLY B 31 -49.09 7.32 81.31
C GLY B 31 -47.72 7.05 80.68
N VAL B 32 -47.13 5.87 80.93
CA VAL B 32 -45.90 5.44 80.26
C VAL B 32 -46.24 4.31 79.28
N SER B 33 -45.84 4.51 78.00
CA SER B 33 -46.15 3.58 76.91
C SER B 33 -45.18 3.78 75.74
N ASN B 34 -45.10 2.76 74.87
CA ASN B 34 -44.21 2.77 73.72
C ASN B 34 -44.87 3.52 72.55
N THR B 35 -44.47 4.79 72.33
CA THR B 35 -45.09 5.66 71.34
C THR B 35 -44.23 5.88 70.09
N VAL B 36 -43.07 5.21 69.99
CA VAL B 36 -42.14 5.40 68.89
C VAL B 36 -42.66 4.75 67.60
N GLU B 37 -42.59 5.50 66.48
CA GLU B 37 -42.97 5.05 65.15
C GLU B 37 -41.95 5.62 64.15
N THR B 38 -41.75 4.97 62.99
CA THR B 38 -40.72 5.39 62.05
C THR B 38 -41.12 4.90 60.66
N ALA B 39 -41.13 5.81 59.68
CA ALA B 39 -41.62 5.45 58.35
C ALA B 39 -40.73 6.04 57.26
N GLY B 40 -40.56 5.28 56.17
CA GLY B 40 -40.02 5.80 54.92
C GLY B 40 -41.13 6.48 54.14
N VAL B 41 -41.05 7.81 54.03
CA VAL B 41 -42.07 8.63 53.39
C VAL B 41 -41.40 9.53 52.36
N THR B 42 -42.01 9.67 51.18
CA THR B 42 -41.58 10.63 50.17
C THR B 42 -42.78 11.48 49.74
N SER B 43 -42.51 12.71 49.28
CA SER B 43 -43.58 13.64 49.01
C SER B 43 -43.23 14.64 47.90
N HIS B 44 -44.25 15.10 47.17
CA HIS B 44 -44.15 16.09 46.12
C HIS B 44 -45.28 17.10 46.24
N ILE B 45 -44.98 18.40 46.07
CA ILE B 45 -45.93 19.48 46.31
C ILE B 45 -46.13 20.27 45.01
N THR B 46 -47.39 20.62 44.73
CA THR B 46 -47.81 21.38 43.55
C THR B 46 -48.81 22.45 43.97
N SER B 47 -49.17 23.36 43.06
CA SER B 47 -50.13 24.44 43.29
C SER B 47 -51.54 23.97 43.67
N LYS B 48 -51.84 22.66 43.55
CA LYS B 48 -53.18 22.10 43.78
C LYS B 48 -53.18 20.88 44.71
N TYR B 49 -52.09 20.10 44.73
CA TYR B 49 -52.04 18.83 45.43
C TYR B 49 -50.71 18.62 46.15
N ILE B 50 -50.78 17.93 47.29
CA ILE B 50 -49.65 17.27 47.91
C ILE B 50 -49.79 15.77 47.70
N PHE B 51 -48.74 15.12 47.21
CA PHE B 51 -48.70 13.67 47.06
C PHE B 51 -47.79 13.09 48.15
N ILE B 52 -48.25 12.00 48.79
CA ILE B 52 -47.50 11.36 49.86
C ILE B 52 -47.46 9.85 49.61
N ASN B 53 -46.26 9.31 49.50
CA ASN B 53 -46.12 7.91 49.16
C ASN B 53 -45.26 7.24 50.23
N VAL B 54 -45.76 6.13 50.80
CA VAL B 54 -45.10 5.45 51.91
C VAL B 54 -44.41 4.17 51.41
N SER B 55 -43.15 3.97 51.79
CA SER B 55 -42.35 2.83 51.32
C SER B 55 -42.20 1.72 52.37
N SER B 56 -42.21 2.09 53.65
CA SER B 56 -42.15 1.17 54.78
C SER B 56 -42.55 1.88 56.08
N SER B 57 -42.92 1.12 57.12
CA SER B 57 -43.20 1.68 58.44
C SER B 57 -42.84 0.66 59.53
N SER B 58 -42.61 1.16 60.76
CA SER B 58 -42.24 0.34 61.90
C SER B 58 -43.41 -0.54 62.33
N SER B 59 -44.64 -0.03 62.19
CA SER B 59 -45.87 -0.76 62.48
C SER B 59 -46.99 -0.35 61.50
N ALA B 60 -48.04 -1.19 61.41
CA ALA B 60 -49.21 -0.86 60.61
C ALA B 60 -50.23 -0.10 61.47
N ILE B 61 -50.61 1.12 61.05
CA ILE B 61 -51.46 2.01 61.84
C ILE B 61 -52.59 2.59 60.98
N SER B 62 -53.71 2.95 61.62
CA SER B 62 -54.86 3.50 60.91
C SER B 62 -54.56 4.93 60.41
N ALA B 63 -54.99 5.23 59.19
CA ALA B 63 -54.84 6.59 58.63
C ALA B 63 -55.65 7.64 59.40
N SER B 64 -56.63 7.22 60.21
CA SER B 64 -57.39 8.13 61.07
C SER B 64 -56.63 8.51 62.35
N SER B 65 -55.60 7.74 62.74
CA SER B 65 -54.79 7.99 63.94
C SER B 65 -53.68 9.01 63.71
N ILE B 66 -53.45 9.42 62.45
CA ILE B 66 -52.38 10.33 62.07
C ILE B 66 -52.98 11.72 61.84
N THR B 67 -52.34 12.73 62.42
CA THR B 67 -52.77 14.13 62.28
C THR B 67 -51.80 14.84 61.34
N ILE B 68 -52.32 15.66 60.42
CA ILE B 68 -51.50 16.43 59.49
C ILE B 68 -51.67 17.94 59.74
N THR B 69 -50.55 18.69 59.74
CA THR B 69 -50.56 20.13 59.87
C THR B 69 -49.79 20.79 58.73
N ILE B 70 -50.21 22.00 58.33
CA ILE B 70 -49.71 22.64 57.11
C ILE B 70 -49.45 24.14 57.35
N THR B 71 -48.48 24.70 56.61
CA THR B 71 -48.19 26.12 56.62
C THR B 71 -47.92 26.61 55.19
N GLY B 72 -48.25 27.88 54.93
CA GLY B 72 -48.07 28.48 53.61
C GLY B 72 -49.18 28.16 52.61
N ALA B 73 -50.23 27.43 53.06
CA ALA B 73 -51.34 26.96 52.24
C ALA B 73 -52.56 26.66 53.12
N SER B 74 -53.59 26.04 52.52
CA SER B 74 -54.81 25.63 53.24
C SER B 74 -55.41 24.38 52.59
N PHE B 75 -56.10 23.54 53.38
CA PHE B 75 -56.75 22.35 52.84
C PHE B 75 -58.08 22.70 52.16
N LYS B 76 -58.42 21.98 51.07
CA LYS B 76 -59.73 22.12 50.43
C LYS B 76 -60.84 21.41 51.21
N VAL B 77 -60.49 20.47 52.10
CA VAL B 77 -61.43 19.78 52.99
C VAL B 77 -61.32 20.41 54.38
N THR B 78 -62.47 20.75 54.99
CA THR B 78 -62.49 21.66 56.12
C THR B 78 -62.99 21.04 57.44
N SER B 79 -63.38 19.75 57.42
CA SER B 79 -64.00 19.07 58.56
C SER B 79 -63.05 18.86 59.75
N GLY B 80 -61.73 18.78 59.48
CA GLY B 80 -60.75 18.42 60.49
C GLY B 80 -59.36 18.24 59.90
N ASP B 81 -58.53 17.42 60.57
CA ASP B 81 -57.09 17.41 60.32
C ASP B 81 -56.44 16.03 60.46
N THR B 82 -57.24 14.95 60.50
CA THR B 82 -56.66 13.63 60.40
C THR B 82 -56.29 13.33 58.94
N LEU B 83 -55.29 12.47 58.71
CA LEU B 83 -54.82 12.19 57.37
C LEU B 83 -55.93 11.55 56.52
N ALA B 84 -56.63 10.56 57.08
CA ALA B 84 -57.75 9.89 56.40
C ALA B 84 -58.81 10.88 55.92
N GLU B 85 -59.10 11.88 56.77
CA GLU B 85 -60.16 12.85 56.57
C GLU B 85 -59.82 13.83 55.45
N VAL B 86 -58.66 14.50 55.49
CA VAL B 86 -58.30 15.49 54.48
C VAL B 86 -57.97 14.86 53.13
N ALA B 87 -57.51 13.60 53.12
CA ALA B 87 -57.19 12.87 51.90
C ALA B 87 -58.40 12.17 51.27
N GLY B 88 -59.56 12.19 51.94
CA GLY B 88 -60.79 11.59 51.42
C GLY B 88 -60.75 10.06 51.38
N VAL B 89 -60.15 9.44 52.41
CA VAL B 89 -60.01 8.00 52.52
C VAL B 89 -61.33 7.39 53.01
N SER B 90 -61.99 6.59 52.14
CA SER B 90 -63.12 5.76 52.53
C SER B 90 -62.64 4.53 53.31
N SER B 91 -63.52 3.94 54.15
CA SER B 91 -63.19 2.81 55.00
C SER B 91 -62.82 1.53 54.23
N THR B 92 -63.29 1.42 52.98
CA THR B 92 -63.00 0.31 52.07
C THR B 92 -61.70 0.51 51.28
N SER B 93 -61.14 1.74 51.28
CA SER B 93 -59.97 2.09 50.47
C SER B 93 -58.71 1.34 50.92
N SER B 94 -57.85 0.98 49.96
CA SER B 94 -56.57 0.34 50.24
C SER B 94 -55.72 1.20 51.18
N ASN B 95 -55.83 2.52 51.04
CA ASN B 95 -55.04 3.50 51.75
C ASN B 95 -55.60 3.81 53.14
N ALA B 96 -56.51 2.96 53.65
CA ALA B 96 -57.03 3.10 55.01
C ALA B 96 -55.97 2.77 56.08
N THR B 97 -54.92 2.03 55.70
CA THR B 97 -53.82 1.67 56.60
C THR B 97 -52.52 2.32 56.11
N PHE B 98 -51.75 2.89 57.05
CA PHE B 98 -50.48 3.52 56.78
C PHE B 98 -49.37 2.48 56.93
N THR B 99 -48.82 2.04 55.77
CA THR B 99 -47.81 0.99 55.61
C THR B 99 -47.13 1.19 54.25
N GLY B 100 -46.02 0.48 53.99
CA GLY B 100 -45.44 0.46 52.66
C GLY B 100 -46.48 0.10 51.60
N GLY B 101 -46.49 0.84 50.48
CA GLY B 101 -47.45 0.61 49.40
C GLY B 101 -48.70 1.48 49.48
N SER B 102 -48.87 2.29 50.53
CA SER B 102 -50.00 3.22 50.64
C SER B 102 -49.63 4.60 50.10
N ASP B 103 -50.49 5.14 49.21
CA ASP B 103 -50.32 6.46 48.61
C ASP B 103 -51.54 7.35 48.90
N TYR B 104 -51.28 8.66 49.11
CA TYR B 104 -52.33 9.63 49.44
C TYR B 104 -52.18 10.88 48.57
N THR B 105 -53.32 11.49 48.20
CA THR B 105 -53.36 12.78 47.52
C THR B 105 -54.20 13.75 48.35
N VAL B 106 -53.60 14.89 48.76
CA VAL B 106 -54.30 15.90 49.56
C VAL B 106 -54.51 17.15 48.71
N PRO B 107 -55.77 17.61 48.50
CA PRO B 107 -56.04 18.83 47.74
C PRO B 107 -55.92 20.09 48.58
N ILE B 108 -55.24 21.11 48.03
CA ILE B 108 -54.90 22.33 48.74
C ILE B 108 -55.19 23.59 47.90
N SER B 109 -55.25 24.74 48.59
CA SER B 109 -55.53 26.05 48.00
C SER B 109 -54.55 27.10 48.55
N LEU B 110 -54.09 28.00 47.65
CA LEU B 110 -53.16 29.08 47.96
C LEU B 110 -53.83 30.45 47.77
N SER B 111 -53.49 31.42 48.63
CA SER B 111 -53.90 32.82 48.49
C SER B 111 -53.14 33.52 47.35
N SER B 112 -53.48 34.80 47.09
CA SER B 112 -52.80 35.65 46.12
C SER B 112 -51.32 35.90 46.44
N SER B 113 -50.95 35.83 47.73
CA SER B 113 -49.60 36.09 48.23
C SER B 113 -48.79 34.80 48.43
N GLN B 114 -49.46 33.66 48.64
CA GLN B 114 -48.80 32.37 48.85
C GLN B 114 -48.26 31.79 47.54
N THR B 115 -47.18 30.99 47.66
CA THR B 115 -46.50 30.35 46.52
C THR B 115 -46.03 28.95 46.91
N VAL B 116 -45.81 28.08 45.92
CA VAL B 116 -45.49 26.67 46.12
C VAL B 116 -44.21 26.50 46.94
N ALA B 117 -43.20 27.35 46.70
CA ALA B 117 -41.92 27.33 47.41
C ALA B 117 -42.06 27.61 48.91
N GLY B 118 -43.20 28.18 49.35
CA GLY B 118 -43.43 28.51 50.76
C GLY B 118 -44.17 27.42 51.55
N VAL B 119 -44.73 26.40 50.86
CA VAL B 119 -45.57 25.38 51.50
C VAL B 119 -44.73 24.31 52.20
N SER B 120 -45.16 23.90 53.41
CA SER B 120 -44.61 22.74 54.10
C SER B 120 -45.63 22.12 55.05
N PHE B 121 -45.41 20.85 55.44
CA PHE B 121 -46.34 20.10 56.25
C PHE B 121 -45.64 19.05 57.13
N GLU B 122 -46.37 18.55 58.14
CA GLU B 122 -45.86 17.54 59.07
C GLU B 122 -46.93 16.49 59.38
N LEU B 123 -46.48 15.26 59.66
CA LEU B 123 -47.35 14.18 60.13
C LEU B 123 -47.02 13.87 61.58
N ILE B 124 -48.06 13.76 62.42
CA ILE B 124 -47.93 13.57 63.85
C ILE B 124 -48.71 12.32 64.26
N TYR B 125 -48.10 11.46 65.09
CA TYR B 125 -48.72 10.27 65.62
C TYR B 125 -48.38 10.14 67.11
N LYS B 126 -49.40 9.95 67.96
CA LYS B 126 -49.29 9.88 69.42
C LYS B 126 -48.40 10.99 70.02
N GLY B 127 -48.49 12.20 69.46
CA GLY B 127 -47.79 13.36 69.98
C GLY B 127 -46.32 13.48 69.56
N ASN B 128 -45.83 12.58 68.69
CA ASN B 128 -44.49 12.66 68.11
C ASN B 128 -44.58 13.03 66.64
N VAL B 129 -43.67 13.89 66.15
CA VAL B 129 -43.57 14.18 64.72
C VAL B 129 -42.88 13.01 64.01
N ILE B 130 -43.56 12.37 63.04
CA ILE B 130 -43.01 11.21 62.32
C ILE B 130 -42.50 11.58 60.92
N TYR B 131 -42.91 12.72 60.36
CA TYR B 131 -42.41 13.24 59.10
C TYR B 131 -42.53 14.76 59.07
N ASN B 132 -41.60 15.44 58.39
CA ASN B 132 -41.61 16.88 58.22
C ASN B 132 -41.01 17.22 56.86
N SER B 133 -41.82 17.80 55.96
CA SER B 133 -41.42 18.03 54.58
C SER B 133 -40.25 19.03 54.45
N ALA B 134 -40.06 19.88 55.46
CA ALA B 134 -39.03 20.92 55.47
C ALA B 134 -37.73 20.48 56.15
N ALA B 135 -37.59 19.19 56.52
CA ALA B 135 -36.38 18.66 57.13
C ALA B 135 -35.19 18.77 56.17
N VAL C 1 -48.77 6.32 143.81
CA VAL C 1 -47.28 6.65 143.70
C VAL C 1 -46.58 5.83 142.60
N SER C 2 -46.47 4.50 142.75
CA SER C 2 -45.54 3.69 141.97
C SER C 2 -45.68 3.73 140.44
N PRO C 3 -46.87 3.84 139.79
CA PRO C 3 -46.94 3.93 138.32
C PRO C 3 -46.23 5.14 137.71
N ILE C 4 -46.16 6.27 138.43
CA ILE C 4 -45.46 7.45 137.96
C ILE C 4 -43.95 7.25 138.06
N ILE C 5 -43.47 6.69 139.18
CA ILE C 5 -42.05 6.42 139.38
C ILE C 5 -41.52 5.41 138.35
N ALA C 6 -42.27 4.33 138.09
CA ALA C 6 -41.95 3.39 137.03
C ALA C 6 -41.84 4.06 135.65
N THR C 7 -42.67 5.07 135.38
CA THR C 7 -42.64 5.80 134.13
C THR C 7 -41.36 6.64 134.00
N ILE C 8 -40.92 7.28 135.09
CA ILE C 8 -39.70 8.07 135.12
C ILE C 8 -38.46 7.20 134.86
N LEU C 9 -38.42 5.98 135.43
CA LEU C 9 -37.35 5.03 135.16
C LEU C 9 -37.28 4.61 133.70
N LEU C 10 -38.44 4.36 133.06
CA LEU C 10 -38.49 3.96 131.66
C LEU C 10 -38.06 5.08 130.70
N ILE C 11 -38.27 6.35 131.06
CA ILE C 11 -37.77 7.47 130.27
C ILE C 11 -36.24 7.51 130.34
N ALA C 12 -35.67 7.37 131.54
CA ALA C 12 -34.22 7.31 131.73
C ALA C 12 -33.57 6.20 130.90
N ILE C 13 -34.16 4.99 130.87
CA ILE C 13 -33.66 3.87 130.06
C ILE C 13 -33.76 4.19 128.56
N THR C 14 -34.84 4.84 128.12
CA THR C 14 -35.09 5.14 126.72
C THR C 14 -33.98 6.03 126.13
N VAL C 15 -33.54 7.05 126.89
CA VAL C 15 -32.50 7.96 126.44
C VAL C 15 -31.18 7.23 126.18
N VAL C 16 -30.81 6.26 127.03
CA VAL C 16 -29.55 5.53 126.87
C VAL C 16 -29.60 4.61 125.65
N LEU C 17 -30.77 4.03 125.34
CA LEU C 17 -30.92 3.23 124.13
C LEU C 17 -30.78 4.09 122.88
N ALA C 18 -31.41 5.27 122.85
CA ALA C 18 -31.31 6.20 121.72
C ALA C 18 -29.85 6.66 121.53
N ALA C 19 -29.16 7.00 122.60
CA ALA C 19 -27.75 7.36 122.55
C ALA C 19 -26.88 6.20 122.04
N THR C 20 -27.21 4.95 122.39
CA THR C 20 -26.52 3.77 121.89
C THR C 20 -26.73 3.63 120.38
N LEU C 21 -27.97 3.71 119.91
CA LEU C 21 -28.32 3.60 118.50
C LEU C 21 -27.53 4.61 117.65
N VAL C 22 -27.44 5.88 118.09
CA VAL C 22 -26.68 6.91 117.38
C VAL C 22 -25.23 6.49 117.11
N THR C 23 -24.58 5.80 118.06
CA THR C 23 -23.20 5.34 117.83
C THR C 23 -23.11 4.14 116.88
N ILE C 24 -24.17 3.33 116.77
CA ILE C 24 -24.22 2.26 115.79
C ILE C 24 -24.29 2.85 114.37
N LEU C 25 -25.13 3.88 114.16
CA LEU C 25 -25.34 4.44 112.84
C LEU C 25 -24.06 5.07 112.28
N GLY C 26 -23.21 5.64 113.15
CA GLY C 26 -21.96 6.27 112.76
C GLY C 26 -20.99 5.36 111.99
N GLY C 27 -21.16 4.04 112.07
CA GLY C 27 -20.35 3.08 111.32
C GLY C 27 -20.76 2.94 109.84
N PHE C 28 -21.93 3.49 109.47
CA PHE C 28 -22.46 3.42 108.11
C PHE C 28 -22.25 4.74 107.37
N THR C 29 -22.40 5.88 108.07
CA THR C 29 -22.52 7.19 107.45
C THR C 29 -21.15 7.86 107.22
N HIS C 30 -20.15 7.11 106.72
CA HIS C 30 -18.85 7.65 106.37
C HIS C 30 -18.16 6.84 105.27
N GLY C 31 -17.21 7.47 104.57
CA GLY C 31 -16.33 6.79 103.63
C GLY C 31 -16.98 6.42 102.29
N VAL C 32 -18.09 7.09 101.93
CA VAL C 32 -18.72 6.94 100.62
C VAL C 32 -18.49 8.22 99.80
N SER C 33 -17.92 8.05 98.60
CA SER C 33 -17.54 9.16 97.73
C SER C 33 -17.40 8.69 96.28
N ASN C 34 -17.45 9.65 95.34
CA ASN C 34 -17.36 9.37 93.91
C ASN C 34 -15.88 9.26 93.50
N THR C 35 -15.38 8.01 93.33
CA THR C 35 -13.97 7.75 93.07
C THR C 35 -13.70 7.32 91.61
N VAL C 36 -14.72 7.32 90.75
CA VAL C 36 -14.60 6.85 89.37
C VAL C 36 -13.83 7.88 88.52
N GLU C 37 -12.86 7.39 87.73
CA GLU C 37 -12.06 8.17 86.79
C GLU C 37 -11.87 7.32 85.52
N THR C 38 -11.64 7.96 84.37
CA THR C 38 -11.56 7.23 83.10
C THR C 38 -10.74 8.06 82.13
N ALA C 39 -9.71 7.46 81.52
CA ALA C 39 -8.80 8.21 80.66
C ALA C 39 -8.46 7.43 79.39
N GLY C 40 -8.32 8.17 78.28
CA GLY C 40 -7.69 7.64 77.07
C GLY C 40 -6.19 7.76 77.22
N VAL C 41 -5.51 6.60 77.34
CA VAL C 41 -4.07 6.54 77.56
C VAL C 41 -3.47 5.58 76.53
N THR C 42 -2.32 5.97 75.95
CA THR C 42 -1.54 5.10 75.08
C THR C 42 -0.10 5.05 75.58
N SER C 43 0.60 3.95 75.30
CA SER C 43 1.93 3.74 75.87
C SER C 43 2.83 2.90 74.96
N HIS C 44 4.15 3.14 75.06
CA HIS C 44 5.17 2.42 74.33
C HIS C 44 6.34 2.11 75.28
N ILE C 45 6.88 0.88 75.22
CA ILE C 45 7.90 0.41 76.15
C ILE C 45 9.18 0.05 75.38
N THR C 46 10.33 0.45 75.94
CA THR C 46 11.66 0.19 75.38
C THR C 46 12.60 -0.27 76.49
N SER C 47 13.81 -0.72 76.13
CA SER C 47 14.83 -1.18 77.07
C SER C 47 15.28 -0.12 78.08
N LYS C 48 14.91 1.16 77.91
CA LYS C 48 15.36 2.27 78.74
C LYS C 48 14.23 3.16 79.26
N TYR C 49 13.12 3.27 78.50
CA TYR C 49 12.04 4.21 78.81
C TYR C 49 10.66 3.60 78.57
N ILE C 50 9.70 4.04 79.40
CA ILE C 50 8.29 3.91 79.13
C ILE C 50 7.76 5.30 78.76
N PHE C 51 7.04 5.40 77.63
CA PHE C 51 6.38 6.63 77.22
C PHE C 51 4.88 6.49 77.46
N ILE C 52 4.26 7.54 78.03
CA ILE C 52 2.84 7.54 78.34
C ILE C 52 2.21 8.83 77.83
N ASN C 53 1.22 8.69 76.95
CA ASN C 53 0.63 9.87 76.34
C ASN C 53 -0.87 9.83 76.58
N VAL C 54 -1.42 10.93 77.11
CA VAL C 54 -2.84 11.00 77.49
C VAL C 54 -3.62 11.81 76.46
N SER C 55 -4.77 11.29 76.00
CA SER C 55 -5.56 11.91 74.96
C SER C 55 -6.81 12.62 75.50
N SER C 56 -7.37 12.10 76.60
CA SER C 56 -8.53 12.68 77.29
C SER C 56 -8.66 12.07 78.69
N SER C 57 -9.40 12.74 79.59
CA SER C 57 -9.71 12.21 80.91
C SER C 57 -11.07 12.70 81.39
N SER C 58 -11.68 11.96 82.33
CA SER C 58 -12.99 12.30 82.88
C SER C 58 -12.92 13.57 83.73
N SER C 59 -11.80 13.78 84.41
CA SER C 59 -11.52 14.99 85.20
C SER C 59 -10.04 15.36 85.13
N ALA C 60 -9.72 16.60 85.49
CA ALA C 60 -8.33 17.06 85.59
C ALA C 60 -7.79 16.79 87.00
N ILE C 61 -6.70 16.01 87.10
CA ILE C 61 -6.16 15.57 88.40
C ILE C 61 -4.66 15.78 88.46
N SER C 62 -4.11 15.94 89.68
CA SER C 62 -2.68 16.16 89.87
C SER C 62 -1.88 14.90 89.57
N ALA C 63 -0.74 15.04 88.88
CA ALA C 63 0.15 13.91 88.62
C ALA C 63 0.76 13.31 89.89
N SER C 64 0.72 14.03 91.02
CA SER C 64 1.16 13.51 92.32
C SER C 64 0.12 12.60 92.99
N SER C 65 -1.16 12.67 92.55
CA SER C 65 -2.24 11.87 93.10
C SER C 65 -2.33 10.46 92.48
N ILE C 66 -1.56 10.21 91.42
CA ILE C 66 -1.57 8.95 90.68
C ILE C 66 -0.36 8.12 91.11
N THR C 67 -0.60 6.83 91.40
CA THR C 67 0.44 5.89 91.80
C THR C 67 0.71 4.94 90.63
N ILE C 68 1.99 4.65 90.35
CA ILE C 68 2.37 3.74 89.28
C ILE C 68 3.08 2.51 89.87
N THR C 69 2.73 1.31 89.37
CA THR C 69 3.39 0.06 89.77
C THR C 69 3.87 -0.69 88.54
N ILE C 70 4.97 -1.45 88.68
CA ILE C 70 5.68 -2.06 87.55
C ILE C 70 6.10 -3.49 87.88
N THR C 71 6.19 -4.33 86.84
CA THR C 71 6.69 -5.69 86.95
C THR C 71 7.59 -6.02 85.75
N GLY C 72 8.59 -6.89 85.97
CA GLY C 72 9.52 -7.28 84.92
C GLY C 72 10.67 -6.28 84.70
N ALA C 73 10.73 -5.21 85.52
CA ALA C 73 11.68 -4.12 85.39
C ALA C 73 11.82 -3.38 86.74
N SER C 74 12.52 -2.24 86.74
CA SER C 74 12.70 -1.39 87.91
C SER C 74 12.83 0.08 87.50
N PHE C 75 12.41 1.01 88.36
CA PHE C 75 12.56 2.44 88.07
C PHE C 75 13.99 2.92 88.35
N LYS C 76 14.48 3.87 87.53
CA LYS C 76 15.76 4.52 87.79
C LYS C 76 15.69 5.56 88.92
N VAL C 77 14.48 6.04 89.25
CA VAL C 77 14.23 6.96 90.36
C VAL C 77 13.66 6.16 91.53
N THR C 78 14.23 6.35 92.74
CA THR C 78 14.03 5.41 93.83
C THR C 78 13.29 5.99 95.05
N SER C 79 12.90 7.28 95.01
CA SER C 79 12.32 7.99 96.14
C SER C 79 10.92 7.50 96.51
N GLY C 80 10.18 6.95 95.54
CA GLY C 80 8.78 6.59 95.73
C GLY C 80 8.13 6.14 94.42
N ASP C 81 6.79 6.29 94.33
CA ASP C 81 6.01 5.61 93.31
C ASP C 81 4.82 6.43 92.80
N THR C 82 4.78 7.74 93.08
CA THR C 82 3.80 8.58 92.40
C THR C 82 4.27 8.88 90.98
N LEU C 83 3.31 9.15 90.07
CA LEU C 83 3.65 9.35 88.67
C LEU C 83 4.53 10.59 88.49
N ALA C 84 4.18 11.70 89.16
CA ALA C 84 4.97 12.93 89.11
C ALA C 84 6.43 12.71 89.54
N GLU C 85 6.62 11.89 90.56
CA GLU C 85 7.90 11.63 91.19
C GLU C 85 8.82 10.80 90.29
N VAL C 86 8.36 9.65 89.78
CA VAL C 86 9.21 8.77 88.96
C VAL C 86 9.46 9.36 87.57
N ALA C 87 8.55 10.19 87.06
CA ALA C 87 8.68 10.84 85.76
C ALA C 87 9.49 12.15 85.82
N GLY C 88 9.85 12.62 87.02
CA GLY C 88 10.66 13.83 87.18
C GLY C 88 9.90 15.12 86.84
N VAL C 89 8.61 15.17 87.20
CA VAL C 89 7.74 16.31 86.94
C VAL C 89 8.01 17.42 87.96
N SER C 90 8.54 18.55 87.49
CA SER C 90 8.64 19.77 88.28
C SER C 90 7.26 20.45 88.39
N SER C 91 7.06 21.26 89.45
CA SER C 91 5.79 21.93 89.74
C SER C 91 5.37 22.95 88.67
N THR C 92 6.34 23.47 87.90
CA THR C 92 6.12 24.40 86.80
C THR C 92 5.84 23.70 85.47
N SER C 93 6.08 22.38 85.38
CA SER C 93 5.97 21.62 84.14
C SER C 93 4.52 21.54 83.64
N SER C 94 4.34 21.55 82.32
CA SER C 94 3.03 21.41 81.68
C SER C 94 2.35 20.11 82.13
N ASN C 95 3.18 19.06 82.33
CA ASN C 95 2.74 17.71 82.63
C ASN C 95 2.44 17.52 84.12
N ALA C 96 2.32 18.61 84.89
CA ALA C 96 1.94 18.55 86.30
C ALA C 96 0.48 18.12 86.49
N THR C 97 -0.36 18.27 85.45
CA THR C 97 -1.76 17.87 85.48
C THR C 97 -2.01 16.75 84.47
N PHE C 98 -2.76 15.73 84.90
CA PHE C 98 -3.12 14.59 84.07
C PHE C 98 -4.44 14.89 83.36
N THR C 99 -4.35 15.17 82.04
CA THR C 99 -5.42 15.56 81.14
C THR C 99 -4.98 15.26 79.71
N GLY C 100 -5.91 15.34 78.73
CA GLY C 100 -5.52 15.27 77.32
C GLY C 100 -4.41 16.28 77.00
N GLY C 101 -3.39 15.83 76.26
CA GLY C 101 -2.26 16.68 75.89
C GLY C 101 -1.05 16.58 76.83
N SER C 102 -1.15 15.81 77.93
CA SER C 102 -0.03 15.56 78.84
C SER C 102 0.74 14.30 78.45
N ASP C 103 2.07 14.42 78.33
CA ASP C 103 2.96 13.31 78.01
C ASP C 103 4.02 13.12 79.10
N TYR C 104 4.38 11.86 79.38
CA TYR C 104 5.36 11.51 80.41
C TYR C 104 6.39 10.51 79.88
N THR C 105 7.63 10.64 80.34
CA THR C 105 8.70 9.67 80.08
C THR C 105 9.24 9.14 81.41
N VAL C 106 9.19 7.81 81.61
CA VAL C 106 9.67 7.19 82.83
C VAL C 106 10.92 6.36 82.51
N PRO C 107 12.08 6.65 83.14
CA PRO C 107 13.30 5.87 82.92
C PRO C 107 13.36 4.60 83.77
N ILE C 108 13.75 3.48 83.13
CA ILE C 108 13.72 2.16 83.75
C ILE C 108 15.01 1.37 83.47
N SER C 109 15.24 0.33 84.27
CA SER C 109 16.40 -0.55 84.21
C SER C 109 15.97 -2.02 84.29
N LEU C 110 16.64 -2.88 83.49
CA LEU C 110 16.39 -4.32 83.41
C LEU C 110 17.62 -5.10 83.90
N SER C 111 17.37 -6.23 84.58
CA SER C 111 18.42 -7.19 84.96
C SER C 111 18.94 -7.98 83.75
N SER C 112 19.93 -8.87 83.98
CA SER C 112 20.48 -9.77 82.99
C SER C 112 19.46 -10.78 82.45
N SER C 113 18.44 -11.12 83.25
CA SER C 113 17.41 -12.09 82.93
C SER C 113 16.12 -11.45 82.38
N GLN C 114 15.87 -10.18 82.72
CA GLN C 114 14.69 -9.45 82.27
C GLN C 114 14.80 -9.03 80.80
N THR C 115 13.64 -8.91 80.13
CA THR C 115 13.54 -8.54 78.72
C THR C 115 12.32 -7.65 78.50
N VAL C 116 12.32 -6.87 77.40
CA VAL C 116 11.29 -5.87 77.12
C VAL C 116 9.91 -6.50 77.01
N ALA C 117 9.82 -7.70 76.41
CA ALA C 117 8.56 -8.43 76.25
C ALA C 117 7.91 -8.84 77.59
N GLY C 118 8.69 -8.82 78.69
CA GLY C 118 8.19 -9.20 80.01
C GLY C 118 7.67 -8.03 80.85
N VAL C 119 7.93 -6.78 80.43
CA VAL C 119 7.60 -5.58 81.23
C VAL C 119 6.12 -5.21 81.11
N SER C 120 5.49 -4.84 82.25
CA SER C 120 4.16 -4.24 82.25
C SER C 120 3.96 -3.36 83.49
N PHE C 121 2.96 -2.45 83.41
CA PHE C 121 2.73 -1.46 84.47
C PHE C 121 1.25 -1.09 84.57
N GLU C 122 0.88 -0.44 85.70
CA GLU C 122 -0.49 0.00 85.96
C GLU C 122 -0.49 1.39 86.61
N LEU C 123 -1.56 2.17 86.35
CA LEU C 123 -1.80 3.45 87.02
C LEU C 123 -3.01 3.31 87.93
N ILE C 124 -2.86 3.79 89.17
CA ILE C 124 -3.89 3.67 90.20
C ILE C 124 -4.22 5.06 90.74
N TYR C 125 -5.53 5.33 90.89
CA TYR C 125 -6.02 6.58 91.44
C TYR C 125 -7.17 6.28 92.41
N LYS C 126 -7.09 6.83 93.64
CA LYS C 126 -8.05 6.59 94.73
C LYS C 126 -8.42 5.11 94.92
N GLY C 127 -7.44 4.22 94.76
CA GLY C 127 -7.62 2.79 94.99
C GLY C 127 -8.27 2.02 93.85
N ASN C 128 -8.53 2.65 92.69
CA ASN C 128 -9.03 2.03 91.49
C ASN C 128 -7.93 1.98 90.42
N VAL C 129 -7.81 0.86 89.68
CA VAL C 129 -6.90 0.80 88.55
C VAL C 129 -7.52 1.55 87.36
N ILE C 130 -6.83 2.59 86.85
CA ILE C 130 -7.34 3.41 85.74
C ILE C 130 -6.70 3.07 84.39
N TYR C 131 -5.53 2.39 84.40
CA TYR C 131 -4.87 1.90 83.20
C TYR C 131 -4.02 0.67 83.54
N ASN C 132 -3.89 -0.27 82.58
CA ASN C 132 -3.08 -1.45 82.74
C ASN C 132 -2.50 -1.83 81.37
N SER C 133 -1.17 -1.77 81.23
CA SER C 133 -0.52 -1.95 79.93
C SER C 133 -0.71 -3.36 79.36
N ALA C 134 -1.00 -4.34 80.22
CA ALA C 134 -1.15 -5.75 79.84
C ALA C 134 -2.60 -6.15 79.55
N ALA C 135 -3.54 -5.18 79.53
CA ALA C 135 -4.95 -5.44 79.23
C ALA C 135 -5.10 -5.98 77.80
N VAL D 1 -45.40 -0.94 139.63
CA VAL D 1 -45.26 -2.34 139.08
C VAL D 1 -45.64 -2.42 137.59
N SER D 2 -46.93 -2.20 137.23
CA SER D 2 -47.48 -2.59 135.94
C SER D 2 -46.80 -2.01 134.68
N PRO D 3 -46.27 -0.75 134.62
CA PRO D 3 -45.59 -0.27 133.41
C PRO D 3 -44.34 -1.05 133.00
N ILE D 4 -43.63 -1.64 133.96
CA ILE D 4 -42.46 -2.47 133.67
C ILE D 4 -42.89 -3.83 133.12
N ILE D 5 -43.92 -4.45 133.71
CA ILE D 5 -44.43 -5.73 133.23
C ILE D 5 -45.01 -5.61 131.82
N ALA D 6 -45.77 -4.56 131.54
CA ALA D 6 -46.24 -4.27 130.18
C ALA D 6 -45.09 -4.14 129.17
N THR D 7 -43.96 -3.57 129.60
CA THR D 7 -42.78 -3.41 128.73
C THR D 7 -42.16 -4.77 128.40
N ILE D 8 -42.07 -5.68 129.38
CA ILE D 8 -41.53 -7.02 129.19
C ILE D 8 -42.39 -7.82 128.20
N LEU D 9 -43.73 -7.70 128.29
CA LEU D 9 -44.63 -8.35 127.33
C LEU D 9 -44.43 -7.84 125.90
N LEU D 10 -44.24 -6.53 125.72
CA LEU D 10 -44.03 -5.93 124.40
C LEU D 10 -42.69 -6.35 123.77
N ILE D 11 -41.65 -6.61 124.58
CA ILE D 11 -40.39 -7.14 124.07
C ILE D 11 -40.59 -8.56 123.55
N ALA D 12 -41.29 -9.41 124.31
CA ALA D 12 -41.61 -10.77 123.90
C ALA D 12 -42.37 -10.80 122.57
N ILE D 13 -43.37 -9.94 122.38
CA ILE D 13 -44.12 -9.83 121.13
C ILE D 13 -43.22 -9.37 119.98
N THR D 14 -42.31 -8.43 120.23
CA THR D 14 -41.43 -7.87 119.21
C THR D 14 -40.54 -8.93 118.56
N VAL D 15 -39.99 -9.84 119.37
CA VAL D 15 -39.12 -10.90 118.88
C VAL D 15 -39.87 -11.84 117.92
N VAL D 16 -41.12 -12.17 118.19
CA VAL D 16 -41.91 -13.05 117.32
C VAL D 16 -42.24 -12.39 115.98
N LEU D 17 -42.47 -11.07 115.97
CA LEU D 17 -42.69 -10.34 114.74
C LEU D 17 -41.42 -10.32 113.89
N ALA D 18 -40.26 -10.05 114.49
CA ALA D 18 -38.98 -10.07 113.78
C ALA D 18 -38.67 -11.46 113.19
N ALA D 19 -38.90 -12.51 113.97
CA ALA D 19 -38.75 -13.89 113.50
C ALA D 19 -39.71 -14.20 112.34
N THR D 20 -40.93 -13.66 112.37
CA THR D 20 -41.89 -13.83 111.28
C THR D 20 -41.38 -13.14 110.01
N LEU D 21 -40.95 -11.87 110.12
CA LEU D 21 -40.43 -11.10 109.00
C LEU D 21 -39.28 -11.82 108.28
N VAL D 22 -38.33 -12.40 109.03
CA VAL D 22 -37.21 -13.15 108.48
C VAL D 22 -37.69 -14.28 107.55
N THR D 23 -38.78 -14.97 107.88
CA THR D 23 -39.29 -16.03 107.01
C THR D 23 -39.99 -15.50 105.77
N ILE D 24 -40.56 -14.28 105.82
CA ILE D 24 -41.12 -13.63 104.63
C ILE D 24 -40.00 -13.30 103.63
N LEU D 25 -38.87 -12.75 104.11
CA LEU D 25 -37.79 -12.32 103.24
C LEU D 25 -37.17 -13.49 102.47
N GLY D 26 -37.13 -14.68 103.08
CA GLY D 26 -36.56 -15.88 102.46
C GLY D 26 -37.21 -16.27 101.13
N GLY D 27 -38.43 -15.78 100.82
CA GLY D 27 -39.08 -16.03 99.55
C GLY D 27 -38.56 -15.16 98.40
N PHE D 28 -37.75 -14.13 98.70
CA PHE D 28 -37.19 -13.22 97.71
C PHE D 28 -35.73 -13.55 97.42
N THR D 29 -34.97 -13.93 98.45
CA THR D 29 -33.51 -14.00 98.40
C THR D 29 -33.01 -15.36 97.89
N HIS D 30 -33.62 -15.90 96.82
CA HIS D 30 -33.16 -17.14 96.20
C HIS D 30 -33.55 -17.21 94.72
N GLY D 31 -32.83 -18.04 93.95
CA GLY D 31 -33.18 -18.37 92.57
C GLY D 31 -32.89 -17.26 91.55
N VAL D 32 -31.99 -16.32 91.89
CA VAL D 32 -31.51 -15.31 90.94
C VAL D 32 -30.06 -15.62 90.58
N SER D 33 -29.79 -15.74 89.26
CA SER D 33 -28.49 -16.11 88.72
C SER D 33 -28.35 -15.66 87.26
N ASN D 34 -27.10 -15.60 86.79
CA ASN D 34 -26.78 -15.18 85.43
C ASN D 34 -26.92 -16.36 84.47
N THR D 35 -28.04 -16.42 83.72
CA THR D 35 -28.37 -17.55 82.86
C THR D 35 -28.21 -17.25 81.37
N VAL D 36 -27.72 -16.04 81.02
CA VAL D 36 -27.59 -15.61 79.63
C VAL D 36 -26.43 -16.33 78.93
N GLU D 37 -26.69 -16.82 77.71
CA GLU D 37 -25.71 -17.49 76.85
C GLU D 37 -25.98 -17.05 75.40
N THR D 38 -24.97 -17.07 74.53
CA THR D 38 -25.14 -16.56 73.16
C THR D 38 -24.10 -17.24 72.27
N ALA D 39 -24.54 -17.83 71.16
CA ALA D 39 -23.64 -18.60 70.31
C ALA D 39 -23.88 -18.31 68.83
N GLY D 40 -22.78 -18.32 68.06
CA GLY D 40 -22.85 -18.36 66.61
C GLY D 40 -23.01 -19.82 66.18
N VAL D 41 -24.20 -20.16 65.64
CA VAL D 41 -24.55 -21.51 65.26
C VAL D 41 -25.07 -21.48 63.83
N THR D 42 -24.65 -22.47 63.01
CA THR D 42 -25.19 -22.67 61.68
C THR D 42 -25.64 -24.13 61.53
N SER D 43 -26.62 -24.37 60.66
CA SER D 43 -27.22 -25.70 60.56
C SER D 43 -27.75 -26.01 59.16
N HIS D 44 -27.74 -27.31 58.81
CA HIS D 44 -28.25 -27.83 57.55
C HIS D 44 -29.06 -29.10 57.82
N ILE D 45 -30.22 -29.23 57.15
CA ILE D 45 -31.16 -30.32 57.40
C ILE D 45 -31.35 -31.14 56.14
N THR D 46 -31.39 -32.47 56.30
CA THR D 46 -31.57 -33.44 55.22
C THR D 46 -32.57 -34.50 55.66
N SER D 47 -33.00 -35.38 54.74
CA SER D 47 -33.93 -36.47 55.01
C SER D 47 -33.45 -37.50 56.05
N LYS D 48 -32.17 -37.44 56.47
CA LYS D 48 -31.57 -38.41 57.37
C LYS D 48 -30.81 -37.78 58.54
N TYR D 49 -30.26 -36.58 58.35
CA TYR D 49 -29.38 -35.95 59.33
C TYR D 49 -29.64 -34.45 59.48
N ILE D 50 -29.45 -33.95 60.70
CA ILE D 50 -29.25 -32.54 60.97
C ILE D 50 -27.78 -32.33 61.30
N PHE D 51 -27.14 -31.36 60.65
CA PHE D 51 -25.77 -30.96 60.96
C PHE D 51 -25.78 -29.63 61.70
N ILE D 52 -24.98 -29.52 62.77
CA ILE D 52 -24.92 -28.32 63.59
C ILE D 52 -23.45 -27.96 63.81
N ASN D 53 -23.08 -26.75 63.40
CA ASN D 53 -21.69 -26.35 63.48
C ASN D 53 -21.62 -25.04 64.25
N VAL D 54 -20.76 -25.00 65.28
CA VAL D 54 -20.66 -23.85 66.17
C VAL D 54 -19.40 -23.04 65.85
N SER D 55 -19.53 -21.71 65.74
CA SER D 55 -18.43 -20.84 65.35
C SER D 55 -17.83 -20.06 66.53
N SER D 56 -18.67 -19.75 67.54
CA SER D 56 -18.28 -19.05 68.76
C SER D 56 -19.37 -19.19 69.83
N SER D 57 -19.03 -18.98 71.10
CA SER D 57 -20.01 -18.95 72.19
C SER D 57 -19.56 -17.99 73.29
N SER D 58 -20.52 -17.52 74.09
CA SER D 58 -20.26 -16.59 75.18
C SER D 58 -19.46 -17.26 76.30
N SER D 59 -19.71 -18.56 76.52
CA SER D 59 -18.98 -19.37 77.49
C SER D 59 -18.82 -20.81 76.97
N ALA D 60 -17.88 -21.56 77.57
CA ALA D 60 -17.70 -22.98 77.27
C ALA D 60 -18.58 -23.82 78.19
N ILE D 61 -19.48 -24.64 77.61
CA ILE D 61 -20.47 -25.40 78.36
C ILE D 61 -20.52 -26.86 77.90
N SER D 62 -20.94 -27.77 78.80
CA SER D 62 -21.01 -29.18 78.48
C SER D 62 -22.14 -29.47 77.50
N ALA D 63 -21.90 -30.35 76.51
CA ALA D 63 -22.94 -30.77 75.57
C ALA D 63 -24.08 -31.55 76.24
N SER D 64 -23.88 -32.06 77.47
CA SER D 64 -24.93 -32.70 78.24
C SER D 64 -25.89 -31.70 78.91
N SER D 65 -25.47 -30.44 79.07
CA SER D 65 -26.27 -29.39 79.70
C SER D 65 -27.27 -28.73 78.73
N ILE D 66 -27.18 -29.04 77.43
CA ILE D 66 -28.03 -28.46 76.40
C ILE D 66 -29.11 -29.46 76.02
N THR D 67 -30.36 -28.99 75.95
CA THR D 67 -31.51 -29.80 75.58
C THR D 67 -31.93 -29.42 74.16
N ILE D 68 -32.25 -30.42 73.32
CA ILE D 68 -32.72 -30.19 71.96
C ILE D 68 -34.15 -30.68 71.80
N THR D 69 -34.99 -29.89 71.10
CA THR D 69 -36.37 -30.26 70.79
C THR D 69 -36.62 -30.12 69.29
N ILE D 70 -37.52 -30.95 68.74
CA ILE D 70 -37.71 -31.08 67.30
C ILE D 70 -39.19 -31.18 66.94
N THR D 71 -39.55 -30.71 65.74
CA THR D 71 -40.89 -30.84 65.20
C THR D 71 -40.82 -31.19 63.71
N GLY D 72 -41.83 -31.93 63.23
CA GLY D 72 -41.90 -32.36 61.84
C GLY D 72 -41.06 -33.61 61.53
N ALA D 73 -40.43 -34.20 62.56
CA ALA D 73 -39.51 -35.34 62.44
C ALA D 73 -39.42 -36.07 63.79
N SER D 74 -38.48 -37.03 63.89
CA SER D 74 -38.22 -37.78 65.11
C SER D 74 -36.73 -38.18 65.18
N PHE D 75 -36.17 -38.32 66.39
CA PHE D 75 -34.80 -38.76 66.56
C PHE D 75 -34.66 -40.28 66.39
N LYS D 76 -33.55 -40.74 65.81
CA LYS D 76 -33.24 -42.17 65.76
C LYS D 76 -32.74 -42.73 67.09
N VAL D 77 -32.28 -41.85 67.99
CA VAL D 77 -31.86 -42.23 69.35
C VAL D 77 -32.97 -41.84 70.32
N THR D 78 -33.37 -42.78 71.20
CA THR D 78 -34.64 -42.68 71.92
C THR D 78 -34.50 -42.53 73.44
N SER D 79 -33.27 -42.53 73.98
CA SER D 79 -33.00 -42.53 75.42
C SER D 79 -33.40 -41.23 76.12
N GLY D 80 -33.41 -40.11 75.39
CA GLY D 80 -33.62 -38.78 75.97
C GLY D 80 -33.41 -37.67 74.95
N ASP D 81 -33.05 -36.47 75.44
CA ASP D 81 -33.14 -35.25 74.64
C ASP D 81 -32.03 -34.24 74.92
N THR D 82 -30.95 -34.65 75.61
CA THR D 82 -29.78 -33.79 75.69
C THR D 82 -29.01 -33.85 74.37
N LEU D 83 -28.27 -32.78 74.04
CA LEU D 83 -27.56 -32.72 72.77
C LEU D 83 -26.49 -33.81 72.68
N ALA D 84 -25.71 -34.00 73.76
CA ALA D 84 -24.68 -35.04 73.82
C ALA D 84 -25.26 -36.43 73.53
N GLU D 85 -26.44 -36.70 74.08
CA GLU D 85 -27.10 -37.98 74.04
C GLU D 85 -27.62 -38.32 72.63
N VAL D 86 -28.40 -37.44 72.00
CA VAL D 86 -28.97 -37.71 70.69
C VAL D 86 -27.92 -37.69 69.57
N ALA D 87 -26.82 -36.93 69.76
CA ALA D 87 -25.73 -36.82 68.81
C ALA D 87 -24.68 -37.94 68.96
N GLY D 88 -24.79 -38.78 70.01
CA GLY D 88 -23.88 -39.88 70.24
C GLY D 88 -22.47 -39.45 70.66
N VAL D 89 -22.39 -38.40 71.48
CA VAL D 89 -21.13 -37.83 71.97
C VAL D 89 -20.58 -38.69 73.11
N SER D 90 -19.43 -39.34 72.87
CA SER D 90 -18.67 -40.02 73.92
C SER D 90 -17.91 -38.98 74.77
N SER D 91 -17.57 -39.34 76.02
CA SER D 91 -16.92 -38.45 76.97
C SER D 91 -15.51 -38.02 76.55
N THR D 92 -14.86 -38.82 75.68
CA THR D 92 -13.54 -38.54 75.12
C THR D 92 -13.59 -37.69 73.84
N SER D 93 -14.79 -37.52 73.24
CA SER D 93 -14.95 -36.83 71.97
C SER D 93 -14.63 -35.33 72.08
N SER D 94 -14.06 -34.76 71.02
CA SER D 94 -13.75 -33.33 70.93
C SER D 94 -15.02 -32.51 71.15
N ASN D 95 -16.15 -33.02 70.66
CA ASN D 95 -17.44 -32.35 70.65
C ASN D 95 -18.17 -32.48 71.99
N ALA D 96 -17.47 -32.91 73.05
CA ALA D 96 -18.06 -32.97 74.39
C ALA D 96 -18.32 -31.57 74.99
N THR D 97 -17.65 -30.53 74.46
CA THR D 97 -17.82 -29.15 74.90
C THR D 97 -18.40 -28.31 73.76
N PHE D 98 -19.39 -27.47 74.09
CA PHE D 98 -20.03 -26.57 73.14
C PHE D 98 -19.29 -25.24 73.13
N THR D 99 -18.53 -25.00 72.05
CA THR D 99 -17.65 -23.86 71.82
C THR D 99 -17.41 -23.74 70.31
N GLY D 100 -16.80 -22.63 69.86
CA GLY D 100 -16.36 -22.53 68.47
C GLY D 100 -15.47 -23.71 68.09
N GLY D 101 -15.70 -24.29 66.91
CA GLY D 101 -14.96 -25.45 66.44
C GLY D 101 -15.59 -26.81 66.75
N SER D 102 -16.72 -26.84 67.48
CA SER D 102 -17.45 -28.08 67.74
C SER D 102 -18.55 -28.30 66.71
N ASP D 103 -18.59 -29.52 66.12
CA ASP D 103 -19.57 -29.93 65.14
C ASP D 103 -20.33 -31.17 65.61
N TYR D 104 -21.63 -31.25 65.29
CA TYR D 104 -22.50 -32.35 65.70
C TYR D 104 -23.33 -32.84 64.51
N THR D 105 -23.58 -34.16 64.47
CA THR D 105 -24.50 -34.78 63.51
C THR D 105 -25.59 -35.53 64.27
N VAL D 106 -26.86 -35.18 64.04
CA VAL D 106 -27.99 -35.82 64.70
C VAL D 106 -28.77 -36.64 63.67
N PRO D 107 -28.93 -37.97 63.86
CA PRO D 107 -29.71 -38.80 62.94
C PRO D 107 -31.21 -38.76 63.24
N ILE D 108 -32.01 -38.63 62.18
CA ILE D 108 -33.46 -38.43 62.28
C ILE D 108 -34.24 -39.30 61.28
N SER D 109 -35.54 -39.45 61.55
CA SER D 109 -36.47 -40.25 60.77
C SER D 109 -37.77 -39.48 60.52
N LEU D 110 -38.31 -39.61 59.29
CA LEU D 110 -39.55 -38.98 58.85
C LEU D 110 -40.63 -40.02 58.54
N SER D 111 -41.89 -39.69 58.85
CA SER D 111 -43.05 -40.50 58.46
C SER D 111 -43.35 -40.39 56.96
N SER D 112 -44.37 -41.12 56.49
CA SER D 112 -44.87 -41.07 55.11
C SER D 112 -45.42 -39.70 54.72
N SER D 113 -45.92 -38.92 55.70
CA SER D 113 -46.53 -37.61 55.51
C SER D 113 -45.55 -36.45 55.74
N GLN D 114 -44.50 -36.68 56.53
CA GLN D 114 -43.49 -35.66 56.84
C GLN D 114 -42.53 -35.43 55.67
N THR D 115 -42.00 -34.20 55.58
CA THR D 115 -41.09 -33.78 54.53
C THR D 115 -40.02 -32.84 55.09
N VAL D 116 -38.87 -32.73 54.41
CA VAL D 116 -37.71 -31.97 54.88
C VAL D 116 -38.05 -30.50 55.12
N ALA D 117 -38.88 -29.90 54.25
CA ALA D 117 -39.30 -28.52 54.36
C ALA D 117 -40.12 -28.22 55.63
N GLY D 118 -40.65 -29.26 56.29
CA GLY D 118 -41.46 -29.12 57.49
C GLY D 118 -40.67 -29.22 58.80
N VAL D 119 -39.40 -29.67 58.75
CA VAL D 119 -38.61 -29.94 59.95
C VAL D 119 -38.01 -28.65 60.54
N SER D 120 -38.05 -28.53 61.88
CA SER D 120 -37.33 -27.49 62.60
C SER D 120 -37.00 -27.92 64.03
N PHE D 121 -36.01 -27.24 64.65
CA PHE D 121 -35.52 -27.61 65.97
C PHE D 121 -35.01 -26.40 66.76
N GLU D 122 -34.83 -26.59 68.08
CA GLU D 122 -34.34 -25.54 68.98
C GLU D 122 -33.36 -26.12 70.00
N LEU D 123 -32.40 -25.29 70.44
CA LEU D 123 -31.48 -25.62 71.51
C LEU D 123 -31.81 -24.76 72.74
N ILE D 124 -31.89 -25.40 73.91
CA ILE D 124 -32.28 -24.75 75.16
C ILE D 124 -31.20 -24.98 76.20
N TYR D 125 -30.82 -23.92 76.93
CA TYR D 125 -29.86 -23.98 78.01
C TYR D 125 -30.36 -23.16 79.18
N LYS D 126 -30.37 -23.74 80.39
CA LYS D 126 -30.88 -23.14 81.62
C LYS D 126 -32.25 -22.45 81.45
N GLY D 127 -33.13 -23.06 80.64
CA GLY D 127 -34.49 -22.57 80.44
C GLY D 127 -34.64 -21.41 79.45
N ASN D 128 -33.56 -21.01 78.77
CA ASN D 128 -33.57 -20.00 77.71
C ASN D 128 -33.34 -20.66 76.36
N VAL D 129 -34.06 -20.24 75.31
CA VAL D 129 -33.79 -20.71 73.95
C VAL D 129 -32.54 -19.98 73.42
N ILE D 130 -31.49 -20.74 73.04
CA ILE D 130 -30.24 -20.16 72.55
C ILE D 130 -30.08 -20.26 71.03
N TYR D 131 -30.86 -21.13 70.36
CA TYR D 131 -30.91 -21.23 68.92
C TYR D 131 -32.27 -21.78 68.48
N ASN D 132 -32.75 -21.34 67.30
CA ASN D 132 -34.01 -21.80 66.73
C ASN D 132 -33.87 -21.81 65.20
N SER D 133 -33.95 -22.99 64.58
CA SER D 133 -33.67 -23.14 63.16
C SER D 133 -34.68 -22.41 62.27
N ALA D 134 -35.88 -22.13 62.81
CA ALA D 134 -36.98 -21.49 62.09
C ALA D 134 -37.03 -19.96 62.27
N ALA D 135 -36.01 -19.37 62.93
CA ALA D 135 -35.94 -17.92 63.13
C ALA D 135 -35.84 -17.20 61.78
N VAL E 1 -46.75 6.28 128.14
CA VAL E 1 -45.81 7.43 127.83
C VAL E 1 -44.67 7.02 126.88
N SER E 2 -43.76 6.12 127.29
CA SER E 2 -42.46 5.93 126.64
C SER E 2 -42.50 5.53 125.15
N PRO E 3 -43.44 4.72 124.59
CA PRO E 3 -43.44 4.43 123.15
C PRO E 3 -43.62 5.63 122.23
N ILE E 4 -44.32 6.67 122.69
CA ILE E 4 -44.50 7.90 121.90
C ILE E 4 -43.21 8.72 121.92
N ILE E 5 -42.57 8.85 123.09
CA ILE E 5 -41.31 9.58 123.22
C ILE E 5 -40.20 8.94 122.40
N ALA E 6 -40.08 7.61 122.43
CA ALA E 6 -39.15 6.87 121.58
C ALA E 6 -39.39 7.14 120.09
N THR E 7 -40.66 7.29 119.68
CA THR E 7 -41.01 7.60 118.29
C THR E 7 -40.54 8.99 117.88
N ILE E 8 -40.69 9.99 118.76
CA ILE E 8 -40.24 11.36 118.52
C ILE E 8 -38.72 11.42 118.34
N LEU E 9 -37.96 10.66 119.15
CA LEU E 9 -36.51 10.58 119.02
C LEU E 9 -36.09 9.97 117.67
N LEU E 10 -36.77 8.93 117.21
CA LEU E 10 -36.47 8.28 115.93
C LEU E 10 -36.76 9.18 114.73
N ILE E 11 -37.76 10.07 114.82
CA ILE E 11 -38.02 11.05 113.75
C ILE E 11 -36.87 12.05 113.69
N ALA E 12 -36.43 12.58 114.83
CA ALA E 12 -35.30 13.49 114.90
C ALA E 12 -34.02 12.89 114.28
N ILE E 13 -33.71 11.61 114.57
CA ILE E 13 -32.56 10.91 113.98
C ILE E 13 -32.72 10.76 112.46
N THR E 14 -33.95 10.46 111.99
CA THR E 14 -34.22 10.22 110.57
C THR E 14 -33.89 11.44 109.72
N VAL E 15 -34.24 12.63 110.19
CA VAL E 15 -33.99 13.88 109.46
C VAL E 15 -32.49 14.11 109.27
N VAL E 16 -31.65 13.82 110.27
CA VAL E 16 -30.20 14.02 110.17
C VAL E 16 -29.57 13.04 109.18
N LEU E 17 -30.08 11.80 109.10
CA LEU E 17 -29.61 10.83 108.11
C LEU E 17 -29.96 11.29 106.69
N ALA E 18 -31.19 11.77 106.47
CA ALA E 18 -31.61 12.27 105.16
C ALA E 18 -30.77 13.47 104.74
N ALA E 19 -30.52 14.42 105.66
CA ALA E 19 -29.66 15.56 105.41
C ALA E 19 -28.22 15.14 105.08
N THR E 20 -27.72 14.07 105.73
CA THR E 20 -26.40 13.52 105.43
C THR E 20 -26.36 12.95 104.02
N LEU E 21 -27.34 12.11 103.65
CA LEU E 21 -27.44 11.51 102.33
C LEU E 21 -27.41 12.56 101.21
N VAL E 22 -28.15 13.66 101.36
CA VAL E 22 -28.17 14.75 100.39
C VAL E 22 -26.77 15.29 100.10
N THR E 23 -25.89 15.40 101.11
CA THR E 23 -24.53 15.87 100.87
C THR E 23 -23.64 14.83 100.20
N ILE E 24 -23.93 13.54 100.36
CA ILE E 24 -23.23 12.49 99.63
C ILE E 24 -23.54 12.57 98.13
N LEU E 25 -24.83 12.76 97.78
CA LEU E 25 -25.25 12.76 96.38
C LEU E 25 -24.63 13.92 95.60
N GLY E 26 -24.39 15.06 96.26
CA GLY E 26 -23.78 16.23 95.63
C GLY E 26 -22.41 15.99 94.99
N GLY E 27 -21.71 14.92 95.37
CA GLY E 27 -20.44 14.55 94.77
C GLY E 27 -20.55 13.85 93.40
N PHE E 28 -21.77 13.44 93.02
CA PHE E 28 -22.04 12.76 91.76
C PHE E 28 -22.66 13.71 90.73
N THR E 29 -23.55 14.61 91.19
CA THR E 29 -24.42 15.39 90.31
C THR E 29 -23.77 16.70 89.83
N HIS E 30 -22.48 16.65 89.42
CA HIS E 30 -21.80 17.80 88.84
C HIS E 30 -20.67 17.38 87.89
N GLY E 31 -20.28 18.30 86.99
CA GLY E 31 -19.10 18.13 86.15
C GLY E 31 -19.28 17.15 84.98
N VAL E 32 -20.53 16.86 84.59
CA VAL E 32 -20.83 16.07 83.39
C VAL E 32 -21.39 16.98 82.31
N SER E 33 -20.76 16.96 81.12
CA SER E 33 -21.11 17.82 80.01
C SER E 33 -20.60 17.24 78.68
N ASN E 34 -21.18 17.72 77.57
CA ASN E 34 -20.83 17.27 76.23
C ASN E 34 -19.59 18.01 75.73
N THR E 35 -18.41 17.37 75.78
CA THR E 35 -17.13 18.00 75.46
C THR E 35 -16.54 17.53 74.12
N VAL E 36 -17.28 16.69 73.37
CA VAL E 36 -16.78 16.11 72.12
C VAL E 36 -16.77 17.17 71.00
N GLU E 37 -15.66 17.22 70.25
CA GLU E 37 -15.46 18.11 69.11
C GLU E 37 -14.68 17.33 68.04
N THR E 38 -14.83 17.68 66.75
CA THR E 38 -14.21 16.91 65.68
C THR E 38 -14.04 17.83 64.48
N ALA E 39 -12.81 17.90 63.93
CA ALA E 39 -12.53 18.84 62.86
C ALA E 39 -11.69 18.19 61.76
N GLY E 40 -11.95 18.59 60.51
CA GLY E 40 -11.06 18.33 59.39
C GLY E 40 -9.97 19.40 59.37
N VAL E 41 -8.73 18.99 59.69
CA VAL E 41 -7.60 19.89 59.79
C VAL E 41 -6.46 19.34 58.94
N THR E 42 -5.76 20.22 58.21
CA THR E 42 -4.56 19.87 57.48
C THR E 42 -3.44 20.85 57.85
N SER E 43 -2.18 20.41 57.75
CA SER E 43 -1.08 21.21 58.24
C SER E 43 0.22 20.96 57.46
N HIS E 44 1.07 21.99 57.39
CA HIS E 44 2.38 21.94 56.75
C HIS E 44 3.39 22.66 57.64
N ILE E 45 4.59 22.07 57.80
CA ILE E 45 5.62 22.56 58.71
C ILE E 45 6.88 22.93 57.94
N THR E 46 7.48 24.07 58.30
CA THR E 46 8.70 24.60 57.69
C THR E 46 9.64 25.08 58.79
N SER E 47 10.89 25.44 58.44
CA SER E 47 11.89 25.95 59.37
C SER E 47 11.50 27.25 60.09
N LYS E 48 10.41 27.92 59.67
CA LYS E 48 10.00 29.22 60.20
C LYS E 48 8.53 29.28 60.61
N TYR E 49 7.66 28.50 59.94
CA TYR E 49 6.22 28.58 60.11
C TYR E 49 5.56 27.21 60.15
N ILE E 50 4.48 27.12 60.94
CA ILE E 50 3.48 26.07 60.83
C ILE E 50 2.23 26.70 60.20
N PHE E 51 1.69 26.06 59.15
CA PHE E 51 0.43 26.46 58.54
C PHE E 51 -0.66 25.47 58.94
N ILE E 52 -1.84 25.98 59.31
CA ILE E 52 -2.96 25.16 59.74
C ILE E 52 -4.21 25.61 59.02
N ASN E 53 -4.84 24.69 58.28
CA ASN E 53 -5.98 25.06 57.47
C ASN E 53 -7.13 24.15 57.84
N VAL E 54 -8.30 24.73 58.17
CA VAL E 54 -9.45 23.98 58.65
C VAL E 54 -10.49 23.85 57.53
N SER E 55 -11.02 22.64 57.31
CA SER E 55 -11.95 22.37 56.22
C SER E 55 -13.41 22.22 56.70
N SER E 56 -13.60 21.74 57.93
CA SER E 56 -14.89 21.59 58.58
C SER E 56 -14.71 21.36 60.09
N SER E 57 -15.78 21.60 60.88
CA SER E 57 -15.77 21.29 62.30
C SER E 57 -17.17 20.91 62.78
N SER E 58 -17.24 20.18 63.91
CA SER E 58 -18.51 19.74 64.48
C SER E 58 -19.32 20.91 65.02
N SER E 59 -18.63 21.93 65.55
CA SER E 59 -19.24 23.17 66.02
C SER E 59 -18.32 24.37 65.75
N ALA E 60 -18.88 25.58 65.81
CA ALA E 60 -18.11 26.81 65.68
C ALA E 60 -17.63 27.26 67.06
N ILE E 61 -16.30 27.40 67.24
CA ILE E 61 -15.71 27.69 68.54
C ILE E 61 -14.68 28.82 68.44
N SER E 62 -14.45 29.56 69.54
CA SER E 62 -13.50 30.66 69.55
C SER E 62 -12.06 30.16 69.46
N ALA E 63 -11.22 30.83 68.67
CA ALA E 63 -9.80 30.49 68.59
C ALA E 63 -9.05 30.72 69.89
N SER E 64 -9.61 31.47 70.84
CA SER E 64 -9.04 31.65 72.18
C SER E 64 -9.31 30.45 73.11
N SER E 65 -10.31 29.61 72.79
CA SER E 65 -10.68 28.45 73.59
C SER E 65 -9.82 27.22 73.30
N ILE E 66 -8.98 27.28 72.26
CA ILE E 66 -8.15 26.17 71.82
C ILE E 66 -6.71 26.41 72.30
N THR E 67 -6.12 25.37 72.89
CA THR E 67 -4.74 25.41 73.39
C THR E 67 -3.85 24.62 72.43
N ILE E 68 -2.66 25.14 72.11
CA ILE E 68 -1.70 24.46 71.25
C ILE E 68 -0.43 24.13 72.02
N THR E 69 0.10 22.91 71.83
CA THR E 69 1.36 22.49 72.43
C THR E 69 2.30 21.95 71.34
N ILE E 70 3.62 22.12 71.56
CA ILE E 70 4.63 21.86 70.54
C ILE E 70 5.84 21.13 71.12
N THR E 71 6.51 20.33 70.30
CA THR E 71 7.76 19.66 70.66
C THR E 71 8.73 19.71 69.49
N GLY E 72 10.04 19.74 69.79
CA GLY E 72 11.09 19.81 68.78
C GLY E 72 11.36 21.22 68.25
N ALA E 73 10.67 22.23 68.80
CA ALA E 73 10.72 23.63 68.37
C ALA E 73 10.27 24.56 69.51
N SER E 74 10.09 25.86 69.19
CA SER E 74 9.60 26.85 70.13
C SER E 74 8.81 27.94 69.40
N PHE E 75 7.83 28.57 70.07
CA PHE E 75 7.06 29.65 69.48
C PHE E 75 7.84 30.98 69.51
N LYS E 76 7.68 31.81 68.47
CA LYS E 76 8.24 33.16 68.47
C LYS E 76 7.44 34.14 69.34
N VAL E 77 6.18 33.80 69.67
CA VAL E 77 5.33 34.58 70.56
C VAL E 77 5.31 33.88 71.93
N THR E 78 5.54 34.65 73.02
CA THR E 78 5.91 34.08 74.30
C THR E 78 4.87 34.31 75.41
N SER E 79 3.77 35.02 75.13
CA SER E 79 2.78 35.43 76.13
C SER E 79 1.98 34.26 76.73
N GLY E 80 1.83 33.17 75.96
CA GLY E 80 0.96 32.06 76.34
C GLY E 80 0.84 31.03 75.22
N ASP E 81 -0.28 30.28 75.21
CA ASP E 81 -0.38 29.05 74.44
C ASP E 81 -1.78 28.80 73.87
N THR E 82 -2.66 29.80 73.86
CA THR E 82 -3.89 29.67 73.10
C THR E 82 -3.63 29.87 71.61
N LEU E 83 -4.45 29.25 70.75
CA LEU E 83 -4.22 29.32 69.31
C LEU E 83 -4.31 30.75 68.79
N ALA E 84 -5.33 31.51 69.23
CA ALA E 84 -5.51 32.91 68.86
C ALA E 84 -4.27 33.75 69.19
N GLU E 85 -3.68 33.49 70.35
CA GLU E 85 -2.57 34.24 70.90
C GLU E 85 -1.27 34.01 70.13
N VAL E 86 -0.85 32.75 69.93
CA VAL E 86 0.41 32.46 69.24
C VAL E 86 0.34 32.75 67.75
N ALA E 87 -0.86 32.67 67.15
CA ALA E 87 -1.08 32.95 65.74
C ALA E 87 -1.28 34.45 65.44
N GLY E 88 -1.38 35.30 66.48
CA GLY E 88 -1.54 36.73 66.29
C GLY E 88 -2.92 37.14 65.75
N VAL E 89 -3.97 36.44 66.20
CA VAL E 89 -5.34 36.68 65.77
C VAL E 89 -5.91 37.90 66.50
N SER E 90 -6.19 38.98 65.75
CA SER E 90 -6.94 40.13 66.25
C SER E 90 -8.43 39.79 66.34
N SER E 91 -9.18 40.50 67.20
CA SER E 91 -10.60 40.25 67.45
C SER E 91 -11.50 40.51 66.22
N THR E 92 -11.02 41.34 65.28
CA THR E 92 -11.70 41.65 64.02
C THR E 92 -11.37 40.66 62.91
N SER E 93 -10.35 39.82 63.08
CA SER E 93 -9.87 38.90 62.05
C SER E 93 -10.89 37.81 61.72
N SER E 94 -10.95 37.42 60.44
CA SER E 94 -11.82 36.34 59.97
C SER E 94 -11.55 35.05 60.74
N ASN E 95 -10.27 34.83 61.08
CA ASN E 95 -9.77 33.62 61.71
C ASN E 95 -9.98 33.62 63.23
N ALA E 96 -10.83 34.53 63.75
CA ALA E 96 -11.19 34.54 65.16
C ALA E 96 -12.06 33.36 65.57
N THR E 97 -12.72 32.70 64.60
CA THR E 97 -13.56 31.54 64.83
C THR E 97 -12.97 30.31 64.12
N PHE E 98 -12.93 29.18 64.82
CA PHE E 98 -12.43 27.92 64.30
C PHE E 98 -13.59 27.15 63.64
N THR E 99 -13.59 27.13 62.30
CA THR E 99 -14.60 26.54 61.43
C THR E 99 -13.97 26.28 60.07
N GLY E 100 -14.66 25.54 59.18
CA GLY E 100 -14.21 25.42 57.80
C GLY E 100 -13.97 26.80 57.16
N GLY E 101 -12.86 26.95 56.44
CA GLY E 101 -12.49 28.21 55.82
C GLY E 101 -11.56 29.10 56.64
N SER E 102 -11.23 28.72 57.89
CA SER E 102 -10.28 29.44 58.73
C SER E 102 -8.87 28.90 58.56
N ASP E 103 -7.89 29.80 58.31
CA ASP E 103 -6.48 29.46 58.16
C ASP E 103 -5.63 30.23 59.17
N TYR E 104 -4.57 29.58 59.68
CA TYR E 104 -3.68 30.16 60.67
C TYR E 104 -2.21 29.95 60.28
N THR E 105 -1.36 30.93 60.61
CA THR E 105 0.09 30.83 60.46
C THR E 105 0.75 31.06 61.82
N VAL E 106 1.53 30.09 62.31
CA VAL E 106 2.21 30.20 63.59
C VAL E 106 3.72 30.30 63.35
N PRO E 107 4.39 31.38 63.80
CA PRO E 107 5.84 31.53 63.65
C PRO E 107 6.62 30.81 64.74
N ILE E 108 7.68 30.09 64.34
CA ILE E 108 8.45 29.22 65.23
C ILE E 108 9.96 29.39 65.01
N SER E 109 10.74 28.92 66.01
CA SER E 109 12.19 28.99 66.04
C SER E 109 12.78 27.65 66.47
N LEU E 110 13.90 27.26 65.81
CA LEU E 110 14.63 26.01 66.08
C LEU E 110 16.03 26.30 66.62
N SER E 111 16.51 25.46 67.55
CA SER E 111 17.89 25.49 68.03
C SER E 111 18.88 24.96 66.98
N SER E 112 20.18 24.99 67.32
CA SER E 112 21.26 24.43 66.49
C SER E 112 21.15 22.92 66.28
N SER E 113 20.51 22.20 67.23
CA SER E 113 20.35 20.75 67.22
C SER E 113 19.00 20.30 66.65
N GLN E 114 17.97 21.16 66.72
CA GLN E 114 16.64 20.87 66.23
C GLN E 114 16.56 20.92 64.70
N THR E 115 15.65 20.12 64.12
CA THR E 115 15.43 20.02 62.68
C THR E 115 13.94 19.86 62.37
N VAL E 116 13.53 20.21 61.15
CA VAL E 116 12.13 20.24 60.73
C VAL E 116 11.47 18.87 60.89
N ALA E 117 12.19 17.79 60.56
CA ALA E 117 11.70 16.42 60.68
C ALA E 117 11.37 16.01 62.13
N GLY E 118 11.87 16.75 63.13
CA GLY E 118 11.63 16.45 64.53
C GLY E 118 10.43 17.18 65.15
N VAL E 119 9.86 18.18 64.45
CA VAL E 119 8.81 19.03 64.99
C VAL E 119 7.44 18.35 64.92
N SER E 120 6.63 18.49 65.99
CA SER E 120 5.22 18.10 65.99
C SER E 120 4.42 18.91 67.02
N PHE E 121 3.08 18.93 66.84
CA PHE E 121 2.21 19.75 67.67
C PHE E 121 0.81 19.13 67.81
N GLU E 122 0.04 19.62 68.79
CA GLU E 122 -1.31 19.15 69.07
C GLU E 122 -2.24 20.32 69.39
N LEU E 123 -3.53 20.18 69.06
CA LEU E 123 -4.57 21.12 69.45
C LEU E 123 -5.50 20.46 70.48
N ILE E 124 -5.78 21.19 71.57
CA ILE E 124 -6.56 20.68 72.69
C ILE E 124 -7.74 21.62 72.94
N TYR E 125 -8.93 21.04 73.13
CA TYR E 125 -10.14 21.78 73.45
C TYR E 125 -10.90 21.04 74.55
N LYS E 126 -11.29 21.77 75.62
CA LYS E 126 -11.95 21.24 76.81
C LYS E 126 -11.32 19.95 77.35
N GLY E 127 -9.99 19.86 77.30
CA GLY E 127 -9.24 18.74 77.86
C GLY E 127 -9.17 17.50 76.96
N ASN E 128 -9.68 17.56 75.73
CA ASN E 128 -9.59 16.49 74.74
C ASN E 128 -8.63 16.92 73.62
N VAL E 129 -7.79 16.00 73.12
CA VAL E 129 -6.96 16.27 71.95
C VAL E 129 -7.82 16.18 70.70
N ILE E 130 -7.91 17.28 69.90
CA ILE E 130 -8.74 17.31 68.69
C ILE E 130 -7.92 17.18 67.40
N TYR E 131 -6.60 17.41 67.47
CA TYR E 131 -5.69 17.18 66.35
C TYR E 131 -4.28 16.89 66.87
N ASN E 132 -3.53 16.06 66.14
CA ASN E 132 -2.16 15.72 66.47
C ASN E 132 -1.37 15.49 65.18
N SER E 133 -0.37 16.34 64.90
CA SER E 133 0.34 16.34 63.64
C SER E 133 1.13 15.04 63.40
N ALA E 134 1.47 14.32 64.47
CA ALA E 134 2.25 13.09 64.43
C ALA E 134 1.41 11.82 64.36
N ALA E 135 0.07 11.93 64.20
CA ALA E 135 -0.82 10.79 64.09
C ALA E 135 -0.49 9.96 62.85
N VAL F 1 -39.34 2.06 125.26
CA VAL F 1 -38.31 0.97 125.02
C VAL F 1 -38.46 0.34 123.62
N SER F 2 -39.57 -0.38 123.34
CA SER F 2 -39.65 -1.29 122.21
C SER F 2 -39.40 -0.71 120.80
N PRO F 3 -39.79 0.54 120.42
CA PRO F 3 -39.46 1.07 119.09
C PRO F 3 -37.97 1.17 118.76
N ILE F 4 -37.12 1.38 119.76
CA ILE F 4 -35.68 1.45 119.56
C ILE F 4 -35.12 0.03 119.34
N ILE F 5 -35.56 -0.94 120.14
CA ILE F 5 -35.12 -2.33 120.01
C ILE F 5 -35.53 -2.92 118.65
N ALA F 6 -36.76 -2.67 118.21
CA ALA F 6 -37.21 -3.06 116.87
C ALA F 6 -36.34 -2.45 115.76
N THR F 7 -35.85 -1.22 115.95
CA THR F 7 -34.97 -0.56 114.99
C THR F 7 -33.61 -1.25 114.91
N ILE F 8 -33.05 -1.66 116.06
CA ILE F 8 -31.77 -2.36 116.12
C ILE F 8 -31.85 -3.71 115.39
N LEU F 9 -32.96 -4.45 115.56
CA LEU F 9 -33.18 -5.71 114.85
C LEU F 9 -33.24 -5.51 113.33
N LEU F 10 -33.92 -4.46 112.85
CA LEU F 10 -34.03 -4.17 111.43
C LEU F 10 -32.69 -3.78 110.79
N ILE F 11 -31.77 -3.15 111.55
CA ILE F 11 -30.44 -2.86 111.05
C ILE F 11 -29.65 -4.15 110.88
N ALA F 12 -29.70 -5.06 111.86
CA ALA F 12 -29.06 -6.37 111.78
C ALA F 12 -29.54 -7.17 110.55
N ILE F 13 -30.85 -7.19 110.27
CA ILE F 13 -31.40 -7.86 109.08
C ILE F 13 -30.90 -7.21 107.79
N THR F 14 -30.81 -5.87 107.76
CA THR F 14 -30.42 -5.12 106.57
C THR F 14 -29.01 -5.50 106.10
N VAL F 15 -28.07 -5.66 107.04
CA VAL F 15 -26.69 -6.00 106.72
C VAL F 15 -26.61 -7.38 106.04
N VAL F 16 -27.40 -8.37 106.48
CA VAL F 16 -27.36 -9.70 105.90
C VAL F 16 -27.94 -9.71 104.48
N LEU F 17 -28.97 -8.88 104.21
CA LEU F 17 -29.49 -8.74 102.86
C LEU F 17 -28.47 -8.12 101.92
N ALA F 18 -27.78 -7.05 102.36
CA ALA F 18 -26.73 -6.42 101.56
C ALA F 18 -25.58 -7.39 101.27
N ALA F 19 -25.14 -8.15 102.27
CA ALA F 19 -24.13 -9.18 102.09
C ALA F 19 -24.58 -10.28 101.12
N THR F 20 -25.87 -10.63 101.12
CA THR F 20 -26.44 -11.60 100.19
C THR F 20 -26.39 -11.05 98.76
N LEU F 21 -26.86 -9.81 98.55
CA LEU F 21 -26.85 -9.16 97.25
C LEU F 21 -25.45 -9.13 96.62
N VAL F 22 -24.41 -8.80 97.39
CA VAL F 22 -23.03 -8.78 96.92
C VAL F 22 -22.62 -10.13 96.31
N THR F 23 -23.05 -11.26 96.87
CA THR F 23 -22.72 -12.56 96.30
C THR F 23 -23.51 -12.87 95.03
N ILE F 24 -24.71 -12.31 94.87
CA ILE F 24 -25.46 -12.44 93.62
C ILE F 24 -24.74 -11.71 92.48
N LEU F 25 -24.24 -10.49 92.73
CA LEU F 25 -23.61 -9.68 91.70
C LEU F 25 -22.35 -10.33 91.15
N GLY F 26 -21.61 -11.07 91.99
CA GLY F 26 -20.38 -11.74 91.61
C GLY F 26 -20.52 -12.73 90.45
N GLY F 27 -21.75 -13.20 90.16
CA GLY F 27 -22.01 -14.08 89.01
C GLY F 27 -22.07 -13.35 87.66
N PHE F 28 -22.12 -12.01 87.67
CA PHE F 28 -22.18 -11.19 86.47
C PHE F 28 -20.82 -10.59 86.13
N THR F 29 -20.07 -10.17 87.15
CA THR F 29 -18.89 -9.31 86.99
C THR F 29 -17.61 -10.13 86.76
N HIS F 30 -17.67 -11.16 85.89
CA HIS F 30 -16.48 -11.93 85.51
C HIS F 30 -16.63 -12.54 84.12
N GLY F 31 -15.50 -12.88 83.49
CA GLY F 31 -15.47 -13.65 82.25
C GLY F 31 -15.86 -12.87 80.99
N VAL F 32 -15.78 -11.52 81.03
CA VAL F 32 -15.97 -10.67 79.86
C VAL F 32 -14.62 -10.08 79.44
N SER F 33 -14.25 -10.28 78.18
CA SER F 33 -12.97 -9.86 77.63
C SER F 33 -13.03 -9.76 76.10
N ASN F 34 -12.06 -9.04 75.52
CA ASN F 34 -11.99 -8.83 74.08
C ASN F 34 -11.28 -10.00 73.41
N THR F 35 -12.06 -10.91 72.80
CA THR F 35 -11.53 -12.15 72.22
C THR F 35 -11.49 -12.15 70.69
N VAL F 36 -11.84 -11.02 70.05
CA VAL F 36 -11.92 -10.93 68.59
C VAL F 36 -10.52 -10.88 67.97
N GLU F 37 -10.32 -11.69 66.91
CA GLU F 37 -9.08 -11.77 66.13
C GLU F 37 -9.47 -11.93 64.65
N THR F 38 -8.60 -11.51 63.72
CA THR F 38 -8.95 -11.53 62.30
C THR F 38 -7.65 -11.58 61.50
N ALA F 39 -7.54 -12.54 60.58
CA ALA F 39 -6.29 -12.74 59.85
C ALA F 39 -6.55 -12.99 58.36
N GLY F 40 -5.64 -12.48 57.52
CA GLY F 40 -5.56 -12.89 56.12
C GLY F 40 -4.73 -14.16 56.03
N VAL F 41 -5.40 -15.27 55.69
CA VAL F 41 -4.78 -16.59 55.64
C VAL F 41 -5.11 -17.22 54.28
N THR F 42 -4.09 -17.87 53.67
CA THR F 42 -4.29 -18.66 52.46
C THR F 42 -3.70 -20.05 52.68
N SER F 43 -4.25 -21.05 51.96
CA SER F 43 -3.86 -22.42 52.21
C SER F 43 -3.96 -23.30 50.96
N HIS F 44 -3.12 -24.34 50.90
CA HIS F 44 -3.09 -25.33 49.83
C HIS F 44 -2.94 -26.73 50.43
N ILE F 45 -3.71 -27.70 49.91
CA ILE F 45 -3.77 -29.04 50.47
C ILE F 45 -3.31 -30.07 49.44
N THR F 46 -2.51 -31.04 49.88
CA THR F 46 -1.95 -32.11 49.06
C THR F 46 -2.09 -33.44 49.80
N SER F 47 -1.79 -34.57 49.13
CA SER F 47 -1.86 -35.90 49.70
C SER F 47 -0.91 -36.13 50.90
N LYS F 48 0.02 -35.19 51.19
CA LYS F 48 1.03 -35.35 52.23
C LYS F 48 1.12 -34.14 53.17
N TYR F 49 0.81 -32.94 52.68
CA TYR F 49 1.01 -31.69 53.42
C TYR F 49 -0.14 -30.71 53.25
N ILE F 50 -0.39 -29.95 54.32
CA ILE F 50 -1.16 -28.71 54.26
C ILE F 50 -0.17 -27.56 54.42
N PHE F 51 -0.25 -26.57 53.51
CA PHE F 51 0.54 -25.36 53.60
C PHE F 51 -0.37 -24.21 54.05
N ILE F 52 0.12 -23.39 55.00
CA ILE F 52 -0.65 -22.27 55.52
C ILE F 52 0.24 -21.02 55.53
N ASN F 53 -0.21 -19.98 54.84
CA ASN F 53 0.60 -18.79 54.71
C ASN F 53 -0.21 -17.59 55.18
N VAL F 54 0.34 -16.80 56.09
CA VAL F 54 -0.37 -15.68 56.71
C VAL F 54 0.11 -14.36 56.11
N SER F 55 -0.82 -13.47 55.73
CA SER F 55 -0.49 -12.21 55.07
C SER F 55 -0.62 -11.00 55.98
N SER F 56 -1.53 -11.07 56.97
CA SER F 56 -1.75 -10.05 57.99
C SER F 56 -2.59 -10.60 59.14
N SER F 57 -2.56 -9.94 60.31
CA SER F 57 -3.40 -10.30 61.44
C SER F 57 -3.75 -9.05 62.27
N SER F 58 -4.85 -9.14 63.03
CA SER F 58 -5.32 -8.04 63.86
C SER F 58 -4.36 -7.78 65.03
N SER F 59 -3.74 -8.86 65.54
CA SER F 59 -2.74 -8.79 66.60
C SER F 59 -1.67 -9.87 66.40
N ALA F 60 -0.51 -9.71 67.06
CA ALA F 60 0.55 -10.72 67.05
C ALA F 60 0.33 -11.70 68.20
N ILE F 61 0.19 -13.01 67.89
CA ILE F 61 -0.16 -14.02 68.88
C ILE F 61 0.77 -15.24 68.75
N SER F 62 0.94 -15.98 69.86
CA SER F 62 1.81 -17.16 69.87
C SER F 62 1.18 -18.31 69.06
N ALA F 63 2.00 -19.02 68.28
CA ALA F 63 1.53 -20.19 67.54
C ALA F 63 1.11 -21.35 68.45
N SER F 64 1.48 -21.33 69.74
CA SER F 64 1.02 -22.30 70.73
C SER F 64 -0.39 -22.01 71.24
N SER F 65 -0.88 -20.77 71.08
CA SER F 65 -2.22 -20.35 71.53
C SER F 65 -3.33 -20.71 70.54
N ILE F 66 -2.97 -21.18 69.34
CA ILE F 66 -3.91 -21.49 68.27
C ILE F 66 -4.09 -23.01 68.21
N THR F 67 -5.35 -23.45 68.15
CA THR F 67 -5.71 -24.87 68.06
C THR F 67 -6.16 -25.16 66.63
N ILE F 68 -5.71 -26.30 66.07
CA ILE F 68 -6.11 -26.71 64.73
C ILE F 68 -6.91 -28.02 64.79
N THR F 69 -8.01 -28.10 64.03
CA THR F 69 -8.82 -29.32 63.92
C THR F 69 -8.99 -29.71 62.44
N ILE F 70 -9.10 -31.02 62.17
CA ILE F 70 -9.06 -31.55 60.81
C ILE F 70 -10.13 -32.64 60.62
N THR F 71 -10.61 -32.77 59.37
CA THR F 71 -11.54 -33.84 58.99
C THR F 71 -11.15 -34.38 57.61
N GLY F 72 -11.43 -35.67 57.39
CA GLY F 72 -11.10 -36.35 56.13
C GLY F 72 -9.65 -36.82 56.03
N ALA F 73 -8.86 -36.64 57.11
CA ALA F 73 -7.43 -36.94 57.17
C ALA F 73 -6.99 -37.13 58.62
N SER F 74 -5.67 -37.22 58.85
CA SER F 74 -5.07 -37.34 60.18
C SER F 74 -3.68 -36.70 60.21
N PHE F 75 -3.25 -36.18 61.37
CA PHE F 75 -1.93 -35.60 61.51
C PHE F 75 -0.86 -36.69 61.67
N LYS F 76 0.35 -36.45 61.11
CA LYS F 76 1.48 -37.34 61.34
C LYS F 76 2.13 -37.15 62.72
N VAL F 77 1.87 -36.01 63.36
CA VAL F 77 2.32 -35.72 64.73
C VAL F 77 1.15 -35.92 65.68
N THR F 78 1.37 -36.67 66.78
CA THR F 78 0.28 -37.24 67.57
C THR F 78 0.17 -36.71 69.00
N SER F 79 1.09 -35.81 69.41
CA SER F 79 1.18 -35.34 70.80
C SER F 79 0.00 -34.45 71.23
N GLY F 80 -0.66 -33.79 70.28
CA GLY F 80 -1.69 -32.81 70.58
C GLY F 80 -2.16 -32.07 69.33
N ASP F 81 -2.67 -30.83 69.50
CA ASP F 81 -3.46 -30.17 68.47
C ASP F 81 -3.25 -28.64 68.43
N THR F 82 -2.21 -28.12 69.10
CA THR F 82 -1.86 -26.73 68.88
C THR F 82 -1.12 -26.58 67.56
N LEU F 83 -1.20 -25.39 66.94
CA LEU F 83 -0.60 -25.18 65.63
C LEU F 83 0.92 -25.34 65.68
N ALA F 84 1.57 -24.75 66.71
CA ALA F 84 3.01 -24.87 66.90
C ALA F 84 3.47 -26.33 67.00
N GLU F 85 2.68 -27.15 67.67
CA GLU F 85 2.98 -28.54 67.97
C GLU F 85 2.90 -29.42 66.72
N VAL F 86 1.78 -29.38 65.98
CA VAL F 86 1.62 -30.24 64.81
C VAL F 86 2.50 -29.81 63.63
N ALA F 87 2.84 -28.52 63.56
CA ALA F 87 3.70 -27.96 62.51
C ALA F 87 5.20 -28.11 62.82
N GLY F 88 5.56 -28.55 64.03
CA GLY F 88 6.95 -28.76 64.41
C GLY F 88 7.73 -27.46 64.60
N VAL F 89 7.06 -26.44 65.17
CA VAL F 89 7.64 -25.12 65.42
C VAL F 89 8.53 -25.17 66.66
N SER F 90 9.85 -24.98 66.47
CA SER F 90 10.78 -24.76 67.57
C SER F 90 10.66 -23.33 68.11
N SER F 91 11.05 -23.11 69.38
CA SER F 91 10.93 -21.82 70.06
C SER F 91 11.78 -20.71 69.44
N THR F 92 12.84 -21.08 68.72
CA THR F 92 13.72 -20.17 67.99
C THR F 92 13.24 -19.84 66.58
N SER F 93 12.26 -20.61 66.06
CA SER F 93 11.78 -20.48 64.69
C SER F 93 11.08 -19.14 64.44
N SER F 94 11.25 -18.59 63.23
CA SER F 94 10.59 -17.35 62.80
C SER F 94 9.07 -17.48 62.94
N ASN F 95 8.56 -18.68 62.68
CA ASN F 95 7.14 -19.00 62.63
C ASN F 95 6.56 -19.27 64.02
N ALA F 96 7.28 -18.91 65.09
CA ALA F 96 6.77 -19.01 66.46
C ALA F 96 5.65 -18.02 66.75
N THR F 97 5.56 -16.93 65.96
CA THR F 97 4.52 -15.91 66.10
C THR F 97 3.62 -15.90 64.86
N PHE F 98 2.31 -15.84 65.08
CA PHE F 98 1.31 -15.78 64.02
C PHE F 98 1.05 -14.32 63.66
N THR F 99 1.56 -13.90 62.49
CA THR F 99 1.53 -12.55 61.94
C THR F 99 1.76 -12.63 60.43
N GLY F 100 1.56 -11.53 59.69
CA GLY F 100 1.94 -11.48 58.29
C GLY F 100 3.41 -11.89 58.11
N GLY F 101 3.68 -12.74 57.11
CA GLY F 101 5.02 -13.22 56.83
C GLY F 101 5.36 -14.57 57.48
N SER F 102 4.46 -15.15 58.29
CA SER F 102 4.65 -16.46 58.88
C SER F 102 4.02 -17.56 58.01
N ASP F 103 4.81 -18.61 57.72
CA ASP F 103 4.37 -19.76 56.93
C ASP F 103 4.54 -21.05 57.71
N TYR F 104 3.59 -22.00 57.54
CA TYR F 104 3.60 -23.28 58.24
C TYR F 104 3.36 -24.43 57.27
N THR F 105 3.99 -25.58 57.53
CA THR F 105 3.76 -26.83 56.82
C THR F 105 3.33 -27.91 57.81
N VAL F 106 2.13 -28.50 57.61
CA VAL F 106 1.63 -29.55 58.49
C VAL F 106 1.61 -30.87 57.73
N PRO F 107 2.31 -31.93 58.21
CA PRO F 107 2.30 -33.23 57.57
C PRO F 107 1.10 -34.08 57.98
N ILE F 108 0.46 -34.72 56.98
CA ILE F 108 -0.79 -35.46 57.16
C ILE F 108 -0.77 -36.82 56.45
N SER F 109 -1.69 -37.69 56.85
CA SER F 109 -1.85 -39.05 56.33
C SER F 109 -3.32 -39.35 56.05
N LEU F 110 -3.57 -40.06 54.92
CA LEU F 110 -4.90 -40.45 54.46
C LEU F 110 -5.04 -41.98 54.48
N SER F 111 -6.26 -42.47 54.82
CA SER F 111 -6.61 -43.89 54.71
C SER F 111 -6.81 -44.32 53.25
N SER F 112 -7.10 -45.62 53.04
CA SER F 112 -7.41 -46.20 51.73
C SER F 112 -8.67 -45.61 51.10
N SER F 113 -9.62 -45.12 51.93
CA SER F 113 -10.90 -44.57 51.51
C SER F 113 -10.90 -43.04 51.40
N GLN F 114 -10.00 -42.38 52.14
CA GLN F 114 -9.89 -40.92 52.13
C GLN F 114 -9.21 -40.40 50.86
N THR F 115 -9.57 -39.16 50.46
CA THR F 115 -9.04 -38.50 49.26
C THR F 115 -8.85 -37.01 49.52
N VAL F 116 -7.98 -36.36 48.73
CA VAL F 116 -7.60 -34.97 48.93
C VAL F 116 -8.81 -34.02 48.88
N ALA F 117 -9.75 -34.29 47.96
CA ALA F 117 -10.97 -33.49 47.81
C ALA F 117 -11.88 -33.52 49.05
N GLY F 118 -11.68 -34.49 49.96
CA GLY F 118 -12.49 -34.61 51.16
C GLY F 118 -11.91 -33.91 52.40
N VAL F 119 -10.65 -33.45 52.34
CA VAL F 119 -9.95 -32.89 53.49
C VAL F 119 -10.34 -31.43 53.75
N SER F 120 -10.55 -31.06 55.02
CA SER F 120 -10.70 -29.68 55.44
C SER F 120 -10.27 -29.46 56.89
N PHE F 121 -9.98 -28.21 57.26
CA PHE F 121 -9.46 -27.89 58.58
C PHE F 121 -9.90 -26.49 59.04
N GLU F 122 -9.73 -26.22 60.36
CA GLU F 122 -10.09 -24.94 60.96
C GLU F 122 -9.03 -24.52 61.98
N LEU F 123 -8.85 -23.20 62.15
CA LEU F 123 -8.01 -22.62 63.20
C LEU F 123 -8.89 -21.93 64.23
N ILE F 124 -8.64 -22.20 65.52
CA ILE F 124 -9.45 -21.68 66.62
C ILE F 124 -8.53 -20.94 67.60
N TYR F 125 -8.98 -19.76 68.04
CA TYR F 125 -8.27 -18.96 69.02
C TYR F 125 -9.26 -18.39 70.03
N LYS F 126 -8.99 -18.57 71.33
CA LYS F 126 -9.87 -18.18 72.44
C LYS F 126 -11.34 -18.56 72.23
N GLY F 127 -11.58 -19.74 71.65
CA GLY F 127 -12.93 -20.27 71.47
C GLY F 127 -13.70 -19.72 70.27
N ASN F 128 -13.06 -18.89 69.43
CA ASN F 128 -13.64 -18.39 68.18
C ASN F 128 -12.93 -19.03 66.99
N VAL F 129 -13.68 -19.40 65.94
CA VAL F 129 -13.07 -19.88 64.69
C VAL F 129 -12.52 -18.68 63.91
N ILE F 130 -11.20 -18.66 63.63
CA ILE F 130 -10.56 -17.56 62.92
C ILE F 130 -10.28 -17.86 61.44
N TYR F 131 -10.28 -19.15 61.05
CA TYR F 131 -10.15 -19.58 59.67
C TYR F 131 -10.83 -20.93 59.48
N ASN F 132 -11.38 -21.18 58.28
CA ASN F 132 -12.01 -22.43 57.93
C ASN F 132 -11.80 -22.69 56.43
N SER F 133 -11.07 -23.76 56.10
CA SER F 133 -10.66 -24.01 54.72
C SER F 133 -11.84 -24.30 53.79
N ALA F 134 -12.97 -24.73 54.35
CA ALA F 134 -14.17 -25.11 53.60
C ALA F 134 -15.19 -23.96 53.46
N ALA F 135 -14.83 -22.73 53.88
CA ALA F 135 -15.69 -21.56 53.76
C ALA F 135 -15.99 -21.25 52.28
N VAL G 1 -43.03 -2.62 118.55
CA VAL G 1 -44.05 -3.19 117.58
C VAL G 1 -44.04 -2.46 116.23
N SER G 2 -44.43 -1.17 116.17
CA SER G 2 -44.79 -0.49 114.94
C SER G 2 -43.72 -0.45 113.81
N PRO G 3 -42.38 -0.34 114.04
CA PRO G 3 -41.42 -0.37 112.94
C PRO G 3 -41.40 -1.64 112.12
N ILE G 4 -41.72 -2.80 112.72
CA ILE G 4 -41.78 -4.07 112.01
C ILE G 4 -43.05 -4.13 111.15
N ILE G 5 -44.20 -3.69 111.69
CA ILE G 5 -45.44 -3.67 110.95
C ILE G 5 -45.38 -2.72 109.74
N ALA G 6 -44.80 -1.53 109.92
CA ALA G 6 -44.55 -0.61 108.81
C ALA G 6 -43.68 -1.25 107.73
N THR G 7 -42.71 -2.09 108.09
CA THR G 7 -41.84 -2.77 107.14
C THR G 7 -42.62 -3.81 106.32
N ILE G 8 -43.54 -4.55 106.95
CA ILE G 8 -44.37 -5.54 106.29
C ILE G 8 -45.29 -4.87 105.25
N LEU G 9 -45.87 -3.71 105.58
CA LEU G 9 -46.69 -2.94 104.65
C LEU G 9 -45.89 -2.48 103.42
N LEU G 10 -44.64 -2.01 103.62
CA LEU G 10 -43.80 -1.56 102.52
C LEU G 10 -43.36 -2.70 101.58
N ILE G 11 -43.23 -3.93 102.09
CA ILE G 11 -42.95 -5.08 101.24
C ILE G 11 -44.17 -5.39 100.36
N ALA G 12 -45.37 -5.39 100.94
CA ALA G 12 -46.61 -5.58 100.19
C ALA G 12 -46.77 -4.56 99.06
N ILE G 13 -46.49 -3.28 99.31
CA ILE G 13 -46.54 -2.23 98.29
C ILE G 13 -45.50 -2.47 97.19
N THR G 14 -44.29 -2.91 97.56
CA THR G 14 -43.18 -3.11 96.63
C THR G 14 -43.53 -4.14 95.55
N VAL G 15 -44.18 -5.24 95.95
CA VAL G 15 -44.56 -6.31 95.03
C VAL G 15 -45.53 -5.80 93.96
N VAL G 16 -46.49 -4.95 94.33
CA VAL G 16 -47.47 -4.42 93.37
C VAL G 16 -46.83 -3.46 92.37
N LEU G 17 -45.82 -2.68 92.80
CA LEU G 17 -45.08 -1.82 91.90
C LEU G 17 -44.28 -2.65 90.88
N ALA G 18 -43.59 -3.70 91.34
CA ALA G 18 -42.83 -4.59 90.46
C ALA G 18 -43.75 -5.27 89.44
N ALA G 19 -44.91 -5.78 89.89
CA ALA G 19 -45.91 -6.36 89.00
C ALA G 19 -46.44 -5.34 87.98
N THR G 20 -46.59 -4.07 88.37
CA THR G 20 -47.01 -3.01 87.47
C THR G 20 -45.93 -2.78 86.40
N LEU G 21 -44.66 -2.63 86.80
CA LEU G 21 -43.54 -2.41 85.89
C LEU G 21 -43.47 -3.51 84.82
N VAL G 22 -43.62 -4.78 85.19
CA VAL G 22 -43.60 -5.90 84.25
C VAL G 22 -44.63 -5.72 83.13
N THR G 23 -45.82 -5.18 83.41
CA THR G 23 -46.81 -4.95 82.36
C THR G 23 -46.48 -3.76 81.47
N ILE G 24 -45.73 -2.77 81.97
CA ILE G 24 -45.23 -1.67 81.15
C ILE G 24 -44.23 -2.19 80.12
N LEU G 25 -43.29 -3.05 80.56
CA LEU G 25 -42.22 -3.53 79.67
C LEU G 25 -42.77 -4.34 78.50
N GLY G 26 -43.87 -5.07 78.71
CA GLY G 26 -44.49 -5.89 77.68
C GLY G 26 -44.90 -5.13 76.41
N GLY G 27 -45.03 -3.80 76.48
CA GLY G 27 -45.33 -2.97 75.31
C GLY G 27 -44.12 -2.70 74.41
N PHE G 28 -42.91 -3.03 74.86
CA PHE G 28 -41.67 -2.83 74.13
C PHE G 28 -41.17 -4.14 73.51
N THR G 29 -41.31 -5.25 74.23
CA THR G 29 -40.65 -6.52 73.93
C THR G 29 -41.46 -7.39 72.95
N HIS G 30 -42.03 -6.79 71.89
CA HIS G 30 -42.73 -7.54 70.85
C HIS G 30 -42.71 -6.80 69.50
N GLY G 31 -42.92 -7.54 68.41
CA GLY G 31 -43.11 -6.99 67.08
C GLY G 31 -41.84 -6.47 66.40
N VAL G 32 -40.65 -6.92 66.87
CA VAL G 32 -39.38 -6.63 66.20
C VAL G 32 -38.86 -7.89 65.52
N SER G 33 -38.58 -7.78 64.20
CA SER G 33 -38.16 -8.90 63.38
C SER G 33 -37.45 -8.41 62.11
N ASN G 34 -36.69 -9.31 61.48
CA ASN G 34 -35.92 -9.00 60.29
C ASN G 34 -36.80 -9.12 59.04
N THR G 35 -37.28 -7.97 58.51
CA THR G 35 -38.23 -7.94 57.40
C THR G 35 -37.61 -7.51 56.07
N VAL G 36 -36.29 -7.30 56.02
CA VAL G 36 -35.60 -6.81 54.83
C VAL G 36 -35.51 -7.92 53.77
N GLU G 37 -35.83 -7.56 52.52
CA GLU G 37 -35.76 -8.44 51.34
C GLU G 37 -35.26 -7.60 50.17
N THR G 38 -34.61 -8.20 49.16
CA THR G 38 -34.00 -7.45 48.06
C THR G 38 -33.91 -8.38 46.85
N ALA G 39 -34.43 -7.92 45.69
CA ALA G 39 -34.48 -8.78 44.52
C ALA G 39 -34.07 -8.03 43.25
N GLY G 40 -33.39 -8.74 42.34
CA GLY G 40 -33.21 -8.29 40.98
C GLY G 40 -34.44 -8.65 40.17
N VAL G 41 -35.21 -7.63 39.77
CA VAL G 41 -36.47 -7.82 39.05
C VAL G 41 -36.44 -6.94 37.80
N THR G 42 -36.92 -7.49 36.67
CA THR G 42 -37.12 -6.74 35.44
C THR G 42 -38.55 -6.94 34.95
N SER G 43 -39.08 -5.97 34.21
CA SER G 43 -40.48 -6.01 33.82
C SER G 43 -40.75 -5.29 32.50
N HIS G 44 -41.79 -5.76 31.78
CA HIS G 44 -42.25 -5.19 30.53
C HIS G 44 -43.77 -5.12 30.53
N ILE G 45 -44.35 -4.00 30.06
CA ILE G 45 -45.78 -3.74 30.13
C ILE G 45 -46.34 -3.57 28.72
N THR G 46 -47.52 -4.17 28.48
CA THR G 46 -48.23 -4.12 27.20
C THR G 46 -49.72 -3.87 27.46
N SER G 47 -50.50 -3.62 26.40
CA SER G 47 -51.93 -3.37 26.49
C SER G 47 -52.75 -4.53 27.08
N LYS G 48 -52.15 -5.72 27.27
CA LYS G 48 -52.84 -6.92 27.73
C LYS G 48 -52.15 -7.63 28.90
N TYR G 49 -50.82 -7.52 28.99
CA TYR G 49 -50.02 -8.27 29.95
C TYR G 49 -48.91 -7.44 30.57
N ILE G 50 -48.61 -7.74 31.85
CA ILE G 50 -47.37 -7.37 32.50
C ILE G 50 -46.53 -8.64 32.62
N PHE G 51 -45.27 -8.56 32.20
CA PHE G 51 -44.30 -9.64 32.36
C PHE G 51 -43.32 -9.27 33.48
N ILE G 52 -43.02 -10.22 34.37
CA ILE G 52 -42.12 -9.99 35.50
C ILE G 52 -41.13 -11.14 35.57
N ASN G 53 -39.83 -10.81 35.48
CA ASN G 53 -38.82 -11.84 35.45
C ASN G 53 -37.83 -11.57 36.56
N VAL G 54 -37.54 -12.57 37.40
CA VAL G 54 -36.69 -12.42 38.56
C VAL G 54 -35.32 -13.05 38.29
N SER G 55 -34.23 -12.32 38.61
CA SER G 55 -32.87 -12.76 38.33
C SER G 55 -32.14 -13.27 39.56
N SER G 56 -32.46 -12.72 40.75
CA SER G 56 -31.91 -13.10 42.04
C SER G 56 -32.77 -12.54 43.18
N SER G 57 -32.66 -13.11 44.39
CA SER G 57 -33.32 -12.57 45.57
C SER G 57 -32.49 -12.87 46.82
N SER G 58 -32.71 -12.07 47.88
CA SER G 58 -31.99 -12.20 49.13
C SER G 58 -32.36 -13.50 49.85
N SER G 59 -33.63 -13.93 49.71
CA SER G 59 -34.14 -15.18 50.26
C SER G 59 -35.19 -15.79 49.32
N ALA G 60 -35.46 -17.09 49.49
CA ALA G 60 -36.52 -17.78 48.74
C ALA G 60 -37.85 -17.66 49.51
N ILE G 61 -38.88 -17.08 48.86
CA ILE G 61 -40.16 -16.78 49.51
C ILE G 61 -41.33 -17.25 48.65
N SER G 62 -42.47 -17.54 49.29
CA SER G 62 -43.65 -18.01 48.58
C SER G 62 -44.28 -16.88 47.75
N ALA G 63 -44.72 -17.19 46.52
CA ALA G 63 -45.41 -16.21 45.69
C ALA G 63 -46.77 -15.78 46.27
N SER G 64 -47.32 -16.52 47.24
CA SER G 64 -48.54 -16.13 47.95
C SER G 64 -48.29 -15.08 49.04
N SER G 65 -47.04 -14.92 49.50
CA SER G 65 -46.66 -13.96 50.53
C SER G 65 -46.42 -12.55 49.99
N ILE G 66 -46.41 -12.38 48.66
CA ILE G 66 -46.13 -11.11 48.00
C ILE G 66 -47.45 -10.51 47.52
N THR G 67 -47.65 -9.22 47.81
CA THR G 67 -48.84 -8.48 47.41
C THR G 67 -48.48 -7.55 46.25
N ILE G 68 -49.34 -7.47 45.23
CA ILE G 68 -49.11 -6.59 44.10
C ILE G 68 -50.22 -5.51 44.03
N THR G 69 -49.83 -4.26 43.76
CA THR G 69 -50.77 -3.16 43.57
C THR G 69 -50.50 -2.45 42.25
N ILE G 70 -51.56 -1.90 41.63
CA ILE G 70 -51.50 -1.37 40.27
C ILE G 70 -52.24 -0.05 40.16
N THR G 71 -51.80 0.82 39.23
CA THR G 71 -52.48 2.06 38.91
C THR G 71 -52.48 2.28 37.39
N GLY G 72 -53.51 2.96 36.88
CA GLY G 72 -53.65 3.23 35.46
C GLY G 72 -54.24 2.07 34.65
N ALA G 73 -54.63 0.97 35.33
CA ALA G 73 -55.11 -0.27 34.74
C ALA G 73 -55.93 -1.07 35.76
N SER G 74 -56.29 -2.32 35.41
CA SER G 74 -57.03 -3.22 36.29
C SER G 74 -56.65 -4.68 35.99
N PHE G 75 -56.71 -5.56 37.00
CA PHE G 75 -56.42 -6.98 36.79
C PHE G 75 -57.63 -7.71 36.16
N LYS G 76 -57.35 -8.69 35.29
CA LYS G 76 -58.40 -9.56 34.75
C LYS G 76 -58.88 -10.61 35.75
N VAL G 77 -58.07 -10.90 36.80
CA VAL G 77 -58.43 -11.79 37.89
C VAL G 77 -58.83 -10.96 39.11
N THR G 78 -59.99 -11.29 39.71
CA THR G 78 -60.66 -10.37 40.63
C THR G 78 -60.75 -10.86 42.08
N SER G 79 -60.23 -12.07 42.38
CA SER G 79 -60.37 -12.71 43.68
C SER G 79 -59.59 -12.01 44.81
N GLY G 80 -58.51 -11.30 44.46
CA GLY G 80 -57.60 -10.71 45.44
C GLY G 80 -56.36 -10.11 44.77
N ASP G 81 -55.24 -10.04 45.53
CA ASP G 81 -54.12 -9.20 45.16
C ASP G 81 -52.75 -9.79 45.55
N THR G 82 -52.69 -11.08 45.89
CA THR G 82 -51.39 -11.73 46.02
C THR G 82 -50.82 -12.04 44.64
N LEU G 83 -49.49 -12.10 44.53
CA LEU G 83 -48.85 -12.31 43.24
C LEU G 83 -49.23 -13.67 42.65
N ALA G 84 -49.20 -14.73 43.47
CA ALA G 84 -49.59 -16.08 43.05
C ALA G 84 -51.01 -16.12 42.47
N GLU G 85 -51.91 -15.38 43.09
CA GLU G 85 -53.33 -15.36 42.77
C GLU G 85 -53.61 -14.67 41.44
N VAL G 86 -53.13 -13.43 41.24
CA VAL G 86 -53.41 -12.69 40.02
C VAL G 86 -52.66 -13.25 38.80
N ALA G 87 -51.51 -13.90 39.03
CA ALA G 87 -50.70 -14.52 37.97
C ALA G 87 -51.17 -15.93 37.61
N GLY G 88 -52.11 -16.51 38.38
CA GLY G 88 -52.65 -17.85 38.10
C GLY G 88 -51.65 -18.97 38.40
N VAL G 89 -50.86 -18.82 39.47
CA VAL G 89 -49.86 -19.78 39.89
C VAL G 89 -50.52 -20.96 40.61
N SER G 90 -50.46 -22.15 40.00
CA SER G 90 -50.85 -23.39 40.66
C SER G 90 -49.75 -23.84 41.64
N SER G 91 -50.12 -24.65 42.65
CA SER G 91 -49.21 -25.09 43.71
C SER G 91 -48.07 -25.99 43.21
N THR G 92 -48.26 -26.64 42.04
CA THR G 92 -47.27 -27.47 41.38
C THR G 92 -46.34 -26.69 40.45
N SER G 93 -46.68 -25.43 40.14
CA SER G 93 -45.94 -24.61 39.18
C SER G 93 -44.53 -24.27 39.68
N SER G 94 -43.57 -24.21 38.74
CA SER G 94 -42.19 -23.82 39.04
C SER G 94 -42.14 -22.44 39.70
N ASN G 95 -43.06 -21.56 39.28
CA ASN G 95 -43.12 -20.17 39.69
C ASN G 95 -43.85 -19.98 41.02
N ALA G 96 -44.06 -21.07 41.77
CA ALA G 96 -44.64 -20.99 43.11
C ALA G 96 -43.71 -20.33 44.13
N THR G 97 -42.39 -20.30 43.84
CA THR G 97 -41.38 -19.68 44.69
C THR G 97 -40.74 -18.49 43.97
N PHE G 98 -40.59 -17.37 44.69
CA PHE G 98 -39.97 -16.16 44.18
C PHE G 98 -38.47 -16.20 44.45
N THR G 99 -37.69 -16.44 43.38
CA THR G 99 -36.24 -16.61 43.37
C THR G 99 -35.74 -16.34 41.95
N GLY G 100 -34.41 -16.23 41.75
CA GLY G 100 -33.85 -16.17 40.41
C GLY G 100 -34.34 -17.33 39.54
N GLY G 101 -34.74 -17.04 38.30
CA GLY G 101 -35.26 -18.05 37.39
C GLY G 101 -36.79 -18.19 37.37
N SER G 102 -37.51 -17.46 38.24
CA SER G 102 -38.98 -17.44 38.23
C SER G 102 -39.51 -16.30 37.37
N ASP G 103 -40.46 -16.64 36.47
CA ASP G 103 -41.12 -15.69 35.59
C ASP G 103 -42.63 -15.73 35.77
N TYR G 104 -43.28 -14.55 35.68
CA TYR G 104 -44.72 -14.42 35.86
C TYR G 104 -45.34 -13.58 34.74
N THR G 105 -46.58 -13.92 34.34
CA THR G 105 -47.38 -13.14 33.41
C THR G 105 -48.70 -12.76 34.08
N VAL G 106 -48.98 -11.45 34.18
CA VAL G 106 -50.21 -10.96 34.79
C VAL G 106 -51.10 -10.35 33.72
N PRO G 107 -52.35 -10.85 33.52
CA PRO G 107 -53.27 -10.29 32.54
C PRO G 107 -54.04 -9.07 33.07
N ILE G 108 -54.13 -8.02 32.25
CA ILE G 108 -54.69 -6.73 32.65
C ILE G 108 -55.64 -6.16 31.59
N SER G 109 -56.47 -5.20 32.01
CA SER G 109 -57.46 -4.53 31.18
C SER G 109 -57.40 -3.01 31.39
N LEU G 110 -57.56 -2.25 30.29
CA LEU G 110 -57.56 -0.79 30.27
C LEU G 110 -58.92 -0.23 29.85
N SER G 111 -59.33 0.90 30.45
CA SER G 111 -60.52 1.64 30.03
C SER G 111 -60.29 2.38 28.71
N SER G 112 -61.35 3.07 28.21
CA SER G 112 -61.29 3.91 27.02
C SER G 112 -60.33 5.11 27.15
N SER G 113 -60.09 5.57 28.38
CA SER G 113 -59.25 6.72 28.70
C SER G 113 -57.82 6.33 29.11
N GLN G 114 -57.64 5.10 29.61
CA GLN G 114 -56.33 4.60 30.04
C GLN G 114 -55.45 4.22 28.85
N THR G 115 -54.12 4.33 29.04
CA THR G 115 -53.11 4.04 28.03
C THR G 115 -51.89 3.37 28.67
N VAL G 116 -51.10 2.64 27.86
CA VAL G 116 -49.97 1.85 28.35
C VAL G 116 -48.94 2.71 29.07
N ALA G 117 -48.68 3.92 28.56
CA ALA G 117 -47.73 4.86 29.15
C ALA G 117 -48.12 5.32 30.57
N GLY G 118 -49.39 5.13 30.96
CA GLY G 118 -49.89 5.53 32.27
C GLY G 118 -49.83 4.43 33.34
N VAL G 119 -49.57 3.17 32.95
CA VAL G 119 -49.62 2.02 33.86
C VAL G 119 -48.35 1.91 34.70
N SER G 120 -48.51 1.61 36.01
CA SER G 120 -47.39 1.24 36.88
C SER G 120 -47.86 0.35 38.04
N PHE G 121 -46.90 -0.37 38.66
CA PHE G 121 -47.22 -1.34 39.71
C PHE G 121 -46.08 -1.47 40.73
N GLU G 122 -46.40 -2.09 41.88
CA GLU G 122 -45.43 -2.31 42.95
C GLU G 122 -45.61 -3.69 43.57
N LEU G 123 -44.52 -4.28 44.08
CA LEU G 123 -44.54 -5.51 44.84
C LEU G 123 -44.19 -5.22 46.30
N ILE G 124 -45.00 -5.77 47.22
CA ILE G 124 -44.86 -5.51 48.65
C ILE G 124 -44.72 -6.84 49.38
N TYR G 125 -43.76 -6.89 50.32
CA TYR G 125 -43.54 -8.07 51.15
C TYR G 125 -43.30 -7.62 52.59
N LYS G 126 -44.03 -8.22 53.55
CA LYS G 126 -44.00 -7.87 54.98
C LYS G 126 -44.05 -6.36 55.24
N GLY G 127 -44.85 -5.63 54.45
CA GLY G 127 -45.07 -4.21 54.64
C GLY G 127 -43.98 -3.29 54.08
N ASN G 128 -42.98 -3.84 53.39
CA ASN G 128 -41.94 -3.08 52.69
C ASN G 128 -42.14 -3.18 51.17
N VAL G 129 -41.94 -2.08 50.44
CA VAL G 129 -41.96 -2.11 48.98
C VAL G 129 -40.63 -2.71 48.49
N ILE G 130 -40.68 -3.83 47.74
CA ILE G 130 -39.48 -4.49 47.23
C ILE G 130 -39.20 -4.21 45.76
N TYR G 131 -40.21 -3.75 45.00
CA TYR G 131 -40.05 -3.33 43.62
C TYR G 131 -41.11 -2.29 43.27
N ASN G 132 -40.77 -1.34 42.38
CA ASN G 132 -41.68 -0.31 41.90
C ASN G 132 -41.33 0.02 40.45
N SER G 133 -42.26 -0.26 39.53
CA SER G 133 -42.00 -0.15 38.10
C SER G 133 -41.71 1.30 37.65
N ALA G 134 -42.17 2.29 38.43
CA ALA G 134 -42.04 3.70 38.14
C ALA G 134 -40.80 4.36 38.77
N ALA G 135 -39.91 3.56 39.40
CA ALA G 135 -38.68 4.07 40.01
C ALA G 135 -37.77 4.69 38.94
N VAL H 1 -44.04 4.02 112.63
CA VAL H 1 -44.02 5.40 112.01
C VAL H 1 -42.82 5.60 111.08
N SER H 2 -41.58 5.61 111.61
CA SER H 2 -40.41 6.13 110.90
C SER H 2 -40.06 5.50 109.54
N PRO H 3 -40.24 4.17 109.25
CA PRO H 3 -39.95 3.64 107.92
C PRO H 3 -40.78 4.22 106.78
N ILE H 4 -42.02 4.65 107.05
CA ILE H 4 -42.87 5.27 106.05
C ILE H 4 -42.40 6.71 105.78
N ILE H 5 -42.07 7.47 106.83
CA ILE H 5 -41.56 8.83 106.68
C ILE H 5 -40.24 8.88 105.93
N ALA H 6 -39.31 7.97 106.25
CA ALA H 6 -38.07 7.82 105.49
C ALA H 6 -38.32 7.53 104.00
N THR H 7 -39.37 6.76 103.68
CA THR H 7 -39.72 6.46 102.30
C THR H 7 -40.22 7.70 101.55
N ILE H 8 -41.02 8.54 102.21
CA ILE H 8 -41.53 9.79 101.63
C ILE H 8 -40.37 10.75 101.32
N LEU H 9 -39.37 10.86 102.20
CA LEU H 9 -38.18 11.67 101.97
C LEU H 9 -37.39 11.19 100.75
N LEU H 10 -37.22 9.87 100.59
CA LEU H 10 -36.48 9.30 99.47
C LEU H 10 -37.19 9.52 98.12
N ILE H 11 -38.52 9.57 98.10
CA ILE H 11 -39.26 9.90 96.88
C ILE H 11 -39.01 11.36 96.50
N ALA H 12 -39.08 12.28 97.47
CA ALA H 12 -38.78 13.69 97.23
C ALA H 12 -37.37 13.90 96.65
N ILE H 13 -36.35 13.22 97.18
CA ILE H 13 -34.98 13.28 96.66
C ILE H 13 -34.90 12.73 95.23
N THR H 14 -35.61 11.64 94.94
CA THR H 14 -35.57 10.97 93.65
C THR H 14 -36.03 11.90 92.51
N VAL H 15 -37.09 12.67 92.74
CA VAL H 15 -37.63 13.59 91.75
C VAL H 15 -36.60 14.67 91.38
N VAL H 16 -35.84 15.20 92.35
CA VAL H 16 -34.84 16.23 92.07
C VAL H 16 -33.66 15.68 91.27
N LEU H 17 -33.28 14.43 91.51
CA LEU H 17 -32.23 13.79 90.72
C LEU H 17 -32.69 13.59 89.27
N ALA H 18 -33.91 13.12 89.05
CA ALA H 18 -34.46 12.94 87.71
C ALA H 18 -34.54 14.28 86.96
N ALA H 19 -35.01 15.34 87.63
CA ALA H 19 -35.05 16.68 87.06
C ALA H 19 -33.64 17.18 86.72
N THR H 20 -32.63 16.85 87.53
CA THR H 20 -31.24 17.21 87.26
C THR H 20 -30.75 16.50 86.00
N LEU H 21 -30.95 15.17 85.91
CA LEU H 21 -30.55 14.38 84.76
C LEU H 21 -31.10 14.94 83.44
N VAL H 22 -32.39 15.32 83.41
CA VAL H 22 -33.02 15.90 82.22
C VAL H 22 -32.26 17.13 81.72
N THR H 23 -31.73 17.98 82.60
CA THR H 23 -30.96 19.13 82.15
C THR H 23 -29.56 18.76 81.65
N ILE H 24 -28.97 17.66 82.11
CA ILE H 24 -27.71 17.16 81.56
C ILE H 24 -27.91 16.69 80.13
N LEU H 25 -28.99 15.94 79.85
CA LEU H 25 -29.23 15.37 78.52
C LEU H 25 -29.40 16.46 77.46
N GLY H 26 -29.99 17.60 77.83
CA GLY H 26 -30.23 18.71 76.91
C GLY H 26 -28.97 19.25 76.22
N GLY H 27 -27.77 18.98 76.77
CA GLY H 27 -26.51 19.37 76.15
C GLY H 27 -26.08 18.48 74.98
N PHE H 28 -26.73 17.33 74.80
CA PHE H 28 -26.41 16.36 73.75
C PHE H 28 -27.42 16.46 72.60
N THR H 29 -28.70 16.67 72.92
CA THR H 29 -29.80 16.51 71.98
C THR H 29 -30.08 17.79 71.17
N HIS H 30 -29.03 18.47 70.67
CA HIS H 30 -29.19 19.64 69.80
C HIS H 30 -27.98 19.82 68.88
N GLY H 31 -28.19 20.55 67.77
CA GLY H 31 -27.11 20.97 66.88
C GLY H 31 -26.55 19.87 65.97
N VAL H 32 -27.31 18.79 65.76
CA VAL H 32 -26.95 17.74 64.80
C VAL H 32 -27.88 17.82 63.59
N SER H 33 -27.30 17.95 62.39
CA SER H 33 -28.03 18.12 61.14
C SER H 33 -27.18 17.72 59.94
N ASN H 34 -27.83 17.46 58.80
CA ASN H 34 -27.18 17.04 57.57
C ASN H 34 -26.66 18.27 56.81
N THR H 35 -25.34 18.55 56.92
CA THR H 35 -24.73 19.75 56.35
C THR H 35 -23.89 19.47 55.10
N VAL H 36 -23.86 18.22 54.61
CA VAL H 36 -23.03 17.83 53.47
C VAL H 36 -23.61 18.37 52.16
N GLU H 37 -22.74 18.95 51.32
CA GLU H 37 -23.06 19.48 49.99
C GLU H 37 -21.89 19.15 49.06
N THR H 38 -22.14 19.04 47.75
CA THR H 38 -21.09 18.61 46.81
C THR H 38 -21.44 19.15 45.44
N ALA H 39 -20.50 19.84 44.78
CA ALA H 39 -20.80 20.48 43.51
C ALA H 39 -19.66 20.28 42.51
N GLY H 40 -20.02 20.14 41.23
CA GLY H 40 -19.08 20.26 40.13
C GLY H 40 -18.92 21.73 39.78
N VAL H 41 -17.72 22.27 40.07
CA VAL H 41 -17.42 23.69 39.88
C VAL H 41 -16.13 23.81 39.08
N THR H 42 -16.11 24.73 38.11
CA THR H 42 -14.90 25.08 37.38
C THR H 42 -14.68 26.59 37.43
N SER H 43 -13.42 27.03 37.32
CA SER H 43 -13.11 28.44 37.52
C SER H 43 -11.89 28.88 36.71
N HIS H 44 -11.88 30.18 36.35
CA HIS H 44 -10.79 30.82 35.63
C HIS H 44 -10.53 32.19 36.25
N ILE H 45 -9.24 32.54 36.43
CA ILE H 45 -8.83 33.76 37.12
C ILE H 45 -8.02 34.65 36.19
N THR H 46 -8.31 35.97 36.23
CA THR H 46 -7.65 36.99 35.42
C THR H 46 -7.32 38.19 36.31
N SER H 47 -6.55 39.16 35.78
CA SER H 47 -6.16 40.37 36.48
C SER H 47 -7.33 41.26 36.94
N LYS H 48 -8.57 40.98 36.47
CA LYS H 48 -9.74 41.81 36.76
C LYS H 48 -10.95 41.01 37.26
N TYR H 49 -11.09 39.75 36.86
CA TYR H 49 -12.26 38.94 37.13
C TYR H 49 -11.91 37.50 37.51
N ILE H 50 -12.74 36.93 38.39
CA ILE H 50 -12.85 35.50 38.59
C ILE H 50 -14.16 35.04 37.96
N PHE H 51 -14.09 34.00 37.13
CA PHE H 51 -15.28 33.36 36.55
C PHE H 51 -15.53 32.03 37.25
N ILE H 52 -16.79 31.75 37.61
CA ILE H 52 -17.16 30.53 38.29
C ILE H 52 -18.37 29.91 37.59
N ASN H 53 -18.22 28.67 37.13
CA ASN H 53 -19.28 28.05 36.37
C ASN H 53 -19.61 26.73 37.03
N VAL H 54 -20.90 26.49 37.31
CA VAL H 54 -21.36 25.31 38.05
C VAL H 54 -22.01 24.32 37.08
N SER H 55 -21.62 23.03 37.16
CA SER H 55 -22.10 22.00 36.24
C SER H 55 -23.16 21.09 36.87
N SER H 56 -23.09 20.88 38.19
CA SER H 56 -24.05 20.09 38.97
C SER H 56 -23.88 20.37 40.45
N SER H 57 -24.90 20.06 41.27
CA SER H 57 -24.81 20.15 42.73
C SER H 57 -25.68 19.09 43.39
N SER H 58 -25.37 18.75 44.64
CA SER H 58 -26.10 17.75 45.40
C SER H 58 -27.51 18.24 45.74
N SER H 59 -27.67 19.55 45.97
CA SER H 59 -28.95 20.19 46.23
C SER H 59 -28.97 21.60 45.63
N ALA H 60 -30.18 22.16 45.45
CA ALA H 60 -30.35 23.55 45.00
C ALA H 60 -30.36 24.48 46.20
N ILE H 61 -29.44 25.46 46.24
CA ILE H 61 -29.25 26.34 47.39
C ILE H 61 -29.15 27.81 46.95
N SER H 62 -29.52 28.73 47.85
CA SER H 62 -29.49 30.16 47.54
C SER H 62 -28.05 30.67 47.44
N ALA H 63 -27.77 31.53 46.46
CA ALA H 63 -26.46 32.15 46.32
C ALA H 63 -26.11 33.09 47.49
N SER H 64 -27.10 33.50 48.29
CA SER H 64 -26.86 34.29 49.50
C SER H 64 -26.39 33.44 50.69
N SER H 65 -26.60 32.11 50.65
CA SER H 65 -26.22 31.19 51.71
C SER H 65 -24.75 30.74 51.62
N ILE H 66 -24.07 31.09 50.52
CA ILE H 66 -22.69 30.69 50.26
C ILE H 66 -21.77 31.87 50.55
N THR H 67 -20.69 31.61 51.31
CA THR H 67 -19.69 32.61 51.66
C THR H 67 -18.44 32.37 50.82
N ILE H 68 -17.83 33.45 50.31
CA ILE H 68 -16.59 33.34 49.52
C ILE H 68 -15.45 34.06 50.24
N THR H 69 -14.26 33.44 50.27
CA THR H 69 -13.06 34.06 50.84
C THR H 69 -11.92 34.01 49.82
N ILE H 70 -11.02 35.01 49.88
CA ILE H 70 -10.00 35.23 48.86
C ILE H 70 -8.65 35.57 49.48
N THR H 71 -7.56 35.21 48.80
CA THR H 71 -6.21 35.58 49.18
C THR H 71 -5.39 35.98 47.95
N GLY H 72 -4.44 36.90 48.13
CA GLY H 72 -3.59 37.39 47.05
C GLY H 72 -4.24 38.48 46.20
N ALA H 73 -5.45 38.93 46.57
CA ALA H 73 -6.26 39.90 45.85
C ALA H 73 -7.28 40.55 46.79
N SER H 74 -8.22 41.33 46.21
CA SER H 74 -9.29 41.99 46.95
C SER H 74 -10.54 42.15 46.08
N PHE H 75 -11.73 42.14 46.68
CA PHE H 75 -12.97 42.33 45.93
C PHE H 75 -13.20 43.82 45.61
N LYS H 76 -13.79 44.10 44.43
CA LYS H 76 -14.20 45.46 44.10
C LYS H 76 -15.49 45.89 44.79
N VAL H 77 -16.28 44.91 45.29
CA VAL H 77 -17.49 45.15 46.08
C VAL H 77 -17.17 44.92 47.56
N THR H 78 -17.55 45.88 48.42
CA THR H 78 -17.00 45.96 49.77
C THR H 78 -18.02 45.74 50.89
N SER H 79 -19.30 45.51 50.55
CA SER H 79 -20.39 45.41 51.52
C SER H 79 -20.32 44.17 52.43
N GLY H 80 -19.70 43.09 51.92
CA GLY H 80 -19.69 41.81 52.61
C GLY H 80 -19.05 40.71 51.76
N ASP H 81 -19.45 39.45 52.00
CA ASP H 81 -18.69 38.30 51.53
C ASP H 81 -19.57 37.10 51.15
N THR H 82 -20.89 37.30 50.99
CA THR H 82 -21.71 36.25 50.39
C THR H 82 -21.51 36.24 48.87
N LEU H 83 -21.71 35.08 48.24
CA LEU H 83 -21.46 34.94 46.81
C LEU H 83 -22.40 35.85 46.00
N ALA H 84 -23.69 35.87 46.35
CA ALA H 84 -24.69 36.72 45.70
C ALA H 84 -24.29 38.20 45.73
N GLU H 85 -23.75 38.63 46.87
CA GLU H 85 -23.40 40.01 47.16
C GLU H 85 -22.19 40.48 46.33
N VAL H 86 -21.07 39.77 46.38
CA VAL H 86 -19.86 40.19 45.67
C VAL H 86 -19.98 40.02 44.15
N ALA H 87 -20.82 39.09 43.69
CA ALA H 87 -21.07 38.84 42.27
C ALA H 87 -22.14 39.76 41.68
N GLY H 88 -22.84 40.56 42.51
CA GLY H 88 -23.85 41.50 42.04
C GLY H 88 -25.13 40.81 41.54
N VAL H 89 -25.52 39.73 42.21
CA VAL H 89 -26.71 38.95 41.87
C VAL H 89 -27.97 39.66 42.37
N SER H 90 -28.81 40.13 41.42
CA SER H 90 -30.15 40.61 41.73
C SER H 90 -31.10 39.45 42.01
N SER H 91 -32.18 39.69 42.76
CA SER H 91 -33.15 38.67 43.18
C SER H 91 -33.91 38.03 42.01
N THR H 92 -34.00 38.74 40.87
CA THR H 92 -34.63 38.27 39.64
C THR H 92 -33.68 37.48 38.74
N SER H 93 -32.36 37.54 39.01
CA SER H 93 -31.33 36.94 38.16
C SER H 93 -31.42 35.41 38.16
N SER H 94 -31.12 34.79 37.00
CA SER H 94 -31.08 33.34 36.85
C SER H 94 -30.11 32.72 37.85
N ASN H 95 -29.01 33.44 38.12
CA ASN H 95 -27.91 32.98 38.96
C ASN H 95 -28.19 33.18 40.45
N ALA H 96 -29.45 33.44 40.83
CA ALA H 96 -29.83 33.55 42.23
C ALA H 96 -29.79 32.20 42.97
N THR H 97 -29.83 31.08 42.22
CA THR H 97 -29.75 29.73 42.77
C THR H 97 -28.47 29.04 42.29
N PHE H 98 -27.77 28.38 43.21
CA PHE H 98 -26.55 27.63 42.93
C PHE H 98 -26.92 26.19 42.56
N THR H 99 -26.80 25.87 41.26
CA THR H 99 -27.15 24.60 40.63
C THR H 99 -26.41 24.50 39.30
N GLY H 100 -26.40 23.32 38.67
CA GLY H 100 -25.89 23.20 37.30
C GLY H 100 -26.52 24.24 36.37
N GLY H 101 -25.70 24.90 35.54
CA GLY H 101 -26.16 25.93 34.63
C GLY H 101 -26.07 27.36 35.16
N SER H 102 -25.66 27.55 36.43
CA SER H 102 -25.45 28.88 37.00
C SER H 102 -24.00 29.33 36.83
N ASP H 103 -23.80 30.55 36.32
CA ASP H 103 -22.48 31.16 36.11
C ASP H 103 -22.39 32.50 36.85
N TYR H 104 -21.19 32.80 37.40
CA TYR H 104 -20.95 34.01 38.17
C TYR H 104 -19.65 34.68 37.71
N THR H 105 -19.63 36.02 37.74
CA THR H 105 -18.43 36.82 37.50
C THR H 105 -18.17 37.72 38.72
N VAL H 106 -17.00 37.59 39.33
CA VAL H 106 -16.63 38.38 40.50
C VAL H 106 -15.51 39.35 40.12
N PRO H 107 -15.71 40.69 40.27
CA PRO H 107 -14.66 41.67 39.96
C PRO H 107 -13.69 41.87 41.12
N ILE H 108 -12.39 41.90 40.79
CA ILE H 108 -11.31 41.94 41.77
C ILE H 108 -10.24 42.97 41.40
N SER H 109 -9.42 43.33 42.39
CA SER H 109 -8.33 44.30 42.29
C SER H 109 -7.06 43.77 42.95
N LEU H 110 -5.90 44.03 42.31
CA LEU H 110 -4.58 43.62 42.76
C LEU H 110 -3.72 44.84 43.11
N SER H 111 -2.88 44.72 44.15
CA SER H 111 -1.87 45.72 44.49
C SER H 111 -0.70 45.71 43.51
N SER H 112 0.27 46.63 43.72
CA SER H 112 1.51 46.71 42.94
C SER H 112 2.39 45.46 43.07
N SER H 113 2.29 44.74 44.20
CA SER H 113 3.08 43.56 44.52
C SER H 113 2.36 42.25 44.19
N GLN H 114 1.02 42.26 44.15
CA GLN H 114 0.21 41.09 43.86
C GLN H 114 0.24 40.75 42.36
N THR H 115 0.07 39.44 42.05
CA THR H 115 0.07 38.92 40.69
C THR H 115 -0.96 37.79 40.56
N VAL H 116 -1.40 37.52 39.31
CA VAL H 116 -2.47 36.57 39.03
C VAL H 116 -2.14 35.16 39.54
N ALA H 117 -0.87 34.75 39.39
CA ALA H 117 -0.40 33.44 39.84
C ALA H 117 -0.49 33.24 41.37
N GLY H 118 -0.66 34.33 42.14
CA GLY H 118 -0.75 34.28 43.59
C GLY H 118 -2.18 34.20 44.13
N VAL H 119 -3.20 34.43 43.28
CA VAL H 119 -4.60 34.52 43.71
C VAL H 119 -5.22 33.13 43.91
N SER H 120 -6.00 32.97 45.00
CA SER H 120 -6.84 31.79 45.20
C SER H 120 -8.05 32.11 46.08
N PHE H 121 -9.09 31.26 46.01
CA PHE H 121 -10.35 31.50 46.72
C PHE H 121 -11.04 30.19 47.12
N GLU H 122 -12.01 30.29 48.03
CA GLU H 122 -12.79 29.15 48.52
C GLU H 122 -14.26 29.51 48.66
N LEU H 123 -15.14 28.51 48.49
CA LEU H 123 -16.57 28.65 48.75
C LEU H 123 -16.94 27.80 49.97
N ILE H 124 -17.69 28.41 50.90
CA ILE H 124 -18.06 27.79 52.17
C ILE H 124 -19.59 27.80 52.30
N TYR H 125 -20.15 26.65 52.72
CA TYR H 125 -21.57 26.52 52.96
C TYR H 125 -21.78 25.74 54.27
N LYS H 126 -22.61 26.28 55.18
CA LYS H 126 -22.89 25.73 56.51
C LYS H 126 -21.62 25.28 57.25
N GLY H 127 -20.52 26.04 57.12
CA GLY H 127 -19.29 25.79 57.83
C GLY H 127 -18.38 24.71 57.23
N ASN H 128 -18.74 24.16 56.06
CA ASN H 128 -17.91 23.21 55.31
C ASN H 128 -17.36 23.89 54.06
N VAL H 129 -16.09 23.63 53.71
CA VAL H 129 -15.54 24.09 52.44
C VAL H 129 -16.05 23.20 51.30
N ILE H 130 -16.75 23.79 50.31
CA ILE H 130 -17.33 23.03 49.19
C ILE H 130 -16.51 23.14 47.90
N TYR H 131 -15.64 24.15 47.79
CA TYR H 131 -14.72 24.32 46.68
C TYR H 131 -13.48 25.10 47.14
N ASN H 132 -12.33 24.81 46.54
CA ASN H 132 -11.07 25.49 46.82
C ASN H 132 -10.24 25.53 45.54
N SER H 133 -9.98 26.73 45.01
CA SER H 133 -9.34 26.89 43.70
C SER H 133 -7.89 26.38 43.69
N ALA H 134 -7.26 26.28 44.87
CA ALA H 134 -5.87 25.85 45.02
C ALA H 134 -5.72 24.35 45.30
N ALA H 135 -6.80 23.57 45.23
CA ALA H 135 -6.77 22.13 45.45
C ALA H 135 -5.90 21.44 44.38
N VAL I 1 -35.49 4.92 110.12
CA VAL I 1 -34.00 4.71 110.03
C VAL I 1 -33.60 3.83 108.82
N SER I 2 -33.97 2.53 108.81
CA SER I 2 -33.37 1.55 107.92
C SER I 2 -33.45 1.83 106.39
N PRO I 3 -34.50 2.44 105.78
CA PRO I 3 -34.49 2.72 104.35
C PRO I 3 -33.38 3.67 103.88
N ILE I 4 -32.94 4.59 104.73
CA ILE I 4 -31.84 5.51 104.40
C ILE I 4 -30.50 4.77 104.46
N ILE I 5 -30.29 3.93 105.47
CA ILE I 5 -29.07 3.14 105.61
C ILE I 5 -28.91 2.15 104.46
N ALA I 6 -29.98 1.46 104.08
CA ALA I 6 -29.99 0.60 102.90
C ALA I 6 -29.61 1.35 101.61
N THR I 7 -30.03 2.62 101.48
CA THR I 7 -29.70 3.45 100.33
C THR I 7 -28.20 3.78 100.29
N ILE I 8 -27.59 4.08 101.44
CA ILE I 8 -26.17 4.38 101.55
C ILE I 8 -25.32 3.16 101.14
N LEU I 9 -25.73 1.96 101.56
CA LEU I 9 -25.05 0.71 101.16
C LEU I 9 -25.11 0.49 99.65
N LEU I 10 -26.27 0.75 99.00
CA LEU I 10 -26.42 0.57 97.56
C LEU I 10 -25.59 1.57 96.76
N ILE I 11 -25.35 2.78 97.27
CA ILE I 11 -24.46 3.74 96.61
C ILE I 11 -23.02 3.21 96.66
N ALA I 12 -22.56 2.73 97.82
CA ALA I 12 -21.24 2.14 97.97
C ALA I 12 -21.00 0.98 96.99
N ILE I 13 -21.98 0.08 96.83
CA ILE I 13 -21.89 -1.03 95.88
C ILE I 13 -21.83 -0.52 94.43
N THR I 14 -22.60 0.52 94.10
CA THR I 14 -22.68 1.06 92.74
C THR I 14 -21.33 1.56 92.26
N VAL I 15 -20.57 2.25 93.12
CA VAL I 15 -19.27 2.78 92.76
C VAL I 15 -18.28 1.67 92.40
N VAL I 16 -18.30 0.54 93.11
CA VAL I 16 -17.39 -0.57 92.83
C VAL I 16 -17.72 -1.26 91.51
N LEU I 17 -19.01 -1.34 91.14
CA LEU I 17 -19.42 -1.88 89.85
C LEU I 17 -18.95 -0.97 88.72
N ALA I 18 -19.12 0.35 88.84
CA ALA I 18 -18.66 1.30 87.84
C ALA I 18 -17.14 1.24 87.66
N ALA I 19 -16.39 1.17 88.77
CA ALA I 19 -14.94 1.01 88.73
C ALA I 19 -14.53 -0.31 88.06
N THR I 20 -15.29 -1.39 88.27
CA THR I 20 -15.05 -2.66 87.60
C THR I 20 -15.26 -2.54 86.10
N LEU I 21 -16.39 -1.96 85.66
CA LEU I 21 -16.70 -1.76 84.25
C LEU I 21 -15.59 -1.00 83.52
N VAL I 22 -15.05 0.07 84.11
CA VAL I 22 -13.96 0.86 83.53
C VAL I 22 -12.75 -0.02 83.20
N THR I 23 -12.41 -1.01 84.03
CA THR I 23 -11.29 -1.90 83.72
C THR I 23 -11.61 -2.91 82.62
N ILE I 24 -12.88 -3.29 82.43
CA ILE I 24 -13.29 -4.13 81.31
C ILE I 24 -13.11 -3.38 79.99
N LEU I 25 -13.51 -2.10 79.93
CA LEU I 25 -13.46 -1.34 78.68
C LEU I 25 -12.03 -1.14 78.20
N GLY I 26 -11.06 -1.04 79.12
CA GLY I 26 -9.65 -0.85 78.78
C GLY I 26 -9.05 -1.94 77.88
N GLY I 27 -9.69 -3.13 77.79
CA GLY I 27 -9.25 -4.19 76.91
C GLY I 27 -9.66 -3.99 75.44
N PHE I 28 -10.54 -3.01 75.15
CA PHE I 28 -11.02 -2.72 73.81
C PHE I 28 -10.34 -1.48 73.24
N THR I 29 -10.08 -0.47 74.08
CA THR I 29 -9.69 0.86 73.64
C THR I 29 -8.18 1.02 73.47
N HIS I 30 -7.51 0.02 72.87
CA HIS I 30 -6.09 0.10 72.55
C HIS I 30 -5.71 -0.76 71.34
N GLY I 31 -4.57 -0.44 70.71
CA GLY I 31 -3.98 -1.27 69.66
C GLY I 31 -4.69 -1.20 68.30
N VAL I 32 -5.47 -0.14 68.06
CA VAL I 32 -6.08 0.11 66.75
C VAL I 32 -5.39 1.31 66.10
N SER I 33 -4.86 1.10 64.87
CA SER I 33 -4.10 2.11 64.14
C SER I 33 -4.09 1.81 62.65
N ASN I 34 -3.77 2.82 61.84
CA ASN I 34 -3.74 2.72 60.39
C ASN I 34 -2.40 2.14 59.93
N THR I 35 -2.37 0.83 59.60
CA THR I 35 -1.15 0.12 59.26
C THR I 35 -1.01 -0.19 57.76
N VAL I 36 -1.95 0.27 56.93
CA VAL I 36 -1.96 -0.03 55.49
C VAL I 36 -0.86 0.75 54.77
N GLU I 37 -0.12 0.05 53.89
CA GLU I 37 0.94 0.60 53.05
C GLU I 37 0.85 -0.09 51.68
N THR I 38 1.33 0.56 50.61
CA THR I 38 1.18 0.01 49.26
C THR I 38 2.27 0.60 48.39
N ALA I 39 3.03 -0.25 47.68
CA ALA I 39 4.16 0.23 46.91
C ALA I 39 4.25 -0.45 45.55
N GLY I 40 4.67 0.31 44.54
CA GLY I 40 5.10 -0.24 43.26
C GLY I 40 6.55 -0.69 43.38
N VAL I 41 6.76 -2.01 43.35
CA VAL I 41 8.07 -2.62 43.52
C VAL I 41 8.32 -3.58 42.37
N THR I 42 9.55 -3.57 41.83
CA THR I 42 9.99 -4.55 40.83
C THR I 42 11.31 -5.17 41.30
N SER I 43 11.57 -6.41 40.86
CA SER I 43 12.72 -7.14 41.38
C SER I 43 13.29 -8.13 40.36
N HIS I 44 14.60 -8.39 40.45
CA HIS I 44 15.32 -9.34 39.63
C HIS I 44 16.28 -10.15 40.51
N ILE I 45 16.34 -11.48 40.28
CA ILE I 45 17.09 -12.40 41.12
C ILE I 45 18.18 -13.09 40.29
N THR I 46 19.38 -13.22 40.87
CA THR I 46 20.54 -13.85 40.26
C THR I 46 21.23 -14.76 41.28
N SER I 47 22.20 -15.56 40.84
CA SER I 47 22.96 -16.47 41.70
C SER I 47 23.74 -15.78 42.83
N LYS I 48 23.85 -14.43 42.82
CA LYS I 48 24.65 -13.68 43.79
C LYS I 48 23.90 -12.51 44.42
N TYR I 49 22.93 -11.92 43.71
CA TYR I 49 22.25 -10.70 44.15
C TYR I 49 20.75 -10.74 43.87
N ILE I 50 19.99 -10.09 44.77
CA ILE I 50 18.63 -9.66 44.51
C ILE I 50 18.65 -8.14 44.32
N PHE I 51 18.04 -7.66 43.24
CA PHE I 51 17.87 -6.24 42.99
C PHE I 51 16.41 -5.85 43.24
N ILE I 52 16.19 -4.73 43.95
CA ILE I 52 14.86 -4.26 44.29
C ILE I 52 14.75 -2.77 43.95
N ASN I 53 13.80 -2.44 43.09
CA ASN I 53 13.69 -1.06 42.64
C ASN I 53 12.27 -0.59 42.90
N VAL I 54 12.12 0.56 43.57
CA VAL I 54 10.82 1.08 43.99
C VAL I 54 10.41 2.24 43.08
N SER I 55 9.16 2.22 42.60
CA SER I 55 8.66 3.22 41.65
C SER I 55 7.74 4.25 42.29
N SER I 56 7.00 3.84 43.34
CA SER I 56 6.10 4.69 44.12
C SER I 56 5.73 4.00 45.44
N SER I 57 5.25 4.77 46.43
CA SER I 57 4.74 4.22 47.68
C SER I 57 3.64 5.11 48.25
N SER I 58 2.78 4.53 49.10
CA SER I 58 1.67 5.24 49.71
C SER I 58 2.15 6.29 50.71
N SER I 59 3.27 5.99 51.38
CA SER I 59 3.93 6.92 52.31
C SER I 59 5.45 6.73 52.26
N ALA I 60 6.20 7.73 52.77
CA ALA I 60 7.64 7.63 52.89
C ALA I 60 8.01 7.03 54.24
N ILE I 61 8.76 5.90 54.24
CA ILE I 61 9.06 5.14 55.44
C ILE I 61 10.55 4.78 55.51
N SER I 62 11.08 4.60 56.72
CA SER I 62 12.49 4.26 56.91
C SER I 62 12.79 2.84 56.44
N ALA I 63 13.93 2.64 55.76
CA ALA I 63 14.36 1.32 55.34
C ALA I 63 14.69 0.39 56.51
N SER I 64 14.86 0.93 57.73
CA SER I 64 15.05 0.13 58.94
C SER I 64 13.73 -0.43 59.50
N SER I 65 12.59 0.15 59.12
CA SER I 65 11.27 -0.27 59.58
C SER I 65 10.71 -1.46 58.78
N ILE I 66 11.37 -1.85 57.68
CA ILE I 66 10.92 -2.92 56.80
C ILE I 66 11.74 -4.17 57.08
N THR I 67 11.05 -5.31 57.23
CA THR I 67 11.67 -6.60 57.47
C THR I 67 11.63 -7.43 56.20
N ILE I 68 12.72 -8.12 55.86
CA ILE I 68 12.77 -8.98 54.68
C ILE I 68 12.98 -10.44 55.10
N THR I 69 12.24 -11.36 54.46
CA THR I 69 12.40 -12.80 54.67
C THR I 69 12.62 -13.52 53.35
N ILE I 70 13.37 -14.63 53.38
CA ILE I 70 13.84 -15.31 52.17
C ILE I 70 13.72 -16.83 52.30
N THR I 71 13.52 -17.51 51.17
CA THR I 71 13.50 -18.96 51.10
C THR I 71 14.25 -19.43 49.85
N GLY I 72 14.87 -20.62 49.93
CA GLY I 72 15.62 -21.20 48.84
C GLY I 72 17.05 -20.66 48.72
N ALA I 73 17.48 -19.78 49.65
CA ALA I 73 18.76 -19.10 49.66
C ALA I 73 19.12 -18.63 51.08
N SER I 74 20.18 -17.82 51.20
CA SER I 74 20.62 -17.24 52.47
C SER I 74 21.28 -15.89 52.24
N PHE I 75 21.20 -14.97 53.22
CA PHE I 75 21.86 -13.68 53.11
C PHE I 75 23.35 -13.77 53.42
N LYS I 76 24.17 -12.97 52.71
CA LYS I 76 25.60 -12.85 53.03
C LYS I 76 25.87 -12.00 54.28
N VAL I 77 24.90 -11.17 54.69
CA VAL I 77 24.97 -10.37 55.91
C VAL I 77 24.12 -11.05 56.99
N THR I 78 24.69 -11.22 58.19
CA THR I 78 24.15 -12.17 59.18
C THR I 78 23.63 -11.51 60.46
N SER I 79 23.73 -10.18 60.59
CA SER I 79 23.40 -9.45 61.81
C SER I 79 21.91 -9.44 62.15
N GLY I 80 21.05 -9.58 61.13
CA GLY I 80 19.61 -9.43 61.30
C GLY I 80 18.87 -9.46 59.96
N ASP I 81 17.69 -8.82 59.91
CA ASP I 81 16.73 -9.04 58.84
C ASP I 81 15.93 -7.80 58.45
N THR I 82 16.35 -6.60 58.90
CA THR I 82 15.77 -5.39 58.35
C THR I 82 16.34 -5.10 56.97
N LEU I 83 15.57 -4.40 56.11
CA LEU I 83 16.00 -4.16 54.74
C LEU I 83 17.26 -3.31 54.70
N ALA I 84 17.32 -2.25 55.51
CA ALA I 84 18.50 -1.37 55.61
C ALA I 84 19.76 -2.16 55.97
N GLU I 85 19.62 -3.11 56.88
CA GLU I 85 20.71 -3.89 57.44
C GLU I 85 21.30 -4.88 56.43
N VAL I 86 20.46 -5.72 55.79
CA VAL I 86 20.97 -6.72 54.85
C VAL I 86 21.46 -6.10 53.54
N ALA I 87 20.91 -4.94 53.16
CA ALA I 87 21.30 -4.22 51.94
C ALA I 87 22.52 -3.31 52.15
N GLY I 88 23.00 -3.15 53.39
CA GLY I 88 24.17 -2.34 53.69
C GLY I 88 23.94 -0.83 53.53
N VAL I 89 22.74 -0.38 53.91
CA VAL I 89 22.33 1.03 53.82
C VAL I 89 22.96 1.83 54.96
N SER I 90 23.87 2.75 54.63
CA SER I 90 24.37 3.75 55.58
C SER I 90 23.34 4.86 55.80
N SER I 91 23.40 5.55 56.95
CA SER I 91 22.44 6.57 57.34
C SER I 91 22.44 7.81 56.42
N THR I 92 23.56 8.04 55.71
CA THR I 92 23.72 9.12 54.73
C THR I 92 23.24 8.74 53.32
N SER I 93 23.01 7.44 53.07
CA SER I 93 22.66 6.93 51.75
C SER I 93 21.28 7.43 51.27
N SER I 94 21.16 7.68 49.96
CA SER I 94 19.90 8.09 49.35
C SER I 94 18.80 7.07 49.63
N ASN I 95 19.18 5.78 49.68
CA ASN I 95 18.29 4.66 49.82
C ASN I 95 17.91 4.39 51.28
N ALA I 96 18.16 5.35 52.19
CA ALA I 96 17.74 5.25 53.58
C ALA I 96 16.22 5.36 53.75
N THR I 97 15.52 5.92 52.75
CA THR I 97 14.06 6.06 52.75
C THR I 97 13.46 5.24 51.62
N PHE I 98 12.39 4.50 51.93
CA PHE I 98 11.66 3.69 50.97
C PHE I 98 10.55 4.52 50.33
N THR I 99 10.78 4.91 49.06
CA THR I 99 9.93 5.77 48.23
C THR I 99 10.29 5.51 46.77
N GLY I 100 9.48 6.04 45.83
CA GLY I 100 9.84 6.02 44.42
C GLY I 100 11.25 6.58 44.19
N GLY I 101 12.06 5.91 43.38
CA GLY I 101 13.43 6.33 43.11
C GLY I 101 14.49 5.68 44.00
N SER I 102 14.10 4.87 44.99
CA SER I 102 15.05 4.14 45.84
C SER I 102 15.30 2.74 45.28
N ASP I 103 16.60 2.38 45.16
CA ASP I 103 17.04 1.08 44.68
C ASP I 103 17.95 0.39 45.71
N TYR I 104 17.82 -0.94 45.82
CA TYR I 104 18.58 -1.74 46.79
C TYR I 104 19.20 -2.96 46.10
N THR I 105 20.40 -3.36 46.57
CA THR I 105 21.05 -4.60 46.15
C THR I 105 21.33 -5.45 47.39
N VAL I 106 20.80 -6.68 47.44
CA VAL I 106 21.00 -7.59 48.56
C VAL I 106 21.87 -8.75 48.11
N PRO I 107 23.04 -9.00 48.75
CA PRO I 107 23.91 -10.12 48.41
C PRO I 107 23.48 -11.42 49.09
N ILE I 108 23.46 -12.52 48.32
CA ILE I 108 22.96 -13.81 48.76
C ILE I 108 23.89 -14.96 48.36
N SER I 109 23.70 -16.11 49.03
CA SER I 109 24.47 -17.34 48.83
C SER I 109 23.53 -18.55 48.73
N LEU I 110 23.88 -19.49 47.82
CA LEU I 110 23.13 -20.72 47.56
C LEU I 110 23.98 -21.94 47.92
N SER I 111 23.34 -22.99 48.47
CA SER I 111 23.96 -24.29 48.70
C SER I 111 24.19 -25.07 47.39
N SER I 112 24.80 -26.27 47.50
CA SER I 112 25.02 -27.18 46.38
C SER I 112 23.72 -27.68 45.74
N SER I 113 22.62 -27.73 46.52
CA SER I 113 21.31 -28.22 46.10
C SER I 113 20.36 -27.10 45.66
N GLN I 114 20.58 -25.87 46.16
CA GLN I 114 19.75 -24.72 45.83
C GLN I 114 20.04 -24.19 44.42
N THR I 115 19.01 -23.58 43.79
CA THR I 115 19.08 -23.03 42.43
C THR I 115 18.27 -21.74 42.35
N VAL I 116 18.59 -20.88 41.37
CA VAL I 116 17.99 -19.55 41.23
C VAL I 116 16.47 -19.63 41.08
N ALA I 117 15.97 -20.63 40.32
CA ALA I 117 14.54 -20.84 40.10
C ALA I 117 13.76 -21.15 41.39
N GLY I 118 14.46 -21.55 42.47
CA GLY I 118 13.82 -21.88 43.75
C GLY I 118 13.74 -20.72 44.73
N VAL I 119 14.43 -19.60 44.47
CA VAL I 119 14.54 -18.48 45.41
C VAL I 119 13.29 -17.59 45.37
N SER I 120 12.81 -17.16 46.56
CA SER I 120 11.77 -16.13 46.67
C SER I 120 11.88 -15.38 48.00
N PHE I 121 11.27 -14.18 48.07
CA PHE I 121 11.38 -13.31 49.24
C PHE I 121 10.13 -12.45 49.42
N GLU I 122 9.99 -11.86 50.63
CA GLU I 122 8.87 -10.99 50.97
C GLU I 122 9.34 -9.79 51.79
N LEU I 123 8.63 -8.66 51.65
CA LEU I 123 8.84 -7.47 52.46
C LEU I 123 7.65 -7.27 53.39
N ILE I 124 7.92 -7.04 54.68
CA ILE I 124 6.89 -6.91 55.70
C ILE I 124 7.05 -5.57 56.41
N TYR I 125 5.94 -4.87 56.62
CA TYR I 125 5.90 -3.60 57.34
C TYR I 125 4.70 -3.59 58.29
N LYS I 126 4.93 -3.26 59.57
CA LYS I 126 3.93 -3.27 60.64
C LYS I 126 3.05 -4.53 60.64
N GLY I 127 3.64 -5.69 60.35
CA GLY I 127 2.95 -6.97 60.41
C GLY I 127 2.10 -7.32 59.18
N ASN I 128 2.12 -6.49 58.14
CA ASN I 128 1.46 -6.75 56.87
C ASN I 128 2.50 -7.05 55.79
N VAL I 129 2.23 -8.03 54.91
CA VAL I 129 3.09 -8.28 53.75
C VAL I 129 2.83 -7.21 52.68
N ILE I 130 3.85 -6.43 52.29
CA ILE I 130 3.69 -5.36 51.30
C ILE I 130 4.21 -5.74 49.91
N TYR I 131 5.06 -6.78 49.81
CA TYR I 131 5.53 -7.33 48.55
C TYR I 131 5.87 -8.81 48.72
N ASN I 132 5.69 -9.60 47.65
CA ASN I 132 6.02 -11.02 47.63
C ASN I 132 6.45 -11.40 46.22
N SER I 133 7.72 -11.80 46.05
CA SER I 133 8.30 -12.05 44.74
C SER I 133 7.64 -13.21 44.00
N ALA I 134 6.98 -14.12 44.74
CA ALA I 134 6.36 -15.32 44.19
C ALA I 134 4.86 -15.13 43.88
N ALA I 135 4.32 -13.90 44.00
CA ALA I 135 2.93 -13.59 43.69
C ALA I 135 2.63 -13.88 42.21
N VAL J 1 -34.83 -2.36 104.93
CA VAL J 1 -35.19 -3.64 104.21
C VAL J 1 -35.55 -3.38 102.72
N SER J 2 -36.66 -2.68 102.44
CA SER J 2 -37.28 -2.69 101.11
C SER J 2 -36.40 -2.23 99.93
N PRO J 3 -35.46 -1.24 100.00
CA PRO J 3 -34.62 -0.90 98.85
C PRO J 3 -33.72 -2.03 98.33
N ILE J 4 -33.29 -2.95 99.19
CA ILE J 4 -32.49 -4.09 98.78
C ILE J 4 -33.37 -5.13 98.07
N ILE J 5 -34.56 -5.41 98.59
CA ILE J 5 -35.49 -6.35 97.97
C ILE J 5 -35.95 -5.86 96.60
N ALA J 6 -36.27 -4.58 96.46
CA ALA J 6 -36.58 -3.98 95.17
C ALA J 6 -35.43 -4.14 94.16
N THR J 7 -34.17 -4.07 94.62
CA THR J 7 -33.00 -4.25 93.77
C THR J 7 -32.89 -5.69 93.26
N ILE J 8 -33.17 -6.68 94.13
CA ILE J 8 -33.14 -8.09 93.76
C ILE J 8 -34.19 -8.40 92.68
N LEU J 9 -35.40 -7.83 92.81
CA LEU J 9 -36.45 -7.98 91.80
C LEU J 9 -36.03 -7.41 90.45
N LEU J 10 -35.38 -6.23 90.42
CA LEU J 10 -34.93 -5.60 89.18
C LEU J 10 -33.82 -6.39 88.49
N ILE J 11 -32.97 -7.10 89.23
CA ILE J 11 -31.97 -7.97 88.63
C ILE J 11 -32.65 -9.15 87.95
N ALA J 12 -33.61 -9.79 88.61
CA ALA J 12 -34.38 -10.89 88.04
C ALA J 12 -35.08 -10.48 86.72
N ILE J 13 -35.69 -9.29 86.66
CA ILE J 13 -36.33 -8.77 85.44
C ILE J 13 -35.29 -8.53 84.34
N THR J 14 -34.12 -8.01 84.69
CA THR J 14 -33.06 -7.67 83.73
C THR J 14 -32.59 -8.89 82.94
N VAL J 15 -32.42 -10.04 83.62
CA VAL J 15 -31.97 -11.27 82.99
C VAL J 15 -32.97 -11.74 81.93
N VAL J 16 -34.28 -11.64 82.18
CA VAL J 16 -35.30 -12.07 81.22
C VAL J 16 -35.33 -11.18 79.99
N LEU J 17 -35.09 -9.87 80.15
CA LEU J 17 -34.99 -8.97 79.02
C LEU J 17 -33.78 -9.29 78.15
N ALA J 18 -32.61 -9.54 78.76
CA ALA J 18 -31.41 -9.91 78.03
C ALA J 18 -31.60 -11.23 77.26
N ALA J 19 -32.21 -12.23 77.91
CA ALA J 19 -32.54 -13.50 77.25
C ALA J 19 -33.52 -13.30 76.10
N THR J 20 -34.48 -12.36 76.21
CA THR J 20 -35.39 -12.04 75.13
C THR J 20 -34.65 -11.42 73.95
N LEU J 21 -33.79 -10.43 74.21
CA LEU J 21 -32.99 -9.76 73.17
C LEU J 21 -32.17 -10.76 72.36
N VAL J 22 -31.50 -11.73 73.01
CA VAL J 22 -30.71 -12.76 72.35
C VAL J 22 -31.54 -13.52 71.30
N THR J 23 -32.82 -13.81 71.57
CA THR J 23 -33.64 -14.49 70.58
C THR J 23 -34.08 -13.59 69.42
N ILE J 24 -34.16 -12.28 69.63
CA ILE J 24 -34.42 -11.33 68.54
C ILE J 24 -33.23 -11.30 67.58
N LEU J 25 -32.00 -11.25 68.10
CA LEU J 25 -30.81 -11.14 67.26
C LEU J 25 -30.63 -12.35 66.35
N GLY J 26 -31.04 -13.55 66.79
CA GLY J 26 -30.93 -14.78 66.03
C GLY J 26 -31.63 -14.74 64.66
N GLY J 27 -32.57 -13.82 64.45
CA GLY J 27 -33.24 -13.65 63.17
C GLY J 27 -32.41 -12.88 62.12
N PHE J 28 -31.30 -12.27 62.54
CA PHE J 28 -30.42 -11.50 61.67
C PHE J 28 -29.16 -12.29 61.31
N THR J 29 -28.62 -13.05 62.28
CA THR J 29 -27.29 -13.65 62.18
C THR J 29 -27.30 -15.02 61.50
N HIS J 30 -28.04 -15.17 60.38
CA HIS J 30 -28.04 -16.40 59.60
C HIS J 30 -28.38 -16.14 58.12
N GLY J 31 -27.99 -17.07 57.24
CA GLY J 31 -28.40 -17.07 55.83
C GLY J 31 -27.70 -16.02 54.97
N VAL J 32 -26.53 -15.51 55.40
CA VAL J 32 -25.69 -14.64 54.59
C VAL J 32 -24.44 -15.40 54.15
N SER J 33 -24.20 -15.44 52.83
CA SER J 33 -23.11 -16.19 52.23
C SER J 33 -22.77 -15.66 50.83
N ASN J 34 -21.57 -15.99 50.35
CA ASN J 34 -21.08 -15.54 49.05
C ASN J 34 -21.59 -16.47 47.94
N THR J 35 -22.65 -16.03 47.22
CA THR J 35 -23.32 -16.84 46.22
C THR J 35 -23.02 -16.43 44.78
N VAL J 36 -22.13 -15.46 44.58
CA VAL J 36 -21.82 -14.92 43.25
C VAL J 36 -20.97 -15.92 42.44
N GLU J 37 -21.35 -16.14 41.18
CA GLU J 37 -20.66 -17.00 40.22
C GLU J 37 -20.72 -16.31 38.85
N THR J 38 -19.77 -16.59 37.94
CA THR J 38 -19.69 -15.90 36.66
C THR J 38 -18.95 -16.78 35.68
N ALA J 39 -19.54 -17.04 34.50
CA ALA J 39 -18.95 -17.97 33.55
C ALA J 39 -19.02 -17.43 32.12
N GLY J 40 -17.99 -17.73 31.33
CA GLY J 40 -18.03 -17.58 29.89
C GLY J 40 -18.69 -18.82 29.29
N VAL J 41 -19.90 -18.63 28.74
CA VAL J 41 -20.70 -19.71 28.19
C VAL J 41 -21.14 -19.33 26.78
N THR J 42 -21.09 -20.29 25.85
CA THR J 42 -21.63 -20.12 24.51
C THR J 42 -22.56 -21.28 24.19
N SER J 43 -23.54 -21.06 23.31
CA SER J 43 -24.57 -22.06 23.05
C SER J 43 -25.13 -21.99 21.64
N HIS J 44 -25.58 -23.14 21.13
CA HIS J 44 -26.22 -23.29 19.82
C HIS J 44 -27.43 -24.20 19.95
N ILE J 45 -28.55 -23.82 19.30
CA ILE J 45 -29.83 -24.52 19.43
C ILE J 45 -30.27 -25.06 18.08
N THR J 46 -30.78 -26.30 18.07
CA THR J 46 -31.26 -27.00 16.88
C THR J 46 -32.60 -27.68 17.21
N SER J 47 -33.28 -28.22 16.19
CA SER J 47 -34.55 -28.92 16.33
C SER J 47 -34.50 -30.17 17.23
N LYS J 48 -33.29 -30.63 17.63
CA LYS J 48 -33.11 -31.86 18.40
C LYS J 48 -32.21 -31.70 19.63
N TYR J 49 -31.25 -30.76 19.58
CA TYR J 49 -30.23 -30.60 20.61
C TYR J 49 -29.95 -29.15 20.94
N ILE J 50 -29.62 -28.90 22.22
CA ILE J 50 -28.93 -27.70 22.66
C ILE J 50 -27.50 -28.08 22.98
N PHE J 51 -26.53 -27.32 22.44
CA PHE J 51 -25.13 -27.49 22.76
C PHE J 51 -24.67 -26.35 23.67
N ILE J 52 -23.91 -26.67 24.73
CA ILE J 52 -23.45 -25.68 25.69
C ILE J 52 -21.96 -25.90 25.93
N ASN J 53 -21.16 -24.86 25.66
CA ASN J 53 -19.72 -25.00 25.77
C ASN J 53 -19.21 -23.92 26.70
N VAL J 54 -18.42 -24.30 27.70
CA VAL J 54 -17.94 -23.39 28.74
C VAL J 54 -16.46 -23.05 28.49
N SER J 55 -16.11 -21.76 28.55
CA SER J 55 -14.75 -21.30 28.25
C SER J 55 -13.95 -20.93 29.51
N SER J 56 -14.65 -20.47 30.56
CA SER J 56 -14.07 -20.12 31.85
C SER J 56 -15.17 -19.99 32.91
N SER J 57 -14.81 -20.08 34.20
CA SER J 57 -15.75 -19.83 35.30
C SER J 57 -15.01 -19.25 36.51
N SER J 58 -15.76 -18.56 37.38
CA SER J 58 -15.22 -17.93 38.57
C SER J 58 -14.74 -18.97 39.58
N SER J 59 -15.44 -20.11 39.65
CA SER J 59 -15.07 -21.25 40.48
C SER J 59 -15.43 -22.56 39.79
N ALA J 60 -14.85 -23.67 40.27
CA ALA J 60 -15.18 -25.01 39.79
C ALA J 60 -16.32 -25.59 40.61
N ILE J 61 -17.44 -25.95 39.95
CA ILE J 61 -18.66 -26.39 40.62
C ILE J 61 -19.21 -27.67 39.98
N SER J 62 -19.96 -28.47 40.77
CA SER J 62 -20.52 -29.72 40.28
C SER J 62 -21.65 -29.45 39.29
N ALA J 63 -21.72 -30.23 38.20
CA ALA J 63 -22.80 -30.13 37.23
C ALA J 63 -24.17 -30.52 37.82
N SER J 64 -24.20 -31.21 38.97
CA SER J 64 -25.43 -31.53 39.68
C SER J 64 -25.98 -30.35 40.50
N SER J 65 -25.15 -29.35 40.79
CA SER J 65 -25.53 -28.16 41.56
C SER J 65 -26.20 -27.08 40.71
N ILE J 66 -26.20 -27.25 39.37
CA ILE J 66 -26.74 -26.27 38.43
C ILE J 66 -28.11 -26.76 37.95
N THR J 67 -29.10 -25.86 37.98
CA THR J 67 -30.45 -26.15 37.53
C THR J 67 -30.67 -25.47 36.18
N ILE J 68 -31.32 -26.19 35.24
CA ILE J 68 -31.62 -25.64 33.91
C ILE J 68 -33.14 -25.55 33.72
N THR J 69 -33.61 -24.42 33.14
CA THR J 69 -35.02 -24.24 32.82
C THR J 69 -35.17 -23.83 31.34
N ILE J 70 -36.29 -24.23 30.71
CA ILE J 70 -36.48 -24.10 29.27
C ILE J 70 -37.89 -23.61 28.94
N THR J 71 -38.01 -22.90 27.81
CA THR J 71 -39.30 -22.45 27.28
C THR J 71 -39.33 -22.63 25.76
N GLY J 72 -40.52 -22.90 25.21
CA GLY J 72 -40.70 -23.10 23.77
C GLY J 72 -40.36 -24.52 23.30
N ALA J 73 -40.01 -25.42 24.24
CA ALA J 73 -39.56 -26.79 23.96
C ALA J 73 -39.77 -27.66 25.20
N SER J 74 -39.24 -28.89 25.16
CA SER J 74 -39.29 -29.84 26.28
C SER J 74 -38.06 -30.76 26.27
N PHE J 75 -37.62 -31.23 27.45
CA PHE J 75 -36.49 -32.15 27.52
C PHE J 75 -36.91 -33.58 27.18
N LYS J 76 -36.01 -34.34 26.51
CA LYS J 76 -36.24 -35.76 26.27
C LYS J 76 -36.01 -36.63 27.52
N VAL J 77 -35.30 -36.09 28.52
CA VAL J 77 -35.08 -36.75 29.80
C VAL J 77 -36.02 -36.12 30.84
N THR J 78 -36.74 -36.95 31.61
CA THR J 78 -37.91 -36.50 32.35
C THR J 78 -37.76 -36.60 33.89
N SER J 79 -36.62 -37.10 34.38
CA SER J 79 -36.42 -37.37 35.81
C SER J 79 -36.35 -36.12 36.68
N GLY J 80 -35.92 -34.99 36.09
CA GLY J 80 -35.66 -33.76 36.84
C GLY J 80 -35.04 -32.68 35.96
N ASP J 81 -34.29 -31.75 36.59
CA ASP J 81 -33.92 -30.49 35.94
C ASP J 81 -32.52 -29.99 36.34
N THR J 82 -31.68 -30.85 36.95
CA THR J 82 -30.28 -30.47 37.10
C THR J 82 -29.54 -30.65 35.77
N LEU J 83 -28.46 -29.89 35.56
CA LEU J 83 -27.75 -29.93 34.30
C LEU J 83 -27.14 -31.31 34.05
N ALA J 84 -26.51 -31.90 35.08
CA ALA J 84 -25.93 -33.24 34.99
C ALA J 84 -26.95 -34.29 34.56
N GLU J 85 -28.16 -34.18 35.08
CA GLU J 85 -29.25 -35.12 34.90
C GLU J 85 -29.80 -35.08 33.47
N VAL J 86 -30.19 -33.90 32.97
CA VAL J 86 -30.79 -33.79 31.64
C VAL J 86 -29.77 -34.00 30.52
N ALA J 87 -28.49 -33.71 30.78
CA ALA J 87 -27.41 -33.89 29.82
C ALA J 87 -26.83 -35.33 29.82
N GLY J 88 -27.26 -36.18 30.77
CA GLY J 88 -26.81 -37.58 30.82
C GLY J 88 -25.35 -37.73 31.27
N VAL J 89 -24.92 -36.87 32.21
CA VAL J 89 -23.56 -36.87 32.75
C VAL J 89 -23.40 -38.00 33.76
N SER J 90 -22.54 -38.99 33.42
CA SER J 90 -22.11 -40.01 34.36
C SER J 90 -21.05 -39.44 35.32
N SER J 91 -20.90 -40.05 36.51
CA SER J 91 -20.00 -39.58 37.56
C SER J 91 -18.51 -39.63 37.17
N THR J 92 -18.16 -40.49 36.19
CA THR J 92 -16.82 -40.65 35.65
C THR J 92 -16.53 -39.67 34.49
N SER J 93 -17.56 -39.02 33.94
CA SER J 93 -17.44 -38.16 32.77
C SER J 93 -16.61 -36.90 33.06
N SER J 94 -15.83 -36.46 32.05
CA SER J 94 -15.03 -35.24 32.14
C SER J 94 -15.92 -34.03 32.49
N ASN J 95 -17.15 -34.05 31.95
CA ASN J 95 -18.11 -32.96 32.05
C ASN J 95 -18.87 -32.98 33.38
N ALA J 96 -18.41 -33.76 34.36
CA ALA J 96 -19.00 -33.77 35.70
C ALA J 96 -18.77 -32.46 36.47
N THR J 97 -17.75 -31.68 36.06
CA THR J 97 -17.42 -30.39 36.67
C THR J 97 -17.63 -29.26 35.66
N PHE J 98 -18.28 -28.17 36.10
CA PHE J 98 -18.52 -27.00 35.29
C PHE J 98 -17.35 -26.02 35.44
N THR J 99 -16.53 -25.95 34.38
CA THR J 99 -15.29 -25.17 34.27
C THR J 99 -14.97 -24.97 32.79
N GLY J 100 -14.01 -24.09 32.46
CA GLY J 100 -13.52 -23.99 31.10
C GLY J 100 -13.09 -25.36 30.55
N GLY J 101 -13.50 -25.66 29.31
CA GLY J 101 -13.20 -26.94 28.69
C GLY J 101 -14.29 -28.01 28.83
N SER J 102 -15.37 -27.73 29.58
CA SER J 102 -16.51 -28.65 29.70
C SER J 102 -17.58 -28.33 28.66
N ASP J 103 -18.03 -29.37 27.94
CA ASP J 103 -19.07 -29.27 26.93
C ASP J 103 -20.25 -30.21 27.25
N TYR J 104 -21.48 -29.77 26.95
CA TYR J 104 -22.69 -30.53 27.22
C TYR J 104 -23.61 -30.55 26.00
N THR J 105 -24.32 -31.68 25.81
CA THR J 105 -25.37 -31.80 24.80
C THR J 105 -26.68 -32.19 25.48
N VAL J 106 -27.73 -31.38 25.31
CA VAL J 106 -29.04 -31.65 25.91
C VAL J 106 -30.03 -32.00 24.80
N PRO J 107 -30.66 -33.20 24.83
CA PRO J 107 -31.66 -33.58 23.83
C PRO J 107 -33.06 -33.03 24.16
N ILE J 108 -33.73 -32.49 23.14
CA ILE J 108 -35.01 -31.80 23.30
C ILE J 108 -36.02 -32.21 22.22
N SER J 109 -37.30 -31.91 22.49
CA SER J 109 -38.43 -32.21 21.62
C SER J 109 -39.37 -31.01 21.50
N LEU J 110 -39.89 -30.79 20.28
CA LEU J 110 -40.80 -29.69 19.95
C LEU J 110 -42.16 -30.24 19.53
N SER J 111 -43.25 -29.52 19.91
CA SER J 111 -44.60 -29.79 19.44
C SER J 111 -44.80 -29.41 17.97
N SER J 112 -46.01 -29.66 17.43
CA SER J 112 -46.41 -29.26 16.08
C SER J 112 -46.43 -27.74 15.87
N SER J 113 -46.64 -26.97 16.95
CA SER J 113 -46.74 -25.51 16.92
C SER J 113 -45.41 -24.82 17.29
N GLN J 114 -44.53 -25.50 18.03
CA GLN J 114 -43.24 -24.97 18.45
C GLN J 114 -42.23 -24.95 17.29
N THR J 115 -41.29 -23.99 17.35
CA THR J 115 -40.25 -23.80 16.33
C THR J 115 -38.93 -23.39 17.00
N VAL J 116 -37.81 -23.61 16.30
CA VAL J 116 -36.47 -23.39 16.84
C VAL J 116 -36.26 -21.94 17.27
N ALA J 117 -36.79 -20.98 16.49
CA ALA J 117 -36.70 -19.55 16.79
C ALA J 117 -37.39 -19.15 18.10
N GLY J 118 -38.28 -20.00 18.63
CA GLY J 118 -39.00 -19.72 19.86
C GLY J 118 -38.35 -20.26 21.13
N VAL J 119 -37.32 -21.12 21.00
CA VAL J 119 -36.71 -21.81 22.14
C VAL J 119 -35.71 -20.91 22.87
N SER J 120 -35.73 -20.95 24.22
CA SER J 120 -34.70 -20.32 25.05
C SER J 120 -34.58 -21.03 26.41
N PHE J 121 -33.44 -20.83 27.10
CA PHE J 121 -33.15 -21.52 28.35
C PHE J 121 -32.26 -20.67 29.26
N GLU J 122 -32.20 -21.07 30.55
CA GLU J 122 -31.39 -20.39 31.57
C GLU J 122 -30.70 -21.40 32.49
N LEU J 123 -29.52 -21.02 33.00
CA LEU J 123 -28.81 -21.80 34.02
C LEU J 123 -28.84 -21.03 35.34
N ILE J 124 -29.19 -21.75 36.43
CA ILE J 124 -29.35 -21.16 37.74
C ILE J 124 -28.45 -21.89 38.74
N TYR J 125 -27.74 -21.13 39.57
CA TYR J 125 -26.89 -21.67 40.62
C TYR J 125 -27.08 -20.86 41.91
N LYS J 126 -27.34 -21.55 43.03
CA LYS J 126 -27.64 -20.96 44.34
C LYS J 126 -28.66 -19.81 44.27
N GLY J 127 -29.68 -19.94 43.41
CA GLY J 127 -30.76 -18.98 43.31
C GLY J 127 -30.46 -17.73 42.47
N ASN J 128 -29.29 -17.67 41.83
CA ASN J 128 -28.91 -16.60 40.90
C ASN J 128 -28.89 -17.14 39.47
N VAL J 129 -29.39 -16.36 38.50
CA VAL J 129 -29.27 -16.72 37.08
C VAL J 129 -27.83 -16.44 36.62
N ILE J 130 -27.10 -17.47 36.14
CA ILE J 130 -25.72 -17.33 35.70
C ILE J 130 -25.58 -17.26 34.17
N TYR J 131 -26.59 -17.72 33.42
CA TYR J 131 -26.65 -17.62 31.97
C TYR J 131 -28.09 -17.58 31.49
N ASN J 132 -28.35 -16.86 30.39
CA ASN J 132 -29.67 -16.77 29.79
C ASN J 132 -29.51 -16.63 28.28
N SER J 133 -29.99 -17.63 27.51
CA SER J 133 -29.75 -17.69 26.07
C SER J 133 -30.41 -16.54 25.30
N ALA J 134 -31.44 -15.92 25.89
CA ALA J 134 -32.22 -14.84 25.28
C ALA J 134 -31.72 -13.44 25.66
N ALA J 135 -30.58 -13.33 26.36
CA ALA J 135 -29.99 -12.05 26.73
C ALA J 135 -29.60 -11.24 25.48
N VAL K 1 -39.39 0.61 97.81
CA VAL K 1 -40.20 1.52 96.90
C VAL K 1 -39.33 2.23 95.86
N SER K 2 -38.42 3.13 96.27
CA SER K 2 -37.80 4.10 95.36
C SER K 2 -37.03 3.55 94.15
N PRO K 3 -36.30 2.40 94.18
CA PRO K 3 -35.64 1.88 92.97
C PRO K 3 -36.57 1.54 91.80
N ILE K 4 -37.81 1.14 92.08
CA ILE K 4 -38.79 0.85 91.04
C ILE K 4 -39.32 2.15 90.42
N ILE K 5 -39.61 3.16 91.26
CA ILE K 5 -40.08 4.45 90.78
C ILE K 5 -39.04 5.15 89.92
N ALA K 6 -37.77 5.13 90.34
CA ALA K 6 -36.67 5.64 89.55
C ALA K 6 -36.57 4.94 88.18
N THR K 7 -36.86 3.64 88.11
CA THR K 7 -36.83 2.88 86.87
C THR K 7 -37.95 3.33 85.92
N ILE K 8 -39.15 3.60 86.45
CA ILE K 8 -40.28 4.07 85.65
C ILE K 8 -39.99 5.45 85.03
N LEU K 9 -39.35 6.35 85.80
CA LEU K 9 -38.93 7.65 85.29
C LEU K 9 -37.92 7.53 84.14
N LEU K 10 -36.94 6.62 84.25
CA LEU K 10 -35.93 6.41 83.22
C LEU K 10 -36.51 5.83 81.93
N ILE K 11 -37.58 5.03 82.01
CA ILE K 11 -38.26 4.53 80.82
C ILE K 11 -38.96 5.69 80.10
N ALA K 12 -39.67 6.54 80.84
CA ALA K 12 -40.32 7.72 80.29
C ALA K 12 -39.32 8.64 79.56
N ILE K 13 -38.14 8.90 80.14
CA ILE K 13 -37.10 9.70 79.50
C ILE K 13 -36.57 9.02 78.23
N THR K 14 -36.40 7.69 78.24
CA THR K 14 -35.86 6.94 77.12
C THR K 14 -36.70 7.09 75.86
N VAL K 15 -38.03 7.04 76.00
CA VAL K 15 -38.95 7.16 74.88
C VAL K 15 -38.82 8.53 74.20
N VAL K 16 -38.64 9.62 74.96
CA VAL K 16 -38.51 10.95 74.38
C VAL K 16 -37.19 11.12 73.63
N LEU K 17 -36.11 10.49 74.10
CA LEU K 17 -34.85 10.49 73.38
C LEU K 17 -34.96 9.75 72.05
N ALA K 18 -35.58 8.56 72.05
CA ALA K 18 -35.80 7.80 70.83
C ALA K 18 -36.65 8.57 69.81
N ALA K 19 -37.73 9.20 70.28
CA ALA K 19 -38.56 10.05 69.43
C ALA K 19 -37.78 11.24 68.87
N THR K 20 -36.86 11.81 69.65
CA THR K 20 -35.99 12.89 69.18
C THR K 20 -35.06 12.40 68.08
N LEU K 21 -34.37 11.27 68.28
CA LEU K 21 -33.48 10.66 67.31
C LEU K 21 -34.17 10.43 65.96
N VAL K 22 -35.39 9.90 65.95
CA VAL K 22 -36.17 9.67 64.73
C VAL K 22 -36.32 10.95 63.90
N THR K 23 -36.50 12.12 64.53
CA THR K 23 -36.61 13.36 63.78
C THR K 23 -35.27 13.86 63.25
N ILE K 24 -34.15 13.51 63.88
CA ILE K 24 -32.82 13.82 63.36
C ILE K 24 -32.57 13.01 62.08
N LEU K 25 -32.91 11.72 62.05
CA LEU K 25 -32.63 10.86 60.91
C LEU K 25 -33.38 11.30 59.66
N GLY K 26 -34.58 11.87 59.82
CA GLY K 26 -35.40 12.35 58.71
C GLY K 26 -34.72 13.39 57.82
N GLY K 27 -33.67 14.06 58.30
CA GLY K 27 -32.90 15.01 57.50
C GLY K 27 -31.91 14.37 56.53
N PHE K 28 -31.66 13.05 56.66
CA PHE K 28 -30.75 12.30 55.81
C PHE K 28 -31.49 11.49 54.77
N THR K 29 -32.64 10.91 55.13
CA THR K 29 -33.32 9.89 54.36
C THR K 29 -34.29 10.48 53.31
N HIS K 30 -33.87 11.54 52.59
CA HIS K 30 -34.66 12.12 51.51
C HIS K 30 -33.77 12.81 50.46
N GLY K 31 -34.31 12.98 49.25
CA GLY K 31 -33.69 13.77 48.20
C GLY K 31 -32.49 13.11 47.51
N VAL K 32 -32.37 11.77 47.61
CA VAL K 32 -31.36 11.01 46.86
C VAL K 32 -32.05 10.21 45.75
N SER K 33 -31.58 10.41 44.50
CA SER K 33 -32.17 9.80 43.32
C SER K 33 -31.16 9.78 42.16
N ASN K 34 -31.44 8.92 41.17
CA ASN K 34 -30.58 8.75 40.01
C ASN K 34 -30.89 9.81 38.96
N THR K 35 -30.05 10.88 38.88
CA THR K 35 -30.30 12.02 38.02
C THR K 35 -29.38 12.07 36.78
N VAL K 36 -28.54 11.05 36.59
CA VAL K 36 -27.56 11.03 35.50
C VAL K 36 -28.25 10.78 34.15
N GLU K 37 -27.88 11.57 33.14
CA GLU K 37 -28.37 11.47 31.76
C GLU K 37 -27.19 11.75 30.83
N THR K 38 -27.21 11.23 29.59
CA THR K 38 -26.07 11.37 28.69
C THR K 38 -26.57 11.24 27.25
N ALA K 39 -26.25 12.21 26.39
CA ALA K 39 -26.78 12.21 25.04
C ALA K 39 -25.71 12.56 24.02
N GLY K 40 -25.80 11.93 22.84
CA GLY K 40 -25.07 12.37 21.66
C GLY K 40 -25.85 13.50 20.98
N VAL K 41 -25.29 14.72 21.05
CA VAL K 41 -25.94 15.92 20.52
C VAL K 41 -24.96 16.64 19.61
N THR K 42 -25.46 17.14 18.47
CA THR K 42 -24.69 17.99 17.57
C THR K 42 -25.49 19.26 17.28
N SER K 43 -24.78 20.36 16.98
CA SER K 43 -25.45 21.65 16.83
C SER K 43 -24.74 22.57 15.85
N HIS K 44 -25.51 23.46 15.21
CA HIS K 44 -25.03 24.46 14.28
C HIS K 44 -25.74 25.79 14.56
N ILE K 45 -24.98 26.90 14.55
CA ILE K 45 -25.49 28.22 14.93
C ILE K 45 -25.37 29.18 13.74
N THR K 46 -26.41 29.99 13.54
CA THR K 46 -26.50 30.98 12.47
C THR K 46 -27.06 32.29 13.04
N SER K 47 -27.05 33.37 12.25
CA SER K 47 -27.56 34.67 12.64
C SER K 47 -29.06 34.70 12.99
N LYS K 48 -29.81 33.60 12.70
CA LYS K 48 -31.26 33.54 12.90
C LYS K 48 -31.73 32.30 13.66
N TYR K 49 -30.98 31.18 13.56
CA TYR K 49 -31.41 29.90 14.10
C TYR K 49 -30.27 29.14 14.76
N ILE K 50 -30.61 28.39 15.81
CA ILE K 50 -29.79 27.30 16.32
C ILE K 50 -30.46 25.99 15.92
N PHE K 51 -29.69 25.07 15.33
CA PHE K 51 -30.17 23.73 15.00
C PHE K 51 -29.56 22.74 16.00
N ILE K 52 -30.39 21.81 16.50
CA ILE K 52 -29.95 20.81 17.48
C ILE K 52 -30.44 19.44 17.04
N ASN K 53 -29.50 18.51 16.83
CA ASN K 53 -29.87 17.21 16.33
C ASN K 53 -29.34 16.16 17.28
N VAL K 54 -30.21 15.24 17.72
CA VAL K 54 -29.87 14.23 18.72
C VAL K 54 -29.67 12.88 18.06
N SER K 55 -28.57 12.18 18.38
CA SER K 55 -28.22 10.91 17.76
C SER K 55 -28.50 9.70 18.65
N SER K 56 -28.41 9.88 19.98
CA SER K 56 -28.70 8.87 20.98
C SER K 56 -28.87 9.51 22.36
N SER K 57 -29.52 8.81 23.31
CA SER K 57 -29.61 9.26 24.69
C SER K 57 -29.67 8.06 25.64
N SER K 58 -29.30 8.30 26.91
CA SER K 58 -29.29 7.26 27.94
C SER K 58 -30.71 6.80 28.28
N SER K 59 -31.67 7.74 28.22
CA SER K 59 -33.09 7.45 28.44
C SER K 59 -33.95 8.35 27.55
N ALA K 60 -35.22 7.98 27.37
CA ALA K 60 -36.19 8.79 26.64
C ALA K 60 -36.89 9.75 27.61
N ILE K 61 -36.79 11.07 27.35
CA ILE K 61 -37.30 12.09 28.26
C ILE K 61 -38.11 13.14 27.51
N SER K 62 -39.05 13.80 28.22
CA SER K 62 -39.91 14.82 27.60
C SER K 62 -39.12 16.08 27.27
N ALA K 63 -39.36 16.68 26.10
CA ALA K 63 -38.73 17.94 25.72
C ALA K 63 -39.14 19.11 26.62
N SER K 64 -40.23 18.98 27.41
CA SER K 64 -40.64 19.97 28.39
C SER K 64 -39.82 19.90 29.69
N SER K 65 -39.14 18.77 29.95
CA SER K 65 -38.34 18.56 31.15
C SER K 65 -36.92 19.15 31.03
N ILE K 66 -36.52 19.59 29.83
CA ILE K 66 -35.19 20.10 29.54
C ILE K 66 -35.25 21.63 29.50
N THR K 67 -34.31 22.28 30.19
CA THR K 67 -34.20 23.73 30.24
C THR K 67 -33.02 24.17 29.37
N ILE K 68 -33.19 25.23 28.58
CA ILE K 68 -32.11 25.76 27.73
C ILE K 68 -31.75 27.18 28.18
N THR K 69 -30.44 27.47 28.24
CA THR K 69 -29.94 28.81 28.56
C THR K 69 -28.96 29.28 27.49
N ILE K 70 -28.91 30.59 27.25
CA ILE K 70 -28.19 31.17 26.12
C ILE K 70 -27.40 32.42 26.54
N THR K 71 -26.28 32.68 25.85
CA THR K 71 -25.50 33.89 26.03
C THR K 71 -25.04 34.43 24.67
N GLY K 72 -24.89 35.76 24.58
CA GLY K 72 -24.47 36.42 23.34
C GLY K 72 -25.60 36.65 22.33
N ALA K 73 -26.84 36.28 22.70
CA ALA K 73 -28.03 36.34 21.85
C ALA K 73 -29.30 36.40 22.71
N SER K 74 -30.48 36.26 22.06
CA SER K 74 -31.78 36.23 22.74
C SER K 74 -32.76 35.36 21.96
N PHE K 75 -33.73 34.74 22.65
CA PHE K 75 -34.75 33.93 21.98
C PHE K 75 -35.84 34.81 21.37
N LYS K 76 -36.39 34.41 20.21
CA LYS K 76 -37.54 35.08 19.62
C LYS K 76 -38.85 34.73 20.32
N VAL K 77 -38.89 33.62 21.08
CA VAL K 77 -40.03 33.21 21.90
C VAL K 77 -39.75 33.57 23.35
N THR K 78 -40.71 34.23 24.02
CA THR K 78 -40.44 34.95 25.27
C THR K 78 -41.17 34.38 26.50
N SER K 79 -41.99 33.32 26.33
CA SER K 79 -42.84 32.78 27.38
C SER K 79 -42.06 32.09 28.51
N GLY K 80 -40.86 31.58 28.22
CA GLY K 80 -40.09 30.78 29.16
C GLY K 80 -38.84 30.19 28.52
N ASP K 81 -38.36 29.05 29.06
CA ASP K 81 -37.02 28.56 28.78
C ASP K 81 -36.91 27.03 28.75
N THR K 82 -38.05 26.32 28.67
CA THR K 82 -37.97 24.89 28.38
C THR K 82 -37.69 24.66 26.89
N LEU K 83 -37.06 23.54 26.55
CA LEU K 83 -36.68 23.27 25.16
C LEU K 83 -37.92 23.18 24.26
N ALA K 84 -38.95 22.46 24.72
CA ALA K 84 -40.21 22.31 23.97
C ALA K 84 -40.84 23.68 23.65
N GLU K 85 -40.78 24.60 24.62
CA GLU K 85 -41.41 25.90 24.56
C GLU K 85 -40.71 26.83 23.56
N VAL K 86 -39.39 27.01 23.67
CA VAL K 86 -38.68 27.93 22.79
C VAL K 86 -38.56 27.40 21.35
N ALA K 87 -38.58 26.08 21.18
CA ALA K 87 -38.51 25.43 19.87
C ALA K 87 -39.88 25.30 19.18
N GLY K 88 -40.98 25.64 19.88
CA GLY K 88 -42.32 25.58 19.30
C GLY K 88 -42.84 24.16 19.08
N VAL K 89 -42.51 23.25 20.00
CA VAL K 89 -42.91 21.85 19.94
C VAL K 89 -44.36 21.70 20.38
N SER K 90 -45.24 21.29 19.43
CA SER K 90 -46.61 20.88 19.73
C SER K 90 -46.62 19.48 20.34
N SER K 91 -47.66 19.15 21.12
CA SER K 91 -47.79 17.87 21.83
C SER K 91 -47.89 16.64 20.89
N THR K 92 -48.32 16.87 19.64
CA THR K 92 -48.42 15.86 18.60
C THR K 92 -47.12 15.66 17.80
N SER K 93 -46.16 16.60 17.95
CA SER K 93 -44.92 16.61 17.17
C SER K 93 -44.02 15.42 17.51
N SER K 94 -43.32 14.89 16.49
CA SER K 94 -42.36 13.80 16.65
C SER K 94 -41.28 14.18 17.68
N ASN K 95 -40.91 15.46 17.70
CA ASN K 95 -39.83 16.01 18.51
C ASN K 95 -40.29 16.31 19.94
N ALA K 96 -41.45 15.80 20.36
CA ALA K 96 -41.93 15.94 21.74
C ALA K 96 -41.09 15.12 22.74
N THR K 97 -40.36 14.11 22.25
CA THR K 97 -39.49 13.28 23.07
C THR K 97 -38.03 13.46 22.65
N PHE K 98 -37.14 13.61 23.63
CA PHE K 98 -35.70 13.77 23.41
C PHE K 98 -35.04 12.39 23.40
N THR K 99 -34.66 11.93 22.19
CA THR K 99 -34.08 10.63 21.89
C THR K 99 -33.34 10.73 20.56
N GLY K 100 -32.55 9.71 20.19
CA GLY K 100 -31.98 9.65 18.85
C GLY K 100 -33.05 9.81 17.78
N GLY K 101 -32.77 10.64 16.76
CA GLY K 101 -33.71 10.90 15.68
C GLY K 101 -34.58 12.15 15.88
N SER K 102 -34.49 12.83 17.03
CA SER K 102 -35.20 14.08 17.28
C SER K 102 -34.35 15.29 16.90
N ASP K 103 -34.94 16.21 16.11
CA ASP K 103 -34.30 17.45 15.68
C ASP K 103 -35.11 18.67 16.09
N TYR K 104 -34.43 19.76 16.47
CA TYR K 104 -35.06 21.00 16.92
C TYR K 104 -34.46 22.21 16.21
N THR K 105 -35.29 23.23 15.95
CA THR K 105 -34.86 24.52 15.45
C THR K 105 -35.31 25.62 16.40
N VAL K 106 -34.36 26.40 16.94
CA VAL K 106 -34.67 27.49 17.87
C VAL K 106 -34.39 28.82 17.19
N PRO K 107 -35.40 29.72 17.06
CA PRO K 107 -35.20 31.04 16.46
C PRO K 107 -34.66 32.07 17.46
N ILE K 108 -33.66 32.83 17.02
CA ILE K 108 -32.92 33.76 17.88
C ILE K 108 -32.71 35.13 17.20
N SER K 109 -32.38 36.14 18.03
CA SER K 109 -32.16 37.51 17.62
C SER K 109 -30.88 38.07 18.27
N LEU K 110 -30.11 38.85 17.48
CA LEU K 110 -28.86 39.48 17.91
C LEU K 110 -29.00 41.01 17.90
N SER K 111 -28.35 41.68 18.87
CA SER K 111 -28.23 43.14 18.90
C SER K 111 -27.25 43.66 17.84
N SER K 112 -27.09 45.00 17.77
CA SER K 112 -26.14 45.67 16.89
C SER K 112 -24.67 45.32 17.21
N SER K 113 -24.39 44.97 18.47
CA SER K 113 -23.04 44.66 18.97
C SER K 113 -22.75 43.16 19.00
N GLN K 114 -23.79 42.32 19.08
CA GLN K 114 -23.65 40.86 19.11
C GLN K 114 -23.30 40.30 17.72
N THR K 115 -22.59 39.15 17.72
CA THR K 115 -22.14 38.46 16.52
C THR K 115 -22.22 36.95 16.71
N VAL K 116 -22.30 36.19 15.60
CA VAL K 116 -22.51 34.75 15.63
C VAL K 116 -21.39 34.03 16.40
N ALA K 117 -20.15 34.48 16.24
CA ALA K 117 -18.99 33.91 16.92
C ALA K 117 -19.05 34.03 18.45
N GLY K 118 -19.92 34.92 18.98
CA GLY K 118 -20.06 35.13 20.41
C GLY K 118 -21.15 34.29 21.07
N VAL K 119 -22.02 33.63 20.29
CA VAL K 119 -23.20 32.92 20.81
C VAL K 119 -22.81 31.54 21.36
N SER K 120 -23.38 31.16 22.51
CA SER K 120 -23.31 29.80 23.04
C SER K 120 -24.50 29.47 23.94
N PHE K 121 -24.75 28.17 24.15
CA PHE K 121 -25.92 27.70 24.89
C PHE K 121 -25.65 26.38 25.61
N GLU K 122 -26.54 26.05 26.56
CA GLU K 122 -26.45 24.82 27.35
C GLU K 122 -27.83 24.19 27.54
N LEU K 123 -27.87 22.86 27.65
CA LEU K 123 -29.07 22.11 28.00
C LEU K 123 -28.92 21.52 29.41
N ILE K 124 -29.95 21.70 30.23
CA ILE K 124 -29.92 21.29 31.63
C ILE K 124 -31.12 20.36 31.89
N TYR K 125 -30.87 19.25 32.60
CA TYR K 125 -31.89 18.30 32.99
C TYR K 125 -31.66 17.88 34.44
N LYS K 126 -32.71 17.96 35.28
CA LYS K 126 -32.66 17.67 36.72
C LYS K 126 -31.45 18.30 37.43
N GLY K 127 -31.09 19.52 37.04
CA GLY K 127 -30.02 20.28 37.69
C GLY K 127 -28.60 19.92 37.26
N ASN K 128 -28.44 19.03 36.27
CA ASN K 128 -27.14 18.68 35.68
C ASN K 128 -27.06 19.24 34.26
N VAL K 129 -25.89 19.78 33.87
CA VAL K 129 -25.67 20.19 32.48
C VAL K 129 -25.41 18.95 31.62
N ILE K 130 -26.25 18.72 30.59
CA ILE K 130 -26.13 17.54 29.72
C ILE K 130 -25.48 17.86 28.37
N TYR K 131 -25.45 19.15 27.96
CA TYR K 131 -24.76 19.60 26.77
C TYR K 131 -24.33 21.06 26.93
N ASN K 132 -23.20 21.43 26.32
CA ASN K 132 -22.69 22.80 26.34
C ASN K 132 -21.97 23.07 25.01
N SER K 133 -22.50 24.02 24.21
CA SER K 133 -22.01 24.25 22.86
C SER K 133 -20.57 24.77 22.83
N ALA K 134 -20.11 25.36 23.94
CA ALA K 134 -18.77 25.96 24.06
C ALA K 134 -17.73 25.01 24.65
N ALA K 135 -18.08 23.72 24.85
CA ALA K 135 -17.15 22.72 25.37
C ALA K 135 -15.96 22.53 24.42
N VAL L 1 -33.22 6.11 94.41
CA VAL L 1 -31.93 6.89 94.25
C VAL L 1 -30.96 6.22 93.25
N SER L 2 -30.43 5.02 93.55
CA SER L 2 -29.27 4.47 92.85
C SER L 2 -29.39 4.28 91.32
N PRO L 3 -30.55 3.93 90.68
CA PRO L 3 -30.61 3.83 89.22
C PRO L 3 -30.33 5.13 88.46
N ILE L 4 -30.63 6.30 89.05
CA ILE L 4 -30.33 7.58 88.43
C ILE L 4 -28.84 7.90 88.54
N ILE L 5 -28.22 7.63 89.69
CA ILE L 5 -26.79 7.85 89.89
C ILE L 5 -25.96 6.96 88.97
N ALA L 6 -26.32 5.67 88.84
CA ALA L 6 -25.69 4.77 87.89
C ALA L 6 -25.79 5.29 86.44
N THR L 7 -26.90 5.94 86.08
CA THR L 7 -27.08 6.51 84.75
C THR L 7 -26.13 7.68 84.51
N ILE L 8 -25.94 8.55 85.51
CA ILE L 8 -25.03 9.69 85.42
C ILE L 8 -23.58 9.23 85.23
N LEU L 9 -23.16 8.17 85.93
CA LEU L 9 -21.83 7.59 85.75
C LEU L 9 -21.62 7.05 84.34
N LEU L 10 -22.62 6.37 83.76
CA LEU L 10 -22.52 5.82 82.41
C LEU L 10 -22.46 6.90 81.33
N ILE L 11 -23.07 8.07 81.55
CA ILE L 11 -22.93 9.19 80.62
C ILE L 11 -21.51 9.73 80.65
N ALA L 12 -20.93 9.92 81.85
CA ALA L 12 -19.55 10.35 82.01
C ALA L 12 -18.57 9.41 81.29
N ILE L 13 -18.73 8.09 81.42
CA ILE L 13 -17.90 7.11 80.72
C ILE L 13 -18.06 7.20 79.20
N THR L 14 -19.29 7.41 78.72
CA THR L 14 -19.60 7.46 77.29
C THR L 14 -18.83 8.58 76.59
N VAL L 15 -18.75 9.76 77.20
CA VAL L 15 -18.05 10.90 76.64
C VAL L 15 -16.56 10.62 76.44
N VAL L 16 -15.91 9.93 77.38
CA VAL L 16 -14.49 9.61 77.28
C VAL L 16 -14.21 8.59 76.17
N LEU L 17 -15.13 7.64 75.94
CA LEU L 17 -15.00 6.70 74.84
C LEU L 17 -15.12 7.42 73.49
N ALA L 18 -16.11 8.32 73.35
CA ALA L 18 -16.29 9.10 72.12
C ALA L 18 -15.05 9.97 71.84
N ALA L 19 -14.52 10.64 72.86
CA ALA L 19 -13.30 11.41 72.73
C ALA L 19 -12.10 10.55 72.33
N THR L 20 -12.02 9.30 72.84
CA THR L 20 -10.98 8.37 72.45
C THR L 20 -11.10 7.99 70.98
N LEU L 21 -12.31 7.62 70.52
CA LEU L 21 -12.58 7.26 69.13
C LEU L 21 -12.15 8.36 68.16
N VAL L 22 -12.46 9.62 68.46
CA VAL L 22 -12.07 10.76 67.63
C VAL L 22 -10.55 10.80 67.39
N THR L 23 -9.72 10.45 68.38
CA THR L 23 -8.28 10.44 68.18
C THR L 23 -7.79 9.25 67.36
N ILE L 24 -8.53 8.13 67.37
CA ILE L 24 -8.22 7.00 66.50
C ILE L 24 -8.46 7.38 65.04
N LEU L 25 -9.58 8.05 64.73
CA LEU L 25 -9.93 8.38 63.35
C LEU L 25 -8.92 9.32 62.71
N GLY L 26 -8.30 10.21 63.50
CA GLY L 26 -7.31 11.16 63.01
C GLY L 26 -6.10 10.52 62.32
N GLY L 27 -5.83 9.23 62.55
CA GLY L 27 -4.76 8.52 61.87
C GLY L 27 -5.09 8.09 60.45
N PHE L 28 -6.36 8.19 60.04
CA PHE L 28 -6.82 7.81 58.70
C PHE L 28 -7.03 9.03 57.82
N THR L 29 -7.54 10.13 58.40
CA THR L 29 -8.05 11.28 57.65
C THR L 29 -6.97 12.30 57.32
N HIS L 30 -5.78 11.85 56.89
CA HIS L 30 -4.71 12.74 56.45
C HIS L 30 -3.77 12.06 55.42
N GLY L 31 -3.06 12.88 54.64
CA GLY L 31 -2.00 12.41 53.75
C GLY L 31 -2.49 11.71 52.49
N VAL L 32 -3.75 11.95 52.08
CA VAL L 32 -4.29 11.46 50.80
C VAL L 32 -4.46 12.65 49.85
N SER L 33 -3.84 12.55 48.66
CA SER L 33 -3.82 13.61 47.66
C SER L 33 -3.51 13.07 46.27
N ASN L 34 -3.84 13.86 45.24
CA ASN L 34 -3.65 13.47 43.85
C ASN L 34 -2.21 13.78 43.41
N THR L 35 -1.35 12.74 43.37
CA THR L 35 0.08 12.92 43.10
C THR L 35 0.50 12.44 41.70
N VAL L 36 -0.47 12.01 40.87
CA VAL L 36 -0.18 11.46 39.55
C VAL L 36 0.23 12.57 38.57
N GLU L 37 1.31 12.31 37.81
CA GLU L 37 1.84 13.21 36.78
C GLU L 37 2.32 12.34 35.61
N THR L 38 2.34 12.88 34.38
CA THR L 38 2.68 12.08 33.20
C THR L 38 3.21 13.02 32.12
N ALA L 39 4.38 12.71 31.57
CA ALA L 39 5.01 13.61 30.62
C ALA L 39 5.59 12.85 29.42
N GLY L 40 5.52 13.46 28.24
CA GLY L 40 6.29 13.04 27.09
C GLY L 40 7.69 13.64 27.17
N VAL L 41 8.69 12.77 27.41
CA VAL L 41 10.07 13.19 27.60
C VAL L 41 10.96 12.38 26.67
N THR L 42 11.93 13.04 26.04
CA THR L 42 12.96 12.37 25.25
C THR L 42 14.34 12.84 25.71
N SER L 43 15.36 11.99 25.54
CA SER L 43 16.67 12.28 26.10
C SER L 43 17.81 11.67 25.27
N HIS L 44 18.97 12.33 25.31
CA HIS L 44 20.19 11.89 24.65
C HIS L 44 21.37 12.09 25.60
N ILE L 45 22.28 11.09 25.66
CA ILE L 45 23.38 11.07 26.62
C ILE L 45 24.71 11.04 25.86
N THR L 46 25.68 11.84 26.35
CA THR L 46 27.02 11.97 25.79
C THR L 46 28.04 11.95 26.93
N SER L 47 29.34 11.87 26.59
CA SER L 47 30.43 11.85 27.55
C SER L 47 30.52 13.12 28.44
N LYS L 48 29.75 14.18 28.13
CA LYS L 48 29.82 15.46 28.83
C LYS L 48 28.46 16.00 29.27
N TYR L 49 27.39 15.67 28.53
CA TYR L 49 26.07 16.25 28.74
C TYR L 49 24.95 15.21 28.62
N ILE L 50 23.89 15.42 29.41
CA ILE L 50 22.59 14.82 29.18
C ILE L 50 21.66 15.92 28.67
N PHE L 51 20.96 15.66 27.56
CA PHE L 51 19.95 16.56 27.03
C PHE L 51 18.57 15.99 27.32
N ILE L 52 17.63 16.83 27.78
CA ILE L 52 16.29 16.42 28.12
C ILE L 52 15.29 17.37 27.48
N ASN L 53 14.41 16.84 26.65
CA ASN L 53 13.48 17.69 25.92
C ASN L 53 12.07 17.21 26.20
N VAL L 54 11.18 18.13 26.62
CA VAL L 54 9.82 17.79 27.01
C VAL L 54 8.84 18.19 25.92
N SER L 55 7.92 17.27 25.55
CA SER L 55 6.98 17.49 24.46
C SER L 55 5.56 17.82 24.94
N SER L 56 5.18 17.28 26.12
CA SER L 56 3.90 17.52 26.77
C SER L 56 3.94 17.07 28.23
N SER L 57 3.02 17.57 29.06
CA SER L 57 2.88 17.11 30.44
C SER L 57 1.42 17.20 30.90
N SER L 58 1.06 16.41 31.91
CA SER L 58 -0.29 16.38 32.46
C SER L 58 -0.65 17.69 33.15
N SER L 59 0.35 18.32 33.79
CA SER L 59 0.20 19.62 34.43
C SER L 59 1.50 20.44 34.29
N ALA L 60 1.41 21.76 34.51
CA ALA L 60 2.58 22.63 34.52
C ALA L 60 3.14 22.71 35.94
N ILE L 61 4.43 22.35 36.10
CA ILE L 61 5.06 22.23 37.43
C ILE L 61 6.43 22.91 37.44
N SER L 62 6.87 23.37 38.62
CA SER L 62 8.14 24.06 38.75
C SER L 62 9.31 23.09 38.57
N ALA L 63 10.36 23.51 37.85
CA ALA L 63 11.57 22.71 37.69
C ALA L 63 12.32 22.47 39.01
N SER L 64 12.03 23.26 40.06
CA SER L 64 12.59 23.05 41.39
C SER L 64 11.89 21.94 42.17
N SER L 65 10.66 21.55 41.77
CA SER L 65 9.88 20.51 42.43
C SER L 65 10.26 19.10 41.96
N ILE L 66 11.09 18.98 40.92
CA ILE L 66 11.49 17.71 40.33
C ILE L 66 12.89 17.36 40.81
N THR L 67 13.07 16.11 41.25
CA THR L 67 14.35 15.59 41.72
C THR L 67 14.92 14.66 40.66
N ILE L 68 16.23 14.76 40.40
CA ILE L 68 16.90 13.90 39.43
C ILE L 68 17.95 13.03 40.12
N THR L 69 18.01 11.74 39.78
CA THR L 69 19.02 10.82 40.29
C THR L 69 19.74 10.12 39.14
N ILE L 70 21.02 9.78 39.34
CA ILE L 70 21.90 9.30 38.26
C ILE L 70 22.75 8.12 38.74
N THR L 71 23.11 7.23 37.80
CA THR L 71 24.03 6.13 38.05
C THR L 71 24.99 5.97 36.87
N GLY L 72 26.21 5.49 37.17
CA GLY L 72 27.24 5.30 36.15
C GLY L 72 28.02 6.58 35.79
N ALA L 73 27.71 7.69 36.48
CA ALA L 73 28.27 9.02 36.22
C ALA L 73 28.16 9.90 37.47
N SER L 74 28.45 11.21 37.32
CA SER L 74 28.34 12.20 38.40
C SER L 74 28.01 13.57 37.82
N PHE L 75 27.30 14.42 38.58
CA PHE L 75 26.99 15.78 38.14
C PHE L 75 28.19 16.71 38.33
N LYS L 76 28.35 17.67 37.40
CA LYS L 76 29.37 18.72 37.57
C LYS L 76 28.95 19.80 38.57
N VAL L 77 27.64 19.91 38.87
CA VAL L 77 27.10 20.82 39.88
C VAL L 77 26.79 20.01 41.15
N THR L 78 27.26 20.51 42.31
CA THR L 78 27.36 19.69 43.51
C THR L 78 26.45 20.13 44.67
N SER L 79 25.67 21.22 44.50
CA SER L 79 24.88 21.82 45.56
C SER L 79 23.69 20.96 46.01
N GLY L 80 23.18 20.10 45.12
CA GLY L 80 21.97 19.34 45.38
C GLY L 80 21.51 18.56 44.14
N ASP L 81 20.21 18.28 44.06
CA ASP L 81 19.69 17.26 43.15
C ASP L 81 18.31 17.61 42.57
N THR L 82 17.85 18.86 42.70
CA THR L 82 16.66 19.27 41.96
C THR L 82 17.03 19.53 40.50
N LEU L 83 16.06 19.37 39.58
CA LEU L 83 16.34 19.53 38.16
C LEU L 83 16.78 20.96 37.83
N ALA L 84 16.09 21.96 38.38
CA ALA L 84 16.44 23.37 38.20
C ALA L 84 17.89 23.66 38.60
N GLU L 85 18.31 23.06 39.71
CA GLU L 85 19.61 23.29 40.33
C GLU L 85 20.75 22.71 39.50
N VAL L 86 20.70 21.41 39.14
CA VAL L 86 21.78 20.78 38.41
C VAL L 86 21.87 21.26 36.95
N ALA L 87 20.74 21.70 36.37
CA ALA L 87 20.68 22.21 35.00
C ALA L 87 21.02 23.70 34.91
N GLY L 88 21.20 24.40 36.03
CA GLY L 88 21.58 25.81 36.04
C GLY L 88 20.45 26.74 35.58
N VAL L 89 19.21 26.41 35.96
CA VAL L 89 18.02 27.18 35.60
C VAL L 89 17.91 28.43 36.49
N SER L 90 18.06 29.61 35.88
CA SER L 90 17.74 30.88 36.54
C SER L 90 16.22 31.09 36.60
N SER L 91 15.76 31.91 37.57
CA SER L 91 14.34 32.16 37.81
C SER L 91 13.63 32.86 36.65
N THR L 92 14.39 33.58 35.80
CA THR L 92 13.91 34.27 34.61
C THR L 92 13.88 33.38 33.37
N SER L 93 14.54 32.21 33.42
CA SER L 93 14.69 31.31 32.27
C SER L 93 13.35 30.72 31.82
N SER L 94 13.19 30.53 30.50
CA SER L 94 12.01 29.91 29.92
C SER L 94 11.77 28.51 30.52
N ASN L 95 12.88 27.82 30.81
CA ASN L 95 12.89 26.44 31.27
C ASN L 95 12.66 26.33 32.78
N ALA L 96 12.18 27.41 33.43
CA ALA L 96 11.82 27.37 34.84
C ALA L 96 10.56 26.54 35.12
N THR L 97 9.74 26.29 34.08
CA THR L 97 8.54 25.48 34.18
C THR L 97 8.67 24.23 33.31
N PHE L 98 8.28 23.07 33.86
CA PHE L 98 8.31 21.80 33.17
C PHE L 98 6.97 21.58 32.45
N THR L 99 7.01 21.73 31.12
CA THR L 99 5.87 21.66 30.20
C THR L 99 6.39 21.36 28.80
N GLY L 100 5.52 21.03 27.84
CA GLY L 100 5.92 20.93 26.45
C GLY L 100 6.65 22.20 25.98
N GLY L 101 7.77 22.02 25.27
CA GLY L 101 8.58 23.13 24.80
C GLY L 101 9.75 23.53 25.71
N SER L 102 9.88 22.90 26.89
CA SER L 102 11.01 23.13 27.79
C SER L 102 12.14 22.13 27.53
N ASP L 103 13.37 22.66 27.38
CA ASP L 103 14.58 21.86 27.15
C ASP L 103 15.63 22.14 28.23
N TYR L 104 16.37 21.10 28.64
CA TYR L 104 17.38 21.20 29.68
C TYR L 104 18.68 20.52 29.24
N THR L 105 19.83 21.08 29.66
CA THR L 105 21.14 20.47 29.48
C THR L 105 21.80 20.29 30.85
N VAL L 106 22.17 19.05 31.19
CA VAL L 106 22.81 18.75 32.46
C VAL L 106 24.26 18.34 32.21
N PRO L 107 25.27 19.04 32.79
CA PRO L 107 26.67 18.67 32.62
C PRO L 107 27.12 17.59 33.61
N ILE L 108 27.85 16.59 33.09
CA ILE L 108 28.24 15.40 33.85
C ILE L 108 29.71 15.05 33.63
N SER L 109 30.25 14.21 34.54
CA SER L 109 31.62 13.74 34.55
C SER L 109 31.68 12.23 34.79
N LEU L 110 32.60 11.55 34.08
CA LEU L 110 32.83 10.11 34.17
C LEU L 110 34.22 9.81 34.71
N SER L 111 34.35 8.74 35.52
CA SER L 111 35.64 8.21 35.97
C SER L 111 36.40 7.50 34.84
N SER L 112 37.62 7.02 35.16
CA SER L 112 38.45 6.22 34.25
C SER L 112 37.80 4.88 33.84
N SER L 113 36.93 4.34 34.71
CA SER L 113 36.27 3.05 34.52
C SER L 113 34.85 3.18 33.94
N GLN L 114 34.21 4.34 34.13
CA GLN L 114 32.86 4.61 33.64
C GLN L 114 32.86 4.87 32.12
N THR L 115 31.73 4.54 31.47
CA THR L 115 31.53 4.69 30.03
C THR L 115 30.09 5.12 29.73
N VAL L 116 29.87 5.75 28.57
CA VAL L 116 28.58 6.33 28.19
C VAL L 116 27.46 5.27 28.19
N ALA L 117 27.76 4.05 27.72
CA ALA L 117 26.81 2.95 27.68
C ALA L 117 26.31 2.51 29.07
N GLY L 118 27.01 2.90 30.13
CA GLY L 118 26.65 2.54 31.49
C GLY L 118 25.78 3.56 32.23
N VAL L 119 25.63 4.78 31.67
CA VAL L 119 24.93 5.87 32.33
C VAL L 119 23.41 5.74 32.21
N SER L 120 22.68 6.03 33.31
CA SER L 120 21.23 6.18 33.27
C SER L 120 20.73 7.09 34.41
N PHE L 121 19.51 7.61 34.26
CA PHE L 121 18.96 8.59 35.20
C PHE L 121 17.43 8.49 35.29
N GLU L 122 16.86 9.10 36.34
CA GLU L 122 15.43 9.11 36.59
C GLU L 122 14.97 10.49 37.09
N LEU L 123 13.72 10.85 36.76
CA LEU L 123 13.07 12.04 37.29
C LEU L 123 11.96 11.65 38.24
N ILE L 124 11.93 12.28 39.42
CA ILE L 124 10.98 11.95 40.48
C ILE L 124 10.20 13.21 40.86
N TYR L 125 8.88 13.07 41.01
CA TYR L 125 8.01 14.16 41.43
C TYR L 125 7.00 13.62 42.45
N LYS L 126 6.88 14.29 43.61
CA LYS L 126 6.04 13.90 44.74
C LYS L 126 6.14 12.41 45.10
N GLY L 127 7.37 11.86 45.03
CA GLY L 127 7.64 10.47 45.41
C GLY L 127 7.29 9.41 44.37
N ASN L 128 6.86 9.81 43.16
CA ASN L 128 6.60 8.92 42.04
C ASN L 128 7.68 9.10 40.97
N VAL L 129 8.15 8.01 40.35
CA VAL L 129 9.05 8.11 39.21
C VAL L 129 8.25 8.50 37.96
N ILE L 130 8.57 9.63 37.32
CA ILE L 130 7.85 10.12 36.14
C ILE L 130 8.60 9.85 34.82
N TYR L 131 9.91 9.58 34.89
CA TYR L 131 10.71 9.20 33.73
C TYR L 131 11.91 8.35 34.19
N ASN L 132 12.33 7.41 33.34
CA ASN L 132 13.48 6.56 33.60
C ASN L 132 14.16 6.24 32.27
N SER L 133 15.41 6.69 32.09
CA SER L 133 16.11 6.59 30.81
C SER L 133 16.39 5.14 30.40
N ALA L 134 16.41 4.22 31.37
CA ALA L 134 16.71 2.81 31.15
C ALA L 134 15.47 1.94 30.95
N ALA L 135 14.27 2.54 30.83
CA ALA L 135 13.02 1.82 30.59
C ALA L 135 13.07 1.08 29.25
N VAL M 1 -27.73 0.03 90.90
CA VAL M 1 -27.14 -1.32 90.51
C VAL M 1 -27.47 -1.71 89.07
N SER M 2 -28.75 -1.96 88.73
CA SER M 2 -29.12 -2.65 87.49
C SER M 2 -28.65 -2.03 86.16
N PRO M 3 -28.56 -0.68 85.94
CA PRO M 3 -28.04 -0.15 84.68
C PRO M 3 -26.61 -0.53 84.33
N ILE M 4 -25.75 -0.76 85.35
CA ILE M 4 -24.37 -1.20 85.12
C ILE M 4 -24.34 -2.68 84.73
N ILE M 5 -25.12 -3.52 85.40
CA ILE M 5 -25.21 -4.94 85.09
C ILE M 5 -25.76 -5.18 83.68
N ALA M 6 -26.81 -4.46 83.30
CA ALA M 6 -27.33 -4.48 81.93
C ALA M 6 -26.26 -4.11 80.90
N THR M 7 -25.38 -3.15 81.22
CA THR M 7 -24.30 -2.74 80.33
C THR M 7 -23.26 -3.86 80.14
N ILE M 8 -22.92 -4.58 81.21
CA ILE M 8 -21.97 -5.69 81.16
C ILE M 8 -22.51 -6.83 80.29
N LEU M 9 -23.82 -7.14 80.37
CA LEU M 9 -24.46 -8.13 79.52
C LEU M 9 -24.40 -7.75 78.04
N LEU M 10 -24.64 -6.46 77.71
CA LEU M 10 -24.60 -5.99 76.33
C LEU M 10 -23.19 -6.04 75.72
N ILE M 11 -22.14 -5.85 76.53
CA ILE M 11 -20.77 -6.01 76.05
C ILE M 11 -20.49 -7.47 75.70
N ALA M 12 -20.89 -8.40 76.57
CA ALA M 12 -20.75 -9.83 76.31
C ALA M 12 -21.44 -10.25 75.00
N ILE M 13 -22.67 -9.77 74.74
CA ILE M 13 -23.40 -10.05 73.50
C ILE M 13 -22.67 -9.46 72.28
N THR M 14 -22.11 -8.25 72.41
CA THR M 14 -21.44 -7.55 71.31
C THR M 14 -20.25 -8.34 70.78
N VAL M 15 -19.45 -8.93 71.66
CA VAL M 15 -18.28 -9.71 71.28
C VAL M 15 -18.67 -10.94 70.44
N VAL M 16 -19.77 -11.62 70.77
CA VAL M 16 -20.21 -12.80 70.03
C VAL M 16 -20.71 -12.42 68.63
N LEU M 17 -21.36 -11.27 68.49
CA LEU M 17 -21.77 -10.78 67.17
C LEU M 17 -20.57 -10.45 66.30
N ALA M 18 -19.56 -9.77 66.84
CA ALA M 18 -18.34 -9.45 66.11
C ALA M 18 -17.61 -10.72 65.68
N ALA M 19 -17.49 -11.70 66.57
CA ALA M 19 -16.89 -13.01 66.24
C ALA M 19 -17.69 -13.73 65.15
N THR M 20 -19.02 -13.61 65.14
CA THR M 20 -19.86 -14.18 64.10
C THR M 20 -19.59 -13.51 62.75
N LEU M 21 -19.57 -12.18 62.71
CA LEU M 21 -19.30 -11.41 61.50
C LEU M 21 -17.97 -11.81 60.85
N VAL M 22 -16.89 -11.98 61.64
CA VAL M 22 -15.59 -12.39 61.15
C VAL M 22 -15.67 -13.71 60.37
N THR M 23 -16.50 -14.67 60.80
CA THR M 23 -16.63 -15.92 60.06
C THR M 23 -17.44 -15.78 58.77
N ILE M 24 -18.36 -14.81 58.70
CA ILE M 24 -19.07 -14.51 57.46
C ILE M 24 -18.10 -13.95 56.41
N LEU M 25 -17.22 -13.03 56.81
CA LEU M 25 -16.31 -12.37 55.86
C LEU M 25 -15.34 -13.37 55.23
N GLY M 26 -14.94 -14.41 55.96
CA GLY M 26 -14.02 -15.43 55.46
C GLY M 26 -14.48 -16.15 54.19
N GLY M 27 -15.78 -16.11 53.86
CA GLY M 27 -16.31 -16.68 52.63
C GLY M 27 -16.08 -15.83 51.38
N PHE M 28 -15.64 -14.57 51.56
CA PHE M 28 -15.38 -13.64 50.46
C PHE M 28 -13.89 -13.52 50.18
N THR M 29 -13.05 -13.53 51.24
CA THR M 29 -11.64 -13.16 51.17
C THR M 29 -10.73 -14.34 50.80
N HIS M 30 -11.13 -15.16 49.81
CA HIS M 30 -10.30 -16.25 49.30
C HIS M 30 -10.64 -16.60 47.84
N GLY M 31 -9.68 -17.23 47.16
CA GLY M 31 -9.89 -17.80 45.83
C GLY M 31 -9.94 -16.77 44.70
N VAL M 32 -9.38 -15.56 44.91
CA VAL M 32 -9.23 -14.56 43.87
C VAL M 32 -7.74 -14.44 43.49
N SER M 33 -7.44 -14.61 42.20
CA SER M 33 -6.07 -14.61 41.68
C SER M 33 -6.05 -14.32 40.19
N ASN M 34 -4.88 -13.92 39.68
CA ASN M 34 -4.68 -13.56 38.28
C ASN M 34 -4.43 -14.83 37.45
N THR M 35 -5.47 -15.32 36.74
CA THR M 35 -5.40 -16.58 36.00
C THR M 35 -5.32 -16.40 34.48
N VAL M 36 -5.23 -15.15 34.00
CA VAL M 36 -5.22 -14.85 32.57
C VAL M 36 -3.89 -15.23 31.93
N GLU M 37 -3.95 -15.91 30.77
CA GLU M 37 -2.80 -16.33 29.97
C GLU M 37 -3.18 -16.17 28.50
N THR M 38 -2.20 -15.97 27.60
CA THR M 38 -2.49 -15.69 26.19
C THR M 38 -1.28 -16.11 25.37
N ALA M 39 -1.51 -16.93 24.33
CA ALA M 39 -0.38 -17.47 23.55
C ALA M 39 -0.67 -17.42 22.05
N GLY M 40 0.38 -17.17 21.26
CA GLY M 40 0.35 -17.41 19.83
C GLY M 40 0.66 -18.87 19.56
N VAL M 41 -0.35 -19.62 19.10
CA VAL M 41 -0.23 -21.04 18.86
C VAL M 41 -0.72 -21.36 17.45
N THR M 42 0.00 -22.24 16.74
CA THR M 42 -0.44 -22.75 15.45
C THR M 42 -0.39 -24.28 15.47
N SER M 43 -1.23 -24.92 14.65
CA SER M 43 -1.38 -26.37 14.71
C SER M 43 -1.75 -26.99 13.37
N HIS M 44 -1.34 -28.24 13.17
CA HIS M 44 -1.63 -29.04 11.98
C HIS M 44 -2.01 -30.45 12.40
N ILE M 45 -3.05 -31.02 11.78
CA ILE M 45 -3.62 -32.31 12.18
C ILE M 45 -3.52 -33.29 11.00
N THR M 46 -3.14 -34.54 11.32
CA THR M 46 -2.99 -35.63 10.35
C THR M 46 -3.60 -36.90 10.94
N SER M 47 -3.71 -37.96 10.11
CA SER M 47 -4.27 -39.25 10.52
C SER M 47 -3.50 -39.95 11.66
N LYS M 48 -2.31 -39.45 12.04
CA LYS M 48 -1.44 -40.08 13.03
C LYS M 48 -0.94 -39.11 14.12
N TYR M 49 -0.79 -37.82 13.79
CA TYR M 49 -0.17 -36.84 14.67
C TYR M 49 -0.90 -35.50 14.65
N ILE M 50 -0.89 -34.83 15.81
CA ILE M 50 -1.15 -33.41 15.92
C ILE M 50 0.18 -32.71 16.20
N PHE M 51 0.48 -31.66 15.42
CA PHE M 51 1.65 -30.82 15.65
C PHE M 51 1.21 -29.49 16.25
N ILE M 52 1.93 -29.02 17.28
CA ILE M 52 1.59 -27.77 17.96
C ILE M 52 2.86 -26.94 18.11
N ASN M 53 2.83 -25.73 17.56
CA ASN M 53 4.03 -24.91 17.57
C ASN M 53 3.67 -23.57 18.19
N VAL M 54 4.46 -23.13 19.19
CA VAL M 54 4.17 -21.93 19.96
C VAL M 54 5.12 -20.80 19.53
N SER M 55 4.57 -19.59 19.26
CA SER M 55 5.35 -18.47 18.76
C SER M 55 5.64 -17.42 19.84
N SER M 56 4.74 -17.27 20.82
CA SER M 56 4.88 -16.36 21.95
C SER M 56 3.86 -16.73 23.04
N SER M 57 4.09 -16.28 24.29
CA SER M 57 3.14 -16.45 25.38
C SER M 57 3.25 -15.27 26.36
N SER M 58 2.17 -15.05 27.13
CA SER M 58 2.10 -13.96 28.10
C SER M 58 3.06 -14.21 29.27
N SER M 59 3.23 -15.49 29.64
CA SER M 59 4.17 -15.92 30.67
C SER M 59 4.78 -17.28 30.32
N ALA M 60 5.90 -17.63 30.98
CA ALA M 60 6.53 -18.94 30.82
C ALA M 60 5.94 -19.91 31.85
N ILE M 61 5.35 -21.03 31.37
CA ILE M 61 4.64 -21.97 32.23
C ILE M 61 5.06 -23.42 31.94
N SER M 62 4.94 -24.30 32.93
CA SER M 62 5.33 -25.70 32.77
C SER M 62 4.35 -26.44 31.85
N ALA M 63 4.88 -27.30 30.97
CA ALA M 63 4.06 -28.12 30.10
C ALA M 63 3.20 -29.15 30.87
N SER M 64 3.53 -29.42 32.14
CA SER M 64 2.73 -30.28 33.01
C SER M 64 1.50 -29.57 33.59
N SER M 65 1.48 -28.22 33.58
CA SER M 65 0.38 -27.41 34.11
C SER M 65 -0.75 -27.23 33.11
N ILE M 66 -0.55 -27.64 31.85
CA ILE M 66 -1.52 -27.46 30.77
C ILE M 66 -2.23 -28.80 30.53
N THR M 67 -3.56 -28.74 30.43
CA THR M 67 -4.40 -29.92 30.17
C THR M 67 -4.88 -29.86 28.73
N ILE M 68 -4.86 -31.00 28.03
CA ILE M 68 -5.35 -31.07 26.65
C ILE M 68 -6.56 -32.01 26.57
N THR M 69 -7.59 -31.59 25.81
CA THR M 69 -8.78 -32.42 25.57
C THR M 69 -9.04 -32.53 24.06
N ILE M 70 -9.61 -33.67 23.64
CA ILE M 70 -9.72 -34.02 22.22
C ILE M 70 -11.10 -34.61 21.91
N THR M 71 -11.57 -34.40 20.67
CA THR M 71 -12.80 -35.01 20.18
C THR M 71 -12.60 -35.50 18.74
N GLY M 72 -13.31 -36.56 18.36
CA GLY M 72 -13.22 -37.14 17.02
C GLY M 72 -12.03 -38.09 16.83
N ALA M 73 -11.26 -38.33 17.91
CA ALA M 73 -10.04 -39.13 17.90
C ALA M 73 -9.73 -39.64 19.32
N SER M 74 -8.53 -40.23 19.50
CA SER M 74 -8.05 -40.72 20.79
C SER M 74 -6.53 -40.63 20.88
N PHE M 75 -5.98 -40.44 22.09
CA PHE M 75 -4.53 -40.40 22.27
C PHE M 75 -3.93 -41.81 22.28
N LYS M 76 -2.71 -41.95 21.72
CA LYS M 76 -1.97 -43.21 21.81
C LYS M 76 -1.33 -43.44 23.20
N VAL M 77 -1.19 -42.36 23.99
CA VAL M 77 -0.69 -42.43 25.37
C VAL M 77 -1.89 -42.32 26.32
N THR M 78 -1.98 -43.23 27.30
CA THR M 78 -3.23 -43.45 28.03
C THR M 78 -3.18 -43.10 29.52
N SER M 79 -2.02 -42.65 30.03
CA SER M 79 -1.79 -42.41 31.45
C SER M 79 -2.58 -41.23 32.02
N GLY M 80 -2.93 -40.25 31.17
CA GLY M 80 -3.55 -39.01 31.60
C GLY M 80 -3.69 -38.01 30.47
N ASP M 81 -3.73 -36.70 30.80
CA ASP M 81 -4.21 -35.68 29.87
C ASP M 81 -3.47 -34.35 30.03
N THR M 82 -2.33 -34.31 30.73
CA THR M 82 -1.49 -33.12 30.69
C THR M 82 -0.72 -33.08 29.37
N LEU M 83 -0.35 -31.88 28.90
CA LEU M 83 0.32 -31.74 27.62
C LEU M 83 1.68 -32.44 27.64
N ALA M 84 2.47 -32.25 28.70
CA ALA M 84 3.77 -32.90 28.87
C ALA M 84 3.67 -34.43 28.75
N GLU M 85 2.62 -34.99 29.34
CA GLU M 85 2.40 -36.41 29.46
C GLU M 85 2.04 -37.05 28.11
N VAL M 86 1.03 -36.53 27.40
CA VAL M 86 0.60 -37.12 26.14
C VAL M 86 1.61 -36.88 25.01
N ALA M 87 2.40 -35.80 25.09
CA ALA M 87 3.42 -35.47 24.10
C ALA M 87 4.76 -36.17 24.36
N GLY M 88 4.91 -36.87 25.50
CA GLY M 88 6.12 -37.61 25.82
C GLY M 88 7.31 -36.69 26.17
N VAL M 89 7.04 -35.58 26.87
CA VAL M 89 8.05 -34.61 27.26
C VAL M 89 8.82 -35.12 28.48
N SER M 90 10.12 -35.40 28.29
CA SER M 90 11.04 -35.67 29.40
C SER M 90 11.43 -34.36 30.10
N SER M 91 11.84 -34.46 31.38
CA SER M 91 12.15 -33.30 32.22
C SER M 91 13.37 -32.50 31.72
N THR M 92 14.24 -33.14 30.94
CA THR M 92 15.42 -32.52 30.33
C THR M 92 15.12 -31.88 28.97
N SER M 93 13.95 -32.16 28.38
CA SER M 93 13.59 -31.70 27.04
C SER M 93 13.41 -30.18 26.97
N SER M 94 13.80 -29.58 25.83
CA SER M 94 13.65 -28.16 25.59
C SER M 94 12.18 -27.74 25.73
N ASN M 95 11.28 -28.64 25.33
CA ASN M 95 9.84 -28.42 25.27
C ASN M 95 9.17 -28.63 26.63
N ALA M 96 9.95 -28.69 27.72
CA ALA M 96 9.39 -28.78 29.07
C ALA M 96 8.69 -27.49 29.51
N THR M 97 9.01 -26.35 28.86
CA THR M 97 8.40 -25.05 29.15
C THR M 97 7.61 -24.57 27.94
N PHE M 98 6.39 -24.06 28.19
CA PHE M 98 5.52 -23.53 27.16
C PHE M 98 5.80 -22.03 26.99
N THR M 99 6.47 -21.69 25.88
CA THR M 99 6.93 -20.36 25.51
C THR M 99 7.16 -20.33 24.00
N GLY M 100 7.37 -19.14 23.40
CA GLY M 100 7.80 -19.06 22.01
C GLY M 100 9.03 -19.94 21.74
N GLY M 101 9.00 -20.69 20.64
CA GLY M 101 10.08 -21.59 20.28
C GLY M 101 9.91 -23.04 20.74
N SER M 102 8.83 -23.35 21.49
CA SER M 102 8.53 -24.71 21.92
C SER M 102 7.57 -25.39 20.93
N ASP M 103 7.94 -26.61 20.48
CA ASP M 103 7.15 -27.42 19.57
C ASP M 103 6.81 -28.78 20.18
N TYR M 104 5.61 -29.31 19.90
CA TYR M 104 5.13 -30.57 20.44
C TYR M 104 4.52 -31.43 19.34
N THR M 105 4.70 -32.76 19.46
CA THR M 105 4.04 -33.74 18.59
C THR M 105 3.23 -34.71 19.45
N VAL M 106 1.91 -34.81 19.20
CA VAL M 106 1.03 -35.69 19.95
C VAL M 106 0.57 -36.82 19.04
N PRO M 107 0.83 -38.10 19.38
CA PRO M 107 0.36 -39.24 18.57
C PRO M 107 -1.07 -39.64 18.90
N ILE M 108 -1.87 -39.88 17.84
CA ILE M 108 -3.30 -40.13 17.96
C ILE M 108 -3.75 -41.31 17.08
N SER M 109 -4.94 -41.84 17.39
CA SER M 109 -5.55 -42.98 16.71
C SER M 109 -7.03 -42.69 16.40
N LEU M 110 -7.48 -43.12 15.21
CA LEU M 110 -8.86 -42.96 14.73
C LEU M 110 -9.54 -44.32 14.56
N SER M 111 -10.85 -44.39 14.87
CA SER M 111 -11.69 -45.56 14.59
C SER M 111 -11.98 -45.71 13.09
N SER M 112 -12.72 -46.78 12.72
CA SER M 112 -13.18 -47.04 11.37
C SER M 112 -14.14 -45.96 10.83
N SER M 113 -14.87 -45.28 11.74
CA SER M 113 -15.86 -44.26 11.40
C SER M 113 -15.30 -42.83 11.49
N GLN M 114 -14.24 -42.63 12.29
CA GLN M 114 -13.62 -41.32 12.46
C GLN M 114 -12.77 -40.92 11.24
N THR M 115 -12.65 -39.60 11.01
CA THR M 115 -11.90 -39.03 9.90
C THR M 115 -11.19 -37.74 10.34
N VAL M 116 -10.13 -37.36 9.62
CA VAL M 116 -9.27 -36.23 9.98
C VAL M 116 -10.07 -34.92 10.06
N ALA M 117 -11.02 -34.72 9.14
CA ALA M 117 -11.86 -33.53 9.12
C ALA M 117 -12.75 -33.37 10.36
N GLY M 118 -12.94 -34.45 11.14
CA GLY M 118 -13.77 -34.43 12.34
C GLY M 118 -13.01 -34.13 13.63
N VAL M 119 -11.67 -34.15 13.61
CA VAL M 119 -10.84 -34.03 14.81
C VAL M 119 -10.69 -32.58 15.24
N SER M 120 -10.78 -32.31 16.57
CA SER M 120 -10.43 -31.02 17.15
C SER M 120 -10.00 -31.16 18.61
N PHE M 121 -9.29 -30.14 19.13
CA PHE M 121 -8.71 -30.20 20.47
C PHE M 121 -8.64 -28.81 21.11
N GLU M 122 -8.43 -28.78 22.43
CA GLU M 122 -8.31 -27.54 23.21
C GLU M 122 -7.20 -27.66 24.26
N LEU M 123 -6.58 -26.52 24.58
CA LEU M 123 -5.62 -26.42 25.68
C LEU M 123 -6.21 -25.58 26.80
N ILE M 124 -6.11 -26.08 28.04
CA ILE M 124 -6.70 -25.45 29.21
C ILE M 124 -5.62 -25.22 30.25
N TYR M 125 -5.61 -24.01 30.85
CA TYR M 125 -4.70 -23.65 31.90
C TYR M 125 -5.44 -22.89 33.00
N LYS M 126 -5.29 -23.32 34.27
CA LYS M 126 -5.99 -22.77 35.44
C LYS M 126 -7.50 -22.58 35.21
N GLY M 127 -8.13 -23.50 34.49
CA GLY M 127 -9.58 -23.49 34.27
C GLY M 127 -10.07 -22.56 33.16
N ASN M 128 -9.16 -21.92 32.42
CA ASN M 128 -9.47 -21.09 31.25
C ASN M 128 -9.01 -21.79 29.98
N VAL M 129 -9.81 -21.74 28.90
CA VAL M 129 -9.39 -22.25 27.60
C VAL M 129 -8.43 -21.24 26.96
N ILE M 130 -7.18 -21.66 26.65
CA ILE M 130 -6.17 -20.77 26.07
C ILE M 130 -5.99 -20.98 24.57
N TYR M 131 -6.43 -22.12 24.02
CA TYR M 131 -6.42 -22.40 22.59
C TYR M 131 -7.53 -23.39 22.25
N ASN M 132 -8.10 -23.26 21.04
CA ASN M 132 -9.14 -24.15 20.54
C ASN M 132 -8.98 -24.29 19.03
N SER M 133 -8.67 -25.50 18.55
CA SER M 133 -8.34 -25.71 17.14
C SER M 133 -9.53 -25.44 16.20
N ALA M 134 -10.76 -25.50 16.73
CA ALA M 134 -11.99 -25.33 15.96
C ALA M 134 -12.51 -23.88 15.98
N ALA M 135 -11.76 -22.92 16.55
CA ALA M 135 -12.14 -21.51 16.58
C ALA M 135 -12.27 -20.95 15.16
N VAL N 1 -31.02 4.95 78.72
CA VAL N 1 -30.51 6.31 78.28
C VAL N 1 -29.27 6.21 77.38
N SER N 2 -28.13 5.71 77.88
CA SER N 2 -26.83 5.88 77.22
C SER N 2 -26.69 5.32 75.79
N PRO N 3 -27.30 4.20 75.34
CA PRO N 3 -27.19 3.76 73.94
C PRO N 3 -27.73 4.74 72.90
N ILE N 4 -28.75 5.54 73.25
CA ILE N 4 -29.30 6.55 72.34
C ILE N 4 -28.34 7.74 72.24
N ILE N 5 -27.79 8.19 73.37
CA ILE N 5 -26.84 9.30 73.40
C ILE N 5 -25.56 8.96 72.63
N ALA N 6 -25.03 7.76 72.81
CA ALA N 6 -23.90 7.26 72.02
C ALA N 6 -24.19 7.28 70.52
N THR N 7 -25.43 6.97 70.11
CA THR N 7 -25.84 6.99 68.71
C THR N 7 -25.83 8.40 68.15
N ILE N 8 -26.31 9.40 68.91
CA ILE N 8 -26.32 10.80 68.50
C ILE N 8 -24.89 11.32 68.29
N LEU N 9 -23.95 10.95 69.17
CA LEU N 9 -22.55 11.32 69.01
C LEU N 9 -21.94 10.74 67.72
N LEU N 10 -22.24 9.47 67.40
CA LEU N 10 -21.71 8.83 66.20
C LEU N 10 -22.27 9.44 64.91
N ILE N 11 -23.50 9.97 64.92
CA ILE N 11 -24.04 10.68 63.76
C ILE N 11 -23.27 11.99 63.55
N ALA N 12 -23.04 12.75 64.63
CA ALA N 12 -22.26 13.97 64.56
C ALA N 12 -20.85 13.75 63.98
N ILE N 13 -20.15 12.69 64.42
CA ILE N 13 -18.83 12.33 63.89
C ILE N 13 -18.91 11.96 62.40
N THR N 14 -19.96 11.23 61.99
CA THR N 14 -20.12 10.75 60.62
C THR N 14 -20.18 11.91 59.62
N VAL N 15 -20.91 12.97 59.96
CA VAL N 15 -21.05 14.14 59.09
C VAL N 15 -19.71 14.83 58.84
N VAL N 16 -18.83 14.93 59.86
CA VAL N 16 -17.53 15.57 59.70
C VAL N 16 -16.59 14.74 58.81
N LEU N 17 -16.68 13.40 58.89
CA LEU N 17 -15.91 12.53 58.00
C LEU N 17 -16.36 12.70 56.55
N ALA N 18 -17.68 12.72 56.30
CA ALA N 18 -18.21 12.91 54.96
C ALA N 18 -17.79 14.27 54.38
N ALA N 19 -17.88 15.34 55.19
CA ALA N 19 -17.42 16.66 54.78
C ALA N 19 -15.91 16.68 54.48
N THR N 20 -15.11 15.91 55.23
CA THR N 20 -13.68 15.78 54.97
C THR N 20 -13.43 15.10 53.63
N LEU N 21 -14.10 13.96 53.37
CA LEU N 21 -13.97 13.22 52.12
C LEU N 21 -14.27 14.09 50.90
N VAL N 22 -15.33 14.92 50.94
CA VAL N 22 -15.68 15.82 49.86
C VAL N 22 -14.52 16.75 49.49
N THR N 23 -13.74 17.23 50.46
CA THR N 23 -12.59 18.09 50.14
C THR N 23 -11.41 17.32 49.57
N ILE N 24 -11.27 16.03 49.88
CA ILE N 24 -10.25 15.18 49.25
C ILE N 24 -10.57 14.99 47.76
N LEU N 25 -11.83 14.73 47.42
CA LEU N 25 -12.22 14.44 46.04
C LEU N 25 -11.98 15.63 45.12
N GLY N 26 -12.12 16.87 45.65
CA GLY N 26 -11.93 18.08 44.88
C GLY N 26 -10.54 18.22 44.23
N GLY N 27 -9.54 17.49 44.72
CA GLY N 27 -8.21 17.48 44.13
C GLY N 27 -8.08 16.63 42.85
N PHE N 28 -9.11 15.81 42.55
CA PHE N 28 -9.12 14.94 41.37
C PHE N 28 -9.99 15.53 40.26
N THR N 29 -11.12 16.15 40.63
CA THR N 29 -12.19 16.51 39.70
C THR N 29 -11.97 17.89 39.07
N HIS N 30 -10.74 18.21 38.64
CA HIS N 30 -10.44 19.45 37.92
C HIS N 30 -9.23 19.30 37.00
N GLY N 31 -9.12 20.18 35.99
CA GLY N 31 -7.95 20.31 35.14
C GLY N 31 -7.78 19.20 34.11
N VAL N 32 -8.88 18.48 33.77
CA VAL N 32 -8.89 17.51 32.68
C VAL N 32 -9.70 18.07 31.51
N SER N 33 -9.08 18.12 30.32
CA SER N 33 -9.67 18.70 29.12
C SER N 33 -8.97 18.17 27.86
N ASN N 34 -9.65 18.33 26.71
CA ASN N 34 -9.16 17.85 25.42
C ASN N 34 -8.21 18.90 24.81
N THR N 35 -6.89 18.67 24.93
CA THR N 35 -5.87 19.63 24.50
C THR N 35 -5.15 19.22 23.21
N VAL N 36 -5.56 18.11 22.58
CA VAL N 36 -4.89 17.59 21.39
C VAL N 36 -5.21 18.46 20.16
N GLU N 37 -4.16 18.79 19.38
CA GLU N 37 -4.25 19.56 18.14
C GLU N 37 -3.25 18.95 17.15
N THR N 38 -3.47 19.09 15.83
CA THR N 38 -2.62 18.44 14.83
C THR N 38 -2.72 19.24 13.54
N ALA N 39 -1.58 19.63 12.97
CA ALA N 39 -1.60 20.49 11.79
C ALA N 39 -0.57 20.03 10.75
N GLY N 40 -0.93 20.17 9.47
CA GLY N 40 0.01 20.09 8.37
C GLY N 40 0.71 21.43 8.21
N VAL N 41 2.01 21.48 8.54
CA VAL N 41 2.80 22.70 8.52
C VAL N 41 4.07 22.44 7.71
N THR N 42 4.45 23.42 6.87
CA THR N 42 5.73 23.39 6.16
C THR N 42 6.46 24.71 6.39
N SER N 43 7.79 24.68 6.33
CA SER N 43 8.57 25.84 6.68
C SER N 43 9.90 25.92 5.93
N HIS N 44 10.38 27.16 5.71
CA HIS N 44 11.65 27.45 5.06
C HIS N 44 12.37 28.56 5.84
N ILE N 45 13.69 28.39 6.04
CA ILE N 45 14.48 29.29 6.88
C ILE N 45 15.58 29.95 6.05
N THR N 46 15.79 31.25 6.27
CA THR N 46 16.78 32.07 5.58
C THR N 46 17.51 32.95 6.60
N SER N 47 18.58 33.64 6.18
CA SER N 47 19.36 34.54 7.03
C SER N 47 18.57 35.72 7.61
N LYS N 48 17.33 35.96 7.14
CA LYS N 48 16.52 37.11 7.54
C LYS N 48 15.09 36.75 7.96
N TYR N 49 14.53 35.66 7.40
CA TYR N 49 13.13 35.31 7.60
C TYR N 49 12.93 33.81 7.80
N ILE N 50 11.93 33.47 8.61
CA ILE N 50 11.32 32.15 8.63
C ILE N 50 9.95 32.28 7.97
N PHE N 51 9.66 31.39 7.02
CA PHE N 51 8.35 31.30 6.38
C PHE N 51 7.61 30.07 6.91
N ILE N 52 6.33 30.22 7.26
CA ILE N 52 5.52 29.13 7.79
C ILE N 52 4.19 29.07 7.05
N ASN N 53 3.91 27.94 6.44
CA ASN N 53 2.72 27.82 5.62
C ASN N 53 1.92 26.64 6.11
N VAL N 54 0.62 26.85 6.39
CA VAL N 54 -0.25 25.83 6.97
C VAL N 54 -1.18 25.26 5.91
N SER N 55 -1.29 23.93 5.83
CA SER N 55 -2.07 23.25 4.79
C SER N 55 -3.41 22.71 5.31
N SER N 56 -3.45 22.33 6.60
CA SER N 56 -4.65 21.85 7.29
C SER N 56 -4.42 21.86 8.81
N SER N 57 -5.52 21.84 9.59
CA SER N 57 -5.43 21.71 11.04
C SER N 57 -6.66 20.97 11.59
N SER N 58 -6.51 20.38 12.78
CA SER N 58 -7.57 19.61 13.43
C SER N 58 -8.73 20.53 13.85
N SER N 59 -8.41 21.77 14.24
CA SER N 59 -9.39 22.79 14.60
C SER N 59 -8.89 24.18 14.18
N ALA N 60 -9.80 25.15 14.10
CA ALA N 60 -9.46 26.54 13.83
C ALA N 60 -9.17 27.27 15.14
N ILE N 61 -7.95 27.84 15.28
CA ILE N 61 -7.50 28.45 16.53
C ILE N 61 -6.88 29.82 16.28
N SER N 62 -6.92 30.70 17.29
CA SER N 62 -6.37 32.05 17.16
C SER N 62 -4.84 32.02 17.09
N ALA N 63 -4.25 32.84 16.22
CA ALA N 63 -2.80 32.96 16.13
C ALA N 63 -2.16 33.56 17.41
N SER N 64 -2.96 34.19 18.28
CA SER N 64 -2.49 34.69 19.57
C SER N 64 -2.39 33.59 20.63
N SER N 65 -3.07 32.44 20.43
CA SER N 65 -3.06 31.31 21.36
C SER N 65 -1.84 30.39 21.18
N ILE N 66 -1.05 30.60 20.12
CA ILE N 66 0.11 29.77 19.79
C ILE N 66 1.37 30.50 20.22
N THR N 67 2.26 29.78 20.90
CA THR N 67 3.54 30.31 21.37
C THR N 67 4.65 29.74 20.49
N ILE N 68 5.63 30.58 20.09
CA ILE N 68 6.75 30.15 19.28
C ILE N 68 8.06 30.33 20.06
N THR N 69 8.96 29.32 19.99
CA THR N 69 10.28 29.38 20.61
C THR N 69 11.36 29.06 19.57
N ILE N 70 12.56 29.66 19.74
CA ILE N 70 13.60 29.62 18.73
C ILE N 70 14.97 29.38 19.37
N THR N 71 15.88 28.75 18.61
CA THR N 71 17.27 28.55 19.02
C THR N 71 18.20 28.78 17.83
N GLY N 72 19.41 29.25 18.11
CA GLY N 72 20.41 29.54 17.08
C GLY N 72 20.22 30.90 16.38
N ALA N 73 19.24 31.70 16.84
CA ALA N 73 18.85 32.98 16.25
C ALA N 73 18.10 33.83 17.29
N SER N 74 17.53 34.96 16.83
CA SER N 74 16.74 35.86 17.67
C SER N 74 15.65 36.55 16.84
N PHE N 75 14.51 36.90 17.46
CA PHE N 75 13.45 37.62 16.76
C PHE N 75 13.76 39.10 16.65
N LYS N 76 13.36 39.73 15.52
CA LYS N 76 13.47 41.18 15.36
C LYS N 76 12.39 41.95 16.14
N VAL N 77 11.30 41.26 16.52
CA VAL N 77 10.23 41.83 17.35
C VAL N 77 10.41 41.32 18.78
N THR N 78 10.37 42.23 19.76
CA THR N 78 10.87 41.95 21.11
C THR N 78 9.81 41.96 22.21
N SER N 79 8.54 42.24 21.87
CA SER N 79 7.46 42.43 22.85
C SER N 79 7.06 41.14 23.58
N GLY N 80 7.28 39.98 22.95
CA GLY N 80 6.79 38.71 23.46
C GLY N 80 7.03 37.57 22.46
N ASP N 81 6.20 36.51 22.55
CA ASP N 81 6.52 35.23 21.92
C ASP N 81 5.27 34.49 21.41
N THR N 82 4.12 35.16 21.31
CA THR N 82 3.00 34.56 20.59
C THR N 82 3.22 34.66 19.09
N LEU N 83 2.64 33.73 18.32
CA LEU N 83 2.86 33.70 16.88
C LEU N 83 2.33 34.97 16.21
N ALA N 84 1.12 35.41 16.58
CA ALA N 84 0.51 36.63 16.06
C ALA N 84 1.41 37.85 16.27
N GLU N 85 2.04 37.92 17.44
CA GLU N 85 2.84 39.04 17.89
C GLU N 85 4.16 39.16 17.11
N VAL N 86 4.95 38.07 17.05
CA VAL N 86 6.25 38.12 16.38
C VAL N 86 6.12 38.20 14.85
N ALA N 87 5.02 37.69 14.29
CA ALA N 87 4.74 37.73 12.86
C ALA N 87 4.09 39.03 12.41
N GLY N 88 3.69 39.92 13.34
CA GLY N 88 3.09 41.21 13.00
C GLY N 88 1.67 41.10 12.45
N VAL N 89 0.89 40.15 12.99
CA VAL N 89 -0.49 39.89 12.58
C VAL N 89 -1.42 40.94 13.19
N SER N 90 -2.02 41.79 12.33
CA SER N 90 -3.10 42.68 12.71
C SER N 90 -4.42 41.90 12.87
N SER N 91 -5.36 42.43 13.66
CA SER N 91 -6.63 41.78 13.97
C SER N 91 -7.54 41.59 12.74
N THR N 92 -7.34 42.42 11.70
CA THR N 92 -8.06 42.37 10.44
C THR N 92 -7.43 41.41 9.43
N SER N 93 -6.19 40.96 9.67
CA SER N 93 -5.43 40.13 8.74
C SER N 93 -6.05 38.75 8.54
N SER N 94 -5.96 38.22 7.31
CA SER N 94 -6.44 36.88 6.99
C SER N 94 -5.78 35.84 7.88
N ASN N 95 -4.50 36.07 8.22
CA ASN N 95 -3.66 35.15 8.97
C ASN N 95 -3.88 35.26 10.48
N ALA N 96 -4.97 35.90 10.92
CA ALA N 96 -5.34 35.96 12.33
C ALA N 96 -5.80 34.61 12.89
N THR N 97 -6.21 33.68 12.00
CA THR N 97 -6.63 32.34 12.38
C THR N 97 -5.68 31.30 11.79
N PHE N 98 -5.28 30.32 12.61
CA PHE N 98 -4.41 29.23 12.22
C PHE N 98 -5.25 28.07 11.68
N THR N 99 -5.22 27.90 10.35
CA THR N 99 -5.98 26.93 9.57
C THR N 99 -5.28 26.73 8.22
N GLY N 100 -5.69 25.72 7.44
CA GLY N 100 -5.21 25.59 6.07
C GLY N 100 -5.41 26.89 5.28
N GLY N 101 -4.38 27.31 4.54
CA GLY N 101 -4.42 28.54 3.76
C GLY N 101 -3.84 29.76 4.47
N SER N 102 -3.42 29.64 5.74
CA SER N 102 -2.77 30.72 6.46
C SER N 102 -1.25 30.64 6.33
N ASP N 103 -0.61 31.77 5.97
CA ASP N 103 0.84 31.88 5.81
C ASP N 103 1.39 33.00 6.71
N TYR N 104 2.59 32.78 7.27
CA TYR N 104 3.24 33.72 8.18
C TYR N 104 4.70 33.94 7.79
N THR N 105 5.20 35.18 7.98
CA THR N 105 6.60 35.52 7.82
C THR N 105 7.13 36.10 9.13
N VAL N 106 8.18 35.48 9.70
CA VAL N 106 8.77 35.94 10.95
C VAL N 106 10.16 36.49 10.67
N PRO N 107 10.45 37.78 10.99
CA PRO N 107 11.78 38.35 10.80
C PRO N 107 12.73 38.04 11.95
N ILE N 108 13.97 37.65 11.60
CA ILE N 108 14.97 37.18 12.56
C ILE N 108 16.34 37.79 12.31
N SER N 109 17.21 37.71 13.32
CA SER N 109 18.57 38.23 13.31
C SER N 109 19.55 37.20 13.88
N LEU N 110 20.74 37.11 13.24
CA LEU N 110 21.82 36.20 13.63
C LEU N 110 23.06 36.98 14.11
N SER N 111 23.77 36.44 15.11
CA SER N 111 25.06 36.96 15.56
C SER N 111 26.18 36.66 14.55
N SER N 112 27.41 37.13 14.85
CA SER N 112 28.61 36.86 14.06
C SER N 112 28.99 35.37 14.03
N SER N 113 28.60 34.61 15.07
CA SER N 113 28.91 33.19 15.21
C SER N 113 27.78 32.27 14.74
N GLN N 114 26.53 32.77 14.73
CA GLN N 114 25.37 32.01 14.30
C GLN N 114 25.30 31.87 12.78
N THR N 115 24.69 30.76 12.31
CA THR N 115 24.54 30.44 10.89
C THR N 115 23.19 29.79 10.63
N VAL N 116 22.71 29.85 9.38
CA VAL N 116 21.37 29.38 9.00
C VAL N 116 21.18 27.90 9.32
N ALA N 117 22.21 27.08 9.11
CA ALA N 117 22.18 25.64 9.38
C ALA N 117 21.96 25.31 10.87
N GLY N 118 22.19 26.28 11.77
CA GLY N 118 22.04 26.07 13.21
C GLY N 118 20.66 26.46 13.76
N VAL N 119 19.82 27.14 12.97
CA VAL N 119 18.54 27.67 13.43
C VAL N 119 17.45 26.58 13.47
N SER N 120 16.63 26.58 14.54
CA SER N 120 15.42 25.76 14.61
C SER N 120 14.39 26.38 15.55
N PHE N 121 13.12 25.97 15.40
CA PHE N 121 12.01 26.55 16.15
C PHE N 121 10.89 25.53 16.39
N GLU N 122 9.99 25.87 17.33
CA GLU N 122 8.85 25.03 17.69
C GLU N 122 7.60 25.87 17.91
N LEU N 123 6.42 25.28 17.62
CA LEU N 123 5.12 25.89 17.93
C LEU N 123 4.45 25.09 19.04
N ILE N 124 3.94 25.80 20.05
CA ILE N 124 3.33 25.20 21.23
C ILE N 124 1.92 25.74 21.39
N TYR N 125 0.97 24.83 21.68
CA TYR N 125 -0.42 25.18 21.94
C TYR N 125 -0.93 24.38 23.13
N LYS N 126 -1.53 25.06 24.12
CA LYS N 126 -2.03 24.48 25.37
C LYS N 126 -1.02 23.52 26.04
N GLY N 127 0.28 23.86 25.98
CA GLY N 127 1.33 23.09 26.63
C GLY N 127 1.80 21.85 25.88
N ASN N 128 1.31 21.60 24.66
CA ASN N 128 1.76 20.53 23.78
C ASN N 128 2.55 21.11 22.60
N VAL N 129 3.65 20.46 22.20
CA VAL N 129 4.36 20.84 20.99
C VAL N 129 3.60 20.35 19.77
N ILE N 130 3.18 21.26 18.87
CA ILE N 130 2.41 20.89 17.67
C ILE N 130 3.24 20.88 16.39
N TYR N 131 4.42 21.52 16.40
CA TYR N 131 5.37 21.48 15.29
C TYR N 131 6.79 21.71 15.81
N ASN N 132 7.78 21.09 15.16
CA ASN N 132 9.18 21.24 15.50
C ASN N 132 10.01 21.14 14.22
N SER N 133 10.69 22.22 13.83
CA SER N 133 11.39 22.30 12.56
C SER N 133 12.55 21.31 12.45
N ALA N 134 13.08 20.85 13.59
CA ALA N 134 14.22 19.94 13.66
C ALA N 134 13.83 18.45 13.74
N ALA N 135 12.52 18.13 13.61
CA ALA N 135 12.03 16.76 13.64
C ALA N 135 12.64 15.94 12.49
N VAL O 1 -22.70 3.12 76.15
CA VAL O 1 -21.37 2.42 76.02
C VAL O 1 -21.27 1.59 74.73
N SER O 2 -22.09 0.53 74.55
CA SER O 2 -21.85 -0.50 73.54
C SER O 2 -21.78 -0.04 72.06
N PRO O 3 -22.53 0.97 71.55
CA PRO O 3 -22.38 1.42 70.17
C PRO O 3 -21.00 1.96 69.80
N ILE O 4 -20.28 2.55 70.75
CA ILE O 4 -18.93 3.05 70.51
C ILE O 4 -17.93 1.88 70.45
N ILE O 5 -18.06 0.90 71.35
CA ILE O 5 -17.20 -0.28 71.37
C ILE O 5 -17.36 -1.11 70.10
N ALA O 6 -18.61 -1.32 69.66
CA ALA O 6 -18.89 -1.97 68.38
C ALA O 6 -18.23 -1.25 67.19
N THR O 7 -18.17 0.09 67.23
CA THR O 7 -17.54 0.88 66.18
C THR O 7 -16.03 0.66 66.15
N ILE O 8 -15.38 0.58 67.32
CA ILE O 8 -13.94 0.33 67.43
C ILE O 8 -13.57 -1.04 66.88
N LEU O 9 -14.39 -2.07 67.14
CA LEU O 9 -14.19 -3.41 66.58
C LEU O 9 -14.28 -3.41 65.05
N LEU O 10 -15.25 -2.69 64.47
CA LEU O 10 -15.42 -2.61 63.03
C LEU O 10 -14.27 -1.89 62.32
N ILE O 11 -13.63 -0.92 62.98
CA ILE O 11 -12.44 -0.27 62.43
C ILE O 11 -11.28 -1.26 62.38
N ALA O 12 -11.05 -2.02 63.47
CA ALA O 12 -10.02 -3.05 63.51
C ALA O 12 -10.20 -4.09 62.39
N ILE O 13 -11.43 -4.57 62.14
CA ILE O 13 -11.71 -5.50 61.05
C ILE O 13 -11.44 -4.88 59.68
N THR O 14 -11.78 -3.59 59.50
CA THR O 14 -11.63 -2.90 58.22
C THR O 14 -10.18 -2.86 57.76
N VAL O 15 -9.25 -2.59 58.69
CA VAL O 15 -7.83 -2.52 58.38
C VAL O 15 -7.30 -3.86 57.87
N VAL O 16 -7.73 -4.99 58.44
CA VAL O 16 -7.27 -6.30 58.01
C VAL O 16 -7.80 -6.66 56.61
N LEU O 17 -9.01 -6.24 56.26
CA LEU O 17 -9.55 -6.43 54.92
C LEU O 17 -8.76 -5.62 53.89
N ALA O 18 -8.45 -4.35 54.20
CA ALA O 18 -7.66 -3.51 53.31
C ALA O 18 -6.26 -4.09 53.09
N ALA O 19 -5.61 -4.55 54.17
CA ALA O 19 -4.31 -5.21 54.08
C ALA O 19 -4.38 -6.50 53.24
N THR O 20 -5.49 -7.25 53.33
CA THR O 20 -5.70 -8.44 52.50
C THR O 20 -5.81 -8.07 51.02
N LEU O 21 -6.65 -7.07 50.69
CA LEU O 21 -6.83 -6.60 49.33
C LEU O 21 -5.50 -6.20 48.68
N VAL O 22 -4.63 -5.47 49.39
CA VAL O 22 -3.32 -5.07 48.89
C VAL O 22 -2.48 -6.27 48.43
N THR O 23 -2.55 -7.41 49.11
CA THR O 23 -1.81 -8.59 48.68
C THR O 23 -2.43 -9.28 47.47
N ILE O 24 -3.76 -9.15 47.26
CA ILE O 24 -4.40 -9.66 46.05
C ILE O 24 -3.93 -8.86 44.83
N LEU O 25 -3.85 -7.52 44.94
CA LEU O 25 -3.50 -6.67 43.80
C LEU O 25 -2.08 -6.95 43.31
N GLY O 26 -1.16 -7.32 44.22
CA GLY O 26 0.23 -7.60 43.88
C GLY O 26 0.43 -8.71 42.83
N GLY O 27 -0.58 -9.57 42.62
CA GLY O 27 -0.54 -10.59 41.59
C GLY O 27 -0.80 -10.09 40.17
N PHE O 28 -1.27 -8.84 40.03
CA PHE O 28 -1.59 -8.23 38.75
C PHE O 28 -0.49 -7.26 38.32
N THR O 29 0.08 -6.51 39.27
CA THR O 29 0.94 -5.36 39.00
C THR O 29 2.41 -5.74 38.83
N HIS O 30 2.70 -6.83 38.08
CA HIS O 30 4.07 -7.23 37.76
C HIS O 30 4.13 -8.02 36.44
N GLY O 31 5.33 -8.04 35.82
CA GLY O 31 5.61 -8.90 34.68
C GLY O 31 5.01 -8.41 33.35
N VAL O 32 4.66 -7.12 33.25
CA VAL O 32 4.23 -6.50 32.00
C VAL O 32 5.32 -5.56 31.50
N SER O 33 5.76 -5.78 30.24
CA SER O 33 6.86 -5.04 29.62
C SER O 33 6.80 -5.14 28.10
N ASN O 34 7.49 -4.21 27.42
CA ASN O 34 7.52 -4.13 25.98
C ASN O 34 8.58 -5.10 25.41
N THR O 35 8.13 -6.27 24.92
CA THR O 35 9.04 -7.33 24.47
C THR O 35 9.09 -7.49 22.95
N VAL O 36 8.42 -6.61 22.19
CA VAL O 36 8.33 -6.70 20.74
C VAL O 36 9.65 -6.29 20.09
N GLU O 37 10.11 -7.09 19.12
CA GLU O 37 11.33 -6.85 18.33
C GLU O 37 11.03 -7.29 16.89
N THR O 38 11.73 -6.73 15.90
CA THR O 38 11.44 -7.02 14.49
C THR O 38 12.69 -6.76 13.68
N ALA O 39 13.12 -7.73 12.86
CA ALA O 39 14.37 -7.60 12.13
C ALA O 39 14.24 -8.08 10.69
N GLY O 40 14.94 -7.41 9.78
CA GLY O 40 15.18 -7.91 8.43
C GLY O 40 16.36 -8.87 8.46
N VAL O 41 16.08 -10.16 8.26
CA VAL O 41 17.10 -11.21 8.33
C VAL O 41 17.02 -12.05 7.07
N THR O 42 18.18 -12.42 6.51
CA THR O 42 18.27 -13.35 5.40
C THR O 42 19.26 -14.46 5.75
N SER O 43 19.08 -15.65 5.16
CA SER O 43 19.88 -16.80 5.55
C SER O 43 20.07 -17.79 4.41
N HIS O 44 21.20 -18.52 4.45
CA HIS O 44 21.56 -19.56 3.49
C HIS O 44 22.13 -20.76 4.25
N ILE O 45 21.71 -21.98 3.85
CA ILE O 45 22.07 -23.20 4.56
C ILE O 45 22.85 -24.13 3.63
N THR O 46 23.91 -24.75 4.17
CA THR O 46 24.79 -25.68 3.45
C THR O 46 25.07 -26.88 4.35
N SER O 47 25.72 -27.92 3.79
CA SER O 47 26.07 -29.14 4.52
C SER O 47 27.02 -28.93 5.70
N LYS O 48 27.60 -27.72 5.86
CA LYS O 48 28.59 -27.43 6.89
C LYS O 48 28.29 -26.15 7.69
N TYR O 49 27.62 -25.17 7.07
CA TYR O 49 27.41 -23.86 7.67
C TYR O 49 26.00 -23.31 7.42
N ILE O 50 25.51 -22.55 8.41
CA ILE O 50 24.40 -21.64 8.23
C ILE O 50 24.97 -20.22 8.23
N PHE O 51 24.60 -19.41 7.23
CA PHE O 51 24.95 -18.01 7.16
C PHE O 51 23.73 -17.16 7.50
N ILE O 52 23.91 -16.13 8.34
CA ILE O 52 22.82 -15.26 8.77
C ILE O 52 23.26 -13.81 8.62
N ASN O 53 22.51 -13.04 7.82
CA ASN O 53 22.91 -11.67 7.54
C ASN O 53 21.75 -10.76 7.89
N VAL O 54 22.01 -9.73 8.71
CA VAL O 54 20.97 -8.84 9.21
C VAL O 54 21.03 -7.50 8.47
N SER O 55 19.86 -7.01 8.00
CA SER O 55 19.78 -5.79 7.20
C SER O 55 19.27 -4.58 8.00
N SER O 56 18.41 -4.83 8.99
CA SER O 56 17.86 -3.82 9.89
C SER O 56 17.22 -4.48 11.11
N SER O 57 17.03 -3.72 12.20
CA SER O 57 16.32 -4.21 13.38
C SER O 57 15.59 -3.06 14.08
N SER O 58 14.56 -3.39 14.86
CA SER O 58 13.74 -2.41 15.58
C SER O 58 14.56 -1.74 16.70
N SER O 59 15.47 -2.50 17.32
CA SER O 59 16.39 -1.99 18.33
C SER O 59 17.75 -2.70 18.23
N ALA O 60 18.78 -2.12 18.84
CA ALA O 60 20.11 -2.73 18.93
C ALA O 60 20.20 -3.60 20.18
N ILE O 61 20.48 -4.90 20.02
CA ILE O 61 20.46 -5.87 21.11
C ILE O 61 21.72 -6.74 21.10
N SER O 62 22.12 -7.26 22.28
CA SER O 62 23.31 -8.08 22.39
C SER O 62 23.09 -9.46 21.74
N ALA O 63 24.10 -9.96 21.02
CA ALA O 63 24.05 -11.29 20.43
C ALA O 63 23.98 -12.41 21.47
N SER O 64 24.31 -12.13 22.74
CA SER O 64 24.18 -13.09 23.83
C SER O 64 22.73 -13.19 24.35
N SER O 65 21.88 -12.20 24.06
CA SER O 65 20.47 -12.18 24.49
C SER O 65 19.54 -12.98 23.56
N ILE O 66 20.06 -13.44 22.42
CA ILE O 66 19.29 -14.16 21.41
C ILE O 66 19.59 -15.65 21.52
N THR O 67 18.54 -16.47 21.54
CA THR O 67 18.65 -17.92 21.62
C THR O 67 18.34 -18.51 20.24
N ILE O 68 19.12 -19.50 19.79
CA ILE O 68 18.91 -20.17 18.52
C ILE O 68 18.56 -21.64 18.74
N THR O 69 17.55 -22.16 18.00
CA THR O 69 17.19 -23.57 18.05
C THR O 69 17.17 -24.15 16.63
N ILE O 70 17.47 -25.45 16.51
CA ILE O 70 17.70 -26.10 15.22
C ILE O 70 17.03 -27.47 15.16
N THR O 71 16.63 -27.89 13.95
CA THR O 71 16.10 -29.22 13.70
C THR O 71 16.67 -29.78 12.40
N GLY O 72 16.81 -31.11 12.32
CA GLY O 72 17.35 -31.78 11.14
C GLY O 72 18.88 -31.77 11.06
N ALA O 73 19.55 -31.23 12.09
CA ALA O 73 21.00 -31.06 12.15
C ALA O 73 21.46 -30.93 13.61
N SER O 74 22.74 -30.58 13.81
CA SER O 74 23.32 -30.36 15.13
C SER O 74 24.43 -29.31 15.07
N PHE O 75 24.65 -28.56 16.15
CA PHE O 75 25.74 -27.57 16.20
C PHE O 75 27.09 -28.24 16.46
N LYS O 76 28.16 -27.70 15.85
CA LYS O 76 29.52 -28.15 16.15
C LYS O 76 30.05 -27.62 17.49
N VAL O 77 29.43 -26.55 18.02
CA VAL O 77 29.75 -25.99 19.34
C VAL O 77 28.68 -26.44 20.32
N THR O 78 29.13 -26.96 21.49
CA THR O 78 28.26 -27.75 22.36
C THR O 78 27.96 -27.13 23.73
N SER O 79 28.53 -25.94 24.02
CA SER O 79 28.46 -25.31 25.34
C SER O 79 27.05 -24.80 25.70
N GLY O 80 26.23 -24.48 24.69
CA GLY O 80 24.93 -23.86 24.90
C GLY O 80 24.27 -23.45 23.58
N ASP O 81 23.40 -22.43 23.64
CA ASP O 81 22.46 -22.17 22.56
C ASP O 81 22.17 -20.67 22.35
N THR O 82 22.98 -19.78 22.93
CA THR O 82 22.87 -18.37 22.55
C THR O 82 23.55 -18.14 21.21
N LEU O 83 23.10 -17.12 20.46
CA LEU O 83 23.63 -16.87 19.12
C LEU O 83 25.12 -16.54 19.17
N ALA O 84 25.53 -15.67 20.11
CA ALA O 84 26.94 -15.29 20.28
C ALA O 84 27.83 -16.52 20.52
N GLU O 85 27.33 -17.47 21.30
CA GLU O 85 28.05 -18.65 21.74
C GLU O 85 28.27 -19.65 20.60
N VAL O 86 27.21 -20.04 19.89
CA VAL O 86 27.35 -21.04 18.82
C VAL O 86 28.06 -20.48 17.58
N ALA O 87 27.98 -19.16 17.36
CA ALA O 87 28.63 -18.49 16.23
C ALA O 87 30.09 -18.11 16.53
N GLY O 88 30.57 -18.29 17.78
CA GLY O 88 31.95 -17.99 18.15
C GLY O 88 32.26 -16.49 18.18
N VAL O 89 31.31 -15.68 18.64
CA VAL O 89 31.42 -14.23 18.74
C VAL O 89 32.27 -13.86 19.96
N SER O 90 33.46 -13.28 19.72
CA SER O 90 34.25 -12.66 20.78
C SER O 90 33.67 -11.29 21.15
N SER O 91 33.95 -10.82 22.38
CA SER O 91 33.41 -9.58 22.92
C SER O 91 33.88 -8.32 22.16
N THR O 92 35.02 -8.41 21.47
CA THR O 92 35.58 -7.36 20.64
C THR O 92 35.04 -7.37 19.20
N SER O 93 34.36 -8.45 18.78
CA SER O 93 33.89 -8.63 17.41
C SER O 93 32.81 -7.62 17.04
N SER O 94 32.81 -7.18 15.76
CA SER O 94 31.80 -6.27 15.23
C SER O 94 30.40 -6.85 15.41
N ASN O 95 30.30 -8.18 15.29
CA ASN O 95 29.05 -8.93 15.31
C ASN O 95 28.57 -9.21 16.73
N ALA O 96 29.13 -8.53 17.73
CA ALA O 96 28.66 -8.64 19.12
C ALA O 96 27.27 -8.02 19.32
N THR O 97 26.85 -7.12 18.42
CA THR O 97 25.53 -6.47 18.47
C THR O 97 24.71 -6.88 17.25
N PHE O 98 23.43 -7.21 17.49
CA PHE O 98 22.49 -7.59 16.46
C PHE O 98 21.77 -6.34 15.94
N THR O 99 22.16 -5.91 14.72
CA THR O 99 21.70 -4.71 14.03
C THR O 99 21.98 -4.88 12.53
N GLY O 100 21.43 -3.99 11.69
CA GLY O 100 21.81 -3.97 10.27
C GLY O 100 23.33 -3.91 10.11
N GLY O 101 23.87 -4.74 9.20
CA GLY O 101 25.31 -4.80 8.95
C GLY O 101 26.04 -5.89 9.74
N SER O 102 25.35 -6.62 10.62
CA SER O 102 25.95 -7.74 11.35
C SER O 102 25.72 -9.07 10.62
N ASP O 103 26.80 -9.85 10.43
CA ASP O 103 26.76 -11.15 9.77
C ASP O 103 27.33 -12.24 10.69
N TYR O 104 26.74 -13.44 10.63
CA TYR O 104 27.13 -14.56 11.48
C TYR O 104 27.28 -15.84 10.64
N THR O 105 28.25 -16.70 11.02
CA THR O 105 28.42 -18.03 10.45
C THR O 105 28.34 -19.06 11.56
N VAL O 106 27.40 -20.02 11.46
CA VAL O 106 27.23 -21.07 12.46
C VAL O 106 27.65 -22.42 11.85
N PRO O 107 28.64 -23.13 12.44
CA PRO O 107 29.05 -24.44 11.94
C PRO O 107 28.17 -25.58 12.47
N ILE O 108 27.78 -26.49 11.56
CA ILE O 108 26.83 -27.55 11.85
C ILE O 108 27.29 -28.91 11.29
N SER O 109 26.69 -29.98 11.80
CA SER O 109 26.98 -31.37 11.44
C SER O 109 25.68 -32.15 11.21
N LEU O 110 25.69 -33.02 10.18
CA LEU O 110 24.56 -33.87 9.80
C LEU O 110 24.90 -35.35 9.98
N SER O 111 23.91 -36.16 10.39
CA SER O 111 24.01 -37.61 10.46
C SER O 111 23.99 -38.24 9.06
N SER O 112 24.12 -39.59 9.00
CA SER O 112 24.03 -40.38 7.77
C SER O 112 22.65 -40.29 7.10
N SER O 113 21.60 -40.04 7.89
CA SER O 113 20.21 -39.98 7.44
C SER O 113 19.73 -38.54 7.16
N GLN O 114 20.36 -37.54 7.80
CA GLN O 114 20.01 -36.14 7.64
C GLN O 114 20.51 -35.58 6.29
N THR O 115 19.78 -34.58 5.76
CA THR O 115 20.08 -33.92 4.50
C THR O 115 19.78 -32.42 4.59
N VAL O 116 20.41 -31.62 3.71
CA VAL O 116 20.34 -30.16 3.75
C VAL O 116 18.89 -29.67 3.62
N ALA O 117 18.10 -30.32 2.76
CA ALA O 117 16.69 -29.97 2.55
C ALA O 117 15.82 -30.14 3.80
N GLY O 118 16.29 -30.89 4.81
CA GLY O 118 15.56 -31.13 6.04
C GLY O 118 15.86 -30.15 7.17
N VAL O 119 16.92 -29.33 7.03
CA VAL O 119 17.39 -28.45 8.11
C VAL O 119 16.55 -27.17 8.20
N SER O 120 16.23 -26.75 9.44
CA SER O 120 15.63 -25.43 9.69
C SER O 120 15.95 -24.94 11.11
N PHE O 121 15.83 -23.62 11.33
CA PHE O 121 16.20 -23.01 12.60
C PHE O 121 15.35 -21.77 12.92
N GLU O 122 15.39 -21.33 14.19
CA GLU O 122 14.64 -20.17 14.66
C GLU O 122 15.48 -19.33 15.61
N LEU O 123 15.24 -18.01 15.63
CA LEU O 123 15.83 -17.09 16.59
C LEU O 123 14.75 -16.59 17.55
N ILE O 124 15.06 -16.63 18.86
CA ILE O 124 14.12 -16.28 19.90
C ILE O 124 14.74 -15.18 20.77
N TYR O 125 13.93 -14.16 21.09
CA TYR O 125 14.34 -13.06 21.96
C TYR O 125 13.20 -12.74 22.92
N LYS O 126 13.50 -12.68 24.24
CA LYS O 126 12.52 -12.45 25.31
C LYS O 126 11.25 -13.30 25.19
N GLY O 127 11.40 -14.55 24.74
CA GLY O 127 10.30 -15.51 24.64
C GLY O 127 9.41 -15.37 23.41
N ASN O 128 9.76 -14.47 22.46
CA ASN O 128 9.08 -14.32 21.19
C ASN O 128 9.97 -14.84 20.05
N VAL O 129 9.40 -15.55 19.07
CA VAL O 129 10.14 -15.94 17.87
C VAL O 129 10.30 -14.72 16.96
N ILE O 130 11.55 -14.31 16.64
CA ILE O 130 11.81 -13.15 15.79
C ILE O 130 12.20 -13.52 14.36
N TYR O 131 12.62 -14.77 14.12
CA TYR O 131 12.90 -15.29 12.79
C TYR O 131 12.69 -16.80 12.76
N ASN O 132 12.26 -17.33 11.61
CA ASN O 132 12.06 -18.75 11.40
C ASN O 132 12.37 -19.09 9.95
N SER O 133 13.41 -19.90 9.70
CA SER O 133 13.90 -20.17 8.36
C SER O 133 12.89 -20.91 7.49
N ALA O 134 11.94 -21.62 8.13
CA ALA O 134 10.93 -22.43 7.44
C ALA O 134 9.61 -21.68 7.19
N ALA O 135 9.55 -20.36 7.46
CA ALA O 135 8.36 -19.55 7.23
C ALA O 135 8.01 -19.52 5.74
N VAL P 1 -24.47 -3.16 70.10
CA VAL P 1 -25.24 -4.15 69.25
C VAL P 1 -25.49 -3.61 67.82
N SER P 2 -26.27 -2.53 67.63
CA SER P 2 -26.82 -2.15 66.34
C SER P 2 -25.81 -1.89 65.19
N PRO P 3 -24.58 -1.33 65.37
CA PRO P 3 -23.64 -1.16 64.26
C PRO P 3 -23.19 -2.46 63.58
N ILE P 4 -23.15 -3.58 64.33
CA ILE P 4 -22.79 -4.87 63.75
C ILE P 4 -23.95 -5.44 62.94
N ILE P 5 -25.18 -5.32 63.44
CA ILE P 5 -26.37 -5.79 62.74
C ILE P 5 -26.59 -5.01 61.43
N ALA P 6 -26.42 -3.69 61.47
CA ALA P 6 -26.46 -2.86 60.26
C ALA P 6 -25.42 -3.31 59.22
N THR P 7 -24.23 -3.75 59.67
CA THR P 7 -23.18 -4.22 58.78
C THR P 7 -23.58 -5.54 58.09
N ILE P 8 -24.21 -6.45 58.83
CA ILE P 8 -24.68 -7.73 58.28
C ILE P 8 -25.75 -7.51 57.21
N LEU P 9 -26.67 -6.56 57.42
CA LEU P 9 -27.68 -6.21 56.43
C LEU P 9 -27.05 -5.66 55.14
N LEU P 10 -26.03 -4.79 55.25
CA LEU P 10 -25.35 -4.22 54.09
C LEU P 10 -24.57 -5.26 53.28
N ILE P 11 -24.05 -6.31 53.91
CA ILE P 11 -23.40 -7.40 53.19
C ILE P 11 -24.44 -8.18 52.37
N ALA P 12 -25.58 -8.50 52.97
CA ALA P 12 -26.68 -9.16 52.27
C ALA P 12 -27.15 -8.38 51.04
N ILE P 13 -27.30 -7.05 51.15
CA ILE P 13 -27.67 -6.19 50.01
C ILE P 13 -26.59 -6.21 48.93
N THR P 14 -25.31 -6.18 49.32
CA THR P 14 -24.18 -6.13 48.39
C THR P 14 -24.17 -7.33 47.45
N VAL P 15 -24.43 -8.53 47.97
CA VAL P 15 -24.43 -9.75 47.18
C VAL P 15 -25.51 -9.71 46.09
N VAL P 16 -26.70 -9.17 46.37
CA VAL P 16 -27.78 -9.09 45.39
C VAL P 16 -27.46 -8.10 44.28
N LEU P 17 -26.77 -7.00 44.60
CA LEU P 17 -26.33 -6.05 43.58
C LEU P 17 -25.29 -6.68 42.66
N ALA P 18 -24.30 -7.40 43.21
CA ALA P 18 -23.29 -8.09 42.42
C ALA P 18 -23.93 -9.14 41.51
N ALA P 19 -24.87 -9.93 42.02
CA ALA P 19 -25.62 -10.90 41.23
C ALA P 19 -26.42 -10.23 40.12
N THR P 20 -26.98 -9.03 40.37
CA THR P 20 -27.70 -8.27 39.36
C THR P 20 -26.75 -7.82 38.24
N LEU P 21 -25.59 -7.24 38.61
CA LEU P 21 -24.59 -6.78 37.65
C LEU P 21 -24.15 -7.91 36.71
N VAL P 22 -23.89 -9.12 37.22
CA VAL P 22 -23.51 -10.27 36.41
C VAL P 22 -24.53 -10.55 35.30
N THR P 23 -25.84 -10.39 35.55
CA THR P 23 -26.82 -10.60 34.51
C THR P 23 -26.87 -9.47 33.47
N ILE P 24 -26.49 -8.25 33.85
CA ILE P 24 -26.36 -7.15 32.90
C ILE P 24 -25.21 -7.44 31.91
N LEU P 25 -24.06 -7.90 32.41
CA LEU P 25 -22.89 -8.12 31.58
C LEU P 25 -23.13 -9.19 30.52
N GLY P 26 -23.96 -10.20 30.82
CA GLY P 26 -24.27 -11.28 29.89
C GLY P 26 -24.88 -10.83 28.57
N GLY P 27 -25.42 -9.61 28.48
CA GLY P 27 -25.94 -9.05 27.25
C GLY P 27 -24.87 -8.52 26.29
N PHE P 28 -23.62 -8.39 26.76
CA PHE P 28 -22.50 -7.90 25.97
C PHE P 28 -21.60 -9.03 25.50
N THR P 29 -21.40 -10.05 26.34
CA THR P 29 -20.37 -11.07 26.15
C THR P 29 -20.86 -12.25 25.30
N HIS P 30 -21.58 -11.98 24.20
CA HIS P 30 -22.00 -13.02 23.26
C HIS P 30 -22.18 -12.48 21.84
N GLY P 31 -22.12 -13.37 20.84
CA GLY P 31 -22.47 -13.05 19.46
C GLY P 31 -21.41 -12.22 18.71
N VAL P 32 -20.15 -12.23 19.18
CA VAL P 32 -19.03 -11.62 18.48
C VAL P 32 -18.11 -12.73 17.92
N SER P 33 -17.87 -12.68 16.60
CA SER P 33 -17.09 -13.69 15.89
C SER P 33 -16.56 -13.13 14.57
N ASN P 34 -15.54 -13.82 14.02
CA ASN P 34 -14.89 -13.41 12.79
C ASN P 34 -15.67 -13.94 11.58
N THR P 35 -16.48 -13.08 10.94
CA THR P 35 -17.37 -13.47 9.85
C THR P 35 -16.91 -13.03 8.46
N VAL P 36 -15.72 -12.42 8.36
CA VAL P 36 -15.20 -11.88 7.11
C VAL P 36 -14.74 -13.00 6.17
N GLU P 37 -15.13 -12.90 4.89
CA GLU P 37 -14.78 -13.84 3.83
C GLU P 37 -14.55 -13.01 2.55
N THR P 38 -13.74 -13.51 1.60
CA THR P 38 -13.39 -12.73 0.42
C THR P 38 -13.00 -13.69 -0.69
N ALA P 39 -13.61 -13.56 -1.88
CA ALA P 39 -13.36 -14.52 -2.95
C ALA P 39 -13.20 -13.82 -4.29
N GLY P 40 -12.31 -14.37 -5.13
CA GLY P 40 -12.26 -14.04 -6.55
C GLY P 40 -13.30 -14.87 -7.30
N VAL P 41 -14.36 -14.20 -7.79
CA VAL P 41 -15.47 -14.84 -8.45
C VAL P 41 -15.71 -14.16 -9.80
N THR P 42 -15.98 -14.95 -10.85
CA THR P 42 -16.40 -14.44 -12.14
C THR P 42 -17.67 -15.14 -12.59
N SER P 43 -18.48 -14.47 -13.41
CA SER P 43 -19.79 -15.00 -13.76
C SER P 43 -20.25 -14.56 -15.15
N HIS P 44 -21.07 -15.39 -15.78
CA HIS P 44 -21.68 -15.14 -17.08
C HIS P 44 -23.16 -15.57 -17.05
N ILE P 45 -24.04 -14.74 -17.63
CA ILE P 45 -25.49 -14.94 -17.56
C ILE P 45 -26.06 -15.12 -18.96
N THR P 46 -26.98 -16.07 -19.12
CA THR P 46 -27.64 -16.41 -20.37
C THR P 46 -29.15 -16.60 -20.11
N SER P 47 -29.95 -16.73 -21.17
CA SER P 47 -31.39 -16.94 -21.09
C SER P 47 -31.81 -18.23 -20.36
N LYS P 48 -30.86 -19.14 -20.05
CA LYS P 48 -31.15 -20.43 -19.44
C LYS P 48 -30.28 -20.76 -18.22
N TYR P 49 -29.05 -20.22 -18.17
CA TYR P 49 -28.07 -20.58 -17.15
C TYR P 49 -27.29 -19.36 -16.64
N ILE P 50 -26.93 -19.42 -15.35
CA ILE P 50 -25.87 -18.60 -14.78
C ILE P 50 -24.67 -19.51 -14.53
N PHE P 51 -23.49 -19.09 -14.99
CA PHE P 51 -22.24 -19.78 -14.72
C PHE P 51 -21.44 -19.00 -13.68
N ILE P 52 -20.87 -19.70 -12.69
CA ILE P 52 -20.10 -19.07 -11.62
C ILE P 52 -18.80 -19.84 -11.44
N ASN P 53 -17.68 -19.13 -11.60
CA ASN P 53 -16.38 -19.78 -11.53
C ASN P 53 -15.54 -19.09 -10.48
N VAL P 54 -14.96 -19.85 -9.55
CA VAL P 54 -14.23 -19.31 -8.42
C VAL P 54 -12.73 -19.48 -8.65
N SER P 55 -11.93 -18.43 -8.45
CA SER P 55 -10.49 -18.45 -8.71
C SER P 55 -9.65 -18.56 -7.43
N SER P 56 -10.16 -18.00 -6.31
CA SER P 56 -9.53 -18.06 -5.00
C SER P 56 -10.54 -17.66 -3.91
N SER P 57 -10.26 -18.04 -2.65
CA SER P 57 -11.08 -17.61 -1.51
C SER P 57 -10.22 -17.48 -0.26
N SER P 58 -10.70 -16.69 0.71
CA SER P 58 -9.99 -16.44 1.96
C SER P 58 -9.95 -17.70 2.83
N SER P 59 -11.01 -18.51 2.76
CA SER P 59 -11.10 -19.80 3.44
C SER P 59 -11.89 -20.81 2.59
N ALA P 60 -11.75 -22.11 2.92
CA ALA P 60 -12.52 -23.16 2.28
C ALA P 60 -13.83 -23.39 3.05
N ILE P 61 -14.98 -23.24 2.37
CA ILE P 61 -16.29 -23.29 3.01
C ILE P 61 -17.26 -24.19 2.23
N SER P 62 -18.24 -24.77 2.92
CA SER P 62 -19.22 -25.66 2.29
C SER P 62 -20.15 -24.88 1.36
N ALA P 63 -20.46 -25.45 0.18
CA ALA P 63 -21.41 -24.85 -0.74
C ALA P 63 -22.84 -24.80 -0.18
N SER P 64 -23.15 -25.57 0.88
CA SER P 64 -24.43 -25.51 1.56
C SER P 64 -24.54 -24.31 2.53
N SER P 65 -23.40 -23.72 2.94
CA SER P 65 -23.37 -22.58 3.85
C SER P 65 -23.58 -21.24 3.15
N ILE P 66 -23.61 -21.22 1.82
CA ILE P 66 -23.74 -20.01 1.01
C ILE P 66 -25.18 -19.91 0.50
N THR P 67 -25.77 -18.73 0.65
CA THR P 67 -27.13 -18.46 0.20
C THR P 67 -27.06 -17.59 -1.05
N ILE P 68 -27.89 -17.90 -2.07
CA ILE P 68 -27.95 -17.13 -3.30
C ILE P 68 -29.32 -16.47 -3.46
N THR P 69 -29.35 -15.19 -3.87
CA THR P 69 -30.58 -14.47 -4.15
C THR P 69 -30.54 -13.86 -5.55
N ILE P 70 -31.71 -13.75 -6.20
CA ILE P 70 -31.80 -13.39 -7.62
C ILE P 70 -32.93 -12.38 -7.86
N THR P 71 -32.76 -11.54 -8.88
CA THR P 71 -33.80 -10.62 -9.33
C THR P 71 -33.84 -10.57 -10.86
N GLY P 72 -35.03 -10.32 -11.41
CA GLY P 72 -35.24 -10.27 -12.86
C GLY P 72 -35.41 -11.64 -13.52
N ALA P 73 -35.44 -12.73 -12.72
CA ALA P 73 -35.51 -14.11 -13.16
C ALA P 73 -36.04 -15.01 -12.03
N SER P 74 -35.98 -16.33 -12.24
CA SER P 74 -36.41 -17.33 -11.25
C SER P 74 -35.58 -18.61 -11.39
N PHE P 75 -35.37 -19.35 -10.30
CA PHE P 75 -34.65 -20.62 -10.35
C PHE P 75 -35.55 -21.75 -10.88
N LYS P 76 -34.96 -22.69 -11.64
CA LYS P 76 -35.67 -23.90 -12.05
C LYS P 76 -35.81 -24.94 -10.93
N VAL P 77 -34.98 -24.82 -9.88
CA VAL P 77 -35.04 -25.67 -8.68
C VAL P 77 -35.72 -24.87 -7.57
N THR P 78 -36.71 -25.48 -6.89
CA THR P 78 -37.66 -24.73 -6.07
C THR P 78 -37.60 -25.06 -4.57
N SER P 79 -36.73 -25.99 -4.15
CA SER P 79 -36.69 -26.50 -2.79
C SER P 79 -36.18 -25.46 -1.76
N GLY P 80 -35.36 -24.49 -2.22
CA GLY P 80 -34.70 -23.55 -1.33
C GLY P 80 -33.71 -22.66 -2.08
N ASP P 81 -32.69 -22.16 -1.36
CA ASP P 81 -31.89 -21.04 -1.84
C ASP P 81 -30.41 -21.13 -1.42
N THR P 82 -29.94 -22.29 -0.94
CA THR P 82 -28.51 -22.46 -0.77
C THR P 82 -27.85 -22.74 -2.11
N LEU P 83 -26.57 -22.39 -2.25
CA LEU P 83 -25.87 -22.53 -3.54
C LEU P 83 -25.79 -24.00 -3.96
N ALA P 84 -25.44 -24.89 -3.02
CA ALA P 84 -25.38 -26.33 -3.28
C ALA P 84 -26.70 -26.89 -3.83
N GLU P 85 -27.80 -26.40 -3.27
CA GLU P 85 -29.16 -26.86 -3.55
C GLU P 85 -29.62 -26.45 -4.95
N VAL P 86 -29.54 -25.16 -5.29
CA VAL P 86 -30.03 -24.68 -6.58
C VAL P 86 -29.12 -25.11 -7.75
N ALA P 87 -27.83 -25.33 -7.47
CA ALA P 87 -26.85 -25.77 -8.47
C ALA P 87 -26.84 -27.30 -8.67
N GLY P 88 -27.57 -28.06 -7.83
CA GLY P 88 -27.64 -29.51 -7.95
C GLY P 88 -26.35 -30.22 -7.55
N VAL P 89 -25.67 -29.71 -6.52
CA VAL P 89 -24.41 -30.25 -6.01
C VAL P 89 -24.69 -31.49 -5.15
N SER P 90 -24.25 -32.67 -5.63
CA SER P 90 -24.22 -33.89 -4.83
C SER P 90 -23.06 -33.85 -3.83
N SER P 91 -23.17 -34.61 -2.73
CA SER P 91 -22.19 -34.63 -1.65
C SER P 91 -20.80 -35.17 -2.07
N THR P 92 -20.77 -35.97 -3.14
CA THR P 92 -19.56 -36.53 -3.74
C THR P 92 -18.90 -35.59 -4.76
N SER P 93 -19.62 -34.55 -5.21
CA SER P 93 -19.17 -33.65 -6.27
C SER P 93 -17.94 -32.83 -5.85
N SER P 94 -17.03 -32.57 -6.80
CA SER P 94 -15.86 -31.74 -6.57
C SER P 94 -16.26 -30.35 -6.07
N ASN P 95 -17.39 -29.85 -6.58
CA ASN P 95 -17.90 -28.52 -6.32
C ASN P 95 -18.66 -28.43 -5.00
N ALA P 96 -18.53 -29.43 -4.12
CA ALA P 96 -19.13 -29.38 -2.79
C ALA P 96 -18.46 -28.36 -1.87
N THR P 97 -17.22 -27.95 -2.19
CA THR P 97 -16.47 -26.95 -1.43
C THR P 97 -16.23 -25.70 -2.29
N PHE P 98 -16.45 -24.52 -1.70
CA PHE P 98 -16.25 -23.25 -2.36
C PHE P 98 -14.81 -22.78 -2.12
N THR P 99 -13.97 -22.88 -3.17
CA THR P 99 -12.54 -22.59 -3.20
C THR P 99 -12.13 -22.33 -4.65
N GLY P 100 -10.91 -21.82 -4.88
CA GLY P 100 -10.37 -21.74 -6.24
C GLY P 100 -10.46 -23.09 -6.96
N GLY P 101 -10.92 -23.08 -8.22
CA GLY P 101 -11.07 -24.28 -9.00
C GLY P 101 -12.48 -24.91 -8.97
N SER P 102 -13.41 -24.34 -8.17
CA SER P 102 -14.80 -24.80 -8.15
C SER P 102 -15.66 -24.00 -9.12
N ASP P 103 -16.44 -24.71 -9.96
CA ASP P 103 -17.35 -24.12 -10.94
C ASP P 103 -18.78 -24.61 -10.71
N TYR P 104 -19.76 -23.72 -10.92
CA TYR P 104 -21.18 -24.03 -10.72
C TYR P 104 -22.01 -23.56 -11.91
N THR P 105 -23.08 -24.32 -12.23
CA THR P 105 -24.06 -23.94 -13.24
C THR P 105 -25.44 -23.92 -12.58
N VAL P 106 -26.14 -22.77 -12.62
CA VAL P 106 -27.47 -22.63 -12.03
C VAL P 106 -28.49 -22.45 -13.16
N PRO P 107 -29.51 -23.35 -13.27
CA PRO P 107 -30.55 -23.21 -14.29
C PRO P 107 -31.67 -22.25 -13.86
N ILE P 108 -32.08 -21.37 -14.80
CA ILE P 108 -33.02 -20.30 -14.53
C ILE P 108 -34.08 -20.18 -15.63
N SER P 109 -35.19 -19.48 -15.31
CA SER P 109 -36.33 -19.26 -16.18
C SER P 109 -36.76 -17.79 -16.13
N LEU P 110 -37.13 -17.24 -17.31
CA LEU P 110 -37.59 -15.86 -17.48
C LEU P 110 -39.06 -15.82 -17.93
N SER P 111 -39.82 -14.83 -17.45
CA SER P 111 -41.17 -14.54 -17.93
C SER P 111 -41.18 -13.92 -19.33
N SER P 112 -42.37 -13.65 -19.87
CA SER P 112 -42.59 -12.98 -21.15
C SER P 112 -42.04 -11.54 -21.17
N SER P 113 -41.99 -10.88 -20.00
CA SER P 113 -41.55 -9.50 -19.83
C SER P 113 -40.08 -9.38 -19.42
N GLN P 114 -39.53 -10.41 -18.78
CA GLN P 114 -38.14 -10.44 -18.33
C GLN P 114 -37.17 -10.63 -19.49
N THR P 115 -35.94 -10.09 -19.35
CA THR P 115 -34.87 -10.16 -20.34
C THR P 115 -33.51 -10.33 -19.66
N VAL P 116 -32.53 -10.86 -20.39
CA VAL P 116 -31.22 -11.21 -19.86
C VAL P 116 -30.51 -9.99 -19.25
N ALA P 117 -30.64 -8.81 -19.89
CA ALA P 117 -30.05 -7.56 -19.43
C ALA P 117 -30.58 -7.10 -18.07
N GLY P 118 -31.73 -7.64 -17.62
CA GLY P 118 -32.35 -7.27 -16.35
C GLY P 118 -31.96 -8.16 -15.18
N VAL P 119 -31.31 -9.31 -15.43
CA VAL P 119 -31.01 -10.31 -14.40
C VAL P 119 -29.78 -9.92 -13.58
N SER P 120 -29.85 -10.11 -12.24
CA SER P 120 -28.68 -10.02 -11.36
C SER P 120 -28.86 -10.87 -10.11
N PHE P 121 -27.74 -11.17 -9.43
CA PHE P 121 -27.74 -12.07 -8.28
C PHE P 121 -26.64 -11.72 -7.27
N GLU P 122 -26.76 -12.27 -6.05
CA GLU P 122 -25.78 -12.06 -4.98
C GLU P 122 -25.52 -13.35 -4.21
N LEU P 123 -24.31 -13.49 -3.67
CA LEU P 123 -23.95 -14.58 -2.77
C LEU P 123 -23.73 -14.03 -1.37
N ILE P 124 -24.34 -14.70 -0.38
CA ILE P 124 -24.31 -14.25 1.02
C ILE P 124 -23.76 -15.39 1.89
N TYR P 125 -22.85 -15.04 2.80
CA TYR P 125 -22.28 -15.97 3.75
C TYR P 125 -22.21 -15.32 5.13
N LYS P 126 -22.73 -15.99 6.17
CA LYS P 126 -22.83 -15.51 7.54
C LYS P 126 -23.36 -14.07 7.65
N GLY P 127 -24.34 -13.73 6.80
CA GLY P 127 -25.00 -12.43 6.83
C GLY P 127 -24.26 -11.28 6.15
N ASN P 128 -23.12 -11.55 5.50
CA ASN P 128 -22.36 -10.59 4.70
C ASN P 128 -22.50 -10.92 3.22
N VAL P 129 -22.65 -9.90 2.36
CA VAL P 129 -22.63 -10.10 0.92
C VAL P 129 -21.18 -10.29 0.46
N ILE P 130 -20.86 -11.45 -0.17
CA ILE P 130 -19.50 -11.75 -0.61
C ILE P 130 -19.31 -11.57 -2.12
N TYR P 131 -20.40 -11.52 -2.91
CA TYR P 131 -20.37 -11.23 -4.33
C TYR P 131 -21.70 -10.63 -4.77
N ASN P 132 -21.65 -9.74 -5.77
CA ASN P 132 -22.84 -9.10 -6.32
C ASN P 132 -22.60 -8.85 -7.81
N SER P 133 -23.38 -9.50 -8.69
CA SER P 133 -23.14 -9.47 -10.12
C SER P 133 -23.32 -8.08 -10.73
N ALA P 134 -24.09 -7.21 -10.05
CA ALA P 134 -24.40 -5.86 -10.51
C ALA P 134 -23.45 -4.79 -9.98
N ALA P 135 -22.36 -5.17 -9.29
CA ALA P 135 -21.37 -4.25 -8.76
C ALA P 135 -20.69 -3.47 -9.90
N VAL Q 1 -27.44 1.99 63.52
CA VAL Q 1 -27.87 3.24 62.76
C VAL Q 1 -26.79 3.75 61.81
N SER Q 2 -25.63 4.21 62.30
CA SER Q 2 -24.70 5.01 61.52
C SER Q 2 -24.12 4.38 60.23
N PRO Q 3 -23.85 3.06 60.10
CA PRO Q 3 -23.39 2.49 58.82
C PRO Q 3 -24.34 2.64 57.64
N ILE Q 4 -25.66 2.68 57.89
CA ILE Q 4 -26.65 2.89 56.84
C ILE Q 4 -26.68 4.35 56.40
N ILE Q 5 -26.61 5.29 57.36
CA ILE Q 5 -26.58 6.71 57.06
C ILE Q 5 -25.33 7.10 56.27
N ALA Q 6 -24.16 6.58 56.66
CA ALA Q 6 -22.93 6.75 55.91
C ALA Q 6 -23.04 6.24 54.47
N THR Q 7 -23.78 5.14 54.25
CA THR Q 7 -23.99 4.59 52.92
C THR Q 7 -24.86 5.52 52.05
N ILE Q 8 -25.90 6.12 52.63
CA ILE Q 8 -26.76 7.07 51.93
C ILE Q 8 -25.98 8.31 51.49
N LEU Q 9 -25.09 8.82 52.33
CA LEU Q 9 -24.22 9.95 51.98
C LEU Q 9 -23.29 9.61 50.81
N LEU Q 10 -22.70 8.41 50.80
CA LEU Q 10 -21.80 7.98 49.72
C LEU Q 10 -22.51 7.81 48.38
N ILE Q 11 -23.80 7.44 48.38
CA ILE Q 11 -24.58 7.36 47.15
C ILE Q 11 -24.80 8.77 46.60
N ALA Q 12 -25.18 9.73 47.45
CA ALA Q 12 -25.35 11.12 47.05
C ALA Q 12 -24.08 11.71 46.42
N ILE Q 13 -22.90 11.45 47.00
CA ILE Q 13 -21.62 11.90 46.46
C ILE Q 13 -21.33 11.24 45.11
N THR Q 14 -21.65 9.95 44.95
CA THR Q 14 -21.38 9.19 43.73
C THR Q 14 -22.08 9.79 42.52
N VAL Q 15 -23.35 10.20 42.68
CA VAL Q 15 -24.13 10.78 41.59
C VAL Q 15 -23.50 12.09 41.09
N VAL Q 16 -22.97 12.94 41.98
CA VAL Q 16 -22.36 14.20 41.57
C VAL Q 16 -21.04 13.97 40.82
N LEU Q 17 -20.27 12.95 41.18
CA LEU Q 17 -19.06 12.58 40.44
C LEU Q 17 -19.40 12.10 39.03
N ALA Q 18 -20.41 11.22 38.90
CA ALA Q 18 -20.85 10.74 37.60
C ALA Q 18 -21.35 11.88 36.71
N ALA Q 19 -22.15 12.81 37.27
CA ALA Q 19 -22.59 13.99 36.55
C ALA Q 19 -21.42 14.88 36.12
N THR Q 20 -20.38 14.99 36.95
CA THR Q 20 -19.17 15.73 36.60
C THR Q 20 -18.45 15.09 35.42
N LEU Q 21 -18.22 13.76 35.48
CA LEU Q 21 -17.57 13.01 34.42
C LEU Q 21 -18.26 13.21 33.07
N VAL Q 22 -19.59 13.15 33.02
CA VAL Q 22 -20.37 13.37 31.79
C VAL Q 22 -20.03 14.71 31.13
N THR Q 23 -19.80 15.78 31.90
CA THR Q 23 -19.44 17.06 31.31
C THR Q 23 -17.99 17.11 30.81
N ILE Q 24 -17.09 16.31 31.39
CA ILE Q 24 -15.73 16.18 30.87
C ILE Q 24 -15.74 15.51 29.50
N LEU Q 25 -16.53 14.43 29.33
CA LEU Q 25 -16.54 13.67 28.08
C LEU Q 25 -17.05 14.51 26.91
N GLY Q 26 -17.98 15.45 27.16
CA GLY Q 26 -18.54 16.32 26.14
C GLY Q 26 -17.51 17.15 25.37
N GLY Q 27 -16.30 17.33 25.90
CA GLY Q 27 -15.22 18.04 25.22
C GLY Q 27 -14.50 17.20 24.15
N PHE Q 28 -14.75 15.89 24.12
CA PHE Q 28 -14.13 14.97 23.17
C PHE Q 28 -15.09 14.60 22.04
N THR Q 29 -16.39 14.44 22.36
CA THR Q 29 -17.37 13.83 21.47
C THR Q 29 -18.03 14.86 20.54
N HIS Q 30 -17.24 15.77 19.95
CA HIS Q 30 -17.75 16.72 18.96
C HIS Q 30 -16.65 17.17 17.99
N GLY Q 31 -17.07 17.68 16.81
CA GLY Q 31 -16.17 18.32 15.86
C GLY Q 31 -15.27 17.36 15.07
N VAL Q 32 -15.63 16.07 14.99
CA VAL Q 32 -14.95 15.09 14.14
C VAL Q 32 -15.84 14.74 12.95
N SER Q 33 -15.31 14.91 11.73
CA SER Q 33 -16.03 14.70 10.49
C SER Q 33 -15.08 14.46 9.32
N ASN Q 34 -15.60 13.89 8.23
CA ASN Q 34 -14.83 13.56 7.04
C ASN Q 34 -14.72 14.79 6.14
N THR Q 35 -13.56 15.48 6.18
CA THR Q 35 -13.36 16.75 5.47
C THR Q 35 -12.45 16.62 4.24
N VAL Q 36 -12.02 15.40 3.90
CA VAL Q 36 -11.09 15.17 2.79
C VAL Q 36 -11.80 15.34 1.44
N GLU Q 37 -11.13 16.07 0.52
CA GLU Q 37 -11.60 16.32 -0.85
C GLU Q 37 -10.36 16.28 -1.76
N THR Q 38 -10.54 15.95 -3.05
CA THR Q 38 -9.41 15.79 -3.96
C THR Q 38 -9.89 16.02 -5.38
N ALA Q 39 -9.21 16.91 -6.11
CA ALA Q 39 -9.67 17.27 -7.44
C ALA Q 39 -8.51 17.35 -8.45
N GLY Q 40 -8.80 16.94 -9.70
CA GLY Q 40 -7.92 17.23 -10.83
C GLY Q 40 -8.22 18.63 -11.34
N VAL Q 41 -7.27 19.55 -11.13
CA VAL Q 41 -7.44 20.96 -11.48
C VAL Q 41 -6.24 21.39 -12.32
N THR Q 42 -6.50 22.17 -13.38
CA THR Q 42 -5.45 22.80 -14.18
C THR Q 42 -5.74 24.29 -14.29
N SER Q 43 -4.68 25.09 -14.47
CA SER Q 43 -4.83 26.54 -14.44
C SER Q 43 -3.80 27.26 -15.31
N HIS Q 44 -4.20 28.44 -15.82
CA HIS Q 44 -3.36 29.31 -16.63
C HIS Q 44 -3.55 30.76 -16.18
N ILE Q 45 -2.46 31.52 -16.07
CA ILE Q 45 -2.47 32.87 -15.51
C ILE Q 45 -1.97 33.86 -16.56
N THR Q 46 -2.66 35.01 -16.65
CA THR Q 46 -2.36 36.09 -17.58
C THR Q 46 -2.44 37.43 -16.84
N SER Q 47 -2.00 38.53 -17.49
CA SER Q 47 -2.03 39.87 -16.92
C SER Q 47 -3.43 40.39 -16.55
N LYS Q 48 -4.51 39.68 -16.95
CA LYS Q 48 -5.90 40.12 -16.75
C LYS Q 48 -6.79 39.04 -16.13
N TYR Q 49 -6.51 37.76 -16.39
CA TYR Q 49 -7.37 36.65 -16.00
C TYR Q 49 -6.59 35.45 -15.47
N ILE Q 50 -7.21 34.75 -14.52
CA ILE Q 50 -6.85 33.39 -14.15
C ILE Q 50 -7.94 32.47 -14.71
N PHE Q 51 -7.54 31.41 -15.42
CA PHE Q 51 -8.44 30.38 -15.90
C PHE Q 51 -8.26 29.13 -15.05
N ILE Q 52 -9.38 28.50 -14.65
CA ILE Q 52 -9.35 27.30 -13.81
C ILE Q 52 -10.28 26.26 -14.41
N ASN Q 53 -9.74 25.10 -14.74
CA ASN Q 53 -10.53 24.08 -15.41
C ASN Q 53 -10.44 22.80 -14.60
N VAL Q 54 -11.60 22.21 -14.26
CA VAL Q 54 -11.65 21.04 -13.40
C VAL Q 54 -11.94 19.78 -14.24
N SER Q 55 -11.17 18.70 -14.02
CA SER Q 55 -11.28 17.48 -14.80
C SER Q 55 -12.01 16.35 -14.07
N SER Q 56 -11.90 16.32 -12.73
CA SER Q 56 -12.56 15.36 -11.85
C SER Q 56 -12.51 15.85 -10.40
N SER Q 57 -13.40 15.32 -9.54
CA SER Q 57 -13.36 15.60 -8.11
C SER Q 57 -13.87 14.39 -7.31
N SER Q 58 -13.48 14.31 -6.04
CA SER Q 58 -13.85 13.23 -5.15
C SER Q 58 -15.35 13.27 -4.84
N SER Q 59 -15.92 14.48 -4.75
CA SER Q 59 -17.35 14.70 -4.54
C SER Q 59 -17.81 15.96 -5.30
N ALA Q 60 -19.13 16.08 -5.51
CA ALA Q 60 -19.72 17.27 -6.11
C ALA Q 60 -20.05 18.29 -5.01
N ILE Q 61 -19.49 19.51 -5.10
CA ILE Q 61 -19.61 20.53 -4.05
C ILE Q 61 -19.98 21.89 -4.65
N SER Q 62 -20.64 22.75 -3.86
CA SER Q 62 -21.05 24.07 -4.32
C SER Q 62 -19.85 24.99 -4.51
N ALA Q 63 -19.84 25.78 -5.58
CA ALA Q 63 -18.79 26.76 -5.82
C ALA Q 63 -18.78 27.89 -4.77
N SER Q 64 -19.86 28.06 -3.99
CA SER Q 64 -19.91 29.00 -2.89
C SER Q 64 -19.20 28.47 -1.62
N SER Q 65 -18.99 27.16 -1.51
CA SER Q 65 -18.34 26.53 -0.37
C SER Q 65 -16.80 26.58 -0.44
N ILE Q 66 -16.25 26.99 -1.58
CA ILE Q 66 -14.81 27.02 -1.83
C ILE Q 66 -14.32 28.46 -1.68
N THR Q 67 -13.23 28.64 -0.93
CA THR Q 67 -12.61 29.94 -0.71
C THR Q 67 -11.33 30.03 -1.53
N ILE Q 68 -11.08 31.17 -2.19
CA ILE Q 68 -9.87 31.38 -2.98
C ILE Q 68 -9.03 32.51 -2.37
N THR Q 69 -7.71 32.31 -2.30
CA THR Q 69 -6.78 33.32 -1.82
C THR Q 69 -5.66 33.53 -2.85
N ILE Q 70 -5.13 34.77 -2.93
CA ILE Q 70 -4.22 35.18 -3.99
C ILE Q 70 -3.06 36.01 -3.43
N THR Q 71 -1.90 35.93 -4.10
CA THR Q 71 -0.74 36.75 -3.78
C THR Q 71 -0.08 37.26 -5.08
N GLY Q 72 0.53 38.44 -5.01
CA GLY Q 72 1.19 39.05 -6.16
C GLY Q 72 0.25 39.79 -7.11
N ALA Q 73 -1.05 39.86 -6.76
CA ALA Q 73 -2.12 40.43 -7.57
C ALA Q 73 -3.30 40.84 -6.69
N SER Q 74 -4.43 41.21 -7.32
CA SER Q 74 -5.67 41.56 -6.63
C SER Q 74 -6.89 41.22 -7.50
N PHE Q 75 -8.03 40.89 -6.87
CA PHE Q 75 -9.24 40.60 -7.61
C PHE Q 75 -9.94 41.89 -8.08
N LYS Q 76 -10.56 41.84 -9.27
CA LYS Q 76 -11.39 42.95 -9.75
C LYS Q 76 -12.76 43.02 -9.07
N VAL Q 77 -13.20 41.91 -8.46
CA VAL Q 77 -14.44 41.84 -7.68
C VAL Q 77 -14.08 41.89 -6.19
N THR Q 78 -14.76 42.76 -5.43
CA THR Q 78 -14.29 43.17 -4.10
C THR Q 78 -15.20 42.75 -2.94
N SER Q 79 -16.34 42.09 -3.23
CA SER Q 79 -17.35 41.77 -2.24
C SER Q 79 -16.90 40.72 -1.21
N GLY Q 80 -15.96 39.84 -1.59
CA GLY Q 80 -15.55 38.71 -0.77
C GLY Q 80 -14.59 37.78 -1.51
N ASP Q 81 -14.56 36.49 -1.12
CA ASP Q 81 -13.47 35.60 -1.49
C ASP Q 81 -13.92 34.16 -1.72
N THR Q 82 -15.23 33.90 -1.86
CA THR Q 82 -15.66 32.59 -2.33
C THR Q 82 -15.45 32.47 -3.83
N LEU Q 83 -15.25 31.25 -4.33
CA LEU Q 83 -14.95 31.04 -5.75
C LEU Q 83 -16.12 31.51 -6.63
N ALA Q 84 -17.36 31.15 -6.25
CA ALA Q 84 -18.55 31.57 -6.97
C ALA Q 84 -18.65 33.09 -7.11
N GLU Q 85 -18.30 33.79 -6.05
CA GLU Q 85 -18.42 35.23 -5.92
C GLU Q 85 -17.41 35.97 -6.80
N VAL Q 86 -16.11 35.66 -6.71
CA VAL Q 86 -15.09 36.36 -7.48
C VAL Q 86 -15.14 36.01 -8.97
N ALA Q 87 -15.62 34.80 -9.31
CA ALA Q 87 -15.75 34.34 -10.69
C ALA Q 87 -17.06 34.80 -11.36
N GLY Q 88 -17.98 35.42 -10.61
CA GLY Q 88 -19.24 35.93 -11.16
C GLY Q 88 -20.22 34.82 -11.55
N VAL Q 89 -20.27 33.75 -10.75
CA VAL Q 89 -21.13 32.59 -10.98
C VAL Q 89 -22.57 32.93 -10.54
N SER Q 90 -23.50 32.99 -11.51
CA SER Q 90 -24.93 33.06 -11.22
C SER Q 90 -25.46 31.68 -10.80
N SER Q 91 -26.58 31.65 -10.06
CA SER Q 91 -27.17 30.44 -9.51
C SER Q 91 -27.67 29.46 -10.58
N THR Q 92 -27.97 29.97 -11.78
CA THR Q 92 -28.39 29.20 -12.94
C THR Q 92 -27.23 28.66 -13.78
N SER Q 93 -26.00 29.16 -13.55
CA SER Q 93 -24.83 28.83 -14.34
C SER Q 93 -24.42 27.35 -14.18
N SER Q 94 -23.93 26.74 -15.27
CA SER Q 94 -23.43 25.37 -15.26
C SER Q 94 -22.32 25.21 -14.22
N ASN Q 95 -21.52 26.25 -14.04
CA ASN Q 95 -20.33 26.27 -13.20
C ASN Q 95 -20.68 26.54 -11.73
N ALA Q 96 -21.97 26.44 -11.35
CA ALA Q 96 -22.38 26.56 -9.95
C ALA Q 96 -21.92 25.38 -9.08
N THR Q 97 -21.58 24.24 -9.70
CA THR Q 97 -21.09 23.06 -9.01
C THR Q 97 -19.66 22.75 -9.44
N PHE Q 98 -18.79 22.45 -8.47
CA PHE Q 98 -17.40 22.11 -8.69
C PHE Q 98 -17.28 20.60 -8.89
N THR Q 99 -17.05 20.19 -10.15
CA THR Q 99 -16.97 18.81 -10.63
C THR Q 99 -16.21 18.81 -11.95
N GLY Q 100 -15.82 17.63 -12.46
CA GLY Q 100 -15.27 17.53 -13.81
C GLY Q 100 -16.19 18.20 -14.84
N GLY Q 101 -15.60 18.99 -15.74
CA GLY Q 101 -16.36 19.71 -16.76
C GLY Q 101 -16.73 21.14 -16.39
N SER Q 102 -16.42 21.60 -15.17
CA SER Q 102 -16.66 22.98 -14.74
C SER Q 102 -15.42 23.84 -14.99
N ASP Q 103 -15.61 25.00 -15.64
CA ASP Q 103 -14.56 25.97 -15.94
C ASP Q 103 -14.90 27.34 -15.35
N TYR Q 104 -13.88 28.06 -14.86
CA TYR Q 104 -14.04 29.37 -14.24
C TYR Q 104 -13.02 30.36 -14.79
N THR Q 105 -13.43 31.64 -14.92
CA THR Q 105 -12.55 32.74 -15.27
C THR Q 105 -12.61 33.80 -14.18
N VAL Q 106 -11.46 34.12 -13.56
CA VAL Q 106 -11.38 35.12 -12.50
C VAL Q 106 -10.63 36.34 -13.01
N PRO Q 107 -11.24 37.55 -13.00
CA PRO Q 107 -10.57 38.78 -13.44
C PRO Q 107 -9.72 39.40 -12.33
N ILE Q 108 -8.49 39.81 -12.69
CA ILE Q 108 -7.50 40.29 -11.74
C ILE Q 108 -6.80 41.57 -12.24
N SER Q 109 -6.15 42.28 -11.31
CA SER Q 109 -5.44 43.53 -11.55
C SER Q 109 -4.07 43.51 -10.86
N LEU Q 110 -3.05 44.04 -11.56
CA LEU Q 110 -1.67 44.13 -11.08
C LEU Q 110 -1.24 45.60 -10.89
N SER Q 111 -0.42 45.86 -9.85
CA SER Q 111 0.22 47.16 -9.64
C SER Q 111 1.34 47.43 -10.65
N SER Q 112 1.97 48.62 -10.57
CA SER Q 112 3.13 49.00 -11.38
C SER Q 112 4.36 48.12 -11.13
N SER Q 113 4.47 47.53 -9.92
CA SER Q 113 5.60 46.71 -9.50
C SER Q 113 5.33 45.20 -9.66
N GLN Q 114 4.06 44.79 -9.67
CA GLN Q 114 3.67 43.39 -9.82
C GLN Q 114 3.82 42.91 -11.27
N THR Q 115 4.09 41.60 -11.43
CA THR Q 115 4.28 40.95 -12.72
C THR Q 115 3.65 39.55 -12.71
N VAL Q 116 3.34 39.02 -13.91
CA VAL Q 116 2.63 37.75 -14.06
C VAL Q 116 3.39 36.59 -13.41
N ALA Q 117 4.73 36.58 -13.53
CA ALA Q 117 5.59 35.55 -12.95
C ALA Q 117 5.53 35.50 -11.42
N GLY Q 118 5.02 36.57 -10.77
CA GLY Q 118 4.93 36.64 -9.32
C GLY Q 118 3.60 36.18 -8.74
N VAL Q 119 2.57 35.98 -9.58
CA VAL Q 119 1.21 35.67 -9.13
C VAL Q 119 1.06 34.19 -8.77
N SER Q 120 0.35 33.90 -7.66
CA SER Q 120 -0.08 32.55 -7.32
C SER Q 120 -1.34 32.56 -6.44
N PHE Q 121 -2.04 31.42 -6.39
CA PHE Q 121 -3.32 31.33 -5.69
C PHE Q 121 -3.56 29.91 -5.14
N GLU Q 122 -4.54 29.80 -4.22
CA GLU Q 122 -4.91 28.54 -3.59
C GLU Q 122 -6.43 28.42 -3.45
N LEU Q 123 -6.94 27.18 -3.51
CA LEU Q 123 -8.34 26.88 -3.23
C LEU Q 123 -8.44 26.10 -1.92
N ILE Q 124 -9.36 26.54 -1.05
CA ILE Q 124 -9.53 25.98 0.29
C ILE Q 124 -10.98 25.52 0.45
N TYR Q 125 -11.16 24.31 1.01
CA TYR Q 125 -12.47 23.76 1.30
C TYR Q 125 -12.43 23.10 2.68
N LYS Q 126 -13.41 23.45 3.54
CA LYS Q 126 -13.51 22.98 4.93
C LYS Q 126 -12.18 23.04 5.70
N GLY Q 127 -11.39 24.10 5.45
CA GLY Q 127 -10.14 24.34 6.17
C GLY Q 127 -8.93 23.54 5.67
N ASN Q 128 -9.07 22.79 4.58
CA ASN Q 128 -7.98 22.06 3.93
C ASN Q 128 -7.65 22.74 2.58
N VAL Q 129 -6.36 22.86 2.24
CA VAL Q 129 -5.97 23.33 0.91
C VAL Q 129 -6.16 22.20 -0.10
N ILE Q 130 -6.98 22.42 -1.14
CA ILE Q 130 -7.27 21.39 -2.15
C ILE Q 130 -6.51 21.63 -3.47
N TYR Q 131 -6.01 22.84 -3.71
CA TYR Q 131 -5.17 23.17 -4.85
C TYR Q 131 -4.27 24.35 -4.51
N ASN Q 132 -3.06 24.37 -5.10
CA ASN Q 132 -2.10 25.45 -4.92
C ASN Q 132 -1.30 25.61 -6.21
N SER Q 133 -1.43 26.76 -6.88
CA SER Q 133 -0.84 26.97 -8.21
C SER Q 133 0.68 26.93 -8.20
N ALA Q 134 1.30 27.19 -7.04
CA ALA Q 134 2.75 27.25 -6.87
C ALA Q 134 3.37 25.92 -6.43
N ALA Q 135 2.59 24.82 -6.38
CA ALA Q 135 3.07 23.49 -6.00
C ALA Q 135 4.13 23.01 -6.99
N VAL R 1 -19.73 5.30 60.66
CA VAL R 1 -18.25 5.59 60.60
C VAL R 1 -17.53 4.74 59.53
N SER R 2 -17.46 3.41 59.66
CA SER R 2 -16.55 2.58 58.89
C SER R 2 -16.68 2.63 57.35
N PRO R 3 -17.88 2.78 56.69
CA PRO R 3 -17.93 2.90 55.23
C PRO R 3 -17.18 4.10 54.63
N ILE R 4 -17.07 5.21 55.38
CA ILE R 4 -16.32 6.38 54.92
C ILE R 4 -14.81 6.13 55.03
N ILE R 5 -14.36 5.53 56.13
CA ILE R 5 -12.95 5.19 56.33
C ILE R 5 -12.46 4.18 55.29
N ALA R 6 -13.26 3.14 55.01
CA ALA R 6 -12.97 2.20 53.94
C ALA R 6 -12.82 2.89 52.57
N THR R 7 -13.63 3.93 52.31
CA THR R 7 -13.56 4.68 51.07
C THR R 7 -12.25 5.47 50.95
N ILE R 8 -11.79 6.09 52.05
CA ILE R 8 -10.54 6.82 52.09
C ILE R 8 -9.34 5.91 51.81
N LEU R 9 -9.34 4.68 52.37
CA LEU R 9 -8.30 3.69 52.09
C LEU R 9 -8.25 3.30 50.62
N LEU R 10 -9.43 3.09 49.98
CA LEU R 10 -9.50 2.72 48.57
C LEU R 10 -9.00 3.83 47.63
N ILE R 11 -9.18 5.11 48.01
CA ILE R 11 -8.63 6.21 47.22
C ILE R 11 -7.10 6.19 47.29
N ALA R 12 -6.54 6.02 48.49
CA ALA R 12 -5.09 5.91 48.67
C ALA R 12 -4.49 4.77 47.82
N ILE R 13 -5.11 3.59 47.79
CA ILE R 13 -4.67 2.46 46.97
C ILE R 13 -4.75 2.80 45.46
N THR R 14 -5.80 3.50 45.05
CA THR R 14 -6.04 3.82 43.64
C THR R 14 -4.90 4.68 43.06
N VAL R 15 -4.43 5.66 43.82
CA VAL R 15 -3.36 6.55 43.38
C VAL R 15 -2.05 5.78 43.13
N VAL R 16 -1.72 4.79 43.97
CA VAL R 16 -0.50 4.00 43.79
C VAL R 16 -0.58 3.09 42.55
N LEU R 17 -1.77 2.56 42.24
CA LEU R 17 -1.96 1.78 41.02
C LEU R 17 -1.78 2.66 39.77
N ALA R 18 -2.37 3.86 39.77
CA ALA R 18 -2.22 4.79 38.66
C ALA R 18 -0.76 5.20 38.45
N ALA R 19 -0.04 5.50 39.54
CA ALA R 19 1.38 5.80 39.49
C ALA R 19 2.20 4.61 38.96
N THR R 20 1.81 3.38 39.29
CA THR R 20 2.46 2.18 38.78
C THR R 20 2.25 2.06 37.27
N LEU R 21 1.00 2.20 36.80
CA LEU R 21 0.65 2.13 35.38
C LEU R 21 1.49 3.12 34.54
N VAL R 22 1.64 4.37 35.01
CA VAL R 22 2.44 5.39 34.31
C VAL R 22 3.87 4.91 34.05
N THR R 23 4.50 4.17 34.99
CA THR R 23 5.84 3.67 34.75
C THR R 23 5.88 2.49 33.78
N ILE R 24 4.80 1.72 33.67
CA ILE R 24 4.71 0.66 32.65
C ILE R 24 4.66 1.28 31.25
N LEU R 25 3.86 2.34 31.06
CA LEU R 25 3.69 2.94 29.74
C LEU R 25 4.99 3.53 29.21
N GLY R 26 5.86 4.04 30.08
CA GLY R 26 7.14 4.63 29.70
C GLY R 26 8.06 3.69 28.91
N GLY R 27 7.84 2.37 28.97
CA GLY R 27 8.61 1.40 28.19
C GLY R 27 8.19 1.30 26.72
N PHE R 28 7.04 1.91 26.36
CA PHE R 28 6.50 1.88 24.99
C PHE R 28 6.77 3.19 24.28
N THR R 29 6.67 4.33 24.99
CA THR R 29 6.62 5.65 24.40
C THR R 29 8.01 6.26 24.19
N HIS R 30 8.97 5.47 23.68
CA HIS R 30 10.29 5.97 23.33
C HIS R 30 10.95 5.14 22.21
N GLY R 31 11.93 5.74 21.52
CA GLY R 31 12.78 5.03 20.56
C GLY R 31 12.11 4.71 19.22
N VAL R 32 11.02 5.44 18.88
CA VAL R 32 10.40 5.34 17.56
C VAL R 32 10.67 6.62 16.77
N SER R 33 11.24 6.45 15.57
CA SER R 33 11.67 7.56 14.71
C SER R 33 11.80 7.11 13.25
N ASN R 34 11.80 8.09 12.34
CA ASN R 34 11.89 7.84 10.91
C ASN R 34 13.35 7.67 10.49
N THR R 35 13.79 6.40 10.30
CA THR R 35 15.19 6.09 10.02
C THR R 35 15.44 5.67 8.56
N VAL R 36 14.42 5.72 7.70
CA VAL R 36 14.52 5.27 6.32
C VAL R 36 15.32 6.27 5.48
N GLU R 37 16.26 5.74 4.67
CA GLU R 37 17.11 6.51 3.75
C GLU R 37 17.27 5.69 2.46
N THR R 38 17.52 6.33 1.32
CA THR R 38 17.58 5.62 0.04
C THR R 38 18.44 6.42 -0.91
N ALA R 39 19.45 5.78 -1.53
CA ALA R 39 20.38 6.51 -2.38
C ALA R 39 20.68 5.75 -3.66
N GLY R 40 20.87 6.49 -4.76
CA GLY R 40 21.46 5.97 -5.98
C GLY R 40 22.98 6.01 -5.84
N VAL R 41 23.60 4.83 -5.74
CA VAL R 41 25.04 4.69 -5.51
C VAL R 41 25.59 3.73 -6.56
N THR R 42 26.76 4.08 -7.12
CA THR R 42 27.50 3.19 -8.01
C THR R 42 28.95 3.07 -7.51
N SER R 43 29.60 1.94 -7.82
CA SER R 43 30.91 1.67 -7.25
C SER R 43 31.78 0.80 -8.17
N HIS R 44 33.09 0.98 -8.07
CA HIS R 44 34.10 0.22 -8.80
C HIS R 44 35.24 -0.14 -7.86
N ILE R 45 35.72 -1.40 -7.94
CA ILE R 45 36.72 -1.93 -7.02
C ILE R 45 37.98 -2.33 -7.80
N THR R 46 39.15 -2.01 -7.22
CA THR R 46 40.46 -2.30 -7.80
C THR R 46 41.38 -2.83 -6.69
N SER R 47 42.57 -3.32 -7.05
CA SER R 47 43.57 -3.84 -6.12
C SER R 47 44.07 -2.82 -5.09
N LYS R 48 43.74 -1.52 -5.25
CA LYS R 48 44.25 -0.45 -4.39
C LYS R 48 43.16 0.49 -3.87
N TYR R 49 42.06 0.65 -4.62
CA TYR R 49 41.02 1.63 -4.31
C TYR R 49 39.62 1.10 -4.54
N ILE R 50 38.68 1.56 -3.71
CA ILE R 50 37.26 1.51 -3.99
C ILE R 50 36.80 2.92 -4.34
N PHE R 51 36.08 3.07 -5.46
CA PHE R 51 35.48 4.33 -5.85
C PHE R 51 33.97 4.26 -5.61
N ILE R 52 33.40 5.32 -5.03
CA ILE R 52 31.97 5.38 -4.72
C ILE R 52 31.42 6.70 -5.21
N ASN R 53 30.41 6.63 -6.08
CA ASN R 53 29.88 7.84 -6.68
C ASN R 53 28.37 7.86 -6.44
N VAL R 54 27.86 8.98 -5.89
CA VAL R 54 26.46 9.10 -5.51
C VAL R 54 25.72 9.96 -6.53
N SER R 55 24.54 9.48 -6.99
CA SER R 55 23.77 10.18 -8.03
C SER R 55 22.55 10.92 -7.48
N SER R 56 21.97 10.41 -6.38
CA SER R 56 20.85 11.02 -5.67
C SER R 56 20.68 10.40 -4.29
N SER R 57 19.98 11.09 -3.38
CA SER R 57 19.64 10.54 -2.06
C SER R 57 18.31 11.08 -1.58
N SER R 58 17.66 10.36 -0.65
CA SER R 58 16.37 10.74 -0.10
C SER R 58 16.48 12.00 0.76
N SER R 59 17.63 12.15 1.46
CA SER R 59 17.95 13.32 2.27
C SER R 59 19.44 13.63 2.20
N ALA R 60 19.83 14.86 2.58
CA ALA R 60 21.22 15.25 2.68
C ALA R 60 21.75 14.94 4.09
N ILE R 61 22.82 14.12 4.18
CA ILE R 61 23.32 13.62 5.46
C ILE R 61 24.85 13.77 5.53
N SER R 62 25.39 13.90 6.75
CA SER R 62 26.82 14.05 6.94
C SER R 62 27.57 12.76 6.61
N ALA R 63 28.72 12.85 5.95
CA ALA R 63 29.56 11.70 5.66
C ALA R 63 30.14 11.04 6.92
N SER R 64 30.13 11.75 8.07
CA SER R 64 30.54 11.19 9.35
C SER R 64 29.47 10.31 10.00
N SER R 65 28.19 10.45 9.58
CA SER R 65 27.08 9.68 10.11
C SER R 65 26.93 8.30 9.46
N ILE R 66 27.70 8.02 8.40
CA ILE R 66 27.62 6.77 7.64
C ILE R 66 28.80 5.88 8.05
N THR R 67 28.51 4.61 8.33
CA THR R 67 29.51 3.62 8.71
C THR R 67 29.74 2.68 7.53
N ILE R 68 31.00 2.34 7.25
CA ILE R 68 31.34 1.41 6.17
C ILE R 68 31.99 0.16 6.74
N THR R 69 31.60 -1.01 6.22
CA THR R 69 32.20 -2.29 6.59
C THR R 69 32.66 -3.05 5.35
N ILE R 70 33.73 -3.86 5.49
CA ILE R 70 34.39 -4.48 4.35
C ILE R 70 34.76 -5.94 4.65
N THR R 71 34.79 -6.76 3.60
CA THR R 71 35.24 -8.15 3.69
C THR R 71 36.12 -8.49 2.49
N GLY R 72 37.09 -9.41 2.69
CA GLY R 72 38.00 -9.83 1.65
C GLY R 72 39.19 -8.88 1.43
N ALA R 73 39.29 -7.83 2.26
CA ALA R 73 40.30 -6.77 2.15
C ALA R 73 40.47 -6.07 3.52
N SER R 74 41.21 -4.95 3.52
CA SER R 74 41.44 -4.13 4.72
C SER R 74 41.64 -2.66 4.33
N PHE R 75 41.25 -1.72 5.20
CA PHE R 75 41.46 -0.30 4.93
C PHE R 75 42.90 0.12 5.22
N LYS R 76 43.44 1.05 4.42
CA LYS R 76 44.75 1.65 4.69
C LYS R 76 44.72 2.67 5.83
N VAL R 77 43.53 3.19 6.17
CA VAL R 77 43.32 4.11 7.30
C VAL R 77 42.72 3.32 8.45
N THR R 78 43.29 3.46 9.66
CA THR R 78 43.06 2.52 10.75
C THR R 78 42.34 3.11 11.97
N SER R 79 42.01 4.42 11.94
CA SER R 79 41.46 5.13 13.10
C SER R 79 40.04 4.70 13.46
N GLY R 80 39.27 4.19 12.48
CA GLY R 80 37.85 3.89 12.66
C GLY R 80 37.19 3.49 11.35
N ASP R 81 35.86 3.71 11.25
CA ASP R 81 35.05 3.07 10.23
C ASP R 81 33.90 3.96 9.73
N THR R 82 33.91 5.26 10.02
CA THR R 82 32.98 6.16 9.37
C THR R 82 33.45 6.45 7.94
N LEU R 83 32.52 6.77 7.03
CA LEU R 83 32.86 6.99 5.63
C LEU R 83 33.80 8.19 5.48
N ALA R 84 33.50 9.30 6.17
CA ALA R 84 34.33 10.50 6.14
C ALA R 84 35.78 10.21 6.57
N GLU R 85 35.93 9.36 7.57
CA GLU R 85 37.21 9.03 8.20
C GLU R 85 38.08 8.18 7.28
N VAL R 86 37.58 7.05 6.76
CA VAL R 86 38.39 6.17 5.93
C VAL R 86 38.67 6.76 4.55
N ALA R 87 37.79 7.64 4.04
CA ALA R 87 37.95 8.30 2.76
C ALA R 87 38.82 9.57 2.84
N GLY R 88 39.21 10.01 4.05
CA GLY R 88 40.05 11.18 4.22
C GLY R 88 39.35 12.50 3.90
N VAL R 89 38.07 12.61 4.26
CA VAL R 89 37.24 13.78 4.02
C VAL R 89 37.56 14.86 5.06
N SER R 90 38.14 15.99 4.61
CA SER R 90 38.28 17.18 5.42
C SER R 90 36.94 17.92 5.54
N SER R 91 36.77 18.72 6.62
CA SER R 91 35.51 19.43 6.92
C SER R 91 35.14 20.49 5.86
N THR R 92 36.14 20.98 5.10
CA THR R 92 35.97 21.94 4.02
C THR R 92 35.66 21.27 2.67
N SER R 93 35.85 19.95 2.57
CA SER R 93 35.71 19.21 1.31
C SER R 93 34.25 19.20 0.81
N SER R 94 34.07 19.24 -0.51
CA SER R 94 32.76 19.17 -1.15
C SER R 94 32.03 17.89 -0.72
N ASN R 95 32.80 16.81 -0.55
CA ASN R 95 32.31 15.47 -0.26
C ASN R 95 32.01 15.27 1.22
N ALA R 96 31.94 16.35 2.01
CA ALA R 96 31.54 16.28 3.41
C ALA R 96 30.07 15.91 3.61
N THR R 97 29.24 16.13 2.57
CA THR R 97 27.82 15.79 2.58
C THR R 97 27.52 14.69 1.56
N PHE R 98 26.74 13.69 1.97
CA PHE R 98 26.32 12.59 1.13
C PHE R 98 25.01 12.96 0.41
N THR R 99 25.13 13.25 -0.89
CA THR R 99 24.06 13.70 -1.79
C THR R 99 24.49 13.42 -3.22
N GLY R 100 23.58 13.55 -4.20
CA GLY R 100 23.96 13.49 -5.60
C GLY R 100 25.11 14.45 -5.92
N GLY R 101 26.11 13.97 -6.67
CA GLY R 101 27.27 14.77 -7.01
C GLY R 101 28.48 14.61 -6.08
N SER R 102 28.35 13.82 -5.00
CA SER R 102 29.46 13.53 -4.10
C SER R 102 30.17 12.23 -4.51
N ASP R 103 31.51 12.29 -4.62
CA ASP R 103 32.35 11.15 -4.96
C ASP R 103 33.41 10.90 -3.88
N TYR R 104 33.72 9.61 -3.63
CA TYR R 104 34.67 9.22 -2.59
C TYR R 104 35.66 8.18 -3.15
N THR R 105 36.90 8.23 -2.67
CA THR R 105 37.92 7.22 -2.95
C THR R 105 38.44 6.65 -1.63
N VAL R 106 38.32 5.32 -1.45
CA VAL R 106 38.78 4.65 -0.23
C VAL R 106 40.00 3.78 -0.56
N PRO R 107 41.17 4.00 0.07
CA PRO R 107 42.35 3.19 -0.17
C PRO R 107 42.35 1.90 0.66
N ILE R 108 42.70 0.77 0.02
CA ILE R 108 42.62 -0.56 0.60
C ILE R 108 43.87 -1.39 0.32
N SER R 109 44.03 -2.47 1.11
CA SER R 109 45.16 -3.40 1.03
C SER R 109 44.66 -4.85 1.08
N LEU R 110 45.30 -5.72 0.27
CA LEU R 110 44.99 -7.14 0.17
C LEU R 110 46.18 -7.99 0.65
N SER R 111 45.89 -9.12 1.31
CA SER R 111 46.89 -10.13 1.67
C SER R 111 47.38 -10.92 0.45
N SER R 112 48.33 -11.85 0.67
CA SER R 112 48.84 -12.76 -0.35
C SER R 112 47.77 -13.72 -0.90
N SER R 113 46.74 -14.02 -0.09
CA SER R 113 45.67 -14.95 -0.44
C SER R 113 44.41 -14.24 -0.97
N GLN R 114 44.21 -12.97 -0.62
CA GLN R 114 43.07 -12.18 -1.05
C GLN R 114 43.20 -11.74 -2.52
N THR R 115 42.05 -11.57 -3.19
CA THR R 115 41.96 -11.17 -4.59
C THR R 115 40.77 -10.22 -4.80
N VAL R 116 40.82 -9.42 -5.88
CA VAL R 116 39.83 -8.38 -6.15
C VAL R 116 38.42 -8.95 -6.27
N ALA R 117 38.27 -10.12 -6.89
CA ALA R 117 36.99 -10.80 -7.05
C ALA R 117 36.33 -11.20 -5.72
N GLY R 118 37.10 -11.23 -4.62
CA GLY R 118 36.59 -11.61 -3.31
C GLY R 118 36.12 -10.43 -2.44
N VAL R 119 36.43 -9.19 -2.84
CA VAL R 119 36.16 -8.00 -2.03
C VAL R 119 34.70 -7.56 -2.14
N SER R 120 34.09 -7.17 -1.00
CA SER R 120 32.79 -6.50 -0.99
C SER R 120 32.63 -5.63 0.25
N PHE R 121 31.67 -4.68 0.20
CA PHE R 121 31.48 -3.71 1.26
C PHE R 121 30.02 -3.26 1.38
N GLU R 122 29.68 -2.62 2.51
CA GLU R 122 28.34 -2.12 2.78
C GLU R 122 28.39 -0.75 3.45
N LEU R 123 27.36 0.08 3.21
CA LEU R 123 27.18 1.35 3.89
C LEU R 123 25.95 1.26 4.80
N ILE R 124 26.12 1.71 6.06
CA ILE R 124 25.09 1.62 7.09
C ILE R 124 24.81 3.01 7.64
N TYR R 125 23.52 3.34 7.79
CA TYR R 125 23.08 4.60 8.37
C TYR R 125 21.93 4.33 9.33
N LYS R 126 22.01 4.86 10.57
CA LYS R 126 21.06 4.66 11.65
C LYS R 126 20.62 3.19 11.82
N GLY R 127 21.57 2.26 11.64
CA GLY R 127 21.32 0.84 11.86
C GLY R 127 20.63 0.10 10.70
N ASN R 128 20.41 0.77 9.56
CA ASN R 128 19.88 0.17 8.34
C ASN R 128 20.98 0.09 7.28
N VAL R 129 21.05 -1.01 6.52
CA VAL R 129 21.96 -1.09 5.37
C VAL R 129 21.37 -0.30 4.21
N ILE R 130 22.10 0.72 3.71
CA ILE R 130 21.63 1.57 2.61
C ILE R 130 22.27 1.23 1.25
N TYR R 131 23.40 0.50 1.26
CA TYR R 131 24.05 0.00 0.05
C TYR R 131 24.84 -1.27 0.38
N ASN R 132 24.92 -2.18 -0.59
CA ASN R 132 25.69 -3.42 -0.46
C ASN R 132 26.25 -3.79 -1.83
N SER R 133 27.58 -3.80 -1.98
CA SER R 133 28.22 -3.98 -3.28
C SER R 133 27.98 -5.37 -3.87
N ALA R 134 27.64 -6.35 -3.03
CA ALA R 134 27.42 -7.74 -3.43
C ALA R 134 25.95 -8.07 -3.72
N ALA R 135 25.05 -7.07 -3.73
CA ALA R 135 23.64 -7.25 -4.03
C ALA R 135 23.45 -7.80 -5.46
N VAL S 1 -16.65 -1.79 56.34
CA VAL S 1 -16.57 -3.21 55.79
C VAL S 1 -16.99 -3.28 54.31
N SER S 2 -18.26 -3.01 53.97
CA SER S 2 -18.83 -3.37 52.66
C SER S 2 -18.14 -2.79 51.42
N PRO S 3 -17.57 -1.56 51.36
CA PRO S 3 -16.85 -1.10 50.16
C PRO S 3 -15.64 -1.92 49.75
N ILE S 4 -14.95 -2.56 50.70
CA ILE S 4 -13.82 -3.43 50.40
C ILE S 4 -14.30 -4.76 49.83
N ILE S 5 -15.36 -5.35 50.41
CA ILE S 5 -15.93 -6.60 49.92
C ILE S 5 -16.49 -6.44 48.50
N ALA S 6 -17.20 -5.35 48.23
CA ALA S 6 -17.66 -5.02 46.88
C ALA S 6 -16.50 -4.93 45.89
N THR S 7 -15.34 -4.40 46.31
CA THR S 7 -14.17 -4.30 45.46
C THR S 7 -13.59 -5.67 45.11
N ILE S 8 -13.55 -6.59 46.08
CA ILE S 8 -13.07 -7.96 45.86
C ILE S 8 -13.95 -8.71 44.86
N LEU S 9 -15.28 -8.54 44.94
CA LEU S 9 -16.21 -9.13 43.99
C LEU S 9 -15.97 -8.61 42.56
N LEU S 10 -15.74 -7.30 42.39
CA LEU S 10 -15.49 -6.70 41.09
C LEU S 10 -14.18 -7.16 40.45
N ILE S 11 -13.15 -7.48 41.25
CA ILE S 11 -11.91 -8.04 40.73
C ILE S 11 -12.17 -9.45 40.20
N ALA S 12 -12.89 -10.29 40.95
CA ALA S 12 -13.26 -11.62 40.51
C ALA S 12 -14.03 -11.61 39.18
N ILE S 13 -15.00 -10.69 39.00
CA ILE S 13 -15.74 -10.53 37.75
C ILE S 13 -14.82 -10.11 36.60
N THR S 14 -13.87 -9.19 36.87
CA THR S 14 -12.98 -8.65 35.86
C THR S 14 -12.13 -9.75 35.20
N VAL S 15 -11.61 -10.68 35.99
CA VAL S 15 -10.79 -11.77 35.49
C VAL S 15 -11.56 -12.66 34.51
N VAL S 16 -12.84 -12.95 34.78
CA VAL S 16 -13.65 -13.79 33.90
C VAL S 16 -13.95 -13.10 32.57
N LEU S 17 -14.14 -11.77 32.58
CA LEU S 17 -14.32 -11.01 31.35
C LEU S 17 -13.05 -11.03 30.50
N ALA S 18 -11.88 -10.82 31.11
CA ALA S 18 -10.60 -10.87 30.40
C ALA S 18 -10.36 -12.27 29.80
N ALA S 19 -10.63 -13.33 30.55
CA ALA S 19 -10.53 -14.70 30.05
C ALA S 19 -11.50 -14.95 28.90
N THR S 20 -12.70 -14.36 28.93
CA THR S 20 -13.67 -14.47 27.84
C THR S 20 -13.14 -13.78 26.58
N LEU S 21 -12.64 -12.54 26.71
CA LEU S 21 -12.08 -11.78 25.60
C LEU S 21 -10.97 -12.54 24.88
N VAL S 22 -10.05 -13.17 25.62
CA VAL S 22 -8.96 -13.97 25.05
C VAL S 22 -9.49 -15.07 24.12
N THR S 23 -10.61 -15.71 24.44
CA THR S 23 -11.17 -16.73 23.56
C THR S 23 -11.84 -16.15 22.31
N ILE S 24 -12.34 -14.91 22.38
CA ILE S 24 -12.87 -14.22 21.20
C ILE S 24 -11.74 -13.93 20.21
N LEU S 25 -10.58 -13.44 20.70
CA LEU S 25 -9.48 -13.04 19.83
C LEU S 25 -8.92 -14.23 19.05
N GLY S 26 -8.94 -15.44 19.64
CA GLY S 26 -8.43 -16.64 19.00
C GLY S 26 -9.08 -16.98 17.66
N GLY S 27 -10.27 -16.43 17.36
CA GLY S 27 -10.94 -16.63 16.08
C GLY S 27 -10.38 -15.77 14.95
N PHE S 28 -9.52 -14.78 15.27
CA PHE S 28 -8.92 -13.87 14.30
C PHE S 28 -7.47 -14.26 14.01
N THR S 29 -6.73 -14.71 15.03
CA THR S 29 -5.28 -14.85 14.98
C THR S 29 -4.86 -16.23 14.45
N HIS S 30 -5.50 -16.73 13.38
CA HIS S 30 -5.10 -17.97 12.73
C HIS S 30 -5.48 -17.99 11.24
N GLY S 31 -4.80 -18.84 10.46
CA GLY S 31 -5.16 -19.12 9.08
C GLY S 31 -4.81 -18.01 8.08
N VAL S 32 -3.87 -17.12 8.44
CA VAL S 32 -3.33 -16.11 7.51
C VAL S 32 -1.90 -16.49 7.14
N SER S 33 -1.64 -16.60 5.83
CA SER S 33 -0.35 -17.02 5.29
C SER S 33 -0.18 -16.57 3.84
N ASN S 34 1.07 -16.56 3.37
CA ASN S 34 1.42 -16.12 2.02
C ASN S 34 1.23 -17.28 1.04
N THR S 35 0.11 -17.28 0.29
CA THR S 35 -0.26 -18.38 -0.61
C THR S 35 -0.07 -18.05 -2.09
N VAL S 36 0.46 -16.87 -2.41
CA VAL S 36 0.62 -16.42 -3.79
C VAL S 36 1.75 -17.16 -4.50
N GLU S 37 1.48 -17.63 -5.74
CA GLU S 37 2.42 -18.33 -6.61
C GLU S 37 2.17 -17.86 -8.05
N THR S 38 3.17 -17.92 -8.94
CA THR S 38 3.04 -17.38 -10.28
C THR S 38 4.04 -18.10 -11.18
N ALA S 39 3.58 -18.66 -12.30
CA ALA S 39 4.45 -19.46 -13.16
C ALA S 39 4.23 -19.14 -14.64
N GLY S 40 5.32 -19.18 -15.41
CA GLY S 40 5.25 -19.21 -16.86
C GLY S 40 5.02 -20.65 -17.32
N VAL S 41 3.83 -20.92 -17.85
CA VAL S 41 3.42 -22.26 -18.26
C VAL S 41 2.90 -22.19 -19.70
N THR S 42 3.27 -23.19 -20.52
CA THR S 42 2.72 -23.35 -21.87
C THR S 42 2.21 -24.77 -22.03
N SER S 43 1.23 -24.97 -22.91
CA SER S 43 0.57 -26.26 -23.02
C SER S 43 0.04 -26.53 -24.43
N HIS S 44 -0.02 -27.82 -24.79
CA HIS S 44 -0.56 -28.30 -26.06
C HIS S 44 -1.43 -29.53 -25.82
N ILE S 45 -2.59 -29.60 -26.49
CA ILE S 45 -3.58 -30.64 -26.24
C ILE S 45 -3.81 -31.44 -27.53
N THR S 46 -3.91 -32.78 -27.38
CA THR S 46 -4.13 -33.72 -28.47
C THR S 46 -5.18 -34.75 -28.05
N SER S 47 -5.64 -35.59 -28.98
CA SER S 47 -6.62 -36.64 -28.73
C SER S 47 -6.19 -37.69 -27.70
N LYS S 48 -4.90 -37.70 -27.29
CA LYS S 48 -4.36 -38.72 -26.40
C LYS S 48 -3.57 -38.13 -25.22
N TYR S 49 -2.95 -36.96 -25.39
CA TYR S 49 -2.05 -36.38 -24.40
C TYR S 49 -2.25 -34.88 -24.24
N ILE S 50 -2.03 -34.40 -23.00
CA ILE S 50 -1.78 -33.01 -22.71
C ILE S 50 -0.29 -32.87 -22.37
N PHE S 51 0.39 -31.92 -23.02
CA PHE S 51 1.77 -31.59 -22.71
C PHE S 51 1.83 -30.27 -21.94
N ILE S 52 2.63 -30.21 -20.88
CA ILE S 52 2.75 -29.03 -20.03
C ILE S 52 4.23 -28.73 -19.81
N ASN S 53 4.65 -27.53 -20.20
CA ASN S 53 6.06 -27.19 -20.12
C ASN S 53 6.19 -25.91 -19.32
N VAL S 54 7.05 -25.91 -18.29
CA VAL S 54 7.20 -24.78 -17.38
C VAL S 54 8.49 -24.02 -17.68
N SER S 55 8.42 -22.68 -17.78
CA SER S 55 9.56 -21.85 -18.15
C SER S 55 10.18 -21.11 -16.96
N SER S 56 9.36 -20.78 -15.95
CA SER S 56 9.78 -20.14 -14.71
C SER S 56 8.68 -20.24 -13.66
N SER S 57 9.03 -20.06 -12.37
CA SER S 57 8.05 -20.01 -11.29
C SER S 57 8.54 -19.09 -10.17
N SER S 58 7.60 -18.57 -9.37
CA SER S 58 7.89 -17.67 -8.26
C SER S 58 8.67 -18.40 -7.14
N SER S 59 8.36 -19.68 -6.94
CA SER S 59 9.05 -20.54 -5.99
C SER S 59 9.15 -21.98 -6.53
N ALA S 60 10.05 -22.79 -5.94
CA ALA S 60 10.16 -24.20 -6.27
C ALA S 60 9.24 -25.03 -5.37
N ILE S 61 8.31 -25.80 -5.97
CA ILE S 61 7.28 -26.51 -5.22
C ILE S 61 7.16 -27.96 -5.70
N SER S 62 6.71 -28.86 -4.81
CA SER S 62 6.57 -30.27 -5.15
C SER S 62 5.42 -30.50 -6.14
N ALA S 63 5.64 -31.36 -7.14
CA ALA S 63 4.59 -31.73 -8.09
C ALA S 63 3.41 -32.47 -7.43
N SER S 64 3.59 -32.99 -6.21
CA SER S 64 2.50 -33.61 -5.45
C SER S 64 1.59 -32.58 -4.76
N SER S 65 2.07 -31.32 -4.59
CA SER S 65 1.31 -30.25 -3.95
C SER S 65 0.34 -29.54 -4.90
N ILE S 66 0.42 -29.85 -6.20
CA ILE S 66 -0.40 -29.21 -7.23
C ILE S 66 -1.53 -30.15 -7.63
N THR S 67 -2.75 -29.62 -7.69
CA THR S 67 -3.94 -30.37 -8.07
C THR S 67 -4.34 -29.95 -9.49
N ILE S 68 -4.71 -30.94 -10.33
CA ILE S 68 -5.15 -30.67 -11.69
C ILE S 68 -6.61 -31.08 -11.87
N THR S 69 -7.41 -30.23 -12.55
CA THR S 69 -8.80 -30.54 -12.87
C THR S 69 -9.04 -30.37 -14.38
N ILE S 70 -9.98 -31.16 -14.93
CA ILE S 70 -10.16 -31.27 -16.37
C ILE S 70 -11.65 -31.29 -16.73
N THR S 71 -11.99 -30.78 -17.93
CA THR S 71 -13.34 -30.84 -18.46
C THR S 71 -13.28 -31.19 -19.96
N GLY S 72 -14.32 -31.87 -20.46
CA GLY S 72 -14.40 -32.27 -21.85
C GLY S 72 -13.62 -33.55 -22.18
N ALA S 73 -13.02 -34.20 -21.16
CA ALA S 73 -12.17 -35.37 -21.29
C ALA S 73 -12.10 -36.12 -19.95
N SER S 74 -11.20 -37.12 -19.87
CA SER S 74 -10.97 -37.90 -18.66
C SER S 74 -9.51 -38.37 -18.59
N PHE S 75 -8.97 -38.55 -17.39
CA PHE S 75 -7.61 -39.05 -17.22
C PHE S 75 -7.54 -40.57 -17.41
N LYS S 76 -6.44 -41.07 -17.99
CA LYS S 76 -6.20 -42.51 -18.08
C LYS S 76 -5.74 -43.11 -16.74
N VAL S 77 -5.23 -42.28 -15.82
CA VAL S 77 -4.84 -42.68 -14.48
C VAL S 77 -5.94 -42.27 -13.50
N THR S 78 -6.38 -43.20 -12.64
CA THR S 78 -7.64 -43.06 -11.91
C THR S 78 -7.50 -42.93 -10.39
N SER S 79 -6.27 -42.99 -9.86
CA SER S 79 -6.02 -43.03 -8.41
C SER S 79 -6.35 -41.72 -7.70
N GLY S 80 -6.31 -40.59 -8.41
CA GLY S 80 -6.46 -39.26 -7.81
C GLY S 80 -6.19 -38.14 -8.82
N ASP S 81 -5.78 -36.97 -8.31
CA ASP S 81 -5.82 -35.74 -9.09
C ASP S 81 -4.66 -34.78 -8.78
N THR S 82 -3.60 -35.24 -8.11
CA THR S 82 -2.39 -34.44 -8.02
C THR S 82 -1.62 -34.52 -9.33
N LEU S 83 -0.83 -33.48 -9.65
CA LEU S 83 -0.12 -33.43 -10.92
C LEU S 83 0.90 -34.57 -11.02
N ALA S 84 1.68 -34.81 -9.95
CA ALA S 84 2.65 -35.90 -9.90
C ALA S 84 2.02 -37.25 -10.20
N GLU S 85 0.82 -37.47 -9.66
CA GLU S 85 0.09 -38.73 -9.72
C GLU S 85 -0.43 -39.02 -11.13
N VAL S 86 -1.17 -38.09 -11.75
CA VAL S 86 -1.75 -38.33 -13.07
C VAL S 86 -0.69 -38.33 -14.19
N ALA S 87 0.42 -37.62 -13.98
CA ALA S 87 1.53 -37.56 -14.94
C ALA S 87 2.52 -38.72 -14.80
N GLY S 88 2.38 -39.56 -13.76
CA GLY S 88 3.24 -40.72 -13.55
C GLY S 88 4.67 -40.34 -13.12
N VAL S 89 4.79 -39.31 -12.28
CA VAL S 89 6.07 -38.81 -11.78
C VAL S 89 6.58 -39.71 -10.66
N SER S 90 7.69 -40.41 -10.90
CA SER S 90 8.43 -41.13 -9.87
C SER S 90 9.23 -40.15 -9.00
N SER S 91 9.55 -40.53 -7.75
CA SER S 91 10.24 -39.69 -6.78
C SER S 91 11.67 -39.31 -7.20
N THR S 92 12.28 -40.13 -8.06
CA THR S 92 13.61 -39.90 -8.62
C THR S 92 13.60 -39.03 -9.88
N SER S 93 12.42 -38.80 -10.49
CA SER S 93 12.29 -38.08 -11.75
C SER S 93 12.68 -36.61 -11.62
N SER S 94 13.28 -36.05 -12.68
CA SER S 94 13.65 -34.65 -12.75
C SER S 94 12.43 -33.75 -12.52
N ASN S 95 11.27 -34.21 -13.02
CA ASN S 95 10.01 -33.48 -13.02
C ASN S 95 9.28 -33.60 -11.69
N ALA S 96 9.95 -34.07 -10.63
CA ALA S 96 9.36 -34.12 -9.29
C ALA S 96 9.17 -32.73 -8.67
N THR S 97 9.89 -31.72 -9.18
CA THR S 97 9.78 -30.34 -8.73
C THR S 97 9.24 -29.44 -9.85
N PHE S 98 8.28 -28.58 -9.52
CA PHE S 98 7.68 -27.64 -10.46
C PHE S 98 8.48 -26.33 -10.45
N THR S 99 9.27 -26.12 -11.52
CA THR S 99 10.18 -25.00 -11.73
C THR S 99 10.44 -24.87 -13.23
N GLY S 100 11.09 -23.78 -13.67
CA GLY S 100 11.54 -23.68 -15.05
C GLY S 100 12.39 -24.90 -15.45
N GLY S 101 12.12 -25.45 -16.64
CA GLY S 101 12.82 -26.63 -17.13
C GLY S 101 12.12 -27.97 -16.84
N SER S 102 10.99 -27.96 -16.11
CA SER S 102 10.20 -29.16 -15.87
C SER S 102 9.11 -29.33 -16.91
N ASP S 103 9.02 -30.53 -17.50
CA ASP S 103 8.02 -30.88 -18.51
C ASP S 103 7.20 -32.11 -18.06
N TYR S 104 5.90 -32.12 -18.38
CA TYR S 104 4.99 -33.18 -17.99
C TYR S 104 4.13 -33.63 -19.18
N THR S 105 3.81 -34.93 -19.23
CA THR S 105 2.88 -35.49 -20.20
C THR S 105 1.75 -36.21 -19.45
N VAL S 106 0.49 -35.79 -19.68
CA VAL S 106 -0.67 -36.40 -19.03
C VAL S 106 -1.48 -37.16 -20.07
N PRO S 107 -1.70 -38.49 -19.90
CA PRO S 107 -2.52 -39.28 -20.84
C PRO S 107 -4.02 -39.17 -20.54
N ILE S 108 -4.81 -38.97 -21.60
CA ILE S 108 -6.24 -38.71 -21.49
C ILE S 108 -7.06 -39.54 -22.49
N SER S 109 -8.37 -39.65 -22.24
CA SER S 109 -9.34 -40.39 -23.04
C SER S 109 -10.59 -39.56 -23.27
N LEU S 110 -11.15 -39.65 -24.50
CA LEU S 110 -12.35 -38.95 -24.94
C LEU S 110 -13.48 -39.94 -25.26
N SER S 111 -14.73 -39.56 -24.94
CA SER S 111 -15.92 -40.31 -25.34
C SER S 111 -16.21 -40.17 -26.84
N SER S 112 -17.27 -40.85 -27.32
CA SER S 112 -17.76 -40.76 -28.70
C SER S 112 -18.25 -39.35 -29.08
N SER S 113 -18.71 -38.57 -28.08
CA SER S 113 -19.26 -37.23 -28.26
C SER S 113 -18.23 -36.11 -28.01
N GLN S 114 -17.19 -36.40 -27.21
CA GLN S 114 -16.15 -35.44 -26.89
C GLN S 114 -15.18 -35.23 -28.07
N THR S 115 -14.59 -34.02 -28.14
CA THR S 115 -13.65 -33.63 -29.18
C THR S 115 -12.54 -32.74 -28.60
N VAL S 116 -11.39 -32.67 -29.28
CA VAL S 116 -10.20 -31.98 -28.80
C VAL S 116 -10.48 -30.49 -28.54
N ALA S 117 -11.27 -29.86 -29.40
CA ALA S 117 -11.64 -28.44 -29.27
C ALA S 117 -12.44 -28.14 -28.00
N GLY S 118 -13.03 -29.17 -27.35
CA GLY S 118 -13.82 -28.99 -26.15
C GLY S 118 -13.04 -29.15 -24.84
N VAL S 119 -11.80 -29.66 -24.90
CA VAL S 119 -11.01 -29.98 -23.71
C VAL S 119 -10.35 -28.73 -23.10
N SER S 120 -10.38 -28.63 -21.76
CA SER S 120 -9.61 -27.62 -21.02
C SER S 120 -9.30 -28.10 -19.59
N PHE S 121 -8.29 -27.47 -18.96
CA PHE S 121 -7.81 -27.89 -17.66
C PHE S 121 -7.25 -26.70 -16.85
N GLU S 122 -7.08 -26.91 -15.53
CA GLU S 122 -6.55 -25.91 -14.62
C GLU S 122 -5.60 -26.54 -13.61
N LEU S 123 -4.60 -25.75 -13.16
CA LEU S 123 -3.70 -26.14 -12.08
C LEU S 123 -3.98 -25.28 -10.84
N ILE S 124 -4.11 -25.94 -9.68
CA ILE S 124 -4.47 -25.29 -8.43
C ILE S 124 -3.39 -25.58 -7.38
N TYR S 125 -2.98 -24.55 -6.65
CA TYR S 125 -2.02 -24.67 -5.56
C TYR S 125 -2.48 -23.83 -4.38
N LYS S 126 -2.52 -24.44 -3.18
CA LYS S 126 -3.00 -23.83 -1.94
C LYS S 126 -4.34 -23.08 -2.10
N GLY S 127 -5.25 -23.63 -2.93
CA GLY S 127 -6.58 -23.07 -3.11
C GLY S 127 -6.68 -21.90 -4.08
N ASN S 128 -5.58 -21.54 -4.76
CA ASN S 128 -5.55 -20.52 -5.80
C ASN S 128 -5.34 -21.17 -7.17
N VAL S 129 -6.04 -20.71 -8.21
CA VAL S 129 -5.78 -21.16 -9.58
C VAL S 129 -4.51 -20.49 -10.11
N ILE S 130 -3.49 -21.29 -10.49
CA ILE S 130 -2.22 -20.76 -10.97
C ILE S 130 -2.07 -20.83 -12.49
N TYR S 131 -2.88 -21.67 -13.17
CA TYR S 131 -2.93 -21.75 -14.62
C TYR S 131 -4.32 -22.23 -15.06
N ASN S 132 -4.77 -21.75 -16.23
CA ASN S 132 -6.04 -22.15 -16.81
C ASN S 132 -5.90 -22.14 -18.34
N SER S 133 -6.03 -23.31 -18.98
CA SER S 133 -5.76 -23.45 -20.41
C SER S 133 -6.75 -22.67 -21.28
N ALA S 134 -7.93 -22.34 -20.74
CA ALA S 134 -9.00 -21.65 -21.45
C ALA S 134 -8.98 -20.12 -21.24
N ALA S 135 -7.94 -19.58 -20.58
CA ALA S 135 -7.80 -18.14 -20.36
C ALA S 135 -7.68 -17.39 -21.69
N VAL T 1 -21.73 -1.31 49.08
CA VAL T 1 -22.79 -0.82 48.11
C VAL T 1 -22.20 0.03 46.98
N SER T 2 -21.64 1.21 47.27
CA SER T 2 -21.37 2.23 46.25
C SER T 2 -20.43 1.83 45.09
N PRO T 3 -19.37 0.99 45.22
CA PRO T 3 -18.57 0.58 44.07
C PRO T 3 -19.31 -0.18 42.97
N ILE T 4 -20.37 -0.92 43.31
CA ILE T 4 -21.18 -1.62 42.33
C ILE T 4 -22.10 -0.64 41.60
N ILE T 5 -22.71 0.30 42.31
CA ILE T 5 -23.56 1.32 41.70
C ILE T 5 -22.78 2.22 40.75
N ALA T 6 -21.58 2.66 41.15
CA ALA T 6 -20.68 3.39 40.27
C ALA T 6 -20.35 2.61 38.99
N THR T 7 -20.21 1.28 39.07
CA THR T 7 -19.92 0.44 37.92
C THR T 7 -21.11 0.40 36.95
N ILE T 8 -22.34 0.32 37.47
CA ILE T 8 -23.55 0.32 36.65
C ILE T 8 -23.70 1.64 35.88
N LEU T 9 -23.40 2.78 36.52
CA LEU T 9 -23.42 4.08 35.86
C LEU T 9 -22.40 4.16 34.72
N LEU T 10 -21.18 3.63 34.91
CA LEU T 10 -20.14 3.65 33.88
C LEU T 10 -20.48 2.77 32.68
N ILE T 11 -21.23 1.67 32.87
CA ILE T 11 -21.70 0.86 31.75
C ILE T 11 -22.73 1.64 30.92
N ALA T 12 -23.68 2.31 31.59
CA ALA T 12 -24.67 3.14 30.91
C ALA T 12 -24.01 4.24 30.06
N ILE T 13 -22.97 4.93 30.58
CA ILE T 13 -22.23 5.95 29.85
C ILE T 13 -21.50 5.34 28.65
N THR T 14 -20.92 4.15 28.81
CA THR T 14 -20.13 3.49 27.77
C THR T 14 -20.97 3.21 26.51
N VAL T 15 -22.21 2.75 26.69
CA VAL T 15 -23.10 2.46 25.57
C VAL T 15 -23.40 3.71 24.75
N VAL T 16 -23.61 4.87 25.37
CA VAL T 16 -23.90 6.11 24.66
C VAL T 16 -22.69 6.60 23.85
N LEU T 17 -21.46 6.40 24.37
CA LEU T 17 -20.26 6.73 23.63
C LEU T 17 -20.11 5.85 22.39
N ALA T 18 -20.33 4.53 22.54
CA ALA T 18 -20.26 3.60 21.42
C ALA T 18 -21.31 3.94 20.34
N ALA T 19 -22.54 4.25 20.75
CA ALA T 19 -23.59 4.69 19.83
C ALA T 19 -23.22 6.00 19.12
N THR T 20 -22.53 6.93 19.82
CA THR T 20 -22.05 8.16 19.22
C THR T 20 -21.00 7.87 18.15
N LEU T 21 -19.98 7.04 18.47
CA LEU T 21 -18.93 6.66 17.55
C LEU T 21 -19.49 6.07 16.25
N VAL T 22 -20.48 5.18 16.32
CA VAL T 22 -21.12 4.58 15.15
C VAL T 22 -21.66 5.64 14.19
N THR T 23 -22.22 6.75 14.70
CA THR T 23 -22.71 7.80 13.81
C THR T 23 -21.58 8.64 13.20
N ILE T 24 -20.42 8.74 13.84
CA ILE T 24 -19.25 9.39 13.26
C ILE T 24 -18.74 8.57 12.07
N LEU T 25 -18.65 7.24 12.21
CA LEU T 25 -18.10 6.39 11.15
C LEU T 25 -18.94 6.44 9.88
N GLY T 26 -20.26 6.61 10.00
CA GLY T 26 -21.16 6.67 8.86
C GLY T 26 -20.84 7.77 7.84
N GLY T 27 -20.06 8.79 8.23
CA GLY T 27 -19.62 9.84 7.31
C GLY T 27 -18.47 9.43 6.40
N PHE T 28 -17.82 8.29 6.67
CA PHE T 28 -16.70 7.78 5.89
C PHE T 28 -17.13 6.66 4.95
N THR T 29 -18.04 5.79 5.41
CA THR T 29 -18.36 4.53 4.75
C THR T 29 -19.45 4.67 3.68
N HIS T 30 -19.39 5.72 2.85
CA HIS T 30 -20.30 5.90 1.72
C HIS T 30 -19.66 6.71 0.59
N GLY T 31 -20.21 6.56 -0.63
CA GLY T 31 -19.86 7.39 -1.77
C GLY T 31 -18.50 7.07 -2.41
N VAL T 32 -17.96 5.86 -2.17
CA VAL T 32 -16.75 5.38 -2.85
C VAL T 32 -17.12 4.29 -3.85
N SER T 33 -16.73 4.49 -5.11
CA SER T 33 -17.07 3.59 -6.22
C SER T 33 -16.09 3.75 -7.38
N ASN T 34 -16.05 2.75 -8.27
CA ASN T 34 -15.17 2.73 -9.42
C ASN T 34 -15.80 3.51 -10.58
N THR T 35 -15.34 4.77 -10.78
CA THR T 35 -15.92 5.68 -11.78
C THR T 35 -15.06 5.87 -13.02
N VAL T 36 -13.93 5.16 -13.12
CA VAL T 36 -12.98 5.32 -14.22
C VAL T 36 -13.53 4.71 -15.52
N GLU T 37 -13.41 5.46 -16.63
CA GLU T 37 -13.83 5.05 -17.97
C GLU T 37 -12.78 5.59 -18.95
N THR T 38 -12.62 4.96 -20.13
CA THR T 38 -11.57 5.35 -21.07
C THR T 38 -11.99 4.91 -22.46
N ALA T 39 -11.97 5.83 -23.43
CA ALA T 39 -12.47 5.52 -24.76
C ALA T 39 -11.55 6.08 -25.85
N GLY T 40 -11.42 5.33 -26.96
CA GLY T 40 -10.85 5.85 -28.18
C GLY T 40 -11.94 6.59 -28.96
N VAL T 41 -11.80 7.92 -29.05
CA VAL T 41 -12.78 8.79 -29.68
C VAL T 41 -12.07 9.68 -30.69
N THR T 42 -12.68 9.86 -31.87
CA THR T 42 -12.22 10.82 -32.87
C THR T 42 -13.37 11.72 -33.28
N SER T 43 -13.05 12.95 -33.72
CA SER T 43 -14.09 13.93 -34.00
C SER T 43 -13.69 14.92 -35.08
N HIS T 44 -14.70 15.44 -35.80
CA HIS T 44 -14.55 16.44 -36.85
C HIS T 44 -15.65 17.49 -36.70
N ILE T 45 -15.28 18.78 -36.85
CA ILE T 45 -16.19 19.90 -36.60
C ILE T 45 -16.36 20.72 -37.88
N THR T 46 -17.61 21.12 -38.16
CA THR T 46 -17.99 21.91 -39.32
C THR T 46 -18.94 23.02 -38.89
N SER T 47 -19.26 23.96 -39.80
CA SER T 47 -20.17 25.07 -39.53
C SER T 47 -21.61 24.65 -39.16
N LYS T 48 -21.96 23.36 -39.30
CA LYS T 48 -23.32 22.86 -39.08
C LYS T 48 -23.38 21.63 -38.17
N TYR T 49 -22.32 20.80 -38.16
CA TYR T 49 -22.33 19.52 -37.47
C TYR T 49 -21.00 19.23 -36.77
N ILE T 50 -21.11 18.54 -35.63
CA ILE T 50 -19.99 17.82 -35.02
C ILE T 50 -20.21 16.34 -35.26
N PHE T 51 -19.18 15.64 -35.77
CA PHE T 51 -19.19 14.20 -35.93
C PHE T 51 -18.32 13.56 -34.85
N ILE T 52 -18.81 12.48 -34.22
CA ILE T 52 -18.09 11.79 -33.16
C ILE T 52 -18.12 10.30 -33.44
N ASN T 53 -16.94 9.70 -33.55
CA ASN T 53 -16.85 8.30 -33.91
C ASN T 53 -16.04 7.58 -32.86
N VAL T 54 -16.58 6.48 -32.31
CA VAL T 54 -15.95 5.76 -31.21
C VAL T 54 -15.32 4.47 -31.72
N SER T 55 -14.06 4.20 -31.34
CA SER T 55 -13.31 3.04 -31.83
C SER T 55 -13.22 1.91 -30.80
N SER T 56 -13.21 2.26 -29.51
CA SER T 56 -13.18 1.31 -28.39
C SER T 56 -13.56 2.02 -27.09
N SER T 57 -13.96 1.27 -26.06
CA SER T 57 -14.21 1.81 -24.73
C SER T 57 -13.91 0.77 -23.66
N SER T 58 -13.65 1.24 -22.43
CA SER T 58 -13.31 0.38 -21.30
C SER T 58 -14.52 -0.46 -20.88
N SER T 59 -15.73 0.11 -21.01
CA SER T 59 -17.00 -0.58 -20.73
C SER T 59 -18.09 -0.10 -21.70
N ALA T 60 -19.17 -0.88 -21.81
CA ALA T 60 -20.33 -0.50 -22.61
C ALA T 60 -21.31 0.29 -21.73
N ILE T 61 -21.64 1.54 -22.14
CA ILE T 61 -22.45 2.45 -21.33
C ILE T 61 -23.55 3.09 -22.17
N SER T 62 -24.67 3.49 -21.53
CA SER T 62 -25.79 4.10 -22.22
C SER T 62 -25.43 5.52 -22.71
N ALA T 63 -25.84 5.86 -23.93
CA ALA T 63 -25.63 7.21 -24.46
C ALA T 63 -26.41 8.29 -23.69
N SER T 64 -27.40 7.91 -22.87
CA SER T 64 -28.11 8.83 -21.99
C SER T 64 -27.33 9.16 -20.71
N SER T 65 -26.35 8.34 -20.34
CA SER T 65 -25.53 8.53 -19.15
C SER T 65 -24.36 9.51 -19.35
N ILE T 66 -24.12 9.92 -20.61
CA ILE T 66 -23.01 10.79 -20.98
C ILE T 66 -23.54 12.21 -21.19
N THR T 67 -22.88 13.19 -20.59
CA THR T 67 -23.23 14.61 -20.71
C THR T 67 -22.23 15.29 -21.64
N ILE T 68 -22.73 16.14 -22.54
CA ILE T 68 -21.87 16.89 -23.46
C ILE T 68 -21.98 18.40 -23.18
N THR T 69 -20.82 19.09 -23.18
CA THR T 69 -20.78 20.54 -23.02
C THR T 69 -19.98 21.18 -24.16
N ILE T 70 -20.35 22.42 -24.54
CA ILE T 70 -19.83 23.06 -25.75
C ILE T 70 -19.50 24.53 -25.48
N THR T 71 -18.52 25.06 -26.22
CA THR T 71 -18.16 26.47 -26.19
C THR T 71 -17.88 26.97 -27.61
N GLY T 72 -18.15 28.26 -27.85
CA GLY T 72 -17.94 28.87 -29.16
C GLY T 72 -19.07 28.61 -30.17
N ALA T 73 -20.15 27.93 -29.72
CA ALA T 73 -21.27 27.51 -30.55
C ALA T 73 -22.50 27.25 -29.68
N SER T 74 -23.56 26.68 -30.28
CA SER T 74 -24.79 26.32 -29.58
C SER T 74 -25.45 25.09 -30.24
N PHE T 75 -26.18 24.28 -29.47
CA PHE T 75 -26.87 23.12 -30.02
C PHE T 75 -28.18 23.54 -30.69
N LYS T 76 -28.55 22.86 -31.79
CA LYS T 76 -29.86 23.05 -32.43
C LYS T 76 -31.00 22.39 -31.65
N VAL T 77 -30.69 21.43 -30.78
CA VAL T 77 -31.65 20.76 -29.90
C VAL T 77 -31.53 21.36 -28.50
N THR T 78 -32.66 21.75 -27.89
CA THR T 78 -32.65 22.65 -26.73
C THR T 78 -33.17 22.01 -25.44
N SER T 79 -33.61 20.74 -25.47
CA SER T 79 -34.26 20.08 -24.34
C SER T 79 -33.32 19.81 -23.16
N GLY T 80 -32.01 19.67 -23.42
CA GLY T 80 -31.04 19.26 -22.41
C GLY T 80 -29.66 19.03 -23.02
N ASP T 81 -28.86 18.16 -22.36
CA ASP T 81 -27.42 18.10 -22.62
C ASP T 81 -26.84 16.69 -22.49
N THR T 82 -27.68 15.65 -22.46
CA THR T 82 -27.14 14.30 -22.59
C THR T 82 -26.80 14.01 -24.05
N LEU T 83 -25.84 13.11 -24.29
CA LEU T 83 -25.38 12.83 -25.65
C LEU T 83 -26.50 12.25 -26.50
N ALA T 84 -27.26 11.29 -25.95
CA ALA T 84 -28.40 10.68 -26.64
C ALA T 84 -29.42 11.72 -27.10
N GLU T 85 -29.67 12.71 -26.24
CA GLU T 85 -30.68 13.73 -26.42
C GLU T 85 -30.31 14.71 -27.53
N VAL T 86 -29.11 15.32 -27.47
CA VAL T 86 -28.71 16.32 -28.46
C VAL T 86 -28.41 15.69 -29.84
N ALA T 87 -28.01 14.42 -29.86
CA ALA T 87 -27.71 13.70 -31.10
C ALA T 87 -28.96 13.07 -31.73
N GLY T 88 -30.13 13.11 -31.06
CA GLY T 88 -31.37 12.57 -31.59
C GLY T 88 -31.40 11.04 -31.65
N VAL T 89 -30.82 10.39 -30.64
CA VAL T 89 -30.74 8.93 -30.54
C VAL T 89 -32.09 8.38 -30.06
N SER T 90 -32.78 7.63 -30.93
CA SER T 90 -33.95 6.84 -30.55
C SER T 90 -33.53 5.57 -29.80
N SER T 91 -34.42 5.02 -28.97
CA SER T 91 -34.16 3.85 -28.12
C SER T 91 -33.85 2.58 -28.92
N THR T 92 -34.31 2.50 -30.18
CA THR T 92 -34.07 1.40 -31.10
C THR T 92 -32.76 1.55 -31.89
N SER T 93 -32.15 2.75 -31.87
CA SER T 93 -30.97 3.06 -32.67
C SER T 93 -29.74 2.25 -32.24
N SER T 94 -28.89 1.88 -33.21
CA SER T 94 -27.65 1.17 -32.94
C SER T 94 -26.76 1.97 -31.98
N ASN T 95 -26.81 3.31 -32.12
CA ASN T 95 -25.97 4.24 -31.40
C ASN T 95 -26.51 4.55 -30.00
N ALA T 96 -27.47 3.74 -29.50
CA ALA T 96 -27.97 3.88 -28.13
C ALA T 96 -26.93 3.49 -27.06
N THR T 97 -25.91 2.71 -27.45
CA THR T 97 -24.83 2.29 -26.57
C THR T 97 -23.50 2.88 -27.05
N PHE T 98 -22.72 3.41 -26.10
CA PHE T 98 -21.41 3.98 -26.36
C PHE T 98 -20.33 2.89 -26.24
N THR T 99 -19.81 2.46 -27.40
CA THR T 99 -18.85 1.37 -27.57
C THR T 99 -18.15 1.56 -28.92
N GLY T 100 -17.08 0.81 -29.19
CA GLY T 100 -16.50 0.78 -30.53
C GLY T 100 -17.55 0.47 -31.59
N GLY T 101 -17.53 1.24 -32.70
CA GLY T 101 -18.50 1.07 -33.78
C GLY T 101 -19.72 1.98 -33.70
N SER T 102 -19.85 2.78 -32.63
CA SER T 102 -20.93 3.77 -32.51
C SER T 102 -20.52 5.13 -33.03
N ASP T 103 -21.36 5.72 -33.90
CA ASP T 103 -21.12 7.04 -34.49
C ASP T 103 -22.30 7.98 -34.19
N TYR T 104 -22.00 9.27 -33.96
CA TYR T 104 -23.00 10.28 -33.62
C TYR T 104 -22.79 11.54 -34.47
N THR T 105 -23.91 12.20 -34.82
CA THR T 105 -23.90 13.50 -35.48
C THR T 105 -24.69 14.50 -34.63
N VAL T 106 -24.06 15.60 -34.21
CA VAL T 106 -24.70 16.62 -33.39
C VAL T 106 -24.86 17.90 -34.22
N PRO T 107 -26.09 18.41 -34.42
CA PRO T 107 -26.32 19.65 -35.17
C PRO T 107 -26.14 20.89 -34.30
N ILE T 108 -25.42 21.90 -34.85
CA ILE T 108 -25.03 23.10 -34.11
C ILE T 108 -25.26 24.37 -34.93
N SER T 109 -25.28 25.51 -34.24
CA SER T 109 -25.50 26.84 -34.80
C SER T 109 -24.48 27.84 -34.24
N LEU T 110 -23.98 28.73 -35.12
CA LEU T 110 -23.01 29.77 -34.79
C LEU T 110 -23.62 31.16 -34.97
N SER T 111 -23.23 32.10 -34.09
CA SER T 111 -23.58 33.53 -34.21
C SER T 111 -22.80 34.21 -35.36
N SER T 112 -23.08 35.51 -35.58
CA SER T 112 -22.37 36.34 -36.55
C SER T 112 -20.88 36.52 -36.22
N SER T 113 -20.51 36.42 -34.93
CA SER T 113 -19.15 36.61 -34.43
C SER T 113 -18.39 35.29 -34.25
N GLN T 114 -19.11 34.18 -34.06
CA GLN T 114 -18.52 32.85 -33.87
C GLN T 114 -18.00 32.27 -35.19
N THR T 115 -16.95 31.43 -35.08
CA THR T 115 -16.29 30.78 -36.22
C THR T 115 -15.88 29.35 -35.85
N VAL T 116 -15.71 28.49 -36.87
CA VAL T 116 -15.44 27.07 -36.68
C VAL T 116 -14.18 26.83 -35.87
N ALA T 117 -13.12 27.64 -36.10
CA ALA T 117 -11.86 27.55 -35.39
C ALA T 117 -11.99 27.81 -33.88
N GLY T 118 -13.09 28.43 -33.43
CA GLY T 118 -13.31 28.74 -32.03
C GLY T 118 -14.10 27.68 -31.25
N VAL T 119 -14.70 26.69 -31.94
CA VAL T 119 -15.59 25.71 -31.32
C VAL T 119 -14.79 24.59 -30.64
N SER T 120 -15.23 24.18 -29.43
CA SER T 120 -14.73 22.98 -28.77
C SER T 120 -15.77 22.38 -27.81
N PHE T 121 -15.60 21.10 -27.46
CA PHE T 121 -16.57 20.37 -26.64
C PHE T 121 -15.91 19.30 -25.78
N GLU T 122 -16.65 18.80 -24.78
CA GLU T 122 -16.19 17.77 -23.87
C GLU T 122 -17.30 16.75 -23.58
N LEU T 123 -16.91 15.50 -23.31
CA LEU T 123 -17.82 14.46 -22.86
C LEU T 123 -17.51 14.10 -21.41
N ILE T 124 -18.56 14.04 -20.58
CA ILE T 124 -18.42 13.81 -19.14
C ILE T 124 -19.26 12.59 -18.76
N TYR T 125 -18.67 11.70 -17.94
CA TYR T 125 -19.36 10.53 -17.43
C TYR T 125 -19.02 10.36 -15.94
N LYS T 126 -20.05 10.19 -15.09
CA LYS T 126 -19.93 10.09 -13.64
C LYS T 126 -19.00 11.14 -13.02
N GLY T 127 -19.04 12.37 -13.55
CA GLY T 127 -18.29 13.49 -13.02
C GLY T 127 -16.81 13.56 -13.43
N ASN T 128 -16.36 12.66 -14.33
CA ASN T 128 -15.02 12.68 -14.90
C ASN T 128 -15.09 13.08 -16.38
N VAL T 129 -14.14 13.91 -16.85
CA VAL T 129 -14.04 14.23 -18.27
C VAL T 129 -13.40 13.03 -19.00
N ILE T 130 -14.11 12.44 -19.98
CA ILE T 130 -13.61 11.28 -20.72
C ILE T 130 -13.06 11.63 -22.12
N TYR T 131 -13.43 12.81 -22.65
CA TYR T 131 -12.91 13.32 -23.91
C TYR T 131 -12.98 14.85 -23.91
N ASN T 132 -12.02 15.49 -24.59
CA ASN T 132 -11.97 16.94 -24.73
C ASN T 132 -11.36 17.28 -26.09
N SER T 133 -12.14 17.91 -26.98
CA SER T 133 -11.74 18.14 -28.36
C SER T 133 -10.53 19.08 -28.48
N ALA T 134 -10.30 19.90 -27.45
CA ALA T 134 -9.24 20.91 -27.43
C ALA T 134 -7.94 20.41 -26.76
N ALA T 135 -7.86 19.11 -26.41
CA ALA T 135 -6.68 18.52 -25.79
C ALA T 135 -5.47 18.61 -26.75
N VAL U 1 -17.66 5.41 44.95
CA VAL U 1 -16.67 6.54 44.68
C VAL U 1 -15.52 6.12 43.76
N SER U 2 -14.64 5.20 44.18
CA SER U 2 -13.35 4.97 43.52
C SER U 2 -13.37 4.58 42.04
N PRO U 3 -14.33 3.81 41.47
CA PRO U 3 -14.34 3.54 40.02
C PRO U 3 -14.48 4.76 39.12
N ILE U 4 -15.15 5.83 39.58
CA ILE U 4 -15.27 7.06 38.82
C ILE U 4 -13.96 7.85 38.86
N ILE U 5 -13.30 7.93 40.01
CA ILE U 5 -12.03 8.62 40.16
C ILE U 5 -10.93 7.94 39.33
N ALA U 6 -10.87 6.61 39.35
CA ALA U 6 -9.97 5.84 38.49
C ALA U 6 -10.20 6.15 37.00
N THR U 7 -11.45 6.36 36.59
CA THR U 7 -11.79 6.68 35.21
C THR U 7 -11.27 8.07 34.81
N ILE U 8 -11.37 9.06 35.71
CA ILE U 8 -10.88 10.41 35.48
C ILE U 8 -9.36 10.42 35.31
N LEU U 9 -8.63 9.64 36.11
CA LEU U 9 -7.18 9.50 35.97
C LEU U 9 -6.79 8.90 34.62
N LEU U 10 -7.51 7.87 34.15
CA LEU U 10 -7.22 7.23 32.87
C LEU U 10 -7.48 8.16 31.66
N ILE U 11 -8.44 9.08 31.76
CA ILE U 11 -8.66 10.08 30.71
C ILE U 11 -7.49 11.04 30.66
N ALA U 12 -7.02 11.53 31.81
CA ALA U 12 -5.85 12.40 31.88
C ALA U 12 -4.60 11.76 31.26
N ILE U 13 -4.34 10.47 31.53
CA ILE U 13 -3.22 9.73 30.94
C ILE U 13 -3.38 9.60 29.42
N THR U 14 -4.61 9.35 28.95
CA THR U 14 -4.89 9.14 27.53
C THR U 14 -4.51 10.35 26.68
N VAL U 15 -4.83 11.57 27.16
CA VAL U 15 -4.52 12.80 26.46
C VAL U 15 -3.02 12.98 26.27
N VAL U 16 -2.19 12.65 27.27
CA VAL U 16 -0.74 12.79 27.17
C VAL U 16 -0.14 11.79 26.16
N LEU U 17 -0.70 10.59 26.07
CA LEU U 17 -0.26 9.62 25.08
C LEU U 17 -0.59 10.10 23.67
N ALA U 18 -1.80 10.62 23.44
CA ALA U 18 -2.19 11.16 22.15
C ALA U 18 -1.31 12.34 21.73
N ALA U 19 -1.02 13.25 22.66
CA ALA U 19 -0.12 14.36 22.43
C ALA U 19 1.30 13.88 22.10
N THR U 20 1.77 12.79 22.74
CA THR U 20 3.05 12.19 22.43
C THR U 20 3.08 11.63 21.00
N LEU U 21 2.06 10.85 20.63
CA LEU U 21 1.94 10.27 19.30
C LEU U 21 2.01 11.34 18.20
N VAL U 22 1.32 12.47 18.36
CA VAL U 22 1.34 13.57 17.40
C VAL U 22 2.76 14.06 17.13
N THR U 23 3.64 14.11 18.14
CA THR U 23 5.02 14.53 17.90
C THR U 23 5.87 13.46 17.21
N ILE U 24 5.53 12.18 17.36
CA ILE U 24 6.20 11.12 16.61
C ILE U 24 5.87 11.24 15.12
N LEU U 25 4.60 11.49 14.77
CA LEU U 25 4.17 11.52 13.37
C LEU U 25 4.84 12.67 12.61
N GLY U 26 5.14 13.79 13.28
CA GLY U 26 5.78 14.95 12.67
C GLY U 26 7.14 14.65 12.02
N GLY U 27 7.80 13.55 12.39
CA GLY U 27 9.05 13.15 11.77
C GLY U 27 8.89 12.48 10.40
N PHE U 28 7.67 12.12 10.02
CA PHE U 28 7.37 11.47 8.74
C PHE U 28 6.80 12.46 7.74
N THR U 29 5.95 13.39 8.20
CA THR U 29 5.11 14.22 7.35
C THR U 29 5.82 15.50 6.88
N HIS U 30 7.10 15.40 6.47
CA HIS U 30 7.83 16.54 5.91
C HIS U 30 8.94 16.08 4.96
N GLY U 31 9.37 16.99 4.07
CA GLY U 31 10.54 16.78 3.22
C GLY U 31 10.32 15.83 2.04
N VAL U 32 9.06 15.60 1.64
CA VAL U 32 8.73 14.83 0.44
C VAL U 32 8.20 15.78 -0.64
N SER U 33 8.83 15.76 -1.82
CA SER U 33 8.52 16.66 -2.93
C SER U 33 9.01 16.09 -4.26
N ASN U 34 8.46 16.61 -5.36
CA ASN U 34 8.79 16.16 -6.70
C ASN U 34 10.06 16.86 -7.20
N THR U 35 11.21 16.15 -7.15
CA THR U 35 12.52 16.74 -7.47
C THR U 35 13.08 16.27 -8.82
N VAL U 36 12.32 15.47 -9.58
CA VAL U 36 12.78 14.89 -10.84
C VAL U 36 12.83 15.95 -11.94
N GLU U 37 13.95 15.97 -12.69
CA GLU U 37 14.18 16.86 -13.82
C GLU U 37 14.92 16.07 -14.90
N THR U 38 14.80 16.46 -16.19
CA THR U 38 15.38 15.67 -17.27
C THR U 38 15.61 16.61 -18.46
N ALA U 39 16.83 16.62 -19.00
CA ALA U 39 17.15 17.58 -20.06
C ALA U 39 17.97 16.91 -21.17
N GLY U 40 17.71 17.33 -22.41
CA GLY U 40 18.60 17.05 -23.53
C GLY U 40 19.73 18.07 -23.54
N VAL U 41 20.95 17.60 -23.23
CA VAL U 41 22.12 18.45 -23.11
C VAL U 41 23.25 17.86 -23.97
N THR U 42 23.96 18.73 -24.70
CA THR U 42 25.16 18.33 -25.43
C THR U 42 26.31 19.26 -25.05
N SER U 43 27.55 18.77 -25.15
CA SER U 43 28.69 19.52 -24.66
C SER U 43 29.97 19.21 -25.42
N HIS U 44 30.87 20.21 -25.49
CA HIS U 44 32.18 20.10 -26.12
C HIS U 44 33.22 20.78 -25.23
N ILE U 45 34.39 20.13 -25.08
CA ILE U 45 35.43 20.57 -24.15
C ILE U 45 36.71 20.88 -24.92
N THR U 46 37.37 21.99 -24.54
CA THR U 46 38.61 22.48 -25.14
C THR U 46 39.57 22.92 -24.03
N SER U 47 40.83 23.21 -24.39
CA SER U 47 41.86 23.66 -23.45
C SER U 47 41.52 24.97 -22.71
N LYS U 48 40.46 25.69 -23.12
CA LYS U 48 40.11 27.00 -22.57
C LYS U 48 38.63 27.12 -22.16
N TYR U 49 37.74 26.39 -22.84
CA TYR U 49 36.30 26.54 -22.65
C TYR U 49 35.57 25.19 -22.65
N ILE U 50 34.50 25.14 -21.86
CA ILE U 50 33.45 24.13 -21.99
C ILE U 50 32.23 24.82 -22.60
N PHE U 51 31.67 24.23 -23.66
CA PHE U 51 30.43 24.70 -24.27
C PHE U 51 29.30 23.75 -23.88
N ILE U 52 28.14 24.30 -23.50
CA ILE U 52 26.98 23.52 -23.09
C ILE U 52 25.74 24.04 -23.81
N ASN U 53 25.09 23.16 -24.56
CA ASN U 53 23.96 23.58 -25.36
C ASN U 53 22.76 22.71 -24.99
N VAL U 54 21.62 23.34 -24.67
CA VAL U 54 20.44 22.64 -24.19
C VAL U 54 19.40 22.57 -25.31
N SER U 55 18.82 21.38 -25.56
CA SER U 55 17.86 21.17 -26.64
C SER U 55 16.42 21.08 -26.16
N SER U 56 16.21 20.58 -24.94
CA SER U 56 14.90 20.48 -24.29
C SER U 56 15.08 20.23 -22.79
N SER U 57 14.02 20.50 -21.99
CA SER U 57 14.02 20.17 -20.57
C SER U 57 12.60 19.84 -20.10
N SER U 58 12.49 19.10 -18.99
CA SER U 58 11.21 18.69 -18.42
C SER U 58 10.45 19.89 -17.86
N SER U 59 11.18 20.88 -17.32
CA SER U 59 10.62 22.13 -16.83
C SER U 59 11.60 23.29 -17.08
N ALA U 60 11.08 24.53 -17.01
CA ALA U 60 11.91 25.73 -17.13
C ALA U 60 12.41 26.15 -15.74
N ILE U 61 13.74 26.22 -15.55
CA ILE U 61 14.35 26.46 -14.25
C ILE U 61 15.43 27.54 -14.34
N SER U 62 15.68 28.25 -13.22
CA SER U 62 16.67 29.31 -13.19
C SER U 62 18.10 28.74 -13.29
N ALA U 63 18.96 29.40 -14.08
CA ALA U 63 20.37 29.00 -14.16
C ALA U 63 21.14 29.17 -12.85
N SER U 64 20.60 29.94 -11.89
CA SER U 64 21.17 30.06 -10.55
C SER U 64 20.85 28.87 -9.63
N SER U 65 19.81 28.09 -9.96
CA SER U 65 19.40 26.92 -9.19
C SER U 65 20.20 25.67 -9.50
N ILE U 66 21.05 25.70 -10.54
CA ILE U 66 21.84 24.56 -10.99
C ILE U 66 23.28 24.73 -10.51
N THR U 67 23.83 23.66 -9.93
CA THR U 67 25.21 23.63 -9.44
C THR U 67 26.06 22.82 -10.41
N ILE U 68 27.27 23.30 -10.71
CA ILE U 68 28.20 22.60 -11.59
C ILE U 68 29.46 22.19 -10.81
N THR U 69 29.94 20.95 -11.04
CA THR U 69 31.18 20.46 -10.44
C THR U 69 32.10 19.91 -11.52
N ILE U 70 33.42 20.02 -11.31
CA ILE U 70 34.42 19.73 -12.34
C ILE U 70 35.59 18.94 -11.76
N THR U 71 36.23 18.11 -12.61
CA THR U 71 37.44 17.39 -12.25
C THR U 71 38.43 17.41 -13.42
N GLY U 72 39.73 17.38 -13.12
CA GLY U 72 40.78 17.42 -14.12
C GLY U 72 41.11 18.83 -14.63
N ALA U 73 40.47 19.86 -14.06
CA ALA U 73 40.58 21.26 -14.48
C ALA U 73 40.17 22.19 -13.33
N SER U 74 40.04 23.49 -13.63
CA SER U 74 39.60 24.51 -12.67
C SER U 74 38.86 25.63 -13.38
N PHE U 75 37.90 26.28 -12.70
CA PHE U 75 37.18 27.42 -13.28
C PHE U 75 38.01 28.70 -13.22
N LYS U 76 37.88 29.56 -14.25
CA LYS U 76 38.51 30.89 -14.22
C LYS U 76 37.75 31.88 -13.34
N VAL U 77 36.48 31.60 -13.02
CA VAL U 77 35.66 32.40 -12.11
C VAL U 77 35.61 31.69 -10.75
N THR U 78 35.87 32.43 -9.66
CA THR U 78 36.21 31.82 -8.38
C THR U 78 35.19 32.08 -7.26
N SER U 79 34.11 32.84 -7.53
CA SER U 79 33.15 33.27 -6.53
C SER U 79 32.29 32.13 -5.96
N GLY U 80 32.10 31.06 -6.74
CA GLY U 80 31.19 29.98 -6.38
C GLY U 80 31.02 28.97 -7.51
N ASP U 81 29.87 28.27 -7.53
CA ASP U 81 29.72 27.06 -8.32
C ASP U 81 28.31 26.89 -8.90
N THR U 82 27.47 27.93 -8.89
CA THR U 82 26.23 27.86 -9.65
C THR U 82 26.52 28.06 -11.14
N LEU U 83 25.66 27.50 -12.01
CA LEU U 83 25.89 27.57 -13.45
C LEU U 83 25.87 29.03 -13.94
N ALA U 84 24.88 29.81 -13.49
CA ALA U 84 24.77 31.22 -13.85
C ALA U 84 26.04 32.01 -13.50
N GLU U 85 26.62 31.71 -12.35
CA GLU U 85 27.76 32.40 -11.78
C GLU U 85 29.05 32.13 -12.56
N VAL U 86 29.40 30.85 -12.78
CA VAL U 86 30.65 30.51 -13.46
C VAL U 86 30.60 30.83 -14.96
N ALA U 87 29.40 30.82 -15.55
CA ALA U 87 29.20 31.13 -16.97
C ALA U 87 29.07 32.63 -17.25
N GLY U 88 28.99 33.47 -16.20
CA GLY U 88 28.90 34.92 -16.35
C GLY U 88 27.54 35.39 -16.90
N VAL U 89 26.46 34.73 -16.46
CA VAL U 89 25.09 35.03 -16.88
C VAL U 89 24.58 36.27 -16.12
N SER U 90 24.35 37.37 -16.86
CA SER U 90 23.64 38.53 -16.34
C SER U 90 22.13 38.26 -16.27
N SER U 91 21.42 38.98 -15.39
CA SER U 91 19.98 38.80 -15.13
C SER U 91 19.11 39.11 -16.35
N THR U 92 19.62 39.94 -17.29
CA THR U 92 18.96 40.30 -18.54
C THR U 92 19.23 39.32 -19.67
N SER U 93 20.22 38.42 -19.51
CA SER U 93 20.67 37.50 -20.55
C SER U 93 19.59 36.47 -20.90
N SER U 94 19.52 36.09 -22.20
CA SER U 94 18.60 35.07 -22.68
C SER U 94 18.82 33.75 -21.93
N ASN U 95 20.09 33.47 -21.59
CA ASN U 95 20.53 32.23 -20.98
C ASN U 95 20.32 32.22 -19.47
N ALA U 96 19.52 33.16 -18.93
CA ALA U 96 19.16 33.17 -17.52
C ALA U 96 18.24 32.00 -17.13
N THR U 97 17.55 31.40 -18.11
CA THR U 97 16.66 30.26 -17.89
C THR U 97 17.20 29.04 -18.63
N PHE U 98 17.19 27.89 -17.94
CA PHE U 98 17.63 26.62 -18.50
C PHE U 98 16.45 25.90 -19.15
N THR U 99 16.45 25.91 -20.49
CA THR U 99 15.40 25.37 -21.37
C THR U 99 16.03 25.10 -22.75
N GLY U 100 15.30 24.42 -23.64
CA GLY U 100 15.74 24.29 -25.03
C GLY U 100 16.04 25.67 -25.64
N GLY U 101 17.17 25.78 -26.35
CA GLY U 101 17.59 27.03 -26.96
C GLY U 101 18.55 27.87 -26.12
N SER U 102 18.87 27.45 -24.88
CA SER U 102 19.85 28.13 -24.04
C SER U 102 21.25 27.52 -24.21
N ASP U 103 22.25 28.39 -24.44
CA ASP U 103 23.65 27.99 -24.61
C ASP U 103 24.54 28.71 -23.59
N TYR U 104 25.56 28.01 -23.09
CA TYR U 104 26.48 28.54 -22.08
C TYR U 104 27.93 28.26 -22.48
N THR U 105 28.83 29.20 -22.13
CA THR U 105 30.28 29.03 -22.29
C THR U 105 30.94 29.22 -20.92
N VAL U 106 31.68 28.20 -20.44
CA VAL U 106 32.37 28.27 -19.16
C VAL U 106 33.87 28.31 -19.40
N PRO U 107 34.59 29.36 -18.92
CA PRO U 107 36.05 29.44 -19.08
C PRO U 107 36.79 28.66 -17.99
N ILE U 108 37.81 27.90 -18.41
CA ILE U 108 38.55 27.00 -17.54
C ILE U 108 40.07 27.10 -17.74
N SER U 109 40.82 26.59 -16.76
CA SER U 109 42.28 26.58 -16.73
C SER U 109 42.81 25.21 -16.32
N LEU U 110 43.91 24.77 -16.97
CA LEU U 110 44.58 23.50 -16.74
C LEU U 110 45.99 23.73 -16.19
N SER U 111 46.44 22.84 -15.28
CA SER U 111 47.82 22.81 -14.80
C SER U 111 48.78 22.25 -15.85
N SER U 112 50.09 22.21 -15.52
CA SER U 112 51.14 21.62 -16.36
C SER U 112 50.96 20.12 -16.60
N SER U 113 50.30 19.42 -15.66
CA SER U 113 50.08 17.97 -15.69
C SER U 113 48.70 17.60 -16.25
N GLN U 114 47.72 18.50 -16.17
CA GLN U 114 46.36 18.27 -16.67
C GLN U 114 46.29 18.35 -18.20
N THR U 115 45.34 17.60 -18.79
CA THR U 115 45.13 17.53 -20.23
C THR U 115 43.63 17.45 -20.54
N VAL U 116 43.24 17.83 -21.76
CA VAL U 116 41.84 17.93 -22.17
C VAL U 116 41.12 16.58 -22.03
N ALA U 117 41.80 15.48 -22.37
CA ALA U 117 41.25 14.12 -22.28
C ALA U 117 40.89 13.71 -20.84
N GLY U 118 41.42 14.42 -19.83
CA GLY U 118 41.17 14.11 -18.43
C GLY U 118 40.01 14.88 -17.80
N VAL U 119 39.48 15.91 -18.48
CA VAL U 119 38.47 16.80 -17.92
C VAL U 119 37.06 16.18 -18.01
N SER U 120 36.27 16.33 -16.93
CA SER U 120 34.85 16.01 -16.94
C SER U 120 34.08 16.85 -15.92
N PHE U 121 32.74 16.93 -16.10
CA PHE U 121 31.90 17.78 -15.26
C PHE U 121 30.48 17.21 -15.11
N GLU U 122 29.74 17.73 -14.12
CA GLU U 122 28.37 17.31 -13.86
C GLU U 122 27.49 18.51 -13.50
N LEU U 123 26.19 18.42 -13.83
CA LEU U 123 25.19 19.40 -13.43
C LEU U 123 24.24 18.77 -12.41
N ILE U 124 23.99 19.49 -11.32
CA ILE U 124 23.18 19.00 -10.21
C ILE U 124 22.05 19.98 -9.94
N TYR U 125 20.83 19.45 -9.76
CA TYR U 125 19.66 20.24 -9.42
C TYR U 125 18.86 19.53 -8.33
N LYS U 126 18.51 20.26 -7.26
CA LYS U 126 17.82 19.74 -6.08
C LYS U 126 18.39 18.41 -5.56
N GLY U 127 19.73 18.27 -5.60
CA GLY U 127 20.42 17.10 -5.07
C GLY U 127 20.44 15.86 -5.97
N ASN U 128 19.92 15.97 -7.20
CA ASN U 128 19.99 14.92 -8.22
C ASN U 128 20.97 15.32 -9.33
N VAL U 129 21.77 14.38 -9.84
CA VAL U 129 22.61 14.63 -11.00
C VAL U 129 21.74 14.59 -12.26
N ILE U 130 21.69 15.70 -13.03
CA ILE U 130 20.88 15.79 -14.24
C ILE U 130 21.68 15.63 -15.54
N TYR U 131 23.01 15.80 -15.48
CA TYR U 131 23.91 15.57 -16.60
C TYR U 131 25.30 15.21 -16.08
N ASN U 132 26.03 14.36 -16.83
CA ASN U 132 27.39 13.96 -16.50
C ASN U 132 28.15 13.71 -17.80
N SER U 133 29.18 14.53 -18.06
CA SER U 133 29.89 14.50 -19.33
C SER U 133 30.62 13.18 -19.59
N ALA U 134 30.93 12.43 -18.52
CA ALA U 134 31.67 11.17 -18.59
C ALA U 134 30.76 9.93 -18.67
N ALA U 135 29.44 10.12 -18.83
CA ALA U 135 28.48 9.01 -18.95
C ALA U 135 28.78 8.17 -20.20
N VAL V 1 -10.45 1.10 42.01
CA VAL V 1 -9.45 -0.02 41.77
C VAL V 1 -9.63 -0.68 40.40
N SER V 2 -10.75 -1.35 40.12
CA SER V 2 -10.87 -2.27 38.98
C SER V 2 -10.62 -1.68 37.57
N PRO V 3 -10.95 -0.42 37.20
CA PRO V 3 -10.61 0.10 35.87
C PRO V 3 -9.12 0.16 35.54
N ILE V 4 -8.26 0.34 36.55
CA ILE V 4 -6.81 0.34 36.35
C ILE V 4 -6.30 -1.09 36.13
N ILE V 5 -6.78 -2.06 36.90
CA ILE V 5 -6.40 -3.45 36.75
C ILE V 5 -6.82 -4.02 35.39
N ALA V 6 -8.05 -3.71 34.95
CA ALA V 6 -8.51 -4.06 33.62
C ALA V 6 -7.61 -3.48 32.52
N THR V 7 -7.07 -2.27 32.71
CA THR V 7 -6.17 -1.62 31.76
C THR V 7 -4.83 -2.37 31.67
N ILE V 8 -4.29 -2.81 32.81
CA ILE V 8 -3.04 -3.56 32.86
C ILE V 8 -3.17 -4.91 32.13
N LEU V 9 -4.30 -5.60 32.28
CA LEU V 9 -4.58 -6.84 31.55
C LEU V 9 -4.62 -6.62 30.04
N LEU V 10 -5.26 -5.53 29.57
CA LEU V 10 -5.36 -5.23 28.15
C LEU V 10 -4.01 -4.88 27.53
N ILE V 11 -3.07 -4.29 28.28
CA ILE V 11 -1.72 -4.04 27.79
C ILE V 11 -0.99 -5.37 27.60
N ALA V 12 -1.07 -6.28 28.57
CA ALA V 12 -0.48 -7.61 28.47
C ALA V 12 -0.99 -8.38 27.22
N ILE V 13 -2.30 -8.35 26.95
CA ILE V 13 -2.88 -8.98 25.75
C ILE V 13 -2.36 -8.33 24.47
N THR V 14 -2.22 -7.00 24.45
CA THR V 14 -1.80 -6.25 23.27
C THR V 14 -0.41 -6.68 22.80
N VAL V 15 0.53 -6.87 23.73
CA VAL V 15 1.89 -7.27 23.40
C VAL V 15 1.93 -8.64 22.72
N VAL V 16 1.10 -9.60 23.14
CA VAL V 16 1.08 -10.94 22.55
C VAL V 16 0.49 -10.90 21.12
N LEU V 17 -0.50 -10.03 20.87
CA LEU V 17 -1.02 -9.85 19.52
C LEU V 17 0.04 -9.26 18.59
N ALA V 18 0.77 -8.23 19.03
CA ALA V 18 1.83 -7.62 18.24
C ALA V 18 2.94 -8.63 17.93
N ALA V 19 3.35 -9.43 18.93
CA ALA V 19 4.33 -10.50 18.73
C ALA V 19 3.83 -11.55 17.74
N THR V 20 2.52 -11.86 17.75
CA THR V 20 1.92 -12.79 16.79
C THR V 20 1.99 -12.22 15.38
N LEU V 21 1.58 -10.96 15.19
CA LEU V 21 1.61 -10.29 13.89
C LEU V 21 3.02 -10.32 13.27
N VAL V 22 4.06 -10.04 14.05
CA VAL V 22 5.45 -10.08 13.58
C VAL V 22 5.81 -11.43 12.95
N THR V 23 5.32 -12.55 13.50
CA THR V 23 5.60 -13.84 12.90
C THR V 23 4.80 -14.12 11.63
N ILE V 24 3.62 -13.49 11.46
CA ILE V 24 2.87 -13.58 10.21
C ILE V 24 3.63 -12.86 9.09
N LEU V 25 4.17 -11.67 9.37
CA LEU V 25 4.84 -10.87 8.34
C LEU V 25 6.08 -11.57 7.79
N GLY V 26 6.78 -12.35 8.62
CA GLY V 26 7.99 -13.07 8.22
C GLY V 26 7.79 -14.03 7.05
N GLY V 27 6.55 -14.43 6.75
CA GLY V 27 6.26 -15.28 5.60
C GLY V 27 6.22 -14.55 4.25
N PHE V 28 6.23 -13.20 4.28
CA PHE V 28 6.19 -12.36 3.09
C PHE V 28 7.58 -11.81 2.76
N THR V 29 8.35 -11.44 3.80
CA THR V 29 9.57 -10.65 3.65
C THR V 29 10.81 -11.51 3.40
N HIS V 30 10.71 -12.53 2.52
CA HIS V 30 11.85 -13.34 2.13
C HIS V 30 11.67 -13.94 0.71
N GLY V 31 12.79 -14.31 0.08
CA GLY V 31 12.79 -15.06 -1.17
C GLY V 31 12.43 -14.23 -2.42
N VAL V 32 12.57 -12.89 -2.34
CA VAL V 32 12.42 -12.00 -3.49
C VAL V 32 13.80 -11.47 -3.91
N SER V 33 14.16 -11.68 -5.18
CA SER V 33 15.46 -11.31 -5.72
C SER V 33 15.41 -11.18 -7.24
N ASN V 34 16.41 -10.49 -7.81
CA ASN V 34 16.51 -10.26 -9.23
C ASN V 34 17.16 -11.45 -9.93
N THR V 35 16.34 -12.33 -10.56
CA THR V 35 16.82 -13.57 -11.17
C THR V 35 16.87 -13.54 -12.70
N VAL V 36 16.56 -12.39 -13.31
CA VAL V 36 16.49 -12.26 -14.77
C VAL V 36 17.88 -12.27 -15.39
N GLU V 37 18.06 -13.05 -16.47
CA GLU V 37 19.29 -13.17 -17.24
C GLU V 37 18.89 -13.29 -18.72
N THR V 38 19.78 -12.92 -19.65
CA THR V 38 19.44 -12.89 -21.07
C THR V 38 20.73 -13.01 -21.87
N ALA V 39 20.80 -13.96 -22.81
CA ALA V 39 22.04 -14.19 -23.54
C ALA V 39 21.78 -14.41 -25.03
N GLY V 40 22.70 -13.92 -25.87
CA GLY V 40 22.78 -14.32 -27.27
C GLY V 40 23.54 -15.62 -27.38
N VAL V 41 22.83 -16.70 -27.73
CA VAL V 41 23.40 -18.04 -27.82
C VAL V 41 23.05 -18.63 -29.17
N THR V 42 24.02 -19.33 -29.79
CA THR V 42 23.80 -20.09 -31.02
C THR V 42 24.32 -21.51 -30.83
N SER V 43 23.74 -22.47 -31.57
CA SER V 43 24.07 -23.86 -31.33
C SER V 43 23.91 -24.71 -32.60
N HIS V 44 24.71 -25.79 -32.67
CA HIS V 44 24.69 -26.77 -33.74
C HIS V 44 24.78 -28.18 -33.17
N ILE V 45 23.97 -29.11 -33.70
CA ILE V 45 23.85 -30.46 -33.16
C ILE V 45 24.27 -31.48 -34.21
N THR V 46 25.03 -32.50 -33.77
CA THR V 46 25.53 -33.58 -34.61
C THR V 46 25.34 -34.92 -33.89
N SER V 47 25.58 -36.04 -34.59
CA SER V 47 25.46 -37.38 -34.03
C SER V 47 26.40 -37.67 -32.83
N LYS V 48 27.36 -36.78 -32.54
CA LYS V 48 28.37 -36.99 -31.50
C LYS V 48 28.51 -35.81 -30.53
N TYR V 49 28.25 -34.57 -31.01
CA TYR V 49 28.51 -33.36 -30.25
C TYR V 49 27.40 -32.32 -30.41
N ILE V 50 27.18 -31.57 -29.32
CA ILE V 50 26.48 -30.29 -29.36
C ILE V 50 27.52 -29.19 -29.19
N PHE V 51 27.48 -28.19 -30.08
CA PHE V 51 28.32 -27.01 -29.98
C PHE V 51 27.48 -25.83 -29.52
N ILE V 52 27.99 -25.04 -28.57
CA ILE V 52 27.27 -23.89 -28.01
C ILE V 52 28.21 -22.69 -27.98
N ASN V 53 27.81 -21.62 -28.66
CA ASN V 53 28.68 -20.46 -28.77
C ASN V 53 27.90 -19.24 -28.29
N VAL V 54 28.50 -18.47 -27.36
CA VAL V 54 27.84 -17.34 -26.72
C VAL V 54 28.38 -16.03 -27.30
N SER V 55 27.49 -15.10 -27.68
CA SER V 55 27.87 -13.85 -28.31
C SER V 55 27.80 -12.64 -27.37
N SER V 56 26.87 -12.69 -26.40
CA SER V 56 26.70 -11.67 -25.36
C SER V 56 25.84 -12.21 -24.22
N SER V 57 25.90 -11.57 -23.04
CA SER V 57 25.03 -11.91 -21.91
C SER V 57 24.74 -10.67 -21.07
N SER V 58 23.64 -10.70 -20.31
CA SER V 58 23.21 -9.60 -19.46
C SER V 58 24.17 -9.40 -18.29
N SER V 59 24.75 -10.51 -17.78
CA SER V 59 25.75 -10.50 -16.73
C SER V 59 26.76 -11.63 -16.94
N ALA V 60 27.93 -11.53 -16.28
CA ALA V 60 28.94 -12.59 -16.30
C ALA V 60 28.68 -13.58 -15.17
N ILE V 61 28.49 -14.86 -15.50
CA ILE V 61 28.10 -15.88 -14.53
C ILE V 61 28.96 -17.15 -14.67
N SER V 62 29.11 -17.90 -13.59
CA SER V 62 29.92 -19.11 -13.60
C SER V 62 29.25 -20.22 -14.41
N ALA V 63 30.03 -20.96 -15.22
CA ALA V 63 29.52 -22.10 -15.97
C ALA V 63 29.03 -23.25 -15.07
N SER V 64 29.41 -23.26 -13.78
CA SER V 64 28.91 -24.23 -12.81
C SER V 64 27.51 -23.87 -12.29
N SER V 65 27.07 -22.61 -12.43
CA SER V 65 25.76 -22.15 -11.98
C SER V 65 24.63 -22.44 -12.97
N ILE V 66 24.98 -22.91 -14.19
CA ILE V 66 24.03 -23.17 -15.25
C ILE V 66 23.78 -24.68 -15.34
N THR V 67 22.50 -25.07 -15.40
CA THR V 67 22.09 -26.45 -15.52
C THR V 67 21.62 -26.72 -16.95
N ILE V 68 22.01 -27.86 -17.52
CA ILE V 68 21.60 -28.24 -18.87
C ILE V 68 20.75 -29.51 -18.82
N THR V 69 19.65 -29.54 -19.60
CA THR V 69 18.80 -30.71 -19.73
C THR V 69 18.61 -31.07 -21.21
N ILE V 70 18.43 -32.37 -21.49
CA ILE V 70 18.45 -32.89 -22.86
C ILE V 70 17.34 -33.91 -23.07
N THR V 71 16.84 -34.01 -24.32
CA THR V 71 15.88 -35.03 -24.72
C THR V 71 16.24 -35.58 -26.10
N GLY V 72 15.91 -36.85 -26.34
CA GLY V 72 16.20 -37.52 -27.61
C GLY V 72 17.63 -38.05 -27.72
N ALA V 73 18.42 -37.92 -26.64
CA ALA V 73 19.84 -38.28 -26.59
C ALA V 73 20.27 -38.51 -25.12
N SER V 74 21.59 -38.67 -24.90
CA SER V 74 22.17 -38.84 -23.58
C SER V 74 23.58 -38.26 -23.54
N PHE V 75 24.04 -37.77 -22.36
CA PHE V 75 25.39 -37.25 -22.23
C PHE V 75 26.41 -38.39 -22.07
N LYS V 76 27.62 -38.20 -22.63
CA LYS V 76 28.73 -39.13 -22.42
C LYS V 76 29.37 -39.00 -21.03
N VAL V 77 29.17 -37.85 -20.36
CA VAL V 77 29.63 -37.61 -19.00
C VAL V 77 28.44 -37.77 -18.04
N THR V 78 28.63 -38.55 -16.96
CA THR V 78 27.51 -39.09 -16.18
C THR V 78 27.44 -38.56 -14.74
N SER V 79 28.39 -37.71 -14.31
CA SER V 79 28.50 -37.26 -12.93
C SER V 79 27.36 -36.34 -12.47
N GLY V 80 26.74 -35.62 -13.43
CA GLY V 80 25.74 -34.61 -13.12
C GLY V 80 25.31 -33.83 -14.35
N ASP V 81 24.85 -32.58 -14.16
CA ASP V 81 24.10 -31.86 -15.18
C ASP V 81 24.37 -30.35 -15.19
N THR V 82 25.43 -29.89 -14.52
CA THR V 82 25.85 -28.49 -14.72
C THR V 82 26.59 -28.36 -16.04
N LEU V 83 26.56 -27.17 -16.64
CA LEU V 83 27.18 -26.96 -17.95
C LEU V 83 28.69 -27.18 -17.89
N ALA V 84 29.36 -26.64 -16.86
CA ALA V 84 30.79 -26.83 -16.66
C ALA V 84 31.19 -28.30 -16.60
N GLU V 85 30.36 -29.10 -15.92
CA GLU V 85 30.60 -30.51 -15.65
C GLU V 85 30.48 -31.36 -16.92
N VAL V 86 29.37 -31.27 -17.65
CA VAL V 86 29.16 -32.11 -18.84
C VAL V 86 30.07 -31.69 -20.00
N ALA V 87 30.46 -30.42 -20.07
CA ALA V 87 31.34 -29.89 -21.10
C ALA V 87 32.84 -30.10 -20.79
N GLY V 88 33.18 -30.58 -19.60
CA GLY V 88 34.57 -30.85 -19.21
C GLY V 88 35.40 -29.58 -19.00
N VAL V 89 34.77 -28.54 -18.42
CA VAL V 89 35.40 -27.26 -18.15
C VAL V 89 36.29 -27.36 -16.91
N SER V 90 37.62 -27.23 -17.10
CA SER V 90 38.55 -27.06 -15.99
C SER V 90 38.48 -25.64 -15.43
N SER V 91 38.88 -25.46 -14.16
CA SER V 91 38.81 -24.17 -13.46
C SER V 91 39.71 -23.08 -14.06
N THR V 92 40.77 -23.49 -14.78
CA THR V 92 41.69 -22.62 -15.49
C THR V 92 41.23 -22.25 -16.90
N SER V 93 40.21 -22.96 -17.43
CA SER V 93 39.75 -22.79 -18.81
C SER V 93 39.11 -21.41 -19.04
N SER V 94 39.30 -20.86 -20.24
CA SER V 94 38.70 -19.58 -20.64
C SER V 94 37.18 -19.64 -20.51
N ASN V 95 36.62 -20.82 -20.80
CA ASN V 95 35.18 -21.07 -20.85
C ASN V 95 34.59 -21.33 -19.47
N ALA V 96 35.33 -21.03 -18.39
CA ALA V 96 34.81 -21.14 -17.03
C ALA V 96 33.73 -20.09 -16.71
N THR V 97 33.69 -18.99 -17.49
CA THR V 97 32.70 -17.94 -17.33
C THR V 97 31.80 -17.86 -18.58
N PHE V 98 30.50 -17.75 -18.36
CA PHE V 98 29.51 -17.63 -19.41
C PHE V 98 29.30 -16.15 -19.75
N THR V 99 29.84 -15.73 -20.91
CA THR V 99 29.86 -14.37 -21.44
C THR V 99 30.10 -14.45 -22.95
N GLY V 100 29.94 -13.33 -23.67
CA GLY V 100 30.32 -13.27 -25.07
C GLY V 100 31.77 -13.74 -25.27
N GLY V 101 32.01 -14.58 -26.28
CA GLY V 101 33.33 -15.12 -26.56
C GLY V 101 33.61 -16.49 -25.94
N SER V 102 32.69 -17.04 -25.13
CA SER V 102 32.82 -18.38 -24.56
C SER V 102 32.15 -19.43 -25.45
N ASP V 103 32.88 -20.51 -25.76
CA ASP V 103 32.40 -21.62 -26.57
C ASP V 103 32.51 -22.95 -25.81
N TYR V 104 31.53 -23.85 -26.00
CA TYR V 104 31.47 -25.13 -25.32
C TYR V 104 31.18 -26.26 -26.31
N THR V 105 31.76 -27.45 -26.05
CA THR V 105 31.47 -28.67 -26.79
C THR V 105 30.99 -29.74 -25.81
N VAL V 106 29.77 -30.27 -26.01
CA VAL V 106 29.21 -31.31 -25.14
C VAL V 106 29.13 -32.62 -25.92
N PRO V 107 29.80 -33.71 -25.46
CA PRO V 107 29.73 -35.02 -26.13
C PRO V 107 28.48 -35.82 -25.73
N ILE V 108 27.83 -36.41 -26.73
CA ILE V 108 26.54 -37.09 -26.56
C ILE V 108 26.51 -38.44 -27.29
N SER V 109 25.54 -39.28 -26.91
CA SER V 109 25.32 -40.62 -27.44
C SER V 109 23.84 -40.86 -27.74
N LEU V 110 23.57 -41.54 -28.87
CA LEU V 110 22.22 -41.87 -29.33
C LEU V 110 22.00 -43.39 -29.34
N SER V 111 20.78 -43.83 -29.01
CA SER V 111 20.36 -45.23 -29.14
C SER V 111 20.14 -45.64 -30.60
N SER V 112 19.80 -46.92 -30.83
CA SER V 112 19.46 -47.45 -32.15
C SER V 112 18.22 -46.80 -32.78
N SER V 113 17.30 -46.29 -31.94
CA SER V 113 16.04 -45.68 -32.36
C SER V 113 16.11 -44.15 -32.44
N GLN V 114 17.04 -43.52 -31.70
CA GLN V 114 17.22 -42.08 -31.68
C GLN V 114 17.92 -41.57 -32.94
N THR V 115 17.61 -40.32 -33.33
CA THR V 115 18.17 -39.66 -34.51
C THR V 115 18.42 -38.18 -34.23
N VAL V 116 19.32 -37.56 -35.01
CA VAL V 116 19.76 -36.19 -34.79
C VAL V 116 18.60 -35.19 -34.83
N ALA V 117 17.64 -35.41 -35.75
CA ALA V 117 16.47 -34.55 -35.89
C ALA V 117 15.56 -34.55 -34.65
N GLY V 118 15.71 -35.54 -33.75
CA GLY V 118 14.90 -35.66 -32.55
C GLY V 118 15.50 -34.99 -31.31
N VAL V 119 16.78 -34.60 -31.35
CA VAL V 119 17.51 -34.08 -30.19
C VAL V 119 17.18 -32.60 -29.93
N SER V 120 16.99 -32.25 -28.64
CA SER V 120 16.91 -30.85 -28.21
C SER V 120 17.35 -30.70 -26.76
N PHE V 121 17.68 -29.45 -26.37
CA PHE V 121 18.22 -29.17 -25.04
C PHE V 121 17.85 -27.76 -24.55
N GLU V 122 18.02 -27.52 -23.25
CA GLU V 122 17.73 -26.23 -22.62
C GLU V 122 18.79 -25.88 -21.59
N LEU V 123 19.03 -24.57 -21.40
CA LEU V 123 19.89 -24.05 -20.34
C LEU V 123 19.04 -23.32 -19.30
N ILE V 124 19.28 -23.62 -18.02
CA ILE V 124 18.50 -23.09 -16.92
C ILE V 124 19.44 -22.41 -15.92
N TYR V 125 19.05 -21.22 -15.47
CA TYR V 125 19.79 -20.45 -14.47
C TYR V 125 18.82 -19.86 -13.46
N LYS V 126 19.08 -20.07 -12.16
CA LYS V 126 18.22 -19.66 -11.04
C LYS V 126 16.73 -19.98 -11.25
N GLY V 127 16.44 -21.13 -11.85
CA GLY V 127 15.08 -21.61 -12.05
C GLY V 127 14.33 -21.00 -13.24
N ASN V 128 15.00 -20.19 -14.07
CA ASN V 128 14.45 -19.64 -15.30
C ASN V 128 15.13 -20.31 -16.51
N VAL V 129 14.37 -20.63 -17.57
CA VAL V 129 14.96 -21.11 -18.82
C VAL V 129 15.55 -19.92 -19.58
N ILE V 130 16.87 -19.95 -19.86
CA ILE V 130 17.56 -18.86 -20.56
C ILE V 130 17.84 -19.16 -22.04
N TYR V 131 17.78 -20.44 -22.44
CA TYR V 131 17.91 -20.86 -23.83
C TYR V 131 17.17 -22.18 -24.04
N ASN V 132 16.61 -22.38 -25.24
CA ASN V 132 15.91 -23.60 -25.61
C ASN V 132 16.12 -23.84 -27.10
N SER V 133 16.81 -24.94 -27.47
CA SER V 133 17.21 -25.18 -28.85
C SER V 133 16.01 -25.41 -29.78
N ALA V 134 14.86 -25.80 -29.23
CA ALA V 134 13.65 -26.11 -29.98
C ALA V 134 12.69 -24.91 -30.11
N ALA V 135 13.09 -23.72 -29.67
CA ALA V 135 12.29 -22.50 -29.78
C ALA V 135 11.99 -22.17 -31.25
N VAL W 1 -14.14 -3.36 35.27
CA VAL W 1 -15.21 -3.89 34.32
C VAL W 1 -15.23 -3.14 32.98
N SER W 2 -15.57 -1.84 32.95
CA SER W 2 -15.93 -1.13 31.72
C SER W 2 -14.86 -1.09 30.60
N PRO W 3 -13.52 -1.03 30.82
CA PRO W 3 -12.56 -1.08 29.71
C PRO W 3 -12.58 -2.36 28.88
N ILE W 4 -12.94 -3.50 29.47
CA ILE W 4 -13.07 -4.76 28.73
C ILE W 4 -14.33 -4.77 27.87
N ILE W 5 -15.46 -4.29 28.42
CA ILE W 5 -16.71 -4.20 27.69
C ILE W 5 -16.60 -3.25 26.50
N ALA W 6 -15.98 -2.08 26.68
CA ALA W 6 -15.69 -1.16 25.60
C ALA W 6 -14.85 -1.81 24.49
N THR W 7 -13.90 -2.69 24.85
CA THR W 7 -13.06 -3.40 23.89
C THR W 7 -13.89 -4.39 23.06
N ILE W 8 -14.83 -5.11 23.68
CA ILE W 8 -15.70 -6.06 22.99
C ILE W 8 -16.60 -5.34 21.96
N LEU W 9 -17.13 -4.15 22.32
CA LEU W 9 -17.91 -3.35 21.39
C LEU W 9 -17.09 -2.90 20.17
N LEU W 10 -15.84 -2.48 20.37
CA LEU W 10 -14.96 -2.04 19.28
C LEU W 10 -14.59 -3.19 18.33
N ILE W 11 -14.49 -4.43 18.82
CA ILE W 11 -14.26 -5.58 17.95
C ILE W 11 -15.48 -5.82 17.06
N ALA W 12 -16.69 -5.79 17.64
CA ALA W 12 -17.93 -5.92 16.89
C ALA W 12 -18.04 -4.88 15.77
N ILE W 13 -17.72 -3.61 16.04
CA ILE W 13 -17.73 -2.54 15.04
C ILE W 13 -16.69 -2.80 13.93
N THR W 14 -15.50 -3.29 14.30
CA THR W 14 -14.40 -3.52 13.37
C THR W 14 -14.79 -4.53 12.28
N VAL W 15 -15.47 -5.61 12.66
CA VAL W 15 -15.89 -6.64 11.72
C VAL W 15 -16.85 -6.08 10.67
N VAL W 16 -17.79 -5.20 11.03
CA VAL W 16 -18.75 -4.62 10.10
C VAL W 16 -18.07 -3.67 9.11
N LEU W 17 -17.03 -2.94 9.55
CA LEU W 17 -16.25 -2.10 8.65
C LEU W 17 -15.48 -2.93 7.63
N ALA W 18 -14.83 -4.02 8.07
CA ALA W 18 -14.12 -4.92 7.18
C ALA W 18 -15.06 -5.56 6.15
N ALA W 19 -16.24 -6.02 6.58
CA ALA W 19 -17.25 -6.55 5.69
C ALA W 19 -17.74 -5.50 4.69
N THR W 20 -17.84 -4.23 5.10
CA THR W 20 -18.21 -3.14 4.20
C THR W 20 -17.14 -2.92 3.13
N LEU W 21 -15.86 -2.84 3.55
CA LEU W 21 -14.74 -2.66 2.65
C LEU W 21 -14.69 -3.75 1.55
N VAL W 22 -14.91 -5.01 1.91
CA VAL W 22 -14.93 -6.12 0.96
C VAL W 22 -15.96 -5.89 -0.16
N THR W 23 -17.12 -5.30 0.12
CA THR W 23 -18.10 -5.02 -0.92
C THR W 23 -17.72 -3.82 -1.79
N ILE W 24 -16.92 -2.87 -1.28
CA ILE W 24 -16.39 -1.78 -2.09
C ILE W 24 -15.40 -2.33 -3.12
N LEU W 25 -14.49 -3.24 -2.71
CA LEU W 25 -13.45 -3.75 -3.59
C LEU W 25 -14.03 -4.53 -4.77
N GLY W 26 -15.18 -5.21 -4.57
CA GLY W 26 -15.83 -5.98 -5.62
C GLY W 26 -16.20 -5.18 -6.88
N GLY W 27 -16.27 -3.85 -6.79
CA GLY W 27 -16.53 -2.99 -7.94
C GLY W 27 -15.31 -2.76 -8.84
N PHE W 28 -14.11 -3.15 -8.38
CA PHE W 28 -12.87 -3.00 -9.13
C PHE W 28 -12.43 -4.32 -9.76
N THR W 29 -12.62 -5.44 -9.04
CA THR W 29 -12.03 -6.72 -9.39
C THR W 29 -12.88 -7.53 -10.37
N HIS W 30 -13.43 -6.89 -11.41
CA HIS W 30 -14.17 -7.59 -12.47
C HIS W 30 -14.10 -6.83 -13.80
N GLY W 31 -14.34 -7.56 -14.90
CA GLY W 31 -14.51 -6.97 -16.22
C GLY W 31 -13.21 -6.50 -16.89
N VAL W 32 -12.04 -7.02 -16.44
CA VAL W 32 -10.76 -6.77 -17.09
C VAL W 32 -10.29 -8.04 -17.79
N SER W 33 -10.01 -7.92 -19.11
CA SER W 33 -9.62 -9.04 -19.95
C SER W 33 -8.89 -8.56 -21.21
N ASN W 34 -8.16 -9.47 -21.86
CA ASN W 34 -7.37 -9.19 -23.04
C ASN W 34 -8.26 -9.25 -24.29
N THR W 35 -8.69 -8.08 -24.80
CA THR W 35 -9.64 -7.99 -25.91
C THR W 35 -9.01 -7.58 -27.24
N VAL W 36 -7.68 -7.42 -27.29
CA VAL W 36 -6.97 -6.96 -28.48
C VAL W 36 -6.92 -8.04 -29.55
N GLU W 37 -7.22 -7.66 -30.80
CA GLU W 37 -7.19 -8.52 -31.98
C GLU W 37 -6.65 -7.68 -33.14
N THR W 38 -6.05 -8.31 -34.17
CA THR W 38 -5.40 -7.57 -35.25
C THR W 38 -5.35 -8.46 -36.48
N ALA W 39 -5.84 -7.98 -37.62
CA ALA W 39 -5.94 -8.82 -38.82
C ALA W 39 -5.50 -8.07 -40.07
N GLY W 40 -4.85 -8.79 -40.99
CA GLY W 40 -4.64 -8.33 -42.35
C GLY W 40 -5.89 -8.62 -43.17
N VAL W 41 -6.61 -7.56 -43.55
CA VAL W 41 -7.88 -7.68 -44.27
C VAL W 41 -7.82 -6.80 -45.52
N THR W 42 -8.33 -7.30 -46.64
CA THR W 42 -8.49 -6.51 -47.86
C THR W 42 -9.93 -6.66 -48.36
N SER W 43 -10.42 -5.64 -49.09
CA SER W 43 -11.83 -5.63 -49.48
C SER W 43 -12.06 -4.87 -50.79
N HIS W 44 -13.12 -5.28 -51.51
CA HIS W 44 -13.55 -4.67 -52.75
C HIS W 44 -15.08 -4.54 -52.74
N ILE W 45 -15.59 -3.39 -53.20
CA ILE W 45 -17.02 -3.07 -53.13
C ILE W 45 -17.58 -2.85 -54.54
N THR W 46 -18.78 -3.40 -54.78
CA THR W 46 -19.49 -3.32 -56.06
C THR W 46 -20.96 -2.99 -55.79
N SER W 47 -21.72 -2.69 -56.84
CA SER W 47 -23.15 -2.39 -56.76
C SER W 47 -24.02 -3.52 -56.19
N LYS W 48 -23.47 -4.73 -56.01
CA LYS W 48 -24.22 -5.91 -55.57
C LYS W 48 -23.55 -6.66 -54.41
N TYR W 49 -22.22 -6.62 -54.32
CA TYR W 49 -21.46 -7.42 -53.37
C TYR W 49 -20.31 -6.64 -52.73
N ILE W 50 -20.02 -6.98 -51.47
CA ILE W 50 -18.76 -6.67 -50.81
C ILE W 50 -17.97 -7.97 -50.70
N PHE W 51 -16.70 -7.94 -51.13
CA PHE W 51 -15.79 -9.07 -50.98
C PHE W 51 -14.79 -8.75 -49.87
N ILE W 52 -14.54 -9.73 -48.98
CA ILE W 52 -13.62 -9.55 -47.85
C ILE W 52 -12.69 -10.75 -47.80
N ASN W 53 -11.38 -10.47 -47.89
CA ASN W 53 -10.41 -11.54 -47.93
C ASN W 53 -9.40 -11.34 -46.82
N VAL W 54 -9.16 -12.36 -46.00
CA VAL W 54 -8.30 -12.27 -44.83
C VAL W 54 -6.96 -12.94 -45.11
N SER W 55 -5.85 -12.26 -44.79
CA SER W 55 -4.50 -12.77 -45.08
C SER W 55 -3.79 -13.33 -43.84
N SER W 56 -4.10 -12.77 -42.65
CA SER W 56 -3.57 -13.21 -41.36
C SER W 56 -4.40 -12.62 -40.21
N SER W 57 -4.31 -13.22 -39.02
CA SER W 57 -4.95 -12.68 -37.82
C SER W 57 -4.13 -13.02 -36.58
N SER W 58 -4.32 -12.23 -35.51
CA SER W 58 -3.60 -12.41 -34.25
C SER W 58 -4.04 -13.70 -33.55
N SER W 59 -5.32 -14.07 -33.70
CA SER W 59 -5.88 -15.31 -33.17
C SER W 59 -6.95 -15.86 -34.12
N ALA W 60 -7.29 -17.15 -33.97
CA ALA W 60 -8.38 -17.77 -34.73
C ALA W 60 -9.69 -17.61 -33.96
N ILE W 61 -10.69 -16.97 -34.60
CA ILE W 61 -11.96 -16.63 -33.95
C ILE W 61 -13.16 -17.02 -34.81
N SER W 62 -14.31 -17.29 -34.18
CA SER W 62 -15.52 -17.69 -34.90
C SER W 62 -16.09 -16.52 -35.70
N ALA W 63 -16.54 -16.79 -36.94
CA ALA W 63 -17.19 -15.78 -37.76
C ALA W 63 -18.53 -15.29 -37.17
N SER W 64 -19.11 -16.03 -36.21
CA SER W 64 -20.31 -15.60 -35.50
C SER W 64 -20.01 -14.56 -34.39
N SER W 65 -18.75 -14.47 -33.93
CA SER W 65 -18.33 -13.55 -32.88
C SER W 65 -18.03 -12.14 -33.41
N ILE W 66 -18.02 -11.95 -34.74
CA ILE W 66 -17.69 -10.69 -35.37
C ILE W 66 -18.98 -10.02 -35.84
N THR W 67 -19.12 -8.73 -35.53
CA THR W 67 -20.28 -7.93 -35.91
C THR W 67 -19.87 -7.00 -37.06
N ILE W 68 -20.73 -6.87 -38.08
CA ILE W 68 -20.47 -5.98 -39.21
C ILE W 68 -21.52 -4.87 -39.25
N THR W 69 -21.07 -3.62 -39.50
CA THR W 69 -21.97 -2.47 -39.67
C THR W 69 -21.67 -1.76 -40.98
N ILE W 70 -22.70 -1.15 -41.59
CA ILE W 70 -22.62 -0.61 -42.94
C ILE W 70 -23.31 0.75 -43.04
N THR W 71 -22.83 1.60 -43.95
CA THR W 71 -23.46 2.89 -44.25
C THR W 71 -23.45 3.12 -45.77
N GLY W 72 -24.46 3.85 -46.28
CA GLY W 72 -24.59 4.14 -47.69
C GLY W 72 -25.23 3.02 -48.52
N ALA W 73 -25.65 1.94 -47.85
CA ALA W 73 -26.20 0.72 -48.46
C ALA W 73 -27.05 -0.05 -47.45
N SER W 74 -27.46 -1.28 -47.81
CA SER W 74 -28.23 -2.17 -46.95
C SER W 74 -27.92 -3.62 -47.27
N PHE W 75 -28.02 -4.53 -46.28
CA PHE W 75 -27.79 -5.95 -46.51
C PHE W 75 -29.02 -6.62 -47.14
N LYS W 76 -28.79 -7.60 -48.02
CA LYS W 76 -29.88 -8.41 -48.58
C LYS W 76 -30.40 -9.46 -47.59
N VAL W 77 -29.61 -9.78 -46.55
CA VAL W 77 -30.01 -10.69 -45.47
C VAL W 77 -30.38 -9.86 -44.24
N THR W 78 -31.55 -10.14 -43.64
CA THR W 78 -32.18 -9.20 -42.71
C THR W 78 -32.28 -9.71 -41.27
N SER W 79 -31.82 -10.95 -40.99
CA SER W 79 -31.99 -11.59 -39.69
C SER W 79 -31.18 -10.95 -38.56
N GLY W 80 -30.06 -10.29 -38.91
CA GLY W 80 -29.13 -9.76 -37.92
C GLY W 80 -27.86 -9.20 -38.57
N ASP W 81 -26.75 -9.18 -37.82
CA ASP W 81 -25.58 -8.39 -38.17
C ASP W 81 -24.25 -9.04 -37.79
N THR W 82 -24.25 -10.34 -37.47
CA THR W 82 -22.97 -11.04 -37.35
C THR W 82 -22.41 -11.36 -38.73
N LEU W 83 -21.09 -11.48 -38.85
CA LEU W 83 -20.46 -11.70 -40.14
C LEU W 83 -20.90 -13.03 -40.76
N ALA W 84 -20.92 -14.11 -39.95
CA ALA W 84 -21.36 -15.42 -40.39
C ALA W 84 -22.77 -15.39 -40.98
N GLU W 85 -23.66 -14.63 -40.33
CA GLU W 85 -25.07 -14.54 -40.64
C GLU W 85 -25.31 -13.81 -41.97
N VAL W 86 -24.78 -12.60 -42.15
CA VAL W 86 -25.03 -11.83 -43.37
C VAL W 86 -24.31 -12.41 -44.58
N ALA W 87 -23.19 -13.11 -44.38
CA ALA W 87 -22.41 -13.73 -45.44
C ALA W 87 -22.94 -15.13 -45.81
N GLY W 88 -23.91 -15.68 -45.07
CA GLY W 88 -24.49 -16.99 -45.36
C GLY W 88 -23.54 -18.16 -45.09
N VAL W 89 -22.75 -18.05 -44.01
CA VAL W 89 -21.79 -19.06 -43.61
C VAL W 89 -22.51 -20.22 -42.90
N SER W 90 -22.50 -21.41 -43.53
CA SER W 90 -22.94 -22.65 -42.89
C SER W 90 -21.86 -23.15 -41.92
N SER W 91 -22.27 -23.96 -40.91
CA SER W 91 -21.39 -24.46 -39.86
C SER W 91 -20.28 -25.39 -40.37
N THR W 92 -20.51 -26.01 -41.55
CA THR W 92 -19.56 -26.88 -42.22
C THR W 92 -18.58 -26.13 -43.14
N SER W 93 -18.86 -24.85 -43.43
CA SER W 93 -18.09 -24.06 -44.39
C SER W 93 -16.67 -23.77 -43.89
N SER W 94 -15.70 -23.74 -44.82
CA SER W 94 -14.31 -23.43 -44.52
C SER W 94 -14.21 -22.06 -43.84
N ASN W 95 -15.08 -21.13 -44.26
CA ASN W 95 -15.08 -19.74 -43.82
C ASN W 95 -15.79 -19.55 -42.49
N ALA W 96 -16.06 -20.63 -41.74
CA ALA W 96 -16.63 -20.54 -40.41
C ALA W 96 -15.66 -19.94 -39.38
N THR W 97 -14.35 -19.97 -39.67
CA THR W 97 -13.31 -19.40 -38.81
C THR W 97 -12.62 -18.23 -39.51
N PHE W 98 -12.42 -17.14 -38.77
CA PHE W 98 -11.75 -15.94 -39.27
C PHE W 98 -10.25 -16.06 -39.00
N THR W 99 -9.48 -16.32 -40.07
CA THR W 99 -8.04 -16.55 -40.09
C THR W 99 -7.53 -16.28 -41.50
N GLY W 100 -6.20 -16.22 -41.69
CA GLY W 100 -5.63 -16.16 -43.03
C GLY W 100 -6.18 -17.29 -43.92
N GLY W 101 -6.56 -16.96 -45.16
CA GLY W 101 -7.12 -17.93 -46.09
C GLY W 101 -8.65 -18.01 -46.11
N SER W 102 -9.34 -17.25 -45.23
CA SER W 102 -10.80 -17.18 -45.23
C SER W 102 -11.30 -16.01 -46.08
N ASP W 103 -12.25 -16.29 -46.98
CA ASP W 103 -12.87 -15.29 -47.85
C ASP W 103 -14.39 -15.27 -47.66
N TYR W 104 -14.99 -14.06 -47.74
CA TYR W 104 -16.42 -13.86 -47.56
C TYR W 104 -17.00 -12.99 -48.67
N THR W 105 -18.25 -13.27 -49.06
CA THR W 105 -19.02 -12.45 -49.98
C THR W 105 -20.32 -12.02 -49.31
N VAL W 106 -20.55 -10.70 -49.19
CA VAL W 106 -21.76 -10.16 -48.57
C VAL W 106 -22.63 -9.50 -49.64
N PRO W 107 -23.89 -9.94 -49.84
CA PRO W 107 -24.78 -9.32 -50.81
C PRO W 107 -25.50 -8.09 -50.25
N ILE W 108 -25.54 -7.02 -51.06
CA ILE W 108 -26.05 -5.71 -50.64
C ILE W 108 -26.98 -5.09 -51.70
N SER W 109 -27.76 -4.10 -51.27
CA SER W 109 -28.73 -3.37 -52.08
C SER W 109 -28.61 -1.86 -51.84
N LEU W 110 -28.73 -1.08 -52.93
CA LEU W 110 -28.66 0.38 -52.93
C LEU W 110 -30.00 1.00 -53.34
N SER W 111 -30.36 2.13 -52.72
CA SER W 111 -31.51 2.93 -53.13
C SER W 111 -31.26 3.68 -54.45
N SER W 112 -32.28 4.43 -54.93
CA SER W 112 -32.20 5.29 -56.10
C SER W 112 -31.18 6.43 -55.96
N SER W 113 -30.92 6.87 -54.71
CA SER W 113 -30.03 7.97 -54.39
C SER W 113 -28.63 7.51 -53.99
N GLN W 114 -28.50 6.27 -53.50
CA GLN W 114 -27.22 5.71 -53.08
C GLN W 114 -26.34 5.32 -54.28
N THR W 115 -25.01 5.36 -54.09
CA THR W 115 -24.01 5.04 -55.10
C THR W 115 -22.82 4.32 -54.48
N VAL W 116 -22.07 3.56 -55.29
CA VAL W 116 -20.98 2.71 -54.83
C VAL W 116 -19.90 3.52 -54.09
N ALA W 117 -19.59 4.72 -54.57
CA ALA W 117 -18.60 5.61 -53.97
C ALA W 117 -18.98 6.06 -52.55
N GLY W 118 -20.25 5.93 -52.16
CA GLY W 118 -20.72 6.33 -50.84
C GLY W 118 -20.71 5.21 -49.79
N VAL W 119 -20.51 3.95 -50.19
CA VAL W 119 -20.61 2.79 -49.31
C VAL W 119 -19.34 2.61 -48.46
N SER W 120 -19.52 2.29 -47.16
CA SER W 120 -18.41 1.87 -46.31
C SER W 120 -18.91 0.98 -45.16
N PHE W 121 -18.00 0.21 -44.55
CA PHE W 121 -18.35 -0.76 -43.52
C PHE W 121 -17.22 -0.95 -42.50
N GLU W 122 -17.56 -1.57 -41.35
CA GLU W 122 -16.60 -1.85 -40.28
C GLU W 122 -16.84 -3.23 -39.68
N LEU W 123 -15.76 -3.87 -39.20
CA LEU W 123 -15.84 -5.12 -38.45
C LEU W 123 -15.49 -4.86 -36.98
N ILE W 124 -16.31 -5.38 -36.07
CA ILE W 124 -16.17 -5.15 -34.63
C ILE W 124 -16.08 -6.50 -33.92
N TYR W 125 -15.13 -6.61 -33.00
CA TYR W 125 -14.95 -7.80 -32.18
C TYR W 125 -14.70 -7.39 -30.73
N LYS W 126 -15.45 -7.97 -29.78
CA LYS W 126 -15.40 -7.64 -28.35
C LYS W 126 -15.39 -6.14 -28.06
N GLY W 127 -16.15 -5.37 -28.83
CA GLY W 127 -16.32 -3.94 -28.63
C GLY W 127 -15.19 -3.05 -29.16
N ASN W 128 -14.21 -3.64 -29.88
CA ASN W 128 -13.14 -2.91 -30.56
C ASN W 128 -13.35 -2.98 -32.07
N VAL W 129 -13.11 -1.87 -32.79
CA VAL W 129 -13.12 -1.89 -34.26
C VAL W 129 -11.83 -2.53 -34.75
N ILE W 130 -11.91 -3.64 -35.53
CA ILE W 130 -10.74 -4.35 -36.03
C ILE W 130 -10.45 -4.06 -37.51
N TYR W 131 -11.44 -3.53 -38.26
CA TYR W 131 -11.26 -3.10 -39.64
C TYR W 131 -12.28 -2.01 -39.97
N ASN W 132 -11.90 -1.08 -40.85
CA ASN W 132 -12.77 0.00 -41.30
C ASN W 132 -12.40 0.33 -42.76
N SER W 133 -13.35 0.11 -43.69
CA SER W 133 -13.07 0.24 -45.12
C SER W 133 -12.73 1.67 -45.53
N ALA W 134 -13.14 2.66 -44.73
CA ALA W 134 -12.96 4.08 -45.02
C ALA W 134 -11.70 4.67 -44.38
N ALA W 135 -10.83 3.83 -43.76
CA ALA W 135 -9.58 4.26 -43.15
C ALA W 135 -8.65 4.88 -44.19
N VAL X 1 -14.93 3.26 29.44
CA VAL X 1 -14.89 4.67 28.85
C VAL X 1 -13.66 4.89 27.95
N SER X 2 -12.43 4.85 28.49
CA SER X 2 -11.24 5.35 27.78
C SER X 2 -10.91 4.72 26.42
N PRO X 3 -11.13 3.41 26.12
CA PRO X 3 -10.85 2.89 24.77
C PRO X 3 -11.66 3.51 23.64
N ILE X 4 -12.88 3.98 23.92
CA ILE X 4 -13.71 4.66 22.92
C ILE X 4 -13.19 6.08 22.67
N ILE X 5 -12.83 6.81 23.73
CA ILE X 5 -12.28 8.15 23.60
C ILE X 5 -10.95 8.15 22.86
N ALA X 6 -10.05 7.21 23.16
CA ALA X 6 -8.82 7.01 22.41
C ALA X 6 -9.08 6.76 20.92
N THR X 7 -10.15 6.04 20.58
CA THR X 7 -10.52 5.77 19.19
C THR X 7 -10.96 7.05 18.47
N ILE X 8 -11.74 7.91 19.13
CA ILE X 8 -12.19 9.17 18.57
C ILE X 8 -11.01 10.10 18.27
N LEU X 9 -10.01 10.15 19.17
CA LEU X 9 -8.80 10.93 18.94
C LEU X 9 -8.00 10.43 17.71
N LEU X 10 -7.88 9.10 17.53
CA LEU X 10 -7.17 8.52 16.40
C LEU X 10 -7.87 8.79 15.07
N ILE X 11 -9.20 8.90 15.04
CA ILE X 11 -9.92 9.26 13.83
C ILE X 11 -9.61 10.71 13.45
N ALA X 12 -9.65 11.63 14.43
CA ALA X 12 -9.30 13.02 14.22
C ALA X 12 -7.88 13.19 13.64
N ILE X 13 -6.88 12.46 14.16
CA ILE X 13 -5.52 12.48 13.65
C ILE X 13 -5.45 11.94 12.21
N THR X 14 -6.20 10.88 11.91
CA THR X 14 -6.18 10.23 10.61
C THR X 14 -6.59 11.19 9.49
N VAL X 15 -7.64 11.99 9.72
CA VAL X 15 -8.13 12.95 8.74
C VAL X 15 -7.06 13.99 8.38
N VAL X 16 -6.28 14.48 9.36
CA VAL X 16 -5.25 15.49 9.10
C VAL X 16 -4.09 14.91 8.30
N LEU X 17 -3.74 13.63 8.52
CA LEU X 17 -2.72 12.96 7.72
C LEU X 17 -3.18 12.80 6.27
N ALA X 18 -4.42 12.37 6.04
CA ALA X 18 -4.98 12.24 4.71
C ALA X 18 -5.01 13.58 3.97
N ALA X 19 -5.44 14.65 4.65
CA ALA X 19 -5.42 16.00 4.10
C ALA X 19 -4.00 16.46 3.77
N THR X 20 -3.00 16.08 4.58
CA THR X 20 -1.60 16.39 4.31
C THR X 20 -1.12 15.67 3.04
N LEU X 21 -1.39 14.36 2.93
CA LEU X 21 -1.02 13.56 1.76
C LEU X 21 -1.55 14.16 0.46
N VAL X 22 -2.82 14.59 0.44
CA VAL X 22 -3.43 15.21 -0.74
C VAL X 22 -2.63 16.42 -1.23
N THR X 23 -2.06 17.22 -0.34
CA THR X 23 -1.24 18.36 -0.77
C THR X 23 0.14 17.95 -1.29
N ILE X 24 0.68 16.82 -0.84
CA ILE X 24 1.92 16.28 -1.39
C ILE X 24 1.70 15.82 -2.84
N LEU X 25 0.60 15.13 -3.12
CA LEU X 25 0.34 14.59 -4.45
C LEU X 25 0.20 15.69 -5.50
N GLY X 26 -0.34 16.85 -5.12
CA GLY X 26 -0.53 17.99 -6.02
C GLY X 26 0.74 18.48 -6.70
N GLY X 27 1.92 18.16 -6.16
CA GLY X 27 3.20 18.52 -6.78
C GLY X 27 3.60 17.62 -7.95
N PHE X 28 2.91 16.49 -8.15
CA PHE X 28 3.18 15.53 -9.22
C PHE X 28 2.18 15.68 -10.37
N THR X 29 0.91 15.94 -10.04
CA THR X 29 -0.21 15.85 -10.98
C THR X 29 -0.43 17.15 -11.76
N HIS X 30 0.64 17.79 -12.25
CA HIS X 30 0.54 18.96 -13.10
C HIS X 30 1.75 19.11 -14.04
N GLY X 31 1.57 19.87 -15.13
CA GLY X 31 2.67 20.27 -16.02
C GLY X 31 3.19 19.15 -16.93
N VAL X 32 2.39 18.09 -17.16
CA VAL X 32 2.70 17.05 -18.14
C VAL X 32 1.77 17.18 -19.35
N SER X 33 2.37 17.30 -20.55
CA SER X 33 1.64 17.52 -21.79
C SER X 33 2.49 17.10 -23.01
N ASN X 34 1.81 16.89 -24.14
CA ASN X 34 2.45 16.47 -25.37
C ASN X 34 3.02 17.69 -26.12
N THR X 35 4.34 17.90 -26.01
CA THR X 35 5.01 19.09 -26.56
C THR X 35 5.84 18.80 -27.82
N VAL X 36 5.81 17.56 -28.32
CA VAL X 36 6.63 17.15 -29.46
C VAL X 36 6.08 17.73 -30.77
N GLU X 37 6.97 18.28 -31.60
CA GLU X 37 6.67 18.85 -32.92
C GLU X 37 7.83 18.48 -33.86
N THR X 38 7.59 18.40 -35.17
CA THR X 38 8.61 17.94 -36.11
C THR X 38 8.27 18.52 -37.48
N ALA X 39 9.25 19.19 -38.12
CA ALA X 39 8.98 19.86 -39.39
C ALA X 39 10.11 19.63 -40.39
N GLY X 40 9.74 19.51 -41.67
CA GLY X 40 10.68 19.60 -42.76
C GLY X 40 10.91 21.07 -43.10
N VAL X 41 12.13 21.56 -42.80
CA VAL X 41 12.49 22.96 -42.97
C VAL X 41 13.79 23.03 -43.77
N THR X 42 13.85 23.97 -44.72
CA THR X 42 15.07 24.28 -45.45
C THR X 42 15.35 25.78 -45.38
N SER X 43 16.62 26.17 -45.48
CA SER X 43 16.99 27.56 -45.26
C SER X 43 18.23 27.97 -46.06
N HIS X 44 18.30 29.26 -46.41
CA HIS X 44 19.41 29.87 -47.12
C HIS X 44 19.73 31.22 -46.48
N ILE X 45 21.03 31.52 -46.29
CA ILE X 45 21.49 32.70 -45.57
C ILE X 45 22.33 33.58 -46.51
N THR X 46 22.10 34.90 -46.44
CA THR X 46 22.80 35.91 -47.23
C THR X 46 23.18 37.08 -46.33
N SER X 47 23.99 38.02 -46.85
CA SER X 47 24.44 39.21 -46.12
C SER X 47 23.30 40.14 -45.66
N LYS X 48 22.04 39.91 -46.12
CA LYS X 48 20.91 40.79 -45.83
C LYS X 48 19.67 40.04 -45.33
N TYR X 49 19.49 38.78 -45.76
CA TYR X 49 18.27 38.02 -45.49
C TYR X 49 18.56 36.56 -45.14
N ILE X 50 17.72 36.02 -44.26
CA ILE X 50 17.55 34.58 -44.08
C ILE X 50 16.22 34.19 -44.71
N PHE X 51 16.24 33.16 -45.56
CA PHE X 51 15.03 32.59 -46.16
C PHE X 51 14.73 31.25 -45.48
N ILE X 52 13.46 31.02 -45.13
CA ILE X 52 13.04 29.80 -44.46
C ILE X 52 11.80 29.25 -45.17
N ASN X 53 11.91 28.02 -45.65
CA ASN X 53 10.82 27.45 -46.41
C ASN X 53 10.43 26.12 -45.77
N VAL X 54 9.13 25.94 -45.49
CA VAL X 54 8.63 24.77 -44.78
C VAL X 54 7.94 23.83 -45.76
N SER X 55 8.27 22.52 -45.70
CA SER X 55 7.75 21.53 -46.63
C SER X 55 6.65 20.65 -46.02
N SER X 56 6.70 20.42 -44.70
CA SER X 56 5.72 19.67 -43.93
C SER X 56 5.90 19.92 -42.43
N SER X 57 4.87 19.63 -41.64
CA SER X 57 4.96 19.70 -40.17
C SER X 57 4.04 18.67 -39.53
N SER X 58 4.34 18.30 -38.28
CA SER X 58 3.57 17.31 -37.53
C SER X 58 2.18 17.85 -37.19
N SER X 59 2.09 19.17 -36.93
CA SER X 59 0.82 19.85 -36.67
C SER X 59 0.86 21.27 -37.26
N ALA X 60 -0.33 21.89 -37.42
CA ALA X 60 -0.44 23.28 -37.85
C ALA X 60 -0.42 24.21 -36.64
N ILE X 61 0.55 25.14 -36.58
CA ILE X 61 0.77 26.00 -35.42
C ILE X 61 0.93 27.46 -35.84
N SER X 62 0.60 28.39 -34.93
CA SER X 62 0.69 29.82 -35.22
C SER X 62 2.14 30.27 -35.31
N ALA X 63 2.47 31.13 -36.28
CA ALA X 63 3.81 31.69 -36.41
C ALA X 63 4.19 32.60 -35.23
N SER X 64 3.22 33.04 -34.42
CA SER X 64 3.49 33.80 -33.20
C SER X 64 3.93 32.92 -32.02
N SER X 65 3.65 31.60 -32.08
CA SER X 65 4.01 30.64 -31.04
C SER X 65 5.45 30.14 -31.13
N ILE X 66 6.16 30.47 -32.22
CA ILE X 66 7.52 30.02 -32.49
C ILE X 66 8.48 31.16 -32.18
N THR X 67 9.54 30.84 -31.44
CA THR X 67 10.58 31.79 -31.07
C THR X 67 11.83 31.51 -31.90
N ILE X 68 12.48 32.57 -32.41
CA ILE X 68 13.70 32.43 -33.19
C ILE X 68 14.88 33.10 -32.46
N THR X 69 16.04 32.43 -32.44
CA THR X 69 17.27 32.98 -31.86
C THR X 69 18.42 32.90 -32.88
N ILE X 70 19.35 33.86 -32.80
CA ILE X 70 20.38 34.05 -33.82
C ILE X 70 21.74 34.33 -33.19
N THR X 71 22.81 33.93 -33.88
CA THR X 71 24.18 34.23 -33.49
C THR X 71 25.01 34.62 -34.72
N GLY X 72 26.01 35.49 -34.52
CA GLY X 72 26.87 35.95 -35.60
C GLY X 72 26.28 37.10 -36.44
N ALA X 73 25.07 37.58 -36.05
CA ALA X 73 24.31 38.60 -36.76
C ALA X 73 23.32 39.29 -35.81
N SER X 74 22.41 40.11 -36.37
CA SER X 74 21.37 40.80 -35.62
C SER X 74 20.14 41.02 -36.50
N PHE X 75 18.94 41.05 -35.90
CA PHE X 75 17.71 41.31 -36.65
C PHE X 75 17.54 42.80 -36.93
N LYS X 76 16.97 43.13 -38.11
CA LYS X 76 16.61 44.52 -38.43
C LYS X 76 15.33 44.97 -37.72
N VAL X 77 14.51 44.03 -37.24
CA VAL X 77 13.31 44.31 -36.45
C VAL X 77 13.61 44.05 -34.98
N THR X 78 13.28 45.01 -34.10
CA THR X 78 13.83 45.05 -32.74
C THR X 78 12.80 44.85 -31.63
N SER X 79 11.51 44.68 -31.97
CA SER X 79 10.42 44.62 -31.00
C SER X 79 10.43 43.36 -30.13
N GLY X 80 11.01 42.26 -30.64
CA GLY X 80 10.96 40.97 -29.97
C GLY X 80 11.56 39.86 -30.83
N ASP X 81 11.11 38.61 -30.62
CA ASP X 81 11.82 37.43 -31.11
C ASP X 81 10.89 36.29 -31.51
N THR X 82 9.58 36.54 -31.66
CA THR X 82 8.72 35.53 -32.28
C THR X 82 8.92 35.54 -33.79
N LEU X 83 8.68 34.39 -34.44
CA LEU X 83 8.92 34.27 -35.87
C LEU X 83 8.02 35.23 -36.66
N ALA X 84 6.72 35.29 -36.32
CA ALA X 84 5.77 36.19 -36.96
C ALA X 84 6.23 37.66 -36.91
N GLU X 85 6.78 38.05 -35.77
CA GLU X 85 7.18 39.41 -35.46
C GLU X 85 8.41 39.85 -36.26
N VAL X 86 9.51 39.07 -36.23
CA VAL X 86 10.73 39.46 -36.93
C VAL X 86 10.60 39.33 -38.45
N ALA X 87 9.73 38.43 -38.94
CA ALA X 87 9.48 38.22 -40.35
C ALA X 87 8.44 39.19 -40.94
N GLY X 88 7.78 40.00 -40.10
CA GLY X 88 6.81 40.99 -40.55
C GLY X 88 5.50 40.36 -41.05
N VAL X 89 5.05 39.29 -40.40
CA VAL X 89 3.84 38.57 -40.76
C VAL X 89 2.61 39.33 -40.25
N SER X 90 1.79 39.84 -41.18
CA SER X 90 0.47 40.39 -40.87
C SER X 90 -0.54 39.24 -40.61
N SER X 91 -1.61 39.53 -39.85
CA SER X 91 -2.61 38.54 -39.45
C SER X 91 -3.39 37.95 -40.63
N THR X 92 -3.45 38.68 -41.74
CA THR X 92 -4.10 38.26 -42.98
C THR X 92 -3.18 37.44 -43.90
N SER X 93 -1.86 37.44 -43.63
CA SER X 93 -0.87 36.81 -44.49
C SER X 93 -1.02 35.28 -44.52
N SER X 94 -0.74 34.67 -45.68
CA SER X 94 -0.77 33.22 -45.85
C SER X 94 0.18 32.54 -44.86
N ASN X 95 1.30 33.21 -44.58
CA ASN X 95 2.39 32.70 -43.76
C ASN X 95 2.12 32.89 -42.26
N ALA X 96 0.88 33.20 -41.88
CA ALA X 96 0.49 33.30 -40.46
C ALA X 96 0.49 31.94 -39.75
N THR X 97 0.40 30.83 -40.53
CA THR X 97 0.42 29.47 -40.00
C THR X 97 1.66 28.74 -40.49
N PHE X 98 2.33 28.03 -39.57
CA PHE X 98 3.52 27.24 -39.87
C PHE X 98 3.10 25.82 -40.25
N THR X 99 3.20 25.52 -41.55
CA THR X 99 2.79 24.27 -42.20
C THR X 99 3.54 24.16 -43.54
N GLY X 100 3.50 22.99 -44.19
CA GLY X 100 4.01 22.87 -45.55
C GLY X 100 3.42 23.94 -46.47
N GLY X 101 4.28 24.58 -47.28
CA GLY X 101 3.85 25.64 -48.19
C GLY X 101 4.01 27.06 -47.63
N SER X 102 4.42 27.22 -46.37
CA SER X 102 4.69 28.53 -45.78
C SER X 102 6.16 28.91 -45.94
N ASP X 103 6.41 30.14 -46.43
CA ASP X 103 7.75 30.69 -46.63
C ASP X 103 7.90 32.02 -45.87
N TYR X 104 9.10 32.26 -45.31
CA TYR X 104 9.40 33.44 -44.53
C TYR X 104 10.72 34.07 -44.98
N THR X 105 10.80 35.41 -44.93
CA THR X 105 12.03 36.16 -45.15
C THR X 105 12.32 37.02 -43.93
N VAL X 106 13.49 36.84 -43.31
CA VAL X 106 13.89 37.60 -42.13
C VAL X 106 15.04 38.53 -42.50
N PRO X 107 14.91 39.86 -42.33
CA PRO X 107 15.98 40.81 -42.62
C PRO X 107 16.97 40.95 -41.46
N ILE X 108 18.27 40.94 -41.79
CA ILE X 108 19.35 40.92 -40.81
C ILE X 108 20.47 41.90 -41.16
N SER X 109 21.30 42.21 -40.16
CA SER X 109 22.42 43.14 -40.25
C SER X 109 23.67 42.54 -39.60
N LEU X 110 24.84 42.77 -40.24
CA LEU X 110 26.14 42.29 -39.79
C LEU X 110 27.06 43.47 -39.42
N SER X 111 27.89 43.30 -38.38
CA SER X 111 28.94 44.25 -38.02
C SER X 111 30.11 44.21 -39.01
N SER X 112 31.12 45.08 -38.79
CA SER X 112 32.37 45.12 -39.57
C SER X 112 33.19 43.84 -39.46
N SER X 113 33.06 43.10 -38.34
CA SER X 113 33.80 41.88 -38.04
C SER X 113 33.02 40.61 -38.39
N GLN X 114 31.68 40.68 -38.42
CA GLN X 114 30.83 39.54 -38.74
C GLN X 114 30.83 39.22 -40.24
N THR X 115 30.61 37.94 -40.57
CA THR X 115 30.60 37.43 -41.93
C THR X 115 29.51 36.35 -42.09
N VAL X 116 29.06 36.12 -43.33
CA VAL X 116 27.96 35.22 -43.63
C VAL X 116 28.23 33.79 -43.14
N ALA X 117 29.48 33.32 -43.29
CA ALA X 117 29.90 32.00 -42.86
C ALA X 117 29.79 31.77 -41.34
N GLY X 118 29.68 32.86 -40.56
CA GLY X 118 29.58 32.79 -39.11
C GLY X 118 28.14 32.76 -38.56
N VAL X 119 27.14 33.05 -39.40
CA VAL X 119 25.75 33.19 -38.98
C VAL X 119 25.08 31.83 -38.79
N SER X 120 24.28 31.68 -37.72
CA SER X 120 23.39 30.53 -37.53
C SER X 120 22.20 30.89 -36.64
N PHE X 121 21.12 30.08 -36.72
CA PHE X 121 19.88 30.36 -36.02
C PHE X 121 19.13 29.08 -35.64
N GLU X 122 18.17 29.21 -34.72
CA GLU X 122 17.35 28.10 -34.25
C GLU X 122 15.88 28.51 -34.10
N LEU X 123 14.96 27.56 -34.29
CA LEU X 123 13.54 27.75 -34.03
C LEU X 123 13.14 26.91 -32.82
N ILE X 124 12.41 27.53 -31.88
CA ILE X 124 12.01 26.90 -30.63
C ILE X 124 10.49 26.97 -30.49
N TYR X 125 9.88 25.85 -30.09
CA TYR X 125 8.45 25.77 -29.85
C TYR X 125 8.21 24.99 -28.56
N LYS X 126 7.40 25.54 -27.63
CA LYS X 126 7.11 24.98 -26.31
C LYS X 126 8.35 24.48 -25.58
N GLY X 127 9.47 25.19 -25.70
CA GLY X 127 10.70 24.88 -24.98
C GLY X 127 11.57 23.78 -25.60
N ASN X 128 11.19 23.26 -26.78
CA ASN X 128 11.97 22.29 -27.53
C ASN X 128 12.55 22.95 -28.79
N VAL X 129 13.81 22.65 -29.14
CA VAL X 129 14.39 23.11 -30.41
C VAL X 129 13.83 22.26 -31.55
N ILE X 130 13.15 22.88 -32.54
CA ILE X 130 12.56 22.15 -33.66
C ILE X 130 13.37 22.26 -34.96
N TYR X 131 14.29 23.24 -35.05
CA TYR X 131 15.21 23.38 -36.16
C TYR X 131 16.47 24.11 -35.69
N ASN X 132 17.62 23.77 -36.30
CA ASN X 132 18.90 24.39 -36.01
C ASN X 132 19.74 24.42 -37.29
N SER X 133 20.05 25.61 -37.80
CA SER X 133 20.70 25.76 -39.10
C SER X 133 22.11 25.19 -39.13
N ALA X 134 22.75 25.05 -37.95
CA ALA X 134 24.11 24.56 -37.81
C ALA X 134 24.20 23.05 -37.54
N ALA X 135 23.09 22.31 -37.62
CA ALA X 135 23.06 20.87 -37.41
C ALA X 135 23.89 20.16 -38.48
N VAL Y 1 -6.47 3.95 26.91
CA VAL Y 1 -4.97 3.70 26.84
C VAL Y 1 -4.59 2.80 25.65
N SER Y 2 -5.01 1.52 25.62
CA SER Y 2 -4.44 0.52 24.73
C SER Y 2 -4.51 0.80 23.21
N PRO Y 3 -5.54 1.46 22.60
CA PRO Y 3 -5.51 1.77 21.16
C PRO Y 3 -4.37 2.68 20.71
N ILE Y 4 -3.88 3.57 21.58
CA ILE Y 4 -2.75 4.44 21.25
C ILE Y 4 -1.44 3.65 21.31
N ILE Y 5 -1.27 2.79 22.32
CA ILE Y 5 -0.08 1.95 22.44
C ILE Y 5 0.05 0.98 21.28
N ALA Y 6 -1.06 0.33 20.88
CA ALA Y 6 -1.10 -0.51 19.70
C ALA Y 6 -0.68 0.25 18.43
N THR Y 7 -1.05 1.53 18.31
CA THR Y 7 -0.68 2.36 17.17
C THR Y 7 0.82 2.64 17.14
N ILE Y 8 1.44 2.90 18.29
CA ILE Y 8 2.88 3.13 18.39
C ILE Y 8 3.68 1.89 17.98
N LEU Y 9 3.22 0.69 18.38
CA LEU Y 9 3.85 -0.56 17.97
C LEU Y 9 3.79 -0.77 16.45
N LEU Y 10 2.65 -0.46 15.81
CA LEU Y 10 2.48 -0.60 14.37
C LEU Y 10 3.35 0.37 13.57
N ILE Y 11 3.64 1.55 14.11
CA ILE Y 11 4.56 2.48 13.46
C ILE Y 11 5.99 1.91 13.49
N ALA Y 12 6.43 1.40 14.64
CA ALA Y 12 7.72 0.76 14.77
C ALA Y 12 7.91 -0.41 13.79
N ILE Y 13 6.90 -1.27 13.62
CA ILE Y 13 6.94 -2.36 12.66
C ILE Y 13 7.02 -1.84 11.21
N THR Y 14 6.29 -0.77 10.89
CA THR Y 14 6.22 -0.21 9.55
C THR Y 14 7.60 0.24 9.06
N VAL Y 15 8.38 0.89 9.92
CA VAL Y 15 9.71 1.38 9.57
C VAL Y 15 10.65 0.23 9.20
N VAL Y 16 10.59 -0.91 9.90
CA VAL Y 16 11.45 -2.05 9.61
C VAL Y 16 11.09 -2.71 8.27
N LEU Y 17 9.80 -2.73 7.92
CA LEU Y 17 9.38 -3.23 6.61
C LEU Y 17 9.89 -2.34 5.49
N ALA Y 18 9.78 -1.01 5.64
CA ALA Y 18 10.27 -0.06 4.66
C ALA Y 18 11.79 -0.19 4.48
N ALA Y 19 12.53 -0.30 5.57
CA ALA Y 19 13.97 -0.52 5.53
C ALA Y 19 14.33 -1.85 4.84
N THR Y 20 13.52 -2.90 5.03
CA THR Y 20 13.70 -4.17 4.36
C THR Y 20 13.50 -4.02 2.84
N LEU Y 21 12.40 -3.38 2.42
CA LEU Y 21 12.09 -3.14 1.01
C LEU Y 21 13.24 -2.42 0.29
N VAL Y 22 13.83 -1.39 0.90
CA VAL Y 22 14.94 -0.64 0.33
C VAL Y 22 16.13 -1.56 -0.01
N THR Y 23 16.41 -2.59 0.80
CA THR Y 23 17.50 -3.50 0.49
C THR Y 23 17.14 -4.50 -0.63
N ILE Y 24 15.85 -4.81 -0.83
CA ILE Y 24 15.42 -5.62 -1.96
C ILE Y 24 15.64 -4.86 -3.27
N LEU Y 25 15.27 -3.57 -3.31
CA LEU Y 25 15.36 -2.78 -4.54
C LEU Y 25 16.80 -2.64 -5.02
N GLY Y 26 17.77 -2.59 -4.10
CA GLY Y 26 19.18 -2.46 -4.44
C GLY Y 26 19.73 -3.55 -5.36
N GLY Y 27 19.05 -4.70 -5.46
CA GLY Y 27 19.45 -5.78 -6.36
C GLY Y 27 19.05 -5.54 -7.83
N PHE Y 28 18.21 -4.53 -8.09
CA PHE Y 28 17.73 -4.19 -9.44
C PHE Y 28 18.48 -2.98 -9.99
N THR Y 29 18.76 -1.98 -9.13
CA THR Y 29 19.21 -0.66 -9.55
C THR Y 29 20.73 -0.57 -9.72
N HIS Y 30 21.35 -1.59 -10.34
CA HIS Y 30 22.78 -1.56 -10.65
C HIS Y 30 23.12 -2.42 -11.87
N GLY Y 31 24.28 -2.13 -12.50
CA GLY Y 31 24.84 -2.97 -13.56
C GLY Y 31 24.13 -2.86 -14.92
N VAL Y 32 23.38 -1.76 -15.15
CA VAL Y 32 22.78 -1.46 -16.45
C VAL Y 32 23.53 -0.28 -17.08
N SER Y 33 24.04 -0.48 -18.31
CA SER Y 33 24.86 0.49 -19.03
C SER Y 33 24.85 0.22 -20.53
N ASN Y 34 25.23 1.23 -21.32
CA ASN Y 34 25.26 1.15 -22.77
C ASN Y 34 26.57 0.51 -23.24
N THR Y 35 26.54 -0.79 -23.59
CA THR Y 35 27.73 -1.55 -23.94
C THR Y 35 27.86 -1.84 -25.43
N VAL Y 36 26.95 -1.32 -26.27
CA VAL Y 36 26.92 -1.60 -27.69
C VAL Y 36 28.05 -0.86 -28.42
N GLU Y 37 28.76 -1.58 -29.31
CA GLU Y 37 29.84 -1.07 -30.14
C GLU Y 37 29.73 -1.74 -31.52
N THR Y 38 30.23 -1.09 -32.59
CA THR Y 38 30.05 -1.62 -33.94
C THR Y 38 31.18 -1.05 -34.80
N ALA Y 39 31.90 -1.93 -35.52
CA ALA Y 39 33.06 -1.48 -36.28
C ALA Y 39 33.11 -2.14 -37.66
N GLY Y 40 33.57 -1.38 -38.66
CA GLY Y 40 33.97 -1.93 -39.94
C GLY Y 40 35.39 -2.45 -39.84
N VAL Y 41 35.55 -3.78 -39.89
CA VAL Y 41 36.83 -4.43 -39.72
C VAL Y 41 37.05 -5.39 -40.89
N THR Y 42 38.27 -5.44 -41.43
CA THR Y 42 38.66 -6.41 -42.44
C THR Y 42 39.95 -7.09 -41.99
N SER Y 43 40.16 -8.33 -42.44
CA SER Y 43 41.29 -9.13 -41.94
C SER Y 43 41.80 -10.13 -42.97
N HIS Y 44 43.10 -10.44 -42.87
CA HIS Y 44 43.77 -11.42 -43.72
C HIS Y 44 44.69 -12.28 -42.85
N ILE Y 45 44.69 -13.60 -43.10
CA ILE Y 45 45.41 -14.57 -42.27
C ILE Y 45 46.46 -15.30 -43.11
N THR Y 46 47.65 -15.49 -42.53
CA THR Y 46 48.79 -16.16 -43.15
C THR Y 46 49.43 -17.12 -42.15
N SER Y 47 50.36 -17.95 -42.60
CA SER Y 47 51.09 -18.90 -41.75
C SER Y 47 51.91 -18.27 -40.62
N LYS Y 48 52.07 -16.93 -40.60
CA LYS Y 48 52.90 -16.23 -39.62
C LYS Y 48 52.19 -15.04 -38.97
N TYR Y 49 51.25 -14.40 -39.67
CA TYR Y 49 50.63 -13.15 -39.21
C TYR Y 49 49.13 -13.12 -39.49
N ILE Y 50 48.41 -12.45 -38.59
CA ILE Y 50 47.06 -11.96 -38.84
C ILE Y 50 47.15 -10.44 -39.00
N PHE Y 51 46.56 -9.92 -40.08
CA PHE Y 51 46.46 -8.48 -40.30
C PHE Y 51 45.03 -8.03 -40.04
N ILE Y 52 44.85 -6.91 -39.33
CA ILE Y 52 43.54 -6.39 -38.98
C ILE Y 52 43.50 -4.90 -39.29
N ASN Y 53 42.56 -4.50 -40.15
CA ASN Y 53 42.51 -3.12 -40.58
C ASN Y 53 41.11 -2.59 -40.31
N VAL Y 54 41.02 -1.44 -39.62
CA VAL Y 54 39.74 -0.88 -39.20
C VAL Y 54 39.38 0.31 -40.09
N SER Y 55 38.12 0.36 -40.58
CA SER Y 55 37.68 1.40 -41.51
C SER Y 55 36.79 2.46 -40.83
N SER Y 56 36.04 2.06 -39.80
CA SER Y 56 35.19 2.93 -39.00
C SER Y 56 34.78 2.24 -37.70
N SER Y 57 34.34 3.02 -36.69
CA SER Y 57 33.80 2.47 -35.46
C SER Y 57 32.73 3.40 -34.88
N SER Y 58 31.85 2.84 -34.03
CA SER Y 58 30.76 3.59 -33.42
C SER Y 58 31.30 4.60 -32.40
N SER Y 59 32.40 4.24 -31.72
CA SER Y 59 33.09 5.12 -30.78
C SER Y 59 34.61 4.87 -30.84
N ALA Y 60 35.39 5.82 -30.31
CA ALA Y 60 36.84 5.67 -30.19
C ALA Y 60 37.18 5.02 -28.85
N ILE Y 61 37.87 3.87 -28.87
CA ILE Y 61 38.14 3.07 -27.68
C ILE Y 61 39.61 2.66 -27.62
N SER Y 62 40.14 2.42 -26.41
CA SER Y 62 41.53 2.03 -26.22
C SER Y 62 41.77 0.60 -26.72
N ALA Y 63 42.89 0.37 -27.40
CA ALA Y 63 43.26 -0.97 -27.85
C ALA Y 63 43.55 -1.93 -26.68
N SER Y 64 43.75 -1.43 -25.46
CA SER Y 64 43.91 -2.25 -24.26
C SER Y 64 42.57 -2.76 -23.71
N SER Y 65 41.44 -2.12 -24.09
CA SER Y 65 40.10 -2.49 -23.64
C SER Y 65 39.49 -3.64 -24.45
N ILE Y 66 40.14 -4.04 -25.55
CA ILE Y 66 39.65 -5.08 -26.45
C ILE Y 66 40.41 -6.36 -26.18
N THR Y 67 39.68 -7.47 -26.06
CA THR Y 67 40.24 -8.80 -25.83
C THR Y 67 40.16 -9.60 -27.12
N ILE Y 68 41.22 -10.33 -27.47
CA ILE Y 68 41.25 -11.17 -28.66
C ILE Y 68 41.38 -12.65 -28.27
N THR Y 69 40.61 -13.54 -28.93
CA THR Y 69 40.70 -14.98 -28.72
C THR Y 69 40.89 -15.69 -30.07
N ILE Y 70 41.58 -16.83 -30.05
CA ILE Y 70 42.03 -17.51 -31.26
C ILE Y 70 41.83 -19.02 -31.16
N THR Y 71 41.60 -19.67 -32.31
CA THR Y 71 41.52 -21.13 -32.40
C THR Y 71 42.25 -21.61 -33.66
N GLY Y 72 42.82 -22.83 -33.59
CA GLY Y 72 43.55 -23.41 -34.70
C GLY Y 72 45.01 -22.94 -34.81
N ALA Y 73 45.45 -22.10 -33.86
CA ALA Y 73 46.77 -21.47 -33.84
C ALA Y 73 47.14 -21.05 -32.41
N SER Y 74 48.24 -20.29 -32.28
CA SER Y 74 48.70 -19.76 -31.00
C SER Y 74 49.43 -18.42 -31.21
N PHE Y 75 49.39 -17.52 -30.21
CA PHE Y 75 50.09 -16.24 -30.31
C PHE Y 75 51.59 -16.42 -30.00
N LYS Y 76 52.45 -15.64 -30.69
CA LYS Y 76 53.87 -15.59 -30.36
C LYS Y 76 54.18 -14.77 -29.11
N VAL Y 77 53.25 -13.91 -28.68
CA VAL Y 77 53.36 -13.13 -27.45
C VAL Y 77 52.47 -13.80 -26.39
N THR Y 78 53.03 -14.01 -25.18
CA THR Y 78 52.45 -14.93 -24.21
C THR Y 78 51.95 -14.28 -22.91
N SER Y 79 52.12 -12.96 -22.77
CA SER Y 79 51.82 -12.24 -21.52
C SER Y 79 50.33 -12.17 -21.19
N GLY Y 80 49.46 -12.24 -22.21
CA GLY Y 80 48.03 -12.04 -22.04
C GLY Y 80 47.30 -12.01 -23.38
N ASP Y 81 46.15 -11.31 -23.43
CA ASP Y 81 45.18 -11.48 -24.50
C ASP Y 81 44.44 -10.19 -24.87
N THR Y 82 44.91 -9.03 -24.41
CA THR Y 82 44.37 -7.78 -24.93
C THR Y 82 44.96 -7.50 -26.31
N LEU Y 83 44.23 -6.76 -27.16
CA LEU Y 83 44.67 -6.51 -28.52
C LEU Y 83 45.97 -5.71 -28.55
N ALA Y 84 46.07 -4.66 -27.72
CA ALA Y 84 47.28 -3.84 -27.61
C ALA Y 84 48.51 -4.69 -27.26
N GLU Y 85 48.33 -5.65 -26.36
CA GLU Y 85 49.38 -6.49 -25.81
C GLU Y 85 49.93 -7.48 -26.85
N VAL Y 86 49.06 -8.28 -27.49
CA VAL Y 86 49.52 -9.28 -28.45
C VAL Y 86 50.04 -8.67 -29.75
N ALA Y 87 49.54 -7.48 -30.12
CA ALA Y 87 49.96 -6.76 -31.31
C ALA Y 87 51.22 -5.91 -31.09
N GLY Y 88 51.71 -5.79 -29.86
CA GLY Y 88 52.91 -5.03 -29.55
C GLY Y 88 52.74 -3.52 -29.69
N VAL Y 89 51.57 -3.00 -29.29
CA VAL Y 89 51.23 -1.60 -29.36
C VAL Y 89 51.88 -0.84 -28.20
N SER Y 90 52.83 0.06 -28.52
CA SER Y 90 53.37 1.01 -27.56
C SER Y 90 52.38 2.15 -27.32
N SER Y 91 52.48 2.82 -26.16
CA SER Y 91 51.56 3.89 -25.75
C SER Y 91 51.61 5.13 -26.66
N THR Y 92 52.74 5.33 -27.36
CA THR Y 92 52.95 6.41 -28.32
C THR Y 92 52.46 6.07 -29.73
N SER Y 93 52.17 4.80 -30.01
CA SER Y 93 51.81 4.32 -31.34
C SER Y 93 50.46 4.89 -31.80
N SER Y 94 50.35 5.17 -33.11
CA SER Y 94 49.10 5.64 -33.72
C SER Y 94 47.96 4.67 -33.46
N ASN Y 95 48.29 3.37 -33.43
CA ASN Y 95 47.35 2.27 -33.31
C ASN Y 95 46.96 2.01 -31.85
N ALA Y 96 47.25 2.95 -30.93
CA ALA Y 96 46.82 2.83 -29.54
C ALA Y 96 45.30 3.02 -29.37
N THR Y 97 44.63 3.62 -30.36
CA THR Y 97 43.19 3.82 -30.36
C THR Y 97 42.54 3.04 -31.49
N PHE Y 98 41.44 2.35 -31.20
CA PHE Y 98 40.69 1.59 -32.17
C PHE Y 98 39.62 2.48 -32.81
N THR Y 99 39.86 2.87 -34.07
CA THR Y 99 39.05 3.78 -34.88
C THR Y 99 39.39 3.54 -36.35
N GLY Y 100 38.61 4.12 -37.27
CA GLY Y 100 38.98 4.09 -38.69
C GLY Y 100 40.40 4.61 -38.90
N GLY Y 101 41.18 3.91 -39.72
CA GLY Y 101 42.57 4.27 -39.99
C GLY Y 101 43.61 3.57 -39.11
N SER Y 102 43.18 2.76 -38.13
CA SER Y 102 44.09 1.97 -37.30
C SER Y 102 44.29 0.57 -37.88
N ASP Y 103 45.57 0.16 -38.01
CA ASP Y 103 45.96 -1.16 -38.51
C ASP Y 103 46.82 -1.90 -37.49
N TYR Y 104 46.65 -3.23 -37.40
CA TYR Y 104 47.36 -4.07 -36.45
C TYR Y 104 47.93 -5.32 -37.14
N THR Y 105 49.10 -5.78 -36.68
CA THR Y 105 49.69 -7.04 -37.11
C THR Y 105 49.94 -7.92 -35.88
N VAL Y 106 49.35 -9.13 -35.87
CA VAL Y 106 49.50 -10.06 -34.76
C VAL Y 106 50.33 -11.26 -35.22
N PRO Y 107 51.49 -11.55 -34.59
CA PRO Y 107 52.31 -12.72 -34.95
C PRO Y 107 51.83 -14.00 -34.28
N ILE Y 108 51.77 -15.08 -35.07
CA ILE Y 108 51.20 -16.36 -34.65
C ILE Y 108 52.08 -17.55 -35.07
N SER Y 109 51.83 -18.69 -34.42
CA SER Y 109 52.55 -19.95 -34.64
C SER Y 109 51.57 -21.13 -34.75
N LEU Y 110 51.87 -22.06 -35.68
CA LEU Y 110 51.07 -23.25 -35.96
C LEU Y 110 51.87 -24.52 -35.61
N SER Y 111 51.17 -25.55 -35.08
CA SER Y 111 51.74 -26.88 -34.87
C SER Y 111 51.94 -27.64 -36.19
N SER Y 112 52.49 -28.87 -36.12
CA SER Y 112 52.66 -29.77 -37.24
C SER Y 112 51.34 -30.20 -37.89
N SER Y 113 50.25 -30.22 -37.11
CA SER Y 113 48.92 -30.64 -37.54
C SER Y 113 48.01 -29.48 -37.96
N GLN Y 114 48.29 -28.26 -37.45
CA GLN Y 114 47.51 -27.08 -37.75
C GLN Y 114 47.83 -26.53 -39.16
N THR Y 115 46.82 -25.87 -39.77
CA THR Y 115 46.93 -25.30 -41.12
C THR Y 115 46.17 -23.97 -41.18
N VAL Y 116 46.52 -23.12 -42.15
CA VAL Y 116 45.98 -21.77 -42.28
C VAL Y 116 44.45 -21.77 -42.43
N ALA Y 117 43.93 -22.74 -43.20
CA ALA Y 117 42.49 -22.88 -43.42
C ALA Y 117 41.69 -23.17 -42.13
N GLY Y 118 42.37 -23.61 -41.06
CA GLY Y 118 41.72 -23.94 -39.79
C GLY Y 118 41.68 -22.79 -38.79
N VAL Y 119 42.43 -21.70 -39.03
CA VAL Y 119 42.58 -20.60 -38.07
C VAL Y 119 41.37 -19.65 -38.10
N SER Y 120 40.91 -19.22 -36.91
CA SER Y 120 39.93 -18.15 -36.79
C SER Y 120 40.07 -17.43 -35.44
N PHE Y 121 39.53 -16.20 -35.36
CA PHE Y 121 39.66 -15.36 -34.17
C PHE Y 121 38.46 -14.44 -33.98
N GLU Y 122 38.34 -13.87 -32.76
CA GLU Y 122 37.26 -12.96 -32.41
C GLU Y 122 37.77 -11.79 -31.57
N LEU Y 123 37.12 -10.62 -31.70
CA LEU Y 123 37.38 -9.47 -30.85
C LEU Y 123 36.19 -9.23 -29.93
N ILE Y 124 36.47 -9.02 -28.63
CA ILE Y 124 35.45 -8.87 -27.60
C ILE Y 124 35.67 -7.55 -26.87
N TYR Y 125 34.59 -6.80 -26.65
CA TYR Y 125 34.61 -5.55 -25.92
C TYR Y 125 33.41 -5.51 -24.97
N LYS Y 126 33.66 -5.20 -23.68
CA LYS Y 126 32.66 -5.18 -22.61
C LYS Y 126 31.72 -6.40 -22.63
N GLY Y 127 32.27 -7.59 -22.93
CA GLY Y 127 31.53 -8.85 -22.89
C GLY Y 127 30.65 -9.13 -24.13
N ASN Y 128 30.72 -8.28 -25.16
CA ASN Y 128 30.04 -8.50 -26.43
C ASN Y 128 31.07 -8.82 -27.52
N VAL Y 129 30.76 -9.78 -28.41
CA VAL Y 129 31.61 -10.04 -29.58
C VAL Y 129 31.38 -8.95 -30.63
N ILE Y 130 32.43 -8.20 -31.01
CA ILE Y 130 32.33 -7.11 -31.98
C ILE Y 130 32.84 -7.49 -33.38
N TYR Y 131 33.64 -8.57 -33.49
CA TYR Y 131 34.09 -9.11 -34.76
C TYR Y 131 34.37 -10.61 -34.63
N ASN Y 132 34.14 -11.37 -35.69
CA ASN Y 132 34.41 -12.80 -35.73
C ASN Y 132 34.82 -13.18 -37.15
N SER Y 133 36.07 -13.64 -37.33
CA SER Y 133 36.64 -13.88 -38.65
C SER Y 133 35.93 -15.01 -39.41
N ALA Y 134 35.24 -15.90 -38.69
CA ALA Y 134 34.56 -17.05 -39.25
C ALA Y 134 33.07 -16.79 -39.55
N ALA Y 135 32.59 -15.54 -39.42
CA ALA Y 135 31.21 -15.17 -39.72
C ALA Y 135 30.89 -15.42 -41.19
N VAL Z 1 -6.02 -3.22 21.66
CA VAL Z 1 -6.43 -4.48 20.93
C VAL Z 1 -6.81 -4.22 19.47
N SER Z 2 -7.89 -3.47 19.18
CA SER Z 2 -8.51 -3.43 17.86
C SER Z 2 -7.63 -2.99 16.68
N PRO Z 3 -6.66 -2.05 16.76
CA PRO Z 3 -5.80 -1.72 15.61
C PRO Z 3 -4.95 -2.87 15.08
N ILE Z 4 -4.55 -3.82 15.93
CA ILE Z 4 -3.80 -4.99 15.49
C ILE Z 4 -4.71 -5.99 14.78
N ILE Z 5 -5.92 -6.22 15.29
CA ILE Z 5 -6.89 -7.10 14.67
C ILE Z 5 -7.33 -6.59 13.29
N ALA Z 6 -7.60 -5.29 13.18
CA ALA Z 6 -7.87 -4.65 11.89
C ALA Z 6 -6.72 -4.86 10.88
N THR Z 7 -5.47 -4.84 11.35
CA THR Z 7 -4.31 -5.05 10.50
C THR Z 7 -4.25 -6.49 9.97
N ILE Z 8 -4.57 -7.48 10.81
CA ILE Z 8 -4.60 -8.89 10.42
C ILE Z 8 -5.67 -9.15 9.35
N LEU Z 9 -6.84 -8.52 9.48
CA LEU Z 9 -7.90 -8.62 8.46
C LEU Z 9 -7.46 -8.04 7.12
N LEU Z 10 -6.77 -6.90 7.12
CA LEU Z 10 -6.30 -6.26 5.89
C LEU Z 10 -5.21 -7.09 5.17
N ILE Z 11 -4.39 -7.84 5.91
CA ILE Z 11 -3.42 -8.75 5.30
C ILE Z 11 -4.15 -9.90 4.60
N ALA Z 12 -5.14 -10.50 5.25
CA ALA Z 12 -5.95 -11.55 4.65
C ALA Z 12 -6.62 -11.09 3.34
N ILE Z 13 -7.20 -9.88 3.31
CA ILE Z 13 -7.81 -9.31 2.11
C ILE Z 13 -6.76 -9.10 1.00
N THR Z 14 -5.56 -8.63 1.36
CA THR Z 14 -4.50 -8.32 0.40
C THR Z 14 -4.09 -9.56 -0.41
N VAL Z 15 -3.95 -10.71 0.26
CA VAL Z 15 -3.56 -11.94 -0.40
C VAL Z 15 -4.57 -12.37 -1.46
N VAL Z 16 -5.88 -12.21 -1.21
CA VAL Z 16 -6.91 -12.60 -2.17
C VAL Z 16 -6.91 -11.67 -3.39
N LEU Z 17 -6.62 -10.38 -3.21
CA LEU Z 17 -6.48 -9.47 -4.33
C LEU Z 17 -5.28 -9.83 -5.20
N ALA Z 18 -4.13 -10.14 -4.60
CA ALA Z 18 -2.94 -10.55 -5.33
C ALA Z 18 -3.19 -11.85 -6.12
N ALA Z 19 -3.85 -12.83 -5.49
CA ALA Z 19 -4.22 -14.07 -6.16
C ALA Z 19 -5.19 -13.82 -7.32
N THR Z 20 -6.11 -12.84 -7.19
CA THR Z 20 -7.01 -12.46 -8.26
C THR Z 20 -6.23 -11.86 -9.44
N LEU Z 21 -5.33 -10.91 -9.16
CA LEU Z 21 -4.50 -10.26 -10.18
C LEU Z 21 -3.72 -11.28 -11.01
N VAL Z 22 -3.11 -12.30 -10.38
CA VAL Z 22 -2.36 -13.34 -11.06
C VAL Z 22 -3.22 -14.06 -12.11
N THR Z 23 -4.51 -14.29 -11.85
CA THR Z 23 -5.37 -14.92 -12.85
C THR Z 23 -5.76 -13.98 -14.00
N ILE Z 24 -5.78 -12.67 -13.76
CA ILE Z 24 -6.00 -11.70 -14.83
C ILE Z 24 -4.81 -11.71 -15.80
N LEU Z 25 -3.58 -11.73 -15.28
CA LEU Z 25 -2.38 -11.65 -16.11
C LEU Z 25 -2.25 -12.86 -17.04
N GLY Z 26 -2.72 -14.03 -16.61
CA GLY Z 26 -2.67 -15.25 -17.41
C GLY Z 26 -3.36 -15.17 -18.76
N GLY Z 27 -4.27 -14.20 -18.96
CA GLY Z 27 -4.92 -13.98 -20.25
C GLY Z 27 -4.06 -13.24 -21.28
N PHE Z 28 -2.93 -12.68 -20.85
CA PHE Z 28 -2.02 -11.94 -21.71
C PHE Z 28 -0.79 -12.79 -22.08
N THR Z 29 -0.29 -13.58 -21.14
CA THR Z 29 1.02 -14.23 -21.24
C THR Z 29 0.93 -15.60 -21.94
N HIS Z 30 0.18 -15.70 -23.05
CA HIS Z 30 0.12 -16.91 -23.85
C HIS Z 30 -0.21 -16.61 -25.33
N GLY Z 31 0.15 -17.55 -26.22
CA GLY Z 31 -0.25 -17.52 -27.62
C GLY Z 31 0.51 -16.49 -28.48
N VAL Z 32 1.69 -16.04 -28.03
CA VAL Z 32 2.58 -15.18 -28.83
C VAL Z 32 3.80 -16.00 -29.27
N SER Z 33 4.04 -16.02 -30.59
CA SER Z 33 5.10 -16.80 -31.20
C SER Z 33 5.46 -16.26 -32.59
N ASN Z 34 6.65 -16.63 -33.08
CA ASN Z 34 7.16 -16.19 -34.37
C ASN Z 34 6.60 -17.07 -35.49
N THR Z 35 5.57 -16.58 -36.21
CA THR Z 35 4.86 -17.36 -37.22
C THR Z 35 5.19 -16.94 -38.66
N VAL Z 36 6.13 -16.01 -38.85
CA VAL Z 36 6.47 -15.46 -40.17
C VAL Z 36 7.27 -16.48 -40.99
N GLU Z 37 6.88 -16.65 -42.26
CA GLU Z 37 7.53 -17.53 -43.23
C GLU Z 37 7.50 -16.82 -44.59
N THR Z 38 8.44 -17.14 -45.50
CA THR Z 38 8.54 -16.42 -46.77
C THR Z 38 9.24 -17.33 -47.77
N ALA Z 39 8.64 -17.53 -48.95
CA ALA Z 39 9.18 -18.48 -49.91
C ALA Z 39 9.14 -17.93 -51.34
N GLY Z 40 10.17 -18.26 -52.13
CA GLY Z 40 10.13 -18.09 -53.56
C GLY Z 40 9.42 -19.27 -54.20
N VAL Z 41 8.21 -19.04 -54.73
CA VAL Z 41 7.37 -20.08 -55.30
C VAL Z 41 6.94 -19.65 -56.70
N THR Z 42 6.96 -20.59 -57.65
CA THR Z 42 6.42 -20.39 -59.00
C THR Z 42 5.44 -21.51 -59.33
N SER Z 43 4.47 -21.22 -60.21
CA SER Z 43 3.40 -22.17 -60.47
C SER Z 43 2.84 -22.05 -61.88
N HIS Z 44 2.34 -23.18 -62.41
CA HIS Z 44 1.70 -23.28 -63.72
C HIS Z 44 0.44 -24.13 -63.61
N ILE Z 45 -0.65 -23.71 -64.26
CA ILE Z 45 -1.96 -24.35 -64.13
C ILE Z 45 -2.43 -24.84 -65.49
N THR Z 46 -2.99 -26.06 -65.52
CA THR Z 46 -3.51 -26.72 -66.72
C THR Z 46 -4.87 -27.35 -66.40
N SER Z 47 -5.57 -27.84 -67.43
CA SER Z 47 -6.88 -28.49 -67.29
C SER Z 47 -6.87 -29.75 -66.41
N LYS Z 48 -5.69 -30.27 -66.03
CA LYS Z 48 -5.57 -31.52 -65.27
C LYS Z 48 -4.65 -31.41 -64.04
N TYR Z 49 -3.65 -30.51 -64.07
CA TYR Z 49 -2.63 -30.43 -63.04
C TYR Z 49 -2.29 -28.98 -62.69
N ILE Z 50 -1.95 -28.77 -61.42
CA ILE Z 50 -1.21 -27.61 -60.95
C ILE Z 50 0.22 -28.06 -60.63
N PHE Z 51 1.21 -27.34 -61.16
CA PHE Z 51 2.61 -27.56 -60.85
C PHE Z 51 3.10 -26.46 -59.91
N ILE Z 52 3.85 -26.83 -58.87
CA ILE Z 52 4.37 -25.88 -57.89
C ILE Z 52 5.85 -26.16 -57.66
N ASN Z 53 6.68 -25.15 -57.91
CA ASN Z 53 8.11 -25.36 -57.81
C ASN Z 53 8.67 -24.31 -56.86
N VAL Z 54 9.45 -24.75 -55.85
CA VAL Z 54 9.97 -23.87 -54.81
C VAL Z 54 11.45 -23.60 -55.05
N SER Z 55 11.87 -22.32 -54.98
CA SER Z 55 13.24 -21.92 -55.26
C SER Z 55 14.05 -21.61 -53.99
N SER Z 56 13.38 -21.12 -52.94
CA SER Z 56 13.97 -20.83 -51.64
C SER Z 56 12.88 -20.67 -50.58
N SER Z 57 13.23 -20.78 -49.29
CA SER Z 57 12.31 -20.52 -48.20
C SER Z 57 13.06 -19.98 -46.97
N SER Z 58 12.34 -19.26 -46.10
CA SER Z 58 12.92 -18.68 -44.90
C SER Z 58 13.35 -19.77 -43.90
N SER Z 59 12.59 -20.87 -43.86
CA SER Z 59 12.90 -22.04 -43.03
C SER Z 59 12.50 -23.33 -43.74
N ALA Z 60 13.03 -24.47 -43.28
CA ALA Z 60 12.64 -25.78 -43.78
C ALA Z 60 11.47 -26.33 -42.97
N ILE Z 61 10.34 -26.62 -43.64
CA ILE Z 61 9.10 -27.02 -42.97
C ILE Z 61 8.49 -28.26 -43.62
N SER Z 62 7.72 -29.04 -42.85
CA SER Z 62 7.09 -30.25 -43.36
C SER Z 62 5.97 -29.92 -44.35
N ALA Z 63 5.88 -30.68 -45.45
CA ALA Z 63 4.80 -30.52 -46.42
C ALA Z 63 3.42 -30.86 -45.84
N SER Z 64 3.36 -31.57 -44.70
CA SER Z 64 2.11 -31.84 -43.99
C SER Z 64 1.61 -30.64 -43.16
N SER Z 65 2.49 -29.68 -42.85
CA SER Z 65 2.16 -28.50 -42.06
C SER Z 65 1.54 -27.37 -42.89
N ILE Z 66 1.53 -27.52 -44.23
CA ILE Z 66 1.03 -26.50 -45.15
C ILE Z 66 -0.36 -26.93 -45.64
N THR Z 67 -1.30 -25.99 -45.61
CA THR Z 67 -2.67 -26.21 -46.07
C THR Z 67 -2.86 -25.51 -47.41
N ILE Z 68 -3.53 -26.18 -48.36
CA ILE Z 68 -3.81 -25.60 -49.67
C ILE Z 68 -5.32 -25.44 -49.87
N THR Z 69 -5.74 -24.29 -50.42
CA THR Z 69 -7.14 -24.03 -50.75
C THR Z 69 -7.26 -23.61 -52.21
N ILE Z 70 -8.41 -23.93 -52.84
CA ILE Z 70 -8.59 -23.78 -54.28
C ILE Z 70 -9.97 -23.22 -54.61
N THR Z 71 -10.07 -22.48 -55.72
CA THR Z 71 -11.33 -21.99 -56.24
C THR Z 71 -11.37 -22.14 -57.77
N GLY Z 72 -12.57 -22.34 -58.32
CA GLY Z 72 -12.76 -22.51 -59.77
C GLY Z 72 -12.48 -23.94 -60.27
N ALA Z 73 -12.17 -24.87 -59.35
CA ALA Z 73 -11.79 -26.26 -59.63
C ALA Z 73 -12.04 -27.14 -58.41
N SER Z 74 -11.56 -28.39 -58.46
CA SER Z 74 -11.65 -29.35 -57.36
C SER Z 74 -10.46 -30.31 -57.39
N PHE Z 75 -10.05 -30.83 -56.22
CA PHE Z 75 -8.96 -31.79 -56.16
C PHE Z 75 -9.44 -33.20 -56.52
N LYS Z 76 -8.58 -33.98 -57.19
CA LYS Z 76 -8.87 -35.40 -57.46
C LYS Z 76 -8.68 -36.29 -56.22
N VAL Z 77 -7.94 -35.81 -55.21
CA VAL Z 77 -7.75 -36.49 -53.93
C VAL Z 77 -8.66 -35.83 -52.89
N THR Z 78 -9.42 -36.65 -52.14
CA THR Z 78 -10.57 -36.16 -51.38
C THR Z 78 -10.43 -36.28 -49.86
N SER Z 79 -9.32 -36.84 -49.36
CA SER Z 79 -9.13 -37.14 -47.95
C SER Z 79 -9.00 -35.90 -47.05
N GLY Z 80 -8.52 -34.78 -47.63
CA GLY Z 80 -8.20 -33.57 -46.86
C GLY Z 80 -7.54 -32.51 -47.72
N ASP Z 81 -6.74 -31.62 -47.08
CA ASP Z 81 -6.32 -30.38 -47.71
C ASP Z 81 -4.91 -29.95 -47.31
N THR Z 82 -4.11 -30.84 -46.71
CA THR Z 82 -2.69 -30.53 -46.55
C THR Z 82 -1.96 -30.73 -47.88
N LEU Z 83 -0.84 -30.01 -48.08
CA LEU Z 83 -0.13 -30.06 -49.35
C LEU Z 83 0.42 -31.46 -49.61
N ALA Z 84 1.02 -32.10 -48.60
CA ALA Z 84 1.55 -33.45 -48.70
C ALA Z 84 0.48 -34.45 -49.16
N GLU Z 85 -0.73 -34.30 -48.63
CA GLU Z 85 -1.86 -35.19 -48.82
C GLU Z 85 -2.41 -35.10 -50.24
N VAL Z 86 -2.75 -33.89 -50.73
CA VAL Z 86 -3.34 -33.75 -52.06
C VAL Z 86 -2.33 -33.99 -53.18
N ALA Z 87 -1.04 -33.76 -52.92
CA ALA Z 87 0.04 -33.97 -53.89
C ALA Z 87 0.54 -35.42 -53.90
N GLY Z 88 0.08 -36.28 -52.97
CA GLY Z 88 0.47 -37.69 -52.93
C GLY Z 88 1.92 -37.91 -52.50
N VAL Z 89 2.39 -37.09 -51.54
CA VAL Z 89 3.75 -37.14 -51.00
C VAL Z 89 3.86 -38.31 -50.00
N SER Z 90 4.67 -39.33 -50.36
CA SER Z 90 5.06 -40.37 -49.43
C SER Z 90 6.14 -39.86 -48.46
N SER Z 91 6.26 -40.50 -47.28
CA SER Z 91 7.19 -40.08 -46.22
C SER Z 91 8.67 -40.19 -46.62
N THR Z 92 8.97 -41.06 -47.60
CA THR Z 92 10.31 -41.27 -48.15
C THR Z 92 10.65 -40.29 -49.29
N SER Z 93 9.64 -39.58 -49.83
CA SER Z 93 9.81 -38.71 -51.00
C SER Z 93 10.69 -37.50 -50.69
N SER Z 94 11.49 -37.08 -51.69
CA SER Z 94 12.34 -35.90 -51.58
C SER Z 94 11.51 -34.66 -51.22
N ASN Z 95 10.28 -34.61 -51.75
CA ASN Z 95 9.37 -33.48 -51.64
C ASN Z 95 8.60 -33.48 -50.32
N ALA Z 96 9.03 -34.30 -49.34
CA ALA Z 96 8.44 -34.30 -48.00
C ALA Z 96 8.73 -33.01 -47.22
N THR Z 97 9.79 -32.27 -47.61
CA THR Z 97 10.15 -31.01 -46.98
C THR Z 97 10.00 -29.86 -47.98
N PHE Z 98 9.41 -28.75 -47.51
CA PHE Z 98 9.22 -27.55 -48.31
C PHE Z 98 10.43 -26.63 -48.16
N THR Z 99 11.26 -26.58 -49.21
CA THR Z 99 12.52 -25.84 -49.30
C THR Z 99 12.85 -25.64 -50.77
N GLY Z 100 13.86 -24.80 -51.09
CA GLY Z 100 14.35 -24.70 -52.45
C GLY Z 100 14.71 -26.08 -53.02
N GLY Z 101 14.30 -26.35 -54.27
CA GLY Z 101 14.55 -27.63 -54.91
C GLY Z 101 13.41 -28.65 -54.77
N SER Z 102 12.33 -28.33 -54.03
CA SER Z 102 11.17 -29.20 -53.92
C SER Z 102 10.11 -28.82 -54.96
N ASP Z 103 9.61 -29.83 -55.70
CA ASP Z 103 8.57 -29.67 -56.72
C ASP Z 103 7.37 -30.57 -56.41
N TYR Z 104 6.16 -30.07 -56.70
CA TYR Z 104 4.90 -30.78 -56.43
C TYR Z 104 3.99 -30.74 -57.65
N THR Z 105 3.23 -31.83 -57.86
CA THR Z 105 2.18 -31.89 -58.87
C THR Z 105 0.85 -32.24 -58.20
N VAL Z 106 -0.17 -31.37 -58.35
CA VAL Z 106 -1.48 -31.60 -57.76
C VAL Z 106 -2.49 -31.88 -58.87
N PRO Z 107 -3.18 -33.06 -58.86
CA PRO Z 107 -4.20 -33.37 -59.86
C PRO Z 107 -5.56 -32.78 -59.53
N ILE Z 108 -6.21 -32.18 -60.54
CA ILE Z 108 -7.45 -31.44 -60.37
C ILE Z 108 -8.48 -31.80 -61.46
N SER Z 109 -9.75 -31.45 -61.18
CA SER Z 109 -10.89 -31.69 -62.05
C SER Z 109 -11.77 -30.44 -62.16
N LEU Z 110 -12.28 -30.18 -63.38
CA LEU Z 110 -13.15 -29.05 -63.69
C LEU Z 110 -14.55 -29.52 -64.11
N SER Z 111 -15.59 -28.77 -63.73
CA SER Z 111 -16.96 -28.98 -64.20
C SER Z 111 -17.14 -28.56 -65.66
N SER Z 112 -18.36 -28.74 -66.20
CA SER Z 112 -18.74 -28.32 -67.55
C SER Z 112 -18.69 -26.79 -67.73
N SER Z 113 -18.87 -26.03 -66.65
CA SER Z 113 -18.90 -24.57 -66.64
C SER Z 113 -17.55 -23.94 -66.27
N GLN Z 114 -16.69 -24.67 -65.54
CA GLN Z 114 -15.38 -24.19 -65.12
C GLN Z 114 -14.37 -24.21 -66.27
N THR Z 115 -13.40 -23.29 -66.21
CA THR Z 115 -12.34 -23.13 -67.22
C THR Z 115 -11.01 -22.78 -66.54
N VAL Z 116 -9.89 -23.04 -67.24
CA VAL Z 116 -8.55 -22.89 -66.70
C VAL Z 116 -8.27 -21.45 -66.25
N ALA Z 117 -8.76 -20.47 -67.01
CA ALA Z 117 -8.61 -19.05 -66.71
C ALA Z 117 -9.28 -18.63 -65.39
N GLY Z 118 -10.21 -19.46 -64.86
CA GLY Z 118 -10.93 -19.17 -63.63
C GLY Z 118 -10.29 -19.75 -62.36
N VAL Z 119 -9.31 -20.65 -62.51
CA VAL Z 119 -8.72 -21.39 -61.38
C VAL Z 119 -7.69 -20.53 -60.63
N SER Z 120 -7.70 -20.59 -59.29
CA SER Z 120 -6.65 -20.02 -58.45
C SER Z 120 -6.56 -20.76 -57.10
N PHE Z 121 -5.41 -20.61 -56.41
CA PHE Z 121 -5.15 -21.33 -55.17
C PHE Z 121 -4.23 -20.54 -54.25
N GLU Z 122 -4.17 -20.96 -52.96
CA GLU Z 122 -3.34 -20.33 -51.95
C GLU Z 122 -2.71 -21.38 -51.04
N LEU Z 123 -1.50 -21.07 -50.52
CA LEU Z 123 -0.83 -21.89 -49.51
C LEU Z 123 -0.82 -21.15 -48.17
N ILE Z 124 -1.20 -21.85 -47.10
CA ILE Z 124 -1.34 -21.28 -45.78
C ILE Z 124 -0.47 -22.07 -44.79
N TYR Z 125 0.27 -21.35 -43.94
CA TYR Z 125 1.09 -21.93 -42.91
C TYR Z 125 0.93 -21.14 -41.61
N LYS Z 126 0.65 -21.84 -40.49
CA LYS Z 126 0.37 -21.25 -39.18
C LYS Z 126 -0.60 -20.06 -39.23
N GLY Z 127 -1.62 -20.14 -40.09
CA GLY Z 127 -2.67 -19.13 -40.18
C GLY Z 127 -2.30 -17.88 -41.00
N ASN Z 128 -1.13 -17.85 -41.64
CA ASN Z 128 -0.71 -16.79 -42.55
C ASN Z 128 -0.71 -17.31 -43.98
N VAL Z 129 -1.17 -16.49 -44.95
CA VAL Z 129 -1.06 -16.84 -46.37
C VAL Z 129 0.39 -16.62 -46.83
N ILE Z 130 1.06 -17.67 -47.32
CA ILE Z 130 2.46 -17.58 -47.77
C ILE Z 130 2.60 -17.51 -49.29
N TYR Z 131 1.57 -17.90 -50.05
CA TYR Z 131 1.52 -17.78 -51.49
C TYR Z 131 0.07 -17.67 -51.97
N ASN Z 132 -0.15 -16.93 -53.06
CA ASN Z 132 -1.47 -16.76 -53.66
C ASN Z 132 -1.30 -16.61 -55.17
N SER Z 133 -1.82 -17.57 -55.96
CA SER Z 133 -1.58 -17.62 -57.40
C SER Z 133 -2.19 -16.44 -58.14
N ALA Z 134 -3.19 -15.78 -57.54
CA ALA Z 134 -3.93 -14.67 -58.14
C ALA Z 134 -3.37 -13.29 -57.74
N ALA Z 135 -2.22 -13.24 -57.04
CA ALA Z 135 -1.58 -11.99 -56.65
C ALA Z 135 -1.15 -11.18 -57.87
N VAL AA 1 -10.43 -0.04 14.59
CA VAL AA 1 -11.21 0.91 13.71
C VAL AA 1 -10.32 1.64 12.68
N SER AA 2 -9.39 2.50 13.10
CA SER AA 2 -8.74 3.47 12.22
C SER AA 2 -7.98 2.91 10.99
N PRO AA 3 -7.29 1.73 11.00
CA PRO AA 3 -6.65 1.22 9.79
C PRO AA 3 -7.59 0.92 8.62
N ILE AA 4 -8.85 0.57 8.89
CA ILE AA 4 -9.84 0.32 7.84
C ILE AA 4 -10.32 1.65 7.26
N ILE AA 5 -10.57 2.66 8.09
CA ILE AA 5 -11.00 3.98 7.63
C ILE AA 5 -9.91 4.65 6.79
N ALA AA 6 -8.65 4.57 7.22
CA ALA AA 6 -7.52 5.04 6.42
C ALA AA 6 -7.45 4.37 5.04
N THR AA 7 -7.80 3.07 4.97
CA THR AA 7 -7.80 2.34 3.70
C THR AA 7 -8.90 2.84 2.76
N ILE AA 8 -10.09 3.15 3.29
CA ILE AA 8 -11.20 3.68 2.50
C ILE AA 8 -10.86 5.05 1.91
N LEU AA 9 -10.17 5.92 2.68
CA LEU AA 9 -9.71 7.21 2.18
C LEU AA 9 -8.70 7.06 1.04
N LEU AA 10 -7.76 6.11 1.15
CA LEU AA 10 -6.76 5.89 0.11
C LEU AA 10 -7.36 5.33 -1.19
N ILE AA 11 -8.46 4.57 -1.12
CA ILE AA 11 -9.15 4.12 -2.33
C ILE AA 11 -9.81 5.33 -3.02
N ALA AA 12 -10.48 6.19 -2.27
CA ALA AA 12 -11.08 7.41 -2.82
C ALA AA 12 -10.05 8.29 -3.54
N ILE AA 13 -8.86 8.50 -2.94
CA ILE AA 13 -7.78 9.26 -3.57
C ILE AA 13 -7.27 8.58 -4.85
N THR AA 14 -7.17 7.25 -4.85
CA THR AA 14 -6.65 6.48 -5.99
C THR AA 14 -7.49 6.69 -7.25
N VAL AA 15 -8.82 6.69 -7.11
CA VAL AA 15 -9.73 6.87 -8.23
C VAL AA 15 -9.54 8.25 -8.89
N VAL AA 16 -9.32 9.31 -8.11
CA VAL AA 16 -9.14 10.65 -8.66
C VAL AA 16 -7.81 10.77 -9.42
N LEU AA 17 -6.75 10.09 -8.96
CA LEU AA 17 -5.48 10.05 -9.67
C LEU AA 17 -5.64 9.33 -11.01
N ALA AA 18 -6.31 8.18 -11.03
CA ALA AA 18 -6.55 7.43 -12.26
C ALA AA 18 -7.37 8.26 -13.26
N ALA AA 19 -8.43 8.93 -12.80
CA ALA AA 19 -9.22 9.82 -13.62
C ALA AA 19 -8.39 10.98 -14.17
N THR AA 20 -7.44 11.51 -13.39
CA THR AA 20 -6.53 12.56 -13.84
C THR AA 20 -5.63 12.04 -14.95
N LEU AA 21 -4.99 10.88 -14.76
CA LEU AA 21 -4.12 10.26 -15.74
C LEU AA 21 -4.81 10.08 -17.09
N VAL AA 22 -6.06 9.60 -17.11
CA VAL AA 22 -6.83 9.40 -18.33
C VAL AA 22 -6.93 10.71 -19.14
N THR AA 23 -7.08 11.87 -18.50
CA THR AA 23 -7.13 13.13 -19.23
C THR AA 23 -5.77 13.57 -19.77
N ILE AA 24 -4.66 13.17 -19.13
CA ILE AA 24 -3.32 13.43 -19.65
C ILE AA 24 -3.10 12.63 -20.95
N LEU AA 25 -3.51 11.36 -20.97
CA LEU AA 25 -3.26 10.50 -22.14
C LEU AA 25 -3.99 11.00 -23.38
N GLY AA 26 -5.17 11.61 -23.21
CA GLY AA 26 -5.97 12.13 -24.32
C GLY AA 26 -5.25 13.16 -25.19
N GLY AA 27 -4.17 13.78 -24.70
CA GLY AA 27 -3.36 14.72 -25.49
C GLY AA 27 -2.40 14.03 -26.47
N PHE AA 28 -2.21 12.71 -26.36
CA PHE AA 28 -1.33 11.94 -27.21
C PHE AA 28 -2.11 11.17 -28.28
N THR AA 29 -3.28 10.63 -27.91
CA THR AA 29 -4.01 9.65 -28.71
C THR AA 29 -4.96 10.30 -29.73
N HIS AA 30 -4.49 11.36 -30.44
CA HIS AA 30 -5.26 11.98 -31.51
C HIS AA 30 -4.35 12.65 -32.55
N GLY AA 31 -4.88 12.85 -33.76
CA GLY AA 31 -4.23 13.64 -34.80
C GLY AA 31 -3.06 12.94 -35.50
N VAL AA 32 -2.99 11.59 -35.42
CA VAL AA 32 -2.01 10.81 -36.17
C VAL AA 32 -2.72 10.04 -37.29
N SER AA 33 -2.24 10.24 -38.54
CA SER AA 33 -2.85 9.66 -39.74
C SER AA 33 -1.85 9.61 -40.89
N ASN AA 34 -2.15 8.79 -41.89
CA ASN AA 34 -1.29 8.59 -43.05
C ASN AA 34 -1.56 9.69 -44.10
N THR AA 35 -0.69 10.71 -44.15
CA THR AA 35 -0.88 11.88 -45.01
C THR AA 35 0.02 11.92 -46.24
N VAL AA 36 0.83 10.86 -46.45
CA VAL AA 36 1.80 10.82 -47.54
C VAL AA 36 1.10 10.61 -48.89
N GLU AA 37 1.51 11.40 -49.90
CA GLU AA 37 1.01 11.35 -51.28
C GLU AA 37 2.21 11.60 -52.21
N THR AA 38 2.16 11.09 -53.45
CA THR AA 38 3.31 11.19 -54.35
C THR AA 38 2.80 11.10 -55.78
N ALA AA 39 3.17 12.06 -56.63
CA ALA AA 39 2.63 12.12 -57.98
C ALA AA 39 3.72 12.44 -59.01
N GLY AA 40 3.60 11.83 -60.20
CA GLY AA 40 4.35 12.26 -61.37
C GLY AA 40 3.62 13.43 -62.03
N VAL AA 41 4.22 14.63 -61.94
CA VAL AA 41 3.63 15.86 -62.44
C VAL AA 41 4.64 16.56 -63.34
N THR AA 42 4.17 17.09 -64.49
CA THR AA 42 4.97 17.92 -65.37
C THR AA 42 4.24 19.22 -65.64
N SER AA 43 4.98 20.29 -65.93
CA SER AA 43 4.37 21.61 -66.06
C SER AA 43 5.13 22.52 -67.02
N HIS AA 44 4.39 23.45 -67.65
CA HIS AA 44 4.92 24.45 -68.56
C HIS AA 44 4.26 25.80 -68.27
N ILE AA 45 5.07 26.87 -68.26
CA ILE AA 45 4.62 28.21 -67.86
C ILE AA 45 4.78 29.17 -69.03
N THR AA 46 3.77 30.04 -69.23
CA THR AA 46 3.73 31.04 -70.27
C THR AA 46 3.22 32.36 -69.69
N SER AA 47 3.28 33.46 -70.46
CA SER AA 47 2.83 34.78 -70.05
C SER AA 47 1.33 34.86 -69.70
N LYS AA 48 0.53 33.81 -69.99
CA LYS AA 48 -0.91 33.81 -69.81
C LYS AA 48 -1.43 32.58 -69.06
N TYR AA 49 -0.75 31.43 -69.18
CA TYR AA 49 -1.23 30.16 -68.66
C TYR AA 49 -0.11 29.34 -68.01
N ILE AA 50 -0.49 28.58 -66.97
CA ILE AA 50 0.28 27.46 -66.47
C ILE AA 50 -0.45 26.18 -66.89
N PHE AA 51 0.28 25.24 -67.50
CA PHE AA 51 -0.25 23.92 -67.84
C PHE AA 51 0.31 22.89 -66.87
N ILE AA 52 -0.55 21.99 -66.37
CA ILE AA 52 -0.16 20.97 -65.42
C ILE AA 52 -0.71 19.62 -65.88
N ASN AA 53 0.19 18.66 -66.09
CA ASN AA 53 -0.23 17.38 -66.63
C ASN AA 53 0.25 16.29 -65.69
N VAL AA 54 -0.66 15.40 -65.26
CA VAL AA 54 -0.37 14.37 -64.27
C VAL AA 54 -0.22 13.02 -64.96
N SER AA 55 0.85 12.27 -64.64
CA SER AA 55 1.14 10.98 -65.28
C SER AA 55 0.79 9.78 -64.41
N SER AA 56 0.90 9.95 -63.08
CA SER AA 56 0.56 8.93 -62.09
C SER AA 56 0.43 9.55 -60.70
N SER AA 57 -0.25 8.86 -59.76
CA SER AA 57 -0.32 9.31 -58.37
C SER AA 57 -0.43 8.10 -57.44
N SER AA 58 -0.05 8.29 -56.17
CA SER AA 58 -0.09 7.23 -55.16
C SER AA 58 -1.53 6.84 -54.83
N SER AA 59 -2.45 7.81 -54.86
CA SER AA 59 -3.87 7.60 -54.65
C SER AA 59 -4.70 8.55 -55.53
N ALA AA 60 -5.99 8.23 -55.71
CA ALA AA 60 -6.91 9.09 -56.43
C ALA AA 60 -7.58 10.06 -55.45
N ILE AA 61 -7.43 11.38 -55.69
CA ILE AA 61 -7.88 12.42 -54.76
C ILE AA 61 -8.66 13.51 -55.50
N SER AA 62 -9.57 14.19 -54.78
CA SER AA 62 -10.38 15.25 -55.38
C SER AA 62 -9.52 16.48 -55.69
N ALA AA 63 -9.76 17.11 -56.86
CA ALA AA 63 -9.06 18.34 -57.21
C ALA AA 63 -9.42 19.53 -56.30
N SER AA 64 -10.51 19.42 -55.52
CA SER AA 64 -10.87 20.43 -54.51
C SER AA 64 -10.05 20.30 -53.22
N SER AA 65 -9.44 19.14 -52.97
CA SER AA 65 -8.64 18.87 -51.77
C SER AA 65 -7.20 19.39 -51.89
N ILE AA 66 -6.79 19.84 -53.08
CA ILE AA 66 -5.43 20.30 -53.36
C ILE AA 66 -5.42 21.83 -53.39
N THR AA 67 -4.46 22.42 -52.68
CA THR AA 67 -4.29 23.87 -52.62
C THR AA 67 -3.08 24.26 -53.47
N ILE AA 68 -3.21 25.34 -54.25
CA ILE AA 68 -2.11 25.84 -55.09
C ILE AA 68 -1.68 27.24 -54.63
N THR AA 69 -0.36 27.47 -54.56
CA THR AA 69 0.19 28.78 -54.22
C THR AA 69 1.20 29.22 -55.28
N ILE AA 70 1.30 30.54 -55.50
CA ILE AA 70 2.06 31.09 -56.63
C ILE AA 70 2.89 32.31 -56.18
N THR AA 71 4.02 32.54 -56.87
CA THR AA 71 4.85 33.72 -56.67
C THR AA 71 5.33 34.25 -58.02
N GLY AA 72 5.55 35.57 -58.11
CA GLY AA 72 5.99 36.22 -59.32
C GLY AA 72 4.87 36.50 -60.33
N ALA AA 73 3.61 36.20 -59.96
CA ALA AA 73 2.43 36.33 -60.81
C ALA AA 73 1.16 36.43 -59.95
N SER AA 74 -0.01 36.35 -60.59
CA SER AA 74 -1.32 36.36 -59.92
C SER AA 74 -2.34 35.55 -60.72
N PHE AA 75 -3.33 34.95 -60.04
CA PHE AA 75 -4.39 34.21 -60.72
C PHE AA 75 -5.44 35.15 -61.31
N LYS AA 76 -6.00 34.78 -62.47
CA LYS AA 76 -7.13 35.51 -63.05
C LYS AA 76 -8.46 35.21 -62.35
N VAL AA 77 -8.53 34.09 -61.61
CA VAL AA 77 -9.69 33.72 -60.81
C VAL AA 77 -9.39 34.04 -59.34
N THR AA 78 -10.33 34.74 -58.67
CA THR AA 78 -10.03 35.41 -57.40
C THR AA 78 -10.78 34.86 -56.19
N SER AA 79 -11.64 33.85 -56.37
CA SER AA 79 -12.52 33.33 -55.32
C SER AA 79 -11.77 32.59 -54.20
N GLY AA 80 -10.59 32.03 -54.51
CA GLY AA 80 -9.86 31.19 -53.58
C GLY AA 80 -8.64 30.54 -54.23
N ASP AA 81 -8.21 29.38 -53.70
CA ASP AA 81 -6.89 28.84 -53.99
C ASP AA 81 -6.85 27.31 -54.06
N THR AA 82 -8.01 26.64 -54.15
CA THR AA 82 -7.99 25.22 -54.44
C THR AA 82 -7.73 25.01 -55.94
N LEU AA 83 -7.15 23.86 -56.31
CA LEU AA 83 -6.78 23.60 -57.69
C LEU AA 83 -8.02 23.58 -58.59
N ALA AA 84 -9.08 22.88 -58.16
CA ALA AA 84 -10.35 22.81 -58.90
C ALA AA 84 -10.92 24.21 -59.19
N GLU AA 85 -10.82 25.10 -58.22
CA GLU AA 85 -11.39 26.43 -58.25
C GLU AA 85 -10.66 27.34 -59.23
N VAL AA 86 -9.33 27.47 -59.13
CA VAL AA 86 -8.57 28.37 -59.99
C VAL AA 86 -8.48 27.86 -61.43
N ALA AA 87 -8.55 26.54 -61.63
CA ALA AA 87 -8.51 25.91 -62.95
C ALA AA 87 -9.89 25.85 -63.64
N GLY AA 88 -10.97 26.23 -62.94
CA GLY AA 88 -12.31 26.24 -63.51
C GLY AA 88 -12.89 24.85 -63.76
N VAL AA 89 -12.60 23.91 -62.85
CA VAL AA 89 -13.06 22.53 -62.93
C VAL AA 89 -14.53 22.43 -62.50
N SER AA 90 -15.41 22.09 -63.45
CA SER AA 90 -16.80 21.73 -63.15
C SER AA 90 -16.87 20.32 -62.57
N SER AA 91 -17.94 20.02 -61.80
CA SER AA 91 -18.12 18.74 -61.10
C SER AA 91 -18.27 17.54 -62.05
N THR AA 92 -18.70 17.80 -63.31
CA THR AA 92 -18.84 16.81 -64.36
C THR AA 92 -17.55 16.58 -65.16
N SER AA 93 -16.55 17.47 -65.00
CA SER AA 93 -15.31 17.43 -65.78
C SER AA 93 -14.46 16.19 -65.47
N SER AA 94 -13.78 15.65 -66.49
CA SER AA 94 -12.88 14.52 -66.34
C SER AA 94 -11.79 14.82 -65.30
N ASN AA 95 -11.36 16.10 -65.27
CA ASN AA 95 -10.26 16.58 -64.45
C ASN AA 95 -10.70 16.89 -63.02
N ALA AA 96 -11.88 16.42 -62.60
CA ALA AA 96 -12.35 16.56 -61.23
C ALA AA 96 -11.54 15.69 -60.24
N THR AA 97 -10.85 14.65 -60.74
CA THR AA 97 -10.01 13.77 -59.93
C THR AA 97 -8.55 13.90 -60.35
N PHE AA 98 -7.66 13.99 -59.37
CA PHE AA 98 -6.22 14.08 -59.59
C PHE AA 98 -5.61 12.68 -59.62
N THR AA 99 -5.26 12.22 -60.83
CA THR AA 99 -4.73 10.90 -61.16
C THR AA 99 -3.98 11.00 -62.48
N GLY AA 100 -3.24 9.95 -62.87
CA GLY AA 100 -2.66 9.88 -64.20
C GLY AA 100 -3.73 10.11 -65.29
N GLY AA 101 -3.42 10.93 -66.29
CA GLY AA 101 -4.35 11.26 -67.36
C GLY AA 101 -5.17 12.53 -67.14
N SER AA 102 -5.04 13.20 -65.98
CA SER AA 102 -5.70 14.47 -65.71
C SER AA 102 -4.80 15.65 -66.07
N ASP AA 103 -5.34 16.61 -66.85
CA ASP AA 103 -4.64 17.82 -67.27
C ASP AA 103 -5.42 19.06 -66.83
N TYR AA 104 -4.68 20.12 -66.45
CA TYR AA 104 -5.26 21.37 -65.96
C TYR AA 104 -4.60 22.57 -66.65
N THR AA 105 -5.39 23.63 -66.90
CA THR AA 105 -4.90 24.91 -67.39
C THR AA 105 -5.31 26.01 -66.40
N VAL AA 106 -4.33 26.75 -65.86
CA VAL AA 106 -4.59 27.83 -64.91
C VAL AA 106 -4.26 29.17 -65.58
N PRO AA 107 -5.22 30.11 -65.70
CA PRO AA 107 -4.97 31.42 -66.28
C PRO AA 107 -4.37 32.41 -65.26
N ILE AA 108 -3.34 33.14 -65.69
CA ILE AA 108 -2.56 34.03 -64.82
C ILE AA 108 -2.31 35.38 -65.47
N SER AA 109 -1.92 36.36 -64.64
CA SER AA 109 -1.63 37.74 -65.03
C SER AA 109 -0.34 38.22 -64.37
N LEU AA 110 0.46 38.98 -65.13
CA LEU AA 110 1.73 39.56 -64.71
C LEU AA 110 1.67 41.09 -64.69
N SER AA 111 2.34 41.71 -63.71
CA SER AA 111 2.53 43.17 -63.66
C SER AA 111 3.52 43.66 -64.71
N SER AA 112 3.74 44.99 -64.77
CA SER AA 112 4.73 45.63 -65.64
C SER AA 112 6.18 45.21 -65.32
N SER AA 113 6.44 44.84 -64.06
CA SER AA 113 7.77 44.46 -63.57
C SER AA 113 8.00 42.94 -63.57
N GLN AA 114 6.93 42.15 -63.50
CA GLN AA 114 7.01 40.70 -63.49
C GLN AA 114 7.32 40.13 -64.88
N THR AA 115 7.99 38.95 -64.90
CA THR AA 115 8.40 38.26 -66.12
C THR AA 115 8.26 36.75 -65.94
N VAL AA 116 8.14 36.02 -67.07
CA VAL AA 116 7.87 34.58 -67.06
C VAL AA 116 8.95 33.80 -66.31
N ALA AA 117 10.23 34.21 -66.46
CA ALA AA 117 11.36 33.58 -65.78
C ALA AA 117 11.30 33.68 -64.25
N GLY AA 118 10.48 34.59 -63.72
CA GLY AA 118 10.33 34.79 -62.28
C GLY AA 118 9.21 33.99 -61.62
N VAL AA 119 8.31 33.38 -62.42
CA VAL AA 119 7.11 32.71 -61.91
C VAL AA 119 7.44 31.31 -61.39
N SER AA 120 6.85 30.94 -60.23
CA SER AA 120 6.87 29.57 -59.73
C SER AA 120 5.66 29.28 -58.83
N PHE AA 121 5.35 27.99 -58.64
CA PHE AA 121 4.16 27.56 -57.91
C PHE AA 121 4.37 26.22 -57.20
N GLU AA 122 3.47 25.91 -56.26
CA GLU AA 122 3.52 24.67 -55.49
C GLU AA 122 2.10 24.09 -55.31
N LEU AA 123 2.01 22.76 -55.21
CA LEU AA 123 0.77 22.06 -54.87
C LEU AA 123 0.91 21.44 -53.48
N ILE AA 124 -0.13 21.65 -52.64
CA ILE AA 124 -0.12 21.21 -51.26
C ILE AA 124 -1.35 20.35 -51.01
N TYR AA 125 -1.14 19.22 -50.32
CA TYR AA 125 -2.21 18.30 -49.94
C TYR AA 125 -2.00 17.85 -48.49
N LYS AA 126 -3.04 17.96 -47.66
CA LYS AA 126 -3.00 17.65 -46.22
C LYS AA 126 -1.77 18.21 -45.49
N GLY AA 127 -1.36 19.44 -45.87
CA GLY AA 127 -0.26 20.14 -45.22
C GLY AA 127 1.14 19.72 -45.65
N ASN AA 128 1.27 18.84 -46.65
CA ASN AA 128 2.54 18.43 -47.24
C ASN AA 128 2.66 19.02 -48.66
N VAL AA 129 3.85 19.51 -49.04
CA VAL AA 129 4.09 19.93 -50.41
C VAL AA 129 4.29 18.69 -51.30
N ILE AA 130 3.44 18.52 -52.34
CA ILE AA 130 3.52 17.35 -53.23
C ILE AA 130 4.18 17.66 -54.58
N TYR AA 131 4.27 18.94 -54.95
CA TYR AA 131 4.98 19.39 -56.14
C TYR AA 131 5.46 20.83 -55.96
N ASN AA 132 6.60 21.16 -56.57
CA ASN AA 132 7.18 22.50 -56.53
C ASN AA 132 7.90 22.76 -57.85
N SER AA 133 7.42 23.73 -58.63
CA SER AA 133 7.92 23.97 -59.98
C SER AA 133 9.38 24.43 -60.01
N ALA AA 134 9.87 24.98 -58.89
CA ALA AA 134 11.22 25.52 -58.76
C ALA AA 134 12.23 24.51 -58.19
N ALA AA 135 11.83 23.23 -58.00
CA ALA AA 135 12.71 22.19 -57.49
C ALA AA 135 13.89 21.96 -58.44
N VAL BA 1 -4.11 5.25 11.24
CA VAL BA 1 -2.79 5.99 11.11
C VAL BA 1 -1.82 5.30 10.13
N SER BA 2 -1.35 4.07 10.41
CA SER BA 2 -0.20 3.48 9.71
C SER BA 2 -0.32 3.32 8.19
N PRO BA 3 -1.48 3.02 7.54
CA PRO BA 3 -1.54 2.95 6.07
C PRO BA 3 -1.21 4.24 5.33
N ILE BA 4 -1.46 5.41 5.93
CA ILE BA 4 -1.11 6.69 5.33
C ILE BA 4 0.39 6.95 5.44
N ILE BA 5 0.99 6.65 6.60
CA ILE BA 5 2.42 6.80 6.80
C ILE BA 5 3.23 5.88 5.87
N ALA BA 6 2.81 4.63 5.73
CA ALA BA 6 3.41 3.71 4.76
C ALA BA 6 3.34 4.25 3.33
N THR BA 7 2.25 4.95 2.97
CA THR BA 7 2.09 5.54 1.64
C THR BA 7 3.09 6.68 1.42
N ILE BA 8 3.31 7.53 2.43
CA ILE BA 8 4.27 8.63 2.36
C ILE BA 8 5.70 8.12 2.17
N LEU BA 9 6.07 7.03 2.85
CA LEU BA 9 7.38 6.40 2.67
C LEU BA 9 7.57 5.87 1.24
N LEU BA 10 6.55 5.24 0.66
CA LEU BA 10 6.61 4.71 -0.70
C LEU BA 10 6.74 5.80 -1.77
N ILE BA 11 6.17 6.99 -1.54
CA ILE BA 11 6.35 8.12 -2.45
C ILE BA 11 7.80 8.59 -2.40
N ALA BA 12 8.38 8.74 -1.21
CA ALA BA 12 9.77 9.12 -1.05
C ALA BA 12 10.73 8.15 -1.78
N ILE BA 13 10.50 6.84 -1.66
CA ILE BA 13 11.30 5.83 -2.37
C ILE BA 13 11.14 5.94 -3.89
N THR BA 14 9.92 6.21 -4.37
CA THR BA 14 9.62 6.29 -5.80
C THR BA 14 10.42 7.39 -6.48
N VAL BA 15 10.55 8.55 -5.86
CA VAL BA 15 11.30 9.67 -6.41
C VAL BA 15 12.78 9.34 -6.60
N VAL BA 16 13.40 8.60 -5.67
CA VAL BA 16 14.81 8.23 -5.78
C VAL BA 16 15.04 7.21 -6.90
N LEU BA 17 14.09 6.30 -7.13
CA LEU BA 17 14.18 5.37 -8.26
C LEU BA 17 14.08 6.12 -9.59
N ALA BA 18 13.14 7.06 -9.73
CA ALA BA 18 13.00 7.86 -10.94
C ALA BA 18 14.26 8.68 -11.22
N ALA BA 19 14.82 9.31 -10.18
CA ALA BA 19 16.08 10.05 -10.30
C ALA BA 19 17.24 9.14 -10.71
N THR BA 20 17.26 7.88 -10.23
CA THR BA 20 18.26 6.90 -10.63
C THR BA 20 18.12 6.55 -12.11
N LEU BA 21 16.91 6.24 -12.57
CA LEU BA 21 16.62 5.91 -13.96
C LEU BA 21 17.10 7.01 -14.91
N VAL BA 22 16.85 8.28 -14.60
CA VAL BA 22 17.28 9.42 -15.41
C VAL BA 22 18.79 9.39 -15.65
N THR BA 23 19.61 9.01 -14.66
CA THR BA 23 21.05 8.93 -14.87
C THR BA 23 21.48 7.73 -15.70
N ILE BA 24 20.70 6.63 -15.71
CA ILE BA 24 20.97 5.50 -16.60
C ILE BA 24 20.74 5.91 -18.06
N LEU BA 25 19.65 6.64 -18.35
CA LEU BA 25 19.30 7.00 -19.72
C LEU BA 25 20.37 7.91 -20.35
N GLY BA 26 21.02 8.77 -19.55
CA GLY BA 26 22.04 9.68 -20.03
C GLY BA 26 23.23 9.02 -20.72
N GLY BA 27 23.44 7.71 -20.51
CA GLY BA 27 24.49 6.96 -21.20
C GLY BA 27 24.14 6.56 -22.64
N PHE BA 28 22.88 6.72 -23.04
CA PHE BA 28 22.40 6.38 -24.38
C PHE BA 28 22.23 7.62 -25.24
N THR BA 29 21.77 8.73 -24.65
CA THR BA 29 21.30 9.90 -25.38
C THR BA 29 22.42 10.89 -25.70
N HIS BA 30 23.60 10.40 -26.13
CA HIS BA 30 24.70 11.25 -26.56
C HIS BA 30 25.60 10.56 -27.59
N GLY BA 31 26.35 11.36 -28.37
CA GLY BA 31 27.40 10.86 -29.26
C GLY BA 31 26.88 10.19 -30.54
N VAL BA 32 25.63 10.48 -30.94
CA VAL BA 32 25.08 10.05 -32.23
C VAL BA 32 24.95 11.25 -33.16
N SER BA 33 25.57 11.15 -34.35
CA SER BA 33 25.63 12.22 -35.33
C SER BA 33 25.92 11.69 -36.73
N ASN BA 34 25.62 12.51 -37.75
CA ASN BA 34 25.80 12.14 -39.15
C ASN BA 34 27.25 12.39 -39.58
N THR BA 35 28.07 11.33 -39.63
CA THR BA 35 29.51 11.43 -39.90
C THR BA 35 29.89 10.96 -41.31
N VAL BA 36 28.92 10.60 -42.14
CA VAL BA 36 29.19 10.04 -43.47
C VAL BA 36 29.65 11.14 -44.44
N GLU BA 37 30.71 10.85 -45.21
CA GLU BA 37 31.29 11.73 -46.22
C GLU BA 37 31.72 10.86 -47.41
N THR BA 38 31.77 11.42 -48.62
CA THR BA 38 32.05 10.62 -49.82
C THR BA 38 32.63 11.55 -50.88
N ALA BA 39 33.79 11.20 -51.44
CA ALA BA 39 34.46 12.09 -52.38
C ALA BA 39 35.02 11.32 -53.58
N GLY BA 40 34.96 11.96 -54.76
CA GLY BA 40 35.71 11.51 -55.92
C GLY BA 40 37.13 12.06 -55.83
N VAL BA 41 38.09 11.16 -55.61
CA VAL BA 41 39.49 11.50 -55.40
C VAL BA 41 40.34 10.66 -56.34
N THR BA 42 41.35 11.29 -56.97
CA THR BA 42 42.34 10.59 -57.77
C THR BA 42 43.74 10.98 -57.30
N SER BA 43 44.72 10.10 -57.49
CA SER BA 43 46.05 10.32 -56.93
C SER BA 43 47.15 9.67 -57.75
N HIS BA 44 48.35 10.27 -57.70
CA HIS BA 44 49.54 9.80 -58.37
C HIS BA 44 50.74 9.92 -57.42
N ILE BA 45 51.59 8.89 -57.38
CA ILE BA 45 52.69 8.80 -56.43
C ILE BA 45 54.03 8.74 -57.18
N THR BA 46 55.03 9.48 -56.68
CA THR BA 46 56.37 9.56 -57.24
C THR BA 46 57.39 9.47 -56.10
N SER BA 47 58.68 9.33 -56.43
CA SER BA 47 59.77 9.27 -55.47
C SER BA 47 59.92 10.51 -54.57
N LYS BA 48 59.20 11.61 -54.86
CA LYS BA 48 59.32 12.88 -54.13
C LYS BA 48 57.99 13.46 -53.69
N TYR BA 49 56.90 13.20 -54.44
CA TYR BA 49 55.61 13.83 -54.21
C TYR BA 49 54.44 12.84 -54.36
N ILE BA 50 53.39 13.08 -53.56
CA ILE BA 50 52.07 12.55 -53.80
C ILE BA 50 51.19 13.70 -54.29
N PHE BA 51 50.48 13.48 -55.40
CA PHE BA 51 49.52 14.43 -55.93
C PHE BA 51 48.11 13.91 -55.64
N ILE BA 52 47.22 14.80 -55.17
CA ILE BA 52 45.84 14.44 -54.83
C ILE BA 52 44.89 15.45 -55.46
N ASN BA 53 43.98 14.96 -56.30
CA ASN BA 53 43.11 15.86 -57.02
C ASN BA 53 41.66 15.44 -56.75
N VAL BA 54 40.82 16.39 -56.32
CA VAL BA 54 39.45 16.10 -55.91
C VAL BA 54 38.48 16.56 -57.01
N SER BA 55 37.52 15.69 -57.39
CA SER BA 55 36.59 15.98 -58.48
C SER BA 55 35.19 16.36 -57.98
N SER BA 56 34.79 15.82 -56.82
CA SER BA 56 33.51 16.12 -56.16
C SER BA 56 33.54 15.64 -54.71
N SER BA 57 32.64 16.16 -53.86
CA SER BA 57 32.48 15.67 -52.49
C SER BA 57 31.03 15.82 -52.04
N SER BA 58 30.64 15.04 -51.03
CA SER BA 58 29.28 15.04 -50.49
C SER BA 58 28.98 16.37 -49.77
N SER BA 59 30.00 16.94 -49.13
CA SER BA 59 29.92 18.24 -48.47
C SER BA 59 31.24 19.00 -48.59
N ALA BA 60 31.21 20.32 -48.36
CA ALA BA 60 32.41 21.15 -48.33
C ALA BA 60 32.99 21.19 -46.92
N ILE BA 61 34.26 20.75 -46.75
CA ILE BA 61 34.88 20.60 -45.44
C ILE BA 61 36.28 21.22 -45.42
N SER BA 62 36.74 21.65 -44.23
CA SER BA 62 38.04 22.27 -44.08
C SER BA 62 39.17 21.25 -44.28
N ALA BA 63 40.23 21.64 -44.99
CA ALA BA 63 41.40 20.78 -45.16
C ALA BA 63 42.14 20.49 -43.84
N SER BA 64 41.89 21.28 -42.78
CA SER BA 64 42.44 21.02 -41.46
C SER BA 64 41.69 19.92 -40.69
N SER BA 65 40.45 19.61 -41.10
CA SER BA 65 39.61 18.59 -40.46
C SER BA 65 39.93 17.16 -40.95
N ILE BA 66 40.76 17.03 -41.99
CA ILE BA 66 41.10 15.75 -42.61
C ILE BA 66 42.49 15.33 -42.13
N THR BA 67 42.61 14.07 -41.70
CA THR BA 67 43.87 13.49 -41.25
C THR BA 67 44.40 12.55 -42.32
N ILE BA 68 45.71 12.60 -42.59
CA ILE BA 68 46.35 11.72 -43.57
C ILE BA 68 47.36 10.80 -42.89
N THR BA 69 47.37 9.51 -43.26
CA THR BA 69 48.33 8.54 -42.76
C THR BA 69 49.02 7.83 -43.92
N ILE BA 70 50.28 7.43 -43.73
CA ILE BA 70 51.14 6.92 -44.80
C ILE BA 70 51.93 5.70 -44.34
N THR BA 71 52.26 4.81 -45.30
CA THR BA 71 53.11 3.66 -45.07
C THR BA 71 54.07 3.48 -46.25
N GLY BA 72 55.27 2.94 -45.96
CA GLY BA 72 56.30 2.72 -46.98
C GLY BA 72 57.12 3.96 -47.32
N ALA BA 73 56.88 5.09 -46.61
CA ALA BA 73 57.49 6.39 -46.85
C ALA BA 73 57.41 7.26 -45.59
N SER BA 74 57.76 8.55 -45.71
CA SER BA 74 57.69 9.52 -44.62
C SER BA 74 57.42 10.93 -45.17
N PHE BA 75 56.74 11.79 -44.40
CA PHE BA 75 56.50 13.15 -44.83
C PHE BA 75 57.73 14.04 -44.62
N LYS BA 76 57.95 15.01 -45.52
CA LYS BA 76 59.00 16.01 -45.35
C LYS BA 76 58.63 17.10 -44.33
N VAL BA 77 57.33 17.24 -44.02
CA VAL BA 77 56.83 18.16 -43.00
C VAL BA 77 56.49 17.35 -41.75
N THR BA 78 56.98 17.81 -40.57
CA THR BA 78 57.04 16.96 -39.39
C THR BA 78 56.15 17.43 -38.22
N SER BA 79 55.43 18.56 -38.39
CA SER BA 79 54.66 19.18 -37.31
C SER BA 79 53.44 18.37 -36.87
N GLY BA 80 52.88 17.54 -37.77
CA GLY BA 80 51.64 16.83 -37.53
C GLY BA 80 51.16 16.09 -38.77
N ASP BA 81 49.83 15.87 -38.86
CA ASP BA 81 49.28 14.90 -39.80
C ASP BA 81 47.91 15.32 -40.36
N THR BA 82 47.51 16.58 -40.21
CA THR BA 82 46.34 17.05 -40.95
C THR BA 82 46.72 17.33 -42.41
N LEU BA 83 45.75 17.22 -43.32
CA LEU BA 83 46.02 17.39 -44.74
C LEU BA 83 46.53 18.80 -45.05
N ALA BA 84 45.89 19.83 -44.48
CA ALA BA 84 46.30 21.21 -44.66
C ALA BA 84 47.76 21.44 -44.25
N GLU BA 85 48.16 20.81 -43.15
CA GLU BA 85 49.46 20.97 -42.52
C GLU BA 85 50.57 20.35 -43.35
N VAL BA 86 50.46 19.07 -43.74
CA VAL BA 86 51.52 18.39 -44.48
C VAL BA 86 51.63 18.89 -45.92
N ALA BA 87 50.52 19.38 -46.50
CA ALA BA 87 50.48 19.92 -47.86
C ALA BA 87 50.90 21.40 -47.94
N GLY BA 88 51.10 22.06 -46.79
CA GLY BA 88 51.54 23.47 -46.76
C GLY BA 88 50.46 24.45 -47.21
N VAL BA 89 49.20 24.17 -46.84
CA VAL BA 89 48.04 24.99 -47.19
C VAL BA 89 47.99 26.22 -46.28
N SER BA 90 48.19 27.41 -46.87
CA SER BA 90 47.93 28.69 -46.18
C SER BA 90 46.43 28.97 -46.12
N SER BA 91 46.00 29.78 -45.14
CA SER BA 91 44.59 30.09 -44.90
C SER BA 91 43.91 30.85 -46.04
N THR BA 92 44.70 31.55 -46.87
CA THR BA 92 44.25 32.27 -48.05
C THR BA 92 44.19 31.40 -49.32
N SER BA 93 44.79 30.20 -49.28
CA SER BA 93 44.91 29.32 -50.44
C SER BA 93 43.54 28.80 -50.90
N SER BA 94 43.36 28.63 -52.22
CA SER BA 94 42.16 28.07 -52.81
C SER BA 94 41.87 26.68 -52.24
N ASN BA 95 42.94 25.93 -51.97
CA ASN BA 95 42.90 24.54 -51.52
C ASN BA 95 42.65 24.43 -50.02
N ALA BA 96 42.23 25.51 -49.35
CA ALA BA 96 41.86 25.48 -47.94
C ALA BA 96 40.57 24.68 -47.67
N THR BA 97 39.74 24.50 -48.71
CA THR BA 97 38.49 23.74 -48.63
C THR BA 97 38.58 22.49 -49.52
N PHE BA 98 38.14 21.35 -48.99
CA PHE BA 98 38.11 20.09 -49.70
C PHE BA 98 36.77 19.93 -50.42
N THR BA 99 36.80 20.10 -51.75
CA THR BA 99 35.66 20.10 -52.67
C THR BA 99 36.19 19.80 -54.07
N GLY BA 100 35.28 19.53 -55.04
CA GLY BA 100 35.69 19.43 -56.43
C GLY BA 100 36.47 20.67 -56.87
N GLY BA 101 37.58 20.46 -57.59
CA GLY BA 101 38.44 21.54 -58.05
C GLY BA 101 39.62 21.87 -57.13
N SER BA 102 39.73 21.20 -55.96
CA SER BA 102 40.87 21.38 -55.06
C SER BA 102 41.95 20.34 -55.34
N ASP BA 103 43.21 20.80 -55.49
CA ASP BA 103 44.37 19.96 -55.73
C ASP BA 103 45.43 20.18 -54.64
N TYR BA 104 46.13 19.10 -54.25
CA TYR BA 104 47.15 19.14 -53.21
C TYR BA 104 48.42 18.41 -53.66
N THR BA 105 49.58 18.91 -53.21
CA THR BA 105 50.87 18.25 -53.42
C THR BA 105 51.52 18.02 -52.05
N VAL BA 106 51.83 16.75 -51.71
CA VAL BA 106 52.46 16.41 -50.45
C VAL BA 106 53.89 15.93 -50.71
N PRO BA 107 54.92 16.58 -50.12
CA PRO BA 107 56.31 16.16 -50.30
C PRO BA 107 56.71 15.04 -49.32
N ILE BA 108 57.40 14.02 -49.86
CA ILE BA 108 57.73 12.80 -49.13
C ILE BA 108 59.19 12.38 -49.34
N SER BA 109 59.69 11.51 -48.45
CA SER BA 109 61.04 10.99 -48.45
C SER BA 109 61.04 9.47 -48.23
N LEU BA 110 61.92 8.76 -48.95
CA LEU BA 110 62.08 7.31 -48.88
C LEU BA 110 63.47 6.94 -48.34
N SER BA 111 63.54 5.85 -47.55
CA SER BA 111 64.81 5.26 -47.11
C SER BA 111 65.54 4.53 -48.24
N SER BA 112 66.74 3.98 -47.95
CA SER BA 112 67.52 3.17 -48.87
C SER BA 112 66.82 1.87 -49.29
N SER BA 113 65.93 1.35 -48.43
CA SER BA 113 65.20 0.10 -48.64
C SER BA 113 63.80 0.30 -49.23
N GLN BA 114 63.21 1.49 -49.01
CA GLN BA 114 61.87 1.82 -49.51
C GLN BA 114 61.88 2.11 -51.01
N THR BA 115 60.74 1.83 -51.67
CA THR BA 115 60.55 2.03 -53.11
C THR BA 115 59.13 2.52 -53.40
N VAL BA 116 58.94 3.17 -54.56
CA VAL BA 116 57.68 3.81 -54.92
C VAL BA 116 56.51 2.81 -54.94
N ALA BA 117 56.76 1.59 -55.42
CA ALA BA 117 55.76 0.52 -55.49
C ALA BA 117 55.24 0.08 -54.11
N GLY BA 118 55.96 0.42 -53.03
CA GLY BA 118 55.59 0.06 -51.67
C GLY BA 118 54.76 1.10 -50.93
N VAL BA 119 54.65 2.33 -51.48
CA VAL BA 119 54.01 3.47 -50.79
C VAL BA 119 52.48 3.40 -50.92
N SER BA 120 51.76 3.69 -49.82
CA SER BA 120 50.32 3.90 -49.84
C SER BA 120 49.88 4.82 -48.71
N PHE BA 121 48.67 5.41 -48.84
CA PHE BA 121 48.17 6.39 -47.89
C PHE BA 121 46.64 6.35 -47.79
N GLU BA 122 46.10 6.98 -46.73
CA GLU BA 122 44.66 7.05 -46.48
C GLU BA 122 44.27 8.44 -45.96
N LEU BA 123 43.04 8.86 -46.28
CA LEU BA 123 42.44 10.08 -45.74
C LEU BA 123 41.31 9.71 -44.78
N ILE BA 124 41.30 10.33 -43.59
CA ILE BA 124 40.34 10.03 -42.54
C ILE BA 124 39.62 11.31 -42.13
N TYR BA 125 38.30 11.23 -41.99
CA TYR BA 125 37.47 12.34 -41.55
C TYR BA 125 36.45 11.83 -40.54
N LYS BA 126 36.36 12.49 -39.37
CA LYS BA 126 35.50 12.12 -38.24
C LYS BA 126 35.55 10.62 -37.90
N GLY BA 127 36.73 10.02 -38.00
CA GLY BA 127 36.95 8.63 -37.63
C GLY BA 127 36.56 7.59 -38.68
N ASN BA 128 36.15 8.02 -39.88
CA ASN BA 128 35.85 7.15 -41.02
C ASN BA 128 36.93 7.31 -42.09
N VAL BA 129 37.36 6.21 -42.73
CA VAL BA 129 38.26 6.30 -43.87
C VAL BA 129 37.47 6.72 -45.11
N ILE BA 130 37.84 7.86 -45.73
CA ILE BA 130 37.14 8.40 -46.90
C ILE BA 130 37.87 8.12 -48.22
N TYR BA 131 39.17 7.79 -48.17
CA TYR BA 131 39.96 7.40 -49.33
C TYR BA 131 41.11 6.49 -48.89
N ASN BA 132 41.50 5.54 -49.75
CA ASN BA 132 42.61 4.64 -49.50
C ASN BA 132 43.27 4.30 -50.84
N SER BA 133 44.54 4.71 -51.01
CA SER BA 133 45.23 4.59 -52.30
C SER BA 133 45.44 3.13 -52.73
N ALA BA 134 45.42 2.20 -51.77
CA ALA BA 134 45.66 0.78 -52.01
C ALA BA 134 44.37 -0.03 -52.23
N ALA BA 135 43.21 0.63 -52.34
CA ALA BA 135 41.93 -0.03 -52.58
C ALA BA 135 41.94 -0.75 -53.93
N VAL CA 1 1.18 -0.92 7.65
CA VAL CA 1 1.72 -2.29 7.28
C VAL CA 1 1.37 -2.68 5.83
N SER CA 2 0.08 -2.87 5.48
CA SER CA 2 -0.32 -3.53 4.25
C SER CA 2 0.16 -2.91 2.92
N PRO CA 3 0.31 -1.57 2.71
CA PRO CA 3 0.85 -1.05 1.46
C PRO CA 3 2.28 -1.48 1.11
N ILE CA 4 3.12 -1.76 2.11
CA ILE CA 4 4.47 -2.25 1.88
C ILE CA 4 4.45 -3.72 1.48
N ILE CA 5 3.62 -4.54 2.14
CA ILE CA 5 3.48 -5.95 1.81
C ILE CA 5 2.92 -6.15 0.39
N ALA CA 6 1.90 -5.38 0.02
CA ALA CA 6 1.38 -5.36 -1.35
C ALA CA 6 2.46 -5.02 -2.38
N THR CA 7 3.39 -4.11 -2.04
CA THR CA 7 4.48 -3.73 -2.93
C THR CA 7 5.47 -4.89 -3.12
N ILE CA 8 5.79 -5.64 -2.06
CA ILE CA 8 6.68 -6.78 -2.14
C ILE CA 8 6.10 -7.89 -3.02
N LEU CA 9 4.79 -8.14 -2.94
CA LEU CA 9 4.10 -9.10 -3.80
C LEU CA 9 4.18 -8.70 -5.28
N LEU CA 10 3.99 -7.40 -5.60
CA LEU CA 10 4.05 -6.90 -6.97
C LEU CA 10 5.45 -6.99 -7.58
N ILE CA 11 6.52 -6.88 -6.76
CA ILE CA 11 7.88 -7.07 -7.25
C ILE CA 11 8.09 -8.54 -7.62
N ALA CA 12 7.66 -9.47 -6.76
CA ALA CA 12 7.74 -10.90 -7.05
C ALA CA 12 7.03 -11.28 -8.37
N ILE CA 13 5.82 -10.74 -8.61
CA ILE CA 13 5.08 -10.97 -9.86
C ILE CA 13 5.83 -10.40 -11.07
N THR CA 14 6.44 -9.21 -10.92
CA THR CA 14 7.14 -8.52 -12.01
C THR CA 14 8.29 -9.36 -12.56
N VAL CA 15 9.07 -9.99 -11.68
CA VAL CA 15 10.20 -10.80 -12.08
C VAL CA 15 9.77 -12.01 -12.93
N VAL CA 16 8.64 -12.65 -12.61
CA VAL CA 16 8.15 -13.80 -13.37
C VAL CA 16 7.66 -13.39 -14.77
N LEU CA 17 7.06 -12.19 -14.89
CA LEU CA 17 6.67 -11.67 -16.20
C LEU CA 17 7.89 -11.39 -17.07
N ALA CA 18 8.93 -10.75 -16.51
CA ALA CA 18 10.16 -10.48 -17.24
C ALA CA 18 10.85 -11.78 -17.69
N ALA CA 19 10.92 -12.77 -16.81
CA ALA CA 19 11.45 -14.08 -17.16
C ALA CA 19 10.63 -14.77 -18.27
N THR CA 20 9.30 -14.59 -18.27
CA THR CA 20 8.44 -15.11 -19.32
C THR CA 20 8.74 -14.43 -20.66
N LEU CA 21 8.81 -13.09 -20.68
CA LEU CA 21 9.12 -12.33 -21.88
C LEU CA 21 10.44 -12.77 -22.53
N VAL CA 22 11.49 -12.99 -21.75
CA VAL CA 22 12.78 -13.46 -22.24
C VAL CA 22 12.65 -14.76 -23.04
N THR CA 23 11.78 -15.69 -22.63
CA THR CA 23 11.59 -16.92 -23.39
C THR CA 23 10.78 -16.73 -24.67
N ILE CA 24 9.91 -15.72 -24.73
CA ILE CA 24 9.21 -15.36 -25.96
C ILE CA 24 10.20 -14.84 -27.01
N LEU CA 25 11.13 -13.95 -26.60
CA LEU CA 25 12.07 -13.33 -27.53
C LEU CA 25 12.99 -14.36 -28.18
N GLY CA 26 13.34 -15.42 -27.46
CA GLY CA 26 14.22 -16.47 -27.97
C GLY CA 26 13.73 -17.15 -29.26
N GLY CA 27 12.44 -17.05 -29.59
CA GLY CA 27 11.88 -17.59 -30.82
C GLY CA 27 12.15 -16.72 -32.06
N PHE CA 28 12.64 -15.49 -31.87
CA PHE CA 28 12.93 -14.56 -32.94
C PHE CA 28 14.44 -14.50 -33.23
N THR CA 29 15.27 -14.55 -32.17
CA THR CA 29 16.69 -14.25 -32.25
C THR CA 29 17.54 -15.46 -32.63
N HIS CA 30 17.10 -16.26 -33.62
CA HIS CA 30 17.89 -17.37 -34.14
C HIS CA 30 17.55 -17.69 -35.60
N GLY CA 31 18.48 -18.36 -36.30
CA GLY CA 31 18.25 -18.90 -37.63
C GLY CA 31 18.25 -17.84 -38.76
N VAL CA 32 18.85 -16.67 -38.52
CA VAL CA 32 19.05 -15.65 -39.55
C VAL CA 32 20.53 -15.59 -39.91
N SER CA 33 20.84 -15.75 -41.21
CA SER CA 33 22.20 -15.81 -41.73
C SER CA 33 22.24 -15.49 -43.22
N ASN CA 34 23.43 -15.13 -43.72
CA ASN CA 34 23.64 -14.77 -45.11
C ASN CA 34 23.84 -16.03 -45.96
N THR CA 35 22.78 -16.46 -46.68
CA THR CA 35 22.79 -17.71 -47.44
C THR CA 35 22.89 -17.52 -48.96
N VAL CA 36 23.04 -16.26 -49.42
CA VAL CA 36 23.05 -15.94 -50.85
C VAL CA 36 24.37 -16.37 -51.50
N GLU CA 37 24.27 -17.03 -52.66
CA GLU CA 37 25.39 -17.49 -53.48
C GLU CA 37 25.03 -17.27 -54.94
N THR CA 38 26.01 -17.11 -55.84
CA THR CA 38 25.74 -16.79 -57.24
C THR CA 38 26.91 -17.26 -58.08
N ALA CA 39 26.66 -18.04 -59.13
CA ALA CA 39 27.76 -18.62 -59.91
C ALA CA 39 27.47 -18.56 -61.41
N GLY CA 40 28.53 -18.34 -62.19
CA GLY CA 40 28.51 -18.55 -63.63
C GLY CA 40 28.75 -20.03 -63.92
N VAL CA 41 27.71 -20.72 -64.40
CA VAL CA 41 27.76 -22.15 -64.65
C VAL CA 41 27.25 -22.42 -66.06
N THR CA 42 27.92 -23.32 -66.79
CA THR CA 42 27.48 -23.79 -68.09
C THR CA 42 27.46 -25.32 -68.09
N SER CA 43 26.59 -25.92 -68.93
CA SER CA 43 26.39 -27.35 -68.88
C SER CA 43 25.98 -27.93 -70.23
N HIS CA 44 26.34 -29.21 -70.45
CA HIS CA 44 26.00 -29.96 -71.65
C HIS CA 44 25.56 -31.38 -71.25
N ILE CA 45 24.49 -31.88 -71.88
CA ILE CA 45 23.88 -33.16 -71.50
C ILE CA 45 23.94 -34.12 -72.69
N THR CA 46 24.26 -35.39 -72.39
CA THR CA 46 24.37 -36.47 -73.37
C THR CA 46 23.70 -37.72 -72.81
N SER CA 47 23.54 -38.76 -73.65
CA SER CA 47 22.93 -40.04 -73.26
C SER CA 47 23.67 -40.78 -72.14
N LYS CA 48 24.88 -40.34 -71.75
CA LYS CA 48 25.72 -41.02 -70.76
C LYS CA 48 26.25 -40.09 -69.66
N TYR CA 49 26.46 -38.81 -69.97
CA TYR CA 49 27.12 -37.87 -69.07
C TYR CA 49 26.45 -36.49 -69.08
N ILE CA 50 26.49 -35.85 -67.91
CA ILE CA 50 26.30 -34.41 -67.78
C ILE CA 50 27.65 -33.78 -67.49
N PHE CA 51 28.00 -32.74 -68.25
CA PHE CA 51 29.21 -31.95 -68.01
C PHE CA 51 28.82 -30.61 -67.39
N ILE CA 52 29.56 -30.18 -66.36
CA ILE CA 52 29.28 -28.94 -65.65
C ILE CA 52 30.58 -28.16 -65.49
N ASN CA 53 30.62 -26.94 -66.02
CA ASN CA 53 31.84 -26.16 -66.01
C ASN CA 53 31.55 -24.82 -65.36
N VAL CA 54 32.34 -24.44 -64.35
CA VAL CA 54 32.12 -23.23 -63.58
C VAL CA 54 33.10 -22.14 -64.00
N SER CA 55 32.62 -20.92 -64.24
CA SER CA 55 33.45 -19.81 -64.71
C SER CA 55 33.78 -18.80 -63.62
N SER CA 56 32.89 -18.62 -62.64
CA SER CA 56 33.06 -17.75 -61.49
C SER CA 56 32.03 -18.07 -60.40
N SER CA 57 32.29 -17.66 -59.15
CA SER CA 57 31.33 -17.79 -58.07
C SER CA 57 31.47 -16.64 -57.07
N SER CA 58 30.42 -16.38 -56.30
CA SER CA 58 30.40 -15.31 -55.30
C SER CA 58 31.34 -15.62 -54.14
N SER CA 59 31.46 -16.91 -53.80
CA SER CA 59 32.38 -17.39 -52.76
C SER CA 59 32.92 -18.77 -53.14
N ALA CA 60 34.02 -19.18 -52.49
CA ALA CA 60 34.59 -20.51 -52.67
C ALA CA 60 33.96 -21.48 -51.65
N ILE CA 61 33.33 -22.57 -52.14
CA ILE CA 61 32.57 -23.49 -51.30
C ILE CA 61 32.93 -24.94 -51.61
N SER CA 62 32.78 -25.84 -50.63
CA SER CA 62 33.10 -27.25 -50.81
C SER CA 62 32.09 -27.93 -51.75
N ALA CA 63 32.59 -28.79 -52.64
CA ALA CA 63 31.72 -29.57 -53.52
C ALA CA 63 30.83 -30.56 -52.77
N SER CA 64 31.15 -30.88 -51.50
CA SER CA 64 30.30 -31.71 -50.65
C SER CA 64 29.10 -30.95 -50.06
N SER CA 65 29.15 -29.61 -50.04
CA SER CA 65 28.08 -28.76 -49.50
C SER CA 65 26.96 -28.51 -50.50
N ILE CA 66 27.14 -28.91 -51.76
CA ILE CA 66 26.18 -28.68 -52.84
C ILE CA 66 25.42 -29.97 -53.11
N THR CA 67 24.09 -29.87 -53.19
CA THR CA 67 23.21 -30.99 -53.48
C THR CA 67 22.72 -30.89 -54.92
N ILE CA 68 22.69 -32.02 -55.64
CA ILE CA 68 22.21 -32.06 -57.01
C ILE CA 68 20.95 -32.94 -57.11
N THR CA 69 19.93 -32.47 -57.86
CA THR CA 69 18.72 -33.23 -58.11
C THR CA 69 18.45 -33.32 -59.62
N ILE CA 70 17.83 -34.42 -60.06
CA ILE CA 70 17.70 -34.73 -61.49
C ILE CA 70 16.30 -35.26 -61.81
N THR CA 71 15.84 -35.03 -63.04
CA THR CA 71 14.58 -35.56 -63.54
C THR CA 71 14.77 -36.03 -64.99
N GLY CA 72 14.01 -37.06 -65.38
CA GLY CA 72 14.08 -37.63 -66.73
C GLY CA 72 15.23 -38.62 -66.93
N ALA CA 73 15.98 -38.92 -65.86
CA ALA CA 73 17.17 -39.77 -65.87
C ALA CA 73 17.45 -40.32 -64.47
N SER CA 74 18.62 -40.96 -64.30
CA SER CA 74 19.07 -41.49 -63.01
C SER CA 74 20.60 -41.46 -62.93
N PHE CA 75 21.16 -41.32 -61.72
CA PHE CA 75 22.61 -41.35 -61.54
C PHE CA 75 23.15 -42.78 -61.55
N LYS CA 76 24.36 -42.97 -62.10
CA LYS CA 76 25.05 -44.25 -62.03
C LYS CA 76 25.67 -44.52 -60.65
N VAL CA 77 25.86 -43.48 -59.83
CA VAL CA 77 26.35 -43.58 -58.47
C VAL CA 77 25.15 -43.43 -57.52
N THR CA 78 25.02 -44.35 -56.54
CA THR CA 78 23.77 -44.54 -55.82
C THR CA 78 23.84 -44.21 -54.32
N SER CA 79 25.02 -43.82 -53.81
CA SER CA 79 25.26 -43.60 -52.37
C SER CA 79 24.51 -42.40 -51.80
N GLY CA 80 24.21 -41.40 -52.63
CA GLY CA 80 23.63 -40.14 -52.18
C GLY CA 80 23.54 -39.11 -53.30
N ASP CA 81 23.56 -37.82 -52.95
CA ASP CA 81 23.13 -36.76 -53.86
C ASP CA 81 23.93 -35.45 -53.69
N THR CA 82 25.08 -35.48 -52.98
CA THR CA 82 25.96 -34.32 -53.00
C THR CA 82 26.74 -34.30 -54.32
N LEU CA 83 27.16 -33.11 -54.77
CA LEU CA 83 27.84 -32.98 -56.04
C LEU CA 83 29.17 -33.74 -56.05
N ALA CA 84 29.96 -33.60 -54.97
CA ALA CA 84 31.22 -34.31 -54.83
C ALA CA 84 31.06 -35.83 -54.96
N GLU CA 85 29.99 -36.35 -54.37
CA GLU CA 85 29.70 -37.77 -54.28
C GLU CA 85 29.32 -38.37 -55.64
N VAL CA 86 28.34 -37.79 -56.34
CA VAL CA 86 27.88 -38.35 -57.61
C VAL CA 86 28.90 -38.14 -58.74
N ALA CA 87 29.74 -37.10 -58.65
CA ALA CA 87 30.76 -36.79 -59.63
C ALA CA 87 32.08 -37.56 -59.37
N GLY CA 88 32.19 -38.29 -58.25
CA GLY CA 88 33.38 -39.07 -57.93
C GLY CA 88 34.61 -38.22 -57.59
N VAL CA 89 34.38 -37.11 -56.87
CA VAL CA 89 35.43 -36.18 -56.46
C VAL CA 89 36.18 -36.74 -55.25
N SER CA 90 37.47 -37.08 -55.45
CA SER CA 90 38.37 -37.40 -54.34
C SER CA 90 38.80 -36.12 -53.61
N SER CA 91 39.21 -36.25 -52.33
CA SER CA 91 39.59 -35.12 -51.47
C SER CA 91 40.83 -34.36 -51.96
N THR CA 92 41.68 -35.03 -52.76
CA THR CA 92 42.88 -34.47 -53.36
C THR CA 92 42.61 -33.78 -54.71
N SER CA 93 41.42 -34.01 -55.30
CA SER CA 93 41.08 -33.52 -56.63
C SER CA 93 40.99 -31.99 -56.68
N SER CA 94 41.40 -31.39 -57.81
CA SER CA 94 41.31 -29.95 -58.03
C SER CA 94 39.86 -29.47 -57.88
N ASN CA 95 38.91 -30.33 -58.30
CA ASN CA 95 37.49 -30.04 -58.35
C ASN CA 95 36.81 -30.24 -57.00
N ALA CA 96 37.58 -30.36 -55.92
CA ALA CA 96 37.02 -30.44 -54.56
C ALA CA 96 36.38 -29.12 -54.10
N THR CA 97 36.75 -28.00 -54.73
CA THR CA 97 36.21 -26.68 -54.43
C THR CA 97 35.43 -26.14 -55.64
N PHE CA 98 34.24 -25.59 -55.38
CA PHE CA 98 33.39 -25.00 -56.39
C PHE CA 98 33.73 -23.52 -56.54
N THR CA 99 34.42 -23.19 -57.65
CA THR CA 99 34.93 -21.87 -58.00
C THR CA 99 35.16 -21.83 -59.51
N GLY CA 100 35.44 -20.65 -60.08
CA GLY CA 100 35.86 -20.56 -61.48
C GLY CA 100 37.05 -21.48 -61.76
N GLY CA 101 36.98 -22.23 -62.87
CA GLY CA 101 38.03 -23.17 -63.25
C GLY CA 101 37.79 -24.60 -62.80
N SER CA 102 36.71 -24.89 -62.05
CA SER CA 102 36.35 -26.25 -61.66
C SER CA 102 35.36 -26.86 -62.65
N ASP CA 103 35.68 -28.09 -63.11
CA ASP CA 103 34.84 -28.84 -64.05
C ASP CA 103 34.46 -30.21 -63.46
N TYR CA 104 33.23 -30.66 -63.73
CA TYR CA 104 32.70 -31.92 -63.22
C TYR CA 104 32.04 -32.74 -64.34
N THR CA 105 32.15 -34.08 -64.24
CA THR CA 105 31.46 -35.01 -65.12
C THR CA 105 30.60 -35.95 -64.27
N VAL CA 106 29.29 -35.99 -64.51
CA VAL CA 106 28.37 -36.85 -63.78
C VAL CA 106 27.85 -37.94 -64.71
N PRO CA 107 28.07 -39.24 -64.39
CA PRO CA 107 27.55 -40.34 -65.21
C PRO CA 107 26.10 -40.68 -64.89
N ILE CA 108 25.29 -40.88 -65.96
CA ILE CA 108 23.85 -41.07 -65.84
C ILE CA 108 23.36 -42.22 -66.73
N SER CA 109 22.14 -42.70 -66.43
CA SER CA 109 21.48 -43.79 -67.13
C SER CA 109 20.01 -43.44 -67.42
N LEU CA 110 19.55 -43.84 -68.62
CA LEU CA 110 18.18 -43.60 -69.10
C LEU CA 110 17.43 -44.94 -69.29
N SER CA 111 16.12 -44.94 -68.99
CA SER CA 111 15.24 -46.07 -69.28
C SER CA 111 14.93 -46.19 -70.79
N SER CA 112 14.15 -47.22 -71.16
CA SER CA 112 13.67 -47.44 -72.53
C SER CA 112 12.77 -46.32 -73.05
N SER CA 113 12.07 -45.61 -72.14
CA SER CA 113 11.13 -44.55 -72.45
C SER CA 113 11.75 -43.14 -72.34
N GLN CA 114 12.82 -42.99 -71.55
CA GLN CA 114 13.50 -41.72 -71.35
C GLN CA 114 14.37 -41.35 -72.55
N THR CA 115 14.53 -40.03 -72.78
CA THR CA 115 15.32 -39.48 -73.88
C THR CA 115 16.08 -38.23 -73.42
N VAL CA 116 17.16 -37.88 -74.14
CA VAL CA 116 18.07 -36.79 -73.76
C VAL CA 116 17.33 -35.45 -73.66
N ALA CA 117 16.39 -35.20 -74.57
CA ALA CA 117 15.59 -33.97 -74.58
C ALA CA 117 14.71 -33.79 -73.33
N GLY CA 118 14.48 -34.87 -72.57
CA GLY CA 118 13.65 -34.84 -71.37
C GLY CA 118 14.42 -34.58 -70.07
N VAL CA 119 15.76 -34.67 -70.09
CA VAL CA 119 16.60 -34.60 -68.90
C VAL CA 119 16.80 -33.15 -68.44
N SER CA 120 16.73 -32.91 -67.11
CA SER CA 120 17.13 -31.64 -66.52
C SER CA 120 17.56 -31.82 -65.05
N PHE CA 121 18.31 -30.84 -64.52
CA PHE CA 121 18.88 -30.94 -63.17
C PHE CA 121 19.02 -29.56 -62.52
N GLU CA 122 19.22 -29.57 -61.19
CA GLU CA 122 19.39 -28.35 -60.40
C GLU CA 122 20.50 -28.53 -59.36
N LEU CA 123 21.18 -27.42 -59.01
CA LEU CA 123 22.14 -27.39 -57.92
C LEU CA 123 21.58 -26.53 -56.78
N ILE CA 124 21.66 -27.06 -55.55
CA ILE CA 124 21.09 -26.42 -54.36
C ILE CA 124 22.19 -26.24 -53.33
N TYR CA 125 22.25 -25.06 -52.71
CA TYR CA 125 23.18 -24.75 -51.65
C TYR CA 125 22.46 -23.97 -50.54
N LYS CA 126 22.60 -24.43 -49.28
CA LYS CA 126 21.92 -23.87 -48.10
C LYS CA 126 20.42 -23.61 -48.33
N GLY CA 127 19.75 -24.50 -49.07
CA GLY CA 127 18.31 -24.42 -49.28
C GLY CA 127 17.86 -23.45 -50.37
N ASN CA 128 18.80 -22.84 -51.11
CA ASN CA 128 18.51 -21.98 -52.26
C ASN CA 128 18.94 -22.68 -53.55
N VAL CA 129 18.15 -22.58 -54.62
CA VAL CA 129 18.55 -23.08 -55.93
C VAL CA 129 19.55 -22.10 -56.55
N ILE CA 130 20.78 -22.57 -56.86
CA ILE CA 130 21.83 -21.73 -57.43
C ILE CA 130 22.02 -21.91 -58.95
N TYR CA 131 21.52 -23.03 -59.50
CA TYR CA 131 21.52 -23.29 -60.94
C TYR CA 131 20.36 -24.23 -61.30
N ASN CA 132 19.80 -24.06 -62.50
CA ASN CA 132 18.73 -24.89 -63.01
C ASN CA 132 18.87 -25.01 -64.52
N SER CA 133 19.13 -26.22 -65.02
CA SER CA 133 19.45 -26.42 -66.44
C SER CA 133 18.28 -26.08 -67.37
N ALA CA 134 17.05 -26.11 -66.84
CA ALA CA 134 15.83 -25.86 -67.60
C ALA CA 134 15.36 -24.40 -67.57
N ALA CA 135 16.16 -23.48 -66.99
CA ALA CA 135 15.84 -22.05 -66.93
C ALA CA 135 15.74 -21.46 -68.34
N VAL DA 1 -3.68 -2.94 0.50
CA VAL DA 1 -4.84 -2.93 -0.49
C VAL DA 1 -4.56 -2.07 -1.73
N SER DA 2 -4.41 -0.74 -1.59
CA SER DA 2 -4.45 0.20 -2.71
C SER DA 2 -3.42 -0.02 -3.85
N PRO DA 3 -2.15 -0.47 -3.64
CA PRO DA 3 -1.24 -0.72 -4.76
C PRO DA 3 -1.69 -1.79 -5.76
N ILE DA 4 -2.46 -2.79 -5.31
CA ILE DA 4 -3.00 -3.82 -6.19
C ILE DA 4 -4.16 -3.27 -7.02
N ILE DA 5 -5.05 -2.48 -6.39
CA ILE DA 5 -6.18 -1.87 -7.09
C ILE DA 5 -5.70 -0.87 -8.15
N ALA DA 6 -4.71 -0.04 -7.83
CA ALA DA 6 -4.08 0.85 -8.80
C ALA DA 6 -3.49 0.07 -9.99
N THR DA 7 -2.94 -1.12 -9.76
CA THR DA 7 -2.39 -1.96 -10.83
C THR DA 7 -3.48 -2.47 -11.76
N ILE DA 8 -4.64 -2.89 -11.21
CA ILE DA 8 -5.77 -3.35 -12.00
C ILE DA 8 -6.33 -2.24 -12.90
N LEU DA 9 -6.41 -1.01 -12.40
CA LEU DA 9 -6.83 0.14 -13.20
C LEU DA 9 -5.87 0.41 -14.36
N LEU DA 10 -4.55 0.32 -14.13
CA LEU DA 10 -3.55 0.55 -15.19
C LEU DA 10 -3.59 -0.53 -16.28
N ILE DA 11 -3.96 -1.77 -15.95
CA ILE DA 11 -4.12 -2.81 -16.96
C ILE DA 11 -5.33 -2.48 -17.84
N ALA DA 12 -6.46 -2.10 -17.24
CA ALA DA 12 -7.64 -1.68 -17.99
C ALA DA 12 -7.35 -0.53 -18.97
N ILE DA 13 -6.60 0.50 -18.54
CA ILE DA 13 -6.20 1.61 -19.40
C ILE DA 13 -5.30 1.14 -20.55
N THR DA 14 -4.37 0.21 -20.27
CA THR DA 14 -3.40 -0.28 -21.25
C THR DA 14 -4.09 -0.94 -22.45
N VAL DA 15 -5.13 -1.74 -22.20
CA VAL DA 15 -5.86 -2.43 -23.25
C VAL DA 15 -6.54 -1.44 -24.21
N VAL DA 16 -7.10 -0.33 -23.70
CA VAL DA 16 -7.76 0.67 -24.55
C VAL DA 16 -6.75 1.42 -25.42
N LEU DA 17 -5.55 1.68 -24.91
CA LEU DA 17 -4.49 2.29 -25.71
C LEU DA 17 -4.05 1.35 -26.84
N ALA DA 18 -3.84 0.07 -26.55
CA ALA DA 18 -3.47 -0.91 -27.57
C ALA DA 18 -4.55 -1.04 -28.64
N ALA DA 19 -5.83 -1.10 -28.25
CA ALA DA 19 -6.94 -1.12 -29.18
C ALA DA 19 -6.99 0.15 -30.04
N THR DA 20 -6.65 1.31 -29.47
CA THR DA 20 -6.58 2.57 -30.21
C THR DA 20 -5.47 2.51 -31.26
N LEU DA 21 -4.25 2.09 -30.88
CA LEU DA 21 -3.12 1.96 -31.77
C LEU DA 21 -3.45 1.08 -32.99
N VAL DA 22 -4.10 -0.07 -32.80
CA VAL DA 22 -4.49 -0.97 -33.88
C VAL DA 22 -5.34 -0.24 -34.93
N THR DA 23 -6.23 0.68 -34.55
CA THR DA 23 -7.01 1.43 -35.53
C THR DA 23 -6.20 2.50 -36.26
N ILE DA 24 -5.14 3.03 -35.64
CA ILE DA 24 -4.23 3.94 -36.33
C ILE DA 24 -3.46 3.21 -37.43
N LEU DA 25 -2.96 1.99 -37.15
CA LEU DA 25 -2.15 1.25 -38.11
C LEU DA 25 -2.94 0.88 -39.37
N GLY DA 26 -4.25 0.65 -39.24
CA GLY DA 26 -5.12 0.29 -40.35
C GLY DA 26 -5.14 1.32 -41.50
N GLY DA 27 -4.73 2.57 -41.24
CA GLY DA 27 -4.64 3.59 -42.27
C GLY DA 27 -3.40 3.48 -43.16
N PHE DA 28 -2.43 2.64 -42.79
CA PHE DA 28 -1.19 2.42 -43.53
C PHE DA 28 -1.24 1.13 -44.33
N THR DA 29 -1.84 0.07 -43.76
CA THR DA 29 -1.73 -1.30 -44.26
C THR DA 29 -2.80 -1.62 -45.32
N HIS DA 30 -3.05 -0.71 -46.27
CA HIS DA 30 -3.96 -0.95 -47.37
C HIS DA 30 -3.61 -0.11 -48.62
N GLY DA 31 -4.06 -0.56 -49.79
CA GLY DA 31 -3.97 0.21 -51.03
C GLY DA 31 -2.57 0.26 -51.66
N VAL DA 32 -1.69 -0.68 -51.30
CA VAL DA 32 -0.38 -0.82 -51.94
C VAL DA 32 -0.37 -2.08 -52.80
N SER DA 33 -0.03 -1.92 -54.10
CA SER DA 33 -0.05 -2.99 -55.08
C SER DA 33 0.85 -2.65 -56.27
N ASN DA 34 1.22 -3.68 -57.04
CA ASN DA 34 2.07 -3.53 -58.21
C ASN DA 34 1.25 -3.13 -59.43
N THR DA 35 1.28 -1.82 -59.79
CA THR DA 35 0.45 -1.27 -60.85
C THR DA 35 1.22 -0.95 -62.14
N VAL DA 36 2.52 -1.28 -62.19
CA VAL DA 36 3.38 -0.93 -63.33
C VAL DA 36 3.07 -1.83 -64.53
N GLU DA 37 2.96 -1.22 -65.72
CA GLU DA 37 2.71 -1.88 -66.99
C GLU DA 37 3.55 -1.15 -68.05
N THR DA 38 3.92 -1.82 -69.16
CA THR DA 38 4.82 -1.23 -70.15
C THR DA 38 4.57 -1.93 -71.48
N ALA DA 39 4.32 -1.15 -72.55
CA ALA DA 39 3.95 -1.76 -73.83
C ALA DA 39 4.67 -1.06 -74.99
N GLY DA 40 5.04 -1.85 -76.01
CA GLY DA 40 5.43 -1.32 -77.30
C GLY DA 40 4.18 -1.06 -78.13
N VAL DA 41 3.89 0.23 -78.36
CA VAL DA 41 2.70 0.67 -79.06
C VAL DA 41 3.10 1.62 -80.18
N THR DA 42 2.48 1.48 -81.36
CA THR DA 42 2.64 2.41 -82.47
C THR DA 42 1.26 2.85 -82.96
N SER DA 43 1.19 4.05 -83.54
CA SER DA 43 -0.11 4.63 -83.89
C SER DA 43 -0.03 5.56 -85.09
N HIS DA 44 -1.14 5.65 -85.83
CA HIS DA 44 -1.30 6.53 -86.99
C HIS DA 44 -2.68 7.20 -86.93
N ILE DA 45 -2.73 8.51 -87.23
CA ILE DA 45 -3.95 9.30 -87.09
C ILE DA 45 -4.35 9.88 -88.45
N THR DA 46 -5.66 9.83 -88.74
CA THR DA 46 -6.25 10.33 -89.98
C THR DA 46 -7.53 11.12 -89.65
N SER DA 47 -8.11 11.80 -90.64
CA SER DA 47 -9.33 12.59 -90.49
C SER DA 47 -10.56 11.79 -90.04
N LYS DA 48 -10.48 10.44 -90.03
CA LYS DA 48 -11.61 9.56 -89.72
C LYS DA 48 -11.30 8.49 -88.68
N TYR DA 49 -10.03 8.04 -88.61
CA TYR DA 49 -9.63 6.91 -87.79
C TYR DA 49 -8.31 7.13 -87.08
N ILE DA 50 -8.20 6.57 -85.88
CA ILE DA 50 -6.92 6.32 -85.21
C ILE DA 50 -6.66 4.81 -85.28
N PHE DA 51 -5.46 4.44 -85.73
CA PHE DA 51 -5.00 3.05 -85.73
C PHE DA 51 -4.00 2.85 -84.61
N ILE DA 52 -4.13 1.74 -83.86
CA ILE DA 52 -3.24 1.44 -82.74
C ILE DA 52 -2.79 -0.01 -82.86
N ASN DA 53 -1.48 -0.21 -82.93
CA ASN DA 53 -0.95 -1.54 -83.13
C ASN DA 53 0.04 -1.85 -82.02
N VAL DA 54 -0.13 -2.99 -81.34
CA VAL DA 54 0.67 -3.34 -80.19
C VAL DA 54 1.69 -4.43 -80.57
N SER DA 55 2.96 -4.23 -80.19
CA SER DA 55 4.04 -5.14 -80.56
C SER DA 55 4.48 -6.08 -79.42
N SER DA 56 4.35 -5.60 -78.17
CA SER DA 56 4.67 -6.35 -76.95
C SER DA 56 4.07 -5.65 -75.73
N SER DA 57 3.91 -6.38 -74.61
CA SER DA 57 3.48 -5.80 -73.35
C SER DA 57 4.09 -6.57 -72.18
N SER DA 58 4.17 -5.90 -71.01
CA SER DA 58 4.73 -6.49 -69.80
C SER DA 58 3.84 -7.61 -69.27
N SER DA 59 2.52 -7.47 -69.43
CA SER DA 59 1.54 -8.48 -69.05
C SER DA 59 0.36 -8.49 -70.05
N ALA DA 60 -0.41 -9.58 -70.04
CA ALA DA 60 -1.63 -9.67 -70.85
C ALA DA 60 -2.83 -9.14 -70.05
N ILE DA 61 -3.52 -8.12 -70.58
CA ILE DA 61 -4.59 -7.43 -69.87
C ILE DA 61 -5.83 -7.27 -70.75
N SER DA 62 -7.01 -7.18 -70.13
CA SER DA 62 -8.26 -7.02 -70.87
C SER DA 62 -8.35 -5.63 -71.51
N ALA DA 63 -8.85 -5.57 -72.76
CA ALA DA 63 -9.07 -4.30 -73.44
C ALA DA 63 -10.15 -3.43 -72.77
N SER DA 64 -10.99 -4.02 -71.90
CA SER DA 64 -11.97 -3.28 -71.10
C SER DA 64 -11.36 -2.58 -69.88
N SER DA 65 -10.16 -3.01 -69.45
CA SER DA 65 -9.46 -2.44 -68.30
C SER DA 65 -8.67 -1.17 -68.64
N ILE DA 66 -8.54 -0.84 -69.93
CA ILE DA 66 -7.76 0.30 -70.41
C ILE DA 66 -8.72 1.44 -70.77
N THR DA 67 -8.40 2.64 -70.30
CA THR DA 67 -9.19 3.84 -70.56
C THR DA 67 -8.44 4.70 -71.58
N ILE DA 68 -9.16 5.25 -72.57
CA ILE DA 68 -8.58 6.12 -73.58
C ILE DA 68 -9.16 7.53 -73.47
N THR DA 69 -8.30 8.56 -73.57
CA THR DA 69 -8.71 9.96 -73.57
C THR DA 69 -8.14 10.68 -74.78
N ILE DA 70 -8.87 11.69 -75.29
CA ILE DA 70 -8.56 12.32 -76.57
C ILE DA 70 -8.72 13.85 -76.48
N THR DA 71 -7.94 14.57 -77.28
CA THR DA 71 -8.05 16.02 -77.42
C THR DA 71 -7.91 16.42 -78.89
N GLY DA 72 -8.59 17.52 -79.28
CA GLY DA 72 -8.56 18.02 -80.65
C GLY DA 72 -9.54 17.31 -81.59
N ALA DA 73 -10.35 16.37 -81.05
CA ALA DA 73 -11.27 15.53 -81.80
C ALA DA 73 -12.37 14.99 -80.88
N SER DA 74 -13.19 14.06 -81.39
CA SER DA 74 -14.24 13.40 -80.63
C SER DA 74 -14.47 11.98 -81.14
N PHE DA 75 -14.91 11.06 -80.26
CA PHE DA 75 -15.21 9.69 -80.67
C PHE DA 75 -16.57 9.60 -81.36
N LYS DA 76 -16.68 8.71 -82.37
CA LYS DA 76 -17.97 8.42 -82.99
C LYS DA 76 -18.87 7.51 -82.13
N VAL DA 77 -18.27 6.80 -81.16
CA VAL DA 77 -18.99 5.97 -80.20
C VAL DA 77 -19.08 6.72 -78.87
N THR DA 78 -20.29 6.80 -78.28
CA THR DA 78 -20.57 7.77 -77.23
C THR DA 78 -20.89 7.16 -75.86
N SER DA 79 -20.91 5.83 -75.75
CA SER DA 79 -21.33 5.12 -74.53
C SER DA 79 -20.36 5.29 -73.35
N GLY DA 80 -19.07 5.55 -73.63
CA GLY DA 80 -18.04 5.58 -72.61
C GLY DA 80 -16.64 5.72 -73.20
N ASP DA 81 -15.62 5.23 -72.48
CA ASP DA 81 -14.24 5.61 -72.75
C ASP DA 81 -13.24 4.48 -72.49
N THR DA 82 -13.71 3.23 -72.33
CA THR DA 82 -12.77 2.11 -72.31
C THR DA 82 -12.33 1.79 -73.74
N LEU DA 83 -11.14 1.22 -73.91
CA LEU DA 83 -10.58 0.95 -75.23
C LEU DA 83 -11.46 -0.06 -75.99
N ALA DA 84 -11.88 -1.14 -75.33
CA ALA DA 84 -12.75 -2.15 -75.92
C ALA DA 84 -14.05 -1.54 -76.46
N GLU DA 85 -14.62 -0.59 -75.72
CA GLU DA 85 -15.89 0.03 -75.99
C GLU DA 85 -15.84 0.96 -77.20
N VAL DA 86 -14.89 1.91 -77.24
CA VAL DA 86 -14.81 2.87 -78.35
C VAL DA 86 -14.32 2.23 -79.64
N ALA DA 87 -13.53 1.15 -79.55
CA ALA DA 87 -12.99 0.42 -80.69
C ALA DA 87 -13.97 -0.64 -81.23
N GLY DA 88 -15.10 -0.90 -80.54
CA GLY DA 88 -16.10 -1.85 -80.99
C GLY DA 88 -15.65 -3.31 -80.88
N VAL DA 89 -14.91 -3.63 -79.81
CA VAL DA 89 -14.38 -4.97 -79.55
C VAL DA 89 -15.48 -5.86 -78.99
N SER DA 90 -15.89 -6.88 -79.76
CA SER DA 90 -16.75 -7.96 -79.27
C SER DA 90 -15.96 -8.93 -78.39
N SER DA 91 -16.64 -9.65 -77.49
CA SER DA 91 -16.03 -10.57 -76.53
C SER DA 91 -15.32 -11.76 -77.18
N THR DA 92 -15.72 -12.11 -78.42
CA THR DA 92 -15.12 -13.17 -79.21
C THR DA 92 -13.92 -12.71 -80.05
N SER DA 93 -13.73 -11.38 -80.17
CA SER DA 93 -12.69 -10.81 -81.02
C SER DA 93 -11.28 -11.13 -80.53
N SER DA 94 -10.33 -11.33 -81.47
CA SER DA 94 -8.93 -11.56 -81.16
C SER DA 94 -8.36 -10.42 -80.31
N ASN DA 95 -8.83 -9.20 -80.58
CA ASN DA 95 -8.35 -7.96 -79.99
C ASN DA 95 -8.98 -7.70 -78.63
N ALA DA 96 -9.63 -8.70 -78.02
CA ALA DA 96 -10.18 -8.58 -76.66
C ALA DA 96 -9.09 -8.50 -75.59
N THR DA 97 -7.86 -8.95 -75.91
CA THR DA 97 -6.71 -8.91 -75.00
C THR DA 97 -5.63 -7.99 -75.57
N PHE DA 98 -5.07 -7.13 -74.71
CA PHE DA 98 -4.01 -6.21 -75.06
C PHE DA 98 -2.66 -6.88 -74.83
N THR DA 99 -2.00 -7.26 -75.95
CA THR DA 99 -0.74 -7.99 -76.03
C THR DA 99 -0.13 -7.75 -77.41
N GLY DA 100 1.13 -8.15 -77.62
CA GLY DA 100 1.72 -8.13 -78.95
C GLY DA 100 0.83 -8.88 -79.95
N GLY DA 101 0.63 -8.27 -81.14
CA GLY DA 101 -0.21 -8.86 -82.17
C GLY DA 101 -1.67 -8.38 -82.16
N SER DA 102 -2.08 -7.54 -81.19
CA SER DA 102 -3.41 -6.96 -81.14
C SER DA 102 -3.43 -5.58 -81.83
N ASP DA 103 -4.40 -5.39 -82.74
CA ASP DA 103 -4.59 -4.14 -83.48
C ASP DA 103 -6.00 -3.59 -83.25
N TYR DA 104 -6.13 -2.26 -83.17
CA TYR DA 104 -7.40 -1.58 -82.92
C TYR DA 104 -7.60 -0.43 -83.92
N THR DA 105 -8.86 -0.19 -84.31
CA THR DA 105 -9.25 0.97 -85.11
C THR DA 105 -10.33 1.74 -84.36
N VAL DA 106 -10.08 3.03 -84.06
CA VAL DA 106 -11.03 3.88 -83.35
C VAL DA 106 -11.58 4.93 -84.33
N PRO DA 107 -12.91 5.00 -84.55
CA PRO DA 107 -13.50 6.02 -85.42
C PRO DA 107 -13.74 7.34 -84.70
N ILE DA 108 -13.37 8.45 -85.37
CA ILE DA 108 -13.38 9.79 -84.78
C ILE DA 108 -14.00 10.83 -85.72
N SER DA 109 -14.38 11.98 -85.16
CA SER DA 109 -15.00 13.10 -85.87
C SER DA 109 -14.36 14.42 -85.43
N LEU DA 110 -14.16 15.33 -86.42
CA LEU DA 110 -13.57 16.65 -86.22
C LEU DA 110 -14.59 17.75 -86.54
N SER DA 111 -14.53 18.86 -85.78
CA SER DA 111 -15.31 20.06 -86.05
C SER DA 111 -14.78 20.83 -87.27
N SER DA 112 -15.45 21.94 -87.63
CA SER DA 112 -15.03 22.84 -88.70
C SER DA 112 -13.67 23.52 -88.43
N SER DA 113 -13.31 23.69 -87.15
CA SER DA 113 -12.09 24.35 -86.71
C SER DA 113 -10.95 23.36 -86.39
N GLN DA 114 -11.29 22.12 -86.06
CA GLN DA 114 -10.30 21.08 -85.74
C GLN DA 114 -9.60 20.55 -87.00
N THR DA 115 -8.35 20.09 -86.82
CA THR DA 115 -7.51 19.57 -87.90
C THR DA 115 -6.68 18.38 -87.39
N VAL DA 116 -6.22 17.52 -88.31
CA VAL DA 116 -5.51 16.28 -87.98
C VAL DA 116 -4.25 16.55 -87.16
N ALA DA 117 -3.51 17.62 -87.50
CA ALA DA 117 -2.29 18.02 -86.82
C ALA DA 117 -2.51 18.39 -85.34
N GLY DA 118 -3.76 18.66 -84.94
CA GLY DA 118 -4.10 19.04 -83.57
C GLY DA 118 -4.50 17.88 -82.66
N VAL DA 119 -4.76 16.69 -83.23
CA VAL DA 119 -5.29 15.55 -82.49
C VAL DA 119 -4.19 14.82 -81.71
N SER DA 120 -4.50 14.43 -80.46
CA SER DA 120 -3.65 13.53 -79.67
C SER DA 120 -4.47 12.75 -78.64
N PHE DA 121 -3.90 11.63 -78.15
CA PHE DA 121 -4.61 10.73 -77.24
C PHE DA 121 -3.65 10.03 -76.28
N GLU DA 122 -4.22 9.43 -75.21
CA GLU DA 122 -3.46 8.70 -74.20
C GLU DA 122 -4.20 7.42 -73.77
N LEU DA 123 -3.44 6.39 -73.39
CA LEU DA 123 -3.97 5.17 -72.80
C LEU DA 123 -3.59 5.10 -71.32
N ILE DA 124 -4.57 4.80 -70.47
CA ILE DA 124 -4.39 4.78 -69.03
C ILE DA 124 -4.82 3.42 -68.48
N TYR DA 125 -3.99 2.84 -67.60
CA TYR DA 125 -4.27 1.58 -66.94
C TYR DA 125 -3.92 1.70 -65.45
N LYS DA 126 -4.86 1.31 -64.57
CA LYS DA 126 -4.73 1.42 -63.12
C LYS DA 126 -4.19 2.78 -62.64
N GLY DA 127 -4.61 3.86 -63.30
CA GLY DA 127 -4.26 5.22 -62.91
C GLY DA 127 -2.87 5.70 -63.36
N ASN DA 128 -2.15 4.89 -64.15
CA ASN DA 128 -0.88 5.27 -64.76
C ASN DA 128 -1.05 5.47 -66.27
N VAL DA 129 -0.41 6.49 -66.85
CA VAL DA 129 -0.39 6.66 -68.29
C VAL DA 129 0.60 5.66 -68.90
N ILE DA 130 0.14 4.77 -69.80
CA ILE DA 130 0.98 3.75 -70.41
C ILE DA 130 1.41 4.10 -71.85
N TYR DA 131 0.70 5.03 -72.51
CA TYR DA 131 1.05 5.54 -73.82
C TYR DA 131 0.51 6.96 -73.99
N ASN DA 132 1.22 7.79 -74.76
CA ASN DA 132 0.82 9.16 -75.06
C ASN DA 132 1.30 9.51 -76.46
N SER DA 133 0.37 9.76 -77.39
CA SER DA 133 0.71 9.96 -78.80
C SER DA 133 1.55 11.21 -79.05
N ALA DA 134 1.50 12.18 -78.12
CA ALA DA 134 2.19 13.46 -78.22
C ALA DA 134 3.57 13.46 -77.54
N ALA DA 135 4.05 12.31 -77.04
CA ALA DA 135 5.35 12.19 -76.40
C ALA DA 135 6.48 12.55 -77.38
N VAL EA 1 -1.94 4.25 -4.44
CA VAL EA 1 -1.36 5.59 -4.84
C VAL EA 1 -0.13 5.46 -5.74
N SER EA 2 1.00 4.91 -5.24
CA SER EA 2 2.31 5.04 -5.89
C SER EA 2 2.43 4.51 -7.32
N PRO EA 3 1.77 3.41 -7.80
CA PRO EA 3 1.88 2.99 -9.20
C PRO EA 3 1.37 4.00 -10.23
N ILE EA 4 0.39 4.84 -9.87
CA ILE EA 4 -0.11 5.87 -10.77
C ILE EA 4 0.89 7.04 -10.84
N ILE EA 5 1.45 7.45 -9.71
CA ILE EA 5 2.45 8.51 -9.67
C ILE EA 5 3.72 8.13 -10.44
N ALA EA 6 4.20 6.91 -10.27
CA ALA EA 6 5.31 6.38 -11.06
C ALA EA 6 5.02 6.42 -12.57
N THR EA 7 3.77 6.18 -12.97
CA THR EA 7 3.37 6.22 -14.38
C THR EA 7 3.43 7.65 -14.93
N ILE EA 8 3.00 8.65 -14.15
CA ILE EA 8 3.04 10.05 -14.54
C ILE EA 8 4.48 10.52 -14.74
N LEU EA 9 5.41 10.11 -13.87
CA LEU EA 9 6.84 10.42 -14.02
C LEU EA 9 7.42 9.83 -15.31
N LEU EA 10 7.07 8.58 -15.65
CA LEU EA 10 7.56 7.93 -16.86
C LEU EA 10 7.04 8.58 -18.15
N ILE EA 11 5.83 9.16 -18.13
CA ILE EA 11 5.32 9.91 -19.28
C ILE EA 11 6.14 11.18 -19.46
N ALA EA 12 6.40 11.93 -18.38
CA ALA EA 12 7.24 13.12 -18.43
C ALA EA 12 8.63 12.84 -19.01
N ILE EA 13 9.29 11.75 -18.59
CA ILE EA 13 10.59 11.34 -19.13
C ILE EA 13 10.50 10.99 -20.62
N THR EA 14 9.43 10.32 -21.04
CA THR EA 14 9.25 9.87 -22.42
C THR EA 14 9.23 11.04 -23.40
N VAL EA 15 8.54 12.13 -23.05
CA VAL EA 15 8.45 13.31 -23.90
C VAL EA 15 9.82 13.94 -24.14
N VAL EA 16 10.70 14.00 -23.12
CA VAL EA 16 12.03 14.58 -23.27
C VAL EA 16 12.93 13.73 -24.16
N LEU EA 17 12.79 12.39 -24.11
CA LEU EA 17 13.52 11.51 -25.00
C LEU EA 17 13.08 11.71 -26.45
N ALA EA 18 11.77 11.78 -26.71
CA ALA EA 18 11.24 12.02 -28.05
C ALA EA 18 11.72 13.37 -28.61
N ALA EA 19 11.67 14.42 -27.78
CA ALA EA 19 12.18 15.73 -28.17
C ALA EA 19 13.69 15.69 -28.47
N THR EA 20 14.46 14.89 -27.73
CA THR EA 20 15.88 14.71 -27.99
C THR EA 20 16.11 14.03 -29.35
N LEU EA 21 15.40 12.92 -29.62
CA LEU EA 21 15.49 12.18 -30.87
C LEU EA 21 15.23 13.09 -32.08
N VAL EA 22 14.21 13.95 -32.03
CA VAL EA 22 13.88 14.88 -33.11
C VAL EA 22 15.08 15.77 -33.46
N THR EA 23 15.89 16.21 -32.49
CA THR EA 23 17.05 17.03 -32.80
C THR EA 23 18.21 16.22 -33.38
N ILE EA 24 18.31 14.91 -33.09
CA ILE EA 24 19.28 14.04 -33.73
C ILE EA 24 18.96 13.88 -35.21
N LEU EA 25 17.68 13.66 -35.56
CA LEU EA 25 17.29 13.41 -36.95
C LEU EA 25 17.57 14.62 -37.85
N GLY EA 26 17.48 15.84 -37.31
CA GLY EA 26 17.72 17.07 -38.05
C GLY EA 26 19.10 17.17 -38.69
N GLY EA 27 20.08 16.37 -38.23
CA GLY EA 27 21.42 16.32 -38.82
C GLY EA 27 21.50 15.50 -40.11
N PHE EA 28 20.45 14.72 -40.42
CA PHE EA 28 20.40 13.87 -41.61
C PHE EA 28 19.55 14.51 -42.71
N THR EA 29 18.44 15.16 -42.32
CA THR EA 29 17.40 15.58 -43.25
C THR EA 29 17.66 16.96 -43.86
N HIS EA 30 18.90 17.23 -44.29
CA HIS EA 30 19.25 18.47 -44.99
C HIS EA 30 20.46 18.29 -45.92
N GLY EA 31 20.59 19.18 -46.91
CA GLY EA 31 21.78 19.27 -47.76
C GLY EA 31 21.89 18.17 -48.81
N VAL EA 32 20.78 17.49 -49.16
CA VAL EA 32 20.73 16.55 -50.27
C VAL EA 32 19.94 17.15 -51.42
N SER EA 33 20.57 17.19 -52.61
CA SER EA 33 20.00 17.81 -53.80
C SER EA 33 20.67 17.28 -55.07
N ASN EA 34 20.00 17.47 -56.22
CA ASN EA 34 20.48 17.00 -57.51
C ASN EA 34 21.46 18.01 -58.11
N THR EA 35 22.77 17.73 -58.00
CA THR EA 35 23.83 18.66 -58.41
C THR EA 35 24.54 18.24 -59.71
N VAL EA 36 24.08 17.16 -60.35
CA VAL EA 36 24.73 16.63 -61.55
C VAL EA 36 24.46 17.52 -62.77
N GLU EA 37 25.51 17.82 -63.53
CA GLU EA 37 25.47 18.60 -64.76
C GLU EA 37 26.44 17.96 -65.76
N THR EA 38 26.22 18.14 -67.08
CA THR EA 38 27.03 17.47 -68.08
C THR EA 38 26.97 18.28 -69.36
N ALA EA 39 28.13 18.63 -69.94
CA ALA EA 39 28.15 19.50 -71.10
C ALA EA 39 29.15 19.01 -72.15
N GLY EA 40 28.79 19.19 -73.43
CA GLY EA 40 29.74 19.08 -74.53
C GLY EA 40 30.49 20.40 -74.68
N VAL EA 41 31.79 20.37 -74.34
CA VAL EA 41 32.63 21.56 -74.35
C VAL EA 41 33.89 21.27 -75.16
N THR EA 42 34.31 22.23 -75.98
CA THR EA 42 35.58 22.16 -76.69
C THR EA 42 36.37 23.44 -76.44
N SER EA 43 37.70 23.35 -76.52
CA SER EA 43 38.54 24.48 -76.14
C SER EA 43 39.87 24.51 -76.89
N HIS EA 44 40.40 25.73 -77.08
CA HIS EA 44 41.68 25.97 -77.73
C HIS EA 44 42.45 27.03 -76.94
N ILE EA 45 43.77 26.81 -76.74
CA ILE EA 45 44.59 27.66 -75.89
C ILE EA 45 45.72 28.27 -76.72
N THR EA 46 45.99 29.57 -76.48
CA THR EA 46 47.01 30.36 -77.16
C THR EA 46 47.76 31.19 -76.12
N SER EA 47 48.87 31.83 -76.54
CA SER EA 47 49.69 32.68 -75.66
C SER EA 47 48.95 33.89 -75.08
N LYS EA 48 47.73 34.19 -75.54
CA LYS EA 48 46.96 35.38 -75.12
C LYS EA 48 45.52 35.06 -74.70
N TYR EA 49 44.91 34.02 -75.27
CA TYR EA 49 43.50 33.72 -75.08
C TYR EA 49 43.24 32.23 -74.91
N ILE EA 50 42.22 31.92 -74.10
CA ILE EA 50 41.55 30.63 -74.09
C ILE EA 50 40.19 30.81 -74.75
N PHE EA 51 39.85 29.96 -75.72
CA PHE EA 51 38.54 29.94 -76.35
C PHE EA 51 37.76 28.73 -75.84
N ILE EA 52 36.48 28.93 -75.50
CA ILE EA 52 35.63 27.87 -74.97
C ILE EA 52 34.31 27.90 -75.72
N ASN EA 53 33.97 26.77 -76.36
CA ASN EA 53 32.77 26.73 -77.18
C ASN EA 53 31.92 25.57 -76.70
N VAL EA 54 30.64 25.84 -76.41
CA VAL EA 54 29.73 24.85 -75.85
C VAL EA 54 28.77 24.33 -76.93
N SER EA 55 28.61 23.00 -77.03
CA SER EA 55 27.79 22.38 -78.07
C SER EA 55 26.43 21.90 -77.54
N SER EA 56 26.37 21.50 -76.26
CA SER EA 56 25.16 21.06 -75.58
C SER EA 56 25.38 21.04 -74.07
N SER EA 57 24.29 21.05 -73.28
CA SER EA 57 24.36 20.90 -71.82
C SER EA 57 23.11 20.19 -71.30
N SER EA 58 23.24 19.59 -70.11
CA SER EA 58 22.14 18.86 -69.46
C SER EA 58 21.03 19.81 -69.03
N SER EA 59 21.40 21.03 -68.62
CA SER EA 59 20.47 22.10 -68.26
C SER EA 59 21.02 23.46 -68.66
N ALA EA 60 20.15 24.48 -68.71
CA ALA EA 60 20.55 25.86 -68.97
C ALA EA 60 20.87 26.56 -67.64
N ILE EA 61 22.11 27.07 -67.50
CA ILE EA 61 22.59 27.64 -66.25
C ILE EA 61 23.27 28.99 -66.48
N SER EA 62 23.27 29.86 -65.46
CA SER EA 62 23.88 31.18 -65.57
C SER EA 62 25.40 31.08 -65.63
N ALA EA 63 26.03 31.89 -66.50
CA ALA EA 63 27.49 31.95 -66.57
C ALA EA 63 28.14 32.50 -65.30
N SER EA 64 27.38 33.16 -64.42
CA SER EA 64 27.87 33.61 -63.12
C SER EA 64 27.92 32.49 -62.07
N SER EA 65 27.20 31.38 -62.29
CA SER EA 65 27.15 30.24 -61.38
C SER EA 65 28.32 29.27 -61.56
N ILE EA 66 29.13 29.46 -62.62
CA ILE EA 66 30.24 28.58 -62.96
C ILE EA 66 31.55 29.25 -62.53
N THR EA 67 32.41 28.49 -61.85
CA THR EA 67 33.70 28.95 -61.39
C THR EA 67 34.79 28.35 -62.27
N ILE EA 68 35.79 29.15 -62.66
CA ILE EA 68 36.90 28.67 -63.48
C ILE EA 68 38.22 28.78 -62.69
N THR EA 69 39.07 27.74 -62.78
CA THR EA 69 40.39 27.74 -62.16
C THR EA 69 41.46 27.38 -63.20
N ILE EA 70 42.67 27.93 -63.03
CA ILE EA 70 43.72 27.85 -64.05
C ILE EA 70 45.08 27.54 -63.40
N THR EA 71 45.96 26.88 -64.17
CA THR EA 71 47.33 26.62 -63.76
C THR EA 71 48.28 26.82 -64.95
N GLY EA 72 49.51 27.25 -64.67
CA GLY EA 72 50.52 27.50 -65.70
C GLY EA 72 50.39 28.87 -66.37
N ALA EA 73 49.45 29.70 -65.90
CA ALA EA 73 49.11 31.01 -66.47
C ALA EA 73 48.40 31.88 -65.42
N SER EA 74 47.87 33.04 -65.85
CA SER EA 74 47.12 33.96 -65.00
C SER EA 74 46.07 34.71 -65.82
N PHE EA 75 44.95 35.09 -65.19
CA PHE EA 75 43.92 35.87 -65.88
C PHE EA 75 44.30 37.35 -65.98
N LYS EA 76 43.93 38.00 -67.09
CA LYS EA 76 44.09 39.45 -67.23
C LYS EA 76 43.05 40.25 -66.45
N VAL EA 77 41.93 39.61 -66.07
CA VAL EA 77 40.89 40.21 -65.23
C VAL EA 77 41.04 39.67 -63.81
N THR EA 78 41.04 40.57 -62.81
CA THR EA 78 41.54 40.25 -61.47
C THR EA 78 40.48 40.30 -60.37
N SER EA 79 39.21 40.64 -60.70
CA SER EA 79 38.15 40.86 -59.73
C SER EA 79 37.68 39.59 -59.01
N GLY EA 80 37.86 38.42 -59.67
CA GLY EA 80 37.32 37.16 -59.18
C GLY EA 80 37.51 36.03 -60.18
N ASP EA 81 36.64 35.01 -60.11
CA ASP EA 81 36.88 33.73 -60.76
C ASP EA 81 35.61 33.04 -61.28
N THR EA 82 34.50 33.77 -61.37
CA THR EA 82 33.35 33.22 -62.09
C THR EA 82 33.57 33.34 -63.60
N LEU EA 83 32.95 32.46 -64.39
CA LEU EA 83 33.17 32.43 -65.82
C LEU EA 83 32.70 33.73 -66.48
N ALA EA 84 31.50 34.21 -66.10
CA ALA EA 84 30.95 35.47 -66.61
C ALA EA 84 31.90 36.65 -66.37
N GLU EA 85 32.53 36.67 -65.20
CA GLU EA 85 33.38 37.76 -64.73
C GLU EA 85 34.70 37.81 -65.51
N VAL EA 86 35.45 36.70 -65.59
CA VAL EA 86 36.75 36.71 -66.26
C VAL EA 86 36.63 36.82 -67.79
N ALA EA 87 35.51 36.36 -68.35
CA ALA EA 87 35.23 36.43 -69.78
C ALA EA 87 34.63 37.77 -70.22
N GLY EA 88 34.28 38.65 -69.27
CA GLY EA 88 33.73 39.97 -69.58
C GLY EA 88 32.30 39.93 -70.14
N VAL EA 89 31.48 39.02 -69.61
CA VAL EA 89 30.10 38.82 -70.03
C VAL EA 89 29.21 39.90 -69.42
N SER EA 90 28.66 40.79 -70.25
CA SER EA 90 27.61 41.72 -69.85
C SER EA 90 26.26 41.00 -69.72
N SER EA 91 25.34 41.55 -68.91
CA SER EA 91 24.04 40.96 -68.61
C SER EA 91 23.13 40.83 -69.84
N THR EA 92 23.36 41.67 -70.86
CA THR EA 92 22.64 41.66 -72.13
C THR EA 92 23.23 40.69 -73.16
N SER EA 93 24.45 40.18 -72.91
CA SER EA 93 25.18 39.34 -73.87
C SER EA 93 24.49 37.98 -74.08
N SER EA 94 24.56 37.46 -75.31
CA SER EA 94 24.02 36.16 -75.67
C SER EA 94 24.63 35.07 -74.78
N ASN EA 95 25.91 35.25 -74.44
CA ASN EA 95 26.72 34.29 -73.71
C ASN EA 95 26.51 34.38 -72.20
N ALA EA 96 25.44 35.07 -71.75
CA ALA EA 96 25.08 35.12 -70.33
C ALA EA 96 24.57 33.77 -69.80
N THR EA 97 24.11 32.87 -70.70
CA THR EA 97 23.63 31.55 -70.34
C THR EA 97 24.55 30.48 -70.94
N PHE EA 98 24.89 29.47 -70.13
CA PHE EA 98 25.72 28.35 -70.55
C PHE EA 98 24.83 27.24 -71.09
N THR EA 99 24.84 27.08 -72.43
CA THR EA 99 24.04 26.16 -73.22
C THR EA 99 24.74 25.95 -74.58
N GLY EA 100 24.29 24.96 -75.37
CA GLY EA 100 24.75 24.84 -76.74
C GLY EA 100 24.62 26.16 -77.51
N GLY EA 101 25.66 26.54 -78.26
CA GLY EA 101 25.67 27.79 -79.02
C GLY EA 101 26.30 28.98 -78.29
N SER EA 102 26.72 28.81 -77.02
CA SER EA 102 27.43 29.86 -76.27
C SER EA 102 28.94 29.70 -76.41
N ASP EA 103 29.62 30.81 -76.77
CA ASP EA 103 31.07 30.86 -76.92
C ASP EA 103 31.67 31.94 -76.00
N TYR EA 104 32.87 31.66 -75.44
CA TYR EA 104 33.55 32.56 -74.52
C TYR EA 104 35.02 32.72 -74.91
N THR EA 105 35.57 33.92 -74.70
CA THR EA 105 36.99 34.20 -74.86
C THR EA 105 37.55 34.74 -73.53
N VAL EA 106 38.55 34.08 -72.96
CA VAL EA 106 39.17 34.49 -71.71
C VAL EA 106 40.59 34.98 -71.99
N PRO EA 107 40.93 36.25 -71.65
CA PRO EA 107 42.29 36.77 -71.84
C PRO EA 107 43.22 36.39 -70.69
N ILE EA 108 44.44 35.96 -71.05
CA ILE EA 108 45.42 35.43 -70.10
C ILE EA 108 46.83 35.99 -70.34
N SER EA 109 47.69 35.85 -69.33
CA SER EA 109 49.07 36.31 -69.33
C SER EA 109 50.00 35.23 -68.78
N LEU EA 110 51.19 35.10 -69.41
CA LEU EA 110 52.22 34.14 -69.05
C LEU EA 110 53.49 34.85 -68.56
N SER EA 111 54.17 34.27 -67.55
CA SER EA 111 55.49 34.72 -67.10
C SER EA 111 56.60 34.39 -68.12
N SER EA 112 57.85 34.80 -67.80
CA SER EA 112 59.03 34.49 -68.59
C SER EA 112 59.35 32.99 -68.66
N SER EA 113 58.93 32.23 -67.63
CA SER EA 113 59.17 30.79 -67.51
C SER EA 113 58.00 29.94 -68.00
N GLN EA 114 56.77 30.49 -68.00
CA GLN EA 114 55.58 29.79 -68.44
C GLN EA 114 55.51 29.67 -69.96
N THR EA 115 54.85 28.60 -70.45
CA THR EA 115 54.69 28.30 -71.87
C THR EA 115 53.31 27.72 -72.13
N VAL EA 116 52.82 27.81 -73.38
CA VAL EA 116 51.47 27.42 -73.78
C VAL EA 116 51.21 25.93 -73.47
N ALA EA 117 52.22 25.07 -73.71
CA ALA EA 117 52.12 23.64 -73.45
C ALA EA 117 51.89 23.29 -71.97
N GLY EA 118 52.16 24.24 -71.05
CA GLY EA 118 52.00 24.03 -69.62
C GLY EA 118 50.64 24.45 -69.06
N VAL EA 119 49.82 25.18 -69.84
CA VAL EA 119 48.57 25.76 -69.36
C VAL EA 119 47.44 24.72 -69.34
N SER EA 120 46.62 24.74 -68.27
CA SER EA 120 45.38 23.98 -68.22
C SER EA 120 44.36 24.63 -67.27
N PHE EA 121 43.08 24.27 -67.43
CA PHE EA 121 42.00 24.89 -66.66
C PHE EA 121 40.83 23.93 -66.44
N GLU EA 122 39.94 24.29 -65.49
CA GLU EA 122 38.77 23.48 -65.14
C GLU EA 122 37.56 24.38 -64.90
N LEU EA 123 36.36 23.86 -65.20
CA LEU EA 123 35.10 24.51 -64.88
C LEU EA 123 34.39 23.73 -63.79
N ILE EA 124 33.90 24.45 -62.77
CA ILE EA 124 33.28 23.86 -61.59
C ILE EA 124 31.88 24.45 -61.42
N TYR EA 125 30.89 23.59 -61.15
CA TYR EA 125 29.52 23.99 -60.88
C TYR EA 125 28.98 23.20 -59.70
N LYS EA 126 28.40 23.90 -58.70
CA LYS EA 126 27.89 23.32 -57.45
C LYS EA 126 28.86 22.31 -56.81
N GLY EA 127 30.17 22.59 -56.86
CA GLY EA 127 31.18 21.77 -56.21
C GLY EA 127 31.61 20.52 -56.99
N ASN EA 128 31.10 20.31 -58.21
CA ASN EA 128 31.50 19.23 -59.10
C ASN EA 128 32.32 19.79 -60.27
N VAL EA 129 33.39 19.10 -60.68
CA VAL EA 129 34.12 19.47 -61.89
C VAL EA 129 33.32 19.02 -63.12
N ILE EA 130 32.95 19.96 -64.01
CA ILE EA 130 32.16 19.66 -65.21
C ILE EA 130 32.99 19.62 -66.49
N TYR EA 131 34.19 20.21 -66.47
CA TYR EA 131 35.14 20.15 -67.58
C TYR EA 131 36.56 20.31 -67.06
N ASN EA 132 37.53 19.65 -67.72
CA ASN EA 132 38.94 19.73 -67.39
C ASN EA 132 39.76 19.60 -68.67
N SER EA 133 40.49 20.66 -69.03
CA SER EA 133 41.19 20.72 -70.32
C SER EA 133 42.31 19.68 -70.44
N ALA EA 134 42.81 19.18 -69.30
CA ALA EA 134 43.91 18.22 -69.25
C ALA EA 134 43.45 16.76 -69.17
N ALA EA 135 42.13 16.49 -69.32
CA ALA EA 135 41.58 15.14 -69.30
C ALA EA 135 42.14 14.31 -70.47
N VAL FA 1 6.34 2.16 -7.02
CA VAL FA 1 7.64 1.38 -7.15
C VAL FA 1 7.71 0.56 -8.45
N SER FA 2 6.84 -0.46 -8.63
CA SER FA 2 7.04 -1.48 -9.66
C SER FA 2 7.12 -1.01 -11.12
N PRO FA 3 6.41 0.04 -11.62
CA PRO FA 3 6.59 0.49 -13.01
C PRO FA 3 7.99 0.98 -13.37
N ILE FA 4 8.73 1.53 -12.42
CA ILE FA 4 10.11 1.96 -12.65
C ILE FA 4 11.06 0.76 -12.72
N ILE FA 5 10.88 -0.22 -11.83
CA ILE FA 5 11.69 -1.43 -11.83
C ILE FA 5 11.49 -2.24 -13.12
N ALA FA 6 10.24 -2.40 -13.56
CA ALA FA 6 9.93 -3.01 -14.85
C ALA FA 6 10.62 -2.30 -16.02
N THR FA 7 10.74 -0.97 -15.96
CA THR FA 7 11.41 -0.19 -17.00
C THR FA 7 12.91 -0.48 -17.03
N ILE FA 8 13.55 -0.60 -15.86
CA ILE FA 8 14.98 -0.90 -15.76
C ILE FA 8 15.29 -2.29 -16.34
N LEU FA 9 14.42 -3.29 -16.09
CA LEU FA 9 14.58 -4.63 -16.66
C LEU FA 9 14.48 -4.61 -18.19
N LEU FA 10 13.54 -3.83 -18.76
CA LEU FA 10 13.37 -3.74 -20.21
C LEU FA 10 14.56 -3.05 -20.90
N ILE FA 11 15.24 -2.11 -20.23
CA ILE FA 11 16.45 -1.50 -20.78
C ILE FA 11 17.57 -2.55 -20.84
N ALA FA 12 17.76 -3.32 -19.77
CA ALA FA 12 18.74 -4.40 -19.74
C ALA FA 12 18.53 -5.41 -20.87
N ILE FA 13 17.28 -5.84 -21.12
CA ILE FA 13 16.95 -6.75 -22.22
C ILE FA 13 17.26 -6.12 -23.58
N THR FA 14 16.96 -4.82 -23.75
CA THR FA 14 17.14 -4.11 -25.02
C THR FA 14 18.60 -4.12 -25.47
N VAL FA 15 19.53 -3.90 -24.55
CA VAL FA 15 20.96 -3.89 -24.86
C VAL FA 15 21.44 -5.25 -25.39
N VAL FA 16 20.95 -6.37 -24.83
CA VAL FA 16 21.37 -7.70 -25.29
C VAL FA 16 20.82 -8.00 -26.69
N LEU FA 17 19.62 -7.53 -27.03
CA LEU FA 17 19.08 -7.67 -28.37
C LEU FA 17 19.90 -6.89 -29.38
N ALA FA 18 20.26 -5.64 -29.07
CA ALA FA 18 21.09 -4.82 -29.94
C ALA FA 18 22.48 -5.45 -30.16
N ALA FA 19 23.10 -5.96 -29.10
CA ALA FA 19 24.36 -6.67 -29.19
C ALA FA 19 24.24 -7.94 -30.05
N THR FA 20 23.10 -8.65 -29.97
CA THR FA 20 22.84 -9.81 -30.82
C THR FA 20 22.75 -9.41 -32.28
N LEU FA 21 21.96 -8.37 -32.61
CA LEU FA 21 21.79 -7.87 -33.96
C LEU FA 21 23.13 -7.52 -34.61
N VAL FA 22 24.03 -6.84 -33.89
CA VAL FA 22 25.36 -6.49 -34.40
C VAL FA 22 26.14 -7.72 -34.88
N THR FA 23 26.02 -8.87 -34.20
CA THR FA 23 26.72 -10.08 -34.65
C THR FA 23 26.06 -10.72 -35.87
N ILE FA 24 24.76 -10.53 -36.07
CA ILE FA 24 24.08 -10.98 -37.29
C ILE FA 24 24.59 -10.20 -38.50
N LEU FA 25 24.72 -8.86 -38.37
CA LEU FA 25 25.11 -8.02 -39.50
C LEU FA 25 26.52 -8.33 -39.99
N GLY FA 26 27.42 -8.76 -39.09
CA GLY FA 26 28.80 -9.09 -39.43
C GLY FA 26 28.94 -10.20 -40.48
N GLY FA 27 27.89 -11.00 -40.71
CA GLY FA 27 27.90 -12.03 -41.76
C GLY FA 27 27.65 -11.49 -43.17
N PHE FA 28 27.23 -10.22 -43.29
CA PHE FA 28 26.95 -9.58 -44.57
C PHE FA 28 28.09 -8.65 -44.99
N THR FA 29 28.69 -7.93 -44.02
CA THR FA 29 29.59 -6.83 -44.28
C THR FA 29 31.05 -7.27 -44.46
N HIS FA 30 31.29 -8.36 -45.22
CA HIS FA 30 32.64 -8.80 -45.54
C HIS FA 30 32.68 -9.58 -46.87
N GLY FA 31 33.88 -9.65 -47.48
CA GLY FA 31 34.13 -10.49 -48.65
C GLY FA 31 33.54 -9.97 -49.96
N VAL FA 32 33.25 -8.66 -50.03
CA VAL FA 32 32.85 -7.99 -51.28
C VAL FA 32 33.98 -7.09 -51.77
N SER FA 33 34.41 -7.31 -53.03
CA SER FA 33 35.54 -6.61 -53.63
C SER FA 33 35.47 -6.68 -55.16
N ASN FA 34 36.20 -5.78 -55.82
CA ASN FA 34 36.23 -5.68 -57.27
C ASN FA 34 37.24 -6.69 -57.84
N THR FA 35 36.76 -7.84 -58.36
CA THR FA 35 37.61 -8.94 -58.81
C THR FA 35 37.67 -9.06 -60.35
N VAL FA 36 37.02 -8.15 -61.08
CA VAL FA 36 36.93 -8.22 -62.54
C VAL FA 36 38.27 -7.85 -63.19
N GLU FA 37 38.69 -8.66 -64.17
CA GLU FA 37 39.91 -8.47 -64.95
C GLU FA 37 39.60 -8.88 -66.40
N THR FA 38 40.33 -8.33 -67.39
CA THR FA 38 40.02 -8.58 -68.80
C THR FA 38 41.28 -8.36 -69.61
N ALA FA 39 41.67 -9.33 -70.44
CA ALA FA 39 42.93 -9.24 -71.17
C ALA FA 39 42.77 -9.70 -72.62
N GLY FA 40 43.51 -9.04 -73.52
CA GLY FA 40 43.72 -9.53 -74.87
C GLY FA 40 44.87 -10.54 -74.85
N VAL FA 41 44.53 -11.82 -75.07
CA VAL FA 41 45.49 -12.91 -75.02
C VAL FA 41 45.37 -13.74 -76.30
N THR FA 42 46.51 -14.15 -76.86
CA THR FA 42 46.57 -15.06 -77.99
C THR FA 42 47.51 -16.22 -77.66
N SER FA 43 47.27 -17.39 -78.26
CA SER FA 43 48.02 -18.58 -77.89
C SER FA 43 48.17 -19.57 -79.05
N HIS FA 44 49.26 -20.34 -79.02
CA HIS FA 44 49.57 -21.38 -79.99
C HIS FA 44 50.10 -22.62 -79.26
N ILE FA 45 49.63 -23.80 -79.67
CA ILE FA 45 49.94 -25.06 -78.98
C ILE FA 45 50.67 -26.00 -79.92
N THR FA 46 51.71 -26.67 -79.40
CA THR FA 46 52.54 -27.63 -80.13
C THR FA 46 52.78 -28.86 -79.25
N SER FA 47 53.36 -29.92 -79.83
CA SER FA 47 53.67 -31.16 -79.13
C SER FA 47 54.63 -31.00 -77.93
N LYS FA 48 55.26 -29.83 -77.75
CA LYS FA 48 56.26 -29.60 -76.71
C LYS FA 48 56.01 -28.32 -75.89
N TYR FA 49 55.39 -27.30 -76.49
CA TYR FA 49 55.23 -25.99 -75.88
C TYR FA 49 53.85 -25.39 -76.12
N ILE FA 50 53.39 -24.63 -75.12
CA ILE FA 50 52.31 -23.66 -75.29
C ILE FA 50 52.94 -22.27 -75.25
N PHE FA 51 52.61 -21.43 -76.25
CA PHE FA 51 53.04 -20.03 -76.29
C PHE FA 51 51.85 -19.14 -75.95
N ILE FA 52 52.07 -18.13 -75.10
CA ILE FA 52 51.02 -17.23 -74.66
C ILE FA 52 51.52 -15.79 -74.78
N ASN FA 53 50.82 -14.98 -75.56
CA ASN FA 53 51.27 -13.63 -75.82
C ASN FA 53 50.15 -12.67 -75.46
N VAL FA 54 50.46 -11.66 -74.63
CA VAL FA 54 49.47 -10.73 -74.12
C VAL FA 54 49.57 -9.39 -74.83
N SER FA 55 48.44 -8.84 -75.30
CA SER FA 55 48.41 -7.60 -76.07
C SER FA 55 47.95 -6.38 -75.26
N SER FA 56 47.07 -6.61 -74.26
CA SER FA 56 46.57 -5.60 -73.35
C SER FA 56 45.91 -6.25 -72.14
N SER FA 57 45.75 -5.50 -71.03
CA SER FA 57 45.02 -5.96 -69.86
C SER FA 57 44.34 -4.79 -69.15
N SER FA 58 43.29 -5.10 -68.37
CA SER FA 58 42.52 -4.09 -67.63
C SER FA 58 43.37 -3.47 -66.52
N SER FA 59 44.25 -4.28 -65.90
CA SER FA 59 45.19 -3.84 -64.88
C SER FA 59 46.51 -4.60 -65.00
N ALA FA 60 47.57 -4.07 -64.37
CA ALA FA 60 48.86 -4.74 -64.29
C ALA FA 60 48.92 -5.63 -63.05
N ILE FA 61 49.15 -6.95 -63.24
CA ILE FA 61 49.08 -7.92 -62.15
C ILE FA 61 50.30 -8.85 -62.18
N SER FA 62 50.67 -9.40 -61.01
CA SER FA 62 51.82 -10.29 -60.91
C SER FA 62 51.55 -11.63 -61.59
N ALA FA 63 52.54 -12.17 -62.31
CA ALA FA 63 52.42 -13.49 -62.93
C ALA FA 63 52.31 -14.63 -61.91
N SER FA 64 52.65 -14.37 -60.63
CA SER FA 64 52.46 -15.34 -59.56
C SER FA 64 51.03 -15.40 -59.04
N SER FA 65 50.21 -14.36 -59.31
CA SER FA 65 48.82 -14.28 -58.88
C SER FA 65 47.85 -15.03 -59.81
N ILE FA 66 48.33 -15.49 -60.97
CA ILE FA 66 47.53 -16.16 -61.99
C ILE FA 66 47.78 -17.66 -61.90
N THR FA 67 46.69 -18.44 -61.89
CA THR FA 67 46.74 -19.89 -61.85
C THR FA 67 46.40 -20.45 -63.23
N ILE FA 68 47.15 -21.46 -63.69
CA ILE FA 68 46.89 -22.11 -64.98
C ILE FA 68 46.49 -23.57 -64.78
N THR FA 69 45.47 -24.02 -65.51
CA THR FA 69 45.03 -25.41 -65.49
C THR FA 69 44.99 -25.97 -66.92
N ILE FA 70 45.23 -27.29 -67.07
CA ILE FA 70 45.42 -27.91 -68.37
C ILE FA 70 44.70 -29.26 -68.45
N THR FA 71 44.28 -29.64 -69.66
CA THR FA 71 43.69 -30.95 -69.93
C THR FA 71 44.23 -31.50 -71.25
N GLY FA 72 44.32 -32.83 -71.34
CA GLY FA 72 44.82 -33.51 -72.54
C GLY FA 72 46.36 -33.57 -72.62
N ALA FA 73 47.06 -33.08 -71.57
CA ALA FA 73 48.51 -32.97 -71.51
C ALA FA 73 48.97 -32.89 -70.05
N SER FA 74 50.27 -32.60 -69.83
CA SER FA 74 50.85 -32.43 -68.51
C SER FA 74 52.02 -31.42 -68.57
N PHE FA 75 52.26 -30.70 -67.46
CA PHE FA 75 53.38 -29.76 -67.41
C PHE FA 75 54.71 -30.49 -67.15
N LYS FA 76 55.81 -30.00 -67.76
CA LYS FA 76 57.14 -30.51 -67.47
C LYS FA 76 57.69 -30.02 -66.12
N VAL FA 77 57.12 -28.93 -65.58
CA VAL FA 77 57.47 -28.40 -64.25
C VAL FA 77 56.38 -28.83 -63.26
N THR FA 78 56.79 -29.38 -62.11
CA THR FA 78 55.88 -30.15 -61.25
C THR FA 78 55.62 -29.53 -59.87
N SER FA 79 56.25 -28.38 -59.56
CA SER FA 79 56.20 -27.76 -58.24
C SER FA 79 54.82 -27.21 -57.86
N GLY FA 80 54.02 -26.83 -58.87
CA GLY FA 80 52.75 -26.15 -58.65
C GLY FA 80 52.11 -25.70 -59.96
N ASP FA 81 51.28 -24.64 -59.89
CA ASP FA 81 50.35 -24.32 -60.97
C ASP FA 81 50.13 -22.81 -61.16
N THR FA 82 50.98 -21.96 -60.56
CA THR FA 82 50.93 -20.55 -60.91
C THR FA 82 51.62 -20.32 -62.26
N LEU FA 83 51.23 -19.27 -62.99
CA LEU FA 83 51.75 -19.03 -64.32
C LEU FA 83 53.26 -18.76 -64.27
N ALA FA 84 53.71 -17.92 -63.32
CA ALA FA 84 55.13 -17.62 -63.14
C ALA FA 84 55.96 -18.88 -62.92
N GLU FA 85 55.43 -19.81 -62.14
CA GLU FA 85 56.09 -21.04 -61.72
C GLU FA 85 56.28 -22.02 -62.88
N VAL FA 86 55.20 -22.36 -63.61
CA VAL FA 86 55.29 -23.35 -64.69
C VAL FA 86 56.03 -22.80 -65.91
N ALA FA 87 56.01 -21.48 -66.12
CA ALA FA 87 56.69 -20.82 -67.22
C ALA FA 87 58.17 -20.51 -66.92
N GLY FA 88 58.62 -20.72 -65.68
CA GLY FA 88 60.02 -20.49 -65.31
C GLY FA 88 60.40 -19.02 -65.26
N VAL FA 89 59.48 -18.17 -64.78
CA VAL FA 89 59.67 -16.73 -64.67
C VAL FA 89 60.51 -16.41 -63.43
N SER FA 90 61.73 -15.89 -63.66
CA SER FA 90 62.56 -15.31 -62.60
C SER FA 90 62.04 -13.93 -62.20
N SER FA 91 62.34 -13.49 -60.96
CA SER FA 91 61.85 -12.22 -60.40
C SER FA 91 62.38 -10.99 -61.14
N THR FA 92 63.51 -11.12 -61.84
CA THR FA 92 64.12 -10.07 -62.66
C THR FA 92 63.58 -10.03 -64.10
N SER FA 93 62.85 -11.07 -64.52
CA SER FA 93 62.38 -11.22 -65.89
C SER FA 93 61.34 -10.15 -66.25
N SER FA 94 61.36 -9.70 -67.52
CA SER FA 94 60.40 -8.74 -68.05
C SER FA 94 58.97 -9.25 -67.87
N ASN FA 95 58.81 -10.58 -68.02
CA ASN FA 95 57.53 -11.28 -68.02
C ASN FA 95 57.03 -11.55 -66.60
N ALA FA 96 57.62 -10.91 -65.57
CA ALA FA 96 57.14 -11.03 -64.20
C ALA FA 96 55.79 -10.35 -63.97
N THR FA 97 55.41 -9.42 -64.87
CA THR FA 97 54.13 -8.72 -64.81
C THR FA 97 53.28 -9.06 -66.04
N PHE FA 98 51.99 -9.35 -65.80
CA PHE FA 98 51.03 -9.67 -66.84
C PHE FA 98 50.38 -8.38 -67.34
N THR FA 99 50.78 -7.94 -68.55
CA THR FA 99 50.37 -6.72 -69.22
C THR FA 99 50.64 -6.87 -70.72
N GLY FA 100 50.15 -5.95 -71.55
CA GLY FA 100 50.51 -5.93 -72.96
C GLY FA 100 52.04 -5.93 -73.14
N GLY FA 101 52.54 -6.76 -74.06
CA GLY FA 101 53.97 -6.89 -74.31
C GLY FA 101 54.66 -8.01 -73.54
N SER FA 102 53.94 -8.74 -72.66
CA SER FA 102 54.49 -9.90 -71.95
C SER FA 102 54.19 -11.19 -72.71
N ASP FA 103 55.24 -12.01 -72.91
CA ASP FA 103 55.14 -13.31 -73.59
C ASP FA 103 55.66 -14.43 -72.67
N TYR FA 104 55.02 -15.61 -72.75
CA TYR FA 104 55.36 -16.76 -71.93
C TYR FA 104 55.45 -18.03 -72.79
N THR FA 105 56.37 -18.93 -72.41
CA THR FA 105 56.50 -20.26 -73.00
C THR FA 105 56.36 -21.31 -71.91
N VAL FA 106 55.38 -22.22 -72.03
CA VAL FA 106 55.17 -23.28 -71.04
C VAL FA 106 55.52 -24.62 -71.67
N PRO FA 107 56.49 -25.39 -71.09
CA PRO FA 107 56.84 -26.71 -71.61
C PRO FA 107 55.92 -27.82 -71.11
N ILE FA 108 55.49 -28.69 -72.03
CA ILE FA 108 54.49 -29.72 -71.76
C ILE FA 108 54.90 -31.09 -72.33
N SER FA 109 54.24 -32.14 -71.84
CA SER FA 109 54.46 -33.53 -72.22
C SER FA 109 53.14 -34.26 -72.46
N LEU FA 110 53.11 -35.11 -73.50
CA LEU FA 110 51.94 -35.90 -73.91
C LEU FA 110 52.22 -37.40 -73.74
N SER FA 111 51.19 -38.16 -73.34
CA SER FA 111 51.23 -39.62 -73.31
C SER FA 111 51.19 -40.24 -74.72
N SER FA 112 51.26 -41.58 -74.79
CA SER FA 112 51.13 -42.34 -76.03
C SER FA 112 49.76 -42.18 -76.70
N SER FA 113 48.71 -41.91 -75.91
CA SER FA 113 47.33 -41.77 -76.36
C SER FA 113 46.92 -40.31 -76.62
N GLN FA 114 47.58 -39.35 -75.96
CA GLN FA 114 47.30 -37.93 -76.10
C GLN FA 114 47.82 -37.37 -77.43
N THR FA 115 47.14 -36.33 -77.94
CA THR FA 115 47.48 -35.67 -79.21
C THR FA 115 47.24 -34.16 -79.09
N VAL FA 116 47.92 -33.37 -79.95
CA VAL FA 116 47.90 -31.91 -79.89
C VAL FA 116 46.48 -31.36 -80.01
N ALA FA 117 45.65 -31.96 -80.89
CA ALA FA 117 44.27 -31.55 -81.10
C ALA FA 117 43.38 -31.70 -79.85
N GLY FA 118 43.83 -32.48 -78.85
CA GLY FA 118 43.07 -32.71 -77.63
C GLY FA 118 43.43 -31.76 -76.48
N VAL FA 119 44.51 -30.98 -76.59
CA VAL FA 119 45.03 -30.14 -75.51
C VAL FA 119 44.23 -28.82 -75.41
N SER FA 120 43.92 -28.40 -74.16
CA SER FA 120 43.39 -27.08 -73.88
C SER FA 120 43.73 -26.63 -72.46
N PHE FA 121 43.66 -25.30 -72.21
CA PHE FA 121 44.06 -24.73 -70.93
C PHE FA 121 43.26 -23.46 -70.60
N GLU FA 122 43.33 -23.04 -69.32
CA GLU FA 122 42.63 -21.85 -68.83
C GLU FA 122 43.51 -21.07 -67.86
N LEU FA 123 43.33 -19.74 -67.82
CA LEU FA 123 43.97 -18.86 -66.85
C LEU FA 123 42.91 -18.33 -65.89
N ILE FA 124 43.22 -18.40 -64.58
CA ILE FA 124 42.29 -18.02 -63.52
C ILE FA 124 42.95 -16.98 -62.64
N TYR FA 125 42.20 -15.92 -62.30
CA TYR FA 125 42.65 -14.85 -61.41
C TYR FA 125 41.52 -14.49 -60.45
N LYS FA 126 41.82 -14.47 -59.13
CA LYS FA 126 40.87 -14.23 -58.05
C LYS FA 126 39.56 -15.02 -58.20
N GLY FA 127 39.65 -16.27 -58.67
CA GLY FA 127 38.51 -17.16 -58.77
C GLY FA 127 37.62 -16.97 -60.00
N ASN FA 128 38.02 -16.08 -60.93
CA ASN FA 128 37.34 -15.87 -62.21
C ASN FA 128 38.22 -16.41 -63.35
N VAL FA 129 37.61 -17.07 -64.35
CA VAL FA 129 38.34 -17.48 -65.54
C VAL FA 129 38.54 -16.26 -66.45
N ILE FA 130 39.80 -15.90 -66.75
CA ILE FA 130 40.12 -14.74 -67.57
C ILE FA 130 40.50 -15.09 -69.03
N TYR FA 131 40.86 -16.36 -69.28
CA TYR FA 131 41.12 -16.87 -70.62
C TYR FA 131 40.84 -18.37 -70.67
N ASN FA 132 40.38 -18.87 -71.84
CA ASN FA 132 40.12 -20.27 -72.05
C ASN FA 132 40.41 -20.59 -73.52
N SER FA 133 41.42 -21.45 -73.77
CA SER FA 133 41.89 -21.71 -75.13
C SER FA 133 40.85 -22.40 -76.01
N ALA FA 134 39.86 -23.07 -75.39
CA ALA FA 134 38.82 -23.83 -76.08
C ALA FA 134 37.54 -23.02 -76.32
N ALA FA 135 37.54 -21.71 -76.02
CA ALA FA 135 36.40 -20.83 -76.24
C ALA FA 135 36.04 -20.76 -77.73
N VAL GA 1 4.35 -4.02 -13.15
CA VAL GA 1 3.52 -4.96 -14.01
C VAL GA 1 3.29 -4.40 -15.42
N SER GA 2 2.55 -3.29 -15.59
CA SER GA 2 2.01 -2.86 -16.89
C SER GA 2 3.02 -2.63 -18.02
N PRO GA 3 4.28 -2.11 -17.84
CA PRO GA 3 5.22 -1.98 -18.96
C PRO GA 3 5.63 -3.28 -19.65
N ILE GA 4 5.62 -4.41 -18.93
CA ILE GA 4 5.92 -5.71 -19.52
C ILE GA 4 4.73 -6.21 -20.35
N ILE GA 5 3.51 -6.05 -19.83
CA ILE GA 5 2.30 -6.46 -20.55
C ILE GA 5 2.11 -5.65 -21.84
N ALA GA 6 2.34 -4.33 -21.78
CA ALA GA 6 2.34 -3.50 -22.98
C ALA GA 6 3.37 -3.96 -24.02
N THR GA 7 4.52 -4.45 -23.58
CA THR GA 7 5.56 -4.96 -24.49
C THR GA 7 5.10 -6.25 -25.18
N ILE GA 8 4.43 -7.15 -24.47
CA ILE GA 8 3.91 -8.40 -25.03
C ILE GA 8 2.85 -8.12 -26.10
N LEU GA 9 1.97 -7.13 -25.88
CA LEU GA 9 0.97 -6.72 -26.86
C LEU GA 9 1.64 -6.18 -28.14
N LEU GA 10 2.69 -5.36 -28.02
CA LEU GA 10 3.39 -4.80 -29.16
C LEU GA 10 4.12 -5.86 -30.00
N ILE GA 11 4.61 -6.94 -29.37
CA ILE GA 11 5.20 -8.05 -30.12
C ILE GA 11 4.13 -8.76 -30.94
N ALA GA 12 2.97 -9.04 -30.35
CA ALA GA 12 1.85 -9.65 -31.06
C ALA GA 12 1.42 -8.83 -32.28
N ILE GA 13 1.32 -7.49 -32.16
CA ILE GA 13 0.98 -6.60 -33.27
C ILE GA 13 2.07 -6.64 -34.36
N THR GA 14 3.35 -6.69 -33.97
CA THR GA 14 4.48 -6.66 -34.90
C THR GA 14 4.44 -7.85 -35.86
N VAL GA 15 4.13 -9.04 -35.35
CA VAL GA 15 4.08 -10.25 -36.17
C VAL GA 15 3.00 -10.15 -37.25
N VAL GA 16 1.84 -9.57 -36.96
CA VAL GA 16 0.75 -9.44 -37.93
C VAL GA 16 1.11 -8.43 -39.04
N LEU GA 17 1.85 -7.37 -38.70
CA LEU GA 17 2.34 -6.42 -39.70
C LEU GA 17 3.34 -7.08 -40.64
N ALA GA 18 4.30 -7.85 -40.10
CA ALA GA 18 5.28 -8.56 -40.90
C ALA GA 18 4.61 -9.58 -41.82
N ALA GA 19 3.63 -10.33 -41.32
CA ALA GA 19 2.85 -11.27 -42.12
C ALA GA 19 2.06 -10.54 -43.23
N THR GA 20 1.55 -9.33 -42.96
CA THR GA 20 0.87 -8.53 -43.95
C THR GA 20 1.84 -8.10 -45.06
N LEU GA 21 3.01 -7.56 -44.70
CA LEU GA 21 4.03 -7.14 -45.64
C LEU GA 21 4.44 -8.26 -46.61
N VAL GA 22 4.63 -9.49 -46.11
CA VAL GA 22 4.98 -10.64 -46.94
C VAL GA 22 3.94 -10.87 -48.05
N THR GA 23 2.65 -10.66 -47.80
CA THR GA 23 1.65 -10.82 -48.85
C THR GA 23 1.65 -9.68 -49.86
N ILE GA 24 2.08 -8.47 -49.46
CA ILE GA 24 2.25 -7.36 -50.41
C ILE GA 24 3.39 -7.67 -51.39
N LEU GA 25 4.53 -8.20 -50.90
CA LEU GA 25 5.69 -8.45 -51.74
C LEU GA 25 5.41 -9.50 -52.82
N GLY GA 26 4.53 -10.47 -52.52
CA GLY GA 26 4.17 -11.53 -53.46
C GLY GA 26 3.59 -11.04 -54.78
N GLY GA 27 3.10 -9.80 -54.85
CA GLY GA 27 2.59 -9.21 -56.08
C GLY GA 27 3.68 -8.70 -57.03
N PHE GA 28 4.93 -8.63 -56.56
CA PHE GA 28 6.07 -8.17 -57.34
C PHE GA 28 6.92 -9.34 -57.84
N THR GA 29 7.08 -10.38 -57.00
CA THR GA 29 8.07 -11.44 -57.22
C THR GA 29 7.52 -12.59 -58.07
N HIS GA 30 6.82 -12.28 -59.17
CA HIS GA 30 6.35 -13.28 -60.12
C HIS GA 30 6.18 -12.71 -61.54
N GLY GA 31 6.20 -13.59 -62.54
CA GLY GA 31 5.88 -13.25 -63.92
C GLY GA 31 6.96 -12.46 -64.66
N VAL GA 32 8.23 -12.52 -64.18
CA VAL GA 32 9.37 -11.95 -64.88
C VAL GA 32 10.23 -13.08 -65.45
N SER GA 33 10.48 -13.03 -66.77
CA SER GA 33 11.22 -14.06 -67.50
C SER GA 33 11.79 -13.49 -68.81
N ASN GA 34 12.77 -14.21 -69.37
CA ASN GA 34 13.44 -13.81 -70.60
C ASN GA 34 12.63 -14.30 -71.81
N THR GA 35 11.86 -13.38 -72.44
CA THR GA 35 10.95 -13.74 -73.53
C THR GA 35 11.43 -13.29 -74.91
N VAL GA 36 12.64 -12.73 -75.00
CA VAL GA 36 13.18 -12.19 -76.25
C VAL GA 36 13.59 -13.33 -77.21
N GLU GA 37 13.19 -13.20 -78.48
CA GLU GA 37 13.51 -14.12 -79.57
C GLU GA 37 13.78 -13.28 -80.83
N THR GA 38 14.56 -13.79 -81.79
CA THR GA 38 14.95 -13.01 -82.95
C THR GA 38 15.30 -13.98 -84.08
N ALA GA 39 14.70 -13.80 -85.26
CA ALA GA 39 14.90 -14.76 -86.34
C ALA GA 39 15.09 -14.05 -87.68
N GLY GA 40 15.95 -14.63 -88.53
CA GLY GA 40 16.01 -14.27 -89.94
C GLY GA 40 14.94 -15.04 -90.70
N VAL GA 41 13.92 -14.32 -91.18
CA VAL GA 41 12.78 -14.91 -91.86
C VAL GA 41 12.56 -14.19 -93.18
N THR GA 42 12.26 -14.94 -94.25
CA THR GA 42 11.88 -14.39 -95.53
C THR GA 42 10.58 -15.04 -95.99
N SER GA 43 9.80 -14.31 -96.81
CA SER GA 43 8.46 -14.78 -97.17
C SER GA 43 8.02 -14.29 -98.54
N HIS GA 44 7.16 -15.09 -99.20
CA HIS GA 44 6.56 -14.79 -100.49
C HIS GA 44 5.09 -15.15 -100.47
N ILE GA 45 4.24 -14.27 -101.04
CA ILE GA 45 2.78 -14.42 -100.96
C ILE GA 45 2.21 -14.54 -102.38
N THR GA 46 1.24 -15.47 -102.54
CA THR GA 46 0.56 -15.74 -103.80
C THR GA 46 -0.94 -15.87 -103.54
N SER GA 47 -1.75 -15.94 -104.60
CA SER GA 47 -3.20 -16.10 -104.53
C SER GA 47 -3.67 -17.38 -103.81
N LYS GA 48 -2.77 -18.33 -103.51
CA LYS GA 48 -3.11 -19.63 -102.93
C LYS GA 48 -2.27 -20.00 -101.71
N TYR GA 49 -1.01 -19.53 -101.65
CA TYR GA 49 -0.05 -19.94 -100.63
C TYR GA 49 0.78 -18.76 -100.11
N ILE GA 50 1.14 -18.85 -98.82
CA ILE GA 50 2.23 -18.09 -98.24
C ILE GA 50 3.38 -19.06 -98.00
N PHE GA 51 4.59 -18.69 -98.46
CA PHE GA 51 5.80 -19.44 -98.20
C PHE GA 51 6.64 -18.72 -97.15
N ILE GA 52 7.18 -19.45 -96.17
CA ILE GA 52 7.97 -18.88 -95.09
C ILE GA 52 9.24 -19.69 -94.92
N ASN GA 53 10.38 -19.03 -95.07
CA ASN GA 53 11.65 -19.75 -95.02
C ASN GA 53 12.53 -19.10 -93.96
N VAL GA 54 13.06 -19.91 -93.03
CA VAL GA 54 13.83 -19.42 -91.90
C VAL GA 54 15.32 -19.66 -92.13
N SER GA 55 16.16 -18.64 -91.90
CA SER GA 55 17.60 -18.73 -92.16
C SER GA 55 18.43 -18.89 -90.89
N SER GA 56 17.94 -18.33 -89.77
CA SER GA 56 18.57 -18.43 -88.45
C SER GA 56 17.58 -18.02 -87.36
N SER GA 57 17.83 -18.42 -86.10
CA SER GA 57 17.04 -17.97 -84.96
C SER GA 57 17.90 -17.90 -83.70
N SER GA 58 17.46 -17.09 -82.73
CA SER GA 58 18.17 -16.90 -81.46
C SER GA 58 18.16 -18.18 -80.62
N SER GA 59 17.07 -18.95 -80.71
CA SER GA 59 16.92 -20.23 -80.04
C SER GA 59 16.09 -21.19 -80.90
N ALA GA 60 16.17 -22.49 -80.59
CA ALA GA 60 15.35 -23.51 -81.25
C ALA GA 60 14.04 -23.69 -80.49
N ILE GA 61 12.90 -23.48 -81.16
CA ILE GA 61 11.58 -23.48 -80.52
C ILE GA 61 10.58 -24.33 -81.32
N SER GA 62 9.57 -24.87 -80.64
CA SER GA 62 8.56 -25.71 -81.28
C SER GA 62 7.66 -24.88 -82.20
N ALA GA 63 7.33 -25.41 -83.38
CA ALA GA 63 6.40 -24.74 -84.29
C ALA GA 63 4.97 -24.64 -83.75
N SER GA 64 4.64 -25.41 -82.70
CA SER GA 64 3.35 -25.30 -82.01
C SER GA 64 3.29 -24.13 -81.02
N SER GA 65 4.46 -23.59 -80.61
CA SER GA 65 4.54 -22.47 -79.67
C SER GA 65 4.39 -21.11 -80.35
N ILE GA 66 4.38 -21.07 -81.69
CA ILE GA 66 4.28 -19.84 -82.48
C ILE GA 66 2.86 -19.67 -82.97
N THR GA 67 2.31 -18.47 -82.81
CA THR GA 67 0.97 -18.13 -83.26
C THR GA 67 1.07 -17.24 -84.50
N ILE GA 68 0.24 -17.51 -85.52
CA ILE GA 68 0.22 -16.71 -86.74
C ILE GA 68 -1.13 -15.99 -86.89
N THR GA 69 -1.09 -14.71 -87.28
CA THR GA 69 -2.31 -13.93 -87.55
C THR GA 69 -2.22 -13.31 -88.94
N ILE GA 70 -3.39 -13.12 -89.59
CA ILE GA 70 -3.46 -12.74 -91.00
C ILE GA 70 -4.55 -11.68 -91.23
N THR GA 71 -4.34 -10.83 -92.23
CA THR GA 71 -5.34 -9.84 -92.66
C THR GA 71 -5.38 -9.79 -94.19
N GLY GA 72 -6.55 -9.47 -94.75
CA GLY GA 72 -6.75 -9.39 -96.19
C GLY GA 72 -6.99 -10.74 -96.87
N ALA GA 73 -7.06 -11.83 -96.08
CA ALA GA 73 -7.20 -13.21 -96.55
C ALA GA 73 -7.77 -14.09 -95.44
N SER GA 74 -7.78 -15.41 -95.66
CA SER GA 74 -8.24 -16.40 -94.69
C SER GA 74 -7.47 -17.72 -94.86
N PHE GA 75 -7.30 -18.49 -93.77
CA PHE GA 75 -6.63 -19.78 -93.85
C PHE GA 75 -7.58 -20.87 -94.39
N LYS GA 76 -7.03 -21.82 -95.16
CA LYS GA 76 -7.80 -22.99 -95.60
C LYS GA 76 -7.98 -24.03 -94.49
N VAL GA 77 -7.14 -23.98 -93.44
CA VAL GA 77 -7.24 -24.83 -92.26
C VAL GA 77 -7.88 -24.03 -91.12
N THR GA 78 -8.90 -24.60 -90.47
CA THR GA 78 -9.82 -23.83 -89.63
C THR GA 78 -9.78 -24.17 -88.14
N SER GA 79 -8.95 -25.16 -87.74
CA SER GA 79 -8.92 -25.69 -86.38
C SER GA 79 -8.38 -24.70 -85.34
N GLY GA 80 -7.52 -23.75 -85.77
CA GLY GA 80 -6.81 -22.85 -84.88
C GLY GA 80 -5.78 -22.00 -85.61
N ASP GA 81 -4.75 -21.56 -84.88
CA ASP GA 81 -3.88 -20.47 -85.34
C ASP GA 81 -2.42 -20.63 -84.92
N THR GA 82 -2.01 -21.82 -84.46
CA THR GA 82 -0.58 -22.06 -84.29
C THR GA 82 0.07 -22.34 -85.64
N LEU GA 83 1.36 -22.04 -85.77
CA LEU GA 83 2.06 -22.19 -87.05
C LEU GA 83 2.07 -23.65 -87.50
N ALA GA 84 2.38 -24.58 -86.59
CA ALA GA 84 2.38 -26.02 -86.87
C ALA GA 84 1.03 -26.50 -87.42
N GLU GA 85 -0.05 -25.98 -86.85
CA GLU GA 85 -1.42 -26.38 -87.14
C GLU GA 85 -1.86 -25.93 -88.53
N VAL GA 86 -1.73 -24.63 -88.86
CA VAL GA 86 -2.20 -24.11 -90.15
C VAL GA 86 -1.31 -24.56 -91.31
N ALA GA 87 -0.02 -24.85 -91.05
CA ALA GA 87 0.93 -25.31 -92.05
C ALA GA 87 0.88 -26.83 -92.26
N GLY GA 88 0.11 -27.58 -91.44
CA GLY GA 88 -0.03 -29.02 -91.58
C GLY GA 88 1.23 -29.80 -91.20
N VAL GA 89 1.94 -29.33 -90.15
CA VAL GA 89 3.17 -29.94 -89.66
C VAL GA 89 2.84 -31.17 -88.82
N SER GA 90 3.23 -32.36 -89.32
CA SER GA 90 3.21 -33.60 -88.53
C SER GA 90 4.36 -33.63 -87.54
N SER GA 91 4.22 -34.40 -86.44
CA SER GA 91 5.20 -34.48 -85.36
C SER GA 91 6.55 -35.07 -85.79
N THR GA 92 6.55 -35.85 -86.88
CA THR GA 92 7.75 -36.46 -87.48
C THR GA 92 8.44 -35.54 -88.49
N SER GA 93 7.77 -34.45 -88.92
CA SER GA 93 8.26 -33.56 -89.97
C SER GA 93 9.52 -32.80 -89.53
N SER GA 94 10.44 -32.56 -90.48
CA SER GA 94 11.65 -31.79 -90.24
C SER GA 94 11.31 -30.39 -89.72
N ASN GA 95 10.19 -29.84 -90.21
CA ASN GA 95 9.76 -28.48 -89.94
C ASN GA 95 8.99 -28.38 -88.62
N ALA GA 96 9.08 -29.40 -87.75
CA ALA GA 96 8.49 -29.35 -86.42
C ALA GA 96 9.20 -28.37 -85.48
N THR GA 97 10.45 -28.01 -85.80
CA THR GA 97 11.24 -27.05 -85.02
C THR GA 97 11.53 -25.81 -85.86
N PHE GA 98 11.37 -24.64 -85.27
CA PHE GA 98 11.64 -23.35 -85.89
C PHE GA 98 13.09 -22.96 -85.64
N THR GA 99 13.92 -23.07 -86.70
CA THR GA 99 15.36 -22.84 -86.73
C THR GA 99 15.78 -22.58 -88.17
N GLY GA 100 17.03 -22.13 -88.40
CA GLY GA 100 17.56 -22.05 -89.75
C GLY GA 100 17.41 -23.38 -90.49
N GLY GA 101 16.96 -23.33 -91.75
CA GLY GA 101 16.75 -24.52 -92.56
C GLY GA 101 15.33 -25.08 -92.53
N SER GA 102 14.42 -24.49 -91.73
CA SER GA 102 13.01 -24.88 -91.70
C SER GA 102 12.18 -24.03 -92.67
N ASP GA 103 11.38 -24.69 -93.51
CA ASP GA 103 10.50 -24.04 -94.48
C ASP GA 103 9.05 -24.47 -94.26
N TYR GA 104 8.10 -23.54 -94.46
CA TYR GA 104 6.67 -23.78 -94.26
C TYR GA 104 5.86 -23.27 -95.45
N THR GA 105 4.78 -23.97 -95.79
CA THR GA 105 3.80 -23.53 -96.78
C THR GA 105 2.41 -23.46 -96.12
N VAL GA 106 1.78 -22.28 -96.14
CA VAL GA 106 0.46 -22.09 -95.56
C VAL GA 106 -0.56 -21.86 -96.67
N PRO GA 107 -1.62 -22.69 -96.80
CA PRO GA 107 -2.65 -22.50 -97.82
C PRO GA 107 -3.72 -21.50 -97.39
N ILE GA 108 -4.09 -20.59 -98.30
CA ILE GA 108 -4.99 -19.47 -98.02
C ILE GA 108 -6.04 -19.30 -99.12
N SER GA 109 -7.11 -18.56 -98.78
CA SER GA 109 -8.24 -18.26 -99.65
C SER GA 109 -8.61 -16.78 -99.58
N LEU GA 110 -8.96 -16.20 -100.75
CA LEU GA 110 -9.35 -14.80 -100.90
C LEU GA 110 -10.81 -14.69 -101.35
N SER GA 111 -11.52 -13.65 -100.86
CA SER GA 111 -12.87 -13.30 -101.32
C SER GA 111 -12.84 -12.67 -102.72
N SER GA 112 -14.04 -12.34 -103.25
CA SER GA 112 -14.20 -11.64 -104.53
C SER GA 112 -13.60 -10.23 -104.52
N SER GA 113 -13.52 -9.59 -103.35
CA SER GA 113 -13.03 -8.23 -103.15
C SER GA 113 -11.55 -8.18 -102.73
N GLN GA 114 -11.04 -9.25 -102.12
CA GLN GA 114 -9.65 -9.33 -101.67
C GLN GA 114 -8.69 -9.57 -102.84
N THR GA 115 -7.45 -9.08 -102.67
CA THR GA 115 -6.38 -9.18 -103.68
C THR GA 115 -5.03 -9.42 -102.99
N VAL GA 116 -4.06 -9.98 -103.73
CA VAL GA 116 -2.77 -10.39 -103.20
C VAL GA 116 -2.01 -9.21 -102.58
N ALA GA 117 -2.09 -8.04 -103.21
CA ALA GA 117 -1.44 -6.82 -102.72
C ALA GA 117 -1.96 -6.35 -101.35
N GLY GA 118 -3.14 -6.84 -100.92
CA GLY GA 118 -3.74 -6.46 -99.65
C GLY GA 118 -3.38 -7.39 -98.47
N VAL GA 119 -2.79 -8.56 -98.74
CA VAL GA 119 -2.53 -9.59 -97.73
C VAL GA 119 -1.28 -9.27 -96.90
N SER GA 120 -1.36 -9.47 -95.57
CA SER GA 120 -0.20 -9.44 -94.69
C SER GA 120 -0.41 -10.31 -93.45
N PHE GA 121 0.69 -10.67 -92.78
CA PHE GA 121 0.64 -11.59 -91.64
C PHE GA 121 1.76 -11.31 -90.63
N GLU GA 122 1.62 -11.87 -89.41
CA GLU GA 122 2.59 -11.71 -88.33
C GLU GA 122 2.79 -13.03 -87.58
N LEU GA 123 4.01 -13.23 -87.05
CA LEU GA 123 4.31 -14.36 -86.17
C LEU GA 123 4.55 -13.84 -84.75
N ILE GA 124 3.92 -14.49 -83.77
CA ILE GA 124 3.96 -14.08 -82.37
C ILE GA 124 4.46 -15.23 -81.52
N TYR GA 125 5.39 -14.94 -80.60
CA TYR GA 125 5.92 -15.92 -79.66
C TYR GA 125 6.01 -15.28 -78.27
N LYS GA 126 5.46 -15.96 -77.25
CA LYS GA 126 5.38 -15.49 -75.86
C LYS GA 126 4.91 -14.03 -75.75
N GLY GA 127 3.96 -13.62 -76.59
CA GLY GA 127 3.35 -12.30 -76.53
C GLY GA 127 4.15 -11.18 -77.19
N ASN GA 128 5.27 -11.50 -77.85
CA ASN GA 128 6.07 -10.56 -78.63
C ASN GA 128 5.92 -10.84 -80.12
N VAL GA 129 5.81 -9.81 -80.96
CA VAL GA 129 5.83 -10.00 -82.41
C VAL GA 129 7.26 -10.25 -82.87
N ILE GA 130 7.53 -11.41 -83.51
CA ILE GA 130 8.88 -11.77 -83.96
C ILE GA 130 9.09 -11.57 -85.47
N TYR GA 131 7.99 -11.46 -86.24
CA TYR GA 131 8.04 -11.16 -87.67
C TYR GA 131 6.74 -10.48 -88.10
N ASN GA 132 6.82 -9.58 -89.08
CA ASN GA 132 5.67 -8.87 -89.63
C ASN GA 132 5.93 -8.62 -91.11
N SER GA 133 5.12 -9.21 -92.00
CA SER GA 133 5.36 -9.17 -93.44
C SER GA 133 5.24 -7.76 -94.02
N ALA GA 134 4.52 -6.87 -93.32
CA ALA GA 134 4.26 -5.50 -93.76
C ALA GA 134 5.26 -4.47 -93.21
N ALA GA 135 6.33 -4.93 -92.53
CA ALA GA 135 7.36 -4.05 -91.98
C ALA GA 135 8.08 -3.28 -93.11
N VAL HA 1 1.54 1.33 -19.67
CA VAL HA 1 1.15 2.61 -20.40
C VAL HA 1 2.25 3.10 -21.34
N SER HA 2 3.42 3.52 -20.83
CA SER HA 2 4.40 4.30 -21.60
C SER HA 2 4.94 3.66 -22.90
N PRO HA 3 5.17 2.32 -23.06
CA PRO HA 3 5.62 1.78 -24.34
C PRO HA 3 4.67 1.97 -25.52
N ILE HA 4 3.35 2.06 -25.27
CA ILE HA 4 2.37 2.32 -26.32
C ILE HA 4 2.41 3.79 -26.74
N ILE HA 5 2.51 4.71 -25.77
CA ILE HA 5 2.59 6.14 -26.05
C ILE HA 5 3.87 6.48 -26.83
N ALA HA 6 5.00 5.91 -26.44
CA ALA HA 6 6.25 6.05 -27.19
C ALA HA 6 6.11 5.55 -28.63
N THR HA 7 5.34 4.49 -28.87
CA THR HA 7 5.10 3.97 -30.21
C THR HA 7 4.28 4.94 -31.07
N ILE HA 8 3.26 5.59 -30.48
CA ILE HA 8 2.44 6.57 -31.17
C ILE HA 8 3.26 7.79 -31.59
N LEU HA 9 4.19 8.26 -30.74
CA LEU HA 9 5.10 9.34 -31.07
C LEU HA 9 6.02 8.99 -32.24
N LEU HA 10 6.56 7.77 -32.28
CA LEU HA 10 7.43 7.32 -33.36
C LEU HA 10 6.72 7.20 -34.71
N ILE HA 11 5.42 6.86 -34.71
CA ILE HA 11 4.64 6.85 -35.95
C ILE HA 11 4.47 8.27 -36.48
N ALA HA 12 4.13 9.23 -35.61
CA ALA HA 12 4.02 10.64 -35.99
C ALA HA 12 5.33 11.17 -36.60
N ILE HA 13 6.49 10.86 -36.02
CA ILE HA 13 7.79 11.26 -36.56
C ILE HA 13 8.05 10.62 -37.93
N THR HA 14 7.67 9.34 -38.10
CA THR HA 14 7.92 8.59 -39.33
C THR HA 14 7.24 9.23 -40.53
N VAL HA 15 6.00 9.69 -40.37
CA VAL HA 15 5.24 10.32 -41.44
C VAL HA 15 5.92 11.61 -41.93
N VAL HA 16 6.48 12.43 -41.03
CA VAL HA 16 7.14 13.67 -41.42
C VAL HA 16 8.45 13.40 -42.18
N LEU HA 17 9.18 12.33 -41.82
CA LEU HA 17 10.37 11.94 -42.56
C LEU HA 17 10.01 11.49 -43.98
N ALA HA 18 8.97 10.66 -44.13
CA ALA HA 18 8.52 10.21 -45.44
C ALA HA 18 8.06 11.38 -46.31
N ALA HA 19 7.31 12.32 -45.74
CA ALA HA 19 6.90 13.53 -46.44
C ALA HA 19 8.10 14.39 -46.85
N THR HA 20 9.16 14.44 -46.02
CA THR HA 20 10.39 15.15 -46.36
C THR HA 20 11.08 14.48 -47.55
N LEU HA 21 11.27 13.15 -47.51
CA LEU HA 21 11.90 12.40 -48.58
C LEU HA 21 11.22 12.63 -49.93
N VAL HA 22 9.88 12.62 -49.98
CA VAL HA 22 9.12 12.88 -51.21
C VAL HA 22 9.50 14.22 -51.85
N THR HA 23 9.77 15.27 -51.06
CA THR HA 23 10.18 16.54 -51.64
C THR HA 23 11.62 16.54 -52.13
N ILE HA 24 12.50 15.70 -51.57
CA ILE HA 24 13.85 15.53 -52.08
C ILE HA 24 13.82 14.88 -53.47
N LEU HA 25 13.00 13.83 -53.65
CA LEU HA 25 12.95 13.09 -54.90
C LEU HA 25 12.48 13.96 -56.06
N GLY HA 26 11.59 14.93 -55.80
CA GLY HA 26 11.05 15.83 -56.81
C GLY HA 26 12.10 16.64 -57.57
N GLY HA 27 13.33 16.77 -57.03
CA GLY HA 27 14.42 17.45 -57.71
C GLY HA 27 15.11 16.60 -58.79
N PHE HA 28 14.81 15.29 -58.84
CA PHE HA 28 15.39 14.37 -59.81
C PHE HA 28 14.42 14.06 -60.94
N THR HA 29 13.12 13.93 -60.61
CA THR HA 29 12.12 13.37 -61.52
C THR HA 29 11.50 14.43 -62.44
N HIS HA 30 12.31 15.33 -63.01
CA HIS HA 30 11.84 16.30 -63.99
C HIS HA 30 12.95 16.74 -64.95
N GLY HA 31 12.55 17.27 -66.12
CA GLY HA 31 13.47 17.90 -67.07
C GLY HA 31 14.34 16.92 -67.86
N VAL HA 32 13.93 15.64 -67.97
CA VAL HA 32 14.58 14.65 -68.83
C VAL HA 32 13.67 14.35 -70.02
N SER HA 33 14.22 14.52 -71.23
CA SER HA 33 13.48 14.34 -72.48
C SER HA 33 14.43 14.09 -73.65
N ASN HA 34 13.89 13.54 -74.75
CA ASN HA 34 14.64 13.21 -75.94
C ASN HA 34 14.80 14.45 -76.83
N THR HA 35 15.99 15.09 -76.77
CA THR HA 35 16.23 16.37 -77.47
C THR HA 35 17.14 16.22 -78.70
N VAL HA 36 17.52 14.99 -79.07
CA VAL HA 36 18.44 14.74 -80.17
C VAL HA 36 17.74 14.97 -81.52
N GLU HA 37 18.43 15.69 -82.42
CA GLU HA 37 17.99 15.97 -83.79
C GLU HA 37 19.22 15.89 -84.71
N THR HA 38 19.03 15.59 -86.00
CA THR HA 38 20.16 15.38 -86.91
C THR HA 38 19.69 15.66 -88.32
N ALA HA 39 20.41 16.52 -89.06
CA ALA HA 39 19.96 16.92 -90.38
C ALA HA 39 21.12 16.95 -91.37
N GLY HA 40 20.82 16.58 -92.63
CA GLY HA 40 21.70 16.84 -93.74
C GLY HA 40 21.47 18.27 -94.24
N VAL HA 41 22.45 19.14 -94.02
CA VAL HA 41 22.35 20.57 -94.35
C VAL HA 41 23.57 20.96 -95.18
N THR HA 42 23.35 21.76 -96.23
CA THR HA 42 24.43 22.35 -97.02
C THR HA 42 24.21 23.86 -97.12
N SER HA 43 25.30 24.62 -97.29
CA SER HA 43 25.21 26.07 -97.23
C SER HA 43 26.27 26.75 -98.08
N HIS HA 44 25.92 27.96 -98.58
CA HIS HA 44 26.80 28.80 -99.37
C HIS HA 44 26.67 30.25 -98.89
N ILE HA 45 27.81 30.95 -98.77
CA ILE HA 45 27.85 32.30 -98.20
C ILE HA 45 28.38 33.29 -99.23
N THR HA 46 27.76 34.48 -99.30
CA THR HA 46 28.11 35.56 -100.22
C THR HA 46 28.09 36.88 -99.45
N SER HA 47 28.56 37.96 -100.08
CA SER HA 47 28.60 39.30 -99.50
C SER HA 47 27.22 39.87 -99.13
N LYS HA 48 26.11 39.22 -99.53
CA LYS HA 48 24.75 39.72 -99.32
C LYS HA 48 23.80 38.66 -98.72
N TYR HA 49 24.03 37.38 -99.00
CA TYR HA 49 23.11 36.31 -98.63
C TYR HA 49 23.85 35.07 -98.12
N ILE HA 50 23.20 34.37 -97.17
CA ILE HA 50 23.50 32.99 -96.83
C ILE HA 50 22.36 32.14 -97.39
N PHE HA 51 22.73 31.07 -98.12
CA PHE HA 51 21.77 30.09 -98.63
C PHE HA 51 21.90 28.81 -97.80
N ILE HA 52 20.75 28.22 -97.40
CA ILE HA 52 20.73 27.02 -96.59
C ILE HA 52 19.75 26.03 -97.20
N ASN HA 53 20.24 24.85 -97.56
CA ASN HA 53 19.41 23.88 -98.23
C ASN HA 53 19.44 22.58 -97.45
N VAL HA 54 18.27 22.04 -97.12
CA VAL HA 54 18.15 20.85 -96.27
C VAL HA 54 17.81 19.63 -97.13
N SER HA 55 18.53 18.51 -96.93
CA SER HA 55 18.37 17.30 -97.74
C SER HA 55 17.58 16.20 -97.01
N SER HA 56 17.70 16.15 -95.67
CA SER HA 56 16.99 15.20 -94.81
C SER HA 56 17.06 15.67 -93.35
N SER HA 57 16.16 15.16 -92.50
CA SER HA 57 16.21 15.42 -91.06
C SER HA 57 15.65 14.22 -90.28
N SER HA 58 16.04 14.12 -89.00
CA SER HA 58 15.61 13.03 -88.13
C SER HA 58 14.11 13.13 -87.82
N SER HA 59 13.59 14.37 -87.71
CA SER HA 59 12.18 14.65 -87.51
C SER HA 59 11.77 15.93 -88.25
N ALA HA 60 10.46 16.12 -88.44
CA ALA HA 60 9.92 17.35 -89.03
C ALA HA 60 9.63 18.36 -87.92
N ILE HA 61 10.26 19.56 -88.00
CA ILE HA 61 10.17 20.56 -86.93
C ILE HA 61 9.86 21.94 -87.51
N SER HA 62 9.24 22.81 -86.71
CA SER HA 62 8.89 24.16 -87.15
C SER HA 62 10.13 25.03 -87.32
N ALA HA 63 10.16 25.84 -88.39
CA ALA HA 63 11.26 26.77 -88.60
C ALA HA 63 11.33 27.88 -87.55
N SER HA 64 10.26 28.08 -86.77
CA SER HA 64 10.25 29.02 -85.63
C SER HA 64 10.93 28.45 -84.38
N SER HA 65 11.08 27.12 -84.30
CA SER HA 65 11.70 26.44 -83.15
C SER HA 65 13.23 26.41 -83.22
N ILE HA 66 13.81 26.82 -84.36
CA ILE HA 66 15.25 26.81 -84.60
C ILE HA 66 15.80 28.22 -84.44
N THR HA 67 16.90 28.34 -83.68
CA THR HA 67 17.57 29.61 -83.45
C THR HA 67 18.85 29.65 -84.27
N ILE HA 68 19.15 30.79 -84.91
CA ILE HA 68 20.37 30.95 -85.69
C ILE HA 68 21.25 32.04 -85.07
N THR HA 69 22.57 31.78 -85.00
CA THR HA 69 23.55 32.74 -84.51
C THR HA 69 24.68 32.92 -85.53
N ILE HA 70 25.26 34.13 -85.59
CA ILE HA 70 26.19 34.52 -86.64
C ILE HA 70 27.39 35.28 -86.07
N THR HA 71 28.54 35.17 -86.74
CA THR HA 71 29.74 35.93 -86.42
C THR HA 71 30.41 36.42 -87.70
N GLY HA 72 31.09 37.57 -87.61
CA GLY HA 72 31.78 38.17 -88.75
C GLY HA 72 30.86 38.96 -89.70
N ALA HA 73 29.57 39.09 -89.34
CA ALA HA 73 28.53 39.73 -90.15
C ALA HA 73 27.36 40.17 -89.25
N SER HA 74 26.26 40.60 -89.88
CA SER HA 74 25.02 41.00 -89.19
C SER HA 74 23.80 40.71 -90.06
N PHE HA 75 22.64 40.43 -89.44
CA PHE HA 75 21.41 40.21 -90.19
C PHE HA 75 20.78 41.53 -90.63
N LYS HA 76 20.15 41.53 -91.83
CA LYS HA 76 19.38 42.68 -92.29
C LYS HA 76 18.01 42.79 -91.61
N VAL HA 77 17.52 41.69 -91.00
CA VAL HA 77 16.28 41.66 -90.23
C VAL HA 77 16.64 41.68 -88.75
N THR HA 78 15.99 42.57 -87.97
CA THR HA 78 16.48 42.94 -86.64
C THR HA 78 15.56 42.55 -85.48
N SER HA 79 14.40 41.94 -85.79
CA SER HA 79 13.35 41.64 -84.79
C SER HA 79 13.75 40.56 -83.78
N GLY HA 80 14.66 39.66 -84.18
CA GLY HA 80 15.01 38.49 -83.38
C GLY HA 80 15.94 37.54 -84.13
N ASP HA 81 15.91 36.24 -83.76
CA ASP HA 81 16.97 35.31 -84.14
C ASP HA 81 16.45 33.89 -84.40
N THR HA 82 15.13 33.70 -84.54
CA THR HA 82 14.65 32.41 -85.02
C THR HA 82 14.86 32.30 -86.53
N LEU HA 83 14.99 31.08 -87.05
CA LEU HA 83 15.29 30.88 -88.47
C LEU HA 83 14.15 31.41 -89.34
N ALA HA 84 12.90 31.09 -88.98
CA ALA HA 84 11.71 31.57 -89.69
C ALA HA 84 11.68 33.10 -89.80
N GLU HA 85 12.06 33.78 -88.72
CA GLU HA 85 12.00 35.22 -88.58
C GLU HA 85 13.05 35.92 -89.46
N VAL HA 86 14.33 35.55 -89.36
CA VAL HA 86 15.38 36.23 -90.12
C VAL HA 86 15.33 35.89 -91.62
N ALA HA 87 14.79 34.71 -91.97
CA ALA HA 87 14.64 34.29 -93.36
C ALA HA 87 13.36 34.81 -94.02
N GLY HA 88 12.46 35.46 -93.26
CA GLY HA 88 11.23 36.03 -93.80
C GLY HA 88 10.20 34.97 -94.21
N VAL HA 89 10.10 33.89 -93.43
CA VAL HA 89 9.19 32.78 -93.68
C VAL HA 89 7.77 33.17 -93.24
N SER HA 90 6.84 33.29 -94.20
CA SER HA 90 5.42 33.41 -93.93
C SER HA 90 4.82 32.05 -93.52
N SER HA 91 3.70 32.06 -92.77
CA SER HA 91 3.06 30.87 -92.25
C SER HA 91 2.52 29.93 -93.34
N THR HA 92 2.24 30.47 -94.53
CA THR HA 92 1.78 29.72 -95.70
C THR HA 92 2.93 29.15 -96.54
N SER HA 93 4.18 29.60 -96.30
CA SER HA 93 5.34 29.22 -97.10
C SER HA 93 5.67 27.73 -96.96
N SER HA 94 6.15 27.12 -98.06
CA SER HA 94 6.59 25.73 -98.06
C SER HA 94 7.68 25.49 -97.02
N ASN HA 95 8.54 26.51 -96.84
CA ASN HA 95 9.71 26.47 -95.99
C ASN HA 95 9.38 26.73 -94.52
N ALA HA 96 8.09 26.67 -94.14
CA ALA HA 96 7.67 26.79 -92.75
C ALA HA 96 8.09 25.58 -91.89
N THR HA 97 8.36 24.44 -92.54
CA THR HA 97 8.81 23.22 -91.85
C THR HA 97 10.23 22.86 -92.28
N PHE HA 98 11.07 22.51 -91.32
CA PHE HA 98 12.45 22.10 -91.55
C PHE HA 98 12.51 20.60 -91.76
N THR HA 99 12.72 20.19 -93.03
CA THR HA 99 12.75 18.82 -93.53
C THR HA 99 13.51 18.81 -94.85
N GLY HA 100 13.84 17.62 -95.38
CA GLY HA 100 14.39 17.51 -96.72
C GLY HA 100 13.49 18.24 -97.75
N GLY HA 101 14.12 19.02 -98.64
CA GLY HA 101 13.39 19.78 -99.65
C GLY HA 101 13.07 21.23 -99.25
N SER HA 102 13.41 21.65 -98.03
CA SER HA 102 13.23 23.03 -97.58
C SER HA 102 14.51 23.84 -97.81
N ASP HA 103 14.37 25.02 -98.46
CA ASP HA 103 15.46 25.95 -98.73
C ASP HA 103 15.19 27.32 -98.13
N TYR HA 104 16.24 27.99 -97.63
CA TYR HA 104 16.13 29.30 -96.98
C TYR HA 104 17.20 30.25 -97.53
N THR HA 105 16.84 31.54 -97.63
CA THR HA 105 17.77 32.61 -97.96
C THR HA 105 17.77 33.65 -96.84
N VAL HA 106 18.93 33.92 -96.22
CA VAL HA 106 19.04 34.90 -95.14
C VAL HA 106 19.85 36.10 -95.65
N PRO HA 107 19.29 37.32 -95.62
CA PRO HA 107 20.02 38.53 -96.03
C PRO HA 107 20.89 39.10 -94.91
N ILE HA 108 22.13 39.46 -95.26
CA ILE HA 108 23.15 39.89 -94.31
C ILE HA 108 23.90 41.13 -94.79
N SER HA 109 24.58 41.80 -93.85
CA SER HA 109 25.36 43.02 -94.07
C SER HA 109 26.72 42.93 -93.38
N LEU HA 110 27.76 43.44 -94.06
CA LEU HA 110 29.14 43.45 -93.59
C LEU HA 110 29.63 44.89 -93.38
N SER HA 111 30.46 45.11 -92.34
CA SER HA 111 31.14 46.38 -92.10
C SER HA 111 32.29 46.61 -93.11
N SER HA 112 32.96 47.77 -93.01
CA SER HA 112 34.14 48.11 -93.81
C SER HA 112 35.34 47.17 -93.57
N SER HA 113 35.42 46.56 -92.37
CA SER HA 113 36.51 45.69 -91.96
C SER HA 113 36.17 44.20 -92.15
N GLN HA 114 34.89 43.84 -92.17
CA GLN HA 114 34.43 42.46 -92.34
C GLN HA 114 34.56 42.00 -93.79
N THR HA 115 34.77 40.67 -93.97
CA THR HA 115 34.94 40.04 -95.28
C THR HA 115 34.26 38.67 -95.30
N VAL HA 116 33.92 38.17 -96.49
CA VAL HA 116 33.16 36.94 -96.67
C VAL HA 116 33.86 35.73 -96.03
N ALA HA 117 35.20 35.67 -96.16
CA ALA HA 117 36.01 34.60 -95.59
C ALA HA 117 35.95 34.52 -94.05
N GLY HA 118 35.49 35.60 -93.40
CA GLY HA 118 35.40 35.66 -91.94
C GLY HA 118 34.04 35.24 -91.37
N VAL HA 119 33.01 35.10 -92.21
CA VAL HA 119 31.64 34.84 -91.78
C VAL HA 119 31.42 33.36 -91.44
N SER HA 120 30.70 33.09 -90.33
CA SER HA 120 30.22 31.75 -90.01
C SER HA 120 28.96 31.81 -89.13
N PHE HA 121 28.20 30.69 -89.10
CA PHE HA 121 26.92 30.64 -88.40
C PHE HA 121 26.62 29.25 -87.87
N GLU HA 122 25.64 29.16 -86.95
CA GLU HA 122 25.21 27.91 -86.34
C GLU HA 122 23.69 27.86 -86.20
N LEU HA 123 23.12 26.65 -86.27
CA LEU HA 123 21.71 26.40 -86.01
C LEU HA 123 21.57 25.61 -84.70
N ILE HA 124 20.67 26.07 -83.83
CA ILE HA 124 20.48 25.50 -82.50
C ILE HA 124 19.00 25.10 -82.34
N TYR HA 125 18.77 23.90 -81.81
CA TYR HA 125 17.44 23.40 -81.53
C TYR HA 125 17.44 22.71 -80.15
N LYS HA 126 16.48 23.10 -79.28
CA LYS HA 126 16.36 22.61 -77.90
C LYS HA 126 17.69 22.61 -77.13
N GLY HA 127 18.53 23.64 -77.37
CA GLY HA 127 19.78 23.81 -76.65
C GLY HA 127 20.96 22.97 -77.15
N ASN HA 128 20.79 22.23 -78.26
CA ASN HA 128 21.85 21.48 -78.92
C ASN HA 128 22.21 22.16 -80.25
N VAL HA 129 23.51 22.22 -80.60
CA VAL HA 129 23.92 22.70 -81.92
C VAL HA 129 23.68 21.59 -82.94
N ILE HA 130 22.85 21.85 -83.98
CA ILE HA 130 22.53 20.87 -85.00
C ILE HA 130 23.28 21.08 -86.32
N TYR HA 131 23.85 22.27 -86.54
CA TYR HA 131 24.70 22.58 -87.68
C TYR HA 131 25.66 23.71 -87.33
N ASN HA 132 26.87 23.69 -87.91
CA ASN HA 132 27.88 24.71 -87.72
C ASN HA 132 28.68 24.85 -89.01
N SER HA 133 28.60 26.02 -89.66
CA SER HA 133 29.19 26.23 -90.98
C SER HA 133 30.72 26.12 -90.97
N ALA HA 134 31.35 26.33 -89.81
CA ALA HA 134 32.80 26.32 -89.64
C ALA HA 134 33.36 24.96 -89.21
N ALA HA 135 32.53 23.90 -89.18
CA ALA HA 135 32.95 22.54 -88.82
C ALA HA 135 34.00 22.02 -89.81
N VAL IA 1 9.37 4.42 -22.45
CA VAL IA 1 10.88 4.65 -22.51
C VAL IA 1 11.56 3.80 -23.59
N SER IA 2 11.56 2.46 -23.47
CA SER IA 2 12.44 1.58 -24.26
C SER IA 2 12.31 1.67 -25.80
N PRO IA 3 11.14 1.88 -26.45
CA PRO IA 3 11.09 2.03 -27.91
C PRO IA 3 11.89 3.19 -28.49
N ILE IA 4 12.04 4.29 -27.74
CA ILE IA 4 12.84 5.42 -28.19
C ILE IA 4 14.33 5.11 -28.07
N ILE IA 5 14.76 4.47 -26.98
CA ILE IA 5 16.15 4.08 -26.79
C ILE IA 5 16.60 3.06 -27.84
N ALA IA 6 15.77 2.06 -28.13
CA ALA IA 6 16.02 1.12 -29.21
C ALA IA 6 16.19 1.82 -30.57
N THR IA 7 15.43 2.90 -30.82
CA THR IA 7 15.52 3.66 -32.06
C THR IA 7 16.87 4.39 -32.16
N ILE IA 8 17.35 4.97 -31.05
CA ILE IA 8 18.64 5.66 -31.00
C ILE IA 8 19.80 4.70 -31.29
N LEU IA 9 19.74 3.48 -30.74
CA LEU IA 9 20.74 2.45 -31.03
C LEU IA 9 20.77 2.06 -32.52
N LEU IA 10 19.60 1.91 -33.16
CA LEU IA 10 19.51 1.57 -34.58
C LEU IA 10 20.04 2.67 -35.49
N ILE IA 11 19.93 3.95 -35.11
CA ILE IA 11 20.52 5.03 -35.88
C ILE IA 11 22.05 4.96 -35.80
N ALA IA 12 22.61 4.74 -34.61
CA ALA IA 12 24.04 4.56 -34.43
C ALA IA 12 24.60 3.42 -35.29
N ILE IA 13 23.93 2.26 -35.34
CA ILE IA 13 24.32 1.13 -36.18
C ILE IA 13 24.27 1.49 -37.67
N THR IA 14 23.23 2.23 -38.09
CA THR IA 14 23.01 2.59 -39.49
C THR IA 14 24.18 3.40 -40.05
N VAL IA 15 24.70 4.35 -39.28
CA VAL IA 15 25.81 5.21 -39.71
C VAL IA 15 27.08 4.37 -39.97
N VAL IA 16 27.37 3.36 -39.15
CA VAL IA 16 28.55 2.53 -39.33
C VAL IA 16 28.45 1.65 -40.58
N LEU IA 17 27.23 1.17 -40.90
CA LEU IA 17 27.01 0.41 -42.13
C LEU IA 17 27.22 1.30 -43.36
N ALA IA 18 26.69 2.53 -43.36
CA ALA IA 18 26.86 3.46 -44.45
C ALA IA 18 28.35 3.81 -44.65
N ALA IA 19 29.08 4.07 -43.56
CA ALA IA 19 30.51 4.31 -43.61
C ALA IA 19 31.28 3.10 -44.16
N THR IA 20 30.85 1.88 -43.83
CA THR IA 20 31.44 0.66 -44.37
C THR IA 20 31.23 0.57 -45.88
N LEU IA 21 29.98 0.76 -46.35
CA LEU IA 21 29.64 0.73 -47.76
C LEU IA 21 30.49 1.69 -48.58
N VAL IA 22 30.71 2.93 -48.12
CA VAL IA 22 31.53 3.91 -48.79
C VAL IA 22 32.95 3.38 -49.06
N THR IA 23 33.54 2.61 -48.14
CA THR IA 23 34.87 2.06 -48.38
C THR IA 23 34.87 0.89 -49.37
N ILE IA 24 33.75 0.16 -49.49
CA ILE IA 24 33.61 -0.88 -50.51
C ILE IA 24 33.59 -0.25 -51.91
N LEU IA 25 32.83 0.85 -52.09
CA LEU IA 25 32.68 1.47 -53.40
C LEU IA 25 34.00 2.02 -53.94
N GLY IA 26 34.89 2.48 -53.04
CA GLY IA 26 36.20 3.03 -53.42
C GLY IA 26 37.08 2.07 -54.22
N GLY IA 27 36.82 0.76 -54.17
CA GLY IA 27 37.55 -0.23 -54.97
C GLY IA 27 37.12 -0.29 -56.44
N PHE IA 28 36.00 0.36 -56.79
CA PHE IA 28 35.47 0.36 -58.15
C PHE IA 28 35.79 1.68 -58.86
N THR IA 29 35.72 2.81 -58.12
CA THR IA 29 35.72 4.15 -58.70
C THR IA 29 37.14 4.70 -58.90
N HIS IA 30 38.07 3.89 -59.42
CA HIS IA 30 39.42 4.34 -59.76
C HIS IA 30 40.04 3.50 -60.88
N GLY IA 31 41.05 4.07 -61.56
CA GLY IA 31 41.87 3.35 -62.53
C GLY IA 31 41.19 3.08 -63.88
N VAL IA 32 40.14 3.84 -64.21
CA VAL IA 32 39.51 3.79 -65.53
C VAL IA 32 39.84 5.07 -66.30
N SER IA 33 40.41 4.90 -67.50
CA SER IA 33 40.87 5.99 -68.35
C SER IA 33 40.98 5.56 -69.81
N ASN IA 34 41.02 6.55 -70.72
CA ASN IA 34 41.10 6.32 -72.15
C ASN IA 34 42.56 6.08 -72.57
N THR IA 35 42.94 4.81 -72.77
CA THR IA 35 44.32 4.43 -73.05
C THR IA 35 44.57 4.03 -74.52
N VAL IA 36 43.54 4.14 -75.37
CA VAL IA 36 43.63 3.70 -76.77
C VAL IA 36 44.48 4.68 -77.59
N GLU IA 37 45.39 4.12 -78.40
CA GLU IA 37 46.27 4.85 -79.31
C GLU IA 37 46.39 4.03 -80.61
N THR IA 38 46.68 4.68 -81.75
CA THR IA 38 46.68 3.99 -83.04
C THR IA 38 47.58 4.77 -83.99
N ALA IA 39 48.56 4.10 -84.62
CA ALA IA 39 49.52 4.80 -85.45
C ALA IA 39 49.79 4.04 -86.75
N GLY IA 40 50.01 4.79 -87.84
CA GLY IA 40 50.58 4.26 -89.05
C GLY IA 40 52.10 4.23 -88.92
N VAL IA 41 52.66 3.01 -88.83
CA VAL IA 41 54.09 2.82 -88.62
C VAL IA 41 54.60 1.85 -89.67
N THR IA 42 55.79 2.15 -90.23
CA THR IA 42 56.49 1.24 -91.13
C THR IA 42 57.92 1.04 -90.64
N SER IA 43 58.53 -0.10 -90.96
CA SER IA 43 59.83 -0.44 -90.40
C SER IA 43 60.65 -1.34 -91.32
N HIS IA 44 61.98 -1.21 -91.22
CA HIS IA 44 62.94 -2.00 -91.97
C HIS IA 44 64.08 -2.44 -91.04
N ILE IA 45 64.51 -3.70 -91.14
CA ILE IA 45 65.48 -4.29 -90.22
C ILE IA 45 66.71 -4.74 -91.00
N THR IA 46 67.90 -4.48 -90.43
CA THR IA 46 69.20 -4.82 -91.00
C THR IA 46 70.09 -5.40 -89.90
N SER IA 47 71.26 -5.94 -90.28
CA SER IA 47 72.23 -6.52 -89.35
C SER IA 47 72.78 -5.54 -88.30
N LYS IA 48 72.51 -4.23 -88.44
CA LYS IA 48 73.06 -3.19 -87.56
C LYS IA 48 72.01 -2.21 -87.02
N TYR IA 49 70.92 -1.98 -87.78
CA TYR IA 49 69.93 -0.96 -87.44
C TYR IA 49 68.50 -1.44 -87.69
N ILE IA 50 67.59 -0.94 -86.85
CA ILE IA 50 66.16 -0.93 -87.13
C ILE IA 50 65.76 0.50 -87.46
N PHE IA 51 65.06 0.69 -88.57
CA PHE IA 51 64.51 2.00 -88.96
C PHE IA 51 63.00 1.98 -88.71
N ILE IA 52 62.47 3.07 -88.12
CA ILE IA 52 61.05 3.18 -87.80
C ILE IA 52 60.55 4.54 -88.28
N ASN IA 53 59.54 4.52 -89.16
CA ASN IA 53 59.07 5.75 -89.74
C ASN IA 53 57.57 5.85 -89.50
N VAL IA 54 57.12 6.97 -88.94
CA VAL IA 54 55.72 7.15 -88.55
C VAL IA 54 55.01 8.07 -89.56
N SER IA 55 53.82 7.65 -90.02
CA SER IA 55 53.07 8.39 -91.05
C SER IA 55 51.89 9.18 -90.48
N SER IA 56 51.29 8.69 -89.39
CA SER IA 56 50.19 9.33 -88.67
C SER IA 56 50.00 8.70 -87.29
N SER IA 57 49.33 9.40 -86.37
CA SER IA 57 48.97 8.85 -85.07
C SER IA 57 47.66 9.45 -84.58
N SER IA 58 46.97 8.74 -83.66
CA SER IA 58 45.70 9.16 -83.10
C SER IA 58 45.88 10.41 -82.21
N SER IA 59 47.03 10.49 -81.53
CA SER IA 59 47.39 11.64 -80.70
C SER IA 59 48.91 11.88 -80.76
N ALA IA 60 49.35 13.09 -80.36
CA ALA IA 60 50.76 13.41 -80.25
C ALA IA 60 51.27 13.06 -78.85
N ILE IA 61 52.29 12.19 -78.77
CA ILE IA 61 52.79 11.65 -77.50
C ILE IA 61 54.31 11.72 -77.42
N SER IA 62 54.86 11.80 -76.20
CA SER IA 62 56.30 11.90 -76.01
C SER IA 62 56.98 10.57 -76.35
N ALA IA 63 58.14 10.63 -77.03
CA ALA IA 63 58.92 9.44 -77.33
C ALA IA 63 59.48 8.75 -76.08
N SER IA 64 59.50 9.43 -74.92
CA SER IA 64 59.89 8.83 -73.65
C SER IA 64 58.77 7.99 -73.01
N SER IA 65 57.51 8.19 -73.43
CA SER IA 65 56.34 7.47 -72.91
C SER IA 65 56.13 6.11 -73.58
N ILE IA 66 56.89 5.81 -74.64
CA ILE IA 66 56.77 4.58 -75.41
C ILE IA 66 57.90 3.64 -75.02
N THR IA 67 57.55 2.37 -74.76
CA THR IA 67 58.51 1.33 -74.40
C THR IA 67 58.69 0.41 -75.59
N ILE IA 68 59.94 0.02 -75.89
CA ILE IA 68 60.24 -0.90 -76.98
C ILE IA 68 60.84 -2.21 -76.43
N THR IA 69 60.39 -3.36 -76.97
CA THR IA 69 60.93 -4.67 -76.61
C THR IA 69 61.35 -5.42 -77.87
N ILE IA 70 62.38 -6.29 -77.75
CA ILE IA 70 63.02 -6.91 -78.90
C ILE IA 70 63.32 -8.39 -78.62
N THR IA 71 63.33 -9.21 -79.68
CA THR IA 71 63.71 -10.61 -79.60
C THR IA 71 64.58 -10.97 -80.82
N GLY IA 72 65.50 -11.94 -80.63
CA GLY IA 72 66.40 -12.37 -81.69
C GLY IA 72 67.62 -11.48 -81.89
N ALA IA 73 67.78 -10.44 -81.04
CA ALA IA 73 68.82 -9.43 -81.12
C ALA IA 73 69.03 -8.76 -79.75
N SER IA 74 69.82 -7.68 -79.72
CA SER IA 74 70.07 -6.89 -78.52
C SER IA 74 70.34 -5.42 -78.89
N PHE IA 75 70.00 -4.48 -78.00
CA PHE IA 75 70.27 -3.07 -78.24
C PHE IA 75 71.74 -2.72 -77.94
N LYS IA 76 72.31 -1.79 -78.74
CA LYS IA 76 73.64 -1.26 -78.46
C LYS IA 76 73.66 -0.26 -77.29
N VAL IA 77 72.49 0.31 -76.96
CA VAL IA 77 72.32 1.21 -75.82
C VAL IA 77 71.68 0.43 -74.67
N THR IA 78 72.28 0.54 -73.45
CA THR IA 78 72.00 -0.42 -72.38
C THR IA 78 71.30 0.19 -71.15
N SER IA 79 71.03 1.51 -71.15
CA SER IA 79 70.51 2.24 -69.99
C SER IA 79 69.07 1.87 -69.63
N GLY IA 80 68.28 1.41 -70.62
CA GLY IA 80 66.85 1.16 -70.45
C GLY IA 80 66.17 0.81 -71.77
N ASP IA 81 64.86 1.09 -71.86
CA ASP IA 81 64.02 0.51 -72.90
C ASP IA 81 62.91 1.45 -73.38
N THR IA 82 62.98 2.75 -73.06
CA THR IA 82 62.08 3.70 -73.71
C THR IA 82 62.57 3.99 -75.13
N LEU IA 83 61.65 4.36 -76.03
CA LEU IA 83 62.01 4.59 -77.42
C LEU IA 83 62.99 5.74 -77.57
N ALA IA 84 62.75 6.86 -76.87
CA ALA IA 84 63.63 8.03 -76.87
C ALA IA 84 65.07 7.66 -76.46
N GLU IA 85 65.18 6.80 -75.46
CA GLU IA 85 66.43 6.40 -74.84
C GLU IA 85 67.28 5.53 -75.76
N VAL IA 86 66.72 4.43 -76.30
CA VAL IA 86 67.49 3.52 -77.14
C VAL IA 86 67.80 4.12 -78.52
N ALA IA 87 66.97 5.04 -79.00
CA ALA IA 87 67.15 5.72 -80.29
C ALA IA 87 68.08 6.94 -80.19
N GLY IA 88 68.48 7.35 -78.97
CA GLY IA 88 69.39 8.48 -78.77
C GLY IA 88 68.75 9.84 -79.07
N VAL IA 89 67.47 9.99 -78.72
CA VAL IA 89 66.69 11.20 -78.94
C VAL IA 89 67.05 12.26 -77.88
N SER IA 90 67.69 13.36 -78.31
CA SER IA 90 67.89 14.53 -77.48
C SER IA 90 66.58 15.33 -77.35
N SER IA 91 66.44 16.12 -76.26
CA SER IA 91 65.22 16.88 -75.95
C SER IA 91 64.90 17.96 -76.99
N THR IA 92 65.91 18.43 -77.74
CA THR IA 92 65.79 19.41 -78.81
C THR IA 92 65.45 18.79 -80.16
N SER IA 93 65.58 17.45 -80.29
CA SER IA 93 65.40 16.74 -81.56
C SER IA 93 63.95 16.81 -82.05
N SER IA 94 63.78 16.88 -83.38
CA SER IA 94 62.45 16.87 -84.02
C SER IA 94 61.67 15.62 -83.62
N ASN IA 95 62.40 14.50 -83.46
CA ASN IA 95 61.84 13.19 -83.20
C ASN IA 95 61.54 12.97 -81.71
N ALA IA 96 61.50 14.04 -80.91
CA ALA IA 96 61.11 13.96 -79.51
C ALA IA 96 59.62 13.67 -79.32
N THR IA 97 58.81 13.92 -80.36
CA THR IA 97 57.37 13.65 -80.34
C THR IA 97 57.02 12.59 -81.39
N PHE IA 98 56.19 11.61 -80.99
CA PHE IA 98 55.73 10.55 -81.85
C PHE IA 98 54.44 10.98 -82.56
N THR IA 99 54.57 11.29 -83.86
CA THR IA 99 53.53 11.80 -84.75
C THR IA 99 53.95 11.51 -86.19
N GLY IA 100 53.04 11.70 -87.17
CA GLY IA 100 53.41 11.64 -88.57
C GLY IA 100 54.61 12.56 -88.87
N GLY IA 101 55.59 12.05 -89.62
CA GLY IA 101 56.79 12.80 -89.97
C GLY IA 101 57.98 12.58 -89.03
N SER IA 102 57.81 11.78 -87.96
CA SER IA 102 58.91 11.41 -87.06
C SER IA 102 59.55 10.09 -87.48
N ASP IA 103 60.90 10.10 -87.60
CA ASP IA 103 61.69 8.93 -87.96
C ASP IA 103 62.72 8.61 -86.88
N TYR IA 104 62.98 7.31 -86.64
CA TYR IA 104 63.91 6.85 -85.62
C TYR IA 104 64.84 5.78 -86.19
N THR IA 105 66.11 5.77 -85.71
CA THR IA 105 67.07 4.73 -86.01
C THR IA 105 67.56 4.11 -84.70
N VAL IA 106 67.39 2.79 -84.53
CA VAL IA 106 67.82 2.09 -83.33
C VAL IA 106 68.99 1.17 -83.68
N PRO IA 107 70.18 1.32 -83.04
CA PRO IA 107 71.32 0.45 -83.28
C PRO IA 107 71.27 -0.84 -82.48
N ILE IA 108 71.55 -1.97 -83.14
CA ILE IA 108 71.41 -3.31 -82.57
C ILE IA 108 72.64 -4.19 -82.87
N SER IA 109 72.75 -5.28 -82.11
CA SER IA 109 73.84 -6.26 -82.20
C SER IA 109 73.28 -7.68 -82.16
N LEU IA 110 73.87 -8.57 -82.99
CA LEU IA 110 73.50 -9.98 -83.10
C LEU IA 110 74.65 -10.89 -82.64
N SER IA 111 74.31 -12.01 -82.00
CA SER IA 111 75.26 -13.07 -81.65
C SER IA 111 75.71 -13.86 -82.89
N SER IA 112 76.63 -14.84 -82.68
CA SER IA 112 77.09 -15.76 -83.71
C SER IA 112 75.99 -16.66 -84.28
N SER IA 113 74.94 -16.92 -83.48
CA SER IA 113 73.83 -17.80 -83.82
C SER IA 113 72.60 -17.02 -84.35
N GLN IA 114 72.46 -15.75 -83.98
CA GLN IA 114 71.35 -14.90 -84.41
C GLN IA 114 71.51 -14.45 -85.86
N THR IA 115 70.36 -14.21 -86.53
CA THR IA 115 70.30 -13.79 -87.93
C THR IA 115 69.16 -12.79 -88.13
N VAL IA 116 69.24 -11.97 -89.19
CA VAL IA 116 68.30 -10.88 -89.45
C VAL IA 116 66.85 -11.39 -89.57
N ALA IA 117 66.66 -12.55 -90.22
CA ALA IA 117 65.36 -13.17 -90.39
C ALA IA 117 64.68 -13.56 -89.07
N GLY IA 118 65.44 -13.64 -87.96
CA GLY IA 118 64.91 -14.01 -86.65
C GLY IA 118 64.49 -12.82 -85.78
N VAL IA 119 64.85 -11.59 -86.16
CA VAL IA 119 64.64 -10.40 -85.33
C VAL IA 119 63.20 -9.90 -85.44
N SER IA 120 62.60 -9.50 -84.29
CA SER IA 120 61.33 -8.79 -84.26
C SER IA 120 61.21 -7.92 -83.00
N PHE IA 121 60.29 -6.93 -83.05
CA PHE IA 121 60.15 -5.96 -81.96
C PHE IA 121 58.70 -5.46 -81.85
N GLU IA 122 58.39 -4.82 -80.70
CA GLU IA 122 57.07 -4.26 -80.41
C GLU IA 122 57.19 -2.91 -79.73
N LEU IA 123 56.20 -2.03 -79.95
CA LEU IA 123 56.08 -0.76 -79.26
C LEU IA 123 54.85 -0.81 -78.34
N ILE IA 124 55.04 -0.38 -77.08
CA ILE IA 124 54.00 -0.45 -76.06
C ILE IA 124 53.79 0.94 -75.48
N TYR IA 125 52.51 1.34 -75.32
CA TYR IA 125 52.13 2.60 -74.73
C TYR IA 125 50.97 2.37 -73.76
N LYS IA 126 51.09 2.87 -72.52
CA LYS IA 126 50.12 2.69 -71.44
C LYS IA 126 49.62 1.25 -71.29
N GLY IA 127 50.52 0.27 -71.49
CA GLY IA 127 50.21 -1.14 -71.29
C GLY IA 127 49.49 -1.82 -72.46
N ASN IA 128 49.28 -1.12 -73.58
CA ASN IA 128 48.73 -1.67 -74.81
C ASN IA 128 49.83 -1.78 -75.88
N VAL IA 129 49.85 -2.88 -76.65
CA VAL IA 129 50.76 -2.98 -77.80
C VAL IA 129 50.21 -2.15 -78.96
N ILE IA 130 50.98 -1.16 -79.44
CA ILE IA 130 50.55 -0.27 -80.52
C ILE IA 130 51.18 -0.62 -81.88
N TYR IA 131 52.27 -1.39 -81.89
CA TYR IA 131 52.89 -1.90 -83.10
C TYR IA 131 53.62 -3.21 -82.80
N ASN IA 132 53.67 -4.12 -83.79
CA ASN IA 132 54.38 -5.39 -83.68
C ASN IA 132 54.91 -5.77 -85.06
N SER IA 133 56.25 -5.82 -85.21
CA SER IA 133 56.88 -6.01 -86.51
C SER IA 133 56.57 -7.38 -87.13
N ALA IA 134 56.18 -8.36 -86.30
CA ALA IA 134 55.91 -9.74 -86.72
C ALA IA 134 54.42 -10.00 -87.01
N ALA IA 135 53.58 -8.95 -87.01
CA ALA IA 135 52.15 -9.07 -87.31
C ALA IA 135 51.94 -9.57 -88.75
N VAL JA 1 12.19 -2.78 -26.87
CA VAL JA 1 12.21 -4.19 -27.45
C VAL JA 1 11.78 -4.22 -28.92
N SER JA 2 10.53 -3.88 -29.26
CA SER JA 2 9.94 -4.19 -30.57
C SER JA 2 10.66 -3.63 -31.81
N PRO JA 3 11.29 -2.42 -31.84
CA PRO JA 3 12.02 -1.96 -33.03
C PRO JA 3 13.19 -2.84 -33.46
N ILE JA 4 13.85 -3.52 -32.53
CA ILE JA 4 14.95 -4.43 -32.85
C ILE JA 4 14.41 -5.74 -33.44
N ILE JA 5 13.32 -6.28 -32.87
CA ILE JA 5 12.69 -7.49 -33.37
C ILE JA 5 12.15 -7.29 -34.78
N ALA JA 6 11.47 -6.17 -35.04
CA ALA JA 6 11.03 -5.79 -36.38
C ALA JA 6 12.20 -5.74 -37.38
N THR JA 7 13.37 -5.27 -36.95
CA THR JA 7 14.56 -5.20 -37.79
C THR JA 7 15.06 -6.60 -38.17
N ILE JA 8 15.07 -7.53 -37.21
CA ILE JA 8 15.50 -8.91 -37.45
C ILE JA 8 14.58 -9.61 -38.46
N LEU JA 9 13.26 -9.39 -38.38
CA LEU JA 9 12.31 -9.92 -39.35
C LEU JA 9 12.56 -9.39 -40.76
N LEU JA 10 12.85 -8.08 -40.90
CA LEU JA 10 13.12 -7.48 -42.20
C LEU JA 10 14.42 -7.99 -42.85
N ILE JA 11 15.43 -8.36 -42.05
CA ILE JA 11 16.64 -8.98 -42.58
C ILE JA 11 16.32 -10.37 -43.13
N ALA JA 12 15.56 -11.17 -42.40
CA ALA JA 12 15.14 -12.49 -42.86
C ALA JA 12 14.37 -12.42 -44.20
N ILE JA 13 13.44 -11.46 -44.35
CA ILE JA 13 12.70 -11.24 -45.59
C ILE JA 13 13.65 -10.85 -46.74
N THR JA 14 14.63 -9.99 -46.46
CA THR JA 14 15.55 -9.47 -47.47
C THR JA 14 16.36 -10.58 -48.14
N VAL JA 15 16.83 -11.56 -47.36
CA VAL JA 15 17.60 -12.67 -47.89
C VAL JA 15 16.79 -13.51 -48.87
N VAL JA 16 15.50 -13.75 -48.61
CA VAL JA 16 14.66 -14.54 -49.50
C VAL JA 16 14.38 -13.81 -50.82
N LEU JA 17 14.25 -12.47 -50.78
CA LEU JA 17 14.11 -11.69 -52.00
C LEU JA 17 15.38 -11.76 -52.86
N ALA JA 18 16.55 -11.61 -52.25
CA ALA JA 18 17.82 -11.71 -52.95
C ALA JA 18 18.01 -13.09 -53.59
N ALA JA 19 17.69 -14.16 -52.84
CA ALA JA 19 17.73 -15.52 -53.35
C ALA JA 19 16.75 -15.72 -54.52
N THR JA 20 15.57 -15.08 -54.47
CA THR JA 20 14.61 -15.13 -55.56
C THR JA 20 15.17 -14.45 -56.81
N LEU JA 21 15.72 -13.23 -56.67
CA LEU JA 21 16.30 -12.47 -57.77
C LEU JA 21 17.39 -13.27 -58.49
N VAL JA 22 18.28 -13.95 -57.76
CA VAL JA 22 19.33 -14.79 -58.35
C VAL JA 22 18.76 -15.84 -59.30
N THR JA 23 17.61 -16.45 -58.99
CA THR JA 23 17.01 -17.43 -59.89
C THR JA 23 16.35 -16.80 -61.12
N ILE JA 24 15.91 -15.54 -61.03
CA ILE JA 24 15.41 -14.81 -62.20
C ILE JA 24 16.55 -14.55 -63.19
N LEU JA 25 17.72 -14.12 -62.69
CA LEU JA 25 18.84 -13.76 -63.56
C LEU JA 25 19.36 -14.95 -64.36
N GLY JA 26 19.28 -16.17 -63.79
CA GLY JA 26 19.74 -17.38 -64.43
C GLY JA 26 19.07 -17.69 -65.79
N GLY JA 27 17.91 -17.08 -66.07
CA GLY JA 27 17.24 -17.23 -67.35
C GLY JA 27 17.82 -16.37 -68.48
N PHE JA 28 18.72 -15.43 -68.14
CA PHE JA 28 19.36 -14.54 -69.10
C PHE JA 28 20.79 -15.00 -69.41
N THR JA 29 21.52 -15.47 -68.39
CA THR JA 29 22.95 -15.68 -68.44
C THR JA 29 23.33 -17.07 -68.99
N HIS JA 30 22.66 -17.52 -70.06
CA HIS JA 30 23.01 -18.78 -70.72
C HIS JA 30 22.62 -18.77 -72.21
N GLY JA 31 23.27 -19.64 -73.00
CA GLY JA 31 22.90 -19.89 -74.39
C GLY JA 31 23.29 -18.79 -75.37
N VAL JA 32 24.27 -17.94 -74.99
CA VAL JA 32 24.86 -16.94 -75.90
C VAL JA 32 26.28 -17.38 -76.28
N SER JA 33 26.54 -17.48 -77.60
CA SER JA 33 27.81 -17.95 -78.15
C SER JA 33 27.99 -17.48 -79.58
N ASN JA 34 29.24 -17.50 -80.05
CA ASN JA 34 29.60 -17.08 -81.39
C ASN JA 34 29.37 -18.21 -82.40
N THR JA 35 28.25 -18.15 -83.15
CA THR JA 35 27.83 -19.22 -84.05
C THR JA 35 28.03 -18.88 -85.54
N VAL JA 36 28.62 -17.72 -85.84
CA VAL JA 36 28.78 -17.25 -87.22
C VAL JA 36 29.87 -18.06 -87.94
N GLU JA 37 29.58 -18.48 -89.17
CA GLU JA 37 30.48 -19.21 -90.06
C GLU JA 37 30.25 -18.70 -91.49
N THR JA 38 31.26 -18.79 -92.38
CA THR JA 38 31.15 -18.23 -93.72
C THR JA 38 32.12 -18.97 -94.63
N ALA JA 39 31.62 -19.49 -95.76
CA ALA JA 39 32.46 -20.31 -96.62
C ALA JA 39 32.25 -19.95 -98.10
N GLY JA 40 33.35 -20.03 -98.87
CA GLY JA 40 33.28 -20.03 -100.32
C GLY JA 40 32.99 -21.45 -100.80
N VAL JA 41 31.78 -21.65 -101.34
CA VAL JA 41 31.32 -22.97 -101.77
C VAL JA 41 30.80 -22.86 -103.21
N THR JA 42 31.13 -23.84 -104.04
CA THR JA 42 30.58 -23.96 -105.39
C THR JA 42 30.01 -25.36 -105.58
N SER JA 43 29.01 -25.49 -106.47
CA SER JA 43 28.30 -26.76 -106.60
C SER JA 43 27.76 -26.98 -108.01
N HIS JA 44 27.64 -28.26 -108.40
CA HIS JA 44 27.09 -28.70 -109.67
C HIS JA 44 26.16 -29.89 -109.44
N ILE JA 45 25.01 -29.89 -110.11
CA ILE JA 45 23.97 -30.90 -109.89
C ILE JA 45 23.71 -31.67 -111.19
N THR JA 46 23.55 -32.99 -111.07
CA THR JA 46 23.29 -33.91 -112.18
C THR JA 46 22.20 -34.90 -111.76
N SER JA 47 21.70 -35.70 -112.72
CA SER JA 47 20.67 -36.71 -112.49
C SER JA 47 21.06 -37.80 -111.48
N LYS JA 48 22.34 -37.88 -111.06
CA LYS JA 48 22.84 -38.93 -110.18
C LYS JA 48 23.64 -38.41 -108.99
N TYR JA 49 24.30 -37.25 -109.14
CA TYR JA 49 25.23 -36.72 -108.14
C TYR JA 49 25.10 -35.21 -107.95
N ILE JA 50 25.34 -34.78 -106.71
CA ILE JA 50 25.66 -33.39 -106.40
C ILE JA 50 27.14 -33.33 -106.05
N PHE JA 51 27.86 -32.39 -106.68
CA PHE JA 51 29.27 -32.13 -106.37
C PHE JA 51 29.37 -30.83 -105.57
N ILE JA 52 30.19 -30.83 -104.51
CA ILE JA 52 30.35 -29.66 -103.66
C ILE JA 52 31.83 -29.44 -103.43
N ASN JA 53 32.32 -28.25 -103.80
CA ASN JA 53 33.74 -27.98 -103.70
C ASN JA 53 33.93 -26.72 -102.89
N VAL JA 54 34.78 -26.77 -101.85
CA VAL JA 54 34.98 -25.67 -100.93
C VAL JA 54 36.30 -24.97 -101.22
N SER JA 55 36.30 -23.63 -101.30
CA SER JA 55 37.47 -22.84 -101.66
C SER JA 55 38.13 -22.16 -100.46
N SER JA 56 37.33 -21.80 -99.44
CA SER JA 56 37.77 -21.19 -98.18
C SER JA 56 36.66 -21.27 -97.13
N SER JA 57 37.02 -21.13 -95.84
CA SER JA 57 36.05 -21.04 -94.76
C SER JA 57 36.57 -20.16 -93.63
N SER JA 58 35.65 -19.63 -92.81
CA SER JA 58 35.99 -18.76 -91.69
C SER JA 58 36.72 -19.53 -90.59
N SER JA 59 36.36 -20.80 -90.42
CA SER JA 59 37.01 -21.72 -89.47
C SER JA 59 37.04 -23.14 -90.03
N ALA JA 60 37.91 -24.00 -89.46
CA ALA JA 60 37.96 -25.42 -89.81
C ALA JA 60 37.00 -26.20 -88.92
N ILE JA 61 36.04 -26.91 -89.52
CA ILE JA 61 34.97 -27.60 -88.79
C ILE JA 61 34.80 -29.04 -89.30
N SER JA 62 34.29 -29.93 -88.43
CA SER JA 62 34.10 -31.33 -88.79
C SER JA 62 32.96 -31.48 -89.79
N ALA JA 63 33.11 -32.34 -90.79
CA ALA JA 63 32.06 -32.64 -91.75
C ALA JA 63 30.84 -33.34 -91.11
N SER JA 64 30.99 -33.89 -89.90
CA SER JA 64 29.88 -34.46 -89.15
C SER JA 64 29.02 -33.41 -88.44
N SER JA 65 29.55 -32.19 -88.25
CA SER JA 65 28.84 -31.09 -87.58
C SER JA 65 27.91 -30.32 -88.53
N ILE JA 66 27.98 -30.60 -89.84
CA ILE JA 66 27.19 -29.91 -90.85
C ILE JA 66 26.01 -30.80 -91.26
N THR JA 67 24.82 -30.21 -91.31
CA THR JA 67 23.60 -30.90 -91.72
C THR JA 67 23.22 -30.45 -93.13
N ILE JA 68 22.81 -31.40 -93.99
CA ILE JA 68 22.38 -31.08 -95.34
C ILE JA 68 20.90 -31.43 -95.54
N THR JA 69 20.14 -30.55 -96.19
CA THR JA 69 18.74 -30.79 -96.53
C THR JA 69 18.51 -30.58 -98.02
N ILE JA 70 17.55 -31.31 -98.59
CA ILE JA 70 17.35 -31.38 -100.04
C ILE JA 70 15.86 -31.32 -100.40
N THR JA 71 15.55 -30.78 -101.58
CA THR JA 71 14.20 -30.78 -102.14
C THR JA 71 14.25 -31.09 -103.63
N GLY JA 72 13.18 -31.72 -104.15
CA GLY JA 72 13.07 -32.10 -105.55
C GLY JA 72 13.80 -33.41 -105.90
N ALA JA 73 14.37 -34.09 -104.88
CA ALA JA 73 15.17 -35.29 -105.03
C ALA JA 73 15.20 -36.08 -103.71
N SER JA 74 16.06 -37.12 -103.63
CA SER JA 74 16.24 -37.93 -102.44
C SER JA 74 17.68 -38.47 -102.37
N PHE JA 75 18.22 -38.69 -101.17
CA PHE JA 75 19.56 -39.25 -101.01
C PHE JA 75 19.55 -40.77 -101.23
N LYS JA 76 20.63 -41.31 -101.82
CA LYS JA 76 20.80 -42.76 -101.92
C LYS JA 76 21.24 -43.41 -100.60
N VAL JA 77 21.78 -42.60 -99.67
CA VAL JA 77 22.15 -43.05 -98.33
C VAL JA 77 21.07 -42.60 -97.34
N THR JA 78 20.59 -43.53 -96.49
CA THR JA 78 19.33 -43.34 -95.77
C THR JA 78 19.48 -43.25 -94.25
N SER JA 79 20.70 -43.36 -93.71
CA SER JA 79 20.95 -43.44 -92.27
C SER JA 79 20.68 -42.13 -91.53
N GLY JA 80 20.78 -41.00 -92.23
CA GLY JA 80 20.68 -39.67 -91.60
C GLY JA 80 21.00 -38.56 -92.59
N ASP JA 81 21.47 -37.40 -92.07
CA ASP JA 81 21.48 -36.16 -92.82
C ASP JA 81 22.68 -35.27 -92.51
N THR JA 82 23.71 -35.79 -91.84
CA THR JA 82 24.96 -35.03 -91.74
C THR JA 82 25.74 -35.12 -93.04
N LEU JA 83 26.57 -34.12 -93.35
CA LEU JA 83 27.28 -34.08 -94.61
C LEU JA 83 28.25 -35.26 -94.74
N ALA JA 84 29.01 -35.55 -93.67
CA ALA JA 84 29.94 -36.68 -93.64
C ALA JA 84 29.24 -38.01 -93.95
N GLU JA 85 28.03 -38.18 -93.42
CA GLU JA 85 27.26 -39.41 -93.50
C GLU JA 85 26.72 -39.65 -94.91
N VAL JA 86 26.03 -38.68 -95.52
CA VAL JA 86 25.44 -38.87 -96.85
C VAL JA 86 26.50 -38.90 -97.95
N ALA JA 87 27.65 -38.25 -97.75
CA ALA JA 87 28.75 -38.21 -98.70
C ALA JA 87 29.69 -39.42 -98.57
N GLY JA 88 29.51 -40.28 -97.55
CA GLY JA 88 30.32 -41.47 -97.36
C GLY JA 88 31.76 -41.17 -96.92
N VAL JA 89 31.92 -40.15 -96.07
CA VAL JA 89 33.22 -39.72 -95.57
C VAL JA 89 33.69 -40.66 -94.45
N SER JA 90 34.77 -41.41 -94.71
CA SER JA 90 35.47 -42.17 -93.68
C SER JA 90 36.32 -41.25 -92.80
N SER JA 91 36.61 -41.67 -91.56
CA SER JA 91 37.34 -40.87 -90.57
C SER JA 91 38.79 -40.55 -90.98
N THR JA 92 39.37 -41.38 -91.86
CA THR JA 92 40.71 -41.21 -92.41
C THR JA 92 40.74 -40.32 -93.66
N SER JA 93 39.57 -40.02 -94.25
CA SER JA 93 39.47 -39.28 -95.51
C SER JA 93 39.92 -37.82 -95.36
N SER JA 94 40.56 -37.28 -96.41
CA SER JA 94 40.99 -35.89 -96.44
C SER JA 94 39.80 -34.95 -96.21
N ASN JA 95 38.63 -35.34 -96.72
CA ASN JA 95 37.40 -34.55 -96.71
C ASN JA 95 36.66 -34.67 -95.38
N ALA JA 96 37.31 -35.18 -94.34
CA ALA JA 96 36.72 -35.23 -92.99
C ALA JA 96 36.58 -33.84 -92.36
N THR JA 97 37.35 -32.85 -92.84
CA THR JA 97 37.30 -31.47 -92.36
C THR JA 97 36.81 -30.54 -93.47
N PHE JA 98 35.88 -29.64 -93.13
CA PHE JA 98 35.33 -28.66 -94.05
C PHE JA 98 36.19 -27.39 -94.02
N THR JA 99 36.98 -27.20 -95.09
CA THR JA 99 37.95 -26.12 -95.28
C THR JA 99 38.21 -25.98 -96.78
N GLY JA 100 38.90 -24.91 -97.21
CA GLY JA 100 39.36 -24.81 -98.58
C GLY JA 100 40.15 -26.06 -99.00
N GLY JA 101 39.86 -26.58 -100.20
CA GLY JA 101 40.51 -27.78 -100.70
C GLY JA 101 39.76 -29.08 -100.43
N SER JA 102 38.63 -29.04 -99.71
CA SER JA 102 37.78 -30.21 -99.48
C SER JA 102 36.68 -30.31 -100.53
N ASP JA 103 36.54 -31.50 -101.14
CA ASP JA 103 35.52 -31.78 -102.15
C ASP JA 103 34.65 -32.97 -101.72
N TYR JA 104 33.35 -32.91 -102.04
CA TYR JA 104 32.39 -33.95 -101.67
C TYR JA 104 31.52 -34.33 -102.87
N THR JA 105 31.14 -35.62 -102.95
CA THR JA 105 30.19 -36.13 -103.93
C THR JA 105 29.03 -36.80 -103.19
N VAL JA 106 27.79 -36.33 -103.41
CA VAL JA 106 26.61 -36.89 -102.77
C VAL JA 106 25.76 -37.59 -103.83
N PRO JA 107 25.47 -38.92 -103.68
CA PRO JA 107 24.63 -39.65 -104.62
C PRO JA 107 23.14 -39.48 -104.33
N ILE JA 108 22.36 -39.24 -105.39
CA ILE JA 108 20.94 -38.91 -105.28
C ILE JA 108 20.09 -39.68 -106.30
N SER JA 109 18.77 -39.73 -106.04
CA SER JA 109 17.78 -40.41 -106.86
C SER JA 109 16.56 -39.52 -107.08
N LEU JA 110 16.01 -39.57 -108.31
CA LEU JA 110 14.83 -38.81 -108.74
C LEU JA 110 13.66 -39.74 -109.07
N SER JA 111 12.43 -39.31 -108.75
CA SER JA 111 11.21 -40.00 -109.17
C SER JA 111 10.92 -39.82 -110.67
N SER JA 112 9.84 -40.44 -111.16
CA SER JA 112 9.36 -40.31 -112.54
C SER JA 112 8.93 -38.88 -112.89
N SER JA 113 8.51 -38.09 -111.88
CA SER JA 113 8.01 -36.72 -112.04
C SER JA 113 9.09 -35.66 -111.77
N GLN JA 114 10.12 -36.01 -110.98
CA GLN JA 114 11.21 -35.10 -110.64
C GLN JA 114 12.19 -34.92 -111.80
N THR JA 115 12.83 -33.74 -111.85
CA THR JA 115 13.79 -33.36 -112.89
C THR JA 115 14.93 -32.55 -112.29
N VAL JA 116 16.09 -32.52 -112.98
CA VAL JA 116 17.31 -31.89 -112.48
C VAL JA 116 17.10 -30.39 -112.19
N ALA JA 117 16.34 -29.70 -113.05
CA ALA JA 117 16.03 -28.29 -112.90
C ALA JA 117 15.23 -27.96 -111.62
N GLY JA 118 14.61 -28.97 -110.99
CA GLY JA 118 13.82 -28.79 -109.79
C GLY JA 118 14.60 -28.99 -108.48
N VAL JA 119 15.81 -29.55 -108.55
CA VAL JA 119 16.58 -29.93 -107.35
C VAL JA 119 17.29 -28.72 -106.73
N SER JA 120 17.25 -28.63 -105.38
CA SER JA 120 18.06 -27.69 -104.62
C SER JA 120 18.35 -28.19 -103.20
N PHE JA 121 19.39 -27.62 -102.56
CA PHE JA 121 19.85 -28.08 -101.25
C PHE JA 121 20.45 -26.94 -100.43
N GLU JA 122 20.61 -27.19 -99.12
CA GLU JA 122 21.18 -26.22 -98.19
C GLU JA 122 22.11 -26.92 -97.19
N LEU JA 123 23.14 -26.18 -96.72
CA LEU JA 123 24.01 -26.63 -95.64
C LEU JA 123 23.77 -25.78 -94.40
N ILE JA 124 23.62 -26.45 -93.25
CA ILE JA 124 23.29 -25.80 -91.99
C ILE JA 124 24.34 -26.16 -90.95
N TYR JA 125 24.81 -25.16 -90.19
CA TYR JA 125 25.77 -25.34 -89.11
C TYR JA 125 25.33 -24.51 -87.91
N LYS JA 126 25.26 -25.14 -86.72
CA LYS JA 126 24.80 -24.53 -85.48
C LYS JA 126 23.51 -23.72 -85.63
N GLY JA 127 22.57 -24.20 -86.46
CA GLY JA 127 21.27 -23.59 -86.63
C GLY JA 127 21.23 -22.39 -87.59
N ASN JA 128 22.34 -22.07 -88.25
CA ASN JA 128 22.42 -21.03 -89.27
C ASN JA 128 22.59 -21.67 -90.66
N VAL JA 129 21.92 -21.15 -91.69
CA VAL JA 129 22.15 -21.61 -93.07
C VAL JA 129 23.46 -20.99 -93.58
N ILE JA 130 24.45 -21.82 -93.97
CA ILE JA 130 25.75 -21.35 -94.44
C ILE JA 130 25.89 -21.40 -95.97
N TYR JA 131 25.04 -22.18 -96.65
CA TYR JA 131 24.99 -22.24 -98.11
C TYR JA 131 23.58 -22.64 -98.57
N ASN JA 132 23.15 -22.13 -99.73
CA ASN JA 132 21.87 -22.46 -100.32
C ASN JA 132 22.00 -22.43 -101.84
N SER JA 133 21.84 -23.58 -102.50
CA SER JA 133 22.10 -23.71 -103.93
C SER JA 133 21.15 -22.86 -104.79
N ALA JA 134 19.98 -22.49 -104.25
CA ALA JA 134 18.95 -21.73 -104.95
C ALA JA 134 19.05 -20.22 -104.71
N ALA JA 135 20.10 -19.74 -104.04
CA ALA JA 135 20.32 -18.31 -103.80
C ALA JA 135 20.47 -17.54 -105.12
C1 GAL KA . -30.14 -1.56 -4.75
C2 GAL KA . -29.50 -0.58 -5.72
C3 GAL KA . -30.33 -0.60 -6.99
C4 GAL KA . -30.42 -2.00 -7.57
C5 GAL KA . -30.94 -2.96 -6.51
C6 GAL KA . -30.90 -4.42 -6.94
O2 GAL KA . -29.56 0.75 -5.19
O3 GAL KA . -29.80 0.27 -7.98
O4 GAL KA . -29.13 -2.37 -8.05
O5 GAL KA . -30.16 -2.86 -5.32
O6 GAL KA . -29.58 -4.82 -7.30
C2 BGC KA . -30.28 2.18 -9.34
C3 BGC KA . -31.37 2.98 -10.03
C4 BGC KA . -32.32 2.07 -10.80
C5 BGC KA . -32.86 0.99 -9.87
C6 BGC KA . -33.74 -0.03 -10.58
C1 BGC KA . -30.87 1.05 -8.52
O2 BGC KA . -29.53 3.03 -8.47
O3 BGC KA . -30.75 3.91 -10.93
O4 BGC KA . -33.40 2.84 -11.32
O5 BGC KA . -31.77 0.26 -9.31
O6 BGC KA . -32.97 -0.78 -11.54
C1 A1H1F KA . -33.25 2.87 -12.73
O5 A1H1F KA . -32.53 4.02 -13.11
C5 A1H1F KA . -32.32 4.06 -14.51
C6 A1H1F KA . -31.41 5.22 -14.89
C4 A1H1F KA . -33.67 4.17 -15.22
O4 A1H1F KA . -34.31 5.40 -14.85
C3 A1H1F KA . -34.56 2.99 -14.84
O3 A1H1F KA . -35.86 3.19 -15.39
C2 A1H1F KA . -34.66 2.89 -13.33
O2 A1H1F KA . -35.37 1.71 -12.97
S6 A1H1F KA . -30.08 4.61 -15.70
O1S6 A1H1F KA . -30.54 3.89 -16.91
O2S6 A1H1F KA . -29.20 5.74 -16.10
O3S6 A1H1F KA . -29.33 3.70 -14.80
C1 MAN KA . -36.20 2.26 -16.40
C2 MAN KA . -35.67 2.57 -17.81
C3 MAN KA . -36.24 3.91 -18.27
C4 MAN KA . -37.76 3.93 -18.16
C5 MAN KA . -38.16 3.61 -16.71
C6 MAN KA . -39.67 3.54 -16.52
O2 MAN KA . -36.09 1.59 -18.73
O3 MAN KA . -35.84 4.19 -19.62
O4 MAN KA . -38.26 5.20 -18.53
O5 MAN KA . -37.61 2.35 -16.31
O6 MAN KA . -40.09 2.29 -17.07
C1 MAN KA . -34.71 5.09 -19.62
C2 MAN KA . -33.53 4.38 -20.32
C3 MAN KA . -32.21 4.80 -19.70
C4 MAN KA . -32.25 6.27 -19.29
C5 MAN KA . -33.27 6.44 -18.15
C6 MAN KA . -33.81 7.87 -18.04
O2 MAN KA . -33.49 4.72 -21.71
O3 MAN KA . -31.11 4.59 -20.61
O4 MAN KA . -30.97 6.71 -18.85
O5 MAN KA . -34.37 5.52 -18.29
O6 MAN KA . -34.60 7.95 -16.85
C1 MAN KA . -41.08 1.70 -16.21
C2 MAN KA . -40.95 0.16 -16.29
C3 MAN KA . -41.41 -0.34 -17.67
C4 MAN KA . -42.79 0.23 -18.05
C5 MAN KA . -42.77 1.76 -17.91
C6 MAN KA . -44.12 2.39 -18.21
O2 MAN KA . -41.79 -0.48 -15.32
O3 MAN KA . -41.46 -1.77 -17.71
O4 MAN KA . -43.10 -0.14 -19.39
O5 MAN KA . -42.39 2.13 -16.59
O6 MAN KA . -43.92 3.80 -18.35
C1 A1H1B KA . -36.54 1.93 -12.15
C2 A1H1B KA . -36.73 3.41 -11.73
C3 A1H1B KA . -38.10 3.92 -12.12
C4 A1H1B KA . -39.21 2.99 -11.61
C5 A1H1B KA . -38.85 1.52 -11.89
C6 A1H1B KA . -40.02 0.77 -12.51
C7 A1H1B KA . -39.66 -0.67 -12.80
O4 A1H1B KA . -40.45 3.31 -12.24
O5 A1H1B KA . -37.73 1.46 -12.78
O6 A1H1B KA . -41.12 0.80 -11.60
O3 A1H1B KA . -38.20 4.00 -13.54
O2 A1H1B KA . -36.53 3.53 -10.33
O7 A1H1B KA . -39.24 -1.32 -11.59
C1 GAL LA . -39.92 -6.04 0.38
C2 GAL LA . -39.80 -4.88 -0.64
C3 GAL LA . -41.14 -4.63 -1.32
C4 GAL LA . -41.67 -5.93 -1.91
C5 GAL LA . -41.76 -7.01 -0.84
C6 GAL LA . -42.20 -8.35 -1.38
O2 GAL LA . -39.38 -3.69 0.00
O3 GAL LA . -40.96 -3.68 -2.37
O4 GAL LA . -40.85 -6.35 -3.02
O5 GAL LA . -40.48 -7.19 -0.24
O6 GAL LA . -41.20 -8.87 -2.26
C2 BGC LA . -42.26 -1.74 -3.01
C3 BGC LA . -43.61 -1.30 -3.58
C4 BGC LA . -44.01 -2.09 -4.82
C5 BGC LA . -43.98 -3.58 -4.47
C6 BGC LA . -44.34 -4.50 -5.62
C1 BGC LA . -42.26 -3.26 -2.84
O2 BGC LA . -42.07 -1.14 -1.74
O3 BGC LA . -43.55 0.09 -3.90
O4 BGC LA . -45.33 -1.70 -5.18
O5 BGC LA . -42.66 -3.92 -4.04
O6 BGC LA . -43.54 -4.16 -6.77
C1 A1H1F LA . -45.58 -1.24 -6.50
O5 A1H1F LA . -45.29 0.02 -7.19
C5 A1H1F LA . -45.41 -0.26 -8.59
C6 A1H1F LA . -44.90 0.90 -9.43
C4 A1H1F LA . -46.86 -0.59 -8.93
O4 A1H1F LA . -47.66 0.56 -8.59
C3 A1H1F LA . -47.34 -1.81 -8.14
O3 A1H1F LA . -48.73 -1.96 -8.36
C2 A1H1F LA . -47.07 -1.57 -6.66
O2 A1H1F LA . -47.34 -2.76 -5.91
S6 A1H1F LA . -43.77 0.37 -10.51
O1S6 A1H1F LA . -43.27 1.54 -11.28
O2S6 A1H1F LA . -44.37 -0.60 -11.45
O3S6 A1H1F LA . -42.63 -0.27 -9.79
C1 MAN LA . -49.28 -2.56 -9.53
C2 MAN LA . -49.24 -2.11 -11.01
C3 MAN LA . -49.97 -0.79 -11.20
C4 MAN LA . -51.36 -0.85 -10.60
C5 MAN LA . -51.26 -1.22 -9.12
C6 MAN LA . -52.60 -1.37 -8.44
O2 MAN LA . -49.97 -3.08 -11.79
O3 MAN LA . -50.01 -0.42 -12.58
O4 MAN LA . -51.99 0.41 -10.73
O5 MAN LA . -50.57 -2.47 -8.97
O6 MAN LA . -53.16 -2.61 -8.88
C1 MAN LA . -49.04 0.61 -12.85
C2 MAN LA . -48.04 0.08 -13.89
C3 MAN LA . -46.64 0.63 -13.62
C4 MAN LA . -46.73 2.08 -13.14
C5 MAN LA . -47.41 2.12 -11.77
C6 MAN LA . -48.03 3.47 -11.44
O2 MAN LA . -48.42 0.45 -15.22
O3 MAN LA . -45.81 0.54 -14.79
O4 MAN LA . -45.43 2.65 -13.08
O5 MAN LA . -48.39 1.08 -11.65
O6 MAN LA . -48.29 3.51 -10.03
C1 MAN LA . -53.85 -3.27 -7.80
C2 MAN LA . -53.66 -4.79 -7.93
C3 MAN LA . -54.43 -5.34 -9.14
C4 MAN LA . -55.89 -4.87 -9.13
C5 MAN LA . -55.93 -3.34 -9.00
C6 MAN LA . -57.35 -2.80 -8.94
O2 MAN LA . -54.13 -5.48 -6.76
O3 MAN LA . -54.39 -6.78 -9.15
O4 MAN LA . -56.50 -5.27 -10.35
O5 MAN LA . -55.25 -2.93 -7.82
O6 MAN LA . -57.29 -1.39 -9.14
C1 A1H1B LA . -48.40 -2.64 -4.94
C2 A1H1B LA . -48.63 -1.19 -4.47
C3 A1H1B LA . -50.09 -0.78 -4.63
C4 A1H1B LA . -51.03 -1.80 -4.00
C5 A1H1B LA . -50.60 -3.23 -4.35
C6 A1H1B LA . -51.78 -4.11 -4.75
C7 A1H1B LA . -51.33 -5.54 -5.02
O4 A1H1B LA . -52.37 -1.59 -4.47
O5 A1H1B LA . -49.64 -3.20 -5.40
O6 A1H1B LA . -52.74 -4.11 -3.70
O3 A1H1B LA . -50.38 -0.67 -6.03
O2 A1H1B LA . -48.24 -1.08 -3.10
O7 A1H1B LA . -50.61 -6.04 -3.89
C1 GAL MA . -46.24 8.96 44.40
C2 GAL MA . -45.29 9.78 43.53
C3 GAL MA . -46.05 10.16 42.29
C4 GAL MA . -46.58 8.95 41.56
C5 GAL MA . -47.43 8.11 42.51
C6 GAL MA . -47.90 6.79 41.92
O2 GAL MA . -44.92 10.97 44.20
O3 GAL MA . -45.24 10.91 41.38
O4 GAL MA . -45.47 8.22 41.02
O5 GAL MA . -46.69 7.82 43.70
O6 GAL MA . -46.77 6.00 41.51
C2 BGC MA . -45.05 13.02 40.25
C3 BGC MA . -45.81 14.20 39.67
C4 BGC MA . -46.99 13.72 38.82
C5 BGC MA . -47.87 12.77 39.63
C6 BGC MA . -49.01 12.17 38.82
C1 BGC MA . -46.00 12.05 40.94
O2 BGC MA . -44.09 13.48 41.20
O3 BGC MA . -44.91 14.98 38.88
O4 BGC MA . -47.76 14.84 38.41
O5 BGC MA . -47.08 11.68 40.09
O6 BGC MA . -48.51 11.32 37.78
C1 A1H1F MA . -47.59 14.98 37.01
O5 A1H1F MA . -46.52 15.88 36.74
C5 A1H1F MA . -46.28 16.00 35.35
C6 A1H1F MA . -45.04 16.84 35.09
C4 A1H1F MA . -47.51 16.62 34.69
O4 A1H1F MA . -47.73 17.94 35.20
C3 A1H1F MA . -48.74 15.74 34.94
O3 A1H1F MA . -49.90 16.41 34.44
C2 A1H1F MA . -48.90 15.52 36.44
O2 A1H1F MA . -49.95 14.58 36.67
S6 A1H1F MA . -43.96 15.95 34.21
O1S6 A1H1F MA . -44.60 15.55 32.93
O2S6 A1H1F MA . -42.77 16.77 33.91
O3S6 A1H1F MA . -43.55 14.75 34.98
C1 MAN MA . -50.50 15.75 33.34
C2 MAN MA . -49.86 16.03 31.97
C3 MAN MA . -49.97 17.53 31.66
C4 MAN MA . -51.40 18.01 31.80
C5 MAN MA . -51.92 17.68 33.20
C6 MAN MA . -53.37 18.07 33.41
O2 MAN MA . -50.56 15.34 30.94
O3 MAN MA . -49.47 17.81 30.35
O4 MAN MA . -51.45 19.41 31.57
O5 MAN MA . -51.80 16.27 33.45
O6 MAN MA . -54.15 17.09 32.74
C1 MAN MA . -48.11 18.29 30.43
C2 MAN MA . -47.20 17.33 29.64
C3 MAN MA . -45.82 17.24 30.28
C4 MAN MA . -45.41 18.60 30.85
C5 MAN MA . -46.35 18.96 32.02
C6 MAN MA . -46.41 20.45 32.29
O2 MAN MA . -47.02 17.78 28.29
O3 MAN MA . -44.84 16.79 29.34
O4 MAN MA . -44.07 18.55 31.31
O5 MAN MA . -47.68 18.45 31.79
O6 MAN MA . -47.17 20.65 33.50
C1 MAN MA . -55.30 16.75 33.53
C2 MAN MA . -55.67 15.28 33.27
C3 MAN MA . -56.24 15.10 31.86
C4 MAN MA . -57.34 16.11 31.57
C5 MAN MA . -56.86 17.53 31.87
C6 MAN MA . -57.92 18.60 31.68
O2 MAN MA . -56.68 14.82 34.19
O3 MAN MA . -56.74 13.77 31.66
O4 MAN MA . -57.74 16.01 30.21
O5 MAN MA . -56.40 17.62 33.23
O6 MAN MA . -57.28 19.88 31.68
C1 A1H1B MA . -51.00 15.08 37.53
C2 A1H1B MA . -50.72 16.49 38.10
C3 A1H1B MA . -51.86 17.45 37.80
C4 A1H1B MA . -53.22 16.86 38.22
C5 A1H1B MA . -53.34 15.41 37.77
C6 A1H1B MA . -54.68 15.13 37.08
C7 A1H1B MA . -54.77 13.68 36.63
O4 A1H1B MA . -54.27 17.63 37.65
O5 A1H1B MA . -52.27 15.08 36.87
O6 A1H1B MA . -55.73 15.41 38.02
O3 A1H1B MA . -51.89 17.71 36.39
O2 A1H1B MA . -50.54 16.38 39.51
O7 A1H1B MA . -54.61 12.81 37.77
C1 GAL NA . -57.05 7.26 49.14
C2 GAL NA . -56.54 8.40 48.26
C3 GAL NA . -57.70 9.16 47.63
C4 GAL NA . -58.62 8.17 46.92
C5 GAL NA . -59.07 7.07 47.87
C6 GAL NA . -59.93 6.01 47.19
O2 GAL NA . -55.77 9.33 49.01
O3 GAL NA . -57.22 10.10 46.68
O4 GAL NA . -57.96 7.63 45.75
O5 GAL NA . -57.93 6.41 48.42
O6 GAL NA . -59.13 5.29 46.25
C2 BGC NA . -57.80 12.41 46.27
C3 BGC NA . -58.92 13.33 45.78
C4 BGC NA . -59.52 12.85 44.46
C5 BGC NA . -59.98 11.40 44.63
C6 BGC NA . -60.59 10.77 43.40
C1 BGC NA . -58.29 10.97 46.29
O2 BGC NA . -57.45 12.78 47.60
O3 BGC NA . -58.41 14.66 45.62
O4 BGC NA . -60.64 13.68 44.18
O5 BGC NA . -58.86 10.60 45.01
O6 BGC NA . -59.70 10.97 42.29
C1 A1H1F NA . -60.70 14.35 42.91
O5 A1H1F NA . -60.01 15.51 42.37
C5 A1H1F NA . -60.19 15.44 40.94
C6 A1H1F NA . -59.33 16.47 40.24
C4 A1H1F NA . -61.67 15.63 40.60
O4 A1H1F NA . -62.06 16.92 41.08
C3 A1H1F NA . -62.52 14.55 41.26
O3 A1H1F NA . -63.89 14.87 41.03
C2 A1H1F NA . -62.23 14.52 42.75
O2 A1H1F NA . -62.87 13.39 43.35
S6 A1H1F NA . -58.39 15.73 39.09
O1S6 A1H1F NA . -57.53 16.76 38.43
O2S6 A1H1F NA . -59.25 15.10 38.06
O3S6 A1H1F NA . -57.54 14.69 39.71
C1 MAN NA . -64.57 14.59 39.81
C2 MAN NA . -64.36 15.17 38.39
C3 MAN NA . -64.63 16.67 38.37
C4 MAN NA . -65.98 16.99 38.98
C5 MAN NA . -66.03 16.44 40.41
C6 MAN NA . -67.38 16.65 41.08
O2 MAN NA . -65.34 14.57 37.52
O3 MAN NA . -64.53 17.19 37.03
O4 MAN NA . -66.18 18.39 38.99
O5 MAN NA . -65.78 15.03 40.39
O6 MAN NA . -68.28 15.71 40.51
C1 MAN NA . -63.27 17.88 36.87
C2 MAN NA . -62.46 17.17 35.77
C3 MAN NA . -60.96 17.21 36.07
C4 MAN NA . -60.61 18.57 36.71
C5 MAN NA . -61.27 18.65 38.08
C6 MAN NA . -61.44 20.09 38.57
O2 MAN NA . -62.67 17.77 34.48
O3 MAN NA . -60.20 16.99 34.89
O4 MAN NA . -59.20 18.68 36.82
O5 MAN NA . -62.54 17.97 38.11
O6 MAN NA . -61.70 20.06 39.98
C1 MAN NA . -69.17 15.20 41.53
C2 MAN NA . -69.46 13.72 41.23
C3 MAN NA . -70.35 13.57 39.98
C4 MAN NA . -71.58 14.49 40.05
C5 MAN NA . -71.14 15.92 40.36
C6 MAN NA . -72.31 16.88 40.51
O2 MAN NA . -70.16 13.09 42.31
O3 MAN NA . -70.78 12.21 39.80
O4 MAN NA . -72.27 14.43 38.82
O5 MAN NA . -70.39 15.96 41.57
O6 MAN NA . -71.80 18.21 40.46
C1 A1H1B NA . -63.86 13.74 44.35
C2 A1H1B NA . -63.63 15.12 44.99
C3 A1H1B NA . -64.88 15.99 44.89
C4 A1H1B NA . -66.12 15.26 45.42
C5 A1H1B NA . -66.15 13.82 44.92
C6 A1H1B NA . -67.53 13.41 44.43
C7 A1H1B NA . -67.54 11.95 43.99
O4 A1H1B NA . -67.30 15.94 44.99
O5 A1H1B NA . -65.19 13.66 43.85
O6 A1H1B NA . -68.47 13.60 45.50
O3 A1H1B NA . -65.10 16.35 43.52
O2 A1H1B NA . -63.26 14.96 46.36
O7 A1H1B NA . -67.06 11.12 45.05
C1 GAL OA . 3.98 9.80 72.79
C2 GAL OA . 4.28 8.75 71.72
C3 GAL OA . 5.70 9.01 71.22
C4 GAL OA . 5.84 10.44 70.69
C5 GAL OA . 5.40 11.43 71.76
C6 GAL OA . 5.36 12.88 71.27
O2 GAL OA . 4.27 7.45 72.27
O3 GAL OA . 6.06 8.10 70.19
O4 GAL OA . 5.08 10.55 69.50
O5 GAL OA . 4.09 11.10 72.24
O6 GAL OA . 4.47 13.01 70.16
C2 BGC OA . 7.64 6.42 69.56
C3 BGC OA . 9.06 5.90 69.75
C4 BGC OA . 10.07 7.03 69.65
C5 BGC OA . 9.71 8.15 70.62
C6 BGC OA . 10.61 9.36 70.51
C1 BGC OA . 7.38 7.61 70.48
O2 BGC OA . 6.71 5.39 69.87
O3 BGC OA . 9.31 4.91 68.75
O4 BGC OA . 11.37 6.53 69.97
O5 BGC OA . 8.38 8.61 70.33
O6 BGC OA . 10.47 9.99 69.22
C1 A1H1F OA . 12.14 6.55 68.78
O5 A1H1F OA . 12.04 5.28 68.14
C5 A1H1F OA . 12.76 5.28 66.91
C6 A1H1F OA . 12.52 3.97 66.16
C4 A1H1F OA . 14.24 5.48 67.19
O4 A1H1F OA . 14.74 4.40 67.99
C3 A1H1F OA . 14.46 6.81 67.93
O3 A1H1F OA . 15.83 6.91 68.31
C2 A1H1F OA . 13.58 6.85 69.17
O2 A1H1F OA . 13.66 8.13 69.78
S6 A1H1F OA . 11.88 4.33 64.67
O1S6 A1H1F OA . 12.84 5.19 63.93
O2S6 A1H1F OA . 11.69 3.07 63.91
O3S6 A1H1F OA . 10.58 5.01 64.82
C1 MAN OA . 16.53 7.95 67.65
C2 MAN OA . 17.05 7.59 66.25
C3 MAN OA . 18.03 6.43 66.34
C4 MAN OA . 19.12 6.73 67.37
C5 MAN OA . 18.48 7.05 68.72
C6 MAN OA . 19.49 7.43 69.79
O2 MAN OA . 17.75 8.70 65.68
O3 MAN OA . 18.61 6.14 65.07
O4 MAN OA . 19.99 5.60 67.49
O5 MAN OA . 17.57 8.15 68.58
O6 MAN OA . 19.90 8.76 69.50
C1 MAN OA . 17.93 5.03 64.46
C2 MAN OA . 17.33 5.51 63.12
C3 MAN OA . 16.01 4.78 62.83
C4 MAN OA . 16.08 3.35 63.32
C5 MAN OA . 16.19 3.33 64.85
C6 MAN OA . 16.81 2.04 65.40
O2 MAN OA . 18.21 5.24 62.03
O3 MAN OA . 15.70 4.82 61.44
O4 MAN OA . 14.92 2.63 62.91
O5 MAN OA . 16.93 4.47 65.33
O6 MAN OA . 16.69 2.07 66.82
C1 MAN OA . 20.02 9.51 70.72
C2 MAN OA . 19.67 10.98 70.45
C3 MAN OA . 20.77 11.64 69.60
C4 MAN OA . 22.16 11.39 70.19
C5 MAN OA . 22.37 9.89 70.43
C6 MAN OA . 23.71 9.57 71.08
O2 MAN OA . 19.57 11.73 71.66
O3 MAN OA . 20.55 13.04 69.47
O4 MAN OA . 23.15 11.89 69.29
O5 MAN OA . 21.34 9.37 71.27
O6 MAN OA . 23.92 8.17 70.97
C1 A1H1B OA . 14.10 8.11 71.16
C2 A1H1B OA . 14.27 6.69 71.74
C3 A1H1B OA . 15.67 6.50 72.32
C4 A1H1B OA . 16.01 7.61 73.32
C5 A1H1B OA . 15.63 8.98 72.75
C6 A1H1B OA . 16.75 10.00 72.91
C7 A1H1B OA . 16.36 11.34 72.32
O4 A1H1B OA . 17.40 7.58 73.60
O5 A1H1B OA . 15.30 8.85 71.35
O6 A1H1B OA . 17.03 10.15 74.30
O3 A1H1B OA . 16.63 6.51 71.27
O2 A1H1B OA . 13.28 6.46 72.73
O7 A1H1B OA . 15.17 11.82 72.97
C1 GAL PA . 7.41 15.96 82.40
C2 GAL PA . 8.15 14.87 81.62
C3 GAL PA . 9.65 14.93 81.93
C4 GAL PA . 10.16 16.34 81.68
C5 GAL PA . 9.35 17.36 82.49
C6 GAL PA . 9.77 18.79 82.19
O2 GAL PA . 7.68 13.58 81.97
O3 GAL PA . 10.35 14.03 81.07
O4 GAL PA . 10.14 16.63 80.27
O5 GAL PA . 7.97 17.24 82.14
O6 GAL PA . 9.43 19.14 80.84
C2 BGC PA . 12.12 12.43 81.52
C3 BGC PA . 13.58 12.30 81.92
C4 BGC PA . 14.50 13.22 81.12
C5 BGC PA . 13.97 14.65 81.25
C6 BGC PA . 14.77 15.69 80.48
C1 BGC PA . 11.71 13.90 81.52
O2 BGC PA . 11.31 11.74 82.46
O3 BGC PA . 14.00 10.95 81.77
O4 BGC PA . 15.80 13.12 81.69
O5 BGC PA . 12.63 14.70 80.76
O6 BGC PA . 14.93 15.24 79.14
C1 A1H1F PA . 16.91 12.80 80.84
O5 A1H1F PA . 17.35 11.55 80.25
C5 A1H1F PA . 18.25 11.93 79.19
C6 A1H1F PA . 18.61 10.73 78.32
C4 A1H1F PA . 19.50 12.56 79.79
O4 A1H1F PA . 20.12 11.60 80.64
C3 A1H1F PA . 19.13 13.81 80.58
O3 A1H1F PA . 20.30 14.27 81.25
C2 A1H1F PA . 18.06 13.46 81.61
O2 A1H1F PA . 17.57 14.64 82.25
S6 A1H1F PA . 18.29 11.06 76.73
O1S6 A1H1F PA . 18.63 9.85 75.92
O2S6 A1H1F PA . 19.14 12.19 76.28
O3S6 A1H1F PA . 16.87 11.40 76.55
C1 MAN PA . 21.32 15.03 80.61
C2 MAN PA . 22.29 14.67 79.46
C3 MAN PA . 23.23 13.53 79.88
C4 MAN PA . 23.91 13.85 81.20
C5 MAN PA . 22.84 14.11 82.26
C6 MAN PA . 23.42 14.51 83.61
O2 MAN PA . 23.14 15.80 79.21
O3 MAN PA . 24.18 13.25 78.85
O4 MAN PA . 24.72 12.75 81.59
O5 MAN PA . 21.98 15.19 81.85
O6 MAN PA . 23.87 15.86 83.50
C1 MAN PA . 23.82 12.05 78.13
C2 MAN PA . 23.57 12.42 76.67
C3 MAN PA . 22.45 11.57 76.06
C4 MAN PA . 22.52 10.15 76.63
C5 MAN PA . 22.19 10.19 78.13
C6 MAN PA . 22.72 8.98 78.88
O2 MAN PA . 24.76 12.21 75.89
O3 MAN PA . 22.52 11.56 74.64
O4 MAN PA . 21.60 9.31 75.94
O5 MAN PA . 22.67 11.41 78.74
O6 MAN PA . 22.07 8.91 80.15
C1 MAN PA . 23.61 16.59 84.71
C2 MAN PA . 23.24 18.04 84.35
C3 MAN PA . 24.46 18.81 83.82
C4 MAN PA . 25.67 18.65 84.75
C5 MAN PA . 25.92 17.16 85.02
C6 MAN PA . 27.06 16.92 86.00
O2 MAN PA . 22.74 18.75 85.49
O3 MAN PA . 24.17 20.20 83.67
O4 MAN PA . 26.80 19.24 84.15
O5 MAN PA . 24.75 16.55 85.58
O6 MAN PA . 27.43 15.55 85.93
C1 A1H1B PA . 17.81 14.68 83.67
C2 A1H1B PA . 17.97 13.29 84.31
C3 A1H1B PA . 19.27 13.21 85.12
C4 A1H1B PA . 19.41 14.37 86.11
C5 A1H1B PA . 19.01 15.69 85.44
C6 A1H1B PA . 19.97 16.81 85.75
C7 A1H1B PA . 19.52 18.12 85.14
O4 A1H1B PA . 20.75 14.47 86.56
O5 A1H1B PA . 18.92 15.52 84.02
O6 A1H1B PA . 20.07 16.97 87.18
O3 A1H1B PA . 20.39 13.23 84.20
O2 A1H1B PA . 16.87 13.04 85.17
O7 A1H1B PA . 18.18 18.42 85.55
C1 GAL QA . -20.79 -28.29 59.08
C2 GAL QA . -21.34 -27.95 57.71
C3 GAL QA . -21.10 -29.16 56.83
C4 GAL QA . -19.62 -29.53 56.77
C5 GAL QA . -19.10 -29.73 58.19
C6 GAL QA . -17.60 -29.95 58.27
O2 GAL QA . -22.74 -27.74 57.77
O3 GAL QA . -21.55 -28.92 55.49
O4 GAL QA . -18.93 -28.49 56.07
O5 GAL QA . -19.41 -28.60 59.00
O6 GAL QA . -16.90 -28.85 57.68
C2 BGC QA . -23.05 -29.71 53.80
C3 BGC QA . -23.80 -30.91 53.24
C4 BGC QA . -22.87 -32.13 53.13
C5 BGC QA . -22.19 -32.40 54.47
C6 BGC QA . -21.18 -33.52 54.42
C1 BGC QA . -22.31 -30.07 55.08
O2 BGC QA . -23.98 -28.66 54.09
O3 BGC QA . -24.32 -30.58 51.96
O4 BGC QA . -23.62 -33.27 52.74
O5 BGC QA . -21.48 -31.22 54.89
O6 BGC QA . -20.07 -33.17 53.58
C1 A1H1F QA . -23.23 -33.61 51.43
O5 A1H1F QA . -24.10 -32.97 50.50
C5 A1H1F QA . -23.71 -33.25 49.17
C6 A1H1F QA . -24.55 -32.45 48.18
C4 A1H1F QA . -23.84 -34.75 48.89
O4 A1H1F QA . -25.21 -35.15 49.03
C3 A1H1F QA . -22.97 -35.53 49.89
O3 A1H1F QA . -23.22 -36.93 49.72
C2 A1H1F QA . -23.32 -35.12 51.31
O2 A1H1F QA . -22.40 -35.74 52.22
S6 A1H1F QA . -23.53 -31.51 47.25
O1S6 A1H1F QA . -22.59 -32.40 46.53
O2S6 A1H1F QA . -24.33 -30.76 46.26
O3S6 A1H1F QA . -22.80 -30.57 48.12
C1 MAN QA . -22.11 -37.65 49.20
C2 MAN QA . -21.94 -37.60 47.69
C3 MAN QA . -23.16 -38.22 47.01
C4 MAN QA . -23.45 -39.59 47.56
C5 MAN QA . -23.62 -39.51 49.08
C6 MAN QA . -23.85 -40.86 49.73
O2 MAN QA . -20.81 -38.36 47.29
O3 MAN QA . -22.98 -38.27 45.59
O4 MAN QA . -24.63 -40.11 46.97
O5 MAN QA . -22.44 -38.94 49.68
O6 MAN QA . -22.58 -41.52 49.77
C1 MAN QA . -23.64 -37.15 44.96
C2 MAN QA . -22.60 -36.33 44.20
C3 MAN QA . -22.95 -34.84 44.23
C4 MAN QA . -24.46 -34.66 44.15
C5 MAN QA . -25.10 -35.22 45.42
C6 MAN QA . -26.57 -35.60 45.22
O2 MAN QA . -22.52 -36.73 42.82
O3 MAN QA . -22.31 -34.14 43.15
O4 MAN QA . -24.77 -33.28 44.02
O5 MAN QA . -24.37 -36.36 45.92
O6 MAN QA . -27.11 -35.93 46.51
C1 MAN QA . -22.42 -42.20 51.03
C2 MAN QA . -20.93 -42.21 51.40
C3 MAN QA . -20.14 -43.13 50.45
C4 MAN QA . -20.79 -44.51 50.34
C5 MAN QA . -22.28 -44.37 49.98
C6 MAN QA . -23.02 -45.69 49.92
O2 MAN QA . -20.72 -42.70 52.72
O3 MAN QA . -18.78 -43.28 50.88
O4 MAN QA . -20.12 -45.28 49.36
O5 MAN QA . -22.94 -43.54 50.94
O6 MAN QA . -24.27 -45.47 49.29
C1 A1H1B QA . -23.05 -36.55 53.23
C2 A1H1B QA . -24.59 -36.50 53.19
C3 A1H1B QA . -25.19 -37.90 53.10
C4 A1H1B QA . -24.63 -38.82 54.18
C5 A1H1B QA . -23.11 -38.67 54.29
C6 A1H1B QA . -22.41 -40.02 54.32
C7 A1H1B QA . -20.91 -39.85 54.41
O4 A1H1B QA . -24.96 -40.17 53.88
O5 A1H1B QA . -22.61 -37.91 53.17
O6 A1H1B QA . -22.88 -40.74 55.47
O3 A1H1B QA . -24.88 -38.45 51.81
O2 A1H1B QA . -25.06 -35.83 54.36
O7 A1H1B QA . -20.57 -39.10 55.58
C1 GAL RA . -19.57 -36.04 68.07
C2 GAL RA . -20.35 -36.20 66.75
C3 GAL RA . -20.63 -37.66 66.46
C4 GAL RA . -19.32 -38.45 66.51
C5 GAL RA . -18.63 -38.24 67.85
C6 GAL RA . -17.28 -38.93 67.92
O2 GAL RA . -21.59 -35.50 66.82
O3 GAL RA . -21.19 -37.79 65.15
O4 GAL RA . -18.47 -38.07 65.41
O5 GAL RA . -18.40 -36.85 68.06
O6 GAL RA . -16.36 -38.32 67.01
C2 BGC RA . -23.05 -39.10 64.34
C3 BGC RA . -23.54 -40.52 64.09
C4 BGC RA . -22.50 -41.37 63.35
C5 BGC RA . -21.19 -41.32 64.12
C6 BGC RA . -20.06 -42.10 63.49
C1 BGC RA . -21.67 -39.13 64.98
O2 BGC RA . -23.95 -38.46 65.23
O3 BGC RA . -24.76 -40.48 63.34
O4 BGC RA . -23.00 -42.70 63.29
O5 BGC RA . -20.77 -39.95 64.23
O6 BGC RA . -19.92 -41.72 62.12
C1 A1H1F RA . -23.09 -43.35 62.03
O5 A1H1F RA . -24.05 -43.23 60.92
C5 A1H1F RA . -23.41 -43.83 59.79
C6 A1H1F RA . -24.18 -43.57 58.52
C4 A1H1F RA . -23.24 -45.34 60.04
O4 A1H1F RA . -24.55 -45.89 60.21
C3 A1H1F RA . -22.40 -45.59 61.28
O3 A1H1F RA . -22.41 -46.98 61.54
C2 A1H1F RA . -22.99 -44.83 62.45
O2 A1H1F RA . -22.11 -44.91 63.57
S6 A1H1F RA . -23.20 -42.90 57.37
O1S6 A1H1F RA . -24.01 -42.61 56.15
O2S6 A1H1F RA . -22.11 -43.83 57.03
O3S6 A1H1F RA . -22.63 -41.63 57.87
C1 MAN RA . -21.60 -47.93 60.85
C2 MAN RA . -21.60 -48.36 59.36
C3 MAN RA . -22.92 -49.03 58.98
C4 MAN RA . -23.26 -50.14 59.96
C5 MAN RA . -23.30 -49.56 61.38
C6 MAN RA . -23.56 -50.61 62.44
O2 MAN RA . -20.58 -49.35 59.19
O3 MAN RA . -22.88 -49.52 57.64
O4 MAN RA . -24.50 -50.70 59.63
O5 MAN RA . -22.05 -48.95 61.71
O6 MAN RA . -22.36 -51.37 62.62
C1 MAN RA . -23.63 -48.63 56.78
C2 MAN RA . -22.67 -48.06 55.72
C3 MAN RA . -23.04 -46.62 55.36
C4 MAN RA . -24.56 -46.47 55.35
C5 MAN RA . -25.08 -46.63 56.78
C6 MAN RA . -26.56 -47.02 56.83
O2 MAN RA . -22.71 -48.83 54.52
O3 MAN RA . -22.49 -46.25 54.09
O4 MAN RA . -24.92 -45.18 54.84
O5 MAN RA . -24.30 -47.60 57.52
O6 MAN RA . -27.04 -46.79 58.15
C1 MAN RA . -22.16 -51.69 64.00
C2 MAN RA . -20.65 -51.64 64.31
C3 MAN RA . -19.92 -52.81 63.64
C4 MAN RA . -20.60 -54.15 63.92
C5 MAN RA . -22.09 -54.06 63.57
C6 MAN RA . -22.85 -55.33 63.89
O2 MAN RA . -20.40 -51.74 65.72
O3 MAN RA . -18.55 -52.88 64.07
O4 MAN RA . -19.98 -55.17 63.14
O5 MAN RA . -22.71 -52.99 64.30
O6 MAN RA . -24.12 -55.26 63.23
C1 A1H1B RA . -22.67 -45.57 64.73
C2 A1H1B RA . -24.20 -45.54 64.77
C3 A1H1B RA . -24.79 -46.94 64.92
C4 A1H1B RA . -24.15 -47.68 66.11
C5 A1H1B RA . -22.64 -47.47 66.12
C6 A1H1B RA . -21.88 -48.76 66.39
C7 A1H1B RA . -20.39 -48.52 66.46
O4 A1H1B RA . -24.44 -49.07 66.01
O5 A1H1B RA . -22.22 -46.92 64.87
O6 A1H1B RA . -22.34 -49.32 67.62
O3 A1H1B RA . -24.55 -47.68 63.72
O2 A1H1B RA . -24.64 -44.71 65.84
O7 A1H1B RA . -20.11 -47.50 67.43
C1 GAL SA . -3.09 26.35 53.77
C2 GAL SA . -2.12 25.52 52.92
C3 GAL SA . -1.16 26.48 52.26
C4 GAL SA . -1.90 27.53 51.43
C5 GAL SA . -2.92 28.25 52.31
C6 GAL SA . -3.81 29.21 51.56
O2 GAL SA . -1.35 24.66 53.75
O3 GAL SA . -0.24 25.81 51.41
O4 GAL SA . -2.49 26.88 50.31
O5 GAL SA . -3.76 27.29 52.96
O6 GAL SA . -4.50 28.54 50.50
C2 BGC SA . 2.09 25.39 51.03
C3 BGC SA . 3.51 25.94 51.22
C4 BGC SA . 3.58 27.40 50.79
C5 BGC SA . 2.52 28.21 51.51
C6 BGC SA . 2.46 29.67 51.06
C1 BGC SA . 1.07 26.31 51.69
O2 BGC SA . 1.99 24.10 51.63
O3 BGC SA . 4.40 25.15 50.44
O4 BGC SA . 4.87 27.91 51.09
O5 BGC SA . 1.23 27.66 51.26
O6 BGC SA . 2.05 29.76 49.69
C1 A1H1F SA . 5.54 28.15 49.86
O5 A1H1F SA . 6.31 27.00 49.52
C5 A1H1F SA . 6.95 27.18 48.27
C6 A1H1F SA . 7.64 25.90 47.83
C4 A1H1F SA . 7.94 28.33 48.37
O4 A1H1F SA . 8.96 28.01 49.33
C3 A1H1F SA . 7.22 29.62 48.78
O3 A1H1F SA . 8.18 30.64 49.01
C2 A1H1F SA . 6.44 29.37 50.06
O2 A1H1F SA . 5.65 30.51 50.35
S6 A1H1F SA . 7.04 25.43 46.36
O1S6 A1H1F SA . 7.28 26.51 45.37
O2S6 A1H1F SA . 7.72 24.20 45.91
O3S6 A1H1F SA . 5.59 25.16 46.48
C1 MAN SA . 8.11 31.70 48.08
C2 MAN SA . 8.85 31.46 46.75
C3 MAN SA . 10.34 31.24 47.01
C4 MAN SA . 10.91 32.38 47.84
C5 MAN SA . 10.11 32.51 49.14
C6 MAN SA . 10.58 33.66 50.01
O2 MAN SA . 8.72 32.59 45.90
O3 MAN SA . 11.05 31.11 45.77
O4 MAN SA . 12.27 32.11 48.13
O5 MAN SA . 8.73 32.72 48.84
O6 MAN SA . 10.07 34.85 49.41
C1 MAN SA . 11.27 29.71 45.48
C2 MAN SA . 10.60 29.39 44.13
C3 MAN SA . 10.06 27.96 44.12
C4 MAN SA . 10.99 27.04 44.90
C5 MAN SA . 10.97 27.43 46.37
C6 MAN SA . 12.22 26.99 47.13
O2 MAN SA . 11.54 29.50 43.06
O3 MAN SA . 9.90 27.48 42.78
O4 MAN SA . 10.57 25.69 44.76
O5 MAN SA . 10.80 28.86 46.54
O6 MAN SA . 12.02 27.26 48.53
C1 MAN SA . 9.60 35.75 50.42
C2 MAN SA . 8.42 36.57 49.87
C3 MAN SA . 8.92 37.56 48.80
C4 MAN SA . 10.10 38.39 49.32
C5 MAN SA . 11.19 37.45 49.86
C6 MAN SA . 12.38 38.20 50.45
O2 MAN SA . 7.78 37.34 50.88
O3 MAN SA . 7.86 38.45 48.39
O4 MAN SA . 10.62 39.18 48.26
O5 MAN SA . 10.66 36.61 50.88
O6 MAN SA . 13.45 37.27 50.63
C1 A1H1B SA . 5.89 31.08 51.67
C2 A1H1B SA . 6.89 30.26 52.52
C3 A1H1B SA . 8.04 31.13 53.01
C4 A1H1B SA . 7.52 32.39 53.70
C5 A1H1B SA . 6.41 33.04 52.88
C6 A1H1B SA . 6.62 34.54 52.73
C7 A1H1B SA . 5.50 35.16 51.90
O4 A1H1B SA . 8.59 33.32 53.86
O5 A1H1B SA . 6.33 32.43 51.59
O6 A1H1B SA . 6.64 35.13 54.02
O3 A1H1B SA . 8.85 31.50 51.90
O2 A1H1B SA . 6.20 29.68 53.63
O7 A1H1B SA . 4.24 34.91 52.53
C1 GAL TA . -5.06 35.22 61.47
C2 GAL TA . -3.73 34.71 60.89
C3 GAL TA . -2.63 35.75 61.04
C4 GAL TA . -3.12 37.07 60.45
C5 GAL TA . -4.44 37.50 61.08
C6 GAL TA . -5.01 38.76 60.47
O2 GAL TA . -3.32 33.52 61.55
O3 GAL TA . -1.46 35.33 60.35
O4 GAL TA . -3.22 36.97 59.02
O5 GAL TA . -5.41 36.47 60.90
O6 GAL TA . -5.37 38.53 59.10
C2 BGC TA . 0.87 35.35 60.97
C3 BGC TA . 2.06 36.26 61.27
C4 BGC TA . 2.23 37.35 60.21
C5 BGC TA . 0.91 38.11 60.07
C6 BGC TA . 0.93 39.20 59.03
C1 BGC TA . -0.38 36.18 60.70
O2 BGC TA . 0.62 34.52 62.11
O3 BGC TA . 3.24 35.48 61.37
O4 BGC TA . 3.26 38.22 60.68
O5 BGC TA . -0.11 37.19 59.70
O6 BGC TA . 1.45 38.68 57.80
C1 A1H1F TA . 4.39 38.48 59.83
O5 A1H1F TA . 5.56 37.70 59.47
C5 A1H1F TA . 6.10 38.31 58.29
C6 A1H1F TA . 7.18 37.46 57.67
C4 A1H1F TA . 6.61 39.71 58.62
O4 A1H1F TA . 7.64 39.57 59.60
C3 A1H1F TA . 5.48 40.58 59.16
O3 A1H1F TA . 6.04 41.81 59.61
C2 A1H1F TA . 4.80 39.88 60.33
O2 A1H1F TA . 3.64 40.59 60.73
S6 A1H1F TA . 6.86 37.16 56.08
O1S6 A1H1F TA . 7.93 36.29 55.52
O2S6 A1H1F TA . 6.82 38.43 55.33
O3S6 A1H1F TA . 5.55 36.46 55.95
C1 MAN TA . 6.39 42.88 58.72
C2 MAN TA . 7.46 42.96 57.60
C3 MAN TA . 8.87 42.81 58.17
C4 MAN TA . 9.09 43.77 59.33
C5 MAN TA . 8.03 43.52 60.40
C6 MAN TA . 8.13 44.49 61.57
O2 MAN TA . 7.39 44.28 57.04
O3 MAN TA . 9.84 42.97 57.15
O4 MAN TA . 10.38 43.55 59.87
O5 MAN TA . 6.72 43.69 59.84
O6 MAN TA . 7.62 45.75 61.13
C1 MAN TA . 10.37 41.69 56.74
C2 MAN TA . 10.06 41.48 55.26
C3 MAN TA . 9.78 40.01 54.96
C4 MAN TA . 10.69 39.12 55.81
C5 MAN TA . 10.31 39.28 57.29
C6 MAN TA . 11.43 38.89 58.23
O2 MAN TA . 11.16 41.89 54.43
O3 MAN TA . 9.95 39.73 53.56
O4 MAN TA . 10.56 37.76 55.40
O5 MAN TA . 9.86 40.62 57.57
O6 MAN TA . 10.88 38.71 59.54
C1 MAN TA . 6.88 46.40 62.18
C2 MAN TA . 5.70 47.16 61.54
C3 MAN TA . 6.20 48.38 60.76
C4 MAN TA . 7.16 49.23 61.60
C5 MAN TA . 8.27 48.35 62.16
C6 MAN TA . 9.24 49.11 63.06
O2 MAN TA . 4.79 47.63 62.54
O3 MAN TA . 5.11 49.20 60.33
O4 MAN TA . 7.71 50.25 60.78
O5 MAN TA . 7.72 47.27 62.93
O6 MAN TA . 10.40 48.29 63.26
C1 A1H1B TA . 3.68 41.09 62.09
C2 A1H1B TA . 4.65 40.30 63.00
C3 A1H1B TA . 5.64 41.24 63.69
C4 A1H1B TA . 4.94 42.41 64.37
C5 A1H1B TA . 3.84 42.98 63.48
C6 A1H1B TA . 3.86 44.50 63.46
C7 A1H1B TA . 2.73 45.05 62.61
O4 A1H1B TA . 5.88 43.43 64.68
O5 A1H1B TA . 3.99 42.48 62.15
O6 A1H1B TA . 3.73 44.99 64.81
O3 A1H1B TA . 6.55 41.76 62.70
O2 A1H1B TA . 3.90 39.60 63.99
O7 A1H1B TA . 1.48 44.51 63.07
C1 GAL UA . 2.87 -20.64 50.80
C2 GAL UA . 2.33 -21.04 49.44
C3 GAL UA . 3.33 -21.99 48.82
C4 GAL UA . 4.72 -21.35 48.72
C5 GAL UA . 5.14 -20.88 50.10
C6 GAL UA . 6.45 -20.10 50.10
O2 GAL UA . 1.11 -21.74 49.57
O3 GAL UA . 2.93 -22.39 47.50
O4 GAL UA . 4.66 -20.30 47.76
O5 GAL UA . 4.14 -20.03 50.67
O6 GAL UA . 6.35 -18.95 49.25
C2 BGC UA . 2.38 -24.29 46.15
C3 BGC UA . 2.61 -25.78 45.94
C4 BGC UA . 4.09 -26.13 46.01
C5 BGC UA . 4.68 -25.61 47.32
C6 BGC UA . 6.18 -25.81 47.42
C1 BGC UA . 3.09 -23.80 47.40
O2 BGC UA . 0.99 -24.02 46.28
O3 BGC UA . 2.07 -26.14 44.66
O4 BGC UA . 4.25 -27.54 45.94
O5 BGC UA . 4.46 -24.20 47.41
O6 BGC UA . 6.88 -25.05 46.43
C1 A1H1F UA . 4.86 -27.84 44.70
O5 A1H1F UA . 3.86 -28.12 43.73
C5 A1H1F UA . 4.43 -28.37 42.46
C6 A1H1F UA . 3.35 -28.52 41.40
C4 A1H1F UA . 5.30 -29.62 42.53
O4 A1H1F UA . 4.49 -30.76 42.87
C3 A1H1F UA . 6.39 -29.46 43.60
O3 A1H1F UA . 7.10 -30.68 43.75
C2 A1H1F UA . 5.76 -29.05 44.92
O2 A1H1F UA . 6.79 -28.74 45.86
S6 A1H1F UA . 3.61 -27.39 40.22
O1S6 A1H1F UA . 4.95 -27.61 39.62
O2S6 A1H1F UA . 2.59 -27.55 39.15
O3S6 A1H1F UA . 3.52 -26.03 40.79
C1 MAN UA . 8.44 -30.63 43.32
C2 MAN UA . 8.65 -30.81 41.81
C3 MAN UA . 8.15 -32.19 41.39
C4 MAN UA . 8.75 -33.29 42.25
C5 MAN UA . 8.46 -32.99 43.72
C6 MAN UA . 9.09 -34.00 44.67
O2 MAN UA . 10.04 -30.76 41.49
O3 MAN UA . 8.43 -32.44 40.01
O4 MAN UA . 8.21 -34.54 41.89
O5 MAN UA . 8.96 -31.70 44.08
O6 MAN UA . 10.47 -33.69 44.73
C1 MAN UA . 7.25 -32.16 39.21
C2 MAN UA . 7.60 -31.04 38.20
C3 MAN UA . 6.39 -30.16 37.94
C4 MAN UA . 5.11 -31.00 37.95
C5 MAN UA . 4.87 -31.54 39.36
C6 MAN UA . 3.99 -32.77 39.37
O2 MAN UA . 8.01 -31.61 36.94
O3 MAN UA . 6.52 -29.47 36.69
O4 MAN UA . 4.00 -30.20 37.54
O5 MAN UA . 6.12 -31.81 40.03
O6 MAN UA . 3.69 -33.09 40.75
C1 MAN UA . 10.93 -33.81 46.09
C2 MAN UA . 12.07 -32.80 46.33
C3 MAN UA . 13.33 -33.21 45.55
C4 MAN UA . 13.70 -34.67 45.81
C5 MAN UA . 12.49 -35.57 45.54
C6 MAN UA . 12.75 -37.03 45.84
O2 MAN UA . 12.43 -32.75 47.72
O3 MAN UA . 14.44 -32.36 45.89
O4 MAN UA . 14.78 -35.04 44.96
O5 MAN UA . 11.37 -35.16 46.35
O6 MAN UA . 11.69 -37.80 45.27
C1 A1H1B UA . 6.73 -29.52 47.08
C2 A1H1B UA . 5.51 -30.45 47.16
C3 A1H1B UA . 5.93 -31.90 47.41
C4 A1H1B UA . 6.87 -31.99 48.62
C5 A1H1B UA . 7.94 -30.90 48.56
C6 A1H1B UA . 9.33 -31.46 48.84
C7 A1H1B UA . 10.39 -30.37 48.76
O4 A1H1B UA . 7.49 -33.27 48.65
O5 A1H1B UA . 7.92 -30.27 47.28
O6 A1H1B UA . 9.35 -32.04 50.14
O3 A1H1B UA . 6.62 -32.40 46.26
O2 A1H1B UA . 4.64 -30.01 48.19
O7 A1H1B UA . 10.09 -29.34 49.71
C1 GAL VA . 8.02 -23.66 61.11
C2 GAL VA . 7.61 -24.55 59.93
C3 GAL VA . 8.35 -25.88 59.99
C4 GAL VA . 9.84 -25.63 60.09
C5 GAL VA . 10.16 -24.73 61.28
C6 GAL VA . 11.63 -24.36 61.37
O2 GAL VA . 6.22 -24.80 59.95
O3 GAL VA . 8.09 -26.63 58.80
O4 GAL VA . 10.34 -25.07 58.86
O5 GAL VA . 9.44 -23.51 61.16
O6 GAL VA . 12.01 -23.53 60.25
C2 BGC VA . 7.53 -28.95 58.45
C3 BGC VA . 8.06 -30.37 58.54
C4 BGC VA . 9.44 -30.52 57.91
C5 BGC VA . 10.38 -29.49 58.55
C6 BGC VA . 11.80 -29.49 58.00
C1 BGC VA . 8.58 -27.97 58.96
O2 BGC VA . 6.36 -28.84 59.26
O3 BGC VA . 7.15 -31.28 57.90
O4 BGC VA . 9.92 -31.84 58.20
O5 BGC VA . 9.84 -28.18 58.32
O6 BGC VA . 11.75 -29.43 56.58
C1 A1H1F VA . 10.34 -32.66 57.11
O5 A1H1F VA . 9.60 -33.41 56.09
C5 A1H1F VA . 10.56 -33.71 55.07
C6 A1H1F VA . 9.89 -34.28 53.84
C4 A1H1F VA . 11.61 -34.67 55.62
O4 A1H1F VA . 10.95 -35.88 56.02
C3 A1H1F VA . 12.34 -34.05 56.81
O3 A1H1F VA . 13.19 -35.05 57.37
C2 A1H1F VA . 11.32 -33.60 57.83
O2 A1H1F VA . 11.97 -32.86 58.87
S6 A1H1F VA . 10.30 -33.42 52.49
O1S6 A1H1F VA . 9.60 -33.99 51.32
O2S6 A1H1F VA . 11.76 -33.51 52.27
O3S6 A1H1F VA . 9.92 -32.00 52.66
C1 MAN VA . 14.46 -35.39 56.83
C2 MAN VA . 14.84 -36.05 55.48
C3 MAN VA . 14.27 -37.46 55.36
C4 MAN VA . 14.64 -38.28 56.59
C5 MAN VA . 14.13 -37.57 57.85
C6 MAN VA . 14.53 -38.28 59.14
O2 MAN VA . 16.28 -36.20 55.44
O3 MAN VA . 14.70 -38.10 54.16
O4 MAN VA . 14.05 -39.56 56.49
O5 MAN VA . 14.69 -36.25 57.91
O6 MAN VA . 15.91 -38.04 59.35
C1 MAN VA . 13.63 -38.09 53.19
C2 MAN VA . 14.09 -37.30 51.96
C3 MAN VA . 12.92 -36.54 51.33
C4 MAN VA . 11.65 -37.38 51.42
C5 MAN VA . 11.25 -37.52 52.89
C6 MAN VA . 10.35 -38.72 53.14
O2 MAN VA . 14.64 -38.16 50.96
O3 MAN VA . 13.22 -36.20 49.97
O4 MAN VA . 10.62 -36.76 50.67
O5 MAN VA . 12.41 -37.58 53.75
O6 MAN VA . 9.74 -38.56 54.43
C1 MAN VA . 16.17 -37.86 60.75
C2 MAN VA . 17.28 -36.80 60.92
C3 MAN VA . 18.64 -37.36 60.46
C4 MAN VA . 18.93 -38.72 61.08
C5 MAN VA . 17.75 -39.66 60.84
C6 MAN VA . 17.94 -41.03 61.50
O2 MAN VA . 17.44 -36.41 62.28
O3 MAN VA . 19.71 -36.45 60.78
O4 MAN VA . 20.12 -39.26 60.50
O5 MAN VA . 16.54 -39.10 61.37
O6 MAN VA . 16.96 -41.92 60.94
C1 A1H1B VA . 11.87 -33.45 60.19
C2 A1H1B VA . 10.65 -34.39 60.34
C3 A1H1B VA . 11.07 -35.76 60.85
C4 A1H1B VA . 11.95 -35.66 62.10
C5 A1H1B VA . 12.99 -34.54 61.94
C6 A1H1B VA . 14.36 -34.97 62.41
C7 A1H1B VA . 15.36 -33.83 62.31
O4 A1H1B VA . 12.61 -36.89 62.33
O5 A1H1B VA . 13.05 -34.14 60.57
O6 A1H1B VA . 14.28 -35.40 63.79
O3 A1H1B VA . 11.82 -36.44 59.81
O2 A1H1B VA . 9.71 -33.81 61.25
O7 A1H1B VA . 14.88 -32.68 63.01
C1 GAL WA . -39.21 -12.22 30.60
C2 GAL WA . -38.96 -11.20 29.50
C3 GAL WA . -39.69 -11.67 28.26
C4 GAL WA . -39.27 -13.07 27.85
C5 GAL WA . -39.43 -14.03 29.04
C6 GAL WA . -38.86 -15.41 28.80
O2 GAL WA . -39.49 -9.93 29.86
O3 GAL WA . -39.49 -10.79 27.16
O4 GAL WA . -37.92 -13.00 27.39
O5 GAL WA . -38.76 -13.50 30.19
O6 GAL WA . -37.46 -15.35 28.45
C2 BGC WA . -40.58 -9.36 25.59
C3 BGC WA . -41.88 -9.10 24.83
C4 BGC WA . -42.42 -10.38 24.20
C5 BGC WA . -42.56 -11.46 25.27
C6 BGC WA . -43.01 -12.80 24.71
C1 BGC WA . -40.76 -10.52 26.55
O2 BGC WA . -40.21 -8.20 26.33
O3 BGC WA . -41.62 -8.13 23.80
O4 BGC WA . -43.69 -10.12 23.62
O5 BGC WA . -41.29 -11.68 25.89
O6 BGC WA . -42.01 -13.35 23.84
C1 A1H1F WA . -43.55 -10.22 22.22
O5 A1H1F WA . -43.28 -8.93 21.68
C5 A1H1F WA . -43.07 -9.00 20.28
C6 A1H1F WA . -42.62 -7.65 19.73
C4 A1H1F WA . -44.35 -9.47 19.59
O4 A1H1F WA . -45.40 -8.52 19.83
C3 A1H1F WA . -44.77 -10.83 20.15
O3 A1H1F WA . -46.05 -11.18 19.61
C2 A1H1F WA . -44.86 -10.77 21.66
O2 A1H1F WA . -45.10 -12.08 22.18
S6 A1H1F WA . -41.16 -7.84 18.97
O1S6 A1H1F WA . -41.30 -8.81 17.88
O2S6 A1H1F WA . -40.73 -6.53 18.41
O3S6 A1H1F WA . -40.14 -8.30 19.96
C1 MAN WA . -46.01 -12.29 18.73
C2 MAN WA . -45.60 -11.98 17.29
C3 MAN WA . -46.61 -11.00 16.67
C4 MAN WA . -48.03 -11.51 16.82
C5 MAN WA . -48.32 -11.78 18.30
C6 MAN WA . -49.69 -12.35 18.54
O2 MAN WA . -45.63 -13.16 16.49
O3 MAN WA . -46.31 -10.77 15.29
O4 MAN WA . -48.94 -10.57 16.31
O5 MAN WA . -47.36 -12.70 18.84
O6 MAN WA . -49.64 -13.73 18.17
C1 MAN WA . -45.57 -9.53 15.15
C2 MAN WA . -44.21 -9.85 14.50
C3 MAN WA . -43.12 -8.91 15.04
C4 MAN WA . -43.71 -7.52 15.27
C5 MAN WA . -44.74 -7.58 16.40
C6 MAN WA . -45.75 -6.44 16.34
O2 MAN WA . -44.26 -9.69 13.08
O3 MAN WA . -42.01 -8.84 14.13
O4 MAN WA . -42.67 -6.60 15.61
O5 MAN WA . -45.43 -8.85 16.40
O6 MAN WA . -46.54 -6.50 17.54
C1 MAN WA . -50.36 -14.53 19.11
C2 MAN WA . -49.70 -15.92 19.22
C3 MAN WA . -49.92 -16.71 17.92
C4 MAN WA . -51.39 -16.72 17.52
C5 MAN WA . -51.93 -15.29 17.46
C6 MAN WA . -53.41 -15.23 17.13
O2 MAN WA . -50.26 -16.68 20.28
O3 MAN WA . -49.45 -18.07 18.07
O4 MAN WA . -51.53 -17.36 16.25
O5 MAN WA . -51.74 -14.64 18.72
O6 MAN WA . -53.73 -13.88 16.80
C1 A1H1B WA . -46.29 -12.18 22.99
C2 A1H1B WA . -47.00 -10.83 23.23
C3 A1H1B WA . -48.47 -10.89 22.82
C4 A1H1B WA . -49.17 -12.09 23.47
C5 A1H1B WA . -48.31 -13.35 23.36
C6 A1H1B WA . -49.12 -14.55 22.87
C7 A1H1B WA . -48.25 -15.78 22.76
O4 A1H1B WA . -50.42 -12.32 22.83
O5 A1H1B WA . -47.22 -13.12 22.46
O6 A1H1B WA . -50.18 -14.79 23.81
O3 A1H1B WA . -48.55 -11.04 21.40
O2 A1H1B WA . -46.89 -10.47 24.60
O7 A1H1B WA . -47.66 -16.09 24.03
C1 GAL XA . -46.85 -19.20 36.50
C2 GAL XA . -47.12 -18.24 35.35
C3 GAL XA . -48.44 -18.55 34.67
C4 GAL XA . -48.46 -20.03 34.27
C5 GAL XA . -48.17 -20.92 35.46
C6 GAL XA . -48.09 -22.39 35.08
O2 GAL XA . -47.17 -16.90 35.83
O3 GAL XA . -48.60 -17.75 33.52
O4 GAL XA . -47.52 -20.25 33.20
O5 GAL XA . -46.92 -20.56 36.05
O6 GAL XA . -46.93 -22.62 34.26
C2 BGC XA . -50.49 -16.50 32.67
C3 BGC XA . -51.90 -16.63 32.08
C4 BGC XA . -51.96 -17.66 30.96
C5 BGC XA . -51.41 -18.99 31.49
C6 BGC XA . -51.38 -20.11 30.46
C1 BGC XA . -49.94 -17.88 33.03
O2 BGC XA . -50.56 -15.71 33.85
O3 BGC XA . -52.33 -15.36 31.59
O4 BGC XA . -53.33 -17.81 30.60
O5 BGC XA . -50.06 -18.78 31.93
O6 BGC XA . -50.75 -19.65 29.27
C1 A1H1F XA . -53.71 -17.63 29.22
O5 A1H1F XA . -53.87 -16.47 28.38
C5 A1H1F XA . -53.85 -16.94 27.04
C6 A1H1F XA . -53.78 -15.80 26.05
C4 A1H1F XA . -55.09 -17.81 26.78
O4 A1H1F XA . -56.25 -16.98 27.00
C3 A1H1F XA . -55.11 -19.00 27.73
O3 A1H1F XA . -56.35 -19.67 27.57
C2 A1H1F XA . -54.97 -18.51 29.16
O2 A1H1F XA . -54.81 -19.62 30.05
S6 A1H1F XA . -52.51 -16.00 25.01
O1S6 A1H1F XA . -52.45 -14.84 24.08
O2S6 A1H1F XA . -52.71 -17.24 24.22
O3S6 A1H1F XA . -51.24 -16.10 25.77
C1 MAN XA . -56.62 -20.57 26.49
C2 MAN XA . -56.71 -20.33 24.96
C3 MAN XA . -57.87 -19.38 24.62
C4 MAN XA . -59.16 -19.87 25.28
C5 MAN XA . -58.96 -19.98 26.78
C6 MAN XA . -60.17 -20.53 27.52
O2 MAN XA . -57.03 -21.57 24.33
O3 MAN XA . -58.02 -19.23 23.21
O4 MAN XA . -60.20 -18.94 25.00
O5 MAN XA . -57.87 -20.88 27.06
O6 MAN XA . -60.24 -21.93 27.24
C1 MAN XA . -57.47 -17.96 22.80
C2 MAN XA . -56.32 -18.22 21.81
C3 MAN XA . -55.22 -17.18 21.97
C4 MAN XA . -55.84 -15.81 22.27
C5 MAN XA . -56.51 -15.85 23.64
C6 MAN XA . -57.57 -14.77 23.81
O2 MAN XA . -56.79 -18.18 20.46
O3 MAN XA . -54.39 -17.12 20.80
O4 MAN XA . -54.82 -14.81 22.23
O5 MAN XA . -57.06 -17.15 23.92
O6 MAN XA . -57.86 -14.65 25.22
C1 MAN XA . -60.67 -22.65 28.41
C2 MAN XA . -59.94 -24.00 28.47
C3 MAN XA . -60.44 -24.94 27.37
C4 MAN XA . -61.97 -25.02 27.35
C5 MAN XA . -62.57 -23.61 27.29
C6 MAN XA . -64.08 -23.61 27.33
O2 MAN XA . -60.16 -24.66 29.72
O3 MAN XA . -59.90 -26.26 27.52
O4 MAN XA . -62.38 -25.77 26.21
O5 MAN XA . -62.10 -22.83 28.39
O6 MAN XA . -64.53 -22.30 26.95
C1 A1H1B XA . -55.86 -19.76 31.03
C2 A1H1B XA . -56.60 -18.44 31.33
C3 A1H1B XA . -58.11 -18.61 31.15
C4 A1H1B XA . -58.64 -19.81 31.93
C5 A1H1B XA . -57.72 -21.02 31.76
C6 A1H1B XA . -58.49 -22.30 31.49
C7 A1H1B XA . -57.55 -23.49 31.38
O4 A1H1B XA . -59.95 -20.15 31.47
O5 A1H1B XA . -56.80 -20.77 30.68
O6 A1H1B XA . -59.41 -22.51 32.57
O3 A1H1B XA . -58.40 -18.78 29.76
O2 A1H1B XA . -56.31 -18.03 32.66
O7 A1H1B XA . -56.73 -23.57 32.55
C1 GAL YA . -17.58 29.98 32.22
C2 GAL YA . -16.26 29.79 31.50
C3 GAL YA . -16.09 30.97 30.57
C4 GAL YA . -17.25 31.10 29.59
C5 GAL YA . -18.57 31.15 30.37
C6 GAL YA . -19.80 31.11 29.49
O2 GAL YA . -15.19 29.81 32.42
O3 GAL YA . -14.87 30.87 29.82
O4 GAL YA . -17.19 29.98 28.69
O5 GAL YA . -18.65 30.05 31.29
O6 GAL YA . -19.81 29.92 28.69
C2 BGC YA . -12.79 31.95 29.35
C3 BGC YA . -12.07 33.29 29.28
C4 BGC YA . -12.89 34.33 28.54
C5 BGC YA . -14.28 34.43 29.16
C6 BGC YA . -15.21 35.37 28.42
C1 BGC YA . -14.21 32.14 29.87
O2 BGC YA . -12.09 31.07 30.23
O3 BGC YA . -10.81 33.09 28.62
O4 BGC YA . -12.25 35.60 28.61
O5 BGC YA . -14.91 33.15 29.14
O6 BGC YA . -15.49 34.88 27.10
C1 A1H1F YA . -11.79 35.91 27.32
O5 A1H1F YA . -10.45 35.48 27.17
C5 A1H1F YA . -9.97 35.72 25.85
C6 A1H1F YA . -8.60 35.11 25.64
C4 A1H1F YA . -9.94 37.24 25.61
O4 A1H1F YA . -9.03 37.86 26.53
C3 A1H1F YA . -11.34 37.83 25.80
O3 A1H1F YA . -11.26 39.25 25.72
C2 A1H1F YA . -11.89 37.43 27.15
O2 A1H1F YA . -13.24 37.86 27.27
S6 A1H1F YA . -8.66 34.06 24.37
O1S6 A1H1F YA . -9.09 34.80 23.16
O2S6 A1H1F YA . -7.32 33.48 24.14
O3S6 A1H1F YA . -9.62 32.97 24.67
C1 MAN YA . -11.91 39.79 24.58
C2 MAN YA . -11.10 39.77 23.28
C3 MAN YA . -9.83 40.61 23.46
C4 MAN YA . -10.16 42.00 23.96
C5 MAN YA . -10.95 41.88 25.27
C6 MAN YA . -11.38 43.22 25.82
O2 MAN YA . -11.85 40.36 22.23
O3 MAN YA . -9.10 40.69 22.23
O4 MAN YA . -8.96 42.72 24.19
O5 MAN YA . -12.14 41.10 25.06
O6 MAN YA . -12.47 43.66 25.04
C1 MAN YA . -8.03 39.71 22.22
C2 MAN YA . -8.24 38.76 21.03
C3 MAN YA . -7.76 37.35 21.38
C4 MAN YA . -6.52 37.42 22.26
C5 MAN YA . -6.89 38.04 23.62
C6 MAN YA . -5.69 38.66 24.34
O2 MAN YA . -7.52 39.20 19.88
O3 MAN YA . -7.50 36.59 20.20
O4 MAN YA . -5.98 36.12 22.45
O5 MAN YA . -7.94 39.02 23.48
O6 MAN YA . -6.12 39.03 25.65
C1 MAN YA . -13.48 44.27 25.86
C2 MAN YA . -14.87 44.01 25.24
C3 MAN YA . -15.04 44.83 23.95
C4 MAN YA . -14.67 46.30 24.17
C5 MAN YA . -13.28 46.41 24.80
C6 MAN YA . -12.88 47.84 25.12
O2 MAN YA . -15.92 44.40 26.14
O3 MAN YA . -16.38 44.73 23.45
O4 MAN YA . -14.70 46.98 22.92
O5 MAN YA . -13.24 45.67 26.03
O6 MAN YA . -11.48 47.85 25.40
C1 A1H1B YA . -13.49 38.72 28.40
C2 A1H1B YA . -12.28 38.92 29.31
C3 A1H1B YA . -11.97 40.40 29.51
C4 A1H1B YA . -13.21 41.17 29.95
C5 A1H1B YA . -14.42 40.77 29.12
C6 A1H1B YA . -15.20 41.99 28.62
C7 A1H1B YA . -16.39 41.58 27.78
O4 A1H1B YA . -12.98 42.57 29.82
O5 A1H1B YA . -14.00 39.99 27.99
O6 A1H1B YA . -15.65 42.74 29.75
O3 A1H1B YA . -11.50 40.95 28.27
O2 A1H1B YA . -12.52 38.31 30.58
O7 A1H1B YA . -17.25 40.73 28.55
C1 GAL ZA . -25.24 37.07 37.98
C2 GAL ZA . -23.85 37.40 37.41
C3 GAL ZA . -23.68 38.90 37.24
C4 GAL ZA . -24.85 39.46 36.41
C5 GAL ZA . -26.18 39.07 37.04
C6 GAL ZA . -27.37 39.52 36.21
O2 GAL ZA . -22.83 36.93 38.28
O3 GAL ZA . -22.47 39.18 36.55
O4 GAL ZA . -24.74 38.99 35.06
O5 GAL ZA . -26.26 37.65 37.18
O6 GAL ZA . -27.40 38.79 34.98
C2 BGC ZA . -20.74 40.82 36.97
C3 BGC ZA . -20.42 42.30 36.96
C4 BGC ZA . -20.89 42.99 35.68
C5 BGC ZA . -22.38 42.70 35.49
C6 BGC ZA . -22.99 43.30 34.24
C1 BGC ZA . -22.20 40.59 36.62
O2 BGC ZA . -20.49 40.29 38.27
O3 BGC ZA . -19.01 42.50 37.12
O4 BGC ZA . -20.68 44.40 35.84
O5 BGC ZA . -22.56 41.28 35.42
O6 BGC ZA . -22.19 42.95 33.10
C1 A1H1F ZA . -19.92 45.09 34.86
O5 A1H1F ZA . -18.49 45.17 34.58
C5 A1H1F ZA . -18.37 45.70 33.25
C6 A1H1F ZA . -16.95 45.62 32.74
C4 A1H1F ZA . -18.88 47.14 33.23
O4 A1H1F ZA . -18.07 47.91 34.13
C3 A1H1F ZA . -20.35 47.21 33.67
O3 A1H1F ZA . -20.71 48.57 33.79
C2 A1H1F ZA . -20.50 46.51 35.02
O2 A1H1F ZA . -21.88 46.41 35.35
S6 A1H1F ZA . -16.90 44.84 31.29
O1S6 A1H1F ZA . -15.49 44.74 30.85
O2S6 A1H1F ZA . -17.68 45.59 30.29
O3S6 A1H1F ZA . -17.47 43.47 31.43
C1 MAN ZA . -21.05 49.41 32.68
C2 MAN ZA . -20.20 49.89 31.48
C3 MAN ZA . -19.05 50.78 31.94
C4 MAN ZA . -19.57 51.89 32.84
C5 MAN ZA . -20.31 51.27 34.03
C6 MAN ZA . -20.93 52.31 34.94
O2 MAN ZA . -21.04 50.71 30.65
O3 MAN ZA . -18.32 51.30 30.83
O4 MAN ZA . -18.48 52.66 33.30
O5 MAN ZA . -21.39 50.45 33.55
O6 MAN ZA . -22.08 52.84 34.29
C1 MAN ZA . -17.08 50.58 30.67
C2 MAN ZA . -17.08 49.90 29.29
C3 MAN ZA . -16.36 48.56 29.34
C4 MAN ZA . -15.15 48.65 30.28
C5 MAN ZA . -15.65 48.85 31.71
C6 MAN ZA . -14.60 49.47 32.63
O2 MAN ZA . -16.42 50.72 28.32
O3 MAN ZA . -15.94 48.15 28.03
O4 MAN ZA . -14.37 47.47 30.19
O5 MAN ZA . -16.86 49.63 31.74
O6 MAN ZA . -15.01 49.27 33.99
C1 MAN ZA . -23.14 53.08 35.23
C2 MAN ZA . -24.49 52.77 34.55
C3 MAN ZA . -24.82 53.83 33.48
C4 MAN ZA . -24.67 55.25 34.04
C5 MAN ZA . -23.29 55.42 34.67
C6 MAN ZA . -23.09 56.79 35.29
O2 MAN ZA . -25.56 52.77 35.50
O3 MAN ZA . -26.15 53.65 32.98
O4 MAN ZA . -24.83 56.18 32.96
O5 MAN ZA . -23.10 54.44 35.71
O6 MAN ZA . -21.70 56.95 35.56
C1 A1H1B ZA . -22.26 47.10 36.57
C2 A1H1B ZA . -21.08 47.32 37.54
C3 A1H1B ZA . -20.95 48.79 37.92
C4 A1H1B ZA . -22.28 49.38 38.40
C5 A1H1B ZA . -23.43 48.93 37.50
C6 A1H1B ZA . -24.37 50.06 37.15
C7 A1H1B ZA . -25.54 49.57 36.31
O4 A1H1B ZA . -22.22 50.80 38.40
O5 A1H1B ZA . -22.90 48.35 36.29
O6 A1H1B ZA . -24.88 50.64 38.36
O3 A1H1B ZA . -20.51 49.54 36.76
O2 A1H1B ZA . -21.29 46.54 38.71
O7 A1H1B ZA . -26.20 48.48 36.97
C1 GAL AB . 16.87 -1.91 39.04
C2 GAL AB . 16.80 -2.84 37.84
C3 GAL AB . 18.22 -3.05 37.35
C4 GAL AB . 18.89 -1.73 37.00
C5 GAL AB . 18.82 -0.79 38.21
C6 GAL AB . 19.33 0.61 37.93
O2 GAL AB . 16.30 -4.11 38.23
O3 GAL AB . 18.26 -3.89 36.20
O4 GAL AB . 18.24 -1.19 35.85
O5 GAL AB . 17.48 -0.68 38.67
O6 GAL AB . 18.58 1.21 36.86
C2 BGC AB . 19.14 -5.95 35.34
C3 BGC AB . 20.27 -6.96 35.45
C4 BGC AB . 21.63 -6.26 35.46
C5 BGC AB . 21.66 -5.21 36.57
C6 BGC AB . 22.95 -4.40 36.59
C1 BGC AB . 19.29 -4.87 36.41
O2 BGC AB . 17.89 -6.60 35.55
O3 BGC AB . 20.19 -7.85 34.33
O4 BGC AB . 22.65 -7.22 35.69
O5 BGC AB . 20.60 -4.28 36.37
O6 BGC AB . 23.07 -3.60 35.40
C1 A1H1F AB . 23.41 -7.33 34.50
O5 A1H1F AB . 22.88 -8.39 33.70
C5 A1H1F AB . 23.58 -8.49 32.48
C6 A1H1F AB . 22.92 -9.53 31.57
C4 A1H1F AB . 25.03 -8.87 32.74
O4 A1H1F AB . 25.10 -10.15 33.39
C3 A1H1F AB . 25.69 -7.81 33.64
O3 A1H1F AB . 27.00 -8.26 34.01
C2 A1H1F AB . 24.85 -7.62 34.89
O2 A1H1F AB . 25.38 -6.53 35.66
S6 A1H1F AB . 22.49 -8.79 30.15
O1S6 A1H1F AB . 23.71 -8.23 29.50
O2S6 A1H1F AB . 21.87 -9.78 29.25
O3S6 A1H1F AB . 21.51 -7.71 30.41
C1 MAN AB . 28.04 -7.46 33.46
C2 MAN AB . 28.44 -7.80 32.01
C3 MAN AB . 28.93 -9.24 31.95
C4 MAN AB . 30.04 -9.47 32.97
C5 MAN AB . 29.52 -9.12 34.36
C6 MAN AB . 30.56 -9.27 35.45
O2 MAN AB . 29.50 -6.96 31.58
O3 MAN AB . 29.41 -9.54 30.62
O4 MAN AB . 30.44 -10.84 32.93
O5 MAN AB . 29.06 -7.76 34.39
O6 MAN AB . 31.43 -8.15 35.33
C1 MAN AB . 28.38 -10.25 29.89
C2 MAN AB . 28.03 -9.44 28.65
C3 MAN AB . 26.54 -9.60 28.29
C4 MAN AB . 26.09 -11.02 28.60
C5 MAN AB . 26.15 -11.27 30.11
C6 MAN AB . 26.26 -12.74 30.48
O2 MAN AB . 28.79 -9.86 27.51
O3 MAN AB . 26.30 -9.28 26.92
O4 MAN AB . 24.76 -11.22 28.13
O5 MAN AB . 27.23 -10.53 30.72
O6 MAN AB . 26.12 -12.86 31.90
C1 MAN AB . 31.78 -7.65 36.63
C2 MAN AB . 31.99 -6.13 36.55
C3 MAN AB . 33.28 -5.81 35.77
C4 MAN AB . 34.46 -6.60 36.30
C5 MAN AB . 34.12 -8.09 36.34
C6 MAN AB . 35.23 -8.95 36.92
O2 MAN AB . 32.13 -5.55 37.85
O3 MAN AB . 33.57 -4.41 35.83
O4 MAN AB . 35.60 -6.38 35.46
O5 MAN AB . 32.95 -8.31 37.13
O6 MAN AB . 34.93 -10.32 36.62
C1 A1H1B AB . 25.74 -6.88 37.02
C2 A1H1B AB . 25.38 -8.32 37.40
C3 A1H1B AB . 26.60 -9.07 37.93
C4 A1H1B AB . 27.29 -8.29 39.04
C5 A1H1B AB . 27.44 -6.82 38.66
C6 A1H1B AB . 28.85 -6.30 38.93
C7 A1H1B AB . 28.98 -4.84 38.53
O4 A1H1B AB . 28.58 -8.85 39.30
O5 A1H1B AB . 27.12 -6.64 37.27
O6 A1H1B AB . 29.13 -6.43 40.32
O3 A1H1B AB . 27.53 -9.28 36.86
O2 A1H1B AB . 24.35 -8.32 38.38
O7 A1H1B AB . 28.02 -4.05 39.25
C1 GAL BB . 22.01 1.39 49.29
C2 GAL BB . 22.34 0.20 48.37
C3 GAL BB . 23.75 -0.32 48.64
C4 GAL BB . 24.74 0.84 48.57
C5 GAL BB . 24.32 1.96 49.51
C6 GAL BB . 25.24 3.17 49.41
O2 GAL BB . 21.42 -0.87 48.57
O3 GAL BB . 24.10 -1.29 47.67
O4 GAL BB . 24.86 1.30 47.20
O5 GAL BB . 23.01 2.40 49.18
O6 GAL BB . 25.09 3.79 48.12
C2 BGC BB . 25.16 -3.46 47.88
C3 BGC BB . 26.48 -4.15 48.24
C4 BGC BB . 27.68 -3.53 47.53
C5 BGC BB . 27.70 -2.03 47.85
C6 BGC BB . 28.82 -1.26 47.20
C1 BGC BB . 25.31 -1.95 48.08
O2 BGC BB . 24.14 -3.93 48.75
O3 BGC BB . 26.39 -5.54 47.89
O4 BGC BB . 28.85 -4.15 48.06
O5 BGC BB . 26.47 -1.45 47.41
O6 BGC BB . 28.86 -1.56 45.80
C1 A1H1F BB . 29.78 -4.74 47.15
O5 A1H1F BB . 29.77 -5.97 46.39
C5 A1H1F BB . 30.77 -5.82 45.37
C6 A1H1F BB . 30.70 -6.95 44.35
C4 A1H1F BB . 32.15 -5.76 46.02
O4 A1H1F BB . 32.36 -6.98 46.73
C3 A1H1F BB . 32.23 -4.57 46.98
O3 A1H1F BB . 33.47 -4.64 47.67
C2 A1H1F BB . 31.08 -4.65 47.97
O2 A1H1F BB . 31.03 -3.45 48.75
S6 A1H1F BB . 30.57 -6.34 42.81
O1S6 A1H1F BB . 30.47 -7.47 41.86
O2S6 A1H1F BB . 31.78 -5.54 42.50
O3S6 A1H1F BB . 29.36 -5.48 42.71
C1 MAN BB . 34.71 -4.22 47.11
C2 MAN BB . 35.52 -4.77 45.90
C3 MAN BB . 35.98 -6.20 46.15
C4 MAN BB . 36.69 -6.32 47.49
C5 MAN BB . 35.76 -5.82 48.60
C6 MAN BB . 36.41 -5.82 49.97
O2 MAN BB . 36.72 -3.98 45.78
O3 MAN BB . 36.79 -6.67 45.08
O4 MAN BB . 37.05 -7.67 47.72
O5 MAN BB . 35.35 -4.47 48.34
O6 MAN BB . 37.32 -4.72 50.01
C1 MAN BB . 36.04 -7.57 44.23
C2 MAN BB . 35.98 -6.95 42.82
C3 MAN BB . 34.65 -7.26 42.14
C4 MAN BB . 34.20 -8.67 42.52
C5 MAN BB . 33.86 -8.71 44.02
C6 MAN BB . 33.91 -10.11 44.61
O2 MAN BB . 37.04 -7.47 41.99
O3 MAN BB . 34.76 -7.13 40.73
O4 MAN BB . 33.05 -9.03 41.75
O5 MAN BB . 34.73 -7.82 44.77
O6 MAN BB . 33.24 -10.10 45.87
C1 MAN BB . 37.30 -4.11 51.32
C2 MAN BB . 37.48 -2.59 51.15
C3 MAN BB . 38.91 -2.24 50.70
C4 MAN BB . 39.95 -2.94 51.59
C5 MAN BB . 39.65 -4.45 51.67
C6 MAN BB . 40.61 -5.20 52.58
O2 MAN BB . 37.24 -1.89 52.39
O3 MAN BB . 39.14 -0.84 50.73
O4 MAN BB . 41.25 -2.73 51.05
O5 MAN BB . 38.33 -4.66 52.15
O6 MAN BB . 40.46 -6.59 52.31
C1 A1H1B BB . 31.23 -3.67 50.18
C2 A1H1B BB . 30.87 -5.10 50.63
C3 A1H1B BB . 32.04 -5.74 51.39
C4 A1H1B BB . 32.55 -4.84 52.51
C5 A1H1B BB . 32.66 -3.39 52.03
C6 A1H1B BB . 33.96 -2.73 52.47
C7 A1H1B BB . 34.02 -1.28 52.03
O4 A1H1B BB . 33.82 -5.28 52.95
O5 A1H1B BB . 32.56 -3.34 50.60
O6 A1H1B BB . 34.06 -2.80 53.89
O3 A1H1B BB . 33.11 -6.01 50.47
O2 A1H1B BB . 29.72 -5.05 51.47
O7 A1H1B BB . 32.86 -0.58 52.50
C1 GAL CB . -19.47 -26.59 21.16
C2 GAL CB . -19.83 -25.91 19.85
C3 GAL CB . -20.01 -27.00 18.81
C4 GAL CB . -18.78 -27.88 18.69
C5 GAL CB . -18.42 -28.44 20.06
C6 GAL CB . -17.11 -29.22 20.08
O2 GAL CB . -21.07 -25.22 19.97
O3 GAL CB . -20.31 -26.45 17.53
O4 GAL CB . -17.73 -27.09 18.11
O5 GAL CB . -18.30 -27.37 21.01
O6 GAL CB . -16.02 -28.40 19.63
C2 BGC CB . -21.95 -26.43 15.78
C3 BGC CB . -23.07 -27.21 15.10
C4 BGC CB . -22.63 -28.64 14.82
C5 BGC CB . -22.14 -29.31 16.10
C6 BGC CB . -21.59 -30.70 15.89
C1 BGC CB . -21.42 -27.19 16.99
O2 BGC CB . -22.44 -25.16 16.21
O3 BGC CB . -23.41 -26.54 13.88
O4 BGC CB . -23.74 -29.38 14.30
O5 BGC CB . -21.07 -28.53 16.65
O6 BGC CB . -20.42 -30.67 15.07
C1 A1H1F CB . -23.46 -29.68 12.95
O5 A1H1F CB . -24.02 -28.67 12.12
C5 A1H1F CB . -23.71 -28.90 10.75
C6 A1H1F CB . -24.17 -27.73 9.89
C4 A1H1F CB . -24.36 -30.20 10.31
O4 A1H1F CB . -25.79 -30.09 10.42
C3 A1H1F CB . -23.87 -31.35 11.18
O3 A1H1F CB . -24.59 -32.54 10.84
C2 A1H1F CB . -24.08 -31.04 12.65
O2 A1H1F CB . -23.48 -32.04 13.45
S6 A1H1F CB . -22.87 -27.12 9.08
O1S6 A1H1F CB . -22.29 -28.18 8.23
O2S6 A1H1F CB . -23.32 -25.99 8.20
O3S6 A1H1F CB . -21.87 -26.60 10.04
C1 MAN CB . -23.79 -33.54 10.22
C2 MAN CB . -23.57 -33.37 8.72
C3 MAN CB . -24.92 -33.41 7.98
C4 MAN CB . -25.70 -34.66 8.37
C5 MAN CB . -25.87 -34.71 9.89
C6 MAN CB . -26.58 -35.95 10.37
O2 MAN CB . -22.77 -34.43 8.21
O3 MAN CB . -24.73 -33.35 6.56
O4 MAN CB . -26.97 -34.63 7.73
O5 MAN CB . -24.58 -34.67 10.53
O6 MAN CB . -25.64 -37.02 10.29
C1 MAN CB . -24.93 -32.01 6.10
C2 MAN CB . -23.63 -31.53 5.42
C3 MAN CB . -23.43 -30.03 5.64
C4 MAN CB . -24.78 -29.30 5.62
C5 MAN CB . -25.61 -29.75 6.81
C6 MAN CB . -27.11 -29.55 6.61
O2 MAN CB . -23.67 -31.75 4.02
O3 MAN CB . -22.54 -29.47 4.66
O4 MAN CB . -24.57 -27.90 5.67
O5 MAN CB . -25.35 -31.13 7.16
O6 MAN CB . -27.78 -29.83 7.85
C1 MAN CB . -25.77 -37.87 11.45
C2 MAN CB . -24.39 -38.45 11.79
C3 MAN CB . -23.95 -39.48 10.73
C4 MAN CB . -25.07 -40.50 10.47
C5 MAN CB . -26.38 -39.78 10.15
C6 MAN CB . -27.54 -40.74 9.93
O2 MAN CB . -24.42 -39.14 13.04
O3 MAN CB . -22.77 -40.16 11.12
O4 MAN CB . -24.69 -41.34 9.38
O5 MAN CB . -26.74 -38.90 11.21
O6 MAN CB . -28.62 -40.00 9.35
C1 A1H1B CB . -24.40 -32.69 14.36
C2 A1H1B CB . -25.81 -32.08 14.36
C3 A1H1B CB . -26.87 -33.15 14.11
C4 A1H1B CB . -26.70 -34.33 15.06
C5 A1H1B CB . -25.24 -34.76 15.15
C6 A1H1B CB . -25.07 -36.26 15.00
C7 A1H1B CB . -23.60 -36.66 15.08
O4 A1H1B CB . -27.49 -35.44 14.59
O5 A1H1B CB . -24.47 -34.09 14.13
O6 A1H1B CB . -25.80 -36.90 16.05
O3 A1H1B CB . -26.75 -33.61 12.76
O2 A1H1B CB . -26.05 -31.44 15.62
O7 A1H1B CB . -23.05 -36.22 16.34
C1 GAL DB . -21.35 -35.30 29.07
C2 GAL DB . -22.10 -34.99 27.77
C3 GAL DB . -22.88 -36.22 27.29
C4 GAL DB . -21.94 -37.42 27.22
C5 GAL DB . -21.25 -37.64 28.56
C6 GAL DB . -20.24 -38.78 28.52
O2 GAL DB . -23.01 -33.92 27.95
O3 GAL DB . -23.42 -35.97 26.00
O4 GAL DB . -20.99 -37.24 26.15
O5 GAL DB . -20.55 -36.47 28.94
O6 GAL DB . -19.15 -38.43 27.66
C2 BGC DB . -25.61 -36.42 25.07
C3 BGC DB . -26.57 -37.52 24.64
C4 BGC DB . -25.89 -38.59 23.79
C5 BGC DB . -24.66 -39.11 24.54
C6 BGC DB . -23.87 -40.15 23.79
C1 BGC DB . -24.35 -37.02 25.68
O2 BGC DB . -26.24 -35.60 26.05
O3 BGC DB . -27.67 -36.95 23.94
O4 BGC DB . -26.83 -39.63 23.58
O5 BGC DB . -23.78 -38.01 24.82
O6 BGC DB . -23.57 -39.67 22.47
C1 A1H1F DB . -27.12 -40.05 22.24
O5 A1H1F DB . -27.93 -39.45 21.18
C5 A1H1F DB . -27.52 -40.11 19.98
C6 A1H1F DB . -28.11 -39.43 18.76
C4 A1H1F DB . -27.91 -41.58 20.02
O4 A1H1F DB . -29.33 -41.65 20.15
C3 A1H1F DB . -27.24 -42.28 21.21
O3 A1H1F DB . -27.76 -43.59 21.30
C2 A1H1F DB . -27.55 -41.50 22.48
O2 A1H1F DB . -26.78 -42.03 23.57
S6 A1H1F DB . -26.92 -39.00 17.68
O1S6 A1H1F DB . -27.54 -38.31 16.53
O2S6 A1H1F DB . -26.23 -40.23 17.21
O3S6 A1H1F DB . -25.94 -38.10 18.34
C1 MAN DB . -27.32 -44.66 20.47
C2 MAN DB . -27.43 -44.89 18.94
C3 MAN DB . -28.89 -44.98 18.51
C4 MAN DB . -29.64 -46.02 19.35
C5 MAN DB . -29.51 -45.64 20.83
C6 MAN DB . -30.17 -46.65 21.76
O2 MAN DB . -26.83 -46.15 18.63
O3 MAN DB . -29.00 -45.28 17.12
O4 MAN DB . -31.00 -46.04 18.97
O5 MAN DB . -28.13 -45.56 21.20
O6 MAN DB . -29.31 -47.79 21.81
C1 MAN DB . -29.36 -44.09 16.39
C2 MAN DB . -28.22 -43.77 15.39
C3 MAN DB . -28.04 -42.26 15.22
C4 MAN DB . -29.41 -41.58 15.26
C5 MAN DB . -30.00 -41.72 16.67
C6 MAN DB . -31.51 -41.55 16.69
O2 MAN DB . -28.51 -44.33 14.10
O3 MAN DB . -27.36 -41.97 14.00
O4 MAN DB . -29.26 -40.20 14.92
O5 MAN DB . -29.63 -42.97 17.26
O6 MAN DB . -31.92 -41.33 18.05
C1 MAN DB . -29.29 -48.34 23.13
C2 MAN DB . -27.86 -48.87 23.42
C3 MAN DB . -27.57 -50.14 22.59
C4 MAN DB . -28.72 -51.16 22.73
C5 MAN DB . -30.05 -50.50 22.42
C6 MAN DB . -31.23 -51.44 22.59
O2 MAN DB . -27.70 -49.23 24.80
O3 MAN DB . -26.34 -50.74 22.99
O4 MAN DB . -28.46 -52.23 21.82
O5 MAN DB . -30.27 -49.38 23.28
O6 MAN DB . -32.37 -50.83 21.97
C1 A1H1B DB . -27.58 -42.58 24.65
C2 A1H1B DB . -29.01 -42.00 24.71
C3 A1H1B DB . -30.06 -43.12 24.70
C4 A1H1B DB . -29.77 -44.18 25.77
C5 A1H1B DB . -28.27 -44.52 25.78
C6 A1H1B DB . -28.04 -46.03 25.87
C7 A1H1B DB . -26.55 -46.35 25.94
O4 A1H1B DB . -30.53 -45.35 25.50
O5 A1H1B DB . -27.64 -44.01 24.60
O6 A1H1B DB . -28.69 -46.53 27.03
O3 A1H1B DB . -30.07 -43.74 23.41
O2 A1H1B DB . -29.14 -41.22 25.89
O7 A1H1B DB . -25.96 -45.63 27.02
C1 GAL EB . -29.50 18.81 11.74
C2 GAL EB . -28.31 19.34 10.96
C3 GAL EB . -28.85 20.13 9.78
C4 GAL EB . -29.76 19.28 8.91
C5 GAL EB . -30.88 18.69 9.77
C6 GAL EB . -31.77 17.70 9.04
O2 GAL EB . -27.56 20.24 11.76
O3 GAL EB . -27.79 20.63 8.97
O4 GAL EB . -28.97 18.28 8.26
O5 GAL EB . -30.32 18.00 10.90
O6 GAL EB . -30.99 16.63 8.48
C2 BGC EB . -26.83 22.65 8.10
C3 BGC EB . -27.11 24.10 7.69
C4 BGC EB . -28.35 24.19 6.81
C5 BGC EB . -29.53 23.53 7.51
C6 BGC EB . -30.79 23.48 6.65
C1 BGC EB . -28.08 22.01 8.69
O2 BGC EB . -25.79 22.62 9.07
O3 BGC EB . -25.97 24.59 6.98
O4 BGC EB . -28.66 25.56 6.55
O5 BGC EB . -29.21 22.17 7.82
O6 BGC EB . -30.59 22.64 5.50
C1 A1H1F EB . -28.41 25.80 5.18
O5 A1H1F EB . -27.08 26.28 5.02
C5 A1H1F EB . -26.78 26.48 3.64
C6 A1H1F EB . -25.31 26.84 3.46
C4 A1H1F EB . -27.69 27.56 3.08
O4 A1H1F EB . -27.45 28.80 3.75
C3 A1H1F EB . -29.16 27.17 3.25
O3 A1H1F EB . -30.00 28.25 2.85
C2 A1H1F EB . -29.42 26.83 4.70
O2 A1H1F EB . -30.76 26.31 4.84
S6 A1H1F EB . -24.60 25.74 2.45
O1S6 A1H1F EB . -25.31 25.74 1.14
O2S6 A1H1F EB . -23.18 26.10 2.24
O3S6 A1H1F EB . -24.68 24.39 3.06
C1 MAN EB . -30.76 27.99 1.69
C2 MAN EB . -30.02 28.20 0.35
C3 MAN EB . -29.58 29.65 0.24
C4 MAN EB . -30.76 30.60 0.46
C5 MAN EB . -31.39 30.30 1.82
C6 MAN EB . -32.61 31.15 2.10
O2 MAN EB . -30.89 27.93 -0.73
O3 MAN EB . -28.98 29.90 -1.05
O4 MAN EB . -30.30 31.94 0.41
O5 MAN EB . -31.80 28.93 1.89
O6 MAN EB . -33.67 30.61 1.33
C1 MAN EB . -27.54 29.85 -0.93
C2 MAN EB . -27.01 28.74 -1.84
C3 MAN EB . -25.78 28.08 -1.25
C4 MAN EB . -24.93 29.12 -0.52
C5 MAN EB . -25.70 29.64 0.69
C6 MAN EB . -25.23 31.01 1.16
O2 MAN EB . -26.65 29.26 -3.13
O3 MAN EB . -25.00 27.42 -2.26
O4 MAN EB . -23.70 28.54 -0.09
O5 MAN EB . -27.12 29.67 0.44
O6 MAN EB . -25.89 31.32 2.40
C1 MAN EB . -34.89 30.61 2.11
C2 MAN EB . -35.76 29.40 1.67
C3 MAN EB . -36.31 29.62 0.26
C4 MAN EB . -36.97 30.99 0.12
C5 MAN EB . -36.02 32.10 0.59
C6 MAN EB . -36.64 33.48 0.55
O2 MAN EB . -36.88 29.23 2.53
O3 MAN EB . -37.25 28.60 -0.10
O4 MAN EB . -37.34 31.20 -1.24
O5 MAN EB . -35.60 31.84 1.93
O6 MAN EB . -35.58 34.43 0.71
C1 A1H1B EB . -31.58 27.04 5.77
C2 A1H1B EB . -30.83 28.17 6.51
C3 A1H1B EB . -31.54 29.51 6.35
C4 A1H1B EB . -33.03 29.39 6.72
C5 A1H1B EB . -33.64 28.14 6.10
C6 A1H1B EB . -34.97 28.44 5.41
C7 A1H1B EB . -35.57 27.20 4.79
O4 A1H1B EB . -33.73 30.54 6.26
O5 A1H1B EB . -32.74 27.57 5.14
O6 A1H1B EB . -35.88 28.96 6.39
O3 A1H1B EB . -31.44 29.93 4.99
O2 A1H1B EB . -30.73 27.83 7.89
O7 A1H1B EB . -35.76 26.19 5.80
C1 GAL FB . -40.32 20.52 16.43
C2 GAL FB . -39.41 21.51 15.69
C3 GAL FB . -40.22 22.69 15.18
C4 GAL FB . -41.41 22.18 14.36
C5 GAL FB . -42.23 21.20 15.17
C6 GAL FB . -43.38 20.60 14.37
O2 GAL FB . -38.39 21.98 16.55
O3 GAL FB . -39.40 23.51 14.36
O4 GAL FB . -40.93 21.60 13.13
O5 GAL FB . -41.42 20.12 15.62
O6 GAL FB . -42.86 19.77 13.33
C2 BGC FB . -39.12 25.92 14.25
C3 BGC FB . -39.82 27.22 13.90
C4 BGC FB . -40.52 27.16 12.55
C5 BGC FB . -41.47 25.95 12.54
C6 BGC FB . -42.23 25.75 11.26
C1 BGC FB . -40.09 24.74 14.10
O2 BGC FB . -38.71 25.97 15.62
O3 BGC FB . -38.87 28.29 13.90
O4 BGC FB . -41.26 28.36 12.38
O5 BGC FB . -40.71 24.76 12.81
O6 BGC FB . -41.30 25.74 10.16
C1 A1H1F FB . -41.05 29.15 11.21
O5 A1H1F FB . -39.97 30.04 10.80
C5 A1H1F FB . -40.12 30.22 9.40
C6 A1H1F FB . -38.93 30.94 8.80
C4 A1H1F FB . -41.42 30.97 9.10
O4 A1H1F FB . -41.34 32.25 9.74
C3 A1H1F FB . -42.61 30.19 9.64
O3 A1H1F FB . -43.77 31.00 9.48
C2 A1H1F FB . -42.39 29.88 11.10
O2 A1H1F FB . -43.42 28.99 11.57
S6 A1H1F FB . -38.28 30.07 7.55
O1S6 A1H1F FB . -37.10 30.80 7.01
O2S6 A1H1F FB . -39.29 29.93 6.47
O3S6 A1H1F FB . -37.88 28.73 8.02
C1 MAN FB . -44.48 31.15 8.25
C2 MAN FB . -44.04 31.79 6.90
C3 MAN FB . -43.75 33.27 7.06
C4 MAN FB . -44.92 33.98 7.75
C5 MAN FB . -45.19 33.31 9.09
C6 MAN FB . -46.40 33.90 9.82
O2 MAN FB . -45.14 31.69 5.99
O3 MAN FB . -43.44 33.87 5.81
O4 MAN FB . -44.60 35.34 7.93
O5 MAN FB . -45.47 31.91 8.90
O6 MAN FB . -47.56 33.42 9.15
C1 MAN FB . -42.01 34.08 5.70
C2 MAN FB . -41.49 33.28 4.51
C3 MAN FB . -40.08 32.75 4.79
C4 MAN FB . -39.28 33.79 5.58
C5 MAN FB . -39.90 33.94 6.97
C6 MAN FB . -39.56 35.26 7.64
O2 MAN FB . -41.42 34.07 3.32
O3 MAN FB . -39.40 32.42 3.57
O4 MAN FB . -37.92 33.38 5.68
O5 MAN FB . -41.33 33.77 6.94
O6 MAN FB . -39.85 35.16 9.04
C1 MAN FB . -48.61 33.14 10.10
C2 MAN FB . -49.40 31.91 9.63
C3 MAN FB . -50.25 32.25 8.40
C4 MAN FB . -51.07 33.52 8.61
C5 MAN FB . -50.16 34.65 9.08
C6 MAN FB . -50.91 35.94 9.37
O2 MAN FB . -50.30 31.44 10.64
O3 MAN FB . -51.12 31.17 8.06
O4 MAN FB . -51.70 33.88 7.39
O5 MAN FB . -49.46 34.28 10.27
O6 MAN FB . -49.96 37.01 9.47
C1 A1H1B FB . -44.25 29.55 12.63
C2 A1H1B FB . -43.55 30.66 13.43
C3 A1H1B FB . -44.41 31.93 13.46
C4 A1H1B FB . -45.83 31.63 13.92
C5 A1H1B FB . -46.36 30.36 13.24
C6 A1H1B FB . -47.79 30.54 12.73
C7 A1H1B FB . -48.32 29.25 12.12
O4 A1H1B FB . -46.68 32.73 13.61
O5 A1H1B FB . -45.51 30.00 12.15
O6 A1H1B FB . -48.63 30.92 13.83
O3 A1H1B FB . -44.45 32.50 12.15
O2 A1H1B FB . -43.30 30.22 14.76
O7 A1H1B FB . -48.19 28.17 13.05
C1 GAL GB . 16.73 18.31 22.33
C2 GAL GB . 17.36 17.30 21.39
C3 GAL GB . 18.61 17.93 20.83
C4 GAL GB . 18.33 19.26 20.15
C5 GAL GB . 17.58 20.19 21.12
C6 GAL GB . 17.11 21.48 20.48
O2 GAL GB . 17.75 16.13 22.09
O3 GAL GB . 19.26 17.07 19.89
O4 GAL GB . 17.57 18.99 18.95
O5 GAL GB . 16.44 19.52 21.65
O6 GAL GB . 16.24 21.22 19.37
C2 BGC GB . 21.31 15.90 19.43
C3 BGC GB . 22.81 15.88 19.64
C4 BGC GB . 23.42 17.25 19.40
C5 BGC GB . 22.70 18.30 20.24
C6 BGC GB . 23.18 19.72 19.98
C1 BGC GB . 20.66 17.04 20.21
O2 BGC GB . 20.73 14.67 19.86
O3 BGC GB . 23.38 14.91 18.75
O4 BGC GB . 24.80 17.23 19.73
O5 BGC GB . 21.31 18.28 19.95
O6 BGC GB . 22.87 20.12 18.64
C1 A1H1F GB . 25.54 17.36 18.54
O5 A1H1F GB . 25.85 16.06 18.04
C5 A1H1F GB . 26.55 16.15 16.81
C6 A1H1F GB . 26.74 14.76 16.20
C4 A1H1F GB . 27.89 16.85 17.02
O4 A1H1F GB . 28.69 16.07 17.92
C3 A1H1F GB . 27.67 18.24 17.62
O3 A1H1F GB . 28.93 18.82 17.95
C2 A1H1F GB . 26.81 18.14 18.87
O2 A1H1F GB . 26.48 19.45 19.32
S6 A1H1F GB . 26.06 14.74 14.70
O1S6 A1H1F GB . 26.70 15.77 13.84
O2S6 A1H1F GB . 26.27 13.40 14.09
O3S6 A1H1F GB . 24.60 14.98 14.80
C1 MAN GB . 29.26 19.94 17.15
C2 MAN GB . 29.89 19.62 15.79
C3 MAN GB . 31.19 18.85 15.99
C4 MAN GB . 32.12 19.59 16.95
C5 MAN GB . 31.39 19.84 18.27
C6 MAN GB . 32.21 20.63 19.27
O2 MAN GB . 30.21 20.81 15.09
O3 MAN GB . 31.85 18.62 14.74
O4 MAN GB . 33.29 18.82 17.17
O5 MAN GB . 30.18 20.57 18.04
O6 MAN GB . 32.18 21.98 18.83
C1 MAN GB . 31.56 17.28 14.26
C2 MAN GB . 30.86 17.39 12.90
C3 MAN GB . 29.84 16.26 12.72
C4 MAN GB . 30.36 14.99 13.37
C5 MAN GB . 30.45 15.18 14.89
C6 MAN GB . 31.44 14.22 15.55
O2 MAN GB . 31.80 17.30 11.83
O3 MAN GB . 29.56 16.04 11.34
O4 MAN GB . 29.49 13.90 13.07
O5 MAN GB . 30.79 16.54 15.23
O6 MAN GB . 31.31 14.37 16.98
C1 MAN GB . 32.04 22.86 19.96
C2 MAN GB . 31.25 24.11 19.53
C3 MAN GB . 32.09 24.99 18.59
C4 MAN GB . 33.47 25.26 19.17
C5 MAN GB . 34.15 23.94 19.57
C6 MAN GB . 35.51 24.13 20.21
O2 MAN GB . 30.90 24.92 20.66
O3 MAN GB . 31.43 26.24 18.33
O4 MAN GB . 34.27 25.95 18.22
O5 MAN GB . 33.33 23.22 20.49
O6 MAN GB . 36.17 22.86 20.25
C1 A1H1B GB . 26.87 19.72 20.68
C2 A1H1B GB . 27.48 18.50 21.41
C3 A1H1B GB . 28.86 18.83 21.98
C4 A1H1B GB . 28.81 20.09 22.83
C5 A1H1B GB . 28.02 21.20 22.12
C6 A1H1B GB . 28.76 22.53 22.15
C7 A1H1B GB . 27.97 23.61 21.44
O4 A1H1B GB . 30.14 20.54 23.09
O5 A1H1B GB . 27.76 20.82 20.76
O6 A1H1B GB . 28.95 22.91 23.52
O3 A1H1B GB . 29.78 19.03 20.90
O2 A1H1B GB . 26.60 18.07 22.45
O7 A1H1B GB . 26.68 23.75 22.05
C1 GAL HB . 17.87 26.25 31.14
C2 GAL HB . 18.94 25.38 30.48
C3 GAL HB . 20.34 25.93 30.74
C4 GAL HB . 20.36 27.40 30.30
C5 GAL HB . 19.27 28.20 31.00
C6 GAL HB . 19.20 29.64 30.53
O2 GAL HB . 18.89 24.04 30.99
O3 GAL HB . 21.30 25.21 29.98
O4 GAL HB . 20.27 27.50 28.88
O5 GAL HB . 18.00 27.60 30.71
O6 GAL HB . 18.79 29.69 29.15
C2 BGC HB . 23.46 24.32 30.56
C3 BGC HB . 24.89 24.70 30.95
C4 BGC HB . 25.48 25.77 30.02
C5 BGC HB . 24.52 26.97 30.00
C6 BGC HB . 24.96 28.10 29.10
C1 BGC HB . 22.61 25.58 30.41
O2 BGC HB . 22.91 23.52 31.59
O3 BGC HB . 25.71 23.54 30.92
O4 BGC HB . 26.73 26.15 30.56
O5 BGC HB . 23.23 26.52 29.54
O6 BGC HB . 25.28 27.58 27.81
C1 A1H1F HB . 27.90 26.09 29.74
O5 A1H1F HB . 28.71 24.99 29.26
C5 A1H1F HB . 29.46 25.51 28.15
C6 A1H1F HB . 30.20 24.41 27.41
C4 A1H1F HB . 30.44 26.58 28.65
O4 A1H1F HB . 31.33 25.96 29.58
C3 A1H1F HB . 29.69 27.73 29.32
O3 A1H1F HB . 30.64 28.61 29.90
C2 A1H1F HB . 28.77 27.18 30.40
O2 A1H1F HB . 27.93 28.20 30.91
S6 A1H1F HB . 29.83 24.45 25.80
O1S6 A1H1F HB . 30.54 23.32 25.13
O2S6 A1H1F HB . 30.28 25.73 25.21
O3S6 A1H1F HB . 28.36 24.29 25.62
C1 MAN HB . 31.38 29.58 29.16
C2 MAN HB . 32.43 29.41 28.03
C3 MAN HB . 33.67 28.69 28.55
C4 MAN HB . 34.20 29.35 29.81
C5 MAN HB . 33.08 29.38 30.86
C6 MAN HB . 33.49 30.09 32.15
O2 MAN HB . 32.86 30.72 27.64
O3 MAN HB . 34.68 28.62 27.54
O4 MAN HB . 35.31 28.62 30.30
O5 MAN HB . 31.94 30.07 30.35
O6 MAN HB . 33.49 31.49 31.87
C1 MAN HB . 34.72 27.29 26.97
C2 MAN HB . 34.40 27.39 25.47
C3 MAN HB . 33.61 26.17 24.99
C4 MAN HB . 34.12 24.92 25.71
C5 MAN HB . 33.78 25.02 27.19
C6 MAN HB . 34.65 24.13 28.07
O2 MAN HB . 35.60 27.48 24.69
O3 MAN HB . 33.71 26.03 23.57
O4 MAN HB . 33.52 23.76 25.14
O5 MAN HB . 33.84 26.38 27.66
O6 MAN HB . 34.04 24.00 29.35
C1 MAN HB . 33.00 32.22 33.01
C2 MAN HB . 32.18 33.43 32.50
C3 MAN HB . 33.10 34.48 31.87
C4 MAN HB . 34.28 34.83 32.78
C5 MAN HB . 35.00 33.54 33.21
C6 MAN HB . 36.15 33.78 34.17
O2 MAN HB . 31.48 34.08 33.56
O3 MAN HB . 32.39 35.69 31.56
O4 MAN HB . 35.18 35.68 32.09
O5 MAN HB . 34.07 32.65 33.85
O6 MAN HB . 36.92 32.59 34.24
C1 A1H1B HB . 28.12 28.48 32.31
C2 A1H1B HB . 28.71 27.30 33.10
C3 A1H1B HB . 29.96 27.71 33.88
C4 A1H1B HB . 29.70 28.96 34.73
C5 A1H1B HB . 28.91 30.00 33.93
C6 A1H1B HB . 29.47 31.40 34.10
C7 A1H1B HB . 28.62 32.42 33.36
O4 A1H1B HB . 30.94 29.53 35.14
O5 A1H1B HB . 28.90 29.65 32.55
O6 A1H1B HB . 29.48 31.73 35.50
O3 A1H1B HB . 31.02 27.99 32.95
O2 A1H1B HB . 27.73 26.79 34.01
O7 A1H1B HB . 27.25 32.32 33.77
C1 GAL IB . 5.58 -26.93 13.40
C2 GAL IB . 4.96 -26.95 12.01
C3 GAL IB . 5.58 -28.10 11.27
C4 GAL IB . 7.09 -27.99 11.21
C5 GAL IB . 7.65 -27.84 12.63
C6 GAL IB . 9.15 -27.56 12.67
O2 GAL IB . 3.57 -27.17 12.09
O3 GAL IB . 5.09 -28.18 9.93
O4 GAL IB . 7.43 -26.88 10.39
O5 GAL IB . 6.99 -26.77 13.31
O6 GAL IB . 9.46 -26.35 11.98
C2 BGC IB . 3.93 -29.58 8.36
C3 BGC IB . 3.61 -31.01 7.97
C4 BGC IB . 4.87 -31.87 7.96
C5 BGC IB . 5.58 -31.76 9.31
C6 BGC IB . 6.91 -32.51 9.37
C1 BGC IB . 4.73 -29.54 9.66
O2 BGC IB . 2.72 -28.85 8.57
O3 BGC IB . 3.02 -30.99 6.67
O4 BGC IB . 4.53 -33.23 7.72
O5 BGC IB . 5.88 -30.39 9.58
O6 BGC IB . 7.86 -31.92 8.46
C1 A1H1F IB . 5.02 -33.57 6.44
O5 A1H1F IB . 4.01 -33.35 5.46
C5 A1H1F IB . 4.49 -33.64 4.16
C6 A1H1F IB . 3.46 -33.25 3.11
C4 A1H1F IB . 4.85 -35.12 4.06
O4 A1H1F IB . 3.67 -35.91 4.27
C3 A1H1F IB . 5.90 -35.48 5.12
O3 A1H1F IB . 6.11 -36.89 5.11
C2 A1H1F IB . 5.43 -35.04 6.49
O2 A1H1F IB . 6.46 -35.24 7.44
S6 A1H1F IB . 4.13 -32.16 2.06
O1S6 A1H1F IB . 5.32 -32.76 1.43
O2S6 A1H1F IB . 3.15 -31.80 1.02
O3S6 A1H1F IB . 4.51 -30.93 2.81
C1 MAN IB . 7.40 -37.27 4.65
C2 MAN IB . 7.57 -37.33 3.12
C3 MAN IB . 6.62 -38.37 2.55
C4 MAN IB . 6.76 -39.71 3.26
C5 MAN IB . 6.56 -39.51 4.76
C6 MAN IB . 6.76 -40.79 5.56
O2 MAN IB . 8.89 -37.73 2.79
O3 MAN IB . 6.83 -38.52 1.14
O4 MAN IB . 5.82 -40.63 2.74
O5 MAN IB . 7.48 -38.54 5.26
O6 MAN IB . 8.16 -41.00 5.64
C1 MAN IB . 5.85 -37.75 0.41
C2 MAN IB . 6.60 -36.73 -0.46
C3 MAN IB . 5.79 -35.43 -0.59
C4 MAN IB . 4.30 -35.75 -0.65
C5 MAN IB . 3.85 -36.34 0.68
C6 MAN IB . 2.58 -37.18 0.56
O2 MAN IB . 6.82 -37.23 -1.78
O3 MAN IB . 6.19 -34.69 -1.74
O4 MAN IB . 3.56 -34.56 -0.93
O5 MAN IB . 4.90 -37.12 1.29
O6 MAN IB . 2.15 -37.53 1.89
C1 MAN IB . 8.52 -41.45 6.96
C2 MAN IB . 9.93 -40.94 7.30
C3 MAN IB . 10.99 -41.67 6.45
C4 MAN IB . 10.80 -43.19 6.51
C5 MAN IB . 9.36 -43.56 6.16
C6 MAN IB . 9.09 -45.05 6.26
O2 MAN IB . 10.25 -41.19 8.67
O3 MAN IB . 12.32 -41.33 6.87
O4 MAN IB . 11.71 -43.81 5.60
O5 MAN IB . 8.45 -42.89 7.04
O6 MAN IB . 7.82 -45.31 5.63
C1 A1H1B IB . 6.10 -36.09 8.55
C2 A1H1B IB . 4.63 -36.53 8.54
C3 A1H1B IB . 4.50 -38.05 8.61
C4 A1H1B IB . 5.31 -38.61 9.78
C5 A1H1B IB . 6.70 -37.99 9.83
C6 A1H1B IB . 7.79 -39.03 10.00
C7 A1H1B IB . 9.16 -38.40 10.04
O4 A1H1B IB . 5.43 -40.02 9.64
O5 A1H1B IB . 6.94 -37.23 8.63
O6 A1H1B IB . 7.56 -39.73 11.23
O3 A1H1B IB . 4.98 -38.62 7.39
O2 A1H1B IB . 3.94 -35.93 9.64
O7 A1H1B IB . 9.23 -37.44 11.11
C1 GAL JB . 9.02 -32.85 23.17
C2 GAL JB . 8.35 -33.39 21.89
C3 GAL JB . 8.56 -34.89 21.77
C4 GAL JB . 10.05 -35.20 21.86
C5 GAL JB . 10.64 -34.62 23.15
C6 GAL JB . 12.14 -34.82 23.24
O2 GAL JB . 6.95 -33.13 21.91
O3 GAL JB . 8.08 -35.35 20.50
O4 GAL JB . 10.73 -34.71 20.70
O5 GAL JB . 10.39 -33.22 23.19
O6 GAL JB . 12.81 -34.05 22.23
C2 BGC JB . 6.74 -37.26 19.89
C3 BGC JB . 6.73 -38.78 19.80
C4 BGC JB . 7.99 -39.33 19.12
C5 BGC JB . 9.21 -38.79 19.86
C6 BGC JB . 10.54 -39.23 19.30
C1 BGC JB . 8.05 -36.78 20.49
O2 BGC JB . 5.68 -36.84 20.73
O3 BGC JB . 5.57 -39.21 19.07
O4 BGC JB . 7.96 -40.75 19.23
O5 BGC JB . 9.18 -37.35 19.82
O6 BGC JB . 10.58 -38.97 17.89
C1 A1H1F JB . 8.08 -41.54 18.04
O5 A1H1F JB . 7.16 -41.84 16.96
C5 A1H1F JB . 7.96 -42.33 15.88
C6 A1H1F JB . 7.17 -42.46 14.60
C4 A1H1F JB . 8.59 -43.67 16.28
O4 A1H1F JB . 7.53 -44.59 16.54
C3 A1H1F JB . 9.46 -43.50 17.52
O3 A1H1F JB . 9.88 -44.79 17.94
C2 A1H1F JB . 8.64 -42.84 18.62
O2 A1H1F JB . 9.49 -42.51 19.73
S6 A1H1F JB . 7.90 -41.65 13.36
O1S6 A1H1F JB . 7.07 -41.78 12.14
O2S6 A1H1F JB . 9.23 -42.23 13.10
O3S6 A1H1F JB . 8.05 -40.22 13.72
C1 MAN JB . 10.96 -45.50 17.34
C2 MAN JB . 11.12 -46.08 15.90
C3 MAN JB . 10.08 -47.17 15.63
C4 MAN JB . 10.10 -48.21 16.73
C5 MAN JB . 9.85 -47.53 18.08
C6 MAN JB . 9.93 -48.48 19.26
O2 MAN JB . 12.41 -46.71 15.83
O3 MAN JB . 10.29 -47.75 14.35
O4 MAN JB . 9.10 -49.17 16.49
O5 MAN JB . 10.85 -46.51 18.31
O6 MAN JB . 11.30 -48.78 19.49
C1 MAN JB . 9.31 -47.25 13.41
C2 MAN JB . 10.06 -46.53 12.28
C3 MAN JB . 9.26 -45.33 11.76
C4 MAN JB . 7.77 -45.66 11.78
C5 MAN JB . 7.31 -45.83 13.23
C6 MAN JB . 6.03 -46.65 13.35
O2 MAN JB . 10.29 -47.42 11.17
O3 MAN JB . 9.68 -44.95 10.45
O4 MAN JB . 7.04 -44.62 11.14
O5 MAN JB . 8.34 -46.40 14.05
O6 MAN JB . 5.48 -46.44 14.66
C1 MAN JB . 11.57 -48.88 20.90
C2 MAN JB . 12.99 -48.32 21.17
C3 MAN JB . 14.07 -49.26 20.60
C4 MAN JB . 13.83 -50.71 21.06
C5 MAN JB . 12.40 -51.13 20.72
C6 MAN JB . 12.08 -52.54 21.19
O2 MAN JB . 13.23 -48.17 22.57
O3 MAN JB . 15.37 -48.84 21.01
O4 MAN JB . 14.76 -51.55 20.38
O5 MAN JB . 11.46 -50.24 21.34
O6 MAN JB . 10.86 -52.94 20.55
C1 A1H1B JB . 9.14 -43.18 20.96
C2 A1H1B JB . 7.67 -43.64 21.02
C3 A1H1B JB . 7.56 -45.13 21.35
C4 A1H1B JB . 8.37 -45.50 22.59
C5 A1H1B JB . 9.75 -44.82 22.55
C6 A1H1B JB . 10.87 -45.77 22.94
C7 A1H1B JB . 12.21 -45.05 22.96
O4 A1H1B JB . 8.55 -46.91 22.65
O5 A1H1B JB . 9.99 -44.29 21.23
O6 A1H1B JB . 10.60 -46.30 24.24
O3 A1H1B JB . 8.04 -45.89 20.23
O2 A1H1B JB . 6.98 -42.88 22.01
O7 A1H1B JB . 12.14 -43.89 23.80
C1 GAL KB . 5.11 29.53 1.73
C2 GAL KB . 6.30 28.97 0.97
C3 GAL KB . 6.91 30.11 0.18
C4 GAL KB . 5.89 30.76 -0.74
C5 GAL KB . 4.67 31.21 0.07
C6 GAL KB . 3.54 31.74 -0.77
O2 GAL KB . 7.28 28.49 1.87
O3 GAL KB . 8.01 29.67 -0.60
O4 GAL KB . 5.55 29.83 -1.77
O5 GAL KB . 4.17 30.12 0.84
O6 GAL KB . 3.11 30.76 -1.72
C2 BGC KB . 10.36 29.98 -0.98
C3 BGC KB . 11.51 30.96 -0.89
C4 BGC KB . 11.14 32.32 -1.48
C5 BGC KB . 9.85 32.83 -0.82
C6 BGC KB . 9.34 34.13 -1.43
C1 BGC KB . 9.08 30.59 -0.41
O2 BGC KB . 10.66 28.80 -0.24
O3 BGC KB . 12.63 30.42 -1.59
O4 BGC KB . 12.18 33.25 -1.26
O5 BGC KB . 8.81 31.87 -0.99
O6 BGC KB . 8.94 33.93 -2.79
C1 A1H1F KB . 12.76 33.54 -2.52
O5 A1H1F KB . 13.86 32.66 -2.75
C5 A1H1F KB . 14.42 32.90 -4.03
C6 A1H1F KB . 15.49 31.86 -4.34
C4 A1H1F KB . 15.00 34.31 -4.09
O4 A1H1F KB . 16.05 34.45 -3.11
C3 A1H1F KB . 13.91 35.34 -3.79
O3 A1H1F KB . 14.50 36.64 -3.69
C2 A1H1F KB . 13.21 35.00 -2.48
O2 A1H1F KB . 12.10 35.87 -2.30
S6 A1H1F KB . 15.10 31.07 -5.74
O1S6 A1H1F KB . 14.99 32.05 -6.84
O2S6 A1H1F KB . 16.15 30.08 -6.06
O3S6 A1H1F KB . 13.80 30.36 -5.56
C1 MAN KB . 14.10 37.51 -4.75
C2 MAN KB . 14.89 37.36 -6.05
C3 MAN KB . 16.36 37.66 -5.81
C4 MAN KB . 16.54 39.01 -5.11
C5 MAN KB . 15.73 39.02 -3.82
C6 MAN KB . 15.79 40.35 -3.09
O2 MAN KB . 14.42 38.30 -7.02
O3 MAN KB . 17.10 37.62 -7.03
O4 MAN KB . 17.91 39.22 -4.84
O5 MAN KB . 14.34 38.75 -4.11
O6 MAN KB . 14.94 41.25 -3.81
C1 MAN KB . 17.76 36.35 -7.17
C2 MAN KB . 17.25 35.68 -8.47
C3 MAN KB . 17.18 34.17 -8.30
C4 MAN KB . 18.36 33.68 -7.45
C5 MAN KB . 18.19 34.21 -6.02
C6 MAN KB . 19.50 34.27 -5.25
O2 MAN KB . 18.12 35.96 -9.57
O3 MAN KB . 17.21 33.51 -9.58
O4 MAN KB . 18.39 32.26 -7.43
O5 MAN KB . 17.57 35.52 -6.01
O6 MAN KB . 19.21 34.62 -3.89
C1 MAN KB . 14.19 42.05 -2.89
C2 MAN KB . 12.82 42.39 -3.51
C3 MAN KB . 13.00 43.37 -4.68
C4 MAN KB . 13.85 44.58 -4.29
C5 MAN KB . 15.17 44.10 -3.68
C6 MAN KB . 16.05 45.25 -3.20
O2 MAN KB . 11.97 43.03 -2.55
O3 MAN KB . 11.72 43.82 -5.17
O4 MAN KB . 14.10 45.37 -5.44
O5 MAN KB . 14.93 43.25 -2.56
O6 MAN KB . 17.35 44.72 -2.95
C1 A1H1B KB . 12.14 36.61 -1.05
C2 A1H1B KB . 13.33 36.25 -0.15
C3 A1H1B KB . 14.14 37.49 0.23
C4 A1H1B KB . 13.24 38.59 0.78
C5 A1H1B KB . 11.98 38.76 -0.08
C6 A1H1B KB . 11.71 40.23 -0.40
C7 A1H1B KB . 10.47 40.37 -1.27
O4 A1H1B KB . 13.95 39.83 0.82
O5 A1H1B KB . 12.12 38.02 -1.29
O6 A1H1B KB . 11.52 40.94 0.82
O3 A1H1B KB . 14.80 37.98 -0.95
O2 A1H1B KB . 12.84 35.61 1.03
O7 A1H1B KB . 9.34 39.80 -0.60
C1 GAL LB . 0.32 38.12 8.46
C2 GAL LB . 1.74 37.99 7.91
C3 GAL LB . 2.44 39.34 7.93
C4 GAL LB . 1.57 40.37 7.21
C5 GAL LB . 0.19 40.42 7.82
C6 GAL LB . -0.74 41.38 7.09
O2 GAL LB . 2.50 37.09 8.70
O3 GAL LB . 3.70 39.24 7.26
O4 GAL LB . 1.54 40.08 5.80
O5 GAL LB . -0.41 39.14 7.76
O6 GAL LB . -1.00 40.89 5.76
C2 BGC LB . 5.89 40.08 7.84
C3 BGC LB . 6.72 41.35 8.01
C4 BGC LB . 6.57 42.31 6.83
C5 BGC LB . 5.07 42.60 6.64
C6 BGC LB . 4.76 43.52 5.48
C1 BGC LB . 4.45 40.44 7.50
O2 BGC LB . 5.90 39.35 9.06
O3 BGC LB . 8.10 41.00 8.16
O4 BGC LB . 7.25 43.51 7.16
O5 BGC LB . 4.40 41.36 6.39
O6 BGC LB . 5.42 43.05 4.29
C1 A1H1F LB . 8.24 44.02 6.27
O5 A1H1F LB . 9.60 43.61 5.97
C5 A1H1F LB . 9.94 44.22 4.73
C6 A1H1F LB . 11.25 43.70 4.18
C4 A1H1F LB . 9.98 45.75 4.90
O4 A1H1F LB . 10.99 46.04 5.86
C3 A1H1F LB . 8.62 46.27 5.36
O3 A1H1F LB . 8.76 47.65 5.65
C2 A1H1F LB . 8.19 45.52 6.60
O2 A1H1F LB . 6.86 45.86 6.96
S6 A1H1F LB . 11.06 43.13 2.64
O1S6 A1H1F LB . 12.37 42.60 2.16
O2S6 A1H1F LB . 10.63 44.24 1.75
O3S6 A1H1F LB . 10.04 42.06 2.61
C1 MAN LB . 8.77 48.68 4.66
C2 MAN LB . 9.77 48.97 3.51
C3 MAN LB . 11.14 49.33 4.06
C4 MAN LB . 11.04 50.42 5.10
C5 MAN LB . 10.09 49.98 6.22
C6 MAN LB . 9.86 51.05 7.27
O2 MAN LB . 9.30 50.12 2.80
O3 MAN LB . 12.04 49.68 3.00
O4 MAN LB . 12.32 50.70 5.63
O5 MAN LB . 8.80 49.66 5.67
O6 MAN LB . 9.00 52.03 6.71
C1 MAN LB . 12.95 48.59 2.74
C2 MAN LB . 12.74 48.14 1.28
C3 MAN LB . 12.94 46.62 1.15
C4 MAN LB . 14.07 46.17 2.07
C5 MAN LB . 13.64 46.36 3.53
C6 MAN LB . 14.82 46.45 4.49
O2 MAN LB . 13.67 48.78 0.40
O3 MAN LB . 13.21 46.26 -0.21
O4 MAN LB . 14.38 44.81 1.81
O5 MAN LB . 12.80 47.52 3.68
O6 MAN LB . 14.33 46.25 5.83
C1 MAN LB . 8.07 52.52 7.69
C2 MAN LB . 6.71 52.79 7.00
C3 MAN LB . 6.81 54.02 6.08
C4 MAN LB . 7.44 55.22 6.80
C5 MAN LB . 8.76 54.80 7.43
C6 MAN LB . 9.43 55.92 8.22
O2 MAN LB . 5.68 53.06 7.95
O3 MAN LB . 5.51 54.40 5.58
O4 MAN LB . 7.64 56.26 5.85
O5 MAN LB . 8.57 53.70 8.32
O6 MAN LB . 10.78 55.54 8.47
C1 A1H1B LB . 6.72 46.50 8.25
C2 A1H1B LB . 7.87 46.16 9.22
C3 A1H1B LB . 8.51 47.44 9.78
C4 A1H1B LB . 7.46 48.39 10.36
C5 A1H1B LB . 6.25 48.49 9.43
C6 A1H1B LB . 5.78 49.92 9.24
C7 A1H1B LB . 4.54 49.99 8.36
O4 A1H1B LB . 8.03 49.69 10.53
O5 A1H1B LB . 6.58 47.92 8.15
O6 A1H1B LB . 5.48 50.48 10.53
O3 A1H1B LB . 9.22 48.10 8.72
O2 A1H1B LB . 7.37 45.37 10.29
O7 A1H1B LB . 3.52 49.13 8.90
C1 GAL MB . 25.69 -13.16 3.83
C2 GAL MB . 25.32 -13.85 2.53
C3 GAL MB . 26.58 -14.49 1.98
C4 GAL MB . 27.70 -13.48 1.80
C5 GAL MB . 27.95 -12.76 3.12
C6 GAL MB . 28.95 -11.62 3.01
O2 GAL MB . 24.37 -14.89 2.76
O3 GAL MB . 26.34 -15.14 0.73
O4 GAL MB . 27.32 -12.60 0.73
O5 GAL MB . 26.72 -12.21 3.61
O6 GAL MB . 28.51 -10.65 2.04
C2 BGC MB . 26.44 -17.26 -0.39
C3 BGC MB . 27.13 -18.61 -0.44
C4 BGC MB . 28.65 -18.46 -0.35
C5 BGC MB . 29.02 -17.64 0.87
C6 BGC MB . 30.51 -17.35 0.96
C1 BGC MB . 26.94 -16.44 0.79
O2 BGC MB . 25.03 -17.43 -0.26
O3 BGC MB . 26.76 -19.26 -1.66
O4 BGC MB . 29.25 -19.74 -0.28
O5 BGC MB . 28.37 -16.38 0.81
O6 BGC MB . 30.94 -16.52 -0.13
C1 A1H1F MB . 29.94 -19.97 -1.49
O5 A1H1F MB . 29.09 -20.66 -2.40
C5 A1H1F MB . 29.74 -20.86 -3.65
C6 A1H1F MB . 28.78 -21.45 -4.67
C4 A1H1F MB . 30.96 -21.75 -3.46
O4 A1H1F MB . 30.54 -23.05 -2.99
C3 A1H1F MB . 31.93 -21.13 -2.45
O3 A1H1F MB . 32.98 -22.05 -2.17
C2 A1H1F MB . 31.18 -20.80 -1.15
O2 A1H1F MB . 32.04 -20.08 -0.28
S6 A1H1F MB . 28.68 -20.44 -5.98
O1S6 A1H1F MB . 30.03 -20.29 -6.57
O2S6 A1H1F MB . 27.78 -21.03 -6.99
O3S6 A1H1F MB . 28.15 -19.12 -5.55
C1 MAN MB . 34.25 -21.62 -2.63
C2 MAN MB . 34.54 -21.88 -4.12
C3 MAN MB . 34.50 -23.39 -4.38
C4 MAN MB . 35.41 -24.13 -3.41
C5 MAN MB . 35.01 -23.79 -1.97
C6 MAN MB . 35.91 -24.44 -0.93
O2 MAN MB . 35.84 -21.43 -4.46
O3 MAN MB . 34.86 -23.68 -5.73
O4 MAN MB . 35.29 -25.53 -3.63
O5 MAN MB . 35.07 -22.37 -1.76
O6 MAN MB . 37.12 -23.70 -0.93
C1 MAN MB . 33.67 -23.88 -6.53
C2 MAN MB . 33.66 -22.83 -7.65
C3 MAN MB . 32.23 -22.41 -8.00
C4 MAN MB . 31.28 -23.61 -7.86
C5 MAN MB . 31.22 -24.04 -6.40
C6 MAN MB . 30.77 -25.49 -6.22
O2 MAN MB . 34.25 -23.36 -8.85
O3 MAN MB . 32.15 -21.86 -9.31
O4 MAN MB . 29.98 -23.25 -8.33
O5 MAN MB . 32.47 -23.83 -5.73
O6 MAN MB . 30.58 -25.72 -4.82
C1 MAN MB . 37.58 -23.52 0.43
C2 MAN MB . 38.33 -22.18 0.52
C3 MAN MB . 39.67 -22.25 -0.24
C4 MAN MB . 40.48 -23.48 0.17
C5 MAN MB . 39.62 -24.74 0.04
C6 MAN MB . 40.33 -26.00 0.48
O2 MAN MB . 38.64 -21.85 1.88
O3 MAN MB . 40.45 -21.07 -0.01
O4 MAN MB . 41.64 -23.58 -0.66
O5 MAN MB . 38.43 -24.62 0.82
O6 MAN MB . 39.57 -27.13 0.02
C1 A1H1B MB . 32.21 -20.70 1.01
C2 A1H1B MB . 31.35 -21.96 1.22
C3 A1H1B MB . 32.21 -23.16 1.63
C4 A1H1B MB . 33.11 -22.81 2.82
C5 A1H1B MB . 33.79 -21.45 2.62
C6 A1H1B MB . 35.27 -21.50 2.93
C7 A1H1B MB . 35.92 -20.15 2.71
O4 A1H1B MB . 34.10 -23.82 2.97
O5 A1H1B MB . 33.58 -21.00 1.27
O6 A1H1B MB . 35.45 -21.90 4.28
O3 A1H1B MB . 33.04 -23.54 0.53
O2 A1H1B MB . 30.37 -21.69 2.21
O7 A1H1B MB . 35.30 -19.18 3.54
C1 GAL NB . 31.39 -13.22 14.30
C2 GAL NB . 31.29 -14.32 13.24
C3 GAL NB . 32.41 -15.34 13.41
C4 GAL NB . 33.75 -14.61 13.45
C5 GAL NB . 33.75 -13.54 14.53
C6 GAL NB . 35.03 -12.73 14.56
O2 GAL NB . 30.04 -14.99 13.31
O3 GAL NB . 32.41 -16.25 12.32
O4 GAL NB . 34.06 -14.06 12.15
O5 GAL NB . 32.68 -12.63 14.30
O6 GAL NB . 35.15 -11.95 13.36
C2 BGC NB . 32.62 -18.65 12.24
C3 BGC NB . 33.58 -19.81 12.48
C4 BGC NB . 34.95 -19.58 11.84
C5 BGC NB . 35.49 -18.23 12.33
C6 BGC NB . 36.84 -17.86 11.76
C1 BGC NB . 33.29 -17.33 12.62
O2 BGC NB . 31.46 -18.83 13.05
O3 BGC NB . 33.01 -21.03 11.97
O4 BGC NB . 35.80 -20.64 12.25
O5 BGC NB . 34.57 -17.21 11.99
O6 BGC NB . 36.80 -17.97 10.34
C1 A1H1F NB . 36.48 -21.41 11.26
O5 A1H1F NB . 36.05 -22.46 10.34
C5 A1H1F NB . 37.06 -22.55 9.33
C6 A1H1F NB . 36.62 -23.44 8.19
C4 A1H1F NB . 38.36 -23.06 9.96
O4 A1H1F NB . 38.09 -24.36 10.50
C3 A1H1F NB . 38.83 -22.12 11.06
O3 A1H1F NB . 39.94 -22.72 11.72
C2 A1H1F NB . 37.70 -21.89 12.06
O2 A1H1F NB . 38.06 -20.87 12.99
S6 A1H1F NB . 36.76 -22.64 6.75
O1S6 A1H1F NB . 36.29 -23.54 5.66
O2S6 A1H1F NB . 38.17 -22.29 6.51
O3S6 A1H1F NB . 35.94 -21.40 6.77
C1 MAN NB . 41.27 -22.69 11.18
C2 MAN NB . 41.86 -23.34 9.90
C3 MAN NB . 41.77 -24.86 9.96
C4 MAN NB . 42.36 -25.39 11.26
C5 MAN NB . 41.63 -24.74 12.44
C6 MAN NB . 42.20 -25.15 13.79
O2 MAN NB . 43.26 -23.03 9.86
O3 MAN NB . 42.39 -25.46 8.83
O4 MAN NB . 42.21 -26.80 11.32
O5 MAN NB . 41.74 -23.31 12.36
O6 MAN NB . 43.44 -24.46 13.96
C1 MAN NB . 41.39 -25.90 7.89
C2 MAN NB . 41.59 -25.14 6.56
C3 MAN NB . 40.25 -24.88 5.88
C4 MAN NB . 39.32 -26.06 6.09
C5 MAN NB . 38.96 -26.15 7.57
C6 MAN NB . 38.48 -27.55 7.98
O2 MAN NB . 42.40 -25.89 5.66
O3 MAN NB . 40.44 -24.62 4.48
O4 MAN NB . 38.13 -25.89 5.30
O5 MAN NB . 40.06 -25.75 8.41
O6 MAN NB . 37.83 -27.46 9.26
C1 MAN NB . 43.60 -24.04 15.32
C2 MAN NB . 44.33 -22.68 15.35
C3 MAN NB . 45.80 -22.83 14.92
C4 MAN NB . 46.50 -23.95 15.69
C5 MAN NB . 45.67 -25.24 15.58
C6 MAN NB . 46.28 -26.40 16.36
O2 MAN NB . 44.33 -22.11 16.66
O3 MAN NB . 46.52 -21.60 15.11
O4 MAN NB . 47.80 -24.14 15.14
O5 MAN NB . 44.36 -25.03 16.06
O6 MAN NB . 45.65 -27.60 15.93
C1 A1H1B NB . 38.14 -21.32 14.37
C2 A1H1B NB . 37.28 -22.56 14.65
C3 A1H1B NB . 38.11 -23.67 15.30
C4 A1H1B NB . 38.89 -23.16 16.51
C5 A1H1B NB . 39.52 -21.80 16.21
C6 A1H1B NB . 40.96 -21.71 16.70
C7 A1H1B NB . 41.54 -20.33 16.44
O4 A1H1B NB . 39.91 -24.09 16.86
O5 A1H1B NB . 39.48 -21.54 14.80
O6 A1H1B NB . 40.99 -22.00 18.10
O3 A1H1B NB . 39.04 -24.19 14.33
O2 A1H1B NB . 36.20 -22.22 15.51
O7 A1H1B NB . 40.70 -19.33 17.02
C1 GAL OB . -16.59 -20.79 -16.30
C2 GAL OB . -16.65 -19.88 -17.51
C3 GAL OB . -17.19 -20.70 -18.67
C4 GAL OB . -16.34 -21.93 -18.93
C5 GAL OB . -16.22 -22.76 -17.65
C6 GAL OB . -15.26 -23.93 -17.76
O2 GAL OB . -17.58 -18.82 -17.27
O3 GAL OB . -17.25 -19.93 -19.87
O4 GAL OB . -15.07 -21.50 -19.44
O5 GAL OB . -15.76 -21.92 -16.57
O6 GAL OB . -13.94 -23.47 -18.12
C2 BGC OB . -18.73 -19.09 -21.57
C3 BGC OB . -20.03 -19.34 -22.32
C4 BGC OB . -20.13 -20.78 -22.78
C5 BGC OB . -19.94 -21.73 -21.61
C6 BGC OB . -19.92 -23.19 -22.00
C1 BGC OB . -18.53 -20.14 -20.48
O2 BGC OB . -18.74 -17.80 -20.96
O3 BGC OB . -20.07 -18.45 -23.44
O4 BGC OB . -21.41 -21.01 -23.37
O5 BGC OB . -18.68 -21.46 -20.99
O6 BGC OB . -18.79 -23.49 -22.83
C1 A1H1F OB . -21.22 -21.22 -24.75
O5 A1H1F OB . -21.36 -19.97 -25.43
C5 A1H1F OB . -21.12 -20.13 -26.82
C6 A1H1F OB . -21.12 -18.77 -27.52
C4 A1H1F OB . -22.18 -21.04 -27.42
O4 A1H1F OB . -23.48 -20.45 -27.27
C3 A1H1F OB . -22.16 -22.41 -26.72
O3 A1H1F OB . -23.25 -23.19 -27.18
C2 A1H1F OB . -22.28 -22.21 -25.22
O2 A1H1F OB . -22.11 -23.45 -24.56
S6 A1H1F OB . -19.65 -18.57 -28.28
O1S6 A1H1F OB . -19.47 -19.67 -29.27
O2S6 A1H1F OB . -19.65 -17.28 -29.00
O3S6 A1H1F OB . -18.56 -18.58 -27.29
C1 MAN OB . -22.85 -24.33 -27.94
C2 MAN OB . -22.54 -24.06 -29.42
C3 MAN OB . -23.79 -23.53 -30.11
C4 MAN OB . -24.97 -24.45 -29.88
C5 MAN OB . -25.18 -24.62 -28.38
C6 MAN OB . -26.31 -25.57 -28.04
O2 MAN OB . -22.17 -25.27 -30.07
O3 MAN OB . -23.56 -23.36 -31.52
O4 MAN OB . -26.13 -23.90 -30.48
O5 MAN OB . -24.00 -25.13 -27.76
O6 MAN OB . -25.81 -26.89 -28.25
C1 MAN OB . -23.24 -21.99 -31.81
C2 MAN OB . -21.85 -21.92 -32.44
C3 MAN OB . -21.12 -20.64 -32.04
C4 MAN OB . -22.13 -19.49 -31.95
C5 MAN OB . -23.10 -19.74 -30.80
C6 MAN OB . -24.41 -19.00 -30.96
O2 MAN OB . -21.92 -21.95 -33.87
O3 MAN OB . -20.08 -20.32 -32.97
O4 MAN OB . -21.43 -18.26 -31.73
O5 MAN OB . -23.35 -21.16 -30.64
O6 MAN OB . -25.16 -19.17 -29.74
C1 MAN OB . -26.26 -27.77 -27.22
C2 MAN OB . -25.20 -28.86 -26.97
C3 MAN OB . -25.14 -29.82 -28.16
C4 MAN OB . -26.53 -30.34 -28.53
C5 MAN OB . -27.50 -29.17 -28.73
C6 MAN OB . -28.91 -29.61 -29.04
O2 MAN OB . -25.50 -29.64 -25.82
O3 MAN OB . -24.28 -30.94 -27.88
O4 MAN OB . -26.45 -31.12 -29.73
O5 MAN OB . -27.54 -28.36 -27.56
O6 MAN OB . -29.64 -28.47 -29.50
C1 A1H1B OB . -23.21 -23.83 -23.70
C2 A1H1B OB . -24.31 -22.77 -23.61
C3 A1H1B OB . -25.68 -23.34 -23.98
C4 A1H1B OB . -25.97 -24.61 -23.18
C5 A1H1B OB . -24.76 -25.54 -23.18
C6 A1H1B OB . -25.14 -26.98 -23.51
C7 A1H1B OB . -23.93 -27.88 -23.50
O4 A1H1B OB . -27.08 -25.29 -23.77
O5 A1H1B OB . -23.78 -25.07 -24.11
O6 A1H1B OB . -26.08 -27.44 -22.53
O3 A1H1B OB . -25.69 -23.65 -25.37
O2 A1H1B OB . -24.35 -22.24 -22.28
O7 A1H1B OB . -23.28 -27.83 -22.22
C1 GAL PB . -21.68 -29.15 -9.51
C2 GAL PB . -22.24 -28.45 -10.76
C3 GAL PB . -23.39 -29.24 -11.35
C4 GAL PB . -22.93 -30.67 -11.59
C5 GAL PB . -22.39 -31.30 -10.32
C6 GAL PB . -21.84 -32.69 -10.52
O2 GAL PB . -22.71 -27.14 -10.43
O3 GAL PB . -23.78 -28.66 -12.60
O4 GAL PB . -21.96 -30.71 -12.66
O5 GAL PB . -21.32 -30.49 -9.81
O6 GAL PB . -20.66 -32.64 -11.36
C2 BGC PB . -25.96 -28.17 -13.53
C3 BGC PB . -27.24 -28.80 -14.06
C4 BGC PB . -26.96 -29.92 -15.07
C5 BGC PB . -26.03 -30.94 -14.42
C6 BGC PB . -25.64 -32.09 -15.31
C1 BGC PB . -25.01 -29.26 -13.03
O2 BGC PB . -26.28 -27.32 -12.43
O3 BGC PB . -28.05 -27.79 -14.68
O4 BGC PB . -28.21 -30.52 -15.38
O5 BGC PB . -24.82 -30.27 -14.02
O6 BGC PB . -25.17 -31.58 -16.56
C1 A1H1F PB . -28.61 -30.63 -16.75
O5 A1H1F PB . -29.12 -29.66 -17.71
C5 A1H1F PB . -28.93 -30.26 -19.01
C6 A1H1F PB . -29.22 -29.27 -20.12
C4 A1H1F PB . -29.83 -31.50 -19.13
O4 A1H1F PB . -31.19 -31.08 -18.99
C3 A1H1F PB . -29.47 -32.53 -18.06
O3 A1H1F PB . -30.44 -33.57 -18.12
C2 A1H1F PB . -29.52 -31.87 -16.70
O2 A1H1F PB . -29.03 -32.76 -15.70
S6 A1H1F PB . -27.92 -29.18 -21.15
O1S6 A1H1F PB . -28.23 -28.18 -22.20
O2S6 A1H1F PB . -27.70 -30.50 -21.79
O3S6 A1H1F PB . -26.70 -28.77 -20.41
C1 MAN PB . -30.39 -34.62 -19.09
C2 MAN PB . -30.54 -34.59 -20.63
C3 MAN PB . -31.92 -34.11 -21.05
C4 MAN PB . -33.00 -34.90 -20.33
C5 MAN PB . -32.80 -34.78 -18.81
C6 MAN PB . -33.79 -35.60 -18.00
O2 MAN PB . -30.42 -35.94 -21.11
O3 MAN PB . -32.10 -34.17 -22.46
O4 MAN PB . -34.28 -34.39 -20.68
O5 MAN PB . -31.49 -35.25 -18.46
O6 MAN PB . -33.41 -36.96 -18.12
C1 MAN PB . -31.98 -32.85 -23.03
C2 MAN PB . -30.78 -32.84 -24.00
C3 MAN PB . -30.07 -31.48 -23.99
C4 MAN PB . -31.11 -30.36 -23.83
C5 MAN PB . -31.74 -30.46 -22.44
C6 MAN PB . -33.10 -29.77 -22.36
O2 MAN PB . -31.21 -33.10 -25.34
O3 MAN PB . -29.30 -31.29 -25.17
O4 MAN PB . -30.46 -29.10 -24.00
O5 MAN PB . -31.86 -31.84 -22.01
O6 MAN PB . -33.43 -29.59 -20.98
C1 MAN PB . -33.61 -37.65 -16.87
C2 MAN PB . -32.48 -38.68 -16.68
C3 MAN PB . -32.65 -39.85 -17.67
C4 MAN PB . -34.07 -40.41 -17.64
C5 MAN PB . -35.09 -39.28 -17.83
C6 MAN PB . -36.53 -39.75 -17.77
O2 MAN PB . -32.50 -39.24 -15.36
O3 MAN PB . -31.72 -40.91 -17.38
O4 MAN PB . -34.21 -41.38 -18.68
O5 MAN PB . -34.90 -38.27 -16.83
O6 MAN PB . -37.35 -38.71 -18.29
C1 A1H1B PB . -30.00 -33.12 -14.69
C2 A1H1B PB . -31.12 -32.08 -14.52
C3 A1H1B PB . -32.50 -32.73 -14.64
C4 A1H1B PB . -32.63 -33.95 -13.73
C5 A1H1B PB . -31.37 -34.81 -13.78
C6 A1H1B PB . -31.69 -36.29 -13.89
C7 A1H1B PB . -30.42 -37.13 -13.89
O4 A1H1B PB . -33.76 -34.73 -14.12
O5 A1H1B PB . -30.57 -34.41 -14.91
O6 A1H1B PB . -32.52 -36.67 -12.78
O3 A1H1B PB . -32.71 -33.14 -16.00
O2 A1H1B PB . -31.00 -31.45 -13.24
O7 A1H1B PB . -29.63 -36.81 -12.74
C1 GAL QB . -9.51 25.98 -19.78
C2 GAL QB . -8.19 26.15 -20.50
C3 GAL QB . -8.38 27.22 -21.56
C4 GAL QB . -9.51 26.85 -22.52
C5 GAL QB . -10.78 26.57 -21.71
C6 GAL QB . -11.93 26.05 -22.56
O2 GAL QB . -7.19 26.60 -19.61
O3 GAL QB . -7.20 27.42 -22.32
O4 GAL QB . -9.09 25.73 -23.29
O5 GAL QB . -10.52 25.60 -20.69
O6 GAL QB . -11.56 24.84 -23.23
C2 BGC QB . -5.55 29.04 -22.95
C3 BGC QB . -5.28 30.53 -23.18
C4 BGC QB . -6.39 31.17 -24.01
C5 BGC QB . -7.75 30.90 -23.37
C6 BGC QB . -8.92 31.40 -24.20
C1 BGC QB . -6.96 28.83 -22.42
O2 BGC QB . -4.62 28.52 -22.00
O3 BGC QB . -4.02 30.67 -23.83
O4 BGC QB . -6.18 32.57 -24.09
O5 BGC QB . -7.93 29.48 -23.24
O6 BGC QB . -9.00 30.69 -25.45
C1 A1H1F QB . -5.83 32.87 -25.42
O5 A1H1F QB . -4.41 32.87 -25.55
C5 A1H1F QB . -4.02 33.12 -26.90
C6 A1H1F QB . -2.52 32.95 -27.07
C4 A1H1F QB . -4.46 34.51 -27.30
O4 A1H1F QB . -3.81 35.49 -26.48
C3 A1H1F QB . -5.99 34.65 -27.15
O3 A1H1F QB . -6.35 36.01 -27.39
C2 A1H1F QB . -6.40 34.26 -25.74
O2 A1H1F QB . -7.82 34.23 -25.65
S6 A1H1F QB . -2.23 31.79 -28.21
O1S6 A1H1F QB . -2.84 32.22 -29.49
O2S6 A1H1F QB . -0.77 31.64 -28.40
O3S6 A1H1F QB . -2.79 30.49 -27.77
C1 MAN QB . -7.13 36.18 -28.57
C2 MAN QB . -6.34 36.27 -29.87
C3 MAN QB . -5.40 37.48 -29.82
C4 MAN QB . -6.17 38.75 -29.45
C5 MAN QB . -6.90 38.53 -28.13
C6 MAN QB . -7.74 39.72 -27.71
O2 MAN QB . -7.22 36.46 -30.97
O3 MAN QB . -4.72 37.65 -31.07
O4 MAN QB . -5.27 39.83 -29.35
O5 MAN QB . -7.78 37.40 -28.22
O6 MAN QB . -8.92 39.70 -28.54
C1 MAN QB . -3.40 37.07 -30.99
C2 MAN QB . -3.28 35.97 -32.05
C3 MAN QB . -2.38 34.84 -31.57
C4 MAN QB . -1.24 35.40 -30.73
C5 MAN QB . -1.80 36.02 -29.44
C6 MAN QB . -0.88 37.06 -28.82
O2 MAN QB . -2.71 36.49 -33.27
O3 MAN QB . -1.87 34.08 -32.66
O4 MAN QB . -0.31 34.37 -30.41
O5 MAN QB . -3.11 36.59 -29.67
O6 MAN QB . -1.43 37.42 -27.54
C1 MAN QB . -10.07 40.04 -27.75
C2 MAN QB . -11.29 39.28 -28.30
C3 MAN QB . -11.69 39.86 -29.67
C4 MAN QB . -11.82 41.38 -29.63
C5 MAN QB . -10.55 42.00 -29.04
C6 MAN QB . -10.62 43.51 -28.90
O2 MAN QB . -12.43 39.42 -27.45
O3 MAN QB . -12.93 39.29 -30.13
O4 MAN QB . -12.05 41.88 -30.94
O5 MAN QB . -10.28 41.45 -27.75
O6 MAN QB . -9.31 44.00 -28.65
C1 A1H1B QB . -8.35 35.09 -24.62
C2 A1H1B QB . -7.28 35.78 -23.75
C3 A1H1B QB . -7.46 37.28 -23.73
C4 A1H1B QB . -8.89 37.67 -23.35
C5 A1H1B QB . -9.90 36.81 -24.12
C6 A1H1B QB . -11.01 37.66 -24.72
C7 A1H1B QB . -11.99 36.79 -25.49
O4 A1H1B QB . -9.11 39.04 -23.64
O5 A1H1B QB . -9.24 36.07 -25.15
O6 A1H1B QB . -11.70 38.34 -23.67
O3 A1H1B QB . -7.17 37.81 -25.04
O2 A1H1B QB . -7.33 35.25 -22.42
O7 A1H1B QB . -12.56 35.81 -24.61
C1 GAL RB . -19.10 30.87 -14.68
C2 GAL RB . -17.88 31.54 -15.32
C3 GAL RB . -18.20 32.99 -15.65
C4 GAL RB . -19.47 33.04 -16.52
C5 GAL RB . -20.62 32.33 -15.82
C6 GAL RB . -21.87 32.27 -16.67
O2 GAL RB . -16.77 31.52 -14.43
O3 GAL RB . -17.12 33.57 -16.38
O4 GAL RB . -19.20 32.49 -17.82
O5 GAL RB . -20.25 30.99 -15.53
O6 GAL RB . -21.64 31.45 -17.82
C2 BGC RB . -16.01 35.70 -16.19
C3 BGC RB . -16.19 37.21 -16.36
C4 BGC RB . -16.83 37.56 -17.70
C5 BGC RB . -18.15 36.79 -17.82
C6 BGC RB . -18.89 37.04 -19.12
C1 BGC RB . -17.33 34.98 -16.48
O2 BGC RB . -15.64 35.44 -14.85
O3 BGC RB . -14.92 37.86 -16.25
O4 BGC RB . -17.09 38.97 -17.69
O5 BGC RB . -17.87 35.39 -17.74
O6 BGC RB . -18.00 36.84 -20.23
C1 A1H1F RB . -16.57 39.77 -18.76
O5 A1H1F RB . -15.23 40.26 -19.07
C5 A1H1F RB . -15.27 40.65 -20.46
C6 A1H1F RB . -13.89 40.97 -20.98
C4 A1H1F RB . -16.21 41.84 -20.62
O4 A1H1F RB . -15.70 42.92 -19.83
C3 A1H1F RB . -17.62 41.49 -20.16
O3 A1H1F RB . -18.40 42.67 -20.19
C2 A1H1F RB . -17.57 40.94 -18.75
O2 A1H1F RB . -18.85 40.43 -18.38
S6 A1H1F RB . -13.56 40.09 -22.34
O1S6 A1H1F RB . -12.19 40.40 -22.80
O2S6 A1H1F RB . -14.53 40.45 -23.40
O3S6 A1H1F RB . -13.68 38.64 -22.04
C1 MAN RB . -18.98 43.21 -21.38
C2 MAN RB . -18.30 43.82 -22.64
C3 MAN RB . -17.50 45.07 -22.30
C4 MAN RB . -18.36 46.05 -21.52
C5 MAN RB . -18.89 45.37 -20.26
C6 MAN RB . -19.82 46.25 -19.45
O2 MAN RB . -19.35 44.23 -23.54
O3 MAN RB . -16.96 45.67 -23.48
O4 MAN RB . -17.57 47.18 -21.17
O5 MAN RB . -19.63 44.20 -20.61
O6 MAN RB . -21.06 46.31 -20.14
C1 MAN RB . -15.56 45.37 -23.59
C2 MAN RB . -15.32 44.58 -24.88
C3 MAN RB . -14.21 43.55 -24.70
C4 MAN RB . -13.11 44.12 -23.80
C5 MAN RB . -13.66 44.31 -22.39
C6 MAN RB . -12.89 45.33 -21.57
O2 MAN RB . -14.95 45.44 -25.96
O3 MAN RB . -13.66 43.14 -25.97
O4 MAN RB . -11.99 43.24 -23.78
O5 MAN RB . -15.07 44.67 -22.42
O6 MAN RB . -13.24 45.17 -20.19
C1 MAN RB . -22.16 46.31 -19.21
C2 MAN RB . -23.34 45.51 -19.82
C3 MAN RB . -23.97 46.27 -20.99
C4 MAN RB . -24.29 47.73 -20.60
C5 MAN RB . -23.04 48.40 -20.01
C6 MAN RB . -23.30 49.82 -19.55
O2 MAN RB . -24.36 45.27 -18.85
O3 MAN RB . -25.17 45.64 -21.44
O4 MAN RB . -24.72 48.43 -21.76
O5 MAN RB . -22.56 47.65 -18.88
O6 MAN RB . -22.03 50.45 -19.33
C1 A1H1B RB . -19.45 41.10 -17.23
C2 A1H1B RB . -18.42 41.79 -16.32
C3 A1H1B RB . -18.77 43.27 -16.11
C4 A1H1B RB . -20.23 43.44 -15.67
C5 A1H1B RB . -21.15 42.55 -16.49
C6 A1H1B RB . -22.40 43.28 -16.94
C7 A1H1B RB . -23.33 42.35 -17.70
O4 A1H1B RB . -20.62 44.80 -15.82
O5 A1H1B RB . -20.45 42.04 -17.63
O6 A1H1B RB . -23.08 43.80 -15.78
O3 A1H1B RB . -18.56 43.98 -17.35
O2 A1H1B RB . -18.39 41.12 -15.07
O7 A1H1B RB . -23.63 41.20 -16.90
C1 GAL SB . 33.21 7.67 -10.23
C2 GAL SB . 33.46 6.63 -11.31
C3 GAL SB . 34.88 6.84 -11.82
C4 GAL SB . 35.09 8.25 -12.33
C5 GAL SB . 34.69 9.25 -11.25
C6 GAL SB . 34.71 10.71 -11.72
O2 GAL SB . 33.37 5.32 -10.77
O3 GAL SB . 35.20 5.92 -12.86
O4 GAL SB . 34.32 8.41 -13.52
O5 GAL SB . 33.38 8.97 -10.76
O6 GAL SB . 33.81 10.89 -12.83
C2 BGC SB . 36.70 4.16 -13.49
C3 BGC SB . 38.09 3.59 -13.31
C4 BGC SB . 39.16 4.67 -13.39
C5 BGC SB . 38.84 5.80 -12.41
C6 BGC SB . 39.80 6.97 -12.51
C1 BGC SB . 36.48 5.35 -12.56
O2 BGC SB . 35.72 3.17 -13.20
O3 BGC SB . 38.31 2.60 -14.33
O4 BGC SB . 40.43 4.11 -13.09
O5 BGC SB . 37.53 6.31 -12.69
O6 BGC SB . 39.68 7.62 -13.78
C1 A1H1F SB . 41.19 4.12 -14.28
O5 A1H1F SB . 41.04 2.87 -14.95
C5 A1H1F SB . 41.75 2.86 -16.17
C6 A1H1F SB . 41.47 1.58 -16.94
C4 A1H1F SB . 43.25 2.99 -15.89
O4 A1H1F SB . 43.70 1.88 -15.11
C3 A1H1F SB . 43.53 4.29 -15.13
O3 A1H1F SB . 44.90 4.33 -14.75
C2 A1H1F SB . 42.65 4.35 -13.88
O2 A1H1F SB . 42.79 5.62 -13.26
S6 A1H1F SB . 40.85 1.98 -18.43
O1S6 A1H1F SB . 41.83 2.81 -19.16
O2S6 A1H1F SB . 40.59 0.75 -19.21
O3S6 A1H1F SB . 39.57 2.72 -18.26
C1 MAN SB . 45.64 5.34 -15.40
C2 MAN SB . 46.15 5.00 -16.81
C3 MAN SB . 47.08 3.79 -16.72
C4 MAN SB . 48.18 4.02 -15.71
C5 MAN SB . 47.56 4.35 -14.35
C6 MAN SB . 48.58 4.66 -13.28
O2 MAN SB . 46.90 6.08 -17.35
O3 MAN SB . 47.64 3.50 -18.01
O4 MAN SB . 49.00 2.86 -15.60
O5 MAN SB . 46.69 5.49 -14.46
O6 MAN SB . 49.05 5.98 -13.54
C1 MAN SB . 46.90 2.43 -18.64
C2 MAN SB . 46.33 2.95 -19.96
C3 MAN SB . 44.99 2.29 -20.27
C4 MAN SB . 44.99 0.84 -19.80
C5 MAN SB . 45.10 0.80 -18.27
C6 MAN SB . 45.66 -0.52 -17.75
O2 MAN SB . 47.21 2.66 -21.06
O3 MAN SB . 44.67 2.37 -21.66
O4 MAN SB . 43.80 0.18 -20.22
O5 MAN SB . 45.89 1.90 -17.77
O6 MAN SB . 45.55 -0.51 -16.32
C1 MAN SB . 49.20 6.70 -12.30
C2 MAN SB . 48.92 8.20 -12.56
C3 MAN SB . 50.04 8.82 -13.39
C4 MAN SB . 51.42 8.51 -12.81
C5 MAN SB . 51.57 7.00 -12.60
C6 MAN SB . 52.88 6.61 -11.95
O2 MAN SB . 48.85 8.93 -11.32
O3 MAN SB . 49.88 10.24 -13.49
O4 MAN SB . 52.43 8.98 -13.69
O5 MAN SB . 50.51 6.50 -11.76
O6 MAN SB . 53.04 5.19 -12.08
C1 A1H1B SB . 43.22 5.55 -11.88
C2 A1H1B SB . 43.34 4.12 -11.33
C3 A1H1B SB . 44.73 3.86 -10.74
C4 A1H1B SB . 45.12 4.95 -9.74
C5 A1H1B SB . 44.80 6.33 -10.29
C6 A1H1B SB . 45.96 7.30 -10.10
C7 A1H1B SB . 45.63 8.68 -10.67
O4 A1H1B SB . 46.51 4.85 -9.46
O5 A1H1B SB . 44.45 6.24 -11.68
O6 A1H1B SB . 46.24 7.41 -8.71
O3 A1H1B SB . 45.69 3.85 -11.81
O2 A1H1B SB . 42.34 3.92 -10.33
O7 A1H1B SB . 44.46 9.19 -10.01
C1 GAL TB . 36.89 13.52 -0.51
C2 GAL TB . 37.58 12.40 -1.30
C3 GAL TB . 39.08 12.39 -1.01
C4 GAL TB . 39.65 13.79 -1.25
C5 GAL TB . 38.88 14.83 -0.43
C6 GAL TB . 39.37 16.25 -0.71
O2 GAL TB . 37.05 11.14 -0.96
O3 GAL TB . 39.74 11.47 -1.87
O4 GAL TB . 39.63 14.09 -2.65
O5 GAL TB . 37.50 14.77 -0.76
O6 GAL TB . 39.04 16.61 -2.05
C2 BGC TB . 41.43 9.81 -1.43
C3 BGC TB . 42.89 9.60 -1.04
C4 BGC TB . 43.84 10.50 -1.83
C5 BGC TB . 43.38 11.94 -1.69
C6 BGC TB . 44.22 12.95 -2.44
C1 BGC TB . 41.09 11.29 -1.41
O2 BGC TB . 40.60 9.13 -0.50
O3 BGC TB . 43.25 8.22 -1.23
O4 BGC TB . 45.14 10.34 -1.27
O5 BGC TB . 42.03 12.05 -2.17
O6 BGC TB . 44.37 12.53 -3.79
C1 A1H1F TB . 46.23 9.97 -2.12
O5 A1H1F TB . 46.62 8.71 -2.74
C5 A1H1F TB . 47.53 9.06 -3.79
C6 A1H1F TB . 47.84 7.87 -4.68
C4 A1H1F TB . 48.80 9.64 -3.18
O4 A1H1F TB . 49.39 8.63 -2.35
C3 A1H1F TB . 48.49 10.89 -2.36
O3 A1H1F TB . 49.68 11.28 -1.70
C2 A1H1F TB . 47.41 10.56 -1.35
O2 A1H1F TB . 46.98 11.75 -0.70
S6 A1H1F TB . 47.55 8.23 -6.27
O1S6 A1H1F TB . 47.82 7.04 -7.09
O2S6 A1H1F TB . 48.44 9.33 -6.70
O3S6 A1H1F TB . 46.13 8.65 -6.44
C1 MAN TB . 50.73 12.01 -2.32
C2 MAN TB . 51.69 11.62 -3.48
C3 MAN TB . 52.57 10.44 -3.08
C4 MAN TB . 53.27 10.71 -1.75
C5 MAN TB . 52.21 11.00 -0.69
C6 MAN TB . 52.81 11.36 0.66
O2 MAN TB . 52.58 12.72 -3.72
O3 MAN TB . 53.52 10.14 -4.11
O4 MAN TB . 54.03 9.58 -1.38
O5 MAN TB . 51.40 12.11 -1.09
O6 MAN TB . 53.32 12.68 0.57
C1 MAN TB . 53.10 8.97 -4.85
C2 MAN TB . 52.88 9.36 -6.31
C3 MAN TB . 51.72 8.58 -6.92
C4 MAN TB . 51.73 7.15 -6.38
C5 MAN TB . 51.40 7.17 -4.88
C6 MAN TB . 51.88 5.94 -4.15
O2 MAN TB . 54.05 9.12 -7.10
O3 MAN TB . 51.79 8.58 -8.35
O4 MAN TB . 50.76 6.36 -7.09
O5 MAN TB . 51.93 8.36 -4.25
O6 MAN TB . 51.22 5.88 -2.88
C1 MAN TB . 53.09 13.41 1.79
C2 MAN TB . 52.77 14.88 1.46
C3 MAN TB . 54.03 15.60 0.95
C4 MAN TB . 55.22 15.38 1.88
C5 MAN TB . 55.42 13.88 2.12
C6 MAN TB . 56.56 13.58 3.08
O2 MAN TB . 52.31 15.59 2.61
O3 MAN TB . 53.80 17.01 0.80
O4 MAN TB . 56.40 15.93 1.28
O5 MAN TB . 54.23 13.30 2.66
O6 MAN TB . 56.86 12.19 2.99
C1 A1H1B TB . 47.21 11.77 0.73
C2 A1H1B TB . 47.32 10.37 1.35
C3 A1H1B TB . 48.62 10.21 2.16
C4 A1H1B TB . 48.79 11.35 3.16
C5 A1H1B TB . 48.45 12.69 2.52
C6 A1H1B TB . 49.46 13.77 2.85
C7 A1H1B TB . 49.06 15.11 2.25
O4 A1H1B TB . 50.14 11.38 3.62
O5 A1H1B TB . 48.36 12.55 1.09
O6 A1H1B TB . 49.56 13.89 4.27
O3 A1H1B TB . 49.73 10.20 1.24
O2 A1H1B TB . 46.20 10.13 2.20
O7 A1H1B TB . 47.74 15.45 2.67
C1 GAL UB . 6.87 -29.09 -24.53
C2 GAL UB . 6.33 -28.72 -25.89
C3 GAL UB . 6.51 -29.92 -26.79
C4 GAL UB . 7.98 -30.35 -26.86
C5 GAL UB . 8.49 -30.59 -25.44
C6 GAL UB . 9.99 -30.87 -25.38
O2 GAL UB . 4.94 -28.45 -25.82
O3 GAL UB . 6.07 -29.65 -28.12
O4 GAL UB . 8.71 -29.34 -27.55
O5 GAL UB . 8.25 -29.45 -24.62
O6 GAL UB . 10.74 -29.79 -25.97
C2 BGC UB . 4.53 -30.35 -29.82
C3 BGC UB . 3.73 -31.52 -30.39
C4 BGC UB . 4.61 -32.76 -30.52
C5 BGC UB . 5.27 -33.08 -29.18
C6 BGC UB . 6.23 -34.25 -29.25
C1 BGC UB . 5.26 -30.76 -28.55
O2 BGC UB . 3.65 -29.27 -29.51
O3 BGC UB . 3.22 -31.14 -31.67
O4 BGC UB . 3.81 -33.86 -30.93
O5 BGC UB . 6.03 -31.95 -28.75
O6 BGC UB . 7.36 -33.94 -30.08
C1 A1H1F UB . 4.18 -34.21 -32.25
O5 A1H1F UB . 3.34 -33.51 -33.17
C5 A1H1F UB . 3.73 -33.80 -34.50
C6 A1H1F UB . 2.93 -32.94 -35.48
C4 A1H1F UB . 3.53 -35.28 -34.79
O4 A1H1F UB . 2.15 -35.62 -34.67
C3 A1H1F UB . 4.36 -36.11 -33.82
O3 A1H1F UB . 4.06 -37.50 -34.01
C2 A1H1F UB . 4.03 -35.72 -32.39
O2 A1H1F UB . 4.91 -36.38 -31.49
S6 A1H1F UB . 3.99 -32.03 -36.39
O1S6 A1H1F UB . 4.90 -32.95 -37.12
O2S6 A1H1F UB . 3.22 -31.23 -37.36
O3S6 A1H1F UB . 4.76 -31.13 -35.51
C1 MAN UB . 5.14 -38.26 -34.52
C2 MAN UB . 5.31 -38.19 -36.05
C3 MAN UB . 4.06 -38.74 -36.73
C4 MAN UB . 3.72 -40.12 -36.21
C5 MAN UB . 3.55 -40.05 -34.69
C6 MAN UB . 3.26 -41.40 -34.05
O2 MAN UB . 6.41 -39.00 -36.45
O3 MAN UB . 4.25 -38.78 -38.15
O4 MAN UB . 2.52 -40.57 -36.81
O5 MAN UB . 4.74 -39.54 -34.07
O6 MAN UB . 4.48 -42.10 -34.02
C1 MAN UB . 3.63 -37.63 -38.77
C2 MAN UB . 4.73 -36.83 -39.52
C3 MAN UB . 4.44 -35.34 -39.46
C4 MAN UB . 2.93 -35.09 -39.55
C5 MAN UB . 2.26 -35.63 -38.28
C6 MAN UB . 0.78 -35.95 -38.49
O2 MAN UB . 4.78 -37.22 -40.89
O3 MAN UB . 5.11 -34.64 -40.53
O4 MAN UB . 2.67 -33.69 -39.66
O5 MAN UB . 2.94 -36.82 -37.80
O6 MAN UB . 0.22 -36.28 -37.21
C1 MAN UB . 4.62 -42.82 -32.78
C2 MAN UB . 6.11 -42.90 -32.40
C3 MAN UB . 6.85 -43.84 -33.36
C4 MAN UB . 6.14 -45.18 -33.49
C5 MAN UB . 4.67 -44.97 -33.86
C6 MAN UB . 3.87 -46.26 -33.93
O2 MAN UB . 6.29 -43.41 -31.08
O3 MAN UB . 8.20 -44.05 -32.93
O4 MAN UB . 6.78 -45.97 -34.49
O5 MAN UB . 4.03 -44.12 -32.88
O6 MAN UB . 2.63 -45.97 -34.57
C1 A1H1B UB . 4.23 -37.18 -30.48
C2 A1H1B UB . 2.71 -37.05 -30.53
C3 A1H1B UB . 2.03 -38.43 -30.64
C4 A1H1B UB . 2.56 -39.38 -29.57
C5 A1H1B UB . 4.08 -39.31 -29.47
C6 A1H1B UB . 4.72 -40.70 -29.44
C7 A1H1B UB . 6.23 -40.59 -29.35
O4 A1H1B UB . 2.17 -40.72 -29.90
O5 A1H1B UB . 4.61 -38.56 -30.56
O6 A1H1B UB . 4.22 -41.40 -28.32
O3 A1H1B UB . 2.32 -38.98 -31.94
O2 A1H1B UB . 2.25 -36.39 -29.35
O7 A1H1B UB . 6.59 -39.87 -28.17
C1 GAL VB . 7.71 -37.04 -15.66
C2 GAL VB . 6.94 -37.13 -16.98
C3 GAL VB . 6.59 -38.57 -17.30
C4 GAL VB . 7.87 -39.42 -17.26
C5 GAL VB . 8.57 -39.26 -15.91
C6 GAL VB . 9.88 -40.01 -15.86
O2 GAL VB . 5.72 -36.39 -16.90
O3 GAL VB . 6.01 -38.67 -18.60
O4 GAL VB . 8.72 -39.07 -18.36
O5 GAL VB . 8.86 -37.88 -15.69
O6 GAL VB . 10.82 -39.42 -16.78
C2 BGC VB . 4.10 -39.88 -19.41
C3 BGC VB . 3.55 -41.28 -19.69
C4 BGC VB . 4.54 -42.16 -20.45
C5 BGC VB . 5.86 -42.18 -19.67
C6 BGC VB . 6.96 -43.00 -20.32
C1 BGC VB . 5.48 -39.98 -18.77
O2 BGC VB . 3.23 -39.21 -18.52
O3 BGC VB . 2.33 -41.18 -20.44
O4 BGC VB . 4.00 -43.47 -20.52
O5 BGC VB . 6.34 -40.84 -19.54
O6 BGC VB . 7.12 -42.60 -21.67
C1 A1H1F VB . 3.87 -44.10 -21.80
O5 A1H1F VB . 2.93 -43.92 -22.90
C5 A1H1F VB . 3.54 -44.53 -24.04
C6 A1H1F VB . 2.77 -44.22 -25.31
C4 A1H1F VB . 3.63 -46.04 -23.82
O4 A1H1F VB . 2.31 -46.55 -23.65
C3 A1H1F VB . 4.48 -46.35 -22.58
O3 A1H1F VB . 4.40 -47.75 -22.33
C2 A1H1F VB . 3.92 -45.58 -21.39
O2 A1H1F VB . 4.79 -45.72 -20.27
S6 A1H1F VB . 3.78 -43.57 -26.45
O1S6 A1H1F VB . 3.00 -43.24 -27.66
O2S6 A1H1F VB . 4.84 -44.55 -26.80
O3S6 A1H1F VB . 4.43 -42.33 -25.92
C1 MAN VB . 5.17 -48.71 -23.05
C2 MAN VB . 5.16 -49.13 -24.54
C3 MAN VB . 3.80 -49.73 -24.92
C4 MAN VB . 3.42 -50.84 -23.95
C5 MAN VB . 3.39 -50.28 -22.54
C6 MAN VB . 3.08 -51.33 -21.48
O2 MAN VB . 6.14 -50.16 -24.72
O3 MAN VB . 3.82 -50.20 -26.28
O4 MAN VB . 2.15 -51.34 -24.31
O5 MAN VB . 4.68 -49.73 -22.20
O6 MAN VB . 4.25 -52.14 -21.33
C1 MAN VB . 3.11 -49.27 -27.12
C2 MAN VB . 4.10 -48.72 -28.17
C3 MAN VB . 3.80 -47.26 -28.51
C4 MAN VB . 2.28 -47.04 -28.52
C5 MAN VB . 1.75 -47.21 -27.09
C6 MAN VB . 0.26 -47.53 -27.05
O2 MAN VB . 4.03 -49.48 -29.39
O3 MAN VB . 4.36 -46.90 -29.77
O4 MAN VB . 1.99 -45.73 -29.00
O5 MAN VB . 2.49 -48.21 -26.37
O6 MAN VB . -0.21 -47.30 -25.72
C1 MAN VB . 4.44 -52.50 -19.95
C2 MAN VB . 5.94 -52.52 -19.63
C3 MAN VB . 6.63 -53.71 -20.32
C4 MAN VB . 5.88 -55.02 -20.06
C5 MAN VB . 4.40 -54.86 -20.41
C6 MAN VB . 3.58 -56.10 -20.12
O2 MAN VB . 6.19 -52.64 -18.23
O3 MAN VB . 7.99 -53.84 -19.89
O4 MAN VB . 6.47 -56.05 -20.85
O5 MAN VB . 3.83 -53.78 -19.67
O6 MAN VB . 2.33 -55.97 -20.78
C1 A1H1B VB . 4.19 -46.37 -19.12
C2 A1H1B VB . 2.66 -46.27 -19.09
C3 A1H1B VB . 2.02 -47.65 -18.95
C4 A1H1B VB . 2.62 -48.44 -17.78
C5 A1H1B VB . 4.13 -48.29 -17.76
C6 A1H1B VB . 4.84 -49.62 -17.52
C7 A1H1B VB . 6.34 -49.45 -17.44
O4 A1H1B VB . 2.27 -49.81 -17.90
O5 A1H1B VB . 4.59 -47.74 -19.01
O6 A1H1B VB . 4.35 -50.18 -16.28
O3 A1H1B VB . 2.22 -48.39 -20.17
O2 A1H1B VB . 2.27 -45.44 -18.00
O7 A1H1B VB . 6.67 -48.45 -16.46
C1 GAL WB . -16.93 9.41 -38.65
C2 GAL WB . -15.97 10.22 -39.51
C3 GAL WB . -16.72 10.65 -40.75
C4 GAL WB . -17.30 9.45 -41.50
C5 GAL WB . -18.17 8.63 -40.55
C6 GAL WB . -18.67 7.33 -41.16
O2 GAL WB . -15.55 11.38 -38.83
O3 GAL WB . -15.88 11.37 -41.64
O4 GAL WB . -16.22 8.70 -42.05
O5 GAL WB . -17.43 8.30 -39.38
O6 GAL WB . -17.58 6.51 -41.58
C2 BGC WB . -15.60 13.48 -42.75
C3 BGC WB . -16.32 14.70 -43.30
C4 BGC WB . -17.51 14.29 -44.15
C5 BGC WB . -18.43 13.36 -43.37
C6 BGC WB . -19.61 12.83 -44.17
C1 BGC WB . -16.58 12.55 -42.06
O2 BGC WB . -14.62 13.89 -41.80
O3 BGC WB . -15.39 15.46 -44.08
O4 BGC WB . -18.24 15.45 -44.56
O5 BGC WB . -17.69 12.23 -42.92
O6 BGC WB . -19.13 11.98 -45.23
C1 A1H1F WB . -18.07 15.60 -45.95
O5 A1H1F WB . -16.96 16.46 -46.21
C5 A1H1F WB . -16.71 16.59 -47.59
C6 A1H1F WB . -15.44 17.38 -47.85
C4 A1H1F WB . -17.91 17.26 -48.25
O4 A1H1F WB . -18.08 18.59 -47.72
C3 A1H1F WB . -19.19 16.44 -48.00
O3 A1H1F WB . -20.31 17.16 -48.49
C2 A1H1F WB . -19.35 16.20 -46.51
O2 A1H1F WB . -20.44 15.31 -46.30
S6 A1H1F WB . -14.40 16.44 -48.75
O1S6 A1H1F WB . -15.05 16.09 -50.02
O2S6 A1H1F WB . -13.16 17.21 -49.02
O3S6 A1H1F WB . -14.04 15.22 -47.98
C1 MAN WB . -20.93 16.53 -49.61
C2 MAN WB . -20.29 16.81 -50.97
C3 MAN WB . -20.32 18.32 -51.26
C4 MAN WB . -21.74 18.86 -51.12
C5 MAN WB . -22.27 18.53 -49.72
C6 MAN WB . -23.70 18.98 -49.50
O2 MAN WB . -21.01 16.16 -52.01
O3 MAN WB . -19.82 18.60 -52.57
O4 MAN WB . -21.74 20.26 -51.32
O5 MAN WB . -22.23 17.12 -49.49
O6 MAN WB . -24.53 18.05 -50.19
C1 MAN WB . -18.44 19.02 -52.49
C2 MAN WB . -17.58 18.03 -53.29
C3 MAN WB . -16.20 17.88 -52.65
C4 MAN WB . -15.73 19.20 -52.05
C5 MAN WB . -16.66 19.58 -50.89
C6 MAN WB . -16.64 21.08 -50.59
O2 MAN WB . -17.38 18.50 -54.63
O3 MAN WB . -15.24 17.39 -53.59
O4 MAN WB . -14.39 19.09 -51.60
O5 MAN WB . -18.00 19.14 -51.12
O6 MAN WB . -17.40 21.29 -49.38
C1 MAN WB . -25.69 17.74 -49.39
C2 MAN WB . -26.12 16.29 -49.67
C3 MAN WB . -26.70 16.17 -51.09
C4 MAN WB . -27.76 17.23 -51.36
C5 MAN WB . -27.22 18.62 -51.03
C6 MAN WB . -28.24 19.72 -51.21
O2 MAN WB . -27.15 15.87 -48.77
O3 MAN WB . -27.26 14.87 -51.31
O4 MAN WB . -28.16 17.17 -52.73
O5 MAN WB . -26.75 18.67 -49.68
O6 MAN WB . -27.53 20.98 -51.19
C1 A1H1B WB . -21.47 15.84 -45.42
C2 A1H1B WB . -21.13 17.22 -44.83
C3 A1H1B WB . -22.23 18.24 -45.12
C4 A1H1B WB . -23.60 17.70 -44.71
C5 A1H1B WB . -23.78 16.25 -45.18
C6 A1H1B WB . -25.13 16.05 -45.86
C7 A1H1B WB . -25.29 14.61 -46.34
O4 A1H1B WB . -24.62 18.51 -45.28
O5 A1H1B WB . -22.73 15.89 -46.09
O6 A1H1B WB . -26.17 16.35 -44.93
O3 A1H1B WB . -22.24 18.52 -46.52
O2 A1H1B WB . -20.94 17.09 -43.42
O7 A1H1B WB . -25.18 13.72 -45.22
C1 GAL XB . -27.81 8.11 -33.95
C2 GAL XB . -27.26 9.25 -34.82
C3 GAL XB . -28.39 10.06 -35.43
C4 GAL XB . -29.35 9.12 -36.15
C5 GAL XB . -29.85 8.03 -35.21
C6 GAL XB . -30.75 7.02 -35.91
O2 GAL XB . -26.45 10.12 -34.05
O3 GAL XB . -27.88 11.00 -36.36
O4 GAL XB . -28.72 8.58 -37.32
O5 GAL XB . -28.74 7.32 -34.68
O6 GAL XB . -29.99 6.28 -36.87
C2 BGC XB . -28.38 13.34 -36.72
C3 BGC XB . -29.45 14.31 -37.20
C4 BGC XB . -30.07 13.87 -38.52
C5 BGC XB . -30.60 12.44 -38.36
C6 BGC XB . -31.22 11.86 -39.61
C1 BGC XB . -28.92 11.92 -36.73
O2 BGC XB . -28.00 13.67 -35.38
O3 BGC XB . -28.89 15.62 -37.33
O4 BGC XB . -31.16 14.76 -38.79
O5 BGC XB . -29.51 11.60 -38.00
O6 BGC XB . -30.33 12.03 -40.71
C1 A1H1F XB . -31.19 15.44 -40.05
O5 A1H1F XB . -30.46 16.58 -40.58
C5 A1H1F XB . -30.63 16.54 -42.00
C6 A1H1F XB . -29.73 17.53 -42.69
C4 A1H1F XB . -32.10 16.80 -42.34
O4 A1H1F XB . -32.44 18.10 -41.86
C3 A1H1F XB . -33.00 15.74 -41.70
O3 A1H1F XB . -34.35 16.12 -41.91
C2 A1H1F XB . -32.71 15.68 -40.21
O2 A1H1F XB . -33.40 14.58 -39.61
S6 A1H1F XB . -28.82 16.77 -43.85
O1S6 A1H1F XB . -27.92 17.77 -44.49
O2S6 A1H1F XB . -29.71 16.20 -44.89
O3S6 A1H1F XB . -28.01 15.69 -43.24
C1 MAN XB . -35.04 15.90 -43.13
C2 MAN XB . -34.81 16.49 -44.55
C3 MAN XB . -35.01 18.00 -44.56
C4 MAN XB . -36.35 18.37 -43.94
C5 MAN XB . -36.42 17.80 -42.52
C6 MAN XB . -37.76 18.06 -41.84
O2 MAN XB . -35.82 15.95 -45.43
O3 MAN XB . -34.88 18.52 -45.89
O4 MAN XB . -36.48 19.78 -43.92
O5 MAN XB . -36.23 16.38 -42.56
O6 MAN XB . -38.71 17.17 -42.42
C1 MAN XB . -33.60 19.17 -46.04
C2 MAN XB . -32.82 18.44 -47.15
C3 MAN XB . -31.33 18.42 -46.85
C4 MAN XB . -30.92 19.75 -46.19
C5 MAN XB . -31.57 19.84 -44.81
C6 MAN XB . -31.68 21.27 -44.31
O2 MAN XB . -33.01 19.07 -48.42
O3 MAN XB . -30.56 18.19 -48.03
O4 MAN XB . -29.49 19.80 -46.08
O5 MAN XB . -32.87 19.22 -44.80
O6 MAN XB . -31.94 21.24 -42.90
C1 MAN XB . -39.62 16.67 -41.42
C2 MAN XB . -39.97 15.22 -41.74
C3 MAN XB . -40.86 15.13 -42.99
C4 MAN XB . -42.05 16.09 -42.90
C5 MAN XB . -41.55 17.50 -42.58
C6 MAN XB . -42.68 18.51 -42.41
O2 MAN XB . -40.69 14.60 -40.66
O3 MAN XB . -41.34 13.79 -43.19
O4 MAN XB . -42.75 16.09 -44.14
O5 MAN XB . -40.79 17.49 -41.36
O6 MAN XB . -42.11 19.81 -42.45
C1 A1H1B XB . -34.37 14.95 -38.61
C2 A1H1B XB . -34.08 16.32 -37.96
C3 A1H1B XB . -35.29 17.24 -38.04
C4 A1H1B XB . -36.56 16.55 -37.53
C5 A1H1B XB . -36.65 15.12 -38.05
C6 A1H1B XB . -38.05 14.77 -38.54
C7 A1H1B XB . -38.13 13.33 -39.00
O4 A1H1B XB . -37.71 17.29 -37.95
O5 A1H1B XB . -35.71 14.93 -39.11
O6 A1H1B XB . -38.98 14.99 -37.48
O3 A1H1B XB . -35.50 17.63 -39.41
O2 A1H1B XB . -33.72 16.12 -36.60
O7 A1H1B XB . -37.68 12.45 -37.95
C1 GAL YB . 26.89 24.80 -29.04
C2 GAL YB . 27.81 23.94 -29.89
C3 GAL YB . 28.81 24.87 -30.54
C4 GAL YB . 28.13 25.97 -31.35
C5 GAL YB . 27.14 26.71 -30.46
C6 GAL YB . 26.29 27.72 -31.21
O2 GAL YB . 28.55 23.04 -29.07
O3 GAL YB . 29.71 24.16 -31.40
O4 GAL YB . 27.51 25.36 -32.48
O5 GAL YB . 26.25 25.79 -29.83
O6 GAL YB . 25.56 27.09 -32.27
C2 BGC YB . 32.02 23.66 -31.78
C3 BGC YB . 33.45 24.13 -31.58
C4 BGC YB . 33.60 25.60 -31.99
C5 BGC YB . 32.58 26.45 -31.26
C6 BGC YB . 32.58 27.91 -31.68
C1 BGC YB . 31.04 24.61 -31.11
O2 BGC YB . 31.86 22.36 -31.20
O3 BGC YB . 34.32 23.31 -32.38
O4 BGC YB . 34.91 26.06 -31.69
O5 BGC YB . 31.26 25.96 -31.52
O6 BGC YB . 32.17 28.04 -33.06
C1 A1H1F YB . 35.59 26.28 -32.91
O5 A1H1F YB . 36.30 25.11 -33.27
C5 A1H1F YB . 36.95 25.27 -34.52
C6 A1H1F YB . 37.58 23.96 -34.97
C4 A1H1F YB . 37.99 26.38 -34.41
O4 A1H1F YB . 38.99 26.01 -33.45
C3 A1H1F YB . 37.33 27.69 -33.96
O3 A1H1F YB . 38.34 28.67 -33.72
C2 A1H1F YB . 36.53 27.45 -32.69
O2 A1H1F YB . 35.79 28.63 -32.38
S6 A1H1F YB . 36.96 23.55 -36.46
O1S6 A1H1F YB . 37.25 24.63 -37.42
O2S6 A1H1F YB . 37.60 22.30 -36.92
O3S6 A1H1F YB . 35.50 23.35 -36.34
C1 MAN YB . 38.31 29.74 -34.65
C2 MAN YB . 39.02 29.49 -35.97
C3 MAN YB . 40.51 29.20 -35.72
C4 MAN YB . 41.13 30.30 -34.88
C5 MAN YB . 40.34 30.45 -33.58
C6 MAN YB . 40.85 31.56 -32.69
O2 MAN YB . 38.95 30.64 -36.82
O3 MAN YB . 41.22 29.06 -36.95
O4 MAN YB . 42.48 29.96 -34.59
O5 MAN YB . 38.97 30.72 -33.86
O6 MAN YB . 40.41 32.78 -33.27
C1 MAN YB . 41.38 27.66 -37.28
C2 MAN YB . 40.70 27.39 -38.62
C3 MAN YB . 40.09 25.98 -38.66
C4 MAN YB . 40.98 25.01 -37.89
C5 MAN YB . 40.98 25.39 -36.41
C6 MAN YB . 42.22 24.87 -35.66
O2 MAN YB . 41.63 27.48 -39.71
O3 MAN YB . 39.90 25.53 -40.00
O4 MAN YB . 40.51 23.68 -38.05
O5 MAN YB . 40.87 26.81 -36.23
O6 MAN YB . 42.02 25.13 -34.26
C1 MAN YB . 39.97 33.68 -32.23
C2 MAN YB . 38.83 34.57 -32.78
C3 MAN YB . 39.37 35.55 -33.83
C4 MAN YB . 40.59 36.31 -33.30
C5 MAN YB . 41.64 35.33 -32.78
C6 MAN YB . 42.86 36.01 -32.18
O2 MAN YB . 38.23 35.35 -31.74
O3 MAN YB . 38.36 36.50 -34.22
O4 MAN YB . 41.14 37.10 -34.35
O5 MAN YB . 41.07 34.48 -31.77
O6 MAN YB . 43.88 35.03 -32.02
C1 A1H1B YB . 36.07 29.15 -31.06
C2 A1H1B YB . 37.02 28.29 -30.22
C3 A1H1B YB . 38.21 29.10 -29.72
C4 A1H1B YB . 37.76 30.37 -29.01
C5 A1H1B YB . 36.66 31.08 -29.81
C6 A1H1B YB . 36.94 32.57 -29.95
C7 A1H1B YB . 35.85 33.26 -30.76
O4 A1H1B YB . 38.87 31.25 -28.83
O5 A1H1B YB . 36.56 30.50 -31.12
O6 A1H1B YB . 36.98 33.15 -28.64
O3 A1H1B YB . 39.03 29.46 -30.83
O2 A1H1B YB . 36.31 27.73 -29.12
O7 A1H1B YB . 34.58 33.06 -30.14
C1 GAL ZB . 25.31 33.63 -21.20
C2 GAL ZB . 26.61 33.07 -21.78
C3 GAL ZB . 27.75 34.06 -21.62
C4 GAL ZB . 27.33 35.41 -22.20
C5 GAL ZB . 26.02 35.88 -21.56
C6 GAL ZB . 25.51 37.18 -22.16
O2 GAL ZB . 26.97 31.85 -21.15
O3 GAL ZB . 28.89 33.59 -22.32
O4 GAL ZB . 27.21 35.32 -23.63
O5 GAL ZB . 25.00 34.90 -21.76
O6 GAL ZB . 25.13 36.97 -23.53
C2 BGC ZB . 31.23 33.51 -21.68
C3 BGC ZB . 32.46 34.36 -21.37
C4 BGC ZB . 32.68 35.45 -22.42
C5 BGC ZB . 31.40 36.28 -22.55
C6 BGC ZB . 31.47 37.38 -23.58
C1 BGC ZB . 30.02 34.40 -21.95
O2 BGC ZB . 30.94 32.68 -20.56
O3 BGC ZB . 33.61 33.52 -21.28
O4 BGC ZB . 33.75 36.27 -21.94
O5 BGC ZB . 30.34 35.40 -22.93
O6 BGC ZB . 31.96 36.85 -24.82
C1 A1H1F ZB . 34.88 36.50 -22.78
O5 A1H1F ZB . 36.02 35.67 -23.15
C5 A1H1F ZB . 36.57 36.28 -24.32
C6 A1H1F ZB . 37.63 35.38 -24.95
C4 A1H1F ZB . 37.15 37.65 -23.97
O4 A1H1F ZB . 38.18 37.44 -22.99
C3 A1H1F ZB . 36.07 38.56 -23.42
O3 A1H1F ZB . 36.69 39.75 -22.95
C2 A1H1F ZB . 35.36 37.87 -22.26
O2 A1H1F ZB . 34.22 38.62 -21.85
S6 A1H1F ZB . 37.29 35.12 -26.55
O1S6 A1H1F ZB . 38.33 34.22 -27.12
O2S6 A1H1F ZB . 37.31 36.40 -27.29
O3S6 A1H1F ZB . 35.95 34.49 -26.68
C1 MAN ZB . 37.07 40.81 -23.81
C2 MAN ZB . 38.14 40.88 -24.94
C3 MAN ZB . 39.54 40.65 -24.38
C4 MAN ZB . 39.81 41.58 -23.20
C5 MAN ZB . 38.73 41.36 -22.14
C6 MAN ZB . 38.88 42.30 -20.95
O2 MAN ZB . 38.14 42.20 -25.49
O3 MAN ZB . 40.53 40.79 -25.39
O4 MAN ZB . 41.09 41.30 -22.67
O5 MAN ZB . 37.43 41.60 -22.70
O6 MAN ZB . 38.43 43.60 -21.37
C1 MAN ZB . 41.01 39.48 -25.82
C2 MAN ZB . 40.67 39.32 -27.31
C3 MAN ZB . 40.33 37.86 -27.63
C4 MAN ZB . 41.20 36.93 -26.79
C5 MAN ZB . 40.83 37.07 -25.32
C6 MAN ZB . 41.93 36.62 -24.38
O2 MAN ZB . 41.80 39.69 -28.13
O3 MAN ZB . 40.49 37.59 -29.03
O4 MAN ZB . 41.01 35.58 -27.23
O5 MAN ZB . 40.44 38.43 -25.01
O6 MAN ZB . 41.38 36.44 -23.07
C1 MAN ZB . 37.71 44.25 -20.32
C2 MAN ZB . 36.57 45.08 -20.94
C3 MAN ZB . 37.12 46.29 -21.70
C4 MAN ZB . 38.12 47.09 -20.85
C5 MAN ZB . 39.19 46.14 -20.30
C6 MAN ZB . 40.19 46.84 -19.39
O2 MAN ZB . 35.68 45.57 -19.94
O3 MAN ZB . 36.06 47.17 -22.12
O4 MAN ZB . 38.72 48.09 -21.65
O5 MAN ZB . 38.59 45.09 -19.54
O6 MAN ZB . 41.31 45.97 -19.22
C1 A1H1B ZB . 34.29 39.09 -20.48
C2 A1H1B ZB . 35.22 38.26 -19.58
C3 A1H1B ZB . 36.25 39.13 -18.88
C4 A1H1B ZB . 35.61 40.32 -18.18
C5 A1H1B ZB . 34.53 40.96 -19.06
C6 A1H1B ZB . 34.61 42.48 -19.06
C7 A1H1B ZB . 33.50 43.09 -19.89
O4 A1H1B ZB . 36.59 41.29 -17.85
O5 A1H1B ZB . 34.66 40.48 -20.40
O6 A1H1B ZB . 34.50 42.94 -17.71
O3 A1H1B ZB . 37.19 39.63 -19.86
O2 A1H1B ZB . 34.44 37.56 -18.61
O7 A1H1B ZB . 32.23 42.60 -19.45
C1 GAL AC . 30.85 -22.35 -32.70
C2 GAL AC . 30.28 -22.70 -34.07
C3 GAL AC . 31.25 -23.68 -34.71
C4 GAL AC . 32.66 -23.11 -34.81
C5 GAL AC . 33.11 -22.66 -33.41
C6 GAL AC . 34.44 -21.93 -33.41
O2 GAL AC . 29.03 -23.35 -33.95
O3 GAL AC . 30.82 -24.05 -36.03
O4 GAL AC . 32.64 -22.04 -35.75
O5 GAL AC . 32.15 -21.79 -32.84
O6 GAL AC . 34.40 -20.77 -34.26
C2 BGC AC . 30.19 -25.91 -37.40
C3 BGC AC . 30.35 -27.41 -37.63
C4 BGC AC . 31.82 -27.81 -37.56
C5 BGC AC . 32.43 -27.34 -36.25
C6 BGC AC . 33.92 -27.62 -36.15
C1 BGC AC . 30.91 -25.48 -36.13
O2 BGC AC . 28.80 -25.58 -37.26
O3 BGC AC . 29.80 -27.73 -38.92
O4 BGC AC . 31.91 -29.23 -37.65
O5 BGC AC . 32.27 -25.93 -36.14
O6 BGC AC . 34.65 -26.87 -37.13
C1 A1H1F AC . 32.51 -29.54 -38.90
O5 A1H1F AC . 31.49 -29.76 -39.87
C5 A1H1F AC . 32.07 -30.01 -41.15
C6 A1H1F AC . 30.98 -30.10 -42.22
C4 A1H1F AC . 32.88 -31.31 -41.09
O4 A1H1F AC . 32.01 -32.42 -40.77
C3 A1H1F AC . 33.97 -31.20 -40.03
O3 A1H1F AC . 34.62 -32.47 -39.89
C2 A1H1F AC . 33.36 -30.79 -38.70
O2 A1H1F AC . 34.40 -30.54 -37.76
S6 A1H1F AC . 31.29 -28.97 -43.38
O1S6 A1H1F AC . 32.62 -29.24 -43.97
O2S6 A1H1F AC . 30.26 -29.06 -44.44
O3S6 A1H1F AC . 31.26 -27.60 -42.78
C1 MAN AC . 35.97 -32.46 -40.32
C2 MAN AC . 36.18 -32.63 -41.83
C3 MAN AC . 35.61 -33.99 -42.27
C4 MAN AC . 36.17 -35.12 -41.43
C5 MAN AC . 35.89 -34.84 -39.95
C6 MAN AC . 36.47 -35.87 -39.02
O2 MAN AC . 37.57 -32.63 -42.14
O3 MAN AC . 35.88 -34.21 -43.67
O4 MAN AC . 35.57 -36.34 -41.81
O5 MAN AC . 36.44 -33.57 -39.57
O6 MAN AC . 37.87 -35.63 -38.95
C1 MAN AC . 34.72 -33.87 -44.46
C2 MAN AC . 35.11 -32.77 -45.44
C3 MAN AC . 33.94 -31.82 -45.70
C4 MAN AC . 32.63 -32.60 -45.69
C5 MAN AC . 32.37 -33.15 -44.30
C6 MAN AC . 31.43 -34.36 -44.30
O2 MAN AC . 35.51 -33.32 -46.71
O3 MAN AC . 34.10 -31.12 -46.93
O4 MAN AC . 31.56 -31.75 -46.09
O5 MAN AC . 33.60 -33.49 -43.63
O6 MAN AC . 31.12 -34.68 -42.93
C1 MAN AC . 38.33 -35.80 -37.59
C2 MAN AC . 39.50 -34.84 -37.34
C3 MAN AC . 40.74 -35.28 -38.13
C4 MAN AC . 41.04 -36.77 -37.89
C5 MAN AC . 39.80 -37.61 -38.17
C6 MAN AC . 40.00 -39.09 -37.89
O2 MAN AC . 39.87 -34.81 -35.96
O3 MAN AC . 41.89 -34.50 -37.77
O4 MAN AC . 42.11 -37.16 -38.74
O5 MAN AC . 38.71 -37.16 -37.36
O6 MAN AC . 38.91 -39.80 -38.46
C1 A1H1B AC . 34.30 -31.33 -36.55
C2 A1H1B AC . 33.04 -32.21 -36.49
C3 A1H1B AC . 33.41 -33.68 -36.24
C4 A1H1B AC . 34.33 -33.83 -35.04
C5 A1H1B AC . 35.45 -32.79 -35.08
C6 A1H1B AC . 36.82 -33.41 -34.81
C7 A1H1B AC . 37.92 -32.36 -34.87
O4 A1H1B AC . 34.90 -35.13 -35.03
O5 A1H1B AC . 35.47 -32.13 -36.35
O6 A1H1B AC . 36.80 -34.01 -33.52
O3 A1H1B AC . 34.07 -34.20 -37.41
O2 A1H1B AC . 32.19 -31.75 -35.44
O7 A1H1B AC . 37.66 -31.34 -33.91
C1 GAL BC . 35.85 -25.75 -22.44
C2 GAL BC . 35.40 -26.60 -23.64
C3 GAL BC . 36.08 -27.96 -23.60
C4 GAL BC . 37.59 -27.77 -23.50
C5 GAL BC . 37.94 -26.90 -22.29
C6 GAL BC . 39.42 -26.60 -22.21
O2 GAL BC . 33.99 -26.79 -23.62
O3 GAL BC . 35.78 -28.68 -24.80
O4 GAL BC . 38.10 -27.22 -24.72
O5 GAL BC . 37.27 -25.65 -22.40
O6 GAL BC . 39.84 -25.78 -23.32
C2 BGC BC . 35.12 -30.98 -25.17
C3 BGC BC . 35.60 -32.42 -25.09
C4 BGC BC . 36.97 -32.62 -25.73
C5 BGC BC . 37.95 -31.63 -25.08
C6 BGC BC . 39.35 -31.69 -25.63
C1 BGC BC . 36.21 -30.04 -24.65
O2 BGC BC . 33.96 -30.82 -24.36
O3 BGC BC . 34.64 -33.27 -25.74
O4 BGC BC . 37.38 -33.95 -25.47
O5 BGC BC . 37.47 -30.30 -25.28
O6 BGC BC . 39.32 -31.60 -27.05
C1 A1H1F BC . 37.76 -34.79 -26.57
O5 A1H1F BC . 37.00 -35.49 -27.59
C5 A1H1F BC . 37.94 -35.81 -28.62
C6 A1H1F BC . 37.25 -36.34 -29.86
C4 A1H1F BC . 38.95 -36.83 -28.09
O4 A1H1F BC . 38.24 -38.00 -27.71
C3 A1H1F BC . 39.71 -36.26 -26.89
O3 A1H1F BC . 40.52 -37.29 -26.34
C2 A1H1F BC . 38.71 -35.78 -25.86
O2 A1H1F BC . 39.38 -35.07 -24.80
S6 A1H1F BC . 37.70 -35.47 -31.19
O1S6 A1H1F BC . 36.98 -35.99 -32.38
O2S6 A1H1F BC . 39.16 -35.62 -31.42
O3S6 A1H1F BC . 37.37 -34.03 -31.00
C1 MAN BC . 41.76 -37.68 -26.89
C2 MAN BC . 42.13 -38.34 -28.25
C3 MAN BC . 41.49 -39.72 -28.39
C4 MAN BC . 41.82 -40.58 -27.17
C5 MAN BC . 41.34 -39.86 -25.91
C6 MAN BC . 41.70 -40.61 -24.63
O2 MAN BC . 43.54 -38.54 -28.29
O3 MAN BC . 41.89 -40.34 -29.60
O4 MAN BC . 41.18 -41.83 -27.29
O5 MAN BC . 41.96 -38.56 -25.81
O6 MAN BC . 43.10 -40.43 -24.40
C1 MAN BC . 40.83 -40.28 -30.56
C2 MAN BC . 41.32 -39.50 -31.79
C3 MAN BC . 40.19 -38.68 -32.40
C4 MAN BC . 38.88 -39.47 -32.33
C5 MAN BC . 38.47 -39.61 -30.86
C6 MAN BC . 37.52 -40.77 -30.62
O2 MAN BC . 41.83 -40.37 -32.79
O3 MAN BC . 40.48 -38.33 -33.76
O4 MAN BC . 37.86 -38.79 -33.06
O5 MAN BC . 39.62 -39.73 -30.00
O6 MAN BC . 36.91 -40.62 -29.33
C1 MAN BC . 43.37 -40.27 -22.99
C2 MAN BC . 44.52 -39.27 -22.81
C3 MAN BC . 45.85 -39.88 -23.28
C4 MAN BC . 46.09 -41.27 -22.68
C5 MAN BC . 44.86 -42.15 -22.93
C6 MAN BC . 44.99 -43.53 -22.30
O2 MAN BC . 44.69 -38.91 -21.44
O3 MAN BC . 46.96 -39.03 -22.95
O4 MAN BC . 47.24 -41.84 -23.27
O5 MAN BC . 43.69 -41.55 -22.40
O6 MAN BC . 43.98 -44.37 -22.87
C1 A1H1B BC . 39.25 -35.68 -23.50
C2 A1H1B BC . 38.00 -36.57 -23.36
C3 A1H1B BC . 38.37 -37.97 -22.86
C4 A1H1B BC . 39.24 -37.91 -21.62
C5 A1H1B BC . 40.33 -36.84 -21.76
C6 A1H1B BC . 41.68 -37.34 -21.29
C7 A1H1B BC . 42.73 -36.25 -21.38
O4 A1H1B BC . 39.85 -39.19 -21.40
O5 A1H1B BC . 40.41 -36.42 -23.12
O6 A1H1B BC . 41.58 -37.78 -19.93
O3 A1H1B BC . 39.08 -38.66 -23.91
O2 A1H1B BC . 37.09 -35.96 -22.45
O7 A1H1B BC . 42.29 -35.08 -20.67
C1 GAL CC . -10.82 -11.83 -52.78
C2 GAL CC . -10.52 -10.81 -53.87
C3 GAL CC . -11.28 -11.24 -55.11
C4 GAL CC . -10.91 -12.64 -55.54
C5 GAL CC . -11.11 -13.61 -54.37
C6 GAL CC . -10.61 -15.02 -54.65
O2 GAL CC . -11.01 -9.53 -53.49
O3 GAL CC . -11.04 -10.35 -56.20
O4 GAL CC . -9.56 -12.63 -56.00
O5 GAL CC . -10.42 -13.13 -53.20
O6 GAL CC . -9.20 -15.02 -54.95
C2 BGC CC . -12.07 -8.85 -57.75
C3 BGC CC . -13.37 -8.52 -58.50
C4 BGC CC . -13.96 -9.77 -59.14
C5 BGC CC . -14.14 -10.86 -58.09
C6 BGC CC . -14.65 -12.17 -58.66
C1 BGC CC . -12.30 -10.02 -56.80
O2 BGC CC . -11.66 -7.72 -56.99
O3 BGC CC . -13.06 -7.55 -59.51
O4 BGC CC . -15.22 -9.45 -59.72
O5 BGC CC . -12.88 -11.14 -57.48
O6 BGC CC . -13.68 -12.74 -59.54
C1 A1H1F CC . -15.08 -9.53 -61.12
O5 A1H1F CC . -14.75 -8.24 -61.64
C5 A1H1F CC . -14.54 -8.31 -63.05
C6 A1H1F CC . -14.04 -6.97 -63.57
C4 A1H1F CC . -15.85 -8.71 -63.73
O4 A1H1F CC . -16.86 -7.71 -63.49
C3 A1H1F CC . -16.33 -10.06 -63.21
O3 A1H1F CC . -17.62 -10.35 -63.75
C2 A1H1F CC . -16.41 -10.02 -61.69
O2 A1H1F CC . -16.71 -11.32 -61.19
S6 A1H1F CC . -12.58 -7.21 -64.33
O1S6 A1H1F CC . -12.77 -8.17 -65.45
O2S6 A1H1F CC . -12.09 -5.93 -64.88
O3S6 A1H1F CC . -11.60 -7.74 -63.36
C1 MAN CC . -17.63 -11.44 -64.64
C2 MAN CC . -17.21 -11.13 -66.09
C3 MAN CC . -18.16 -10.10 -66.68
C4 MAN CC . -19.61 -10.56 -66.54
C5 MAN CC . -19.91 -10.82 -65.06
C6 MAN CC . -21.31 -11.35 -64.82
O2 MAN CC . -17.28 -12.29 -66.89
O3 MAN CC . -17.85 -9.86 -68.06
O4 MAN CC . -20.48 -9.55 -67.04
O5 MAN CC . -19.00 -11.80 -64.53
O6 MAN CC . -21.31 -12.71 -65.21
C1 MAN CC . -17.07 -8.65 -68.18
C2 MAN CC . -15.72 -9.02 -68.83
C3 MAN CC . -14.60 -8.14 -68.29
C4 MAN CC . -15.12 -6.72 -68.04
C5 MAN CC . -16.15 -6.76 -66.90
C6 MAN CC . -17.12 -5.57 -66.93
O2 MAN CC . -15.77 -8.84 -70.26
O3 MAN CC . -13.48 -8.09 -69.19
O4 MAN CC . -14.04 -5.87 -67.68
O5 MAN CC . -16.90 -8.00 -66.91
O6 MAN CC . -17.91 -5.62 -65.74
C1 MAN CC . -22.08 -13.50 -64.29
C2 MAN CC . -21.47 -14.91 -64.20
C3 MAN CC . -21.72 -15.69 -65.51
C4 MAN CC . -23.20 -15.62 -65.92
C5 MAN CC . -23.67 -14.17 -65.95
C6 MAN CC . -25.15 -14.04 -66.27
O2 MAN CC . -22.06 -15.67 -63.15
O3 MAN CC . -21.32 -17.06 -65.39
O4 MAN CC . -23.36 -16.22 -67.20
O5 MAN CC . -23.45 -13.55 -64.68
O6 MAN CC . -25.42 -12.66 -66.58
C1 A1H1B CC . -17.90 -11.38 -60.37
C2 A1H1B CC . -18.56 -10.01 -60.12
C3 A1H1B CC . -20.03 -10.01 -60.52
C4 A1H1B CC . -20.78 -11.18 -59.89
C5 A1H1B CC . -19.97 -12.48 -60.02
C6 A1H1B CC . -20.83 -13.63 -60.53
C7 A1H1B CC . -20.02 -14.90 -60.67
O4 A1H1B CC . -22.04 -11.34 -60.53
O5 A1H1B CC . -18.86 -12.28 -60.92
O6 A1H1B CC . -21.89 -13.84 -59.60
O3 A1H1B CC . -20.11 -10.11 -61.95
O2 A1H1B CC . -18.43 -9.67 -58.74
O7 A1H1B CC . -19.44 -15.24 -59.40
C1 GAL DC . -18.75 -18.58 -47.00
C2 GAL DC . -18.97 -17.57 -48.14
C3 GAL DC . -20.32 -17.83 -48.81
C4 GAL DC . -20.40 -19.29 -49.23
C5 GAL DC . -20.15 -20.22 -48.05
C6 GAL DC . -20.13 -21.68 -48.45
O2 GAL DC . -18.97 -16.25 -47.64
O3 GAL DC . -20.45 -17.00 -49.96
O4 GAL DC . -19.49 -19.54 -50.31
O5 GAL DC . -18.88 -19.92 -47.47
O6 GAL DC . -19.00 -21.95 -49.29
C2 BGC DC . -22.29 -15.66 -50.77
C3 BGC DC . -23.69 -15.72 -51.36
C4 BGC DC . -23.81 -16.74 -52.50
C5 BGC DC . -23.31 -18.09 -51.99
C6 BGC DC . -23.34 -19.19 -53.02
C1 BGC DC . -21.80 -17.06 -50.43
O2 BGC DC . -22.31 -14.89 -49.58
O3 BGC DC . -24.07 -14.42 -51.82
O4 BGC DC . -25.18 -16.81 -52.86
O5 BGC DC . -21.96 -17.95 -51.55
O6 BGC DC . -22.68 -18.74 -54.22
C1 A1H1F DC . -25.56 -16.60 -54.22
O5 A1H1F DC . -25.67 -15.41 -55.05
C5 A1H1F DC . -25.67 -15.87 -56.41
C6 A1H1F DC . -25.55 -14.71 -57.38
C4 A1H1F DC . -26.94 -16.67 -56.67
O4 A1H1F DC . -28.06 -15.81 -56.45
C3 A1H1F DC . -27.01 -17.88 -55.75
O3 A1H1F DC . -28.28 -18.50 -55.92
C2 A1H1F DC . -26.85 -17.42 -54.31
O2 A1H1F DC . -26.74 -18.55 -53.44
S6 A1H1F DC . -24.28 -14.96 -58.42
O1S6 A1H1F DC . -24.18 -13.80 -59.33
O2S6 A1H1F DC . -24.53 -16.18 -59.23
O3S6 A1H1F DC . -23.02 -15.12 -57.66
C1 MAN DC . -28.60 -19.37 -57.00
C2 MAN DC . -28.68 -19.10 -58.53
C3 MAN DC . -29.78 -18.11 -58.85
C4 MAN DC . -31.09 -18.53 -58.21
C5 MAN DC . -30.89 -18.69 -56.70
C6 MAN DC . -32.13 -19.19 -55.98
O2 MAN DC . -29.04 -20.33 -59.18
O3 MAN DC . -29.92 -17.92 -60.26
O4 MAN DC . -32.09 -17.57 -58.47
O5 MAN DC . -29.85 -19.63 -56.44
O6 MAN DC . -32.27 -20.58 -56.27
C1 MAN DC . -29.33 -16.66 -60.66
C2 MAN DC . -28.18 -16.97 -61.65
C3 MAN DC . -27.04 -15.97 -61.47
C4 MAN DC . -27.60 -14.58 -61.16
C5 MAN DC . -28.27 -14.62 -59.78
C6 MAN DC . -29.30 -13.51 -59.59
O2 MAN DC . -28.65 -16.89 -63.01
O3 MAN DC . -26.21 -15.93 -62.64
O4 MAN DC . -26.55 -13.62 -61.17
O5 MAN DC . -28.88 -15.90 -59.53
O6 MAN DC . -29.57 -13.38 -58.20
C1 MAN DC . -32.73 -21.30 -55.11
C2 MAN DC . -32.05 -22.68 -55.07
C3 MAN DC . -32.59 -23.59 -56.19
C4 MAN DC . -34.13 -23.60 -56.21
C5 MAN DC . -34.66 -22.17 -56.25
C6 MAN DC . -36.18 -22.10 -56.21
O2 MAN DC . -32.30 -23.35 -53.84
O3 MAN DC . -32.11 -24.92 -56.06
O4 MAN DC . -34.57 -24.31 -57.37
O5 MAN DC . -34.16 -21.42 -55.13
O6 MAN DC . -36.57 -20.77 -56.57
C1 A1H1B DC . -27.80 -18.66 -52.45
C2 A1H1B DC . -28.48 -17.32 -52.14
C3 A1H1B DC . -30.00 -17.41 -52.31
C4 A1H1B DC . -30.57 -18.61 -51.56
C5 A1H1B DC . -29.70 -19.85 -51.75
C6 A1H1B DC . -30.53 -21.09 -52.03
C7 A1H1B DC . -29.65 -22.32 -52.15
O4 A1H1B DC . -31.89 -18.88 -52.02
O5 A1H1B DC . -28.79 -19.62 -52.82
O6 A1H1B DC . -31.47 -21.29 -50.96
O3 A1H1B DC . -30.30 -17.56 -53.72
O2 A1H1B DC . -28.18 -16.94 -50.80
O7 A1H1B DC . -28.83 -22.45 -50.99
C1 GAL EC . 12.60 29.36 -50.53
C2 GAL EC . 13.90 29.12 -51.26
C3 GAL EC . 14.12 30.31 -52.17
C4 GAL EC . 12.96 30.50 -53.14
C5 GAL EC . 11.66 30.59 -52.36
C6 GAL EC . 10.42 30.62 -53.25
O2 GAL EC . 14.98 29.08 -50.33
O3 GAL EC . 15.32 30.16 -52.93
O4 GAL EC . 12.97 29.40 -54.05
O5 GAL EC . 11.52 29.49 -51.46
O6 GAL EC . 10.35 29.44 -54.05
C2 BGC EC . 17.45 31.17 -53.38
C3 BGC EC . 18.23 32.48 -53.42
C4 BGC EC . 17.44 33.57 -54.15
C5 BGC EC . 16.06 33.72 -53.52
C6 BGC EC . 15.17 34.71 -54.25
C1 BGC EC . 16.04 31.41 -52.85
O2 BGC EC . 18.11 30.24 -52.52
O3 BGC EC . 19.48 32.24 -54.08
O4 BGC EC . 18.14 34.80 -54.06
O5 BGC EC . 15.38 32.46 -53.57
O6 BGC EC . 14.87 34.25 -55.58
C1 A1H1F EC . 18.61 35.12 -55.35
O5 A1H1F EC . 19.93 34.62 -55.51
C5 A1H1F EC . 20.42 34.89 -56.82
C6 A1H1F EC . 21.77 34.21 -57.03
C4 A1H1F EC . 20.52 36.38 -57.03
O4 A1H1F EC . 21.46 36.95 -56.11
C3 A1H1F EC . 19.15 37.04 -56.84
O3 A1H1F EC . 19.29 38.45 -56.90
C2 A1H1F EC . 18.58 36.64 -55.48
O2 A1H1F EC . 17.24 37.12 -55.37
S6 A1H1F EC . 21.66 33.17 -58.32
O1S6 A1H1F EC . 21.27 33.96 -59.52
O2S6 A1H1F EC . 22.98 32.54 -58.57
O3S6 A1H1F EC . 20.65 32.12 -58.04
C1 MAN EC . 18.66 39.04 -58.03
C2 MAN EC . 19.47 39.01 -59.32
C3 MAN EC . 20.77 39.78 -59.14
C4 MAN EC . 20.50 41.18 -58.60
C5 MAN EC . 19.70 41.08 -57.30
C6 MAN EC . 19.32 42.43 -56.73
O2 MAN EC . 18.74 39.63 -60.38
O3 MAN EC . 21.50 39.85 -60.37
O4 MAN EC . 21.72 41.85 -58.37
O5 MAN EC . 18.48 40.35 -57.53
O6 MAN EC . 18.25 42.93 -57.52
C1 MAN EC . 22.53 38.84 -60.39
C2 MAN EC . 22.27 37.91 -61.58
C3 MAN EC . 22.70 36.48 -61.26
C4 MAN EC . 23.94 36.48 -60.39
C5 MAN EC . 23.60 37.09 -59.02
C6 MAN EC . 24.82 37.65 -58.29
O2 MAN EC . 23.02 38.33 -62.74
O3 MAN EC . 22.94 35.72 -62.45
O4 MAN EC . 24.43 35.15 -60.21
O5 MAN EC . 22.59 38.11 -59.14
O6 MAN EC . 24.41 38.02 -56.96
C1 MAN EC . 17.27 43.56 -56.68
C2 MAN EC . 15.87 43.37 -57.29
C3 MAN EC . 15.74 44.22 -58.57
C4 MAN EC . 16.17 45.66 -58.33
C5 MAN EC . 17.57 45.71 -57.71
C6 MAN EC . 18.02 47.12 -57.37
O2 MAN EC . 14.85 43.80 -56.40
O3 MAN EC . 14.40 44.18 -59.07
O4 MAN EC . 16.16 46.37 -59.57
O5 MAN EC . 17.58 44.94 -56.50
O6 MAN EC . 19.43 47.06 -57.08
C1 A1H1B EC . 17.03 37.97 -54.22
C2 A1H1B EC . 18.25 38.11 -53.30
C3 A1H1B EC . 18.63 39.58 -53.09
C4 A1H1B EC . 17.41 40.39 -52.63
C5 A1H1B EC . 16.19 40.06 -53.47
C6 A1H1B EC . 15.47 41.32 -53.95
C7 A1H1B EC . 14.26 40.97 -54.80
O4 A1H1B EC . 17.70 41.79 -52.74
O5 A1H1B EC . 16.57 39.27 -54.61
O6 A1H1B EC . 15.04 42.06 -52.81
O3 A1H1B EC . 19.12 40.12 -54.32
O2 A1H1B EC . 17.98 37.50 -52.04
O7 A1H1B EC . 13.36 40.15 -54.05
C1 GAL FC . 5.23 36.69 -44.68
C2 GAL FC . 6.62 36.96 -45.25
C3 GAL FC . 6.86 38.46 -45.40
C4 GAL FC . 5.72 39.07 -46.21
C5 GAL FC . 4.38 38.74 -45.57
C6 GAL FC . 3.20 39.26 -46.39
O2 GAL FC . 7.63 36.43 -44.38
O3 GAL FC . 8.09 38.69 -46.08
O4 GAL FC . 5.80 38.62 -47.57
O5 GAL FC . 4.23 37.33 -45.47
O6 GAL FC . 3.13 38.56 -47.64
C2 BGC FC . 9.89 40.24 -45.63
C3 BGC FC . 10.26 41.72 -45.61
C4 BGC FC . 9.83 42.45 -46.88
C5 BGC FC . 8.32 42.21 -47.08
C6 BGC FC . 7.74 42.86 -48.31
C1 BGC FC . 8.41 40.08 -45.99
O2 BGC FC . 10.11 39.69 -44.34
O3 BGC FC . 11.68 41.86 -45.45
O4 BGC FC . 10.08 43.83 -46.70
O5 BGC FC . 8.09 40.81 -47.18
O6 BGC FC . 8.52 42.51 -49.46
C1 A1H1F FC . 10.87 44.52 -47.67
O5 A1H1F FC . 12.30 44.55 -47.95
C5 A1H1F FC . 12.44 45.09 -49.26
C6 A1H1F FC . 13.86 44.95 -49.77
C4 A1H1F FC . 12.00 46.55 -49.26
O4 A1H1F FC . 12.84 47.26 -48.35
C3 A1H1F FC . 10.54 46.67 -48.82
O3 A1H1F FC . 10.23 48.05 -48.68
C2 A1H1F FC . 10.35 45.96 -47.50
O2 A1H1F FC . 8.97 45.91 -47.15
S6 A1H1F FC . 13.88 44.19 -51.24
O1S6 A1H1F FC . 15.29 44.05 -51.69
O2S6 A1H1F FC . 13.14 44.99 -52.23
O3S6 A1H1F FC . 13.26 42.85 -51.13
C1 MAN FC . 9.93 48.90 -49.78
C2 MAN FC . 10.79 49.37 -50.98
C3 MAN FC . 11.98 50.21 -50.51
C4 MAN FC . 11.51 51.33 -49.59
C5 MAN FC . 10.74 50.72 -48.40
C6 MAN FC . 10.16 51.77 -47.47
O2 MAN FC . 9.99 50.24 -51.79
O3 MAN FC . 12.73 50.71 -51.61
O4 MAN FC . 12.63 52.05 -49.11
O5 MAN FC . 9.63 49.95 -48.90
O6 MAN FC . 9.04 52.36 -48.12
C1 MAN FC . 13.94 49.94 -51.77
C2 MAN FC . 13.91 49.29 -53.16
C3 MAN FC . 14.58 47.92 -53.14
C4 MAN FC . 15.79 47.95 -52.20
C5 MAN FC . 15.29 48.14 -50.76
C6 MAN FC . 16.36 48.70 -49.83
O2 MAN FC . 14.60 50.10 -54.13
O3 MAN FC . 14.97 47.51 -54.45
O4 MAN FC . 16.52 46.73 -52.31
O5 MAN FC . 14.12 48.99 -50.71
O6 MAN FC . 15.95 48.50 -48.48
C1 MAN FC . 7.99 52.63 -47.18
C2 MAN FC . 6.63 52.39 -47.86
C3 MAN FC . 6.35 53.47 -48.91
C4 MAN FC . 6.55 54.88 -48.35
C5 MAN FC . 7.94 54.97 -47.69
C6 MAN FC . 8.19 56.33 -47.06
O2 MAN FC . 5.56 52.42 -46.91
O3 MAN FC . 5.01 53.36 -49.42
O4 MAN FC . 6.43 55.83 -49.39
O5 MAN FC . 8.08 53.98 -46.68
O6 MAN FC . 9.59 56.43 -46.79
C1 A1H1B FC . 8.62 46.60 -45.94
C2 A1H1B FC . 9.80 46.76 -44.95
C3 A1H1B FC . 10.00 48.22 -44.56
C4 A1H1B FC . 8.69 48.85 -44.07
C5 A1H1B FC . 7.52 48.46 -44.97
C6 A1H1B FC . 6.63 49.63 -45.30
C7 A1H1B FC . 5.45 49.21 -46.16
O4 A1H1B FC . 8.82 50.27 -44.05
O5 A1H1B FC . 8.03 47.88 -46.19
O6 A1H1B FC . 6.15 50.22 -44.09
O3 A1H1B FC . 10.48 48.96 -45.69
O2 A1H1B FC . 9.56 45.97 -43.80
O7 A1H1B FC . 4.74 48.14 -45.50
C1 GAL GC . 45.65 -4.05 -44.19
C2 GAL GC . 45.52 -4.97 -45.40
C3 GAL GC . 46.93 -5.22 -45.90
C4 GAL GC . 47.67 -3.93 -46.22
C5 GAL GC . 47.65 -3.01 -45.00
C6 GAL GC . 48.21 -1.62 -45.26
O2 GAL GC . 44.96 -6.22 -45.04
O3 GAL GC . 46.94 -6.04 -47.06
O4 GAL GC . 47.04 -3.34 -47.37
O5 GAL GC . 46.31 -2.85 -44.53
O6 GAL GC . 47.49 -0.97 -46.33
C2 BGC GC . 47.73 -8.13 -47.94
C3 BGC GC . 48.82 -9.19 -47.86
C4 BGC GC . 50.20 -8.55 -47.83
C5 BGC GC . 50.28 -7.53 -46.70
C6 BGC GC . 51.60 -6.77 -46.67
C1 BGC GC . 47.92 -7.07 -46.87
O2 BGC GC . 46.45 -8.73 -47.76
O3 BGC GC . 48.69 -10.06 -48.99
O4 BGC GC . 51.18 -9.56 -47.61
O5 BGC GC . 49.25 -6.55 -46.89
O6 BGC GC . 51.76 -5.97 -47.84
C1 A1H1F GC . 51.93 -9.69 -48.80
O5 A1H1F GC . 51.35 -10.71 -49.62
C5 A1H1F GC . 52.05 -10.82 -50.85
C6 A1H1F GC . 51.35 -11.80 -51.77
C4 A1H1F GC . 53.50 -11.26 -50.58
O4 A1H1F GC . 53.50 -12.56 -49.95
C3 A1H1F GC . 54.19 -10.25 -49.66
O3 A1H1F GC . 55.48 -10.75 -49.31
C2 A1H1F GC . 53.36 -10.04 -48.41
O2 A1H1F GC . 53.94 -8.99 -47.63
S6 A1H1F GC . 50.96 -11.03 -53.19
O1S6 A1H1F GC . 52.20 -10.52 -53.82
O2S6 A1H1F GC . 50.30 -11.98 -54.11
O3S6 A1H1F GC . 50.02 -9.90 -52.90
C1 MAN GC . 56.54 -10.00 -49.85
C2 MAN GC . 56.94 -10.33 -51.30
C3 MAN GC . 57.37 -11.79 -51.39
C4 MAN GC . 58.46 -12.10 -50.36
C5 MAN GC . 57.95 -11.74 -48.97
C6 MAN GC . 58.99 -11.95 -47.89
O2 MAN GC . 58.03 -9.53 -51.72
O3 MAN GC . 57.84 -12.10 -52.70
O4 MAN GC . 58.80 -13.47 -50.43
O5 MAN GC . 57.55 -10.36 -48.92
O6 MAN GC . 59.91 -10.86 -47.98
C1 MAN GC . 56.78 -12.75 -53.45
C2 MAN GC . 56.46 -11.89 -54.69
C3 MAN GC . 54.97 -11.99 -55.04
C4 MAN GC . 54.46 -13.40 -54.76
C5 MAN GC . 54.50 -13.66 -53.26
C6 MAN GC . 54.54 -15.15 -52.91
O2 MAN GC . 57.20 -12.33 -55.84
O3 MAN GC . 54.75 -11.64 -56.41
O4 MAN GC . 53.12 -13.52 -55.24
O5 MAN GC . 55.62 -12.99 -52.63
O6 MAN GC . 54.40 -15.28 -51.49
C1 MAN GC . 60.27 -10.40 -46.67
C2 MAN GC . 60.55 -8.89 -46.73
C3 MAN GC . 61.85 -8.62 -47.50
C4 MAN GC . 63.00 -9.47 -46.99
C5 MAN GC . 62.59 -10.94 -46.96
C6 MAN GC . 63.66 -11.86 -46.40
O2 MAN GC . 60.73 -8.33 -45.42
O3 MAN GC . 62.21 -7.23 -47.43
O4 MAN GC . 64.15 -9.29 -47.82
O5 MAN GC . 61.42 -11.12 -46.17
O6 MAN GC . 63.30 -13.21 -46.71
C1 A1H1B GC . 54.28 -9.38 -46.28
C2 A1H1B GC . 53.85 -10.81 -45.92
C3 A1H1B GC . 55.04 -11.62 -45.40
C4 A1H1B GC . 55.77 -10.88 -44.28
C5 A1H1B GC . 55.97 -9.41 -44.64
C6 A1H1B GC . 57.40 -8.96 -44.36
C7 A1H1B GC . 57.59 -7.50 -44.74
O4 A1H1B GC . 57.03 -11.49 -44.03
O5 A1H1B GC . 55.66 -9.20 -46.02
O6 A1H1B GC . 57.67 -9.13 -42.96
O3 A1H1B GC . 55.96 -11.85 -46.48
O2 A1H1B GC . 52.82 -10.77 -44.94
O7 A1H1B GC . 56.67 -6.68 -44.00
C1 GAL HC . 50.93 -1.15 -33.89
C2 GAL HC . 51.19 -2.32 -34.83
C3 GAL HC . 52.57 -2.91 -34.57
C4 GAL HC . 53.61 -1.80 -34.62
C5 GAL HC . 53.26 -0.68 -33.65
C6 GAL HC . 54.22 0.48 -33.73
O2 GAL HC . 50.22 -3.35 -34.65
O3 GAL HC . 52.88 -3.89 -35.56
O4 GAL HC . 53.75 -1.33 -35.97
O5 GAL HC . 51.97 -0.18 -33.97
O6 GAL HC . 54.12 1.13 -35.01
C2 BGC HC . 53.85 -6.10 -35.38
C3 BGC HC . 55.12 -6.86 -35.03
C4 BGC HC . 56.35 -6.28 -35.72
C5 BGC HC . 56.43 -4.79 -35.38
C6 BGC HC . 57.60 -4.06 -36.01
C1 BGC HC . 54.05 -4.61 -35.16
O2 BGC HC . 52.79 -6.54 -34.53
O3 BGC HC . 54.97 -8.24 -35.39
O4 BGC HC . 57.50 -6.96 -35.20
O5 BGC HC . 55.24 -4.15 -35.82
O6 BGC HC . 57.62 -4.34 -37.42
C1 A1H1F HC . 58.40 -7.58 -36.11
O5 A1H1F HC . 58.33 -8.80 -36.90
C5 A1H1F HC . 59.34 -8.67 -37.92
C6 A1H1F HC . 59.22 -9.78 -38.94
C4 A1H1F HC . 60.72 -8.68 -37.27
O4 A1H1F HC . 60.89 -9.92 -36.57
C3 A1H1F HC . 60.86 -7.52 -36.29
O3 A1H1F HC . 62.08 -7.65 -35.59
C2 A1H1F HC . 59.70 -7.56 -35.29
O2 A1H1F HC . 59.71 -6.38 -34.48
S6 A1H1F HC . 59.12 -9.15 -40.47
O1S6 A1H1F HC . 58.98 -10.25 -41.45
O2S6 A1H1F HC . 60.36 -8.38 -40.77
O3S6 A1H1F HC . 57.95 -8.23 -40.56
C1 MAN HC . 63.34 -7.28 -36.14
C2 MAN HC . 64.13 -7.84 -37.36
C3 MAN HC . 64.52 -9.29 -37.14
C4 MAN HC . 65.23 -9.46 -35.80
C5 MAN HC . 64.32 -8.94 -34.68
C6 MAN HC . 64.98 -9.00 -33.31
O2 MAN HC . 65.36 -7.10 -37.47
O3 MAN HC . 65.32 -9.78 -38.21
O4 MAN HC . 65.53 -10.83 -35.59
O5 MAN HC . 63.97 -7.57 -34.92
O6 MAN HC . 65.92 -7.93 -33.24
C1 MAN HC . 64.53 -10.62 -39.08
C2 MAN HC . 64.50 -9.99 -40.48
C3 MAN HC . 63.16 -10.23 -41.16
C4 MAN HC . 62.64 -11.63 -40.80
C5 MAN HC . 62.31 -11.67 -39.31
C6 MAN HC . 62.30 -13.08 -38.74
O2 MAN HC . 65.52 -10.53 -41.31
O3 MAN HC . 63.27 -10.08 -42.58
O4 MAN HC . 61.48 -11.92 -41.57
O5 MAN HC . 63.21 -10.84 -38.55
O6 MAN HC . 61.62 -13.06 -37.48
C1 MAN HC . 65.93 -7.34 -31.93
C2 MAN HC . 66.17 -5.82 -32.08
C3 MAN HC . 67.62 -5.55 -32.52
C4 MAN HC . 68.63 -6.30 -31.64
C5 MAN HC . 68.27 -7.78 -31.59
C6 MAN HC . 69.19 -8.59 -30.69
O2 MAN HC . 65.97 -5.15 -30.84
O3 MAN HC . 67.91 -4.14 -32.47
O4 MAN HC . 69.93 -6.13 -32.19
O5 MAN HC . 66.93 -7.95 -31.10
O6 MAN HC . 68.98 -9.98 -30.97
C1 A1H1B HC . 59.90 -6.62 -33.07
C2 A1H1B HC . 59.47 -8.04 -32.63
C3 A1H1B HC . 60.60 -8.74 -31.88
C4 A1H1B HC . 61.16 -7.88 -30.76
C5 A1H1B HC . 61.33 -6.43 -31.22
C6 A1H1B HC . 62.66 -5.84 -30.77
C7 A1H1B HC . 62.77 -4.38 -31.18
O4 A1H1B HC . 62.41 -8.39 -30.32
O5 A1H1B HC . 61.23 -6.36 -32.64
O6 A1H1B HC . 62.75 -5.93 -29.34
O3 A1H1B HC . 61.67 -9.04 -32.81
O2 A1H1B HC . 58.32 -7.96 -31.80
O7 A1H1B HC . 61.65 -3.64 -30.70
C1 GAL IC . 8.29 -26.88 -62.43
C2 GAL IC . 7.97 -26.16 -63.74
C3 GAL IC . 7.74 -27.23 -64.79
C4 GAL IC . 8.94 -28.15 -64.93
C5 GAL IC . 9.28 -28.74 -63.56
C6 GAL IC . 10.56 -29.57 -63.56
O2 GAL IC . 6.76 -25.42 -63.61
O3 GAL IC . 7.46 -26.66 -66.06
O4 GAL IC . 10.02 -27.41 -65.49
O5 GAL IC . 9.44 -27.71 -62.60
O6 GAL IC . 11.68 -28.79 -63.99
C2 BGC IC . 5.83 -26.53 -67.82
C3 BGC IC . 4.67 -27.25 -68.50
C4 BGC IC . 5.04 -28.70 -68.80
C5 BGC IC . 5.52 -29.40 -67.53
C6 BGC IC . 6.00 -30.82 -67.76
C1 BGC IC . 6.32 -27.33 -66.61
O2 BGC IC . 5.39 -25.25 -67.36
O3 BGC IC . 4.37 -26.56 -69.71
O4 BGC IC . 3.91 -29.39 -69.33
O5 BGC IC . 6.62 -28.68 -66.97
O6 BGC IC . 7.17 -30.84 -68.57
C1 A1H1F IC . 4.17 -29.68 -70.68
O5 A1H1F IC . 3.66 -28.62 -71.50
C5 A1H1F IC . 3.96 -28.85 -72.87
C6 A1H1F IC . 3.55 -27.65 -73.71
C4 A1H1F IC . 3.26 -30.12 -73.33
O4 A1H1F IC . 1.84 -29.95 -73.22
C3 A1H1F IC . 3.70 -31.31 -72.49
O3 A1H1F IC . 2.93 -32.46 -72.84
C2 A1H1F IC . 3.50 -31.00 -71.01
O2 A1H1F IC . 4.06 -32.05 -70.21
S6 A1H1F IC . 4.88 -27.08 -74.52
O1S6 A1H1F IC . 5.42 -28.17 -75.38
O2S6 A1H1F IC . 4.49 -25.94 -75.37
O3S6 A1H1F IC . 5.91 -26.64 -73.55
C1 MAN IC . 3.67 -33.48 -73.47
C2 MAN IC . 3.91 -33.29 -74.98
C3 MAN IC . 2.56 -33.27 -75.70
C4 MAN IC . 1.72 -34.49 -75.34
C5 MAN IC . 1.55 -34.55 -73.82
C6 MAN IC . 0.78 -35.77 -73.35
O2 MAN IC . 4.66 -34.38 -75.50
O3 MAN IC . 2.75 -33.20 -77.12
O4 MAN IC . 0.46 -34.40 -75.97
O5 MAN IC . 2.84 -34.58 -73.18
O6 MAN IC . 1.68 -36.88 -73.44
C1 MAN IC . 2.62 -31.84 -77.57
C2 MAN IC . 3.93 -31.40 -78.23
C3 MAN IC . 4.20 -29.92 -77.99
C4 MAN IC . 2.89 -29.14 -78.00
C5 MAN IC . 2.03 -29.57 -76.81
C6 MAN IC . 0.54 -29.29 -77.02
O2 MAN IC . 3.88 -31.61 -79.65
O3 MAN IC . 5.10 -29.39 -78.98
O4 MAN IC . 3.15 -27.74 -77.93
O5 MAN IC . 2.23 -30.96 -76.50
O6 MAN IC . -0.14 -29.56 -75.78
C1 MAN IC . 1.51 -37.74 -72.30
C2 MAN IC . 2.87 -38.38 -71.97
C3 MAN IC . 3.25 -39.41 -73.04
C4 MAN IC . 2.11 -40.39 -73.32
C5 MAN IC . 0.82 -39.61 -73.63
C6 MAN IC . -0.39 -40.50 -73.85
O2 MAN IC . 2.82 -39.10 -70.73
O3 MAN IC . 4.42 -40.16 -72.67
O4 MAN IC . 2.44 -41.22 -74.43
O5 MAN IC . 0.51 -38.73 -72.55
O6 MAN IC . -1.43 -39.72 -74.42
C1 A1H1B IC . 3.12 -32.66 -69.31
C2 A1H1B IC . 1.73 -32.00 -69.30
C3 A1H1B IC . 0.61 -33.00 -69.57
C4 A1H1B IC . 0.73 -34.21 -68.64
C5 A1H1B IC . 2.18 -34.70 -68.56
C6 A1H1B IC . 2.28 -36.22 -68.73
C7 A1H1B IC . 3.72 -36.68 -68.66
O4 A1H1B IC . -0.09 -35.27 -69.12
O5 A1H1B IC . 2.98 -34.06 -69.57
O6 A1H1B IC . 1.52 -36.84 -67.68
O3 A1H1B IC . 0.72 -33.46 -70.93
O2 A1H1B IC . 1.51 -31.36 -68.05
O7 A1H1B IC . 4.29 -36.29 -67.39
C1 GAL JC . 6.02 -35.62 -54.66
C2 GAL JC . 5.31 -35.27 -55.97
C3 GAL JC . 4.47 -36.45 -56.45
C4 GAL JC . 5.35 -37.70 -56.53
C5 GAL JC . 6.02 -37.96 -55.19
C6 GAL JC . 6.98 -39.14 -55.25
O2 GAL JC . 4.45 -34.15 -55.78
O3 GAL JC . 3.94 -36.16 -57.74
O4 GAL JC . 6.30 -37.55 -57.60
O5 GAL JC . 6.78 -36.82 -54.80
O6 GAL JC . 8.09 -38.83 -56.11
C2 BGC JC . 1.73 -36.49 -58.68
C3 BGC JC . 0.73 -37.55 -59.11
C4 BGC JC . 1.36 -38.63 -59.98
C5 BGC JC . 2.56 -39.22 -59.24
C6 BGC JC . 3.30 -40.29 -60.01
C1 BGC JC . 2.96 -37.16 -58.08
O2 BGC JC . 1.14 -35.66 -57.68
O3 BGC JC . -0.35 -36.92 -59.81
O4 BGC JC . 0.36 -39.63 -60.20
O5 BGC JC . 3.48 -38.17 -58.95
O6 BGC JC . 3.62 -39.80 -61.32
C1 A1H1F JC . 0.05 -40.01 -61.55
O5 A1H1F JC . -0.73 -39.37 -62.60
C5 A1H1F JC . -0.34 -40.02 -63.82
C6 A1H1F JC . -0.90 -39.29 -65.02
C4 A1H1F JC . -0.79 -41.48 -63.80
O4 A1H1F JC . -2.22 -41.49 -63.67
C3 A1H1F JC . -0.16 -42.22 -62.63
O3 A1H1F JC . -0.73 -43.51 -62.55
C2 A1H1F JC . -0.44 -41.46 -61.33
O2 A1H1F JC . 0.30 -42.03 -60.25
S6 A1H1F JC . 0.31 -38.92 -66.10
O1S6 A1H1F JC . -0.28 -38.18 -67.24
O2S6 A1H1F JC . 0.94 -40.16 -66.58
O3S6 A1H1F JC . 1.32 -38.06 -65.42
C1 MAN JC . -0.34 -44.59 -63.39
C2 MAN JC . -0.46 -44.78 -64.92
C3 MAN JC . -1.93 -44.81 -65.36
C4 MAN JC . -2.71 -45.83 -64.53
C5 MAN JC . -2.57 -45.47 -63.04
C6 MAN JC . -3.27 -46.47 -62.14
O2 MAN JC . 0.08 -46.07 -65.26
O3 MAN JC . -2.04 -45.09 -66.75
O4 MAN JC . -4.07 -45.79 -64.92
O5 MAN JC . -1.18 -45.46 -62.67
O6 MAN JC . -2.46 -47.64 -62.10
C1 MAN JC . -2.34 -43.86 -67.47
C2 MAN JC . -1.20 -43.59 -68.46
C3 MAN JC . -0.95 -42.09 -68.60
C4 MAN JC . -2.29 -41.34 -68.56
C5 MAN JC . -2.88 -41.48 -67.15
C6 MAN JC . -4.39 -41.25 -67.12
O2 MAN JC . -1.50 -44.11 -69.76
O3 MAN JC . -0.26 -41.79 -69.82
O4 MAN JC . -2.09 -39.96 -68.87
O5 MAN JC . -2.57 -42.76 -66.58
O6 MAN JC . -4.79 -41.03 -65.77
C1 MAN JC . -2.47 -48.22 -60.78
C2 MAN JC . -1.07 -48.81 -60.50
C3 MAN JC . -0.84 -50.08 -61.35
C4 MAN JC . -2.01 -51.06 -61.24
C5 MAN JC . -3.33 -50.33 -61.53
C6 MAN JC . -4.54 -51.23 -61.38
O2 MAN JC . -0.92 -49.20 -59.13
O3 MAN JC . 0.37 -50.75 -60.96
O4 MAN JC . -1.81 -52.12 -62.16
O5 MAN JC . -3.49 -49.22 -60.65
O6 MAN JC . -5.65 -50.56 -61.99
C1 A1H1B JC . -0.52 -42.57 -59.19
C2 A1H1B JC . -1.91 -41.93 -59.11
C3 A1H1B JC . -3.01 -42.99 -59.13
C4 A1H1B JC . -2.77 -44.08 -58.09
C5 A1H1B JC . -1.29 -44.49 -58.08
C6 A1H1B JC . -1.12 -46.01 -58.01
C7 A1H1B JC . 0.34 -46.38 -57.94
O4 A1H1B JC . -3.57 -45.21 -58.37
O5 A1H1B JC . -0.64 -43.98 -59.25
O6 A1H1B JC . -1.80 -46.49 -56.85
O3 A1H1B JC . -3.05 -43.60 -60.43
O2 A1H1B JC . -2.02 -41.16 -57.92
O7 A1H1B JC . 0.98 -45.71 -56.85
C1 GAL KC . 0.20 19.03 -71.19
C2 GAL KC . 1.42 19.52 -71.96
C3 GAL KC . 0.91 20.33 -73.12
C4 GAL KC . -0.04 19.54 -74.01
C5 GAL KC . -1.18 18.99 -73.15
C6 GAL KC . -2.12 18.05 -73.90
O2 GAL KC . 2.22 20.36 -71.15
O3 GAL KC . 1.98 20.81 -73.94
O4 GAL KC . 0.70 18.52 -74.67
O5 GAL KC . -0.65 18.26 -72.03
O6 GAL KC . -1.38 16.94 -74.45
C2 BGC KC . 3.03 22.80 -74.78
C3 BGC KC . 2.81 24.26 -75.16
C4 BGC KC . 1.58 24.42 -76.03
C5 BGC KC . 0.37 23.80 -75.34
C6 BGC KC . -0.90 23.81 -76.20
C1 BGC KC . 1.75 22.20 -74.19
O2 BGC KC . 4.06 22.70 -73.80
O3 BGC KC . 3.97 24.72 -75.86
O4 BGC KC . 1.33 25.80 -76.27
O5 BGC KC . 0.64 22.42 -75.06
O6 BGC KC . -0.74 22.99 -77.37
C1 A1H1F KC . 1.58 26.05 -77.64
O5 A1H1F KC . 2.94 26.48 -77.80
C5 A1H1F KC . 3.24 26.69 -79.17
C6 A1H1F KC . 4.71 26.99 -79.35
C4 A1H1F KC . 2.38 27.81 -79.71
O4 A1H1F KC . 2.68 29.03 -79.02
C3 A1H1F KC . 0.89 27.48 -79.55
O3 A1H1F KC . 0.11 28.61 -79.93
C2 A1H1F KC . 0.61 27.13 -78.10
O2 A1H1F KC . -0.73 26.67 -77.97
S6 A1H1F KC . 5.38 25.86 -80.37
O1S6 A1H1F KC . 4.67 25.93 -81.68
O2S6 A1H1F KC . 6.81 26.17 -80.58
O3S6 A1H1F KC . 5.25 24.51 -79.78
C1 MAN KC . -0.67 28.40 -81.10
C2 MAN KC . 0.07 28.60 -82.42
C3 MAN KC . 0.58 30.03 -82.52
C4 MAN KC . -0.55 31.02 -82.29
C5 MAN KC . -1.20 30.74 -80.93
C6 MAN KC . -2.37 31.63 -80.62
O2 MAN KC . -0.80 28.38 -83.52
O3 MAN KC . 1.19 30.27 -83.80
O4 MAN KC . -0.04 32.34 -82.32
O5 MAN KC . -1.66 29.39 -80.88
O6 MAN KC . -3.47 31.15 -81.41
C1 MAN KC . 2.63 30.16 -83.68
C2 MAN KC . 3.10 29.04 -84.62
C3 MAN KC . 4.32 28.31 -84.03
C4 MAN KC . 5.20 29.31 -83.29
C5 MAN KC . 4.46 29.84 -82.07
C6 MAN KC . 4.99 31.18 -81.58
O2 MAN KC . 3.49 29.56 -85.90
O3 MAN KC . 5.06 27.65 -85.06
O4 MAN KC . 6.40 28.66 -82.87
O5 MAN KC . 3.04 29.94 -82.32
O6 MAN KC . 4.34 31.50 -80.34
C1 MAN KC . -4.68 31.18 -80.64
C2 MAN KC . -5.59 30.03 -81.09
C3 MAN KC . -6.14 30.30 -82.51
C4 MAN KC . -6.75 31.70 -82.61
C5 MAN KC . -5.75 32.75 -82.13
C6 MAN KC . -6.29 34.16 -82.14
O2 MAN KC . -6.73 29.90 -80.23
O3 MAN KC . -7.12 29.32 -82.87
O4 MAN KC . -7.10 31.95 -83.98
O5 MAN KC . -5.34 32.46 -80.79
O6 MAN KC . -5.21 35.07 -81.97
C1 A1H1B KC . -1.52 27.42 -77.02
C2 A1H1B KC . -0.73 28.51 -76.26
C3 A1H1B KC . -1.39 29.87 -76.41
C4 A1H1B KC . -2.87 29.82 -76.03
C5 A1H1B KC . -3.55 28.60 -76.68
C6 A1H1B KC . -4.86 28.98 -77.36
C7 A1H1B KC . -5.51 27.78 -78.00
O4 A1H1B KC . -3.52 31.01 -76.47
O5 A1H1B KC . -2.67 28.01 -77.64
O6 A1H1B KC . -5.74 29.53 -76.37
O3 A1H1B KC . -1.26 30.31 -77.77
O2 A1H1B KC . -0.64 28.15 -74.89
O7 A1H1B KC . -5.74 26.76 -77.02
C1 GAL LC . -10.53 21.13 -66.47
C2 GAL LC . -9.59 22.08 -67.21
C3 GAL LC . -10.35 23.32 -67.69
C4 GAL LC . -11.56 22.87 -68.50
C5 GAL LC . -12.43 21.93 -67.71
C6 GAL LC . -13.60 21.39 -68.51
O2 GAL LC . -8.53 22.50 -66.35
O3 GAL LC . -9.49 24.11 -68.50
O4 GAL LC . -11.13 22.30 -69.74
O5 GAL LC . -11.65 20.80 -67.29
O6 GAL LC . -13.13 20.55 -69.57
C2 BGC LC . -9.10 26.50 -68.57
C3 BGC LC . -9.75 27.85 -68.89
C4 BGC LC . -10.45 27.84 -70.25
C5 BGC LC . -11.45 26.68 -70.27
C6 BGC LC . -12.22 26.52 -71.56
C1 BGC LC . -10.11 25.38 -68.75
O2 BGC LC . -8.67 26.51 -67.21
O3 BGC LC . -8.76 28.87 -68.89
O4 BGC LC . -11.14 29.08 -70.39
O5 BGC LC . -10.75 25.46 -70.03
O6 BGC LC . -11.30 26.50 -72.66
C1 A1H1F LC . -10.90 29.87 -71.56
O5 A1H1F LC . -9.78 30.73 -71.94
C5 A1H1F LC . -9.92 30.92 -73.36
C6 A1H1F LC . -8.70 31.61 -73.94
C4 A1H1F LC . -11.18 31.74 -73.64
O4 A1H1F LC . -11.06 33.00 -72.98
C3 A1H1F LC . -12.42 31.01 -73.12
O3 A1H1F LC . -13.54 31.87 -73.25
C2 A1H1F LC . -12.21 30.66 -71.64
O2 A1H1F LC . -13.27 29.82 -71.19
S6 A1H1F LC . -8.09 30.73 -75.21
O1S6 A1H1F LC . -6.88 31.41 -75.73
O2S6 A1H1F LC . -9.11 30.64 -76.29
O3S6 A1H1F LC . -7.74 29.36 -74.75
C1 MAN LC . -14.23 32.06 -74.48
C2 MAN LC . -13.77 32.70 -75.82
C3 MAN LC . -13.42 34.17 -75.63
C4 MAN LC . -14.55 34.91 -74.94
C5 MAN LC . -14.86 34.24 -73.61
C6 MAN LC . -16.02 34.87 -72.87
O2 MAN LC . -14.88 32.67 -76.73
O3 MAN LC . -13.07 34.77 -76.89
O4 MAN LC . -14.17 36.26 -74.74
O5 MAN LC . -15.19 32.86 -73.81
O6 MAN LC . -17.22 34.45 -73.54
C1 MAN LC . -11.64 34.93 -76.98
C2 MAN LC . -11.15 34.11 -78.19
C3 MAN LC . -9.76 33.51 -77.92
C4 MAN LC . -8.93 34.51 -77.11
C5 MAN LC . -9.54 34.67 -75.73
C6 MAN LC . -9.13 35.97 -75.04
O2 MAN LC . -11.06 34.92 -79.36
O3 MAN LC . -9.10 33.17 -79.14
O4 MAN LC . -7.59 34.04 -77.02
O5 MAN LC . -10.97 34.56 -75.76
O6 MAN LC . -9.43 35.86 -73.65
C1 MAN LC . -18.27 34.21 -72.59
C2 MAN LC . -19.11 33.02 -73.09
C3 MAN LC . -19.95 33.41 -74.32
C4 MAN LC . -20.72 34.72 -74.09
C5 MAN LC . -19.75 35.81 -73.60
C6 MAN LC . -20.46 37.12 -73.29
O2 MAN LC . -20.04 32.57 -72.09
O3 MAN LC . -20.87 32.38 -74.68
O4 MAN LC . -21.33 35.12 -75.31
O5 MAN LC . -19.08 35.38 -72.41
O6 MAN LC . -19.45 38.14 -73.17
C1 A1H1B LC . -14.07 30.38 -70.13
C2 A1H1B LC . -13.34 31.46 -69.31
C3 A1H1B LC . -14.13 32.76 -69.25
C4 A1H1B LC . -15.57 32.51 -68.81
C5 A1H1B LC . -16.15 31.28 -69.50
C6 A1H1B LC . -17.57 31.53 -70.00
C7 A1H1B LC . -18.15 30.28 -70.64
O4 A1H1B LC . -16.37 33.66 -69.10
O5 A1H1B LC . -15.31 30.91 -70.60
O6 A1H1B LC . -18.39 31.93 -68.90
O3 A1H1B LC . -14.15 33.36 -70.56
O2 A1H1B LC . -13.10 30.97 -67.98
O7 A1H1B LC . -18.07 29.19 -69.72
C1 GAL MC . 46.37 16.39 -60.59
C2 GAL MC . 46.94 15.36 -61.57
C3 GAL MC . 48.23 15.95 -62.11
C4 GAL MC . 48.00 17.30 -62.77
C5 GAL MC . 47.30 18.24 -61.79
C6 GAL MC . 46.87 19.57 -62.40
O2 GAL MC . 47.27 14.17 -60.89
O3 GAL MC . 48.84 15.08 -63.06
O4 GAL MC . 47.23 17.10 -63.96
O5 GAL MC . 46.13 17.62 -61.26
O6 GAL MC . 45.98 19.36 -63.51
C2 BGC MC . 50.82 13.83 -63.55
C3 BGC MC . 52.32 13.74 -63.32
C4 BGC MC . 53.00 15.09 -63.54
C5 BGC MC . 52.33 16.16 -62.68
C6 BGC MC . 52.86 17.55 -62.92
C1 BGC MC . 50.23 14.99 -62.75
O2 BGC MC . 50.20 12.61 -63.13
O3 BGC MC . 52.86 12.77 -64.22
O4 BGC MC . 54.37 15.01 -63.20
O5 BGC MC . 50.93 16.20 -62.99
O6 BGC MC . 52.57 18.00 -64.26
C1 A1H1F MC . 55.12 15.12 -64.40
O5 A1H1F MC . 55.38 13.81 -64.92
C5 A1H1F MC . 56.08 13.89 -66.15
C6 A1H1F MC . 56.22 12.52 -66.78
C4 A1H1F MC . 57.45 14.53 -65.91
O4 A1H1F MC . 58.22 13.71 -65.03
C3 A1H1F MC . 57.29 15.92 -65.30
O3 A1H1F MC . 58.57 16.44 -64.96
C2 A1H1F MC . 56.42 15.84 -64.06
O2 A1H1F MC . 56.14 17.16 -63.59
S6 A1H1F MC . 55.53 12.54 -68.29
O1S6 A1H1F MC . 56.22 13.56 -69.12
O2S6 A1H1F MC . 55.68 11.21 -68.92
O3S6 A1H1F MC . 54.08 12.86 -68.17
C1 MAN MC . 58.97 17.56 -65.74
C2 MAN MC . 59.57 17.23 -67.10
C3 MAN MC . 60.84 16.40 -66.92
C4 MAN MC . 61.79 17.08 -65.95
C5 MAN MC . 61.08 17.34 -64.62
C6 MAN MC . 61.93 18.09 -63.61
O2 MAN MC . 59.94 18.42 -67.78
O3 MAN MC . 61.49 16.16 -68.17
O4 MAN MC . 62.93 16.26 -65.73
O5 MAN MC . 59.89 18.13 -64.84
O6 MAN MC . 61.97 19.44 -64.02
C1 MAN MC . 61.14 14.85 -68.66
C2 MAN MC . 60.45 15.01 -70.03
C3 MAN MC . 59.39 13.93 -70.22
C4 MAN MC . 59.84 12.62 -69.60
C5 MAN MC . 59.94 12.78 -68.08
C6 MAN MC . 60.88 11.77 -67.43
O2 MAN MC . 61.39 14.89 -71.10
O3 MAN MC . 59.09 13.74 -71.61
O4 MAN MC . 58.92 11.57 -69.91
O5 MAN MC . 60.33 14.13 -67.72
O6 MAN MC . 60.75 11.91 -66.01
C1 MAN MC . 61.86 20.31 -62.87
C2 MAN MC . 61.12 21.60 -63.29
C3 MAN MC . 62.00 22.45 -64.21
C4 MAN MC . 63.40 22.64 -63.63
C5 MAN MC . 64.02 21.30 -63.25
C6 MAN MC . 65.38 21.42 -62.59
O2 MAN MC . 60.80 22.40 -62.15
O3 MAN MC . 61.40 23.73 -64.46
O4 MAN MC . 64.22 23.31 -64.58
O5 MAN MC . 63.15 20.60 -62.34
O6 MAN MC . 65.98 20.12 -62.57
C1 A1H1B MC . 56.55 17.38 -62.21
C2 A1H1B MC . 57.11 16.12 -61.51
C3 A1H1B MC . 58.49 16.38 -60.93
C4 A1H1B MC . 58.51 17.64 -60.06
C5 A1H1B MC . 57.77 18.78 -60.75
C6 A1H1B MC . 58.57 20.08 -60.69
C7 A1H1B MC . 57.82 21.20 -61.40
O4 A1H1B MC . 59.85 18.03 -59.79
O5 A1H1B MC . 57.49 18.45 -62.11
O6 A1H1B MC . 58.78 20.44 -59.33
O3 A1H1B MC . 59.43 16.56 -62.00
O2 A1H1B MC . 56.21 15.72 -60.48
O7 A1H1B MC . 56.54 21.40 -60.78
C1 GAL NC . 47.86 24.15 -51.66
C2 GAL NC . 48.88 23.23 -52.34
C3 GAL NC . 50.30 23.72 -52.08
C4 GAL NC . 50.40 25.20 -52.47
C5 GAL NC . 49.34 26.02 -51.76
C6 GAL NC . 49.35 27.48 -52.19
O2 GAL NC . 48.76 21.90 -51.87
O3 GAL NC . 51.23 22.97 -52.85
O4 GAL NC . 50.31 25.33 -53.89
O5 GAL NC . 48.05 25.50 -52.05
O6 GAL NC . 48.94 27.58 -53.55
C2 BGC NC . 53.35 21.97 -52.29
C3 BGC NC . 54.79 22.28 -51.89
C4 BGC NC . 55.43 23.33 -52.79
C5 BGC NC . 54.53 24.58 -52.79
C6 BGC NC . 55.02 25.70 -53.67
C1 BGC NC . 52.55 23.26 -52.41
O2 BGC NC . 52.75 21.17 -51.27
O3 BGC NC . 55.57 21.08 -51.93
O4 BGC NC . 56.70 23.66 -52.23
O5 BGC NC . 53.23 24.20 -53.26
O6 BGC NC . 55.31 25.19 -54.97
C1 A1H1F NC . 57.86 23.55 -53.05
O5 A1H1F NC . 58.64 22.44 -53.55
C5 A1H1F NC . 59.41 22.94 -54.65
C6 A1H1F NC . 60.08 21.81 -55.41
C4 A1H1F NC . 60.43 23.95 -54.14
O4 A1H1F NC . 61.29 23.28 -53.21
C3 A1H1F NC . 59.73 25.12 -53.45
O3 A1H1F NC . 60.71 25.95 -52.85
C2 A1H1F NC . 58.78 24.58 -52.38
O2 A1H1F NC . 57.99 25.65 -51.85
S6 A1H1F NC . 59.72 21.89 -57.02
O1S6 A1H1F NC . 60.37 20.75 -57.72
O2S6 A1H1F NC . 60.22 23.17 -57.58
O3S6 A1H1F NC . 58.25 21.81 -57.20
C1 MAN NC . 61.49 26.89 -53.59
C2 MAN NC . 62.54 26.70 -54.71
C3 MAN NC . 63.74 25.91 -54.21
C4 MAN NC . 64.30 26.53 -52.93
C5 MAN NC . 63.19 26.60 -51.88
C6 MAN NC . 63.63 27.26 -50.59
O2 MAN NC . 63.03 27.99 -55.08
O3 MAN NC . 64.74 25.81 -55.22
O4 MAN NC . 65.38 25.75 -52.46
O5 MAN NC . 62.07 27.34 -52.38
O6 MAN NC . 63.69 28.67 -50.84
C1 MAN NC . 64.73 24.50 -55.81
C2 MAN NC . 64.41 24.64 -57.30
C3 MAN NC . 63.57 23.46 -57.81
C4 MAN NC . 64.02 22.18 -57.11
C5 MAN NC . 63.69 22.27 -55.61
C6 MAN NC . 64.53 21.33 -54.76
O2 MAN NC . 65.61 24.68 -58.09
O3 MAN NC . 63.66 23.33 -59.22
O4 MAN NC . 63.37 21.05 -57.70
O5 MAN NC . 63.81 23.62 -55.13
O6 MAN NC . 63.91 21.21 -53.47
C1 MAN NC . 63.22 29.41 -49.69
C2 MAN NC . 62.46 30.66 -50.18
C3 MAN NC . 63.43 31.68 -50.80
C4 MAN NC . 64.63 31.95 -49.87
C5 MAN NC . 65.28 30.62 -49.47
C6 MAN NC . 66.43 30.81 -48.50
O2 MAN NC . 61.78 31.32 -49.11
O3 MAN NC . 62.77 32.92 -51.08
O4 MAN NC . 65.57 32.77 -50.56
O5 MAN NC . 64.33 29.77 -48.84
O6 MAN NC . 67.17 29.58 -48.46
C1 A1H1B NC . 58.19 25.89 -50.44
C2 A1H1B NC . 58.72 24.67 -49.67
C3 A1H1B NC . 59.98 25.02 -48.88
C4 A1H1B NC . 59.79 26.27 -48.02
C5 A1H1B NC . 59.03 27.35 -48.80
C6 A1H1B NC . 59.65 28.73 -48.61
C7 A1H1B NC . 58.87 29.79 -49.34
O4 A1H1B NC . 61.04 26.77 -47.60
O5 A1H1B NC . 59.02 27.02 -50.19
O6 A1H1B NC . 59.69 29.03 -47.20
O3 A1H1B NC . 61.06 25.26 -49.81
O2 A1H1B NC . 57.72 24.19 -48.78
O7 A1H1B NC . 57.48 29.74 -48.93
C1 GAL OC . 33.29 -28.19 -70.21
C2 GAL OC . 32.68 -28.15 -71.59
C3 GAL OC . 33.25 -29.32 -72.37
C4 GAL OC . 34.77 -29.28 -72.41
C5 GAL OC . 35.32 -29.18 -70.99
C6 GAL OC . 36.83 -28.96 -70.93
O2 GAL OC . 31.27 -28.32 -71.53
O3 GAL OC . 32.77 -29.36 -73.70
O4 GAL OC . 35.15 -28.17 -73.22
O5 GAL OC . 34.71 -28.10 -70.28
O6 GAL OC . 37.20 -27.76 -71.61
C2 BGC OC . 31.54 -30.69 -75.28
C3 BGC OC . 31.16 -32.10 -75.70
C4 BGC OC . 32.38 -33.02 -75.72
C5 BGC OC . 33.10 -32.95 -74.37
C6 BGC OC . 34.39 -33.76 -74.32
C1 BGC OC . 32.35 -30.70 -73.99
O2 BGC OC . 30.37 -29.91 -75.07
O3 BGC OC . 30.58 -32.05 -77.00
O4 BGC OC . 31.98 -34.35 -75.97
O5 BGC OC . 33.45 -31.60 -74.08
O6 BGC OC . 35.36 -33.21 -75.22
C1 A1H1F OC . 32.46 -34.71 -77.26
O5 A1H1F OC . 31.46 -34.43 -78.23
C5 A1H1F OC . 31.93 -34.71 -79.54
C6 A1H1F OC . 30.92 -34.26 -80.58
C4 A1H1F OC . 32.22 -36.20 -79.66
O4 A1H1F OC . 31.01 -36.95 -79.46
C3 A1H1F OC . 33.26 -36.62 -78.62
O3 A1H1F OC . 33.40 -38.04 -78.65
C2 A1H1F OC . 32.80 -36.19 -77.22
O2 A1H1F OC . 33.83 -36.43 -76.28
S6 A1H1F OC . 31.64 -33.18 -81.61
O1S6 A1H1F OC . 32.80 -33.83 -82.26
O2S6 A1H1F OC . 30.67 -32.76 -82.65
O3S6 A1H1F OC . 32.09 -31.99 -80.85
C1 MAN OC . 34.68 -38.47 -79.10
C2 MAN OC . 34.85 -38.52 -80.62
C3 MAN OC . 33.84 -39.51 -81.22
C4 MAN OC . 33.94 -40.87 -80.53
C5 MAN OC . 33.75 -40.68 -79.02
C6 MAN OC . 33.89 -41.97 -78.24
O2 MAN OC . 36.15 -38.98 -80.97
O3 MAN OC . 34.05 -39.65 -82.63
O4 MAN OC . 32.95 -41.73 -81.05
O5 MAN OC . 34.71 -39.75 -78.51
O6 MAN OC . 35.28 -42.25 -78.17
C1 MAN OC . 33.11 -38.82 -83.35
C2 MAN OC . 33.90 -37.83 -84.21
C3 MAN OC . 33.15 -36.49 -84.32
C4 MAN OC . 31.64 -36.74 -84.38
C5 MAN OC . 31.17 -37.33 -83.06
C6 MAN OC . 29.87 -38.11 -83.19
O2 MAN OC . 34.10 -38.32 -85.53
O3 MAN OC . 33.59 -35.75 -85.46
O4 MAN OC . 30.96 -35.52 -84.64
O5 MAN OC . 32.19 -38.18 -82.46
O6 MAN OC . 29.43 -38.47 -81.86
C1 MAN OC . 35.61 -42.74 -76.86
C2 MAN OC . 37.05 -42.30 -76.50
C3 MAN OC . 38.06 -43.06 -77.37
C4 MAN OC . 37.81 -44.57 -77.33
C5 MAN OC . 36.36 -44.86 -77.69
C6 MAN OC . 36.02 -46.34 -77.61
O2 MAN OC . 37.35 -42.58 -75.14
O3 MAN OC . 39.41 -42.79 -76.93
O4 MAN OC . 38.69 -45.21 -78.26
O5 MAN OC . 35.47 -44.17 -76.81
O6 MAN OC . 34.75 -46.53 -78.25
C1 A1H1B OC . 33.43 -37.28 -75.18
C2 A1H1B OC . 31.94 -37.67 -75.20
C3 A1H1B OC . 31.74 -39.18 -75.15
C4 A1H1B OC . 32.52 -39.80 -73.99
C5 A1H1B OC . 33.94 -39.23 -73.94
C6 A1H1B OC . 34.98 -40.33 -73.78
C7 A1H1B OC . 36.39 -39.75 -73.73
O4 A1H1B OC . 32.58 -41.21 -74.16
O5 A1H1B OC . 34.22 -38.47 -75.12
O6 A1H1B OC . 34.72 -41.04 -72.56
O3 A1H1B OC . 32.20 -39.75 -76.38
O2 A1H1B OC . 31.28 -37.05 -74.09
O7 A1H1B OC . 36.50 -38.82 -72.64
C1 GAL PC . 36.47 -34.42 -60.54
C2 GAL PC . 35.80 -34.89 -61.82
C3 GAL PC . 35.94 -36.40 -61.97
C4 GAL PC . 37.40 -36.79 -61.86
C5 GAL PC . 38.00 -36.25 -60.56
C6 GAL PC . 39.49 -36.54 -60.46
O2 GAL PC . 34.41 -34.57 -61.81
O3 GAL PC . 35.44 -36.81 -63.24
O4 GAL PC . 38.12 -36.31 -63.01
O5 GAL PC . 37.84 -34.85 -60.50
O6 GAL PC . 40.21 -35.79 -61.45
C2 BGC PC . 34.02 -38.65 -63.89
C3 BGC PC . 33.93 -40.18 -64.00
C4 BGC PC . 35.17 -40.77 -64.67
C5 BGC PC . 36.41 -40.29 -63.93
C6 BGC PC . 37.72 -40.79 -64.49
C1 BGC PC . 35.34 -38.24 -63.27
O2 BGC PC . 32.96 -38.19 -63.05
O3 BGC PC . 32.75 -40.55 -64.72
O4 BGC PC . 35.07 -42.19 -64.58
O5 BGC PC . 36.44 -38.86 -63.95
O6 BGC PC . 37.77 -40.53 -65.90
C1 A1H1F PC . 35.15 -42.96 -65.78
O5 A1H1F PC . 34.22 -43.21 -66.88
C5 A1H1F PC . 35.02 -43.72 -67.95
C6 A1H1F PC . 34.21 -43.81 -69.24
C4 A1H1F PC . 35.58 -45.09 -67.57
O4 A1H1F PC . 34.48 -45.97 -67.32
C3 A1H1F PC . 36.46 -44.98 -66.32
O3 A1H1F PC . 36.82 -46.29 -65.92
C2 A1H1F PC . 35.66 -44.31 -65.22
O2 A1H1F PC . 36.52 -44.02 -64.11
S6 A1H1F PC . 34.98 -43.00 -70.46
O1S6 A1H1F PC . 34.14 -43.08 -71.68
O2S6 A1H1F PC . 36.29 -43.63 -70.73
O3S6 A1H1F PC . 35.18 -41.58 -70.08
C1 MAN PC . 37.87 -47.04 -66.54
C2 MAN PC . 38.00 -47.61 -67.98
C3 MAN PC . 36.92 -48.64 -68.27
C4 MAN PC . 36.89 -49.70 -67.18
C5 MAN PC . 36.67 -49.02 -65.83
C6 MAN PC . 36.69 -50.00 -64.66
O2 MAN PC . 39.26 -48.29 -68.07
O3 MAN PC . 37.10 -49.22 -69.56
O4 MAN PC . 35.85 -50.61 -67.44
O5 MAN PC . 37.70 -48.06 -65.58
O6 MAN PC . 38.06 -50.36 -64.44
C1 MAN PC . 36.15 -48.66 -70.49
C2 MAN PC . 36.93 -47.95 -71.61
C3 MAN PC . 36.19 -46.72 -72.10
C4 MAN PC . 34.68 -46.99 -72.10
C5 MAN PC . 34.21 -47.16 -70.66
C6 MAN PC . 32.89 -47.92 -70.54
O2 MAN PC . 37.11 -48.83 -72.74
O3 MAN PC . 36.63 -46.33 -73.41
O4 MAN PC . 34.00 -45.90 -72.73
O5 MAN PC . 35.21 -47.79 -69.83
O6 MAN PC . 32.35 -47.70 -69.24
C1 MAN PC . 38.33 -50.49 -63.03
C2 MAN PC . 39.76 -49.99 -62.75
C3 MAN PC . 40.80 -50.97 -63.32
C4 MAN PC . 40.50 -52.41 -62.90
C5 MAN PC . 39.06 -52.77 -63.23
C6 MAN PC . 38.67 -54.17 -62.79
O2 MAN PC . 40.02 -49.88 -61.35
O3 MAN PC . 42.13 -50.62 -62.91
O4 MAN PC . 41.41 -53.29 -63.59
O5 MAN PC . 38.16 -51.85 -62.60
O6 MAN PC . 37.44 -54.51 -63.43
C1 A1H1B PC . 36.14 -44.70 -62.88
C2 A1H1B PC . 34.66 -45.09 -62.83
C3 A1H1B PC . 34.48 -46.58 -62.53
C4 A1H1B PC . 35.28 -46.99 -61.29
C5 A1H1B PC . 36.68 -46.38 -61.32
C6 A1H1B PC . 37.76 -47.38 -60.94
C7 A1H1B PC . 39.13 -46.73 -60.91
O4 A1H1B PC . 35.40 -48.42 -61.25
O5 A1H1B PC . 36.96 -45.85 -62.62
O6 A1H1B PC . 37.46 -47.92 -59.64
O3 A1H1B PC . 34.93 -47.34 -63.66
O2 A1H1B PC . 34.00 -44.31 -61.83
O7 A1H1B PC . 39.11 -45.59 -60.05
C1 GAL QC . -1.30 -1.03 -87.97
C2 GAL QC . -0.61 -0.08 -88.93
C3 GAL QC . -1.44 -0.04 -90.19
C4 GAL QC . -1.60 -1.43 -90.80
C5 GAL QC . -2.17 -2.39 -89.75
C6 GAL QC . -2.21 -3.83 -90.20
O2 GAL QC . -0.61 1.24 -88.39
O3 GAL QC . -0.87 0.81 -91.17
O4 GAL QC . -0.32 -1.85 -91.28
O5 GAL QC . -1.39 -2.32 -88.55
O6 GAL QC . -0.90 -4.30 -90.54
C2 BGC QC . -1.26 2.76 -92.52
C3 BGC QC . -2.33 3.62 -93.18
C4 BGC QC . -3.31 2.76 -93.96
C5 BGC QC . -3.90 1.69 -93.06
C6 BGC QC . -4.83 0.72 -93.77
C1 BGC QC . -1.91 1.65 -91.71
O2 BGC QC . -0.48 3.56 -91.63
O3 BGC QC . -1.67 4.54 -94.06
O4 BGC QC . -4.36 3.58 -94.48
O5 BGC QC . -2.84 0.90 -92.51
O6 BGC QC . -4.10 -0.05 -94.74
C1 A1H1F QC . -4.23 3.62 -95.88
O5 A1H1F QC . -3.44 4.76 -96.24
C5 A1H1F QC . -3.23 4.80 -97.65
C6 A1H1F QC . -2.27 5.93 -98.01
C4 A1H1F QC . -4.58 4.98 -98.34
O4 A1H1F QC . -5.17 6.24 -97.96
C3 A1H1F QC . -5.53 3.84 -97.99
O3 A1H1F QC . -6.81 4.10 -98.53
C2 A1H1F QC . -5.62 3.72 -96.47
O2 A1H1F QC . -6.38 2.56 -96.13
S6 A1H1F QC . -0.98 5.28 -98.82
O1S6 A1H1F QC . -1.46 4.60 -100.04
O2S6 A1H1F QC . -0.05 6.37 -99.20
O3S6 A1H1F QC . -0.26 4.33 -97.94
C1 MAN QC . -7.19 3.20 -99.56
C2 MAN QC . -6.65 3.52 -100.95
C3 MAN QC . -7.16 4.88 -101.41
C4 MAN QC . -8.67 4.97 -101.29
C5 MAN QC . -9.09 4.65 -99.85
C6 MAN QC . -10.59 4.64 -99.64
O2 MAN QC . -7.11 2.57 -101.90
O3 MAN QC . -6.74 5.17 -102.75
O4 MAN QC . -9.11 6.27 -101.64
O5 MAN QC . -8.60 3.35 -99.47
O6 MAN QC . -11.07 3.42 -100.21
C1 MAN QC . -5.58 6.01 -102.74
C2 MAN QC . -4.44 5.27 -103.45
C3 MAN QC . -3.09 5.62 -102.82
C4 MAN QC . -3.07 7.08 -102.38
C5 MAN QC . -4.08 7.28 -101.24
C6 MAN QC . -4.55 8.73 -101.12
O2 MAN QC . -4.37 5.62 -104.84
O3 MAN QC . -2.00 5.37 -103.73
O4 MAN QC . -1.76 7.45 -101.95
O5 MAN QC . -5.21 6.41 -101.40
O6 MAN QC . -5.34 8.83 -99.92
C1 MAN QC . -12.09 2.86 -99.37
C2 MAN QC . -12.03 1.32 -99.48
C3 MAN QC . -12.51 0.85 -100.86
C4 MAN QC . -13.85 1.49 -101.23
C5 MAN QC . -13.78 3.02 -101.07
C6 MAN QC . -15.10 3.72 -101.34
O2 MAN QC . -12.88 0.69 -98.51
O3 MAN QC . -12.62 -0.57 -100.93
O4 MAN QC . -14.19 1.15 -102.57
O5 MAN QC . -13.38 3.35 -99.74
O6 MAN QC . -14.84 5.11 -101.47
C1 A1H1B QC . -7.54 2.83 -95.31
C2 A1H1B QC . -7.66 4.30 -94.87
C3 A1H1B QC . -9.03 4.88 -95.25
C4 A1H1B QC . -10.16 3.99 -94.75
C5 A1H1B QC . -9.87 2.52 -95.06
C6 A1H1B QC . -11.08 1.82 -95.69
C7 A1H1B QC . -10.76 0.37 -96.00
O4 A1H1B QC . -11.38 4.37 -95.38
O5 A1H1B QC . -8.74 2.42 -95.94
O6 A1H1B QC . -12.17 1.89 -94.77
O3 A1H1B QC . -9.11 4.99 -96.67
O2 A1H1B QC . -7.47 4.39 -93.46
O7 A1H1B QC . -10.38 -0.31 -94.80
C1 GAL RC . -11.28 -5.18 -82.91
C2 GAL RC . -11.10 -4.03 -83.91
C3 GAL RC . -12.42 -3.69 -84.59
C4 GAL RC . -13.04 -4.96 -85.17
C5 GAL RC . -13.18 -6.03 -84.11
C6 GAL RC . -13.70 -7.34 -84.66
O2 GAL RC . -10.61 -2.86 -83.27
O3 GAL RC . -12.21 -2.74 -85.64
O4 GAL RC . -12.25 -5.41 -86.29
O5 GAL RC . -11.91 -6.30 -83.53
O6 GAL RC . -12.74 -7.92 -85.56
C2 BGC RC . -13.41 -0.73 -86.25
C3 BGC RC . -14.74 -0.21 -86.80
C4 BGC RC . -15.18 -0.98 -88.06
C5 BGC RC . -15.22 -2.47 -87.73
C6 BGC RC . -15.61 -3.35 -88.88
C1 BGC RC . -13.48 -2.25 -86.08
O2 BGC RC . -13.18 -0.16 -84.96
O3 BGC RC . -14.62 1.18 -87.09
O4 BGC RC . -16.49 -0.51 -88.39
O5 BGC RC . -13.92 -2.88 -87.30
O6 BGC RC . -14.82 -3.03 -90.03
C1 A1H1F RC . -16.72 -0.02 -89.71
O5 A1H1F RC . -16.37 1.22 -90.38
C5 A1H1F RC . -16.50 0.97 -91.79
C6 A1H1F RC . -15.95 2.11 -92.61
C4 A1H1F RC . -17.97 0.72 -92.12
O4 A1H1F RC . -18.72 1.88 -91.76
C3 A1H1F RC . -18.49 -0.49 -91.35
O3 A1H1F RC . -19.90 -0.59 -91.57
C2 A1H1F RC . -18.22 -0.30 -89.86
O2 A1H1F RC . -18.54 -1.49 -89.15
S6 A1H1F RC . -14.82 1.57 -93.70
O1S6 A1H1F RC . -14.29 2.72 -94.45
O2S6 A1H1F RC . -15.48 0.63 -94.64
O3S6 A1H1F RC . -13.73 0.87 -92.98
C1 MAN RC . -20.47 -1.15 -92.75
C2 MAN RC . -20.41 -0.68 -94.23
C3 MAN RC . -21.08 0.69 -94.40
C4 MAN RC . -22.47 0.67 -93.79
C5 MAN RC . -22.38 0.28 -92.32
C6 MAN RC . -23.74 0.16 -91.64
O2 MAN RC . -21.18 -1.60 -95.02
O3 MAN RC . -21.11 1.08 -95.77
O4 MAN RC . -23.05 1.96 -93.91
O5 MAN RC . -21.75 -1.00 -92.19
O6 MAN RC . -24.35 -1.04 -92.10
C1 MAN RC . -20.09 2.07 -96.03
C2 MAN RC . -19.11 1.50 -97.06
C3 MAN RC . -17.68 1.99 -96.80
C4 MAN RC . -17.73 3.44 -96.29
C5 MAN RC . -18.40 3.48 -94.93
C6 MAN RC . -18.95 4.85 -94.58
O2 MAN RC . -19.47 1.90 -98.39
O3 MAN RC . -16.87 1.88 -97.96
O4 MAN RC . -16.40 3.95 -96.22
O5 MAN RC . -19.43 2.48 -94.82
O6 MAN RC . -19.21 4.89 -93.16
C1 MAN RC . -25.07 -1.68 -91.03
C2 MAN RC . -24.94 -3.20 -91.18
C3 MAN RC . -25.73 -3.71 -92.40
C4 MAN RC . -27.17 -3.17 -92.39
C5 MAN RC . -27.15 -1.64 -92.23
C6 MAN RC . -28.54 -1.04 -92.15
O2 MAN RC . -25.44 -3.89 -90.04
O3 MAN RC . -25.77 -5.14 -92.44
O4 MAN RC . -27.81 -3.53 -93.61
O5 MAN RC . -26.45 -1.28 -91.04
O6 MAN RC . -28.42 0.37 -92.35
C1 A1H1B RC . -19.60 -1.34 -88.16
C2 A1H1B RC . -19.76 0.11 -87.67
C3 A1H1B RC . -21.20 0.59 -87.83
C4 A1H1B RC . -22.19 -0.40 -87.21
C5 A1H1B RC . -21.81 -1.83 -87.58
C6 A1H1B RC . -23.03 -2.66 -87.99
C7 A1H1B RC . -22.64 -4.09 -88.30
O4 A1H1B RC . -23.51 -0.12 -87.68
O5 A1H1B RC . -20.85 -1.83 -88.63
O6 A1H1B RC . -24.00 -2.63 -86.94
O3 A1H1B RC . -21.50 0.74 -89.23
O2 A1H1B RC . -19.38 0.19 -86.30
O7 A1H1B RC . -21.95 -4.66 -87.17
C1 GAL SC . 35.26 28.38 -81.02
C2 GAL SC . 36.40 27.77 -81.81
C3 GAL SC . 37.06 28.89 -82.59
C4 GAL SC . 36.08 29.62 -83.49
C5 GAL SC . 34.90 30.11 -82.65
C6 GAL SC . 33.76 30.71 -83.49
O2 GAL SC . 37.36 27.22 -80.93
O3 GAL SC . 38.14 28.42 -83.38
O4 GAL SC . 35.69 28.72 -84.52
O5 GAL SC . 34.33 29.03 -81.90
O6 GAL SC . 33.28 29.76 -84.44
C2 BGC SC . 40.50 28.63 -83.76
C3 BGC SC . 41.70 29.57 -83.64
C4 BGC SC . 41.38 30.95 -84.21
C5 BGC SC . 40.12 31.50 -83.54
C6 BGC SC . 39.67 32.83 -84.13
C1 BGC SC . 39.26 29.29 -83.17
O2 BGC SC . 40.75 27.43 -83.04
O3 BGC SC . 42.79 28.99 -84.35
O4 BGC SC . 42.47 31.82 -83.98
O5 BGC SC . 39.04 30.59 -83.73
O6 BGC SC . 39.26 32.68 -85.50
C1 A1H1F SC . 43.06 32.12 -85.23
O5 A1H1F SC . 44.11 31.20 -85.48
C5 A1H1F SC . 44.70 31.43 -86.76
C6 A1H1F SC . 45.72 30.35 -87.07
C4 A1H1F SC . 45.34 32.81 -86.78
O4 A1H1F SC . 46.38 32.88 -85.81
C3 A1H1F SC . 44.29 33.88 -86.47
O3 A1H1F SC . 44.92 35.14 -86.35
C2 A1H1F SC . 43.58 33.55 -85.17
O2 A1H1F SC . 42.49 34.46 -84.96
S6 A1H1F SC . 45.29 29.59 -88.48
O1S6 A1H1F SC . 45.23 30.59 -89.57
O2S6 A1H1F SC . 46.29 28.57 -88.82
O3S6 A1H1F SC . 43.97 28.93 -88.31
C1 MAN SC . 44.57 36.05 -87.39
C2 MAN SC . 45.35 35.89 -88.70
C3 MAN SC . 46.84 36.12 -88.45
C4 MAN SC . 47.07 37.44 -87.74
C5 MAN SC . 46.26 37.48 -86.44
C6 MAN SC . 46.38 38.80 -85.69
O2 MAN SC . 44.92 36.86 -89.66
O3 MAN SC . 47.57 36.08 -89.68
O4 MAN SC . 48.46 37.59 -87.46
O5 MAN SC . 44.86 37.27 -86.72
O6 MAN SC . 45.57 39.73 -86.39
C1 MAN SC . 48.17 34.77 -89.85
C2 MAN SC . 47.63 34.15 -91.14
C3 MAN SC . 47.51 32.63 -91.01
C4 MAN SC . 48.65 32.08 -90.16
C5 MAN SC . 48.51 32.60 -88.72
C6 MAN SC . 49.83 32.59 -87.96
O2 MAN SC . 48.51 34.41 -92.25
O3 MAN SC . 47.49 32.00 -92.29
O4 MAN SC . 48.63 30.66 -90.17
O5 MAN SC . 47.94 33.93 -88.70
O6 MAN SC . 49.55 32.92 -86.58
C1 MAN SC . 44.87 40.56 -85.46
C2 MAN SC . 43.51 40.97 -86.08
C3 MAN SC . 43.72 41.96 -87.24
C4 MAN SC . 44.63 43.12 -86.83
C5 MAN SC . 45.94 42.57 -86.22
C6 MAN SC . 46.85 43.67 -85.72
O2 MAN SC . 42.67 41.62 -85.12
O3 MAN SC . 42.48 42.47 -87.71
O4 MAN SC . 44.92 43.92 -87.97
O5 MAN SC . 45.65 41.71 -85.12
O6 MAN SC . 48.14 43.09 -85.47
C1 A1H1B SC . 42.57 35.18 -83.71
C2 A1H1B SC . 43.74 34.75 -82.81
C3 A1H1B SC . 44.60 35.96 -82.42
C4 A1H1B SC . 43.75 37.09 -81.85
C5 A1H1B SC . 42.51 37.32 -82.71
C6 A1H1B SC . 42.30 38.80 -83.01
C7 A1H1B SC . 41.07 39.01 -83.87
O4 A1H1B SC . 44.53 38.29 -81.79
O5 A1H1B SC . 42.61 36.59 -83.93
O6 A1H1B SC . 42.14 39.50 -81.78
O3 A1H1B SC . 45.28 36.43 -83.58
O2 A1H1B SC . 43.22 34.12 -81.64
O7 A1H1B SC . 39.92 38.49 -83.21
C1 GAL TC . 30.82 37.08 -74.17
C2 GAL TC . 32.24 36.90 -74.74
C3 GAL TC . 33.01 38.22 -74.70
C4 GAL TC . 32.18 39.29 -75.39
C5 GAL TC . 30.80 39.41 -74.75
C6 GAL TC . 29.92 40.43 -75.44
O2 GAL TC . 32.95 35.94 -73.98
O3 GAL TC . 34.25 38.06 -75.38
O4 GAL TC . 32.12 39.05 -76.80
O5 GAL TC . 30.14 38.14 -74.84
O6 GAL TC . 29.62 39.98 -76.78
C2 BGC TC . 36.49 38.78 -74.80
C3 BGC TC . 37.37 40.00 -74.60
C4 BGC TC . 37.26 41.01 -75.75
C5 BGC TC . 35.78 41.36 -75.94
C6 BGC TC . 35.50 42.31 -77.08
C1 BGC TC . 35.06 39.21 -75.12
O2 BGC TC . 36.46 38.03 -73.59
O3 BGC TC . 38.73 39.60 -74.44
O4 BGC TC . 37.99 42.17 -75.39
O5 BGC TC . 35.05 40.16 -76.21
O6 BGC TC . 36.15 41.84 -78.27
C1 A1H1F TC . 39.01 42.64 -76.28
O5 A1H1F TC . 40.35 42.19 -76.58
C5 A1H1F TC . 40.71 42.80 -77.83
C6 A1H1F TC . 42.00 42.23 -78.38
C4 A1H1F TC . 40.81 44.31 -77.63
O4 A1H1F TC . 41.83 44.56 -76.66
C3 A1H1F TC . 39.48 44.90 -77.15
O3 A1H1F TC . 39.69 46.27 -76.84
C2 A1H1F TC . 39.02 44.14 -75.92
O2 A1H1F TC . 37.70 44.54 -75.57
S6 A1H1F TC . 41.77 41.69 -79.92
O1S6 A1H1F TC . 43.05 41.11 -80.41
O2S6 A1H1F TC . 41.40 42.83 -80.79
O3S6 A1H1F TC . 40.72 40.67 -79.96
C1 MAN TC . 39.73 47.30 -77.82
C2 MAN TC . 40.75 47.57 -78.96
C3 MAN TC . 42.14 47.86 -78.42
C4 MAN TC . 42.08 48.95 -77.35
C5 MAN TC . 41.11 48.53 -76.25
C6 MAN TC . 40.92 49.58 -75.17
O2 MAN TC . 40.32 48.75 -79.66
O3 MAN TC . 43.04 48.19 -79.46
O4 MAN TC . 43.37 49.15 -76.82
O5 MAN TC . 39.81 48.26 -76.80
O6 MAN TC . 40.11 50.61 -75.73
C1 MAN TC . 43.91 47.07 -79.75
C2 MAN TC . 43.68 46.63 -81.20
C3 MAN TC . 43.81 45.13 -81.37
C4 MAN TC . 44.93 44.61 -80.45
C5 MAN TC . 44.50 44.80 -78.99
C6 MAN TC . 45.68 44.81 -78.03
O2 MAN TC . 44.63 47.26 -82.08
O3 MAN TC . 44.06 44.77 -82.72
O4 MAN TC . 45.18 43.24 -80.72
O5 MAN TC . 43.70 45.98 -78.82
O6 MAN TC . 45.18 44.62 -76.70
C1 MAN TC . 39.20 51.13 -74.74
C2 MAN TC . 37.86 51.47 -75.41
C3 MAN TC . 38.00 52.70 -76.31
C4 MAN TC . 38.68 53.86 -75.58
C5 MAN TC . 40.00 53.38 -74.94
C6 MAN TC . 40.71 54.45 -74.15
O2 MAN TC . 36.84 51.76 -74.45
O3 MAN TC . 36.73 53.14 -76.80
O4 MAN TC . 38.95 54.92 -76.50
O5 MAN TC . 39.75 52.27 -74.08
O6 MAN TC . 42.04 54.01 -73.90
C1 A1H1B TC . 37.59 45.17 -74.26
C2 A1H1B TC . 38.72 44.76 -73.30
C3 A1H1B TC . 39.41 46.00 -72.72
C4 A1H1B TC . 38.41 46.99 -72.13
C5 A1H1B TC . 37.20 47.15 -73.05
C6 A1H1B TC . 36.80 48.60 -73.22
C7 A1H1B TC . 35.57 48.74 -74.10
O4 A1H1B TC . 39.04 48.26 -71.94
O5 A1H1B TC . 37.50 46.59 -74.34
O6 A1H1B TC . 36.53 49.17 -71.93
O3 A1H1B TC . 40.16 46.65 -73.77
O2 A1H1B TC . 38.18 43.97 -72.24
O7 A1H1B TC . 34.51 47.92 -73.58
C1 GAL UC . 53.98 -15.19 -79.55
C2 GAL UC . 53.59 -15.83 -80.88
C3 GAL UC . 54.81 -16.52 -81.43
C4 GAL UC . 55.98 -15.54 -81.60
C5 GAL UC . 56.25 -14.85 -80.26
C6 GAL UC . 57.29 -13.74 -80.34
O2 GAL UC . 52.60 -16.82 -80.67
O3 GAL UC . 54.56 -17.12 -82.69
O4 GAL UC . 55.65 -14.63 -82.64
O5 GAL UC . 55.05 -14.26 -79.75
O6 GAL UC . 56.90 -12.75 -81.30
C2 BGC UC . 54.57 -19.22 -83.85
C3 BGC UC . 55.19 -20.61 -83.92
C4 BGC UC . 56.72 -20.53 -83.83
C5 BGC UC . 57.13 -19.74 -82.60
C6 BGC UC . 58.63 -19.51 -82.49
C1 BGC UC . 55.11 -18.44 -82.66
O2 BGC UC . 53.15 -19.34 -83.73
O3 BGC UC . 54.80 -21.23 -85.15
O4 BGC UC . 57.27 -21.83 -83.77
O5 BGC UC . 56.54 -18.45 -82.63
O6 BGC UC . 59.10 -18.68 -83.56
C1 A1H1F UC . 57.95 -22.07 -84.98
O5 A1H1F UC . 57.07 -22.71 -85.90
C5 A1H1F UC . 57.71 -22.92 -87.16
C6 A1H1F UC . 56.73 -23.45 -88.17
C4 A1H1F UC . 58.89 -23.87 -86.97
O4 A1H1F UC . 58.42 -25.14 -86.52
C3 A1H1F UC . 59.88 -23.30 -85.94
O3 A1H1F UC . 60.89 -24.28 -85.69
C2 A1H1F UC . 59.15 -22.96 -84.66
O2 A1H1F UC . 60.04 -22.29 -83.77
S6 A1H1F UC . 56.68 -22.42 -89.47
O1S6 A1H1F UC . 58.03 -22.32 -90.06
O2S6 A1H1F UC . 55.75 -22.96 -90.49
O3S6 A1H1F UC . 56.20 -21.09 -89.03
C1 MAN UC . 62.18 -23.89 -86.14
C2 MAN UC . 62.46 -24.15 -87.62
C3 MAN UC . 62.35 -25.65 -87.91
C4 MAN UC . 63.22 -26.45 -86.95
C5 MAN UC . 62.84 -26.11 -85.51
C6 MAN UC . 63.70 -26.81 -84.48
O2 MAN UC . 63.78 -23.75 -87.96
O3 MAN UC . 62.70 -25.94 -89.27
O4 MAN UC . 63.05 -27.83 -87.20
O5 MAN UC . 62.96 -24.70 -85.29
O6 MAN UC . 64.96 -26.12 -84.46
C1 MAN UC . 61.51 -26.07 -90.07
C2 MAN UC . 61.55 -25.00 -91.18
C3 MAN UC . 60.14 -24.51 -91.52
C4 MAN UC . 59.15 -25.67 -91.41
C5 MAN UC . 59.05 -26.12 -89.95
C6 MAN UC . 58.55 -27.55 -89.80
O2 MAN UC . 62.12 -25.53 -92.38
O3 MAN UC . 60.10 -23.94 -92.82
O4 MAN UC . 57.86 -25.25 -91.87
O5 MAN UC . 60.31 -25.97 -89.27
O6 MAN UC . 58.34 -27.80 -88.40
C1 MAN UC . 65.43 -25.99 -83.12
C2 MAN UC . 66.23 -24.68 -82.99
C3 MAN UC . 67.56 -24.80 -83.75
C4 MAN UC . 68.31 -26.08 -83.36
C5 MAN UC . 67.40 -27.29 -83.52
C6 MAN UC . 68.06 -28.59 -83.08
O2 MAN UC . 66.55 -24.40 -81.63
O3 MAN UC . 68.40 -23.67 -83.50
O4 MAN UC . 69.47 -26.22 -84.19
O5 MAN UC . 66.21 -27.13 -82.73
O6 MAN UC . 67.24 -29.67 -83.55
C1 A1H1B UC . 60.18 -22.94 -82.48
C2 A1H1B UC . 59.26 -24.16 -82.30
C3 A1H1B UC . 60.06 -25.40 -81.90
C4 A1H1B UC . 60.97 -25.12 -80.71
C5 A1H1B UC . 61.71 -23.79 -80.89
C6 A1H1B UC . 63.19 -23.92 -80.59
C7 A1H1B UC . 63.91 -22.59 -80.79
O4 A1H1B UC . 61.93 -26.16 -80.56
O5 A1H1B UC . 61.54 -23.31 -82.23
O6 A1H1B UC . 63.36 -24.34 -79.23
O3 A1H1B UC . 60.88 -25.81 -83.01
O2 A1H1B UC . 58.29 -23.88 -81.29
O7 A1H1B UC . 63.33 -21.59 -79.94
C1 GAL VC . 59.68 -15.65 -69.09
C2 GAL VC . 59.54 -16.70 -70.19
C3 GAL VC . 60.60 -17.78 -70.02
C4 GAL VC . 61.99 -17.13 -69.94
C5 GAL VC . 62.02 -16.09 -68.83
C6 GAL VC . 63.34 -15.35 -68.77
O2 GAL VC . 58.27 -17.33 -70.13
O3 GAL VC . 60.57 -18.67 -71.13
O4 GAL VC . 62.32 -16.57 -71.22
O5 GAL VC . 61.00 -15.12 -69.06
O6 GAL VC . 63.52 -14.56 -69.95
C2 BGC VC . 60.67 -21.09 -71.26
C3 BGC VC . 61.58 -22.30 -71.02
C4 BGC VC . 62.96 -22.12 -71.65
C5 BGC VC . 63.56 -20.81 -71.14
C6 BGC VC . 64.93 -20.48 -71.69
C1 BGC VC . 61.39 -19.81 -70.86
O2 BGC VC . 59.50 -21.22 -70.45
O3 BGC VC . 60.95 -23.47 -71.55
O4 BGC VC . 63.76 -23.22 -71.25
O5 BGC VC . 62.68 -19.73 -71.48
O6 BGC VC . 64.88 -20.58 -73.13
C1 A1H1F VC . 64.41 -24.01 -72.25
O5 A1H1F VC . 63.92 -25.02 -73.18
C5 A1H1F VC . 64.93 -25.14 -74.19
C6 A1H1F VC . 64.46 -25.99 -75.35
C4 A1H1F VC . 66.21 -25.72 -73.57
O4 A1H1F VC . 65.88 -27.01 -73.04
C3 A1H1F VC . 66.72 -24.81 -72.45
O3 A1H1F VC . 67.80 -25.47 -71.81
C2 A1H1F VC . 65.60 -24.56 -71.46
O2 A1H1F VC . 66.01 -23.57 -70.51
S6 A1H1F VC . 64.64 -25.17 -76.78
O1S6 A1H1F VC . 64.12 -26.03 -77.88
O2S6 A1H1F VC . 66.07 -24.88 -77.01
O3S6 A1H1F VC . 63.86 -23.91 -76.73
C1 MAN VC . 69.13 -25.50 -72.34
C2 MAN VC . 69.69 -26.15 -73.63
C3 MAN VC . 69.54 -27.67 -73.60
C4 MAN VC . 70.10 -28.24 -72.30
C5 MAN VC . 69.40 -27.57 -71.11
C6 MAN VC . 69.96 -28.03 -69.77
O2 MAN VC . 71.11 -25.90 -73.67
O3 MAN VC . 70.13 -28.27 -74.74
O4 MAN VC . 69.89 -29.64 -72.27
O5 MAN VC . 69.57 -26.15 -71.17
O6 MAN VC . 71.22 -27.39 -69.59
C1 MAN VC . 69.11 -28.65 -75.69
C2 MAN VC . 69.35 -27.89 -77.00
C3 MAN VC . 68.03 -27.54 -77.68
C4 MAN VC . 67.03 -28.69 -77.49
C5 MAN VC . 66.67 -28.80 -76.00
C6 MAN VC . 66.14 -30.17 -75.62
O2 MAN VC . 70.13 -28.65 -77.92
O3 MAN VC . 68.21 -27.27 -79.07
O4 MAN VC . 65.87 -28.45 -78.28
O5 MAN VC . 67.78 -28.45 -75.16
O6 MAN VC . 65.49 -30.07 -74.35
C1 MAN VC . 71.40 -27.01 -68.22
C2 MAN VC . 72.18 -25.68 -68.17
C3 MAN VC . 73.65 -25.89 -68.60
C4 MAN VC . 74.29 -27.06 -67.85
C5 MAN VC . 73.42 -28.31 -67.98
C6 MAN VC . 73.96 -29.50 -67.21
O2 MAN VC . 72.20 -25.13 -66.86
O3 MAN VC . 74.41 -24.70 -68.39
O4 MAN VC . 75.58 -27.30 -68.40
O5 MAN VC . 72.10 -28.04 -67.49
O6 MAN VC . 73.27 -30.67 -67.66
C1 A1H1B VC . 66.05 -24.03 -69.14
C2 A1H1B VC . 65.15 -25.26 -68.88
C3 A1H1B VC . 65.93 -26.40 -68.25
C4 A1H1B VC . 66.73 -25.94 -67.02
C5 A1H1B VC . 67.41 -24.60 -67.30
C6 A1H1B VC . 68.85 -24.59 -66.81
C7 A1H1B VC . 69.50 -23.24 -67.04
O4 A1H1B VC . 67.70 -26.91 -66.68
O5 A1H1B VC . 67.38 -24.33 -68.71
O6 A1H1B VC . 68.87 -24.89 -65.41
O3 A1H1B VC . 66.84 -26.94 -69.22
O2 A1H1B VC . 64.08 -24.86 -68.02
O7 A1H1B VC . 68.71 -22.20 -66.45
C1 GAL WC . 11.40 -20.67 -99.80
C2 GAL WC . 11.38 -19.73 -100.99
C3 GAL WC . 10.83 -20.50 -102.17
C4 GAL WC . 11.62 -21.77 -102.45
C5 GAL WC . 11.70 -22.61 -101.17
C6 GAL WC . 12.61 -23.83 -101.28
O2 GAL WC . 10.51 -18.63 -100.75
O3 GAL WC . 10.81 -19.71 -103.35
O4 GAL WC . 12.91 -21.39 -102.92
O5 GAL WC . 12.18 -21.82 -100.08
O6 GAL WC . 13.95 -23.43 -101.63
C2 BGC WC . 9.38 -18.80 -105.06
C3 BGC WC . 8.07 -18.96 -105.80
C4 BGC WC . 7.89 -20.41 -106.29
C5 BGC WC . 8.05 -21.37 -105.12
C6 BGC WC . 7.99 -22.83 -105.54
C1 BGC WC . 9.52 -19.86 -103.97
O2 BGC WC . 9.41 -17.51 -104.43
O3 BGC WC . 8.06 -18.07 -106.91
O4 BGC WC . 6.61 -20.56 -106.88
O5 BGC WC . 9.32 -21.17 -104.51
O6 BGC WC . 9.11 -23.17 -106.38
C1 A1H1F WC . 6.79 -20.75 -108.26
O5 A1H1F WC . 6.71 -19.50 -108.93
C5 A1H1F WC . 6.94 -19.64 -110.32
C6 A1H1F WC . 7.00 -18.27 -111.00
C4 A1H1F WC . 5.84 -20.49 -110.93
O4 A1H1F WC . 4.57 -19.85 -110.77
C3 A1H1F WC . 5.80 -21.87 -110.25
O3 A1H1F WC . 4.67 -22.60 -110.73
C2 A1H1F WC . 5.68 -21.69 -108.74
O2 A1H1F WC . 5.81 -22.95 -108.09
S6 A1H1F WC . 8.47 -18.12 -111.76
O1S6 A1H1F WC . 8.61 -19.21 -112.76
O2S6 A1H1F WC . 8.53 -16.82 -112.45
O3S6 A1H1F WC . 9.56 -18.20 -110.75
C1 MAN WC . 5.03 -23.74 -111.49
C2 MAN WC . 5.34 -23.47 -112.96
C3 MAN WC . 4.13 -22.87 -113.66
C4 MAN WC . 2.89 -23.74 -113.44
C5 MAN WC . 2.67 -23.92 -111.93
C6 MAN WC . 1.50 -24.83 -111.61
O2 MAN WC . 5.66 -24.68 -113.64
O3 MAN WC . 4.36 -22.69 -115.06
O4 MAN WC . 1.76 -23.12 -114.03
O5 MAN WC . 3.84 -24.49 -111.32
O6 MAN WC . 1.94 -26.16 -111.86
C1 MAN WC . 4.74 -21.33 -115.33
C2 MAN WC . 6.14 -21.32 -115.96
C3 MAN WC . 6.92 -20.07 -115.54
C4 MAN WC . 5.97 -18.88 -115.44
C5 MAN WC . 4.98 -19.11 -114.29
C6 MAN WC . 3.70 -18.30 -114.42
O2 MAN WC . 6.06 -21.32 -117.40
O3 MAN WC . 7.98 -19.79 -116.47
O4 MAN WC . 6.71 -17.69 -115.20
O5 MAN WC . 4.67 -20.51 -114.15
O6 MAN WC . 2.95 -18.46 -113.22
C1 MAN WC . 1.45 -27.04 -110.82
C2 MAN WC . 2.47 -28.18 -110.59
C3 MAN WC . 2.49 -29.13 -111.81
C4 MAN WC . 1.08 -29.57 -112.19
C5 MAN WC . 0.17 -28.36 -112.37
C6 MAN WC . -1.27 -28.74 -112.68
O2 MAN WC . 2.14 -28.96 -109.45
O3 MAN WC . 3.30 -30.28 -111.54
O4 MAN WC . 1.13 -30.33 -113.39
O5 MAN WC . 0.16 -27.56 -111.18
O6 MAN WC . -1.95 -27.55 -113.13
C1 A1H1B WC . 4.68 -23.30 -107.25
C2 A1H1B WC . 3.63 -22.19 -107.14
C3 A1H1B WC . 2.24 -22.69 -107.51
C4 A1H1B WC . 1.88 -23.96 -106.74
C5 A1H1B WC . 3.06 -24.94 -106.75
C6 A1H1B WC . 2.61 -26.35 -107.10
C7 A1H1B WC . 3.79 -27.31 -107.11
O4 A1H1B WC . 0.75 -24.58 -107.33
O5 A1H1B WC . 4.06 -24.50 -107.68
O6 A1H1B WC . 1.66 -26.79 -106.14
O3 A1H1B WC . 2.21 -22.97 -108.92
O2 A1H1B WC . 3.62 -21.68 -105.80
O7 A1H1B WC . 4.43 -27.31 -105.83
C1 GAL XC . 5.95 -28.91 -93.14
C2 GAL XC . 5.43 -28.16 -94.38
C3 GAL XC . 4.25 -28.89 -94.98
C4 GAL XC . 4.62 -30.35 -95.24
C5 GAL XC . 5.13 -31.01 -93.96
C6 GAL XC . 5.60 -32.43 -94.18
O2 GAL XC . 5.04 -26.84 -94.04
O3 GAL XC . 3.89 -28.28 -96.22
O4 GAL XC . 5.59 -30.43 -96.30
O5 GAL XC . 6.23 -30.27 -93.45
O6 GAL XC . 6.78 -32.43 -95.01
C2 BGC XC . 1.75 -27.67 -97.16
C3 BGC XC . 0.44 -28.22 -97.71
C4 BGC XC . 0.65 -29.34 -98.72
C5 BGC XC . 1.54 -30.41 -98.08
C6 BGC XC . 1.88 -31.57 -98.99
C1 BGC XC . 2.64 -28.80 -96.67
O2 BGC XC . 1.47 -26.81 -96.06
O3 BGC XC . -0.33 -27.16 -98.30
O4 BGC XC . -0.63 -29.88 -99.03
O5 BGC XC . 2.78 -29.81 -97.68
O6 BGC XC . 2.37 -31.07 -100.24
C1 A1H1F XC . -1.02 -29.95 -100.41
O5 A1H1F XC . -1.49 -28.96 -101.36
C5 A1H1F XC . -1.33 -29.54 -102.66
C6 A1H1F XC . -1.57 -28.52 -103.75
C4 A1H1F XC . -2.28 -30.73 -102.80
O4 A1H1F XC . -3.62 -30.25 -102.65
C3 A1H1F XC . -1.97 -31.79 -101.75
O3 A1H1F XC . -2.98 -32.79 -101.83
C2 A1H1F XC . -2.00 -31.15 -100.37
O2 A1H1F XC . -1.54 -32.08 -99.38
S6 A1H1F XC . -0.27 -28.46 -104.79
O1S6 A1H1F XC . -0.52 -27.44 -105.82
O2S6 A1H1F XC . -0.10 -29.79 -105.44
O3S6 A1H1F XC . 0.97 -28.14 -104.03
C1 MAN XC . -2.98 -33.83 -102.80
C2 MAN XC . -3.13 -33.77 -104.35
C3 MAN XC . -4.49 -33.22 -104.75
C4 MAN XC . -5.61 -33.97 -104.04
C5 MAN XC . -5.39 -33.88 -102.53
C6 MAN XC . -6.42 -34.66 -101.73
O2 MAN XC . -3.07 -35.12 -104.85
O3 MAN XC . -4.66 -33.25 -106.17
O4 MAN XC . -6.85 -33.40 -104.39
O5 MAN XC . -4.10 -34.42 -102.18
O6 MAN XC . -6.10 -36.04 -101.87
C1 MAN XC . -4.48 -31.93 -106.71
C2 MAN XC . -3.29 -31.96 -107.69
C3 MAN XC . -2.51 -30.63 -107.65
C4 MAN XC . -3.49 -29.47 -107.48
C5 MAN XC . -4.14 -29.56 -106.10
C6 MAN XC . -5.47 -28.81 -106.01
O2 MAN XC . -3.72 -32.18 -109.04
O3 MAN XC . -1.73 -30.46 -108.83
O4 MAN XC . -2.79 -28.24 -107.63
O5 MAN XC . -4.33 -30.94 -105.68
O6 MAN XC . -5.79 -28.63 -104.62
C1 MAN XC . -6.33 -36.74 -100.63
C2 MAN XC . -5.25 -37.83 -100.45
C3 MAN XC . -5.47 -38.98 -101.46
C4 MAN XC . -6.92 -39.47 -101.44
C5 MAN XC . -7.87 -38.29 -101.62
C6 MAN XC . -9.34 -38.69 -101.55
O2 MAN XC . -5.29 -38.41 -99.15
O3 MAN XC . -4.59 -40.07 -101.19
O4 MAN XC . -7.10 -40.41 -102.49
O5 MAN XC . -7.65 -37.32 -100.60
O6 MAN XC . -10.12 -37.61 -102.06
C1 A1H1B XC . -2.53 -32.41 -98.38
C2 A1H1B XC . -3.60 -31.33 -98.19
C3 A1H1B XC . -5.01 -31.91 -98.33
C4 A1H1B XC . -5.19 -33.14 -97.43
C5 A1H1B XC . -3.97 -34.05 -97.50
C6 A1H1B XC . -4.36 -35.52 -97.63
C7 A1H1B XC . -3.13 -36.40 -97.64
O4 A1H1B XC . -6.35 -33.86 -97.84
O5 A1H1B XC . -3.15 -33.67 -98.62
O6 A1H1B XC . -5.20 -35.87 -96.54
O3 A1H1B XC . -5.23 -32.29 -99.69
O2 A1H1B XC . -3.46 -30.72 -96.91
O7 A1H1B XC . -2.33 -36.14 -96.48
C1 GAL YC . 20.54 25.81 -102.57
C2 GAL YC . 21.87 25.91 -103.29
C3 GAL YC . 21.73 27.00 -104.34
C4 GAL YC . 20.58 26.70 -105.30
C5 GAL YC . 19.29 26.47 -104.51
C6 GAL YC . 18.12 26.01 -105.36
O2 GAL YC . 22.89 26.31 -102.39
O3 GAL YC . 22.93 27.15 -105.10
O4 GAL YC . 20.94 25.57 -106.08
O5 GAL YC . 19.50 25.49 -103.49
O6 GAL YC . 18.43 24.77 -106.03
C2 BGC YC . 24.64 28.72 -105.70
C3 BGC YC . 24.96 30.20 -105.90
C4 BGC YC . 23.88 30.90 -106.73
C5 BGC YC . 22.51 30.67 -106.10
C6 BGC YC . 21.37 31.24 -106.92
C1 BGC YC . 23.21 28.56 -105.18
O2 BGC YC . 25.54 28.15 -104.77
O3 BGC YC . 26.23 30.30 -106.56
O4 BGC YC . 24.15 32.29 -106.79
O5 BGC YC . 22.27 29.26 -106.00
O6 BGC YC . 21.26 30.57 -108.18
C1 A1H1F YC . 24.52 32.60 -108.11
O5 A1H1F YC . 25.93 32.54 -108.24
C5 A1H1F YC . 26.34 32.79 -109.59
C6 A1H1F YC . 27.83 32.56 -109.74
C4 A1H1F YC . 25.96 34.21 -109.97
O4 A1H1F YC . 26.65 35.14 -109.13
C3 A1H1F YC . 24.44 34.41 -109.81
O3 A1H1F YC . 24.13 35.78 -110.03
C2 A1H1F YC . 24.02 34.01 -108.41
O2 A1H1F YC . 22.59 34.05 -108.32
S6 A1H1F YC . 28.08 31.41 -110.92
O1S6 A1H1F YC . 27.48 31.88 -112.19
O2S6 A1H1F YC . 29.54 31.21 -111.11
O3S6 A1H1F YC . 27.46 30.13 -110.51
C1 MAN YC . 23.36 36.01 -111.20
C2 MAN YC . 24.17 36.10 -112.51
C3 MAN YC . 25.15 37.26 -112.44
C4 MAN YC . 24.45 38.55 -112.05
C5 MAN YC . 23.70 38.35 -110.73
C6 MAN YC . 22.91 39.56 -110.30
O2 MAN YC . 23.29 36.34 -113.61
O3 MAN YC . 25.84 37.42 -113.68
O4 MAN YC . 25.39 39.59 -111.92
O5 MAN YC . 22.78 37.25 -110.84
O6 MAN YC . 21.74 39.60 -111.11
C1 MAN YC . 27.14 36.79 -113.61
C2 MAN YC . 27.21 35.70 -114.69
C3 MAN YC . 28.06 34.51 -114.23
C4 MAN YC . 29.22 35.02 -113.38
C5 MAN YC . 28.69 35.62 -112.08
C6 MAN YC . 29.66 36.62 -111.44
O2 MAN YC . 27.80 36.20 -115.90
O3 MAN YC . 28.55 33.75 -115.33
O4 MAN YC . 30.11 33.94 -113.07
O5 MAN YC . 27.41 36.26 -112.30
O6 MAN YC . 29.13 36.99 -110.16
C1 MAN YC . 20.60 39.97 -110.32
C2 MAN YC . 19.35 39.30 -110.89
C3 MAN YC . 18.97 39.91 -112.26
C4 MAN YC . 18.91 41.43 -112.19
C5 MAN YC . 20.20 41.98 -111.58
C6 MAN YC . 20.20 43.49 -111.42
O2 MAN YC . 18.22 39.47 -110.04
O3 MAN YC . 17.71 39.39 -112.72
O4 MAN YC . 18.71 41.95 -113.49
O5 MAN YC . 20.44 41.41 -110.30
O6 MAN YC . 21.53 43.92 -111.16
C1 A1H1B YC . 22.09 34.91 -107.26
C2 A1H1B YC . 23.20 35.53 -106.40
C3 A1H1B YC . 23.09 37.05 -106.34
C4 A1H1B YC . 21.67 37.49 -105.96
C5 A1H1B YC . 20.62 36.69 -106.75
C6 A1H1B YC . 19.55 37.60 -107.34
C7 A1H1B YC . 18.54 36.79 -108.12
O4 A1H1B YC . 21.51 38.88 -106.23
O5 A1H1B YC . 21.26 35.95 -107.79
O6 A1H1B YC . 18.90 38.30 -106.27
O3 A1H1B YC . 23.40 37.58 -107.64
O2 A1H1B YC . 23.11 35.00 -105.08
O7 A1H1B YC . 17.92 35.81 -107.27
C1 GAL ZC . 11.14 31.02 -97.41
C2 GAL ZC . 12.39 31.65 -98.04
C3 GAL ZC . 12.14 33.13 -98.35
C4 GAL ZC . 10.87 33.26 -99.18
C5 GAL ZC . 9.69 32.59 -98.49
C6 GAL ZC . 8.44 32.62 -99.34
O2 GAL ZC . 13.50 31.56 -97.16
O3 GAL ZC . 13.25 33.65 -99.08
O4 GAL ZC . 11.10 32.72 -100.50
O5 GAL ZC . 10.00 31.22 -98.23
O6 GAL ZC . 8.59 31.79 -100.49
C2 BGC ZC . 14.46 35.73 -98.86
C3 BGC ZC . 14.36 37.24 -99.00
C4 BGC ZC . 13.73 37.66 -100.34
C5 BGC ZC . 12.38 36.94 -100.47
C6 BGC ZC . 11.64 37.24 -101.76
C1 BGC ZC . 13.12 35.08 -99.15
O2 BGC ZC . 14.83 35.42 -97.52
O3 BGC ZC . 15.65 37.83 -98.88
O4 BGC ZC . 13.53 39.07 -100.29
O5 BGC ZC . 12.59 35.53 -100.41
O6 BGC ZC . 12.52 37.02 -102.87
C1 A1H1F ZC . 14.08 39.86 -101.36
O5 A1H1F ZC . 15.44 40.30 -101.65
C5 A1H1F ZC . 15.42 40.71 -103.03
C6 A1H1F ZC . 16.82 40.98 -103.55
C4 A1H1F ZC . 14.53 41.95 -103.18
O4 A1H1F ZC . 15.09 42.99 -102.37
C3 A1H1F ZC . 13.11 41.65 -102.72
O3 A1H1F ZC . 12.38 42.87 -102.73
C2 A1H1F ZC . 13.14 41.08 -101.32
O2 A1H1F ZC . 11.84 40.62 -100.95
S6 A1H1F ZC . 17.10 40.10 -104.93
O1S6 A1H1F ZC . 18.49 40.36 -105.38
O2S6 A1H1F ZC . 16.16 40.52 -105.99
O3S6 A1H1F ZC . 16.93 38.65 -104.65
C1 MAN ZC . 11.83 43.45 -103.91
C2 MAN ZC . 12.53 44.04 -105.17
C3 MAN ZC . 13.39 45.25 -104.81
C4 MAN ZC . 12.57 46.26 -104.01
C5 MAN ZC . 12.01 45.57 -102.76
C6 MAN ZC . 11.11 46.49 -101.94
O2 MAN ZC . 11.51 44.52 -106.06
O3 MAN ZC . 13.95 45.85 -105.98
O4 MAN ZC . 13.40 47.34 -103.65
O5 MAN ZC . 11.21 44.44 -103.13
O6 MAN ZC . 9.87 46.62 -102.63
C1 MAN ZC . 15.35 45.48 -106.09
C2 MAN ZC . 15.54 44.71 -107.40
C3 MAN ZC . 16.61 43.62 -107.23
C4 MAN ZC . 17.73 44.14 -106.32
C5 MAN ZC . 17.18 44.33 -104.91
C6 MAN ZC . 18.00 45.30 -104.08
O2 MAN ZC . 15.96 45.57 -108.46
O3 MAN ZC . 17.14 43.22 -108.50
O4 MAN ZC . 18.81 43.21 -106.32
O5 MAN ZC . 15.80 44.75 -104.94
O6 MAN ZC . 17.65 45.13 -102.70
C1 MAN ZC . 8.78 46.65 -101.70
C2 MAN ZC . 7.57 45.91 -102.32
C3 MAN ZC . 6.98 46.73 -103.48
C4 MAN ZC . 6.72 48.18 -103.06
C5 MAN ZC . 8.00 48.78 -102.46
C6 MAN ZC . 7.80 50.20 -101.99
O2 MAN ZC . 6.54 45.71 -101.36
O3 MAN ZC . 5.75 46.14 -103.94
O4 MAN ZC . 6.32 48.92 -104.22
O5 MAN ZC . 8.44 48.00 -101.35
O6 MAN ZC . 9.10 50.77 -101.76
C1 A1H1B ZC . 11.26 41.30 -99.81
C2 A1H1B ZC . 12.32 41.92 -98.88
C3 A1H1B ZC . 12.04 43.41 -98.64
C4 A1H1B ZC . 10.59 43.64 -98.20
C5 A1H1B ZC . 9.62 42.80 -99.03
C6 A1H1B ZC . 8.41 43.60 -99.47
C7 A1H1B ZC . 7.43 42.73 -100.25
O4 A1H1B ZC . 10.26 45.02 -98.34
O5 A1H1B ZC . 10.30 42.28 -100.19
O6 A1H1B ZC . 7.75 44.12 -98.32
O3 A1H1B ZC . 12.27 44.12 -99.87
O2 A1H1B ZC . 12.32 41.23 -97.63
O7 A1H1B ZC . 7.09 41.57 -99.48
C1 GAL AD . 62.39 5.48 -93.29
C2 GAL AD . 62.59 4.46 -94.40
C3 GAL AD . 64.02 4.62 -94.88
C4 GAL AD . 64.30 6.03 -95.37
C5 GAL AD . 63.94 7.03 -94.27
C6 GAL AD . 64.03 8.48 -94.71
O2 GAL AD . 62.46 3.15 -93.88
O3 GAL AD . 64.31 3.71 -95.95
O4 GAL AD . 63.54 6.25 -96.56
O5 GAL AD . 62.62 6.80 -93.79
O6 GAL AD . 63.14 8.73 -95.80
C2 BGC AD . 65.74 1.90 -96.62
C3 BGC AD . 67.10 1.26 -96.44
C4 BGC AD . 68.22 2.30 -96.50
C5 BGC AD . 67.94 3.42 -95.51
C6 BGC AD . 68.96 4.54 -95.58
C1 BGC AD . 65.57 3.08 -95.67
O2 BGC AD . 64.71 0.95 -96.33
O3 BGC AD . 67.27 0.27 -97.47
O4 BGC AD . 69.46 1.68 -96.20
O5 BGC AD . 66.66 4.00 -95.78
O6 BGC AD . 68.88 5.23 -96.83
C1 A1H1F AD . 70.23 1.67 -97.38
O5 A1H1F AD . 70.02 0.43 -98.07
C5 A1H1F AD . 70.73 0.41 -99.30
C6 A1H1F AD . 70.39 -0.84 -100.09
C4 A1H1F AD . 72.23 0.48 -99.01
O4 A1H1F AD . 72.63 -0.67 -98.25
C3 A1H1F AD . 72.56 1.75 -98.22
O3 A1H1F AD . 73.93 1.72 -97.84
C2 A1H1F AD . 71.69 1.83 -96.98
O2 A1H1F AD . 71.89 3.09 -96.34
S6 A1H1F AD . 69.79 -0.39 -101.57
O1S6 A1H1F AD . 70.83 0.41 -102.28
O2S6 A1H1F AD . 69.49 -1.59 -102.37
O3S6 A1H1F AD . 68.55 0.40 -101.39
C1 MAN AD . 74.72 2.71 -98.48
C2 MAN AD . 75.22 2.36 -99.89
C3 MAN AD . 76.10 1.12 -99.83
C4 MAN AD . 77.21 1.28 -98.80
C5 MAN AD . 76.60 1.61 -97.44
C6 MAN AD . 77.62 1.86 -96.36
O2 MAN AD . 76.01 3.42 -100.41
O3 MAN AD . 76.65 0.82 -101.12
O4 MAN AD . 77.96 0.09 -98.72
O5 MAN AD . 75.78 2.79 -97.54
O6 MAN AD . 78.16 3.16 -96.60
C1 MAN AD . 75.87 -0.20 -101.76
C2 MAN AD . 75.31 0.37 -103.07
C3 MAN AD . 73.94 -0.23 -103.40
C4 MAN AD . 73.89 -1.69 -102.95
C5 MAN AD . 73.99 -1.76 -101.43
C6 MAN AD . 74.49 -3.11 -100.92
O2 MAN AD . 76.19 0.05 -104.18
O3 MAN AD . 73.64 -0.12 -104.79
O4 MAN AD . 72.67 -2.29 -103.39
O5 MAN AD . 74.83 -0.71 -100.90
O6 MAN AD . 74.37 -3.13 -99.49
C1 MAN AD . 78.33 3.86 -95.35
C2 MAN AD . 78.12 5.37 -95.59
C3 MAN AD . 79.27 5.96 -96.41
C4 MAN AD . 80.63 5.56 -95.83
C5 MAN AD . 80.71 4.05 -95.64
C6 MAN AD . 82.01 3.58 -94.99
O2 MAN AD . 78.09 6.09 -94.35
O3 MAN AD . 79.19 7.38 -96.50
O4 MAN AD . 81.67 6.00 -96.70
O5 MAN AD . 79.64 3.60 -94.81
O6 MAN AD . 82.10 2.17 -95.14
C1 A1H1B AD . 72.31 2.98 -94.95
C2 A1H1B AD . 72.36 1.53 -94.44
C3 A1H1B AD . 73.73 1.20 -93.85
C4 A1H1B AD . 74.17 2.25 -92.83
C5 A1H1B AD . 73.91 3.65 -93.35
C6 A1H1B AD . 75.13 4.57 -93.15
C7 A1H1B AD . 74.85 5.96 -93.69
O4 A1H1B AD . 75.55 2.09 -92.54
O5 A1H1B AD . 73.57 3.61 -94.74
O6 A1H1B AD . 75.41 4.64 -91.76
O3 A1H1B AD . 74.70 1.16 -94.91
O2 A1H1B AD . 71.36 1.35 -93.44
O7 A1H1B AD . 73.71 6.52 -93.04
C1 GAL BD . 66.33 11.03 -83.49
C2 GAL BD . 66.98 9.91 -84.30
C3 GAL BD . 68.47 9.81 -84.00
C4 GAL BD . 69.11 11.19 -84.18
C5 GAL BD . 68.40 12.23 -83.34
C6 GAL BD . 68.94 13.63 -83.55
O2 GAL BD . 66.38 8.66 -84.01
O3 GAL BD . 69.09 8.89 -84.89
O4 GAL BD . 69.12 11.53 -85.58
O5 GAL BD . 67.01 12.27 -83.67
O6 GAL BD . 68.65 14.07 -84.89
C2 BGC BD . 70.71 7.13 -84.49
C3 BGC BD . 72.15 6.86 -84.07
C4 BGC BD . 73.14 7.72 -84.84
C5 BGC BD . 72.74 9.18 -84.67
C6 BGC BD . 73.64 10.17 -85.41
C1 BGC BD . 70.42 8.63 -84.43
O2 BGC BD . 69.84 6.47 -83.58
O3 BGC BD . 72.45 5.47 -84.28
O4 BGC BD . 74.43 7.50 -84.27
O5 BGC BD . 71.42 9.36 -85.16
O6 BGC BD . 73.77 9.76 -86.77
C1 A1H1F BD . 75.51 7.09 -85.13
O5 A1H1F BD . 75.84 5.84 -85.78
C5 A1H1F BD . 76.76 6.15 -86.82
C6 A1H1F BD . 77.02 4.96 -87.72
C4 A1H1F BD . 78.07 6.67 -86.19
O4 A1H1F BD . 78.60 5.62 -85.38
C3 A1H1F BD . 77.82 7.92 -85.35
O3 A1H1F BD . 79.02 8.25 -84.68
C2 A1H1F BD . 76.71 7.62 -84.35
O2 A1H1F BD . 76.33 8.82 -83.67
S6 A1H1F BD . 76.75 5.37 -89.30
O1S6 A1H1F BD . 76.98 4.17 -90.15
O2S6 A1H1F BD . 77.69 6.44 -89.71
O3S6 A1H1F BD . 75.35 5.85 -89.47
C1 MAN BD . 80.10 8.94 -85.29
C2 MAN BD . 81.04 8.52 -86.46
C3 MAN BD . 81.87 7.30 -86.08
C4 MAN BD . 82.57 7.52 -84.75
C5 MAN BD . 81.52 7.83 -83.68
C6 MAN BD . 82.14 8.14 -82.32
O2 MAN BD . 81.97 9.59 -86.67
O3 MAN BD . 82.80 6.98 -87.11
O4 MAN BD . 83.28 6.35 -84.39
O5 MAN BD . 80.76 8.99 -84.06
O6 MAN BD . 82.71 9.45 -82.40
C1 MAN BD . 82.33 5.82 -87.87
C2 MAN BD . 82.13 6.27 -89.33
C3 MAN BD . 80.93 5.53 -89.95
C4 MAN BD . 80.88 4.11 -89.44
C5 MAN BD . 80.55 4.12 -87.94
C6 MAN BD . 80.98 2.84 -87.22
O2 MAN BD . 83.29 5.97 -90.12
O3 MAN BD . 81.01 5.56 -91.39
O4 MAN BD . 79.88 3.38 -90.15
O5 MAN BD . 81.13 5.28 -87.29
O6 MAN BD . 80.31 2.80 -85.96
C1 MAN BD . 82.51 10.16 -81.15
C2 MAN BD . 82.26 11.64 -81.46
C3 MAN BD . 83.55 12.32 -81.96
C4 MAN BD . 84.73 12.03 -81.04
C5 MAN BD . 84.86 10.51 -80.81
C6 MAN BD . 85.98 10.15 -79.86
O2 MAN BD . 81.84 12.36 -80.31
O3 MAN BD . 83.39 13.74 -82.09
O4 MAN BD . 85.93 12.54 -81.62
O5 MAN BD . 83.64 9.99 -80.29
O6 MAN BD . 86.22 8.75 -79.98
C1 A1H1B BD . 76.57 8.80 -82.25
C2 A1H1B BD . 76.61 7.38 -81.65
C3 A1H1B BD . 77.89 7.16 -80.85
C4 A1H1B BD . 78.13 8.28 -79.83
C5 A1H1B BD . 77.84 9.65 -80.45
C6 A1H1B BD . 78.91 10.67 -80.09
C7 A1H1B BD . 78.57 12.03 -80.67
O4 A1H1B BD . 79.48 8.24 -79.37
O5 A1H1B BD . 77.75 9.52 -81.87
O6 A1H1B BD . 79.00 10.76 -78.67
O3 A1H1B BD . 79.01 7.12 -81.76
O2 A1H1B BD . 75.48 7.19 -80.80
O7 A1H1B BD . 77.26 12.43 -80.25
C1 GAL CD . 34.46 -29.85 -108.14
C2 GAL CD . 33.95 -29.42 -109.51
C3 GAL CD . 34.10 -30.62 -110.43
C4 GAL CD . 35.53 -31.13 -110.49
C5 GAL CD . 36.02 -31.41 -109.08
C6 GAL CD . 37.49 -31.76 -108.99
O2 GAL CD . 32.57 -29.09 -109.45
O3 GAL CD . 33.68 -30.30 -111.76
O4 GAL CD . 36.33 -30.14 -111.15
O5 GAL CD . 35.81 -30.28 -108.23
O6 GAL CD . 38.31 -30.71 -109.55
C2 BGC CD . 32.13 -30.90 -113.49
C3 BGC CD . 31.27 -32.03 -114.07
C4 BGC CD . 32.08 -33.31 -114.21
C5 BGC CD . 32.73 -33.67 -112.88
C6 BGC CD . 33.63 -34.88 -112.96
C1 BGC CD . 32.82 -31.37 -112.22
O2 BGC CD . 31.29 -29.78 -113.17
O3 BGC CD . 30.78 -31.60 -115.34
O4 BGC CD . 31.23 -34.37 -114.64
O5 BGC CD . 33.54 -32.58 -112.43
O6 BGC CD . 34.77 -34.61 -113.79
C1 A1H1F CD . 31.60 -34.70 -115.96
O5 A1H1F CD . 30.78 -33.97 -116.87
C5 A1H1F CD . 31.16 -34.23 -118.22
C6 A1H1F CD . 30.41 -33.33 -119.18
C4 A1H1F CD . 30.90 -35.71 -118.53
O4 A1H1F CD . 29.50 -35.99 -118.41
C3 A1H1F CD . 31.68 -36.60 -117.56
O3 A1H1F CD . 31.32 -37.96 -117.77
C2 A1H1F CD . 31.38 -36.20 -116.12
O2 A1H1F CD . 32.22 -36.93 -115.23
S6 A1H1F CD . 31.51 -32.46 -120.08
O1S6 A1H1F CD . 32.37 -33.41 -120.82
O2S6 A1H1F CD . 30.78 -31.61 -121.04
O3S6 A1H1F CD . 32.32 -31.61 -119.18
C1 MAN CD . 32.36 -38.76 -118.30
C2 MAN CD . 32.54 -38.68 -119.82
C3 MAN CD . 31.27 -39.15 -120.52
C4 MAN CD . 30.86 -40.52 -120.00
C5 MAN CD . 30.70 -40.48 -118.49
C6 MAN CD . 30.34 -41.81 -117.87
O2 MAN CD . 33.62 -39.52 -120.23
O3 MAN CD . 31.45 -39.18 -121.94
O4 MAN CD . 29.63 -40.91 -120.61
O5 MAN CD . 31.92 -40.03 -117.87
O6 MAN CD . 31.54 -42.58 -117.86
C1 MAN CD . 30.90 -37.99 -122.53
C2 MAN CD . 32.03 -37.24 -123.27
C3 MAN CD . 31.81 -35.73 -123.20
C4 MAN CD . 30.31 -35.42 -123.27
C5 MAN CD . 29.63 -35.95 -122.02
C6 MAN CD . 28.13 -36.19 -122.22
O2 MAN CD . 32.07 -37.62 -124.65
O3 MAN CD . 32.52 -35.07 -124.24
O4 MAN CD . 30.13 -34.00 -123.37
O5 MAN CD . 30.24 -37.17 -121.55
O6 MAN CD . 27.55 -36.51 -120.95
C1 MAN CD . 31.63 -43.31 -116.62
C2 MAN CD . 33.12 -43.47 -116.25
C3 MAN CD . 33.82 -44.43 -117.21
C4 MAN CD . 33.04 -45.74 -117.37
C5 MAN CD . 31.58 -45.45 -117.73
C6 MAN CD . 30.73 -46.70 -117.83
O2 MAN CD . 33.27 -44.01 -114.93
O3 MAN CD . 35.16 -44.72 -116.79
O4 MAN CD . 33.65 -46.54 -118.38
O5 MAN CD . 30.99 -44.60 -116.75
O6 MAN CD . 29.50 -46.35 -118.46
C1 A1H1B CD . 31.50 -37.70 -114.24
C2 A1H1B CD . 29.98 -37.51 -114.29
C3 A1H1B CD . 29.25 -38.84 -114.42
C4 A1H1B CD . 29.73 -39.84 -113.36
C5 A1H1B CD . 31.26 -39.84 -113.26
C6 A1H1B CD . 31.82 -41.25 -113.26
C7 A1H1B CD . 33.34 -41.21 -113.17
O4 A1H1B CD . 29.28 -41.15 -113.70
O5 A1H1B CD . 31.81 -39.09 -114.34
O6 A1H1B CD . 31.29 -41.96 -112.14
O3 A1H1B CD . 29.51 -39.39 -115.73
O2 A1H1B CD . 29.56 -36.84 -113.10
O7 A1H1B CD . 33.74 -40.54 -111.97
C1 GAL DD . 34.95 -37.97 -99.41
C2 GAL DD . 34.19 -37.99 -100.73
C3 GAL DD . 33.77 -39.42 -101.08
C4 GAL DD . 34.99 -40.34 -101.01
C5 GAL DD . 35.67 -40.23 -99.65
C6 GAL DD . 36.94 -41.07 -99.57
O2 GAL DD . 33.02 -37.19 -100.67
O3 GAL DD . 33.21 -39.47 -102.38
O4 GAL DD . 35.88 -40.03 -102.10
O5 GAL DD . 36.04 -38.88 -99.42
O6 GAL DD . 37.92 -40.55 -100.48
C2 BGC DD . 31.23 -40.57 -103.24
C3 BGC DD . 30.61 -41.94 -103.53
C4 BGC DD . 31.57 -42.85 -104.30
C5 BGC DD . 32.88 -42.95 -103.51
C6 BGC DD . 33.95 -43.80 -104.17
C1 BGC DD . 32.60 -40.74 -102.59
O2 BGC DD . 30.39 -39.87 -102.34
O3 BGC DD . 29.40 -41.76 -104.27
O4 BGC DD . 30.96 -44.13 -104.37
O5 BGC DD . 33.43 -41.63 -103.37
O6 BGC DD . 34.11 -43.40 -105.53
C1 A1H1F DD . 30.80 -44.74 -105.66
O5 A1H1F DD . 29.88 -44.51 -106.76
C5 A1H1F DD . 30.46 -45.12 -107.91
C6 A1H1F DD . 29.72 -44.75 -109.18
C4 A1H1F DD . 30.49 -46.64 -107.72
O4 A1H1F DD . 29.14 -47.09 -107.56
C3 A1H1F DD . 31.31 -47.01 -106.48
O3 A1H1F DD . 31.17 -48.40 -106.26
C2 A1H1F DD . 30.78 -46.23 -105.28
O2 A1H1F DD . 31.65 -46.42 -104.16
S6 A1H1F DD . 30.76 -44.13 -110.31
O1S6 A1H1F DD . 29.99 -43.75 -111.51
O2S6 A1H1F DD . 31.76 -45.15 -110.67
O3S6 A1H1F DD . 31.45 -42.93 -109.75
C1 MAN DD . 31.90 -49.40 -106.98
C2 MAN DD . 31.87 -49.78 -108.48
C3 MAN DD . 30.49 -50.32 -108.88
C4 MAN DD . 30.05 -51.42 -107.94
C5 MAN DD . 30.05 -50.88 -106.50
C6 MAN DD . 29.69 -51.94 -105.47
O2 MAN DD . 32.79 -50.86 -108.68
O3 MAN DD . 30.48 -50.75 -110.24
O4 MAN DD . 28.76 -51.86 -108.30
O5 MAN DD . 31.36 -50.39 -106.16
O6 MAN DD . 30.82 -52.79 -105.32
C1 MAN DD . 29.83 -49.77 -111.08
C2 MAN DD . 30.84 -49.26 -112.12
C3 MAN DD . 30.60 -47.79 -112.43
C4 MAN DD . 29.11 -47.50 -112.43
C5 MAN DD . 28.55 -47.67 -111.01
C6 MAN DD . 27.06 -47.92 -110.97
O2 MAN DD . 30.74 -50.00 -113.34
O3 MAN DD . 31.19 -47.43 -113.69
O4 MAN DD . 28.87 -46.17 -112.91
O5 MAN DD . 29.25 -48.71 -110.30
O6 MAN DD . 26.59 -47.69 -109.64
C1 MAN DD . 30.98 -53.18 -103.95
C2 MAN DD . 32.49 -53.28 -103.64
C3 MAN DD . 33.13 -54.48 -104.34
C4 MAN DD . 32.32 -55.77 -104.09
C5 MAN DD . 30.85 -55.53 -104.45
C6 MAN DD . 29.97 -56.74 -104.17
O2 MAN DD . 32.73 -53.44 -102.23
O3 MAN DD . 34.48 -54.69 -103.91
O4 MAN DD . 32.85 -56.81 -104.89
O5 MAN DD . 30.32 -54.43 -103.69
O6 MAN DD . 28.72 -56.53 -104.83
C1 A1H1B DD . 31.02 -47.06 -103.03
C2 A1H1B DD . 29.50 -46.89 -102.99
C3 A1H1B DD . 28.79 -48.25 -102.88
C4 A1H1B DD . 29.35 -49.08 -101.72
C5 A1H1B DD . 30.88 -48.99 -101.70
C6 A1H1B DD . 31.52 -50.36 -101.47
C7 A1H1B DD . 33.02 -50.26 -101.39
O4 A1H1B DD . 28.94 -50.43 -101.86
O5 A1H1B DD . 31.36 -48.45 -102.93
O6 A1H1B DD . 31.00 -50.91 -100.25
O3 A1H1B DD . 28.96 -48.97 -104.10
O2 A1H1B DD . 29.14 -46.07 -101.89
O7 A1H1B DD . 33.39 -49.30 -100.39
#